data_8B5R
#
_entry.id   8B5R
#
loop_
_entity.id
_entity.type
_entity.pdbx_description
1 polymer 'Transitional endoplasmic reticulum ATPase'
2 polymer 'I3 sequence being threaded through the p97 channel'
3 polymer 'Serine/threonine-protein phosphatase PP1-gamma catalytic subunit'
4 polymer 'Protein phosphatase 1 regulatory subunit 7'
5 polymer 'UBX domain-containing protein 2B'
6 polymer 'UBX domain-containing protein 2B'
#
loop_
_entity_poly.entity_id
_entity_poly.type
_entity_poly.pdbx_seq_one_letter_code
_entity_poly.pdbx_strand_id
1 'polypeptide(L)'
;MHHHHHHASGADSKGDDLSTAILKQKNRPNRLIVDEAINEDNSVVSLSQPKMDELQLFRGDTVLLKGKKRREAVCIVLSD
DTCSDEKIRMNRVVRNNLRVRLGDVISIQPCPDVKYGKRIHVLPIDDTVEGITGNLFEVYLKPYFLEAYRPIRKGDIFLV
RGGMRAVEFKVVETDPSPYCIVAPDTVIHCEGEPIKREDEEESLNEVGYDDIGGCRKQLAQIKEMVELPLRHPALFKAIG
VKPPRGILLYGPPGTGKTLIARAVANETGAFFFLINGPEIMSKLAGESESNLRKAFEEAEKNAPAIIFIDELDAIAPKRE
KTHGEVERRIVSQLLTLMDGLKQRAHVIVMAATNRPNSIDPALRRFGRFDREVDIGIPDATGRLEILQIHTKNMKLADDV
DLEQVANETHGHVGADLAALCSEAALQAIRKKMDLIDLEDETIDAEVMNSLAVTMDDFRWALSQSNPSALRETVVEVPQV
TWEDIGGLEDVKRELQELVQYPVEHPDKFLKFGMTPSKGVLFYGPPGCGKTLLAKAIANECQANFISIKGPELLTMWFGE
SEANVREIFDKARQAAPCVLFFDELDSIAKARGGNIGDGGGAADRVINQILTEMDGMSTKKNVFIIGATNRPDIIDPAIL
RPGRLDQLIYIPLPDEKSRVAILKANLRKSPVAKDVDLEFLAKMTNGFSGADLTEICQRACKLAIRESIESEIRRERERQ
TNPSAMEVEEDDPVPEIRRDHFEEAMRFARRSVSDNDIRKYEMFAQTLQQSRGFGSFRFPSGNQGGAGPSQGSGGGTGGS
VYTEDNDDDLYG
;
A,B,C,D,E,F
2 'polypeptide(L)'
;(UNK)(UNK)(UNK)(UNK)(UNK)(UNK)(UNK)(UNK)(UNK)(UNK)(UNK)(UNK)(UNK)(UNK)(UNK)(UNK)
(UNK)(UNK)(UNK)(UNK)(UNK)(UNK)
;
I
3 'polypeptide(L)'
;MADLDKLNIDSIIQRLLEVRGSKPGKNVQLQENEIRGLCLKSREIFLSQPILLELEAPLKICGDIHGQYYDLLRLFEYGG
FPPESNYLFLGDYVDRGKQSLETICLLLAYKIKYPENFFLLRGNHECASINRIYGFYDECKRRYNIKLWKTFTDCFNCLP
IAAIVDEKIFCCHGGLSPDLQSMEQIRRIMRPTDVPDQGLLCDLLWSDPDKDVLGWGENDRGVSFTFGAEVVAKFLHKHD
LDLICRAHQVVEDGYEFFAKRQLVTLFSAPNYCGEFDNAGAMMSVDETLMCSFQILKPAEKKKPNATRPVTPPRGMITKQ
AKK
;
P
4 'polypeptide(L)'
;MAAERGAGQQQSQEMMEVDRRVESEESGDEEGKKHSSGIVADLSEQSLKDGEERGEEDPEEEHELPVDMETINLDRDAED
VDLNHYRIGKIEGFEVLKKVKTLCLRQNLIKCIENLEELQSLRELDLYDNQIKKIENLEALTELEILDISFNLLRNIEGV
DKLTRLKKLFLVNNKISKIENLSNLHQLQMLELGSNRIRAIENIDTLTNLESLFLGKNKITKLQNLDALTNLTVLSMQSN
RLTKIEGLQNLVNLRELYLSHNGIEVIEGLENNNKLTMLDIASNRIKKIENISHLTELQEFWMNDNLLESWSDLDELKGA
RSLETVYLERNPLQKDPQYRRKVMLALPSVRQIDATFVRF
;
S
5 'polypeptide(L)' FSGEGQKLGSL X
6 'polypeptide(L)'
;AVVLIDDSVPTTKIQIRLADGSRLIQRFNSTHRILDVRNFIVQSRPEFAALDFILVTSFPNKELTDESLTLLEADILNTV
LLQQLK
;
Y
#
# COMPACT_ATOMS: atom_id res chain seq x y z
N ASN A 27 -5.38 44.17 59.12
CA ASN A 27 -6.29 45.15 58.53
C ASN A 27 -7.69 44.99 59.10
N ARG A 28 -8.20 43.76 59.09
CA ARG A 28 -9.52 43.47 59.62
C ARG A 28 -9.47 42.27 60.55
N PRO A 29 -10.41 42.14 61.49
CA PRO A 29 -10.40 40.98 62.39
C PRO A 29 -10.57 39.66 61.65
N ASN A 30 -11.37 39.68 60.57
CA ASN A 30 -11.53 38.49 59.75
C ASN A 30 -10.35 38.26 58.82
N ARG A 31 -9.74 39.32 58.31
CA ARG A 31 -8.57 39.20 57.43
C ARG A 31 -7.35 38.99 58.31
N LEU A 32 -7.12 37.74 58.67
CA LEU A 32 -6.01 37.40 59.55
C LEU A 32 -4.68 37.59 58.85
N ILE A 33 -3.64 37.81 59.66
CA ILE A 33 -2.27 37.98 59.16
C ILE A 33 -1.53 36.67 59.36
N VAL A 34 -0.38 36.53 58.71
CA VAL A 34 0.43 35.32 58.78
C VAL A 34 1.73 35.66 59.48
N ASP A 35 1.98 35.01 60.61
CA ASP A 35 3.21 35.22 61.37
C ASP A 35 3.45 34.01 62.26
N GLU A 36 4.71 33.80 62.64
CA GLU A 36 5.07 32.73 63.53
C GLU A 36 4.61 33.03 64.96
N ALA A 37 3.97 32.06 65.58
CA ALA A 37 3.45 32.24 66.93
C ALA A 37 4.57 32.32 67.94
N ILE A 38 4.35 33.12 68.98
CA ILE A 38 5.33 33.24 70.07
C ILE A 38 5.27 32.07 71.04
N ASN A 39 4.27 31.20 70.91
CA ASN A 39 4.15 30.03 71.79
C ASN A 39 4.88 28.85 71.19
N GLU A 40 4.68 27.66 71.76
CA GLU A 40 5.36 26.46 71.29
C GLU A 40 4.95 26.12 69.85
N ASP A 41 3.66 26.24 69.53
CA ASP A 41 3.20 25.98 68.18
C ASP A 41 3.72 27.05 67.23
N ASN A 42 3.95 26.64 65.98
CA ASN A 42 4.42 27.55 64.94
C ASN A 42 3.31 28.43 64.39
N SER A 43 2.05 28.09 64.64
CA SER A 43 0.89 28.86 64.18
C SER A 43 0.09 29.32 65.39
N VAL A 44 -0.31 30.59 65.38
CA VAL A 44 -1.10 31.13 66.49
C VAL A 44 -2.57 30.86 66.24
N VAL A 45 -3.02 29.67 66.62
CA VAL A 45 -4.43 29.32 66.48
C VAL A 45 -5.16 29.73 67.75
N SER A 46 -5.55 31.01 67.82
CA SER A 46 -6.26 31.55 68.96
C SER A 46 -7.30 32.54 68.44
N LEU A 47 -8.57 32.24 68.67
CA LEU A 47 -9.64 33.11 68.23
C LEU A 47 -9.62 34.42 69.01
N SER A 48 -9.96 35.50 68.31
CA SER A 48 -10.05 36.82 68.93
C SER A 48 -11.30 36.87 69.80
N GLN A 49 -11.57 38.03 70.41
CA GLN A 49 -12.74 38.18 71.27
C GLN A 49 -14.01 37.91 70.47
N PRO A 50 -14.19 38.56 69.32
CA PRO A 50 -15.38 38.26 68.51
C PRO A 50 -15.37 36.86 67.93
N LYS A 51 -14.21 36.38 67.49
CA LYS A 51 -14.13 35.03 66.94
C LYS A 51 -14.43 33.96 67.99
N MET A 52 -13.92 34.13 69.21
CA MET A 52 -14.19 33.15 70.26
C MET A 52 -15.56 33.35 70.90
N ASP A 53 -16.19 34.51 70.67
CA ASP A 53 -17.52 34.75 71.22
C ASP A 53 -18.61 34.26 70.29
N GLU A 54 -18.50 34.55 68.99
CA GLU A 54 -19.51 34.12 68.02
C GLU A 54 -19.49 32.61 67.78
N LEU A 55 -18.30 32.00 67.75
CA LEU A 55 -18.18 30.57 67.50
C LEU A 55 -16.95 30.07 68.26
N GLN A 56 -17.18 29.50 69.44
CA GLN A 56 -16.10 28.99 70.27
C GLN A 56 -15.86 27.52 69.97
N LEU A 57 -14.60 27.15 69.75
CA LEU A 57 -14.22 25.78 69.46
C LEU A 57 -14.04 25.02 70.77
N PHE A 58 -14.70 23.87 70.88
CA PHE A 58 -14.65 23.02 72.06
C PHE A 58 -14.21 21.62 71.68
N ARG A 59 -13.73 20.87 72.67
CA ARG A 59 -13.31 19.49 72.42
C ARG A 59 -14.49 18.57 72.19
N GLY A 60 -15.54 18.67 73.01
CA GLY A 60 -16.72 17.86 72.85
C GLY A 60 -17.50 18.20 71.59
N ASP A 61 -17.66 19.48 71.32
CA ASP A 61 -18.37 19.95 70.13
C ASP A 61 -17.34 20.28 69.05
N THR A 62 -17.20 19.41 68.06
CA THR A 62 -16.21 19.58 67.01
C THR A 62 -16.57 20.78 66.16
N VAL A 63 -15.83 21.88 66.32
CA VAL A 63 -16.05 23.10 65.54
C VAL A 63 -15.19 22.96 64.29
N LEU A 64 -15.74 22.29 63.28
CA LEU A 64 -15.03 22.06 62.03
C LEU A 64 -15.01 23.33 61.19
N LEU A 65 -13.82 23.67 60.70
CA LEU A 65 -13.66 24.84 59.85
C LEU A 65 -14.30 24.59 58.48
N LYS A 66 -14.61 25.69 57.79
CA LYS A 66 -15.23 25.62 56.46
C LYS A 66 -14.16 25.21 55.46
N GLY A 67 -13.82 23.92 55.47
CA GLY A 67 -12.80 23.41 54.58
C GLY A 67 -13.34 23.03 53.21
N LYS A 68 -12.41 22.68 52.33
CA LYS A 68 -12.77 22.29 50.96
C LYS A 68 -13.12 20.81 50.89
N LYS A 69 -14.12 20.50 50.08
CA LYS A 69 -14.57 19.11 49.84
C LYS A 69 -14.94 18.42 51.15
N ARG A 70 -15.67 19.12 52.01
CA ARG A 70 -16.16 18.59 53.28
C ARG A 70 -15.00 18.10 54.15
N ARG A 71 -14.14 19.04 54.50
CA ARG A 71 -12.97 18.78 55.33
C ARG A 71 -13.18 19.33 56.73
N GLU A 72 -12.89 18.51 57.73
CA GLU A 72 -13.04 18.89 59.13
C GLU A 72 -11.68 18.85 59.81
N ALA A 73 -11.35 19.93 60.52
CA ALA A 73 -10.07 20.03 61.20
C ALA A 73 -10.27 20.73 62.54
N VAL A 74 -9.37 20.45 63.48
CA VAL A 74 -9.40 21.05 64.81
C VAL A 74 -8.06 21.70 65.09
N CYS A 75 -8.12 22.89 65.69
CA CYS A 75 -6.92 23.66 66.01
C CYS A 75 -6.74 23.70 67.52
N ILE A 76 -5.57 23.27 67.98
CA ILE A 76 -5.22 23.27 69.41
C ILE A 76 -3.83 23.86 69.52
N VAL A 77 -3.75 25.16 69.80
CA VAL A 77 -2.49 25.86 69.97
C VAL A 77 -2.53 26.63 71.29
N LEU A 78 -1.48 26.48 72.09
CA LEU A 78 -1.41 27.16 73.38
C LEU A 78 -1.28 28.67 73.18
N SER A 79 -2.06 29.43 73.93
CA SER A 79 -2.03 30.88 73.86
C SER A 79 -2.35 31.45 75.23
N ASP A 80 -1.74 32.59 75.54
CA ASP A 80 -1.92 33.27 76.82
C ASP A 80 -2.73 34.54 76.57
N ASP A 81 -4.05 34.41 76.63
CA ASP A 81 -4.95 35.55 76.42
C ASP A 81 -5.13 36.40 77.66
N THR A 82 -4.75 35.90 78.84
CA THR A 82 -4.90 36.67 80.07
C THR A 82 -3.87 37.78 80.19
N CYS A 83 -2.68 37.59 79.63
CA CYS A 83 -1.63 38.61 79.70
C CYS A 83 -1.73 39.60 78.54
N SER A 84 -2.00 39.11 77.34
CA SER A 84 -2.13 39.97 76.17
C SER A 84 -3.11 39.34 75.19
N ASP A 85 -3.64 40.17 74.31
CA ASP A 85 -4.60 39.73 73.28
C ASP A 85 -3.85 39.54 71.97
N GLU A 86 -3.95 38.35 71.40
CA GLU A 86 -3.25 38.00 70.17
C GLU A 86 -4.26 37.80 69.04
N LYS A 87 -3.82 38.10 67.83
CA LYS A 87 -4.64 37.94 66.63
C LYS A 87 -4.44 36.54 66.04
N ILE A 88 -5.44 36.08 65.32
CA ILE A 88 -5.40 34.76 64.70
C ILE A 88 -4.37 34.78 63.58
N ARG A 89 -3.49 33.78 63.56
CA ARG A 89 -2.44 33.68 62.55
C ARG A 89 -2.55 32.34 61.87
N MET A 90 -2.63 32.35 60.54
CA MET A 90 -2.69 31.13 59.74
C MET A 90 -1.33 30.89 59.10
N ASN A 91 -0.57 29.94 59.66
CA ASN A 91 0.75 29.63 59.15
C ASN A 91 0.67 28.56 58.07
N ARG A 92 1.80 28.37 57.37
CA ARG A 92 1.85 27.38 56.29
C ARG A 92 1.88 25.96 56.81
N VAL A 93 2.41 25.73 58.02
CA VAL A 93 2.48 24.38 58.56
C VAL A 93 1.08 23.82 58.79
N VAL A 94 0.18 24.64 59.34
CA VAL A 94 -1.19 24.20 59.59
C VAL A 94 -1.88 23.87 58.27
N ARG A 95 -1.71 24.72 57.26
CA ARG A 95 -2.32 24.47 55.96
C ARG A 95 -1.79 23.19 55.33
N ASN A 96 -0.48 22.95 55.43
CA ASN A 96 0.10 21.72 54.88
C ASN A 96 -0.40 20.49 55.61
N ASN A 97 -0.49 20.56 56.94
CA ASN A 97 -0.97 19.42 57.72
C ASN A 97 -2.43 19.12 57.44
N LEU A 98 -3.26 20.15 57.35
CA LEU A 98 -4.68 19.97 57.07
C LEU A 98 -4.98 19.81 55.58
N ARG A 99 -4.00 20.05 54.71
CA ARG A 99 -4.18 19.93 53.26
C ARG A 99 -5.34 20.79 52.77
N VAL A 100 -5.41 22.02 53.28
CA VAL A 100 -6.46 22.97 52.93
C VAL A 100 -5.85 24.03 52.01
N ARG A 101 -6.41 24.15 50.81
CA ARG A 101 -5.91 25.11 49.84
C ARG A 101 -6.30 26.53 50.22
N LEU A 102 -5.49 27.49 49.78
CA LEU A 102 -5.76 28.90 50.02
C LEU A 102 -6.89 29.37 49.12
N GLY A 103 -7.53 30.47 49.53
CA GLY A 103 -8.65 31.04 48.80
C GLY A 103 -10.00 30.69 49.36
N ASP A 104 -10.08 29.76 50.30
CA ASP A 104 -11.34 29.39 50.93
C ASP A 104 -11.40 29.93 52.34
N VAL A 105 -12.52 30.57 52.68
CA VAL A 105 -12.69 31.15 54.01
C VAL A 105 -12.93 30.02 55.00
N ILE A 106 -12.09 29.96 56.03
CA ILE A 106 -12.18 28.93 57.06
C ILE A 106 -13.05 29.48 58.18
N SER A 107 -14.30 29.03 58.23
CA SER A 107 -15.24 29.43 59.26
C SER A 107 -15.45 28.26 60.21
N ILE A 108 -15.08 28.45 61.47
CA ILE A 108 -15.18 27.39 62.48
C ILE A 108 -16.60 27.41 63.03
N GLN A 109 -17.36 26.37 62.72
CA GLN A 109 -18.73 26.23 63.22
C GLN A 109 -18.96 24.79 63.67
N PRO A 110 -19.94 24.55 64.54
CA PRO A 110 -20.21 23.18 64.99
C PRO A 110 -20.62 22.30 63.81
N CYS A 111 -20.02 21.11 63.74
CA CYS A 111 -20.31 20.19 62.65
C CYS A 111 -21.49 19.29 63.03
N PRO A 112 -22.68 19.55 62.49
CA PRO A 112 -23.84 18.70 62.81
C PRO A 112 -23.99 17.49 61.90
N ASP A 113 -23.14 17.33 60.89
CA ASP A 113 -23.21 16.21 59.97
C ASP A 113 -22.31 15.05 60.37
N VAL A 114 -21.60 15.15 61.50
CA VAL A 114 -20.71 14.09 61.96
C VAL A 114 -21.50 13.16 62.88
N LYS A 115 -21.55 11.88 62.51
CA LYS A 115 -22.28 10.88 63.26
C LYS A 115 -21.44 9.61 63.40
N TYR A 116 -21.85 8.76 64.33
CA TYR A 116 -21.19 7.48 64.53
C TYR A 116 -21.62 6.48 63.47
N GLY A 117 -20.69 5.60 63.09
CA GLY A 117 -21.00 4.60 62.08
C GLY A 117 -21.64 3.35 62.67
N LYS A 118 -22.37 2.63 61.82
CA LYS A 118 -23.01 1.39 62.25
C LYS A 118 -22.00 0.29 62.53
N ARG A 119 -20.94 0.19 61.72
CA ARG A 119 -19.91 -0.80 61.92
C ARG A 119 -18.60 -0.27 61.35
N ILE A 120 -17.55 -0.30 62.16
CA ILE A 120 -16.24 0.18 61.76
C ILE A 120 -15.35 -1.03 61.52
N HIS A 121 -14.92 -1.21 60.27
CA HIS A 121 -14.04 -2.31 59.87
C HIS A 121 -12.66 -1.73 59.61
N VAL A 122 -11.84 -1.67 60.65
CA VAL A 122 -10.49 -1.12 60.55
C VAL A 122 -9.59 -2.16 59.88
N LEU A 123 -8.89 -1.74 58.82
CA LEU A 123 -7.99 -2.64 58.13
C LEU A 123 -6.55 -2.39 58.58
N PRO A 124 -5.71 -3.43 58.58
CA PRO A 124 -4.32 -3.25 59.02
C PRO A 124 -3.49 -2.53 57.96
N ILE A 125 -2.87 -1.43 58.37
CA ILE A 125 -2.01 -0.67 57.46
C ILE A 125 -0.69 -1.39 57.30
N ASP A 126 -0.32 -1.64 56.04
CA ASP A 126 0.91 -2.38 55.76
C ASP A 126 2.16 -1.66 56.27
N ASP A 127 2.22 -0.34 56.09
CA ASP A 127 3.34 0.42 56.64
C ASP A 127 3.36 0.41 58.17
N THR A 128 2.18 0.35 58.81
CA THR A 128 2.11 0.26 60.26
C THR A 128 2.26 -1.17 60.76
N VAL A 129 1.74 -2.15 60.02
CA VAL A 129 1.88 -3.54 60.44
C VAL A 129 3.31 -4.01 60.31
N GLU A 130 4.01 -3.64 59.24
CA GLU A 130 5.39 -4.04 59.04
C GLU A 130 6.29 -3.08 59.80
N GLY A 131 6.85 -3.55 60.91
CA GLY A 131 7.72 -2.72 61.72
C GLY A 131 7.39 -2.78 63.20
N ILE A 132 6.14 -3.12 63.52
CA ILE A 132 5.70 -3.21 64.91
C ILE A 132 6.10 -4.57 65.46
N THR A 133 6.81 -4.57 66.58
CA THR A 133 7.25 -5.80 67.22
C THR A 133 6.06 -6.50 67.87
N GLY A 134 6.09 -7.83 67.87
CA GLY A 134 5.03 -8.61 68.46
C GLY A 134 3.71 -8.49 67.72
N ASN A 135 2.61 -8.54 68.44
CA ASN A 135 1.29 -8.42 67.83
C ASN A 135 1.09 -7.01 67.28
N LEU A 136 0.63 -6.92 66.04
CA LEU A 136 0.39 -5.64 65.40
C LEU A 136 -0.73 -4.87 66.11
N PHE A 137 -1.78 -5.57 66.51
CA PHE A 137 -2.92 -4.90 67.15
C PHE A 137 -2.51 -4.25 68.46
N GLU A 138 -1.74 -4.96 69.30
CA GLU A 138 -1.34 -4.40 70.58
C GLU A 138 -0.44 -3.18 70.40
N VAL A 139 0.56 -3.30 69.53
CA VAL A 139 1.47 -2.18 69.28
C VAL A 139 0.77 -0.99 68.68
N TYR A 140 -0.22 -1.21 67.80
CA TYR A 140 -0.96 -0.11 67.22
C TYR A 140 -1.88 0.55 68.24
N LEU A 141 -2.57 -0.24 69.05
CA LEU A 141 -3.48 0.31 70.06
C LEU A 141 -2.75 0.97 71.22
N LYS A 142 -1.49 0.61 71.46
CA LYS A 142 -0.70 1.29 72.49
C LYS A 142 -0.58 2.77 72.17
N PRO A 143 -0.30 3.13 70.92
CA PRO A 143 -0.14 4.55 70.59
C PRO A 143 -1.42 5.19 70.06
N TYR A 144 -2.45 4.39 69.83
CA TYR A 144 -3.71 4.88 69.29
C TYR A 144 -4.82 5.00 70.34
N PHE A 145 -4.61 4.44 71.54
CA PHE A 145 -5.64 4.50 72.57
C PHE A 145 -5.86 5.92 73.08
N LEU A 146 -4.79 6.63 73.41
CA LEU A 146 -4.88 7.97 73.97
C LEU A 146 -3.82 8.86 73.33
N GLU A 147 -4.07 10.17 73.39
CA GLU A 147 -3.15 11.18 72.83
C GLU A 147 -2.88 10.91 71.35
N ALA A 148 -3.96 10.64 70.61
CA ALA A 148 -3.84 10.37 69.19
C ALA A 148 -3.36 11.59 68.42
N TYR A 149 -3.74 12.79 68.88
CA TYR A 149 -3.35 14.05 68.25
C TYR A 149 -3.73 14.07 66.77
N ARG A 150 -4.92 13.57 66.47
CA ARG A 150 -5.41 13.49 65.10
C ARG A 150 -6.93 13.59 65.11
N PRO A 151 -7.50 14.31 64.15
CA PRO A 151 -8.97 14.39 64.08
C PRO A 151 -9.58 13.08 63.60
N ILE A 152 -10.90 12.95 63.83
CA ILE A 152 -11.62 11.75 63.45
C ILE A 152 -12.01 11.84 61.98
N ARG A 153 -11.12 11.42 61.10
CA ARG A 153 -11.37 11.43 59.66
C ARG A 153 -10.49 10.38 59.01
N LYS A 154 -11.08 9.61 58.09
CA LYS A 154 -10.36 8.55 57.42
C LYS A 154 -9.40 9.12 56.40
N GLY A 155 -8.15 8.64 56.42
CA GLY A 155 -7.16 9.10 55.48
C GLY A 155 -6.60 10.48 55.75
N ASP A 156 -6.87 11.04 56.93
CA ASP A 156 -6.37 12.37 57.27
C ASP A 156 -4.86 12.30 57.46
N ILE A 157 -4.14 13.25 56.87
CA ILE A 157 -2.69 13.30 56.97
C ILE A 157 -2.29 14.00 58.26
N PHE A 158 -2.16 13.24 59.34
CA PHE A 158 -1.78 13.77 60.64
C PHE A 158 -0.41 13.20 61.02
N LEU A 159 0.53 14.10 61.34
CA LEU A 159 1.87 13.70 61.75
C LEU A 159 1.92 13.53 63.26
N VAL A 160 2.39 12.37 63.71
CA VAL A 160 2.49 12.07 65.13
C VAL A 160 3.86 12.51 65.63
N ARG A 161 3.87 13.32 66.69
CA ARG A 161 5.11 13.83 67.28
C ARG A 161 5.77 12.72 68.08
N GLY A 162 6.93 12.27 67.61
CA GLY A 162 7.63 11.18 68.27
C GLY A 162 7.40 9.84 67.60
N GLY A 163 8.47 9.07 67.43
CA GLY A 163 8.41 7.78 66.77
C GLY A 163 8.72 7.80 65.29
N MET A 164 8.65 8.97 64.66
CA MET A 164 8.95 9.13 63.23
C MET A 164 8.08 8.21 62.38
N ARG A 165 6.81 8.09 62.75
CA ARG A 165 5.86 7.27 62.00
C ARG A 165 4.47 7.82 62.24
N ALA A 166 3.88 8.44 61.22
CA ALA A 166 2.54 8.98 61.32
C ALA A 166 1.54 7.85 61.48
N VAL A 167 0.64 7.99 62.45
CA VAL A 167 -0.38 6.96 62.70
C VAL A 167 -1.51 7.15 61.71
N GLU A 168 -1.45 6.45 60.58
CA GLU A 168 -2.46 6.55 59.54
C GLU A 168 -3.61 5.60 59.87
N PHE A 169 -4.73 6.15 60.31
CA PHE A 169 -5.91 5.36 60.65
C PHE A 169 -6.62 4.99 59.35
N LYS A 170 -6.14 3.94 58.69
CA LYS A 170 -6.71 3.49 57.44
C LYS A 170 -8.06 2.81 57.71
N VAL A 171 -9.07 3.20 56.94
CA VAL A 171 -10.41 2.65 57.10
C VAL A 171 -10.81 1.98 55.79
N VAL A 172 -11.34 0.76 55.91
CA VAL A 172 -11.78 -0.01 54.74
C VAL A 172 -13.02 0.66 54.14
N GLU A 173 -14.00 0.97 54.98
CA GLU A 173 -15.22 1.64 54.53
C GLU A 173 -15.89 2.30 55.72
N THR A 174 -16.11 3.61 55.64
CA THR A 174 -16.77 4.37 56.69
C THR A 174 -18.10 4.90 56.16
N ASP A 175 -19.19 4.49 56.81
CA ASP A 175 -20.52 4.89 56.38
C ASP A 175 -20.84 6.30 56.86
N PRO A 176 -20.62 6.62 58.14
CA PRO A 176 -21.03 7.92 58.68
C PRO A 176 -19.94 8.96 58.46
N SER A 177 -20.30 10.07 57.79
CA SER A 177 -19.43 11.21 57.54
C SER A 177 -18.16 10.79 56.83
N PRO A 178 -17.02 11.42 57.12
CA PRO A 178 -15.75 10.97 56.54
C PRO A 178 -15.24 9.72 57.23
N TYR A 179 -15.53 9.60 58.52
CA TYR A 179 -15.16 8.42 59.29
C TYR A 179 -16.06 8.37 60.52
N CYS A 180 -16.20 7.16 61.07
CA CYS A 180 -16.98 6.97 62.28
C CYS A 180 -16.18 7.44 63.50
N ILE A 181 -16.89 7.60 64.62
CA ILE A 181 -16.25 7.99 65.87
C ILE A 181 -15.32 6.87 66.32
N VAL A 182 -14.18 7.24 66.91
CA VAL A 182 -13.18 6.27 67.32
C VAL A 182 -13.62 5.63 68.63
N ALA A 183 -14.34 4.52 68.54
CA ALA A 183 -14.84 3.81 69.70
C ALA A 183 -14.58 2.32 69.58
N PRO A 184 -14.47 1.61 70.69
CA PRO A 184 -14.26 0.15 70.64
C PRO A 184 -15.53 -0.68 70.57
N ASP A 185 -16.67 -0.07 70.27
CA ASP A 185 -17.95 -0.77 70.22
C ASP A 185 -18.20 -1.46 68.89
N THR A 186 -17.30 -1.31 67.92
CA THR A 186 -17.42 -1.95 66.62
C THR A 186 -16.34 -3.00 66.45
N VAL A 187 -16.72 -4.18 65.96
CA VAL A 187 -15.79 -5.27 65.77
C VAL A 187 -14.95 -4.98 64.52
N ILE A 188 -13.64 -4.97 64.68
CA ILE A 188 -12.73 -4.70 63.56
C ILE A 188 -12.52 -5.99 62.79
N HIS A 189 -12.89 -6.01 61.52
CA HIS A 189 -12.75 -7.17 60.66
C HIS A 189 -11.73 -6.86 59.57
N CYS A 190 -10.76 -7.76 59.41
CA CYS A 190 -9.73 -7.61 58.40
C CYS A 190 -10.28 -8.07 57.06
N GLU A 191 -10.29 -7.15 56.09
CA GLU A 191 -10.82 -7.46 54.77
C GLU A 191 -9.87 -8.37 54.00
N GLY A 192 -10.43 -9.15 53.08
CA GLY A 192 -9.64 -10.07 52.28
C GLY A 192 -8.73 -9.39 51.27
N GLU A 193 -9.01 -8.13 50.94
CA GLU A 193 -8.21 -7.39 49.98
C GLU A 193 -7.81 -6.04 50.55
N PRO A 194 -6.63 -5.53 50.19
CA PRO A 194 -6.19 -4.24 50.72
C PRO A 194 -6.60 -3.08 49.82
N ILE A 195 -6.25 -1.87 50.25
CA ILE A 195 -6.52 -0.65 49.51
C ILE A 195 -5.22 0.15 49.42
N LYS A 196 -4.91 0.64 48.21
CA LYS A 196 -3.69 1.39 47.94
C LYS A 196 -3.93 2.88 47.76
N ARG A 197 -5.08 3.39 48.22
CA ARG A 197 -5.39 4.80 48.04
C ARG A 197 -4.40 5.69 48.78
N GLU A 198 -3.99 5.28 49.99
CA GLU A 198 -3.04 6.09 50.76
C GLU A 198 -1.70 6.22 50.04
N ASP A 199 -1.22 5.15 49.42
CA ASP A 199 0.03 5.21 48.67
C ASP A 199 -0.13 5.96 47.34
N GLU A 200 -1.28 5.85 46.68
CA GLU A 200 -1.49 6.52 45.40
C GLU A 200 -1.74 8.01 45.54
N GLU A 201 -2.30 8.45 46.66
CA GLU A 201 -2.65 9.87 46.81
C GLU A 201 -1.42 10.76 46.82
N GLU A 202 -0.28 10.24 47.28
CA GLU A 202 0.94 11.04 47.30
C GLU A 202 1.33 11.48 45.90
N SER A 203 1.27 10.58 44.92
CA SER A 203 1.52 10.93 43.53
C SER A 203 0.35 11.66 42.88
N LEU A 204 -0.88 11.26 43.21
CA LEU A 204 -2.06 11.86 42.59
C LEU A 204 -2.26 13.31 42.99
N ASN A 205 -1.75 13.70 44.15
CA ASN A 205 -1.87 15.08 44.62
C ASN A 205 -1.06 16.06 43.78
N GLU A 206 -0.18 15.55 42.91
CA GLU A 206 0.71 16.42 42.13
C GLU A 206 -0.05 17.07 40.96
N VAL A 207 -1.11 17.78 41.31
CA VAL A 207 -1.82 18.60 40.32
C VAL A 207 -1.21 19.99 40.32
N GLY A 208 -0.10 20.16 39.58
CA GLY A 208 0.58 21.43 39.56
C GLY A 208 0.15 22.29 38.39
N TYR A 209 -0.10 23.55 38.69
CA TYR A 209 -0.40 24.52 37.64
C TYR A 209 0.86 25.02 36.95
N ASP A 210 2.05 24.63 37.43
CA ASP A 210 3.30 25.06 36.84
C ASP A 210 3.49 24.56 35.42
N ASP A 211 2.90 23.41 35.07
CA ASP A 211 2.93 22.94 33.70
C ASP A 211 1.89 23.64 32.83
N ILE A 212 1.04 24.47 33.43
CA ILE A 212 -0.01 25.18 32.70
C ILE A 212 0.35 26.66 32.61
N GLY A 213 1.64 26.97 32.71
CA GLY A 213 2.08 28.34 32.59
C GLY A 213 1.81 28.89 31.21
N GLY A 214 1.10 30.01 31.16
CA GLY A 214 0.77 30.66 29.91
C GLY A 214 -0.70 30.54 29.56
N CYS A 215 -1.27 29.36 29.80
CA CYS A 215 -2.69 29.10 29.53
C CYS A 215 -3.53 29.30 30.77
N ARG A 216 -3.10 30.20 31.66
CA ARG A 216 -3.83 30.43 32.89
C ARG A 216 -5.24 30.94 32.61
N LYS A 217 -5.39 31.84 31.64
CA LYS A 217 -6.71 32.35 31.32
C LYS A 217 -7.63 31.25 30.82
N GLN A 218 -7.13 30.40 29.92
CA GLN A 218 -7.94 29.29 29.42
C GLN A 218 -8.30 28.33 30.55
N LEU A 219 -7.34 28.03 31.41
CA LEU A 219 -7.60 27.13 32.53
C LEU A 219 -8.66 27.71 33.46
N ALA A 220 -8.58 29.01 33.73
CA ALA A 220 -9.57 29.66 34.58
C ALA A 220 -10.94 29.63 33.92
N GLN A 221 -11.00 29.87 32.62
CA GLN A 221 -12.29 29.80 31.93
C GLN A 221 -12.87 28.40 32.01
N ILE A 222 -12.03 27.38 31.84
CA ILE A 222 -12.49 26.00 31.93
C ILE A 222 -12.99 25.70 33.33
N LYS A 223 -12.25 26.14 34.34
CA LYS A 223 -12.64 25.89 35.72
C LYS A 223 -13.97 26.57 36.04
N GLU A 224 -14.14 27.80 35.58
CA GLU A 224 -15.41 28.49 35.80
C GLU A 224 -16.56 27.78 35.10
N MET A 225 -16.35 27.36 33.85
CA MET A 225 -17.40 26.67 33.11
C MET A 225 -17.67 25.27 33.66
N VAL A 226 -16.74 24.69 34.41
CA VAL A 226 -16.92 23.34 34.90
C VAL A 226 -17.49 23.34 36.31
N GLU A 227 -16.75 23.92 37.25
CA GLU A 227 -17.15 23.83 38.66
C GLU A 227 -18.25 24.81 38.99
N LEU A 228 -17.98 26.11 38.84
CA LEU A 228 -18.91 27.16 39.21
C LEU A 228 -20.23 26.99 38.47
N PRO A 229 -20.20 26.77 37.16
CA PRO A 229 -21.44 26.50 36.41
C PRO A 229 -22.21 25.29 36.93
N LEU A 230 -21.51 24.23 37.33
CA LEU A 230 -22.15 23.11 38.01
C LEU A 230 -22.50 23.45 39.46
N ARG A 231 -21.63 24.17 40.15
CA ARG A 231 -21.90 24.60 41.52
C ARG A 231 -22.98 25.66 41.60
N HIS A 232 -23.16 26.46 40.56
CA HIS A 232 -24.18 27.51 40.53
C HIS A 232 -24.98 27.39 39.24
N PRO A 233 -25.75 26.32 39.09
CA PRO A 233 -26.62 26.20 37.91
C PRO A 233 -27.70 27.27 37.85
N ALA A 234 -28.07 27.87 38.98
CA ALA A 234 -29.05 28.95 38.96
C ALA A 234 -28.53 30.15 38.19
N LEU A 235 -27.23 30.46 38.33
CA LEU A 235 -26.65 31.55 37.57
C LEU A 235 -26.72 31.27 36.07
N PHE A 236 -26.43 30.03 35.66
CA PHE A 236 -26.56 29.66 34.26
C PHE A 236 -27.99 29.78 33.78
N LYS A 237 -28.96 29.34 34.59
CA LYS A 237 -30.36 29.46 34.22
C LYS A 237 -30.79 30.92 34.07
N ALA A 238 -30.36 31.78 34.99
CA ALA A 238 -30.68 33.20 34.89
C ALA A 238 -30.04 33.85 33.66
N ILE A 239 -28.77 33.55 33.42
CA ILE A 239 -28.10 34.06 32.22
C ILE A 239 -28.66 33.42 30.95
N GLY A 240 -29.03 32.14 31.00
CA GLY A 240 -29.57 31.46 29.85
C GLY A 240 -28.56 30.72 29.01
N VAL A 241 -27.36 30.47 29.52
CA VAL A 241 -26.31 29.78 28.78
C VAL A 241 -25.93 28.51 29.52
N LYS A 242 -25.92 27.39 28.80
CA LYS A 242 -25.55 26.11 29.39
C LYS A 242 -24.04 25.92 29.29
N PRO A 243 -23.52 24.82 29.83
CA PRO A 243 -22.07 24.59 29.77
C PRO A 243 -21.60 24.37 28.36
N PRO A 244 -20.37 24.76 28.03
CA PRO A 244 -19.85 24.52 26.69
C PRO A 244 -19.26 23.13 26.54
N ARG A 245 -18.87 22.81 25.31
CA ARG A 245 -18.24 21.52 25.03
C ARG A 245 -16.80 21.46 25.50
N GLY A 246 -16.01 22.52 25.32
CA GLY A 246 -14.66 22.52 25.81
C GLY A 246 -13.63 22.30 24.72
N ILE A 247 -12.36 22.22 25.16
CA ILE A 247 -11.22 22.13 24.25
C ILE A 247 -10.13 21.29 24.91
N LEU A 248 -9.05 21.10 24.16
CA LEU A 248 -7.81 20.50 24.67
C LEU A 248 -6.62 21.19 24.02
N LEU A 249 -5.43 20.63 24.27
CA LEU A 249 -4.20 21.20 23.75
C LEU A 249 -3.58 20.29 22.71
N TYR A 250 -3.10 20.89 21.63
CA TYR A 250 -2.38 20.16 20.60
C TYR A 250 -1.02 19.75 21.13
N GLY A 251 -0.23 19.09 20.28
CA GLY A 251 1.02 18.55 20.70
C GLY A 251 0.81 17.31 21.56
N PRO A 252 1.89 16.80 22.15
CA PRO A 252 1.78 15.56 22.90
C PRO A 252 0.92 15.72 24.13
N PRO A 253 0.24 14.66 24.56
CA PRO A 253 -0.35 14.66 25.90
C PRO A 253 0.76 14.80 26.94
N GLY A 254 0.46 15.55 28.00
CA GLY A 254 1.47 15.94 28.97
C GLY A 254 2.27 17.15 28.55
N THR A 255 2.52 17.29 27.24
CA THR A 255 2.96 18.56 26.70
C THR A 255 1.84 19.59 26.67
N GLY A 256 0.71 19.29 27.30
CA GLY A 256 -0.40 20.20 27.40
C GLY A 256 -1.76 19.52 27.38
N LYS A 257 -1.81 18.26 26.99
CA LYS A 257 -3.08 17.54 26.93
C LYS A 257 -3.30 16.64 28.14
N THR A 258 -2.42 15.65 28.35
CA THR A 258 -2.58 14.77 29.51
C THR A 258 -2.36 15.52 30.81
N LEU A 259 -1.41 16.46 30.81
CA LEU A 259 -1.19 17.25 32.03
C LEU A 259 -2.45 18.02 32.41
N ILE A 260 -3.06 18.69 31.43
CA ILE A 260 -4.27 19.44 31.71
C ILE A 260 -5.39 18.50 32.16
N ALA A 261 -5.53 17.35 31.50
CA ALA A 261 -6.57 16.42 31.87
C ALA A 261 -6.41 15.94 33.31
N ARG A 262 -5.19 15.54 33.68
CA ARG A 262 -4.95 15.05 35.02
C ARG A 262 -5.18 16.15 36.06
N ALA A 263 -4.70 17.36 35.78
CA ALA A 263 -4.90 18.45 36.73
C ALA A 263 -6.37 18.74 36.93
N VAL A 264 -7.16 18.75 35.85
CA VAL A 264 -8.60 18.96 35.98
C VAL A 264 -9.22 17.82 36.78
N ALA A 265 -8.85 16.58 36.47
CA ALA A 265 -9.43 15.44 37.16
C ALA A 265 -9.12 15.44 38.64
N ASN A 266 -7.96 15.98 39.03
CA ASN A 266 -7.63 16.07 40.45
C ASN A 266 -8.62 16.94 41.20
N GLU A 267 -9.28 17.87 40.53
CA GLU A 267 -10.29 18.74 41.13
C GLU A 267 -11.65 18.49 40.49
N THR A 268 -11.97 17.23 40.24
CA THR A 268 -13.19 16.86 39.54
C THR A 268 -14.12 16.11 40.48
N GLY A 269 -15.42 16.35 40.31
CA GLY A 269 -16.42 15.66 41.12
C GLY A 269 -16.62 14.21 40.72
N ALA A 270 -17.10 13.99 39.49
CA ALA A 270 -17.27 12.64 38.98
C ALA A 270 -16.30 12.39 37.84
N PHE A 271 -15.81 11.16 37.76
CA PHE A 271 -14.76 10.81 36.81
C PHE A 271 -15.29 10.85 35.38
N PHE A 272 -14.36 11.05 34.45
CA PHE A 272 -14.64 11.03 33.02
C PHE A 272 -14.26 9.68 32.44
N PHE A 273 -14.67 9.46 31.20
CA PHE A 273 -14.40 8.21 30.50
C PHE A 273 -13.41 8.46 29.36
N LEU A 274 -12.31 7.72 29.39
CA LEU A 274 -11.26 7.88 28.39
C LEU A 274 -11.77 7.46 27.02
N ILE A 275 -11.28 8.15 25.99
CA ILE A 275 -11.74 7.90 24.63
C ILE A 275 -10.89 6.82 23.98
N ASN A 276 -11.24 5.56 24.22
CA ASN A 276 -10.60 4.42 23.57
C ASN A 276 -11.58 3.81 22.58
N GLY A 277 -11.25 3.89 21.29
CA GLY A 277 -12.17 3.48 20.25
C GLY A 277 -12.40 1.98 20.22
N PRO A 278 -11.53 1.22 20.89
CA PRO A 278 -11.66 -0.24 20.90
C PRO A 278 -12.86 -0.77 21.67
N GLU A 279 -13.62 0.10 22.35
CA GLU A 279 -14.74 -0.35 23.15
C GLU A 279 -15.79 -1.07 22.30
N ILE A 280 -16.43 -0.34 21.40
CA ILE A 280 -17.41 -0.97 20.52
C ILE A 280 -16.73 -1.97 19.59
N MET A 281 -15.44 -1.77 19.31
CA MET A 281 -14.67 -2.65 18.42
C MET A 281 -14.36 -3.94 19.16
N SER A 282 -15.29 -4.89 19.09
CA SER A 282 -15.11 -6.18 19.75
C SER A 282 -15.97 -7.25 19.09
N LYS A 283 -16.05 -8.42 19.71
CA LYS A 283 -16.91 -9.49 19.24
C LYS A 283 -18.38 -9.16 19.40
N LEU A 284 -18.71 -8.12 20.16
CA LEU A 284 -20.08 -7.70 20.38
C LEU A 284 -20.60 -6.96 19.16
N ALA A 285 -21.77 -6.35 19.29
CA ALA A 285 -22.41 -5.63 18.19
C ALA A 285 -22.06 -4.16 18.16
N GLY A 286 -21.10 -3.73 18.98
CA GLY A 286 -20.76 -2.31 19.04
C GLY A 286 -21.57 -1.59 20.08
N GLU A 287 -22.32 -2.38 20.87
CA GLU A 287 -23.15 -1.82 21.92
C GLU A 287 -22.35 -1.17 23.02
N SER A 288 -21.02 -1.38 23.04
CA SER A 288 -20.20 -0.75 24.06
C SER A 288 -20.31 0.76 24.02
N GLU A 289 -20.55 1.33 22.84
CA GLU A 289 -20.78 2.77 22.77
C GLU A 289 -22.04 3.16 23.53
N SER A 290 -23.13 2.41 23.35
CA SER A 290 -24.34 2.67 24.09
C SER A 290 -24.13 2.48 25.59
N ASN A 291 -23.37 1.45 25.96
CA ASN A 291 -23.06 1.22 27.37
C ASN A 291 -22.26 2.38 27.94
N LEU A 292 -21.32 2.92 27.16
CA LEU A 292 -20.55 4.07 27.61
C LEU A 292 -21.44 5.28 27.79
N ARG A 293 -22.38 5.50 26.86
CA ARG A 293 -23.31 6.60 27.01
C ARG A 293 -24.16 6.44 28.26
N LYS A 294 -24.64 5.21 28.51
CA LYS A 294 -25.45 4.96 29.69
C LYS A 294 -24.65 5.17 30.97
N ALA A 295 -23.41 4.70 30.99
CA ALA A 295 -22.56 4.90 32.16
C ALA A 295 -22.28 6.38 32.38
N PHE A 296 -22.08 7.12 31.30
CA PHE A 296 -21.90 8.57 31.41
C PHE A 296 -23.13 9.22 32.00
N GLU A 297 -24.32 8.81 31.55
CA GLU A 297 -25.55 9.36 32.10
C GLU A 297 -25.68 9.02 33.58
N GLU A 298 -25.37 7.78 33.95
CA GLU A 298 -25.47 7.37 35.35
C GLU A 298 -24.50 8.16 36.23
N ALA A 299 -23.27 8.35 35.76
CA ALA A 299 -22.31 9.13 36.53
C ALA A 299 -22.71 10.59 36.63
N GLU A 300 -23.19 11.18 35.52
CA GLU A 300 -23.61 12.57 35.53
C GLU A 300 -24.77 12.78 36.48
N LYS A 301 -25.73 11.85 36.50
CA LYS A 301 -26.77 11.90 37.52
C LYS A 301 -26.19 11.73 38.92
N ASN A 302 -25.20 10.85 39.07
CA ASN A 302 -24.56 10.65 40.36
C ASN A 302 -23.82 11.90 40.80
N ALA A 303 -23.01 12.48 39.92
CA ALA A 303 -22.26 13.67 40.26
C ALA A 303 -21.83 14.41 39.00
N PRO A 304 -21.20 15.57 39.11
CA PRO A 304 -20.76 16.29 37.91
C PRO A 304 -19.61 15.56 37.25
N ALA A 305 -19.90 14.93 36.11
CA ALA A 305 -18.93 14.13 35.39
C ALA A 305 -18.45 14.88 34.15
N ILE A 306 -17.38 14.37 33.57
CA ILE A 306 -16.74 14.99 32.41
C ILE A 306 -16.59 13.95 31.31
N ILE A 307 -16.12 14.38 30.16
CA ILE A 307 -15.82 13.50 29.04
C ILE A 307 -14.32 13.56 28.81
N PHE A 308 -13.63 12.46 29.08
CA PHE A 308 -12.19 12.40 28.86
C PHE A 308 -11.96 12.22 27.37
N ILE A 309 -12.20 13.29 26.62
CA ILE A 309 -12.11 13.27 25.17
C ILE A 309 -10.63 13.21 24.79
N ASP A 310 -10.29 12.26 23.94
CA ASP A 310 -8.94 12.17 23.41
C ASP A 310 -8.81 13.16 22.26
N GLU A 311 -7.73 13.07 21.49
CA GLU A 311 -7.52 14.00 20.39
C GLU A 311 -8.60 13.82 19.33
N LEU A 312 -8.81 14.88 18.55
CA LEU A 312 -9.85 14.89 17.53
C LEU A 312 -9.72 13.73 16.55
N ASP A 313 -8.49 13.29 16.27
CA ASP A 313 -8.29 12.13 15.41
C ASP A 313 -8.86 10.86 15.99
N ALA A 314 -8.76 10.69 17.31
CA ALA A 314 -9.27 9.49 17.95
C ALA A 314 -10.77 9.32 17.80
N ILE A 315 -11.52 10.42 17.61
CA ILE A 315 -12.96 10.34 17.56
C ILE A 315 -13.41 9.92 16.16
N ALA A 316 -13.14 10.78 15.17
CA ALA A 316 -13.61 10.56 13.82
C ALA A 316 -13.08 11.65 12.92
N PRO A 317 -12.85 11.35 11.63
CA PRO A 317 -12.54 12.42 10.66
C PRO A 317 -13.79 12.99 10.03
N LYS A 318 -14.95 12.74 10.64
CA LYS A 318 -16.26 13.05 10.07
C LYS A 318 -16.51 12.26 8.80
N ARG A 319 -16.20 10.96 8.84
CA ARG A 319 -16.45 10.03 7.75
C ARG A 319 -15.83 10.53 6.43
N GLU A 320 -14.68 11.18 6.57
CA GLU A 320 -13.97 11.72 5.42
C GLU A 320 -13.18 10.67 4.67
N LYS A 321 -12.41 9.83 5.37
CA LYS A 321 -11.67 8.76 4.70
C LYS A 321 -12.63 7.66 4.25
N THR A 322 -13.31 7.02 5.21
CA THR A 322 -14.32 6.03 4.94
C THR A 322 -15.52 6.28 5.85
N HIS A 323 -16.61 5.57 5.58
CA HIS A 323 -17.78 5.70 6.42
C HIS A 323 -17.75 4.66 7.54
N GLY A 324 -17.71 3.39 7.15
CA GLY A 324 -17.63 2.33 8.13
C GLY A 324 -19.00 2.04 8.70
N GLU A 325 -19.47 0.80 8.57
CA GLU A 325 -20.81 0.49 9.06
C GLU A 325 -20.92 0.71 10.56
N VAL A 326 -20.15 -0.05 11.34
CA VAL A 326 -20.10 0.19 12.78
C VAL A 326 -19.54 1.58 13.05
N GLU A 327 -18.62 2.04 12.21
CA GLU A 327 -18.06 3.38 12.38
C GLU A 327 -19.13 4.45 12.23
N ARG A 328 -19.91 4.38 11.15
CA ARG A 328 -20.98 5.36 10.97
C ARG A 328 -22.03 5.24 12.07
N ARG A 329 -22.34 4.00 12.48
CA ARG A 329 -23.30 3.82 13.56
C ARG A 329 -22.82 4.47 14.85
N ILE A 330 -21.54 4.29 15.18
CA ILE A 330 -20.99 4.88 16.39
C ILE A 330 -20.94 6.38 16.27
N VAL A 331 -20.61 6.90 15.09
CA VAL A 331 -20.59 8.35 14.90
C VAL A 331 -21.98 8.93 15.12
N SER A 332 -23.00 8.28 14.55
CA SER A 332 -24.36 8.74 14.73
C SER A 332 -24.78 8.67 16.19
N GLN A 333 -24.43 7.59 16.88
CA GLN A 333 -24.78 7.45 18.28
C GLN A 333 -24.10 8.53 19.11
N LEU A 334 -22.83 8.82 18.82
CA LEU A 334 -22.12 9.86 19.54
C LEU A 334 -22.76 11.22 19.29
N LEU A 335 -23.12 11.50 18.03
CA LEU A 335 -23.76 12.78 17.73
C LEU A 335 -25.09 12.89 18.44
N THR A 336 -25.86 11.81 18.48
CA THR A 336 -27.15 11.82 19.17
C THR A 336 -26.97 12.04 20.66
N LEU A 337 -26.01 11.35 21.28
CA LEU A 337 -25.77 11.56 22.70
C LEU A 337 -25.30 12.98 22.99
N MET A 338 -24.43 13.52 22.14
CA MET A 338 -23.94 14.88 22.33
C MET A 338 -25.05 15.91 22.17
N ASP A 339 -25.93 15.74 21.19
CA ASP A 339 -26.98 16.71 20.95
C ASP A 339 -28.10 16.56 21.97
N GLY A 340 -28.76 15.41 21.98
CA GLY A 340 -29.76 15.13 22.98
C GLY A 340 -29.12 14.72 24.30
N LEU A 341 -28.19 15.55 24.78
CA LEU A 341 -27.52 15.31 26.03
C LEU A 341 -28.50 15.58 27.18
N LYS A 342 -28.09 15.24 28.39
CA LYS A 342 -28.94 15.45 29.56
C LYS A 342 -28.91 16.94 29.86
N GLN A 343 -29.72 17.70 29.11
CA GLN A 343 -29.78 19.14 29.32
C GLN A 343 -30.26 19.48 30.73
N ARG A 344 -31.10 18.64 31.32
CA ARG A 344 -31.49 18.82 32.70
C ARG A 344 -30.36 18.58 33.67
N ALA A 345 -29.56 17.52 33.46
CA ALA A 345 -28.45 17.21 34.35
C ALA A 345 -27.23 18.10 34.13
N HIS A 346 -27.18 18.83 33.01
CA HIS A 346 -26.06 19.70 32.67
C HIS A 346 -24.74 18.95 32.76
N VAL A 347 -24.75 17.76 32.16
CA VAL A 347 -23.57 16.89 32.12
C VAL A 347 -22.51 17.60 31.30
N ILE A 348 -21.41 17.99 31.95
CA ILE A 348 -20.35 18.75 31.28
C ILE A 348 -19.45 17.78 30.53
N VAL A 349 -19.74 17.55 29.26
CA VAL A 349 -18.93 16.69 28.43
C VAL A 349 -17.75 17.50 27.90
N MET A 350 -16.56 17.20 28.40
CA MET A 350 -15.37 17.97 28.05
C MET A 350 -14.91 17.60 26.64
N ALA A 351 -14.94 18.58 25.74
CA ALA A 351 -14.45 18.37 24.38
C ALA A 351 -12.93 18.56 24.36
N ALA A 352 -12.34 18.51 23.18
CA ALA A 352 -10.89 18.59 23.02
C ALA A 352 -10.55 19.58 21.92
N THR A 353 -9.24 19.75 21.70
CA THR A 353 -8.76 20.51 20.54
C THR A 353 -7.43 19.91 20.11
N ASN A 354 -7.51 18.96 19.19
CA ASN A 354 -6.38 18.44 18.43
C ASN A 354 -6.29 19.19 17.11
N ARG A 355 -5.55 18.66 16.15
CA ARG A 355 -5.44 19.25 14.83
C ARG A 355 -6.82 19.45 14.24
N PRO A 356 -7.11 20.65 13.71
CA PRO A 356 -8.46 20.96 13.22
C PRO A 356 -8.90 20.03 12.11
N ASN A 357 -7.95 19.57 11.29
CA ASN A 357 -8.25 18.59 10.28
C ASN A 357 -8.76 17.29 10.88
N SER A 358 -8.21 16.88 12.02
CA SER A 358 -8.69 15.70 12.73
C SER A 358 -10.08 15.90 13.33
N ILE A 359 -10.57 17.13 13.39
CA ILE A 359 -11.85 17.41 14.03
C ILE A 359 -12.98 17.06 13.08
N ASP A 360 -13.94 16.28 13.57
CA ASP A 360 -15.13 15.99 12.80
C ASP A 360 -16.06 17.21 12.79
N PRO A 361 -16.82 17.40 11.71
CA PRO A 361 -17.65 18.62 11.61
C PRO A 361 -18.84 18.65 12.54
N ALA A 362 -19.44 17.51 12.87
CA ALA A 362 -20.65 17.50 13.68
C ALA A 362 -20.44 18.15 15.04
N LEU A 363 -19.43 17.70 15.78
CA LEU A 363 -19.04 18.38 17.02
C LEU A 363 -18.51 19.78 16.75
N ARG A 364 -17.73 19.96 15.69
CA ARG A 364 -17.32 21.29 15.27
C ARG A 364 -18.50 22.19 14.97
N ARG A 365 -19.64 21.62 14.62
CA ARG A 365 -20.87 22.36 14.48
C ARG A 365 -21.55 22.47 15.83
N PHE A 366 -22.22 23.60 16.05
CA PHE A 366 -22.96 23.80 17.28
C PHE A 366 -24.18 22.89 17.30
N GLY A 367 -24.43 22.28 18.45
CA GLY A 367 -25.55 21.37 18.59
C GLY A 367 -25.11 19.98 19.01
N ARG A 368 -24.03 19.48 18.39
CA ARG A 368 -23.41 18.27 18.90
C ARG A 368 -22.47 18.61 20.05
N PHE A 369 -21.42 19.37 19.75
CA PHE A 369 -20.59 19.97 20.78
C PHE A 369 -21.01 21.42 20.96
N ASP A 370 -21.25 21.80 22.21
CA ASP A 370 -21.76 23.13 22.51
C ASP A 370 -20.79 24.22 22.05
N ARG A 371 -19.59 24.25 22.64
CA ARG A 371 -18.58 25.21 22.24
C ARG A 371 -17.21 24.55 22.35
N GLU A 372 -16.48 24.55 21.24
CA GLU A 372 -15.12 24.02 21.20
C GLU A 372 -14.15 25.18 21.10
N VAL A 373 -13.08 25.14 21.88
CA VAL A 373 -12.12 26.22 21.93
C VAL A 373 -10.79 25.74 21.37
N ASP A 374 -9.81 26.64 21.29
CA ASP A 374 -8.55 26.34 20.64
C ASP A 374 -7.64 25.52 21.56
N ILE A 375 -6.38 25.41 21.16
CA ILE A 375 -5.38 24.64 21.89
C ILE A 375 -4.29 25.59 22.36
N GLY A 376 -3.87 25.42 23.61
CA GLY A 376 -2.86 26.31 24.17
C GLY A 376 -1.49 26.10 23.57
N ILE A 377 -0.62 27.07 23.80
CA ILE A 377 0.76 27.04 23.28
C ILE A 377 1.71 27.51 24.37
N PRO A 378 3.01 27.19 24.28
CA PRO A 378 3.94 27.57 25.35
C PRO A 378 4.58 28.93 25.12
N ASP A 379 5.24 29.46 26.15
CA ASP A 379 5.94 30.73 26.05
C ASP A 379 7.11 30.79 27.03
N ALA A 380 7.80 31.93 27.05
CA ALA A 380 8.93 32.09 27.97
C ALA A 380 8.48 32.08 29.43
N THR A 381 7.36 32.72 29.74
CA THR A 381 6.85 32.68 31.11
C THR A 381 6.45 31.25 31.49
N GLY A 382 5.77 30.55 30.59
CA GLY A 382 5.46 29.15 30.85
C GLY A 382 6.73 28.32 30.94
N ARG A 383 7.76 28.70 30.18
CA ARG A 383 9.04 28.02 30.30
C ARG A 383 9.62 28.20 31.70
N LEU A 384 9.54 29.42 32.24
CA LEU A 384 10.00 29.66 33.59
C LEU A 384 9.19 28.87 34.60
N GLU A 385 7.87 28.78 34.39
CA GLU A 385 7.02 28.01 35.29
C GLU A 385 7.40 26.53 35.27
N ILE A 386 7.63 25.97 34.08
CA ILE A 386 8.00 24.56 33.98
C ILE A 386 9.38 24.34 34.58
N LEU A 387 10.29 25.29 34.40
CA LEU A 387 11.59 25.20 35.03
C LEU A 387 11.47 25.22 36.54
N GLN A 388 10.58 26.05 37.06
CA GLN A 388 10.32 26.08 38.50
C GLN A 388 9.79 24.73 38.97
N ILE A 389 8.89 24.13 38.19
CA ILE A 389 8.38 22.81 38.54
C ILE A 389 9.52 21.80 38.58
N HIS A 390 10.37 21.81 37.56
CA HIS A 390 11.49 20.86 37.52
C HIS A 390 12.45 21.06 38.68
N THR A 391 12.75 22.32 39.03
CA THR A 391 13.61 22.58 40.17
C THR A 391 12.96 22.11 41.47
N LYS A 392 11.66 22.33 41.62
CA LYS A 392 10.94 21.82 42.78
C LYS A 392 11.01 20.30 42.84
N ASN A 393 11.07 19.64 41.67
CA ASN A 393 11.29 18.20 41.68
C ASN A 393 12.62 17.83 42.31
N MET A 394 13.68 18.57 41.98
CA MET A 394 14.97 18.31 42.59
C MET A 394 15.85 19.55 42.43
N LYS A 395 16.56 19.90 43.50
CA LYS A 395 17.47 21.02 43.46
C LYS A 395 18.70 20.66 42.64
N LEU A 396 18.67 20.97 41.35
CA LEU A 396 19.74 20.54 40.46
C LEU A 396 20.98 21.42 40.64
N ALA A 397 20.86 22.71 40.34
CA ALA A 397 21.98 23.63 40.38
C ALA A 397 21.68 24.81 41.28
N ASP A 398 22.74 25.47 41.72
CA ASP A 398 22.63 26.71 42.48
C ASP A 398 23.07 27.93 41.68
N ASP A 399 23.46 27.74 40.42
CA ASP A 399 23.90 28.85 39.59
C ASP A 399 23.19 28.91 38.24
N VAL A 400 22.16 28.09 38.01
CA VAL A 400 21.47 28.08 36.73
C VAL A 400 20.54 29.28 36.65
N ASP A 401 20.69 30.06 35.58
CA ASP A 401 19.81 31.20 35.36
C ASP A 401 18.56 30.73 34.62
N LEU A 402 17.50 30.46 35.38
CA LEU A 402 16.28 29.94 34.80
C LEU A 402 15.66 30.93 33.81
N GLU A 403 15.71 32.22 34.13
CA GLU A 403 15.20 33.22 33.19
C GLU A 403 16.01 33.24 31.91
N GLN A 404 17.35 33.19 32.02
CA GLN A 404 18.20 33.19 30.84
C GLN A 404 17.94 31.95 29.99
N VAL A 405 17.81 30.79 30.63
CA VAL A 405 17.53 29.58 29.87
C VAL A 405 16.17 29.67 29.19
N ALA A 406 15.14 30.11 29.93
CA ALA A 406 13.80 30.20 29.36
C ALA A 406 13.76 31.15 28.18
N ASN A 407 14.44 32.29 28.28
CA ASN A 407 14.56 33.18 27.14
C ASN A 407 15.29 32.49 25.98
N GLU A 408 16.38 31.80 26.28
CA GLU A 408 17.07 31.02 25.25
C GLU A 408 16.17 29.90 24.73
N THR A 409 15.43 29.25 25.61
CA THR A 409 14.61 28.10 25.23
C THR A 409 13.29 28.58 24.62
N HIS A 410 13.44 29.33 23.52
CA HIS A 410 12.27 29.71 22.73
C HIS A 410 11.66 28.52 22.01
N GLY A 411 12.48 27.67 21.40
CA GLY A 411 11.97 26.53 20.66
C GLY A 411 11.33 25.45 21.50
N HIS A 412 11.90 25.14 22.65
CA HIS A 412 11.37 24.07 23.49
C HIS A 412 9.97 24.43 23.97
N VAL A 413 9.06 23.47 23.90
CA VAL A 413 7.67 23.67 24.30
C VAL A 413 7.17 22.41 24.97
N GLY A 414 6.23 22.56 25.88
CA GLY A 414 5.65 21.43 26.59
C GLY A 414 6.66 20.78 27.52
N ALA A 415 6.61 19.45 27.63
CA ALA A 415 7.54 18.71 28.45
C ALA A 415 8.95 18.67 27.85
N ASP A 416 9.19 19.37 26.75
CA ASP A 416 10.53 19.39 26.17
C ASP A 416 11.53 20.01 27.12
N LEU A 417 11.14 21.08 27.82
CA LEU A 417 12.03 21.68 28.80
C LEU A 417 12.35 20.72 29.93
N ALA A 418 11.34 20.00 30.42
CA ALA A 418 11.58 19.02 31.47
C ALA A 418 12.50 17.91 30.98
N ALA A 419 12.31 17.48 29.73
CA ALA A 419 13.18 16.47 29.15
C ALA A 419 14.61 16.97 29.06
N LEU A 420 14.80 18.22 28.66
CA LEU A 420 16.13 18.80 28.60
C LEU A 420 16.76 18.87 29.99
N CYS A 421 15.96 19.24 30.99
CA CYS A 421 16.47 19.25 32.36
C CYS A 421 16.89 17.86 32.81
N SER A 422 16.07 16.86 32.49
CA SER A 422 16.41 15.49 32.84
C SER A 422 17.69 15.06 32.14
N GLU A 423 17.86 15.46 30.87
CA GLU A 423 19.07 15.13 30.15
C GLU A 423 20.30 15.79 30.78
N ALA A 424 20.16 17.05 31.19
CA ALA A 424 21.27 17.72 31.87
C ALA A 424 21.62 17.01 33.17
N ALA A 425 20.60 16.62 33.93
CA ALA A 425 20.83 15.87 35.15
C ALA A 425 21.53 14.55 34.84
N LEU A 426 21.10 13.87 33.78
CA LEU A 426 21.70 12.59 33.42
C LEU A 426 23.16 12.76 33.04
N GLN A 427 23.48 13.77 32.23
CA GLN A 427 24.86 13.99 31.83
C GLN A 427 25.73 14.34 33.04
N ALA A 428 25.25 15.25 33.89
CA ALA A 428 26.03 15.64 35.05
C ALA A 428 26.22 14.47 36.00
N ILE A 429 25.17 13.68 36.24
CA ILE A 429 25.26 12.54 37.14
C ILE A 429 26.16 11.48 36.56
N ARG A 430 26.11 11.29 35.24
CA ARG A 430 27.00 10.33 34.59
C ARG A 430 28.46 10.74 34.79
N LYS A 431 28.75 12.02 34.55
CA LYS A 431 30.11 12.49 34.79
C LYS A 431 30.52 12.29 36.24
N LYS A 432 29.66 12.68 37.18
CA LYS A 432 29.99 12.61 38.60
C LYS A 432 30.22 11.18 39.05
N MET A 433 29.35 10.25 38.63
CA MET A 433 29.48 8.87 39.04
C MET A 433 30.70 8.21 38.38
N ASP A 434 30.84 8.37 37.06
CA ASP A 434 31.95 7.76 36.36
C ASP A 434 33.30 8.26 36.88
N LEU A 435 33.42 9.54 37.19
CA LEU A 435 34.63 10.04 37.81
C LEU A 435 34.70 9.67 39.29
N ILE A 436 33.57 9.32 39.90
CA ILE A 436 33.53 9.02 41.32
C ILE A 436 33.74 7.53 41.53
N ASP A 437 32.83 6.71 41.01
CA ASP A 437 32.91 5.27 41.17
C ASP A 437 31.99 4.57 40.18
N LEU A 438 32.41 3.38 39.76
CA LEU A 438 31.52 2.53 38.98
C LEU A 438 30.26 2.20 39.76
N GLU A 439 30.38 2.03 41.08
CA GLU A 439 29.25 1.79 41.97
C GLU A 439 28.44 0.59 41.49
N ASP A 440 29.15 -0.48 41.14
CA ASP A 440 28.51 -1.71 40.71
C ASP A 440 27.65 -2.33 41.80
N GLU A 441 27.94 -2.03 43.08
CA GLU A 441 27.16 -2.52 44.20
C GLU A 441 26.42 -1.41 44.92
N THR A 442 27.11 -0.35 45.33
CA THR A 442 26.48 0.77 46.02
C THR A 442 27.25 2.04 45.72
N ILE A 443 26.60 3.17 45.94
CA ILE A 443 27.20 4.48 45.71
C ILE A 443 27.37 5.19 47.04
N ASP A 444 28.29 6.14 47.06
CA ASP A 444 28.55 6.91 48.27
C ASP A 444 27.38 7.84 48.57
N ALA A 445 26.87 7.73 49.80
CA ALA A 445 25.81 8.62 50.25
C ALA A 445 26.28 10.07 50.22
N GLU A 446 27.55 10.31 50.52
CA GLU A 446 28.10 11.65 50.35
C GLU A 446 28.06 12.06 48.89
N VAL A 447 28.45 11.17 47.98
CA VAL A 447 28.34 11.47 46.56
C VAL A 447 26.88 11.64 46.17
N MET A 448 25.99 10.82 46.72
CA MET A 448 24.57 10.93 46.40
C MET A 448 24.01 12.29 46.80
N ASN A 449 24.33 12.76 48.00
CA ASN A 449 23.91 14.09 48.41
C ASN A 449 24.63 15.16 47.60
N SER A 450 25.82 14.84 47.09
CA SER A 450 26.62 15.77 46.31
C SER A 450 26.42 15.55 44.81
N LEU A 451 25.23 15.13 44.42
CA LEU A 451 24.90 14.90 43.01
C LEU A 451 24.15 16.07 42.41
N ALA A 452 24.41 17.28 42.88
CA ALA A 452 23.74 18.46 42.34
C ALA A 452 24.25 18.77 40.94
N VAL A 453 23.34 19.20 40.07
CA VAL A 453 23.67 19.56 38.70
C VAL A 453 24.30 20.95 38.70
N THR A 454 24.87 21.35 37.58
CA THR A 454 25.51 22.64 37.47
C THR A 454 24.87 23.41 36.33
N MET A 455 24.91 24.74 36.43
CA MET A 455 24.48 25.58 35.31
C MET A 455 25.26 25.25 34.05
N ASP A 456 26.55 24.91 34.19
CA ASP A 456 27.33 24.48 33.05
C ASP A 456 26.77 23.19 32.46
N ASP A 457 26.38 22.24 33.31
CA ASP A 457 25.81 21.00 32.81
C ASP A 457 24.50 21.26 32.08
N PHE A 458 23.66 22.12 32.65
CA PHE A 458 22.40 22.46 31.99
C PHE A 458 22.66 23.12 30.65
N ARG A 459 23.62 24.05 30.59
CA ARG A 459 23.94 24.72 29.34
C ARG A 459 24.48 23.74 28.31
N TRP A 460 25.35 22.82 28.74
CA TRP A 460 25.91 21.84 27.83
C TRP A 460 24.83 20.94 27.25
N ALA A 461 23.92 20.46 28.10
CA ALA A 461 22.82 19.64 27.61
C ALA A 461 21.92 20.44 26.66
N LEU A 462 21.59 21.67 27.03
CA LEU A 462 20.73 22.49 26.18
C LEU A 462 21.35 22.72 24.82
N SER A 463 22.64 23.02 24.77
CA SER A 463 23.35 23.10 23.50
C SER A 463 23.29 21.78 22.75
N GLN A 464 23.48 20.67 23.47
CA GLN A 464 23.26 19.36 22.86
C GLN A 464 21.79 19.17 22.52
N SER A 465 20.89 19.74 23.31
CA SER A 465 19.46 19.57 23.11
C SER A 465 18.99 20.38 21.90
N ASN A 466 17.80 20.04 21.41
CA ASN A 466 17.17 20.74 20.30
C ASN A 466 15.65 20.65 20.44
N PRO A 467 14.88 21.36 19.62
CA PRO A 467 13.42 21.29 19.72
C PRO A 467 12.87 19.93 19.36
N SER A 468 11.73 19.56 19.94
CA SER A 468 11.16 18.25 19.71
C SER A 468 10.65 18.09 18.28
N ALA A 469 9.93 19.09 17.77
CA ALA A 469 9.46 19.03 16.40
C ALA A 469 10.58 19.01 15.38
N LEU A 470 11.62 19.82 15.59
CA LEU A 470 12.79 19.79 14.72
C LEU A 470 13.46 18.43 14.69
N ARG A 471 13.46 17.73 15.82
CA ARG A 471 13.98 16.37 15.86
C ARG A 471 13.25 15.45 14.89
N GLU A 472 11.94 15.56 14.80
CA GLU A 472 11.16 14.86 13.78
C GLU A 472 11.20 15.56 12.44
N THR A 473 11.75 16.78 12.38
CA THR A 473 11.67 17.55 11.15
C THR A 473 12.96 17.48 10.34
N VAL A 474 14.09 17.84 10.94
CA VAL A 474 15.31 18.07 10.18
C VAL A 474 16.46 17.32 10.84
N VAL A 475 17.54 17.17 10.06
CA VAL A 475 18.77 16.54 10.54
C VAL A 475 19.85 17.59 10.69
N GLU A 476 20.99 17.20 11.26
CA GLU A 476 22.07 18.12 11.54
C GLU A 476 22.86 18.46 10.28
N VAL A 477 23.73 19.45 10.41
CA VAL A 477 24.57 19.91 9.30
C VAL A 477 25.86 20.47 9.89
N PRO A 478 26.91 20.66 9.08
CA PRO A 478 28.18 21.18 9.61
C PRO A 478 28.04 22.62 10.05
N GLN A 479 28.13 22.85 11.36
CA GLN A 479 27.98 24.18 11.91
C GLN A 479 29.26 24.99 11.74
N VAL A 480 29.10 26.29 11.48
CA VAL A 480 30.21 27.21 11.30
C VAL A 480 29.88 28.50 12.03
N THR A 481 30.91 29.33 12.22
CA THR A 481 30.75 30.58 12.93
C THR A 481 30.60 31.74 11.94
N TRP A 482 29.65 32.63 12.26
CA TRP A 482 29.48 33.84 11.46
C TRP A 482 30.77 34.63 11.37
N GLU A 483 31.53 34.69 12.47
CA GLU A 483 32.86 35.28 12.43
C GLU A 483 33.82 34.49 11.55
N ASP A 484 33.71 33.17 11.55
CA ASP A 484 34.59 32.33 10.74
C ASP A 484 34.44 32.60 9.25
N ILE A 485 33.35 33.22 8.83
CA ILE A 485 33.12 33.55 7.43
C ILE A 485 33.37 35.05 7.29
N GLY A 486 34.27 35.43 6.38
CA GLY A 486 34.59 36.82 6.17
C GLY A 486 33.89 37.42 4.97
N GLY A 487 33.64 38.72 5.07
CA GLY A 487 32.99 39.45 3.99
C GLY A 487 31.53 39.75 4.28
N LEU A 488 30.95 40.69 3.51
CA LEU A 488 29.55 41.09 3.64
C LEU A 488 29.24 41.49 5.10
N GLU A 489 30.18 42.22 5.67
CA GLU A 489 30.06 42.63 7.06
C GLU A 489 28.81 43.47 7.29
N ASP A 490 28.52 44.39 6.37
CA ASP A 490 27.28 45.14 6.47
C ASP A 490 26.08 44.22 6.30
N VAL A 491 26.15 43.29 5.35
CA VAL A 491 25.06 42.35 5.15
C VAL A 491 24.90 41.47 6.38
N LYS A 492 26.01 40.99 6.94
CA LYS A 492 25.94 40.16 8.13
C LYS A 492 25.34 40.94 9.29
N ARG A 493 25.73 42.21 9.44
CA ARG A 493 25.18 43.04 10.51
C ARG A 493 23.68 43.24 10.33
N GLU A 494 23.25 43.49 9.10
CA GLU A 494 21.83 43.67 8.84
C GLU A 494 21.05 42.40 9.16
N LEU A 495 21.59 41.24 8.76
CA LEU A 495 20.94 39.98 9.05
C LEU A 495 20.85 39.74 10.54
N GLN A 496 21.94 39.99 11.26
CA GLN A 496 21.95 39.78 12.70
C GLN A 496 20.97 40.71 13.40
N GLU A 497 20.89 41.96 12.93
CA GLU A 497 19.92 42.89 13.49
C GLU A 497 18.50 42.40 13.24
N LEU A 498 18.20 41.99 12.01
CA LEU A 498 16.88 41.46 11.71
C LEU A 498 16.56 40.26 12.57
N VAL A 499 17.56 39.41 12.84
CA VAL A 499 17.33 38.25 13.69
C VAL A 499 17.06 38.63 15.14
N GLN A 500 17.87 39.53 15.71
CA GLN A 500 17.79 39.78 17.14
C GLN A 500 16.85 40.92 17.49
N TYR A 501 17.11 42.12 16.97
CA TYR A 501 16.37 43.31 17.35
C TYR A 501 14.89 43.13 17.05
N PRO A 502 14.54 42.28 16.11
CA PRO A 502 13.11 42.01 15.88
C PRO A 502 12.60 40.91 16.81
N VAL A 503 13.52 40.12 17.36
CA VAL A 503 13.12 39.01 18.21
C VAL A 503 13.64 39.26 19.62
N GLU A 504 14.95 39.39 19.77
CA GLU A 504 15.57 39.64 21.07
C GLU A 504 15.18 40.99 21.65
N HIS A 505 14.60 41.88 20.82
CA HIS A 505 14.14 43.15 21.32
C HIS A 505 12.68 43.30 20.92
N PRO A 506 11.75 43.21 21.87
CA PRO A 506 10.37 43.52 21.54
C PRO A 506 10.13 45.02 21.66
N ASP A 507 10.99 45.68 22.44
CA ASP A 507 10.93 47.13 22.55
C ASP A 507 11.25 47.78 21.22
N LYS A 508 12.19 47.21 20.47
CA LYS A 508 12.48 47.73 19.13
C LYS A 508 11.26 47.62 18.23
N PHE A 509 10.56 46.48 18.29
CA PHE A 509 9.33 46.35 17.52
C PHE A 509 8.29 47.37 17.95
N LEU A 510 8.13 47.58 19.26
CA LEU A 510 7.15 48.55 19.74
C LEU A 510 7.48 49.96 19.28
N LYS A 511 8.74 50.38 19.41
CA LYS A 511 9.13 51.71 18.99
C LYS A 511 9.03 51.89 17.49
N PHE A 512 9.38 50.86 16.72
CA PHE A 512 9.36 50.96 15.26
C PHE A 512 7.99 50.63 14.69
N GLY A 513 7.40 49.52 15.12
CA GLY A 513 6.13 49.05 14.60
C GLY A 513 6.28 48.26 13.31
N MET A 514 7.25 48.63 12.48
CA MET A 514 7.48 47.93 11.23
C MET A 514 7.86 46.48 11.49
N THR A 515 7.19 45.58 10.78
CA THR A 515 7.44 44.16 10.91
C THR A 515 8.74 43.80 10.18
N PRO A 516 9.35 42.68 10.50
CA PRO A 516 10.57 42.28 9.80
C PRO A 516 10.33 42.00 8.32
N SER A 517 11.33 42.35 7.52
CA SER A 517 11.26 42.12 6.09
C SER A 517 11.39 40.64 5.78
N LYS A 518 10.67 40.19 4.75
CA LYS A 518 10.77 38.80 4.34
C LYS A 518 12.13 38.49 3.74
N GLY A 519 12.58 39.27 2.77
CA GLY A 519 13.85 39.02 2.11
C GLY A 519 13.66 38.00 1.01
N VAL A 520 13.92 38.36 -0.24
CA VAL A 520 13.56 37.49 -1.33
C VAL A 520 14.67 36.50 -1.65
N LEU A 521 15.80 37.00 -2.14
CA LEU A 521 16.86 36.13 -2.63
C LEU A 521 18.18 36.89 -2.73
N PHE A 522 19.16 36.45 -1.95
CA PHE A 522 20.49 37.03 -2.01
C PHE A 522 21.17 36.60 -3.31
N TYR A 523 21.41 37.55 -4.21
CA TYR A 523 22.09 37.27 -5.47
C TYR A 523 23.56 37.08 -5.19
N GLY A 524 23.89 36.00 -4.51
CA GLY A 524 25.22 35.79 -3.98
C GLY A 524 26.18 35.14 -4.94
N PRO A 525 27.32 34.70 -4.42
CA PRO A 525 28.36 34.11 -5.27
C PRO A 525 27.85 32.85 -5.96
N PRO A 526 28.19 32.67 -7.22
CA PRO A 526 27.72 31.47 -7.94
C PRO A 526 28.64 30.28 -7.73
N GLY A 527 28.49 29.59 -6.60
CA GLY A 527 29.28 28.40 -6.37
C GLY A 527 29.93 28.37 -5.00
N CYS A 528 30.46 29.51 -4.54
CA CYS A 528 30.95 29.59 -3.19
C CYS A 528 29.84 29.29 -2.19
N GLY A 529 28.60 29.58 -2.58
CA GLY A 529 27.45 29.08 -1.86
C GLY A 529 26.99 30.04 -0.81
N LYS A 530 25.82 30.63 -1.01
CA LYS A 530 25.15 31.31 0.08
C LYS A 530 24.71 30.34 1.16
N THR A 531 24.69 29.04 0.85
CA THR A 531 24.41 28.04 1.85
C THR A 531 25.46 28.09 2.96
N LEU A 532 26.70 28.39 2.62
CA LEU A 532 27.72 28.56 3.65
C LEU A 532 27.34 29.66 4.62
N LEU A 533 26.94 30.81 4.10
CA LEU A 533 26.52 31.92 4.96
C LEU A 533 25.30 31.53 5.78
N ALA A 534 24.34 30.85 5.17
CA ALA A 534 23.14 30.46 5.89
C ALA A 534 23.47 29.53 7.04
N LYS A 535 24.33 28.54 6.80
CA LYS A 535 24.69 27.61 7.86
C LYS A 535 25.45 28.31 8.97
N ALA A 536 26.39 29.19 8.62
CA ALA A 536 27.13 29.90 9.65
C ALA A 536 26.20 30.76 10.49
N ILE A 537 25.24 31.43 9.83
CA ILE A 537 24.29 32.26 10.57
C ILE A 537 23.42 31.40 11.47
N ALA A 538 22.87 30.30 10.94
CA ALA A 538 21.99 29.47 11.73
C ALA A 538 22.69 28.91 12.95
N ASN A 539 23.94 28.46 12.79
CA ASN A 539 24.73 28.09 13.96
C ASN A 539 24.91 29.28 14.89
N GLU A 540 25.21 30.46 14.34
CA GLU A 540 25.31 31.67 15.15
C GLU A 540 23.96 32.15 15.66
N CYS A 541 22.90 31.98 14.88
CA CYS A 541 21.58 32.49 15.24
C CYS A 541 21.01 31.87 16.51
N GLN A 542 21.19 30.57 16.70
CA GLN A 542 20.63 29.85 17.84
C GLN A 542 19.11 30.05 17.91
N ALA A 543 18.45 29.69 16.82
CA ALA A 543 17.00 29.76 16.72
C ALA A 543 16.54 28.79 15.66
N ASN A 544 15.23 28.65 15.52
CA ASN A 544 14.66 27.75 14.52
C ASN A 544 15.06 28.19 13.12
N PHE A 545 15.47 27.22 12.31
CA PHE A 545 15.96 27.50 10.96
C PHE A 545 15.46 26.43 10.02
N ILE A 546 14.84 26.86 8.92
CA ILE A 546 14.26 25.94 7.95
C ILE A 546 15.08 26.01 6.67
N SER A 547 15.54 24.86 6.19
CA SER A 547 16.28 24.76 4.94
C SER A 547 15.91 23.43 4.28
N ILE A 548 15.40 23.50 3.04
CA ILE A 548 14.98 22.33 2.31
C ILE A 548 15.44 22.44 0.85
N LYS A 549 15.46 21.29 0.18
CA LYS A 549 15.82 21.21 -1.22
C LYS A 549 14.56 21.13 -2.08
N GLY A 550 14.74 21.17 -3.39
CA GLY A 550 13.62 21.21 -4.31
C GLY A 550 12.88 19.89 -4.40
N PRO A 551 13.53 18.80 -3.99
CA PRO A 551 12.88 17.49 -4.07
C PRO A 551 11.96 17.23 -2.89
N GLU A 552 11.65 18.29 -2.15
CA GLU A 552 10.89 18.18 -0.91
C GLU A 552 9.43 17.76 -1.11
N LEU A 553 8.74 18.28 -2.12
CA LEU A 553 7.30 18.11 -2.20
C LEU A 553 6.84 17.34 -3.43
N LEU A 554 7.63 17.32 -4.50
CA LEU A 554 7.21 16.67 -5.75
C LEU A 554 7.10 15.16 -5.53
N THR A 555 5.89 14.62 -5.66
CA THR A 555 5.65 13.21 -5.40
C THR A 555 4.58 12.69 -6.33
N MET A 556 4.57 11.36 -6.45
CA MET A 556 3.62 10.62 -7.26
C MET A 556 2.33 10.39 -6.47
N TRP A 557 2.09 11.27 -5.51
CA TRP A 557 0.89 11.23 -4.68
C TRP A 557 0.15 12.52 -5.00
N PHE A 558 -1.09 12.42 -5.47
CA PHE A 558 -1.82 13.61 -5.85
C PHE A 558 -2.01 14.51 -4.64
N GLY A 559 -1.68 15.79 -4.77
CA GLY A 559 -1.80 16.72 -3.67
C GLY A 559 -0.70 16.61 -2.64
N GLU A 560 0.30 15.75 -2.87
CA GLU A 560 1.37 15.57 -1.90
C GLU A 560 2.15 16.85 -1.68
N SER A 561 2.41 17.61 -2.75
CA SER A 561 3.14 18.86 -2.60
C SER A 561 2.37 19.86 -1.76
N GLU A 562 1.05 19.94 -1.95
CA GLU A 562 0.23 20.83 -1.13
C GLU A 562 0.28 20.43 0.33
N ALA A 563 0.23 19.12 0.59
CA ALA A 563 0.36 18.64 1.96
C ALA A 563 1.71 19.01 2.54
N ASN A 564 2.77 18.88 1.74
CA ASN A 564 4.10 19.24 2.21
C ASN A 564 4.17 20.72 2.55
N VAL A 565 3.59 21.57 1.70
CA VAL A 565 3.60 23.00 1.96
C VAL A 565 2.83 23.31 3.23
N ARG A 566 1.66 22.68 3.41
CA ARG A 566 0.88 22.90 4.62
C ARG A 566 1.65 22.47 5.86
N GLU A 567 2.33 21.32 5.77
CA GLU A 567 3.11 20.85 6.90
C GLU A 567 4.25 21.80 7.22
N ILE A 568 4.93 22.31 6.18
CA ILE A 568 6.01 23.27 6.41
C ILE A 568 5.47 24.51 7.09
N PHE A 569 4.35 25.03 6.61
CA PHE A 569 3.78 26.23 7.21
C PHE A 569 3.37 26.00 8.66
N ASP A 570 2.74 24.85 8.93
CA ASP A 570 2.33 24.55 10.30
C ASP A 570 3.53 24.39 11.22
N LYS A 571 4.58 23.72 10.74
CA LYS A 571 5.80 23.58 11.53
C LYS A 571 6.42 24.94 11.81
N ALA A 572 6.45 25.81 10.81
CA ALA A 572 7.00 27.15 11.03
C ALA A 572 6.16 27.90 12.06
N ARG A 573 4.84 27.81 11.96
CA ARG A 573 3.98 28.48 12.93
C ARG A 573 4.23 27.95 14.34
N GLN A 574 4.41 26.65 14.48
CA GLN A 574 4.72 26.07 15.78
C GLN A 574 6.07 26.56 16.29
N ALA A 575 7.06 26.64 15.40
CA ALA A 575 8.44 26.93 15.79
C ALA A 575 8.89 28.31 15.33
N ALA A 576 7.97 29.26 15.27
CA ALA A 576 8.39 30.61 14.93
C ALA A 576 9.22 31.20 16.07
N PRO A 577 10.20 32.04 15.76
CA PRO A 577 10.60 32.48 14.42
C PRO A 577 11.51 31.46 13.73
N CYS A 578 11.42 31.40 12.41
CA CYS A 578 12.27 30.53 11.61
C CYS A 578 12.33 31.08 10.20
N VAL A 579 13.51 31.04 9.60
CA VAL A 579 13.70 31.50 8.24
C VAL A 579 13.78 30.28 7.33
N LEU A 580 13.02 30.30 6.23
CA LEU A 580 12.97 29.19 5.29
C LEU A 580 14.08 29.37 4.28
N PHE A 581 15.22 28.75 4.53
CA PHE A 581 16.35 28.79 3.61
C PHE A 581 16.17 27.71 2.54
N PHE A 582 15.06 27.83 1.82
CA PHE A 582 14.70 26.85 0.81
C PHE A 582 15.63 26.95 -0.39
N ASP A 583 16.10 25.79 -0.84
CA ASP A 583 16.90 25.72 -2.05
C ASP A 583 15.98 25.69 -3.27
N GLU A 584 16.58 25.44 -4.44
CA GLU A 584 15.84 25.38 -5.70
C GLU A 584 15.01 26.64 -5.91
N LEU A 585 15.60 27.77 -5.52
CA LEU A 585 14.92 29.05 -5.66
C LEU A 585 14.50 29.31 -7.09
N ASP A 586 15.42 29.15 -8.05
CA ASP A 586 15.05 29.28 -9.45
C ASP A 586 14.06 28.19 -9.86
N SER A 587 14.25 26.97 -9.36
CA SER A 587 13.39 25.84 -9.71
C SER A 587 11.94 26.03 -9.25
N ILE A 588 11.70 26.93 -8.30
CA ILE A 588 10.34 27.23 -7.88
C ILE A 588 9.86 28.58 -8.39
N ALA A 589 10.76 29.52 -8.68
CA ALA A 589 10.39 30.87 -9.07
C ALA A 589 9.93 30.98 -10.50
N LYS A 590 10.24 30.00 -11.35
CA LYS A 590 9.86 30.06 -12.75
C LYS A 590 8.34 30.16 -12.88
N ALA A 591 7.90 30.99 -13.82
CA ALA A 591 6.49 31.24 -14.02
C ALA A 591 5.78 30.01 -14.56
N ARG A 592 4.47 30.12 -14.71
CA ARG A 592 3.66 29.02 -15.20
C ARG A 592 4.03 28.60 -16.61
N GLY A 593 4.32 29.57 -17.49
CA GLY A 593 4.67 29.27 -18.86
C GLY A 593 6.13 28.87 -19.00
N GLY A 594 6.56 28.75 -20.26
CA GLY A 594 7.93 28.40 -20.57
C GLY A 594 8.16 26.91 -20.70
N ASN A 595 8.14 26.19 -19.58
CA ASN A 595 8.31 24.74 -19.59
C ASN A 595 6.97 24.09 -19.90
N ILE A 596 6.53 24.30 -21.14
CA ILE A 596 5.24 23.78 -21.59
C ILE A 596 5.35 22.27 -21.78
N GLY A 597 4.46 21.53 -21.13
CA GLY A 597 3.46 22.09 -20.24
C GLY A 597 3.71 21.65 -18.81
N ASP A 598 4.97 21.34 -18.53
CA ASP A 598 5.42 20.84 -17.22
C ASP A 598 4.61 19.59 -16.91
N GLY A 599 4.04 19.44 -15.73
CA GLY A 599 3.22 18.28 -15.41
C GLY A 599 1.74 18.58 -15.50
N GLY A 600 1.35 19.34 -16.52
CA GLY A 600 -0.03 19.76 -16.63
C GLY A 600 -0.41 20.87 -15.68
N GLY A 601 0.57 21.56 -15.09
CA GLY A 601 0.32 22.66 -14.20
C GLY A 601 0.10 22.27 -12.75
N ALA A 602 0.05 20.97 -12.44
CA ALA A 602 -0.11 20.56 -11.06
C ALA A 602 1.05 21.05 -10.20
N ALA A 603 2.28 20.97 -10.72
CA ALA A 603 3.41 21.58 -10.02
C ALA A 603 3.24 23.09 -9.92
N ASP A 604 2.78 23.72 -11.00
CA ASP A 604 2.49 25.15 -10.94
C ASP A 604 1.39 25.44 -9.93
N ARG A 605 0.37 24.57 -9.89
CA ARG A 605 -0.69 24.76 -8.91
C ARG A 605 -0.15 24.68 -7.49
N VAL A 606 0.74 23.72 -7.23
CA VAL A 606 1.32 23.58 -5.91
C VAL A 606 2.17 24.80 -5.57
N ILE A 607 2.95 25.28 -6.54
CA ILE A 607 3.77 26.46 -6.30
C ILE A 607 2.89 27.67 -5.98
N ASN A 608 1.81 27.84 -6.74
CA ASN A 608 0.90 28.95 -6.48
C ASN A 608 0.26 28.84 -5.11
N GLN A 609 -0.17 27.63 -4.73
CA GLN A 609 -0.74 27.44 -3.41
C GLN A 609 0.25 27.75 -2.31
N ILE A 610 1.50 27.28 -2.47
CA ILE A 610 2.52 27.54 -1.47
C ILE A 610 2.78 29.03 -1.36
N LEU A 611 2.89 29.73 -2.48
CA LEU A 611 3.00 31.18 -2.44
C LEU A 611 1.83 31.80 -1.70
N THR A 612 0.60 31.45 -2.09
CA THR A 612 -0.57 31.89 -1.35
C THR A 612 -0.52 31.46 0.10
N GLU A 613 0.04 30.30 0.40
CA GLU A 613 0.27 29.85 1.76
C GLU A 613 1.42 30.59 2.41
N MET A 614 2.21 31.32 1.64
CA MET A 614 3.38 31.98 2.21
C MET A 614 3.48 33.46 1.88
N ASP A 615 2.76 33.96 0.87
CA ASP A 615 2.82 35.38 0.54
C ASP A 615 2.35 36.27 1.68
N GLY A 616 1.22 35.95 2.33
CA GLY A 616 0.29 34.84 2.17
C GLY A 616 0.37 33.90 3.35
N MET A 617 1.44 34.03 4.13
CA MET A 617 1.57 33.28 5.37
C MET A 617 1.01 34.11 6.53
N SER A 618 1.17 33.61 7.75
CA SER A 618 0.71 34.34 8.92
C SER A 618 1.69 35.46 9.25
N THR A 619 1.20 36.69 9.28
CA THR A 619 2.03 37.87 9.55
C THR A 619 2.25 38.10 11.02
N LYS A 620 2.77 37.10 11.74
CA LYS A 620 3.00 37.21 13.17
C LYS A 620 4.16 36.31 13.57
N LYS A 621 4.65 36.55 14.79
CA LYS A 621 5.70 35.72 15.40
C LYS A 621 6.96 35.67 14.55
N ASN A 622 7.28 36.78 13.89
CA ASN A 622 8.52 36.91 13.11
C ASN A 622 8.68 35.78 12.10
N VAL A 623 7.65 35.56 11.28
CA VAL A 623 7.72 34.58 10.20
C VAL A 623 8.70 35.11 9.16
N PHE A 624 9.83 34.43 9.00
CA PHE A 624 10.90 34.90 8.14
C PHE A 624 11.22 33.82 7.11
N ILE A 625 11.89 34.22 6.03
CA ILE A 625 12.34 33.29 5.02
C ILE A 625 13.68 33.77 4.46
N ILE A 626 14.46 32.85 3.92
CA ILE A 626 15.78 33.17 3.41
C ILE A 626 15.93 32.59 2.02
N GLY A 627 16.26 33.43 1.05
CA GLY A 627 16.42 33.01 -0.32
C GLY A 627 17.75 33.48 -0.89
N ALA A 628 18.20 32.79 -1.94
CA ALA A 628 19.43 33.14 -2.63
C ALA A 628 19.48 32.39 -3.95
N THR A 629 20.26 32.92 -4.89
CA THR A 629 20.54 32.24 -6.14
C THR A 629 21.91 32.68 -6.63
N ASN A 630 22.51 31.85 -7.48
CA ASN A 630 23.77 32.23 -8.11
C ASN A 630 23.61 33.49 -8.94
N ARG A 631 22.52 33.56 -9.71
CA ARG A 631 22.10 34.77 -10.39
C ARG A 631 20.58 34.84 -10.32
N PRO A 632 20.02 36.05 -10.20
CA PRO A 632 18.56 36.17 -10.08
C PRO A 632 17.82 35.93 -11.38
N ASP A 633 18.50 36.03 -12.53
CA ASP A 633 17.84 35.88 -13.82
C ASP A 633 17.18 34.52 -13.99
N ILE A 634 17.81 33.46 -13.49
CA ILE A 634 17.18 32.15 -13.54
C ILE A 634 15.86 32.13 -12.79
N ILE A 635 15.75 32.88 -11.69
CA ILE A 635 14.54 32.95 -10.89
C ILE A 635 13.59 33.94 -11.55
N ASP A 636 12.37 33.50 -11.82
CA ASP A 636 11.35 34.38 -12.36
C ASP A 636 10.59 35.05 -11.22
N PRO A 637 10.33 36.34 -11.32
CA PRO A 637 9.65 37.03 -10.22
C PRO A 637 8.14 36.89 -10.27
N ALA A 638 7.66 35.68 -10.51
CA ALA A 638 6.22 35.42 -10.50
C ALA A 638 5.61 35.69 -9.14
N ILE A 639 6.16 35.09 -8.08
CA ILE A 639 5.71 35.35 -6.73
C ILE A 639 6.83 36.05 -5.98
N LEU A 640 7.92 36.36 -6.70
CA LEU A 640 9.04 37.05 -6.09
C LEU A 640 8.82 38.54 -6.14
N ARG A 641 7.65 38.95 -6.62
CA ARG A 641 7.28 40.35 -6.60
C ARG A 641 7.02 40.75 -5.16
N PRO A 642 7.32 41.99 -4.77
CA PRO A 642 7.17 42.34 -3.36
C PRO A 642 5.72 42.62 -2.98
N GLY A 643 4.83 41.79 -3.49
CA GLY A 643 3.46 41.72 -3.03
C GLY A 643 3.17 40.28 -2.70
N ARG A 644 3.87 39.38 -3.39
CA ARG A 644 3.82 37.95 -3.14
C ARG A 644 5.10 37.44 -2.50
N LEU A 645 6.21 38.18 -2.64
CA LEU A 645 7.42 37.86 -1.88
C LEU A 645 7.55 38.78 -0.67
N ASP A 646 6.52 39.56 -0.37
CA ASP A 646 6.56 40.54 0.71
C ASP A 646 7.75 41.48 0.51
N GLN A 647 8.85 41.21 1.21
CA GLN A 647 10.05 42.03 1.05
C GLN A 647 11.11 41.26 0.27
N LEU A 648 12.15 41.99 -0.14
CA LEU A 648 13.20 41.45 -0.98
C LEU A 648 14.58 41.85 -0.44
N ILE A 649 15.56 40.97 -0.61
CA ILE A 649 16.94 41.28 -0.29
C ILE A 649 17.88 40.53 -1.22
N TYR A 650 18.65 41.27 -2.01
CA TYR A 650 19.59 40.70 -2.97
C TYR A 650 20.98 40.62 -2.35
N ILE A 651 21.96 40.27 -3.17
CA ILE A 651 23.34 40.20 -2.71
C ILE A 651 24.30 40.51 -3.85
N PRO A 652 25.54 40.91 -3.56
CA PRO A 652 26.52 41.10 -4.62
C PRO A 652 27.34 39.84 -4.90
N LEU A 653 28.28 39.98 -5.82
CA LEU A 653 29.29 38.97 -6.12
C LEU A 653 30.51 39.19 -5.25
N PRO A 654 31.56 38.36 -5.38
CA PRO A 654 32.73 38.53 -4.50
C PRO A 654 33.57 39.75 -4.83
N ASP A 655 34.69 39.92 -4.15
CA ASP A 655 35.48 41.15 -4.21
C ASP A 655 36.96 40.77 -4.19
N GLU A 656 37.81 41.78 -3.95
CA GLU A 656 39.25 41.58 -3.89
C GLU A 656 39.79 41.71 -2.47
N LYS A 657 39.51 42.82 -1.79
CA LYS A 657 39.90 42.93 -0.40
C LYS A 657 39.17 41.91 0.45
N SER A 658 37.87 41.72 0.20
CA SER A 658 37.14 40.66 0.87
C SER A 658 37.73 39.29 0.52
N ARG A 659 38.24 39.16 -0.71
CA ARG A 659 38.92 37.92 -1.08
C ARG A 659 40.15 37.69 -0.23
N VAL A 660 40.94 38.73 -0.03
CA VAL A 660 42.13 38.62 0.83
C VAL A 660 41.71 38.25 2.24
N ALA A 661 40.64 38.86 2.74
CA ALA A 661 40.17 38.55 4.09
C ALA A 661 39.73 37.09 4.20
N ILE A 662 38.99 36.60 3.23
CA ILE A 662 38.52 35.22 3.28
C ILE A 662 39.69 34.25 3.17
N LEU A 663 40.66 34.57 2.32
CA LEU A 663 41.86 33.74 2.22
C LEU A 663 42.60 33.72 3.54
N LYS A 664 42.71 34.87 4.21
CA LYS A 664 43.37 34.92 5.50
C LYS A 664 42.63 34.07 6.52
N ALA A 665 41.30 34.13 6.51
CA ALA A 665 40.53 33.29 7.44
C ALA A 665 40.77 31.82 7.17
N ASN A 666 40.74 31.42 5.90
CA ASN A 666 40.97 30.02 5.55
C ASN A 666 42.36 29.57 5.99
N LEU A 667 43.38 30.40 5.76
CA LEU A 667 44.73 30.06 6.19
C LEU A 667 44.80 29.96 7.71
N ARG A 668 44.17 30.89 8.43
CA ARG A 668 44.11 30.82 9.88
C ARG A 668 43.49 29.51 10.35
N LYS A 669 42.51 29.01 9.61
CA LYS A 669 41.94 27.71 9.93
C LYS A 669 42.94 26.57 9.72
N SER A 670 44.02 26.80 8.99
CA SER A 670 44.93 25.72 8.62
C SER A 670 46.37 25.99 9.05
N PRO A 671 47.30 25.09 8.76
CA PRO A 671 48.71 25.34 9.11
C PRO A 671 49.33 26.38 8.20
N VAL A 672 49.54 27.58 8.74
CA VAL A 672 49.98 28.74 7.97
C VAL A 672 51.48 28.68 7.73
N ALA A 673 51.95 29.52 6.81
CA ALA A 673 53.37 29.66 6.53
C ALA A 673 53.71 31.13 6.40
N LYS A 674 54.98 31.45 6.64
CA LYS A 674 55.43 32.84 6.64
C LYS A 674 56.00 33.30 5.31
N ASP A 675 56.80 32.46 4.65
CA ASP A 675 57.45 32.87 3.40
C ASP A 675 56.48 33.06 2.26
N VAL A 676 55.24 32.61 2.39
CA VAL A 676 54.24 32.77 1.34
C VAL A 676 53.93 34.25 1.18
N ASP A 677 53.91 34.71 -0.08
CA ASP A 677 53.62 36.11 -0.38
C ASP A 677 52.12 36.30 -0.43
N LEU A 678 51.49 36.41 0.75
CA LEU A 678 50.04 36.57 0.81
C LEU A 678 49.58 37.87 0.19
N GLU A 679 50.40 38.92 0.27
CA GLU A 679 50.03 40.20 -0.31
C GLU A 679 49.98 40.11 -1.84
N PHE A 680 51.03 39.57 -2.45
CA PHE A 680 51.02 39.40 -3.90
C PHE A 680 49.94 38.42 -4.32
N LEU A 681 49.69 37.40 -3.50
CA LEU A 681 48.60 36.47 -3.78
C LEU A 681 47.27 37.20 -3.81
N ALA A 682 47.01 38.07 -2.83
CA ALA A 682 45.78 38.85 -2.83
C ALA A 682 45.72 39.78 -4.02
N LYS A 683 46.85 40.39 -4.38
CA LYS A 683 46.87 41.28 -5.53
C LYS A 683 46.49 40.55 -6.80
N MET A 684 47.06 39.37 -7.02
CA MET A 684 46.64 38.55 -8.16
C MET A 684 45.22 38.05 -7.98
N THR A 685 44.72 38.02 -6.75
CA THR A 685 43.41 37.48 -6.43
C THR A 685 42.30 38.50 -6.56
N ASN A 686 42.54 39.59 -7.28
CA ASN A 686 41.49 40.58 -7.49
C ASN A 686 40.30 40.02 -8.24
N GLY A 687 40.53 39.16 -9.23
CA GLY A 687 39.49 38.63 -10.08
C GLY A 687 39.16 37.16 -9.89
N PHE A 688 39.10 36.68 -8.64
CA PHE A 688 38.80 35.28 -8.40
C PHE A 688 37.61 35.13 -7.46
N SER A 689 37.34 33.90 -7.01
CA SER A 689 36.21 33.62 -6.14
C SER A 689 36.73 32.85 -4.92
N GLY A 690 35.98 32.91 -3.82
CA GLY A 690 36.38 32.23 -2.61
C GLY A 690 36.51 30.74 -2.75
N ALA A 691 35.64 30.12 -3.57
CA ALA A 691 35.83 28.71 -3.89
C ALA A 691 37.16 28.48 -4.58
N ASP A 692 37.58 29.41 -5.44
CA ASP A 692 38.88 29.28 -6.10
C ASP A 692 40.01 29.34 -5.08
N LEU A 693 39.91 30.23 -4.09
CA LEU A 693 40.92 30.29 -3.05
C LEU A 693 40.96 29.01 -2.25
N THR A 694 39.78 28.47 -1.90
CA THR A 694 39.74 27.21 -1.19
C THR A 694 40.37 26.10 -2.01
N GLU A 695 40.12 26.12 -3.32
CA GLU A 695 40.71 25.11 -4.21
C GLU A 695 42.22 25.24 -4.26
N ILE A 696 42.73 26.46 -4.30
CA ILE A 696 44.17 26.66 -4.28
C ILE A 696 44.76 26.12 -2.98
N CYS A 697 44.08 26.40 -1.87
CA CYS A 697 44.54 25.88 -0.57
C CYS A 697 44.54 24.36 -0.57
N GLN A 698 43.48 23.76 -1.10
CA GLN A 698 43.41 22.30 -1.14
C GLN A 698 44.51 21.72 -2.02
N ARG A 699 44.79 22.36 -3.15
CA ARG A 699 45.84 21.87 -4.04
C ARG A 699 47.21 21.96 -3.36
N ALA A 700 47.47 23.07 -2.67
CA ALA A 700 48.72 23.20 -1.94
C ALA A 700 48.82 22.15 -0.85
N CYS A 701 47.73 21.91 -0.13
CA CYS A 701 47.73 20.89 0.91
C CYS A 701 47.98 19.51 0.32
N LYS A 702 47.39 19.24 -0.84
CA LYS A 702 47.62 17.95 -1.50
C LYS A 702 49.08 17.80 -1.91
N LEU A 703 49.67 18.86 -2.46
CA LEU A 703 51.09 18.80 -2.80
C LEU A 703 51.94 18.57 -1.57
N ALA A 704 51.62 19.24 -0.47
CA ALA A 704 52.37 19.04 0.76
C ALA A 704 52.22 17.62 1.29
N ILE A 705 51.01 17.08 1.24
CA ILE A 705 50.79 15.71 1.70
C ILE A 705 51.54 14.73 0.82
N ARG A 706 51.56 14.97 -0.49
CA ARG A 706 52.31 14.12 -1.39
C ARG A 706 53.80 14.17 -1.08
N GLU A 707 54.31 15.37 -0.81
CA GLU A 707 55.72 15.50 -0.44
C GLU A 707 56.02 14.76 0.85
N SER A 708 55.12 14.88 1.84
CA SER A 708 55.32 14.19 3.11
C SER A 708 55.30 12.68 2.91
N ILE A 709 54.38 12.19 2.10
CA ILE A 709 54.31 10.76 1.83
C ILE A 709 55.58 10.28 1.12
N GLU A 710 56.06 11.07 0.17
CA GLU A 710 57.28 10.71 -0.54
C GLU A 710 58.48 10.67 0.41
N SER A 711 58.56 11.66 1.30
CA SER A 711 59.65 11.67 2.28
C SER A 711 59.56 10.47 3.21
N GLU A 712 58.35 10.13 3.65
CA GLU A 712 58.18 8.97 4.50
C GLU A 712 58.57 7.69 3.77
N ILE A 713 58.22 7.60 2.49
CA ILE A 713 58.58 6.43 1.69
C ILE A 713 60.09 6.33 1.56
N ARG A 714 60.76 7.46 1.30
CA ARG A 714 62.21 7.45 1.20
C ARG A 714 62.85 7.05 2.53
N ARG A 715 62.32 7.55 3.65
CA ARG A 715 62.85 7.19 4.95
C ARG A 715 62.67 5.71 5.24
N GLU A 716 61.48 5.17 4.91
CA GLU A 716 61.24 3.76 5.13
C GLU A 716 62.13 2.91 4.24
N ARG A 717 62.35 3.34 2.99
CA ARG A 717 63.23 2.61 2.10
C ARG A 717 64.66 2.62 2.62
N GLU A 718 65.11 3.76 3.15
CA GLU A 718 66.43 3.82 3.75
C GLU A 718 66.55 2.92 4.97
N ARG A 719 65.51 2.92 5.82
CA ARG A 719 65.52 2.08 7.00
C ARG A 719 65.57 0.61 6.63
N GLN A 720 64.80 0.21 5.62
CA GLN A 720 64.86 -1.17 5.15
C GLN A 720 66.22 -1.50 4.56
N THR A 721 66.77 -0.59 3.75
CA THR A 721 68.09 -0.80 3.17
C THR A 721 69.20 -0.67 4.20
N ASN A 722 68.98 0.16 5.22
CA ASN A 722 69.96 0.34 6.29
C ASN A 722 69.22 0.58 7.60
N PRO A 723 69.17 -0.41 8.48
CA PRO A 723 68.43 -0.22 9.74
C PRO A 723 69.16 0.69 10.72
N SER A 724 69.52 1.89 10.26
CA SER A 724 70.21 2.85 11.10
C SER A 724 69.60 4.24 10.95
N ALA A 725 68.76 4.42 9.93
CA ALA A 725 68.18 5.72 9.61
C ALA A 725 66.68 5.78 9.92
N MET A 726 66.19 4.92 10.81
CA MET A 726 64.77 4.92 11.14
C MET A 726 64.38 6.10 12.01
N GLU A 727 65.20 6.45 13.01
CA GLU A 727 64.86 7.50 13.96
C GLU A 727 65.69 8.76 13.75
N VAL A 728 66.21 8.99 12.54
CA VAL A 728 67.06 10.14 12.27
C VAL A 728 66.38 11.12 11.31
N GLU A 729 65.05 11.18 11.31
CA GLU A 729 64.31 12.04 10.39
C GLU A 729 63.37 12.96 11.15
N GLU A 730 63.24 14.18 10.64
CA GLU A 730 62.32 15.15 11.22
C GLU A 730 60.88 14.74 10.98
N ASP A 731 60.04 14.95 11.99
CA ASP A 731 58.65 14.51 11.92
C ASP A 731 57.86 15.24 10.85
N ASP A 732 58.01 16.56 10.73
CA ASP A 732 57.26 17.35 9.76
C ASP A 732 58.24 17.93 8.76
N PRO A 733 58.39 17.31 7.59
CA PRO A 733 59.26 17.89 6.57
C PRO A 733 58.83 19.27 6.13
N VAL A 734 57.54 19.57 6.16
CA VAL A 734 57.04 20.90 5.84
C VAL A 734 55.80 21.17 6.69
N PRO A 735 55.95 21.41 7.99
CA PRO A 735 54.78 21.75 8.81
C PRO A 735 54.05 23.00 8.34
N GLU A 736 54.75 23.93 7.70
CA GLU A 736 54.14 25.10 7.08
C GLU A 736 54.01 24.85 5.59
N ILE A 737 53.20 25.67 4.94
CA ILE A 737 52.93 25.50 3.51
C ILE A 737 54.15 25.98 2.72
N ARG A 738 54.66 25.11 1.86
CA ARG A 738 55.77 25.50 1.02
C ARG A 738 55.34 26.59 0.06
N ARG A 739 56.04 27.74 0.13
CA ARG A 739 55.76 28.82 -0.80
C ARG A 739 55.95 28.35 -2.24
N ASP A 740 56.91 27.46 -2.46
CA ASP A 740 57.02 26.83 -3.76
C ASP A 740 55.77 26.02 -4.08
N HIS A 741 55.24 25.29 -3.09
CA HIS A 741 54.02 24.53 -3.32
C HIS A 741 52.85 25.45 -3.64
N PHE A 742 52.75 26.57 -2.91
CA PHE A 742 51.68 27.52 -3.18
C PHE A 742 51.80 28.10 -4.58
N GLU A 743 53.03 28.47 -4.98
CA GLU A 743 53.24 29.03 -6.31
C GLU A 743 52.91 28.01 -7.38
N GLU A 744 53.31 26.76 -7.18
CA GLU A 744 53.01 25.72 -8.17
C GLU A 744 51.51 25.48 -8.26
N ALA A 745 50.82 25.47 -7.13
CA ALA A 745 49.37 25.31 -7.15
C ALA A 745 48.71 26.46 -7.90
N MET A 746 49.17 27.68 -7.66
CA MET A 746 48.65 28.83 -8.39
C MET A 746 48.90 28.70 -9.88
N ARG A 747 50.10 28.26 -10.27
CA ARG A 747 50.41 28.06 -11.68
C ARG A 747 49.50 27.01 -12.32
N PHE A 748 49.24 25.92 -11.62
CA PHE A 748 48.33 24.91 -12.13
C PHE A 748 46.88 25.32 -12.02
N ALA A 749 46.58 26.38 -11.28
CA ALA A 749 45.21 26.80 -11.03
C ALA A 749 44.68 27.66 -12.18
N ARG A 750 43.37 27.89 -12.15
CA ARG A 750 42.68 28.77 -13.09
C ARG A 750 41.48 29.37 -12.39
N ARG A 751 40.99 30.49 -12.93
CA ARG A 751 39.87 31.20 -12.33
C ARG A 751 38.55 30.76 -12.95
N SER A 752 37.49 30.83 -12.16
CA SER A 752 36.16 30.48 -12.61
C SER A 752 35.30 31.70 -12.94
N VAL A 753 35.91 32.88 -13.02
CA VAL A 753 35.19 34.12 -13.28
C VAL A 753 34.80 34.16 -14.75
N SER A 754 33.52 34.38 -15.02
CA SER A 754 33.01 34.47 -16.38
C SER A 754 32.42 35.85 -16.62
N ASP A 755 32.96 36.52 -17.63
CA ASP A 755 32.51 37.88 -17.96
C ASP A 755 31.07 37.88 -18.46
N ASN A 756 30.71 36.92 -19.30
CA ASN A 756 29.32 36.82 -19.75
C ASN A 756 28.39 36.54 -18.59
N ASP A 757 28.80 35.63 -17.70
CA ASP A 757 28.00 35.38 -16.50
C ASP A 757 27.92 36.62 -15.62
N ILE A 758 29.03 37.37 -15.53
CA ILE A 758 29.01 38.61 -14.76
C ILE A 758 27.99 39.58 -15.36
N ARG A 759 27.98 39.72 -16.68
CA ARG A 759 27.04 40.61 -17.33
C ARG A 759 25.61 40.14 -17.09
N LYS A 760 25.36 38.83 -17.18
CA LYS A 760 24.02 38.32 -16.94
C LYS A 760 23.57 38.58 -15.52
N TYR A 761 24.45 38.35 -14.55
CA TYR A 761 24.11 38.60 -13.15
C TYR A 761 23.84 40.08 -12.92
N GLU A 762 24.66 40.96 -13.51
CA GLU A 762 24.43 42.38 -13.37
C GLU A 762 23.10 42.80 -13.99
N MET A 763 22.78 42.28 -15.18
CA MET A 763 21.52 42.60 -15.81
C MET A 763 20.34 42.13 -14.95
N PHE A 764 20.45 40.94 -14.36
CA PHE A 764 19.45 40.50 -13.41
C PHE A 764 19.34 41.48 -12.24
N ALA A 765 20.47 41.91 -11.70
CA ALA A 765 20.49 42.99 -10.73
C ALA A 765 19.98 44.29 -11.33
N GLN A 766 20.40 44.61 -12.55
CA GLN A 766 19.90 45.78 -13.26
C GLN A 766 18.42 45.70 -13.55
N THR A 767 17.83 44.50 -13.53
CA THR A 767 16.40 44.32 -13.73
C THR A 767 15.58 44.84 -12.57
N LEU A 768 16.22 45.15 -11.44
CA LEU A 768 15.51 45.70 -10.28
C LEU A 768 14.91 47.05 -10.59
N ASN B 27 37.10 -2.12 37.85
CA ASN B 27 36.65 -1.21 38.89
C ASN B 27 37.03 -1.73 40.27
N ARG B 28 36.13 -2.46 40.89
CA ARG B 28 36.36 -3.00 42.23
C ARG B 28 37.46 -4.04 42.19
N PRO B 29 38.30 -4.09 43.23
CA PRO B 29 39.36 -5.10 43.28
C PRO B 29 38.86 -6.52 43.38
N ASN B 30 37.61 -6.74 43.78
CA ASN B 30 37.06 -8.08 43.91
C ASN B 30 36.95 -8.81 42.59
N ARG B 31 36.98 -8.09 41.46
CA ARG B 31 36.93 -8.71 40.14
C ARG B 31 38.35 -9.10 39.74
N LEU B 32 38.82 -10.20 40.31
CA LEU B 32 40.15 -10.70 40.01
C LEU B 32 40.15 -11.42 38.66
N ILE B 33 41.31 -11.39 38.01
CA ILE B 33 41.48 -12.05 36.71
C ILE B 33 41.33 -13.56 36.89
N VAL B 34 40.60 -14.19 35.98
CA VAL B 34 40.32 -15.61 36.03
C VAL B 34 41.43 -16.32 35.26
N ASP B 35 42.50 -16.70 35.96
CA ASP B 35 43.62 -17.38 35.36
C ASP B 35 43.28 -18.87 35.17
N GLU B 36 44.24 -19.64 34.69
CA GLU B 36 44.06 -21.06 34.43
C GLU B 36 44.58 -21.86 35.61
N ALA B 37 43.78 -22.80 36.08
CA ALA B 37 44.14 -23.65 37.21
C ALA B 37 44.75 -24.95 36.71
N ILE B 38 45.91 -25.29 37.27
CA ILE B 38 46.53 -26.58 36.96
C ILE B 38 45.71 -27.74 37.51
N ASN B 39 45.09 -27.57 38.68
CA ASN B 39 44.24 -28.60 39.24
C ASN B 39 42.99 -28.79 38.40
N GLU B 40 42.59 -30.04 38.24
CA GLU B 40 41.41 -30.39 37.46
C GLU B 40 40.12 -30.30 38.27
N ASP B 41 40.21 -29.96 39.55
CA ASP B 41 39.02 -29.81 40.38
C ASP B 41 38.21 -28.61 39.92
N ASN B 42 36.91 -28.82 39.73
CA ASN B 42 36.04 -27.77 39.23
C ASN B 42 35.76 -26.68 40.25
N SER B 43 35.61 -27.04 41.53
CA SER B 43 35.23 -26.10 42.58
C SER B 43 36.45 -25.60 43.36
N VAL B 44 37.63 -25.68 42.74
CA VAL B 44 38.86 -25.25 43.39
C VAL B 44 39.56 -24.22 42.52
N VAL B 45 39.87 -23.07 43.10
CA VAL B 45 40.59 -22.00 42.42
C VAL B 45 41.89 -21.75 43.17
N SER B 46 43.01 -21.87 42.47
CA SER B 46 44.32 -21.61 43.05
C SER B 46 44.47 -20.10 43.27
N LEU B 47 44.43 -19.68 44.53
CA LEU B 47 44.52 -18.27 44.87
C LEU B 47 45.86 -17.97 45.52
N SER B 48 46.43 -16.82 45.15
CA SER B 48 47.72 -16.40 45.68
C SER B 48 47.61 -16.12 47.17
N GLN B 49 48.74 -16.19 47.86
CA GLN B 49 48.80 -15.82 49.27
C GLN B 49 48.36 -14.38 49.40
N PRO B 50 48.84 -13.48 48.54
CA PRO B 50 48.27 -12.12 48.52
C PRO B 50 46.79 -12.12 48.22
N LYS B 51 46.34 -13.00 47.33
CA LYS B 51 44.91 -13.08 47.03
C LYS B 51 44.12 -13.60 48.21
N MET B 52 44.58 -14.69 48.83
CA MET B 52 43.89 -15.25 49.99
C MET B 52 43.96 -14.31 51.19
N ASP B 53 44.92 -13.39 51.20
CA ASP B 53 45.09 -12.50 52.36
C ASP B 53 44.34 -11.19 52.19
N GLU B 54 44.58 -10.45 51.11
CA GLU B 54 43.93 -9.18 50.88
C GLU B 54 42.41 -9.33 50.80
N LEU B 55 41.95 -10.37 50.11
CA LEU B 55 40.55 -10.73 50.14
C LEU B 55 40.29 -11.68 51.30
N GLN B 56 39.06 -11.63 51.82
CA GLN B 56 38.65 -12.52 52.89
C GLN B 56 38.44 -13.90 52.28
N LEU B 57 39.55 -14.54 51.92
CA LEU B 57 39.50 -15.79 51.16
C LEU B 57 40.36 -16.81 51.89
N PHE B 58 39.72 -17.62 52.74
CA PHE B 58 40.40 -18.70 53.43
C PHE B 58 40.48 -19.90 52.49
N ARG B 59 41.22 -20.94 52.90
CA ARG B 59 41.33 -22.14 52.09
C ARG B 59 40.03 -22.93 52.07
N GLY B 60 39.11 -22.67 52.99
CA GLY B 60 37.84 -23.36 53.03
C GLY B 60 36.66 -22.41 53.08
N ASP B 61 36.76 -21.29 52.40
CA ASP B 61 35.70 -20.29 52.36
C ASP B 61 34.84 -20.52 51.13
N THR B 62 33.54 -20.76 51.35
CA THR B 62 32.59 -20.97 50.26
C THR B 62 32.10 -19.60 49.80
N VAL B 63 32.78 -19.05 48.81
CA VAL B 63 32.45 -17.74 48.27
C VAL B 63 31.66 -17.90 46.98
N LEU B 64 30.94 -16.85 46.59
CA LEU B 64 30.13 -16.86 45.38
C LEU B 64 30.80 -16.02 44.30
N LEU B 65 30.93 -16.60 43.11
CA LEU B 65 31.53 -15.91 41.97
C LEU B 65 30.43 -15.62 40.94
N LYS B 66 30.40 -14.39 40.45
CA LYS B 66 29.40 -13.97 39.48
C LYS B 66 30.01 -13.93 38.08
N GLY B 67 29.35 -14.60 37.13
CA GLY B 67 29.80 -14.67 35.76
C GLY B 67 28.92 -13.87 34.82
N LYS B 68 29.06 -14.18 33.53
CA LYS B 68 28.35 -13.47 32.48
C LYS B 68 26.90 -13.89 32.42
N LYS B 69 26.03 -12.93 32.07
CA LYS B 69 24.60 -13.17 31.91
C LYS B 69 24.00 -13.79 33.18
N ARG B 70 24.34 -13.21 34.34
CA ARG B 70 23.84 -13.64 35.63
C ARG B 70 24.17 -15.12 35.88
N ARG B 71 25.48 -15.40 35.87
CA ARG B 71 26.01 -16.73 36.15
C ARG B 71 26.67 -16.68 37.52
N GLU B 72 25.95 -17.14 38.54
CA GLU B 72 26.43 -17.11 39.92
C GLU B 72 26.61 -18.54 40.42
N ALA B 73 27.75 -18.79 41.06
CA ALA B 73 28.06 -20.11 41.59
C ALA B 73 28.94 -19.96 42.83
N VAL B 74 28.93 -20.99 43.68
CA VAL B 74 29.70 -21.00 44.91
C VAL B 74 30.65 -22.19 44.87
N CYS B 75 31.92 -21.94 45.17
CA CYS B 75 32.95 -22.98 45.16
C CYS B 75 33.94 -22.70 46.28
N ILE B 76 35.04 -23.45 46.27
CA ILE B 76 36.08 -23.31 47.27
C ILE B 76 37.25 -22.56 46.66
N VAL B 77 37.98 -21.85 47.51
CA VAL B 77 39.13 -21.06 47.10
C VAL B 77 40.38 -21.73 47.67
N LEU B 78 41.13 -22.39 46.80
CA LEU B 78 42.36 -23.03 47.21
C LEU B 78 43.46 -21.99 47.43
N SER B 79 44.35 -22.28 48.37
CA SER B 79 45.46 -21.39 48.71
C SER B 79 46.70 -21.89 47.97
N ASP B 80 47.02 -21.25 46.84
CA ASP B 80 48.20 -21.64 46.07
C ASP B 80 48.89 -20.35 45.62
N ASP B 81 49.84 -19.89 46.44
CA ASP B 81 50.58 -18.67 46.12
C ASP B 81 51.42 -18.82 44.87
N THR B 82 52.06 -19.98 44.69
CA THR B 82 52.89 -20.22 43.52
C THR B 82 52.08 -20.54 42.27
N CYS B 83 50.77 -20.76 42.40
CA CYS B 83 49.92 -21.06 41.26
C CYS B 83 49.00 -19.89 40.91
N SER B 84 49.24 -18.71 41.47
CA SER B 84 48.44 -17.53 41.16
C SER B 84 49.26 -16.28 41.43
N ASP B 85 49.16 -15.30 40.52
CA ASP B 85 49.80 -14.00 40.70
C ASP B 85 48.72 -12.94 40.43
N GLU B 86 47.99 -12.58 41.48
CA GLU B 86 46.89 -11.62 41.40
C GLU B 86 45.87 -12.04 40.33
N LYS B 87 45.70 -13.34 40.16
CA LYS B 87 44.79 -13.87 39.15
C LYS B 87 44.23 -15.19 39.64
N ILE B 88 42.90 -15.34 39.56
CA ILE B 88 42.22 -16.53 40.07
C ILE B 88 42.44 -17.65 39.05
N ARG B 89 43.34 -18.58 39.37
CA ARG B 89 43.58 -19.73 38.50
C ARG B 89 42.33 -20.60 38.48
N MET B 90 41.65 -20.65 37.34
CA MET B 90 40.41 -21.39 37.20
C MET B 90 40.55 -22.44 36.10
N ASN B 91 40.00 -23.62 36.38
CA ASN B 91 40.06 -24.72 35.44
C ASN B 91 39.10 -24.49 34.28
N ARG B 92 39.31 -25.21 33.18
CA ARG B 92 38.46 -25.07 32.02
C ARG B 92 37.04 -25.53 32.30
N VAL B 93 36.86 -26.52 33.17
CA VAL B 93 35.53 -26.94 33.56
C VAL B 93 34.80 -25.81 34.27
N VAL B 94 35.49 -25.09 35.15
CA VAL B 94 34.88 -23.96 35.85
C VAL B 94 34.49 -22.89 34.85
N ARG B 95 35.38 -22.58 33.90
CA ARG B 95 35.07 -21.58 32.88
C ARG B 95 33.86 -21.99 32.05
N ASN B 96 33.80 -23.26 31.66
CA ASN B 96 32.66 -23.73 30.87
C ASN B 96 31.37 -23.66 31.66
N ASN B 97 31.39 -24.09 32.91
CA ASN B 97 30.18 -24.05 33.74
C ASN B 97 29.72 -22.61 33.97
N LEU B 98 30.66 -21.70 34.21
CA LEU B 98 30.33 -20.31 34.48
C LEU B 98 30.15 -19.48 33.23
N ARG B 99 30.36 -20.06 32.04
CA ARG B 99 30.26 -19.35 30.77
C ARG B 99 31.16 -18.11 30.77
N VAL B 100 32.41 -18.31 31.13
CA VAL B 100 33.39 -17.24 31.21
C VAL B 100 34.67 -17.69 30.52
N ARG B 101 35.48 -16.73 30.09
CA ARG B 101 36.73 -17.01 29.42
C ARG B 101 37.90 -16.88 30.40
N LEU B 102 39.12 -17.00 29.90
CA LEU B 102 40.30 -16.92 30.74
C LEU B 102 40.69 -15.46 30.99
N GLY B 103 41.20 -15.18 32.18
CA GLY B 103 41.60 -13.84 32.54
C GLY B 103 40.46 -12.90 32.87
N ASP B 104 39.24 -13.39 32.93
CA ASP B 104 38.08 -12.54 33.19
C ASP B 104 38.13 -12.00 34.61
N VAL B 105 37.80 -10.72 34.75
CA VAL B 105 37.75 -10.07 36.06
C VAL B 105 36.41 -10.46 36.69
N ILE B 106 36.39 -11.55 37.45
CA ILE B 106 35.17 -12.08 38.04
C ILE B 106 35.12 -11.65 39.50
N SER B 107 34.04 -10.99 39.88
CA SER B 107 33.86 -10.59 41.26
C SER B 107 33.54 -11.81 42.12
N ILE B 108 34.11 -11.82 43.32
CA ILE B 108 33.92 -12.93 44.26
C ILE B 108 33.38 -12.36 45.56
N GLN B 109 32.27 -12.91 46.03
CA GLN B 109 31.67 -12.50 47.29
C GLN B 109 31.40 -13.73 48.15
N PRO B 110 31.37 -13.57 49.47
CA PRO B 110 31.12 -14.72 50.35
C PRO B 110 29.75 -15.32 50.08
N CYS B 111 29.68 -16.64 50.18
CA CYS B 111 28.41 -17.35 49.99
C CYS B 111 28.13 -18.23 51.21
N PRO B 112 27.86 -17.63 52.37
CA PRO B 112 27.59 -18.43 53.56
C PRO B 112 26.13 -18.83 53.73
N ASP B 113 25.24 -18.35 52.87
CA ASP B 113 23.82 -18.67 52.94
C ASP B 113 23.48 -19.98 52.25
N VAL B 114 24.48 -20.67 51.69
CA VAL B 114 24.27 -21.92 50.98
C VAL B 114 24.02 -23.01 52.03
N LYS B 115 22.75 -23.35 52.24
CA LYS B 115 22.37 -24.41 53.16
C LYS B 115 22.04 -25.67 52.36
N TYR B 116 21.70 -26.74 53.07
CA TYR B 116 21.35 -28.00 52.42
C TYR B 116 19.99 -27.89 51.76
N GLY B 117 19.92 -28.28 50.49
CA GLY B 117 18.65 -28.23 49.77
C GLY B 117 17.66 -29.25 50.30
N LYS B 118 16.38 -28.89 50.21
CA LYS B 118 15.33 -29.79 50.69
C LYS B 118 15.01 -30.86 49.65
N ARG B 119 14.52 -30.45 48.49
CA ARG B 119 14.19 -31.38 47.41
C ARG B 119 14.68 -30.75 46.10
N ILE B 120 15.91 -31.09 45.72
CA ILE B 120 16.54 -30.52 44.54
C ILE B 120 16.32 -31.46 43.37
N HIS B 121 15.65 -30.96 42.32
CA HIS B 121 15.41 -31.76 41.12
C HIS B 121 16.67 -31.79 40.27
N VAL B 122 17.03 -32.99 39.82
CA VAL B 122 18.23 -33.20 39.01
C VAL B 122 17.86 -34.02 37.78
N LEU B 123 18.67 -33.86 36.73
CA LEU B 123 18.45 -34.58 35.48
C LEU B 123 19.75 -34.65 34.69
N PRO B 124 20.07 -35.79 34.12
CA PRO B 124 21.28 -35.90 33.29
C PRO B 124 21.06 -35.27 31.92
N ILE B 125 22.17 -35.09 31.20
CA ILE B 125 22.16 -34.53 29.86
C ILE B 125 22.12 -35.67 28.86
N ASP B 126 21.18 -35.60 27.91
CA ASP B 126 21.03 -36.65 26.91
C ASP B 126 22.28 -36.82 26.06
N ASP B 127 22.89 -35.71 25.64
CA ASP B 127 24.14 -35.78 24.89
C ASP B 127 25.31 -36.24 25.74
N THR B 128 25.22 -36.12 27.06
CA THR B 128 26.28 -36.54 27.97
C THR B 128 26.00 -37.85 28.68
N VAL B 129 24.74 -38.23 28.84
CA VAL B 129 24.38 -39.50 29.43
C VAL B 129 24.12 -40.57 28.36
N GLU B 130 24.50 -40.29 27.12
CA GLU B 130 24.33 -41.25 26.03
C GLU B 130 25.50 -42.22 26.06
N GLY B 131 25.24 -43.46 26.45
CA GLY B 131 26.24 -44.51 26.53
C GLY B 131 26.44 -45.06 27.92
N ILE B 132 26.30 -44.22 28.94
CA ILE B 132 26.44 -44.66 30.33
C ILE B 132 25.17 -45.35 30.76
N THR B 133 25.13 -46.67 30.66
CA THR B 133 23.94 -47.44 30.96
C THR B 133 23.70 -47.52 32.47
N GLY B 134 22.48 -47.90 32.83
CA GLY B 134 22.13 -48.06 34.22
C GLY B 134 21.94 -46.74 34.94
N ASN B 135 21.84 -46.83 36.26
CA ASN B 135 21.72 -45.64 37.11
C ASN B 135 23.10 -45.00 37.19
N LEU B 136 23.48 -44.28 36.13
CA LEU B 136 24.80 -43.69 36.01
C LEU B 136 24.92 -42.39 36.78
N PHE B 137 24.01 -42.12 37.71
CA PHE B 137 24.13 -40.99 38.62
C PHE B 137 24.34 -41.49 40.04
N GLU B 138 23.44 -42.31 40.56
CA GLU B 138 23.61 -42.84 41.91
C GLU B 138 24.75 -43.85 41.97
N VAL B 139 25.04 -44.54 40.88
CA VAL B 139 26.08 -45.55 40.86
C VAL B 139 27.39 -45.00 40.27
N TYR B 140 27.39 -43.75 39.81
CA TYR B 140 28.63 -43.18 39.31
C TYR B 140 29.10 -42.02 40.18
N LEU B 141 28.26 -41.01 40.35
CA LEU B 141 28.59 -39.87 41.22
C LEU B 141 27.87 -40.00 42.56
N LYS B 142 28.14 -41.11 43.24
CA LYS B 142 27.51 -41.37 44.53
C LYS B 142 28.10 -40.43 45.57
N PRO B 143 29.42 -40.49 45.81
CA PRO B 143 30.01 -39.59 46.82
C PRO B 143 30.17 -38.16 46.36
N TYR B 144 29.96 -37.89 45.07
CA TYR B 144 30.11 -36.54 44.54
C TYR B 144 29.10 -35.56 45.14
N PHE B 145 27.98 -36.04 45.67
CA PHE B 145 26.97 -35.18 46.28
C PHE B 145 26.64 -35.57 47.71
N LEU B 146 26.94 -36.79 48.12
CA LEU B 146 26.62 -37.28 49.46
C LEU B 146 27.68 -36.78 50.43
N GLU B 147 27.29 -35.88 51.32
CA GLU B 147 28.18 -35.25 52.30
C GLU B 147 29.38 -34.63 51.57
N ALA B 148 29.12 -34.04 50.41
CA ALA B 148 30.18 -33.44 49.62
C ALA B 148 30.12 -31.92 49.60
N TYR B 149 29.10 -31.31 50.22
CA TYR B 149 28.98 -29.85 50.32
C TYR B 149 29.08 -29.20 48.94
N ARG B 150 28.10 -29.54 48.10
CA ARG B 150 28.12 -29.06 46.74
C ARG B 150 27.13 -27.90 46.59
N PRO B 151 27.58 -26.67 46.83
CA PRO B 151 26.67 -25.49 46.72
C PRO B 151 26.65 -24.92 45.31
N ILE B 152 26.00 -25.66 44.41
CA ILE B 152 25.91 -25.26 43.01
C ILE B 152 24.56 -24.58 42.79
N ARG B 153 24.52 -23.68 41.81
CA ARG B 153 23.30 -22.99 41.48
C ARG B 153 22.29 -23.94 40.86
N LYS B 154 21.01 -23.65 41.07
CA LYS B 154 19.93 -24.47 40.53
C LYS B 154 19.80 -24.14 39.05
N GLY B 155 20.32 -25.04 38.21
CA GLY B 155 20.30 -24.83 36.78
C GLY B 155 21.61 -25.17 36.10
N ASP B 156 22.60 -25.58 36.89
CA ASP B 156 23.93 -25.87 36.38
C ASP B 156 24.04 -27.32 35.96
N ILE B 157 24.91 -27.58 34.99
CA ILE B 157 25.21 -28.92 34.51
C ILE B 157 26.70 -29.14 34.64
N PHE B 158 27.09 -30.22 35.31
CA PHE B 158 28.49 -30.57 35.51
C PHE B 158 28.72 -31.98 35.01
N LEU B 159 29.76 -32.15 34.20
CA LEU B 159 30.14 -33.46 33.69
C LEU B 159 30.76 -34.28 34.82
N VAL B 160 30.29 -35.52 34.98
CA VAL B 160 30.79 -36.42 36.01
C VAL B 160 31.36 -37.65 35.34
N ARG B 161 32.58 -38.02 35.74
CA ARG B 161 33.26 -39.17 35.17
C ARG B 161 32.63 -40.44 35.76
N GLY B 162 31.73 -41.05 35.00
CA GLY B 162 31.05 -42.25 35.46
C GLY B 162 30.81 -43.25 34.34
N GLY B 163 31.11 -44.52 34.60
CA GLY B 163 30.94 -45.54 33.58
C GLY B 163 31.85 -45.36 32.39
N MET B 164 33.12 -45.03 32.62
CA MET B 164 34.10 -44.80 31.56
C MET B 164 33.62 -43.73 30.58
N ARG B 165 32.99 -42.69 31.12
CA ARG B 165 32.49 -41.58 30.32
C ARG B 165 32.50 -40.32 31.17
N ALA B 166 31.86 -39.27 30.69
CA ALA B 166 31.71 -38.01 31.41
C ALA B 166 30.24 -37.61 31.36
N VAL B 167 29.46 -38.12 32.31
CA VAL B 167 28.03 -37.87 32.34
C VAL B 167 27.78 -36.52 33.00
N GLU B 168 27.13 -35.62 32.27
CA GLU B 168 26.78 -34.30 32.79
C GLU B 168 25.32 -34.33 33.22
N PHE B 169 25.07 -33.95 34.47
CA PHE B 169 23.73 -33.85 35.01
C PHE B 169 23.40 -32.39 35.24
N LYS B 170 22.33 -31.91 34.62
CA LYS B 170 21.88 -30.55 34.78
C LYS B 170 20.99 -30.43 36.01
N VAL B 171 21.21 -29.40 36.81
CA VAL B 171 20.39 -29.18 37.99
C VAL B 171 19.03 -28.71 37.53
N VAL B 172 18.04 -29.60 37.60
CA VAL B 172 16.69 -29.28 37.12
C VAL B 172 16.06 -28.19 37.99
N GLU B 173 16.12 -28.38 39.31
CA GLU B 173 15.53 -27.42 40.24
C GLU B 173 16.09 -27.69 41.63
N THR B 174 15.83 -26.76 42.54
CA THR B 174 16.18 -26.93 43.94
C THR B 174 15.10 -26.28 44.80
N ASP B 175 14.64 -27.03 45.81
CA ASP B 175 13.69 -26.50 46.78
C ASP B 175 14.34 -25.32 47.49
N PRO B 176 15.59 -25.42 47.87
CA PRO B 176 16.27 -24.25 48.43
C PRO B 176 16.60 -23.25 47.32
N SER B 177 17.29 -22.18 47.66
CA SER B 177 17.62 -21.16 46.66
C SER B 177 18.64 -21.73 45.69
N PRO B 178 19.00 -20.98 44.64
CA PRO B 178 19.82 -21.56 43.56
C PRO B 178 21.09 -22.21 44.07
N TYR B 179 21.91 -21.47 44.81
CA TYR B 179 23.10 -22.02 45.44
C TYR B 179 22.68 -22.79 46.69
N CYS B 180 22.48 -24.09 46.54
CA CYS B 180 22.11 -24.97 47.64
C CYS B 180 23.19 -26.01 47.85
N ILE B 181 23.57 -26.21 49.12
CA ILE B 181 24.65 -27.12 49.47
C ILE B 181 24.16 -28.55 49.38
N VAL B 182 24.44 -29.21 48.27
CA VAL B 182 24.00 -30.58 48.03
C VAL B 182 24.80 -31.48 48.97
N ALA B 183 24.13 -32.03 49.98
CA ALA B 183 24.77 -32.93 50.93
C ALA B 183 23.99 -34.25 50.97
N PRO B 184 24.49 -35.25 51.72
CA PRO B 184 23.74 -36.52 51.85
C PRO B 184 22.37 -36.30 52.46
N ASP B 185 22.26 -35.32 53.35
CA ASP B 185 20.97 -34.95 53.92
C ASP B 185 20.05 -34.31 52.88
N THR B 186 20.62 -33.61 51.90
CA THR B 186 19.81 -33.00 50.84
C THR B 186 19.20 -34.09 49.98
N VAL B 187 17.88 -34.04 49.80
CA VAL B 187 17.16 -35.02 49.00
C VAL B 187 17.19 -34.55 47.55
N ILE B 188 18.07 -35.16 46.75
CA ILE B 188 18.21 -34.78 45.36
C ILE B 188 17.15 -35.50 44.54
N HIS B 189 16.05 -34.80 44.26
CA HIS B 189 15.02 -35.35 43.39
C HIS B 189 15.61 -35.60 42.01
N CYS B 190 15.34 -36.77 41.45
CA CYS B 190 15.91 -37.14 40.18
C CYS B 190 14.90 -37.93 39.36
N GLU B 191 14.72 -37.53 38.11
CA GLU B 191 13.84 -38.21 37.18
C GLU B 191 14.67 -38.70 35.99
N GLY B 192 14.00 -39.36 35.06
CA GLY B 192 14.67 -39.89 33.89
C GLY B 192 14.62 -38.95 32.70
N GLU B 193 14.80 -37.66 32.96
CA GLU B 193 14.75 -36.67 31.90
C GLU B 193 16.16 -36.42 31.38
N PRO B 194 16.49 -36.84 30.16
CA PRO B 194 17.82 -36.54 29.63
C PRO B 194 17.84 -35.22 28.88
N ILE B 195 18.77 -34.35 29.24
CA ILE B 195 18.81 -33.00 28.65
C ILE B 195 19.52 -33.06 27.31
N LYS B 196 18.82 -32.65 26.25
CA LYS B 196 19.39 -32.64 24.92
C LYS B 196 20.41 -31.51 24.78
N ARG B 197 21.33 -31.65 23.83
CA ARG B 197 22.37 -30.67 23.61
C ARG B 197 21.86 -29.39 22.97
N GLU B 198 20.62 -29.37 22.49
CA GLU B 198 20.06 -28.15 21.92
C GLU B 198 19.98 -27.05 22.97
N ASP B 199 19.50 -27.39 24.17
CA ASP B 199 19.48 -26.42 25.25
C ASP B 199 20.89 -26.01 25.64
N GLU B 200 21.85 -26.94 25.54
CA GLU B 200 23.24 -26.61 25.83
C GLU B 200 23.75 -25.56 24.86
N GLU B 201 23.48 -25.73 23.56
CA GLU B 201 23.87 -24.73 22.57
C GLU B 201 23.17 -23.41 22.82
N GLU B 202 21.87 -23.45 23.15
CA GLU B 202 21.12 -22.23 23.41
C GLU B 202 21.70 -21.45 24.58
N SER B 203 22.03 -22.14 25.67
CA SER B 203 22.72 -21.49 26.78
C SER B 203 24.08 -20.96 26.36
N LEU B 204 24.83 -21.74 25.58
CA LEU B 204 26.06 -21.25 25.00
C LEU B 204 25.82 -20.14 23.98
N ASN B 205 24.59 -20.03 23.47
CA ASN B 205 24.23 -18.98 22.53
C ASN B 205 23.86 -17.73 23.32
N GLU B 206 24.84 -17.18 24.02
CA GLU B 206 24.64 -15.94 24.75
C GLU B 206 24.69 -14.76 23.79
N VAL B 207 24.39 -13.58 24.30
CA VAL B 207 24.33 -12.37 23.50
C VAL B 207 25.15 -11.29 24.19
N GLY B 208 26.19 -10.82 23.52
CA GLY B 208 27.02 -9.73 24.02
C GLY B 208 27.49 -8.86 22.89
N TYR B 209 28.72 -8.38 22.99
CA TYR B 209 29.31 -7.48 22.00
C TYR B 209 30.14 -8.25 20.97
N ASP B 210 29.48 -9.06 20.14
CA ASP B 210 30.20 -9.89 19.18
C ASP B 210 30.15 -9.32 17.76
N ASP B 211 29.07 -8.64 17.40
CA ASP B 211 28.98 -7.99 16.09
C ASP B 211 28.75 -6.49 16.23
N ILE B 212 28.90 -5.96 17.43
CA ILE B 212 28.68 -4.54 17.71
C ILE B 212 30.03 -3.95 18.09
N GLY B 213 30.53 -3.05 17.25
CA GLY B 213 31.77 -2.35 17.56
C GLY B 213 31.66 -0.85 17.36
N GLY B 214 31.85 -0.08 18.43
CA GLY B 214 31.83 1.36 18.37
C GLY B 214 30.56 2.02 18.87
N CYS B 215 29.49 1.24 19.09
CA CYS B 215 28.23 1.82 19.55
C CYS B 215 28.32 1.96 21.07
N ARG B 216 29.39 2.60 21.51
CA ARG B 216 29.60 2.82 22.93
C ARG B 216 28.61 3.80 23.51
N LYS B 217 28.33 4.90 22.81
CA LYS B 217 27.40 5.89 23.33
C LYS B 217 26.00 5.31 23.47
N GLN B 218 25.52 4.62 22.44
CA GLN B 218 24.20 4.02 22.51
C GLN B 218 24.12 2.96 23.59
N LEU B 219 25.14 2.10 23.68
CA LEU B 219 25.14 1.06 24.69
C LEU B 219 25.15 1.67 26.09
N ALA B 220 25.94 2.72 26.29
CA ALA B 220 25.98 3.38 27.59
C ALA B 220 24.64 4.02 27.92
N GLN B 221 24.01 4.65 26.94
CA GLN B 221 22.71 5.25 27.18
C GLN B 221 21.70 4.20 27.56
N ILE B 222 21.70 3.06 26.86
CA ILE B 222 20.77 1.98 27.17
C ILE B 222 21.02 1.45 28.58
N LYS B 223 22.29 1.18 28.91
CA LYS B 223 22.61 0.67 30.23
C LYS B 223 22.20 1.63 31.32
N GLU B 224 22.49 2.92 31.15
CA GLU B 224 22.05 3.92 32.11
C GLU B 224 20.54 3.94 32.25
N MET B 225 19.82 3.86 31.13
CA MET B 225 18.38 3.75 31.15
C MET B 225 17.91 2.44 31.76
N VAL B 226 18.80 1.47 31.95
CA VAL B 226 18.41 0.18 32.50
C VAL B 226 19.17 -0.11 33.77
N GLU B 227 20.49 -0.27 33.66
CA GLU B 227 21.29 -0.64 34.83
C GLU B 227 21.30 0.46 35.87
N LEU B 228 21.73 1.66 35.48
CA LEU B 228 21.71 2.80 36.39
C LEU B 228 20.29 3.01 36.88
N PRO B 229 19.29 2.90 36.01
CA PRO B 229 17.90 2.92 36.50
C PRO B 229 17.61 1.84 37.52
N LEU B 230 18.17 0.64 37.35
CA LEU B 230 17.96 -0.45 38.29
C LEU B 230 19.01 -0.50 39.38
N ARG B 231 20.28 -0.67 39.03
CA ARG B 231 21.35 -0.76 40.01
C ARG B 231 21.50 0.50 40.85
N HIS B 232 21.02 1.64 40.36
CA HIS B 232 21.05 2.89 41.11
C HIS B 232 19.70 3.57 40.99
N PRO B 233 18.62 2.85 41.32
CA PRO B 233 17.30 3.51 41.39
C PRO B 233 17.26 4.62 42.41
N ALA B 234 18.00 4.50 43.51
CA ALA B 234 18.07 5.60 44.47
C ALA B 234 18.73 6.82 43.85
N LEU B 235 19.64 6.61 42.90
CA LEU B 235 20.22 7.74 42.19
C LEU B 235 19.16 8.50 41.42
N PHE B 236 18.26 7.78 40.75
CA PHE B 236 17.15 8.43 40.07
C PHE B 236 16.23 9.12 41.06
N LYS B 237 15.95 8.47 42.20
CA LYS B 237 15.08 9.07 43.19
C LYS B 237 15.64 10.38 43.72
N ALA B 238 16.93 10.41 44.03
CA ALA B 238 17.59 11.64 44.43
C ALA B 238 17.66 12.65 43.30
N ILE B 239 17.73 12.18 42.05
CA ILE B 239 17.71 13.07 40.91
C ILE B 239 16.35 13.73 40.75
N GLY B 240 15.31 13.20 41.40
CA GLY B 240 14.00 13.76 41.33
C GLY B 240 13.35 13.70 39.97
N VAL B 241 13.81 12.82 39.09
CA VAL B 241 13.25 12.68 37.75
C VAL B 241 13.45 11.25 37.28
N LYS B 242 12.43 10.70 36.65
CA LYS B 242 12.49 9.37 36.08
C LYS B 242 13.25 9.42 34.76
N PRO B 243 13.85 8.31 34.34
CA PRO B 243 14.53 8.29 33.05
C PRO B 243 13.54 8.17 31.92
N PRO B 244 14.00 8.18 30.66
CA PRO B 244 13.07 8.10 29.53
C PRO B 244 12.56 6.68 29.35
N ARG B 245 11.27 6.48 29.64
CA ARG B 245 10.68 5.16 29.47
C ARG B 245 10.57 4.77 27.99
N GLY B 246 10.37 5.75 27.11
CA GLY B 246 10.27 5.47 25.70
C GLY B 246 11.51 5.86 24.92
N ILE B 247 12.30 4.87 24.52
CA ILE B 247 13.54 5.09 23.81
C ILE B 247 13.43 4.43 22.45
N LEU B 248 13.73 5.19 21.39
CA LEU B 248 13.63 4.73 20.02
C LEU B 248 15.01 4.40 19.47
N LEU B 249 15.09 3.35 18.67
CA LEU B 249 16.35 2.89 18.09
C LEU B 249 16.21 2.93 16.57
N TYR B 250 16.64 4.05 15.99
CA TYR B 250 16.63 4.22 14.54
C TYR B 250 17.90 3.64 13.94
N GLY B 251 17.84 3.33 12.65
CA GLY B 251 18.99 2.86 11.92
C GLY B 251 18.67 1.70 10.99
N PRO B 252 19.68 1.15 10.34
CA PRO B 252 19.48 -0.04 9.50
C PRO B 252 19.27 -1.28 10.38
N PRO B 253 18.05 -1.81 10.40
CA PRO B 253 17.76 -2.91 11.32
C PRO B 253 18.40 -4.22 10.87
N GLY B 254 18.46 -5.17 11.80
CA GLY B 254 19.05 -6.46 11.53
C GLY B 254 20.54 -6.42 11.22
N THR B 255 21.12 -5.24 11.06
CA THR B 255 22.57 -5.12 10.93
C THR B 255 23.25 -5.36 12.27
N GLY B 256 22.49 -5.78 13.27
CA GLY B 256 22.92 -5.86 14.64
C GLY B 256 21.85 -5.25 15.51
N LYS B 257 20.88 -4.59 14.86
CA LYS B 257 19.75 -4.04 15.61
C LYS B 257 18.97 -5.15 16.29
N THR B 258 18.59 -6.19 15.55
CA THR B 258 18.03 -7.37 16.18
C THR B 258 19.02 -7.98 17.15
N LEU B 259 20.30 -7.98 16.78
CA LEU B 259 21.34 -8.43 17.70
C LEU B 259 21.40 -7.54 18.93
N ILE B 260 21.20 -6.24 18.75
CA ILE B 260 21.18 -5.33 19.89
C ILE B 260 20.05 -5.69 20.84
N ALA B 261 18.86 -5.95 20.29
CA ALA B 261 17.74 -6.35 21.14
C ALA B 261 18.03 -7.64 21.86
N ARG B 262 18.64 -8.61 21.17
CA ARG B 262 18.98 -9.88 21.80
C ARG B 262 19.98 -9.68 22.93
N ALA B 263 20.98 -8.84 22.71
CA ALA B 263 21.96 -8.57 23.76
C ALA B 263 21.31 -7.90 24.95
N VAL B 264 20.39 -6.96 24.70
CA VAL B 264 19.67 -6.33 25.78
C VAL B 264 18.89 -7.36 26.58
N ALA B 265 18.13 -8.21 25.89
CA ALA B 265 17.32 -9.21 26.59
C ALA B 265 18.19 -10.17 27.39
N ASN B 266 19.31 -10.62 26.81
CA ASN B 266 20.21 -11.49 27.55
C ASN B 266 20.78 -10.79 28.77
N GLU B 267 21.19 -9.53 28.63
CA GLU B 267 21.67 -8.77 29.78
C GLU B 267 20.55 -8.44 30.74
N THR B 268 19.37 -8.12 30.22
CA THR B 268 18.25 -7.69 31.06
C THR B 268 17.78 -8.83 31.93
N GLY B 269 17.62 -8.56 33.22
CA GLY B 269 16.99 -9.49 34.13
C GLY B 269 15.51 -9.31 34.29
N ALA B 270 14.96 -8.17 33.89
CA ALA B 270 13.54 -7.91 34.01
C ALA B 270 12.80 -8.57 32.85
N PHE B 271 11.47 -8.58 32.91
CA PHE B 271 10.68 -9.16 31.85
C PHE B 271 10.88 -8.37 30.55
N PHE B 272 11.12 -9.10 29.47
CA PHE B 272 11.31 -8.51 28.15
C PHE B 272 10.08 -8.86 27.32
N PHE B 273 9.07 -8.00 27.38
CA PHE B 273 7.82 -8.22 26.66
C PHE B 273 8.09 -7.97 25.19
N LEU B 274 8.59 -8.98 24.50
CA LEU B 274 8.89 -8.87 23.08
C LEU B 274 7.59 -8.64 22.32
N ILE B 275 7.61 -7.67 21.42
CA ILE B 275 6.44 -7.33 20.62
C ILE B 275 6.85 -7.32 19.15
N ASN B 276 6.27 -8.20 18.36
CA ASN B 276 6.51 -8.22 16.92
C ASN B 276 5.66 -7.13 16.28
N GLY B 277 5.95 -6.80 15.02
CA GLY B 277 5.23 -5.76 14.34
C GLY B 277 3.85 -6.19 13.91
N PRO B 278 3.78 -7.13 12.97
CA PRO B 278 2.47 -7.61 12.52
C PRO B 278 1.92 -8.69 13.42
N GLU B 279 1.86 -8.41 14.72
CA GLU B 279 1.41 -9.40 15.69
C GLU B 279 0.01 -9.14 16.21
N ILE B 280 -0.28 -7.94 16.70
CA ILE B 280 -1.58 -7.65 17.30
C ILE B 280 -2.70 -7.55 16.27
N MET B 281 -2.40 -7.14 15.04
CA MET B 281 -3.42 -6.92 14.02
C MET B 281 -4.09 -8.24 13.69
N SER B 282 -5.34 -8.40 14.13
CA SER B 282 -6.11 -9.61 13.90
C SER B 282 -7.41 -9.27 13.19
N LYS B 283 -8.07 -10.30 12.67
CA LYS B 283 -9.33 -10.11 11.94
C LYS B 283 -10.46 -9.61 12.83
N LEU B 284 -10.54 -10.08 14.08
CA LEU B 284 -11.62 -9.70 14.97
C LEU B 284 -11.55 -8.22 15.30
N ALA B 285 -12.71 -7.65 15.63
CA ALA B 285 -12.83 -6.22 15.89
C ALA B 285 -12.10 -5.85 17.18
N GLY B 286 -11.26 -4.83 17.12
CA GLY B 286 -10.56 -4.34 18.29
C GLY B 286 -9.60 -5.34 18.90
N GLU B 287 -9.28 -6.40 18.18
CA GLU B 287 -8.38 -7.43 18.68
C GLU B 287 -6.97 -6.90 18.92
N SER B 288 -6.47 -6.06 18.02
CA SER B 288 -5.12 -5.52 18.17
C SER B 288 -5.02 -4.62 19.40
N GLU B 289 -6.00 -3.72 19.59
CA GLU B 289 -5.96 -2.84 20.74
C GLU B 289 -6.09 -3.61 22.04
N SER B 290 -6.99 -4.61 22.06
CA SER B 290 -7.12 -5.45 23.24
C SER B 290 -5.83 -6.18 23.54
N ASN B 291 -5.18 -6.72 22.50
CA ASN B 291 -3.92 -7.40 22.68
C ASN B 291 -2.85 -6.47 23.22
N LEU B 292 -2.79 -5.25 22.68
CA LEU B 292 -1.79 -4.29 23.15
C LEU B 292 -2.03 -3.93 24.61
N ARG B 293 -3.29 -3.68 24.98
CA ARG B 293 -3.60 -3.37 26.36
C ARG B 293 -3.25 -4.53 27.27
N LYS B 294 -3.57 -5.76 26.84
CA LYS B 294 -3.25 -6.93 27.63
C LYS B 294 -1.75 -7.08 27.82
N ALA B 295 -0.98 -6.86 26.76
CA ALA B 295 0.47 -6.97 26.87
C ALA B 295 1.02 -5.92 27.83
N PHE B 296 0.51 -4.69 27.72
CA PHE B 296 0.97 -3.64 28.62
C PHE B 296 0.64 -3.98 30.07
N GLU B 297 -0.58 -4.43 30.33
CA GLU B 297 -0.97 -4.76 31.69
C GLU B 297 -0.15 -5.94 32.22
N GLU B 298 0.07 -6.95 31.37
CA GLU B 298 0.86 -8.09 31.79
C GLU B 298 2.29 -7.70 32.13
N ALA B 299 2.89 -6.84 31.31
CA ALA B 299 4.23 -6.37 31.61
C ALA B 299 4.26 -5.57 32.90
N GLU B 300 3.26 -4.70 33.10
CA GLU B 300 3.23 -3.91 34.32
C GLU B 300 3.09 -4.77 35.56
N LYS B 301 2.15 -5.71 35.54
CA LYS B 301 1.96 -6.59 36.69
C LYS B 301 3.07 -7.61 36.83
N ASN B 302 3.84 -7.86 35.78
CA ASN B 302 4.89 -8.87 35.80
C ASN B 302 6.09 -8.39 36.61
N ALA B 303 6.67 -7.28 36.18
CA ALA B 303 7.92 -6.80 36.77
C ALA B 303 8.17 -5.37 36.34
N PRO B 304 9.25 -4.74 36.80
CA PRO B 304 9.67 -3.47 36.19
C PRO B 304 10.20 -3.71 34.78
N ALA B 305 9.33 -4.20 33.91
CA ALA B 305 9.70 -4.75 32.62
C ALA B 305 10.03 -3.65 31.62
N ILE B 306 10.58 -4.07 30.49
CA ILE B 306 10.90 -3.19 29.38
C ILE B 306 10.09 -3.66 28.17
N ILE B 307 9.44 -2.72 27.49
CA ILE B 307 8.59 -3.05 26.37
C ILE B 307 9.44 -3.28 25.14
N PHE B 308 9.81 -4.54 24.90
CA PHE B 308 10.66 -4.89 23.76
C PHE B 308 9.81 -4.82 22.49
N ILE B 309 9.58 -3.60 22.03
CA ILE B 309 8.78 -3.35 20.84
C ILE B 309 9.69 -3.59 19.64
N ASP B 310 9.69 -4.83 19.14
CA ASP B 310 10.53 -5.18 18.01
C ASP B 310 9.84 -4.82 16.70
N GLU B 311 10.62 -4.29 15.76
CA GLU B 311 10.15 -3.94 14.41
C GLU B 311 8.93 -3.01 14.50
N LEU B 312 9.09 -2.00 15.34
CA LEU B 312 8.03 -1.03 15.61
C LEU B 312 7.95 0.04 14.53
N ASP B 313 8.86 0.02 13.56
CA ASP B 313 8.91 1.08 12.56
C ASP B 313 7.62 1.16 11.74
N ALA B 314 7.11 0.00 11.30
CA ALA B 314 5.88 -0.02 10.50
C ALA B 314 4.68 -0.26 11.41
N ILE B 315 4.35 0.78 12.18
CA ILE B 315 3.25 0.68 13.11
C ILE B 315 2.23 1.79 12.88
N ALA B 316 2.69 2.93 12.34
CA ALA B 316 1.79 4.06 12.15
C ALA B 316 2.40 5.12 11.22
N PRO B 317 1.64 5.58 10.24
CA PRO B 317 2.14 6.68 9.39
C PRO B 317 1.73 8.06 9.94
N LYS B 318 2.06 8.32 11.20
CA LYS B 318 1.79 9.61 11.84
C LYS B 318 0.31 9.97 11.85
N ARG B 319 -0.56 8.98 11.61
CA ARG B 319 -2.00 9.16 11.64
C ARG B 319 -2.47 10.23 10.66
N GLU B 320 -1.60 10.55 9.70
CA GLU B 320 -1.93 11.54 8.68
C GLU B 320 -2.26 10.81 7.38
N LYS B 321 -1.34 9.97 6.93
CA LYS B 321 -1.60 9.10 5.79
C LYS B 321 -2.41 7.87 6.18
N THR B 322 -2.81 7.77 7.45
CA THR B 322 -3.51 6.58 7.95
C THR B 322 -4.94 6.61 7.45
N HIS B 323 -5.12 6.21 6.19
CA HIS B 323 -6.46 6.07 5.63
C HIS B 323 -7.21 4.88 6.23
N GLY B 324 -6.50 3.93 6.82
CA GLY B 324 -7.15 2.79 7.43
C GLY B 324 -7.70 3.11 8.80
N GLU B 325 -9.02 2.94 8.92
CA GLU B 325 -9.70 3.21 10.20
C GLU B 325 -9.20 2.27 11.29
N VAL B 326 -8.99 0.99 10.96
CA VAL B 326 -8.39 0.08 11.91
C VAL B 326 -6.97 0.53 12.26
N GLU B 327 -6.21 0.96 11.25
CA GLU B 327 -4.88 1.49 11.51
C GLU B 327 -4.94 2.73 12.38
N ARG B 328 -5.91 3.61 12.12
CA ARG B 328 -6.06 4.81 12.93
C ARG B 328 -6.39 4.45 14.38
N ARG B 329 -7.28 3.48 14.58
CA ARG B 329 -7.61 3.04 15.92
C ARG B 329 -6.41 2.44 16.61
N ILE B 330 -5.60 1.68 15.87
CA ILE B 330 -4.39 1.09 16.45
C ILE B 330 -3.42 2.19 16.87
N VAL B 331 -3.25 3.20 16.02
CA VAL B 331 -2.37 4.30 16.37
C VAL B 331 -2.87 5.04 17.61
N SER B 332 -4.18 5.26 17.68
CA SER B 332 -4.74 5.94 18.84
C SER B 332 -4.54 5.14 20.11
N GLN B 333 -4.78 3.83 20.05
CA GLN B 333 -4.57 2.99 21.22
C GLN B 333 -3.11 2.98 21.64
N LEU B 334 -2.20 2.91 20.67
CA LEU B 334 -0.78 2.94 20.98
C LEU B 334 -0.40 4.25 21.65
N LEU B 335 -0.90 5.37 21.12
CA LEU B 335 -0.63 6.66 21.74
C LEU B 335 -1.17 6.71 23.16
N THR B 336 -2.40 6.23 23.37
CA THR B 336 -2.98 6.24 24.71
C THR B 336 -2.16 5.41 25.67
N LEU B 337 -1.73 4.22 25.25
CA LEU B 337 -0.90 3.38 26.11
C LEU B 337 0.45 4.03 26.40
N MET B 338 1.09 4.59 25.38
CA MET B 338 2.42 5.20 25.55
C MET B 338 2.27 6.62 26.12
N ASP B 339 1.63 7.50 25.37
CA ASP B 339 1.35 8.84 25.86
C ASP B 339 0.11 8.79 26.73
N GLY B 340 0.31 8.61 28.03
CA GLY B 340 -0.79 8.51 28.97
C GLY B 340 -0.34 8.80 30.38
N LEU B 341 -1.17 9.51 31.14
CA LEU B 341 -0.79 9.89 32.50
C LEU B 341 -0.67 8.66 33.38
N LYS B 342 0.44 8.57 34.12
CA LYS B 342 0.72 7.46 35.01
C LYS B 342 0.60 6.13 34.27
N GLN B 343 1.19 6.07 33.08
CA GLN B 343 1.06 4.88 32.25
C GLN B 343 2.30 4.00 32.35
N ARG B 344 3.49 4.60 32.30
CA ARG B 344 4.74 3.85 32.25
C ARG B 344 5.48 4.05 33.56
N ALA B 345 5.16 3.21 34.54
CA ALA B 345 5.86 3.20 35.82
C ALA B 345 6.84 2.03 35.83
N HIS B 346 8.14 2.33 35.83
CA HIS B 346 9.18 1.32 35.74
C HIS B 346 8.97 0.41 34.53
N VAL B 347 8.45 1.01 33.46
CA VAL B 347 8.11 0.28 32.24
C VAL B 347 8.84 0.96 31.09
N ILE B 348 9.98 0.41 30.72
CA ILE B 348 10.76 0.95 29.61
C ILE B 348 10.12 0.51 28.30
N VAL B 349 10.40 1.25 27.23
CA VAL B 349 9.84 0.92 25.92
C VAL B 349 10.97 0.76 24.92
N MET B 350 11.36 -0.48 24.66
CA MET B 350 12.43 -0.78 23.71
C MET B 350 11.86 -0.63 22.31
N ALA B 351 11.95 0.58 21.78
CA ALA B 351 11.45 0.88 20.44
C ALA B 351 12.58 0.84 19.42
N ALA B 352 12.40 0.04 18.38
CA ALA B 352 13.39 -0.12 17.32
C ALA B 352 12.79 0.38 16.02
N THR B 353 13.56 1.21 15.31
CA THR B 353 13.11 1.82 14.07
C THR B 353 14.07 1.51 12.94
N ASN B 354 13.53 1.07 11.81
CA ASN B 354 14.31 0.86 10.60
C ASN B 354 14.23 2.03 9.64
N ARG B 355 13.14 2.78 9.65
CA ARG B 355 12.95 3.94 8.80
C ARG B 355 12.56 5.11 9.70
N PRO B 356 13.54 5.90 10.16
CA PRO B 356 13.22 7.01 11.07
C PRO B 356 12.27 8.02 10.43
N ASN B 357 12.33 8.15 9.11
CA ASN B 357 11.37 8.98 8.40
C ASN B 357 9.95 8.49 8.54
N SER B 358 9.74 7.18 8.55
CA SER B 358 8.42 6.60 8.69
C SER B 358 7.84 6.77 10.08
N ILE B 359 8.55 7.45 10.97
CA ILE B 359 8.10 7.61 12.34
C ILE B 359 6.79 8.38 12.37
N ASP B 360 5.95 8.04 13.34
CA ASP B 360 4.72 8.78 13.57
C ASP B 360 5.01 10.12 14.22
N PRO B 361 4.12 11.08 14.07
CA PRO B 361 4.38 12.42 14.62
C PRO B 361 4.43 12.44 16.13
N ALA B 362 3.38 11.91 16.78
CA ALA B 362 3.31 11.92 18.23
C ALA B 362 4.40 11.09 18.88
N LEU B 363 4.70 9.92 18.32
CA LEU B 363 5.75 9.06 18.86
C LEU B 363 7.13 9.70 18.81
N ARG B 364 7.45 10.38 17.71
CA ARG B 364 8.74 11.05 17.60
C ARG B 364 8.93 12.11 18.68
N ARG B 365 7.85 12.62 19.26
CA ARG B 365 7.95 13.59 20.33
C ARG B 365 8.18 12.88 21.66
N PHE B 366 8.75 13.61 22.61
CA PHE B 366 8.93 13.12 23.98
C PHE B 366 7.54 13.05 24.61
N GLY B 367 7.36 12.09 25.50
CA GLY B 367 6.07 11.86 26.11
C GLY B 367 5.48 10.58 25.55
N ARG B 368 5.60 10.41 24.24
CA ARG B 368 5.30 9.12 23.63
C ARG B 368 6.56 8.28 23.51
N PHE B 369 7.66 8.86 23.02
CA PHE B 369 8.97 8.26 23.09
C PHE B 369 9.94 9.35 23.54
N ASP B 370 10.19 9.42 24.84
CA ASP B 370 11.03 10.49 25.38
C ASP B 370 12.44 10.44 24.82
N ARG B 371 12.94 9.25 24.50
CA ARG B 371 14.28 9.08 23.98
C ARG B 371 14.21 8.49 22.57
N GLU B 372 15.26 8.74 21.79
CA GLU B 372 15.33 8.26 20.42
C GLU B 372 16.79 8.21 20.01
N VAL B 373 17.23 7.07 19.48
CA VAL B 373 18.60 6.88 19.05
C VAL B 373 18.61 6.36 17.62
N ASP B 374 19.61 6.81 16.86
CA ASP B 374 19.84 6.33 15.51
C ASP B 374 21.11 5.51 15.48
N ILE B 375 21.05 4.33 14.87
CA ILE B 375 22.18 3.42 14.79
C ILE B 375 22.92 3.72 13.49
N GLY B 376 24.20 4.06 13.61
CA GLY B 376 25.02 4.34 12.44
C GLY B 376 25.92 3.18 12.06
N ILE B 377 26.51 3.30 10.88
CA ILE B 377 27.44 2.29 10.37
C ILE B 377 28.73 2.36 11.16
N PRO B 378 29.49 1.28 11.28
CA PRO B 378 30.72 1.30 12.07
C PRO B 378 31.91 1.77 11.26
N ASP B 379 32.88 2.33 11.97
CA ASP B 379 34.12 2.78 11.36
C ASP B 379 35.06 1.59 11.16
N ALA B 380 36.10 1.78 10.36
CA ALA B 380 37.06 0.73 10.07
C ALA B 380 37.69 0.15 11.33
N THR B 381 37.93 0.99 12.35
CA THR B 381 38.38 0.46 13.63
C THR B 381 37.28 -0.36 14.29
N GLY B 382 36.08 0.21 14.39
CA GLY B 382 34.95 -0.57 14.88
C GLY B 382 34.65 -1.76 14.00
N ARG B 383 34.88 -1.60 12.68
CA ARG B 383 34.73 -2.73 11.78
C ARG B 383 35.68 -3.85 12.16
N LEU B 384 36.95 -3.51 12.41
CA LEU B 384 37.92 -4.53 12.80
C LEU B 384 37.54 -5.17 14.12
N GLU B 385 37.08 -4.36 15.07
CA GLU B 385 36.68 -4.90 16.36
C GLU B 385 35.54 -5.91 16.22
N ILE B 386 34.47 -5.50 15.54
CA ILE B 386 33.32 -6.36 15.37
C ILE B 386 33.69 -7.60 14.56
N LEU B 387 34.53 -7.43 13.54
CA LEU B 387 34.94 -8.56 12.72
C LEU B 387 35.73 -9.57 13.53
N GLN B 388 36.68 -9.09 14.33
CA GLN B 388 37.44 -10.00 15.18
C GLN B 388 36.54 -10.71 16.17
N ILE B 389 35.62 -9.96 16.78
CA ILE B 389 34.71 -10.57 17.75
C ILE B 389 33.87 -11.66 17.10
N HIS B 390 33.34 -11.38 15.90
CA HIS B 390 32.56 -12.39 15.20
C HIS B 390 33.42 -13.59 14.83
N THR B 391 34.62 -13.35 14.33
CA THR B 391 35.53 -14.41 13.92
C THR B 391 36.10 -15.19 15.10
N LYS B 392 35.86 -14.72 16.33
CA LYS B 392 36.39 -15.41 17.50
C LYS B 392 35.89 -16.85 17.60
N ASN B 393 34.78 -17.17 16.94
CA ASN B 393 34.29 -18.54 16.95
C ASN B 393 35.21 -19.51 16.24
N MET B 394 36.04 -19.02 15.31
CA MET B 394 36.84 -19.94 14.51
C MET B 394 38.25 -19.40 14.25
N LYS B 395 39.05 -20.18 13.52
CA LYS B 395 40.37 -19.75 13.09
C LYS B 395 40.47 -20.06 11.60
N LEU B 396 40.18 -19.06 10.76
CA LEU B 396 40.22 -19.29 9.33
C LEU B 396 41.49 -18.73 8.70
N ALA B 397 42.38 -18.16 9.51
CA ALA B 397 43.71 -17.79 9.06
C ALA B 397 44.61 -17.72 10.28
N ASP B 398 45.49 -18.71 10.41
CA ASP B 398 46.43 -18.70 11.53
C ASP B 398 47.56 -17.73 11.34
N ASP B 399 47.96 -17.47 10.08
CA ASP B 399 49.09 -16.60 9.79
C ASP B 399 48.67 -15.22 9.32
N VAL B 400 47.40 -14.86 9.45
CA VAL B 400 46.91 -13.58 8.97
C VAL B 400 46.14 -12.89 10.10
N ASP B 401 46.30 -11.57 10.18
CA ASP B 401 45.55 -10.77 11.13
C ASP B 401 44.27 -10.24 10.49
N LEU B 402 43.14 -10.54 11.12
CA LEU B 402 41.87 -10.04 10.64
C LEU B 402 41.80 -8.52 10.67
N GLU B 403 42.52 -7.89 11.60
CA GLU B 403 42.57 -6.43 11.62
C GLU B 403 43.23 -5.89 10.36
N GLN B 404 44.25 -6.58 9.85
CA GLN B 404 44.90 -6.13 8.63
C GLN B 404 43.92 -6.12 7.46
N VAL B 405 43.13 -7.18 7.32
CA VAL B 405 42.13 -7.21 6.25
C VAL B 405 41.05 -6.18 6.50
N ALA B 406 40.59 -6.04 7.74
CA ALA B 406 39.54 -5.09 8.05
C ALA B 406 39.95 -3.67 7.73
N ASN B 407 41.18 -3.29 8.07
CA ASN B 407 41.72 -2.02 7.60
C ASN B 407 41.79 -1.99 6.08
N GLU B 408 42.23 -3.09 5.46
CA GLU B 408 42.18 -3.20 4.02
C GLU B 408 40.75 -3.25 3.49
N THR B 409 39.79 -3.61 4.33
CA THR B 409 38.39 -3.64 3.93
C THR B 409 37.90 -2.21 3.70
N HIS B 410 37.07 -2.02 2.68
CA HIS B 410 36.55 -0.69 2.37
C HIS B 410 35.70 -0.15 3.52
N GLY B 411 34.99 -1.03 4.21
CA GLY B 411 34.18 -0.60 5.33
C GLY B 411 32.72 -0.97 5.18
N HIS B 412 32.44 -2.01 4.40
CA HIS B 412 31.10 -2.57 4.34
C HIS B 412 30.69 -3.00 5.74
N VAL B 413 29.48 -2.64 6.15
CA VAL B 413 29.12 -2.64 7.56
C VAL B 413 27.91 -3.54 7.79
N GLY B 414 27.47 -3.62 9.05
CA GLY B 414 26.37 -4.49 9.40
C GLY B 414 26.82 -5.93 9.40
N ALA B 415 26.00 -6.81 8.84
CA ALA B 415 26.36 -8.21 8.69
C ALA B 415 27.31 -8.44 7.52
N ASP B 416 27.94 -7.37 7.02
CA ASP B 416 28.95 -7.55 5.98
C ASP B 416 30.10 -8.39 6.47
N LEU B 417 30.49 -8.21 7.73
CA LEU B 417 31.52 -9.07 8.31
C LEU B 417 31.07 -10.52 8.35
N ALA B 418 29.80 -10.75 8.71
CA ALA B 418 29.28 -12.10 8.72
C ALA B 418 29.31 -12.70 7.33
N ALA B 419 28.94 -11.90 6.32
CA ALA B 419 28.99 -12.38 4.95
C ALA B 419 30.41 -12.72 4.54
N LEU B 420 31.37 -11.87 4.91
CA LEU B 420 32.76 -12.15 4.58
C LEU B 420 33.25 -13.43 5.24
N CYS B 421 32.87 -13.63 6.50
CA CYS B 421 33.24 -14.85 7.19
C CYS B 421 32.63 -16.07 6.53
N SER B 422 31.35 -15.97 6.14
CA SER B 422 30.69 -17.09 5.49
C SER B 422 31.35 -17.39 4.14
N GLU B 423 31.74 -16.35 3.40
CA GLU B 423 32.40 -16.56 2.12
C GLU B 423 33.76 -17.21 2.29
N ALA B 424 34.52 -16.77 3.29
CA ALA B 424 35.80 -17.41 3.58
C ALA B 424 35.59 -18.86 3.96
N ALA B 425 34.56 -19.14 4.77
CA ALA B 425 34.26 -20.51 5.14
C ALA B 425 33.88 -21.34 3.92
N LEU B 426 33.13 -20.75 3.00
CA LEU B 426 32.75 -21.46 1.78
C LEU B 426 33.97 -21.77 0.92
N GLN B 427 34.88 -20.81 0.79
CA GLN B 427 36.10 -21.05 0.04
C GLN B 427 36.95 -22.13 0.70
N ALA B 428 37.04 -22.09 2.03
CA ALA B 428 37.78 -23.12 2.75
C ALA B 428 37.14 -24.49 2.57
N ILE B 429 35.81 -24.55 2.62
CA ILE B 429 35.11 -25.81 2.40
C ILE B 429 35.34 -26.31 0.98
N ARG B 430 35.35 -25.39 0.02
CA ARG B 430 35.65 -25.77 -1.35
C ARG B 430 37.04 -26.37 -1.45
N LYS B 431 38.02 -25.73 -0.82
CA LYS B 431 39.37 -26.26 -0.82
C LYS B 431 39.44 -27.63 -0.15
N LYS B 432 38.73 -27.80 0.96
CA LYS B 432 38.82 -29.05 1.72
C LYS B 432 38.11 -30.18 1.00
N MET B 433 36.81 -30.03 0.75
CA MET B 433 36.05 -31.04 0.03
C MET B 433 36.57 -31.25 -1.39
N ASP B 434 37.32 -30.29 -1.93
CA ASP B 434 38.08 -30.55 -3.14
C ASP B 434 39.16 -31.58 -2.90
N LEU B 435 39.87 -31.49 -1.77
CA LEU B 435 40.84 -32.50 -1.39
C LEU B 435 40.19 -33.67 -0.66
N ILE B 436 38.89 -33.58 -0.38
CA ILE B 436 38.18 -34.63 0.32
C ILE B 436 37.17 -35.26 -0.64
N ASP B 437 36.48 -36.29 -0.18
CA ASP B 437 35.43 -36.91 -0.95
C ASP B 437 34.10 -36.24 -0.62
N LEU B 438 33.00 -36.84 -1.07
CA LEU B 438 31.68 -36.36 -0.71
C LEU B 438 31.48 -36.38 0.81
N GLU B 439 32.02 -37.40 1.48
CA GLU B 439 31.99 -37.51 2.94
C GLU B 439 30.57 -37.36 3.48
N ASP B 440 29.67 -38.08 2.82
CA ASP B 440 28.27 -38.07 3.24
C ASP B 440 28.11 -38.59 4.65
N GLU B 441 28.93 -39.58 5.05
CA GLU B 441 28.91 -40.09 6.41
C GLU B 441 30.29 -40.34 7.01
N THR B 442 31.37 -40.10 6.27
CA THR B 442 32.70 -40.50 6.72
C THR B 442 33.68 -39.34 6.74
N ILE B 443 33.27 -38.22 7.32
CA ILE B 443 34.14 -37.04 7.40
C ILE B 443 35.35 -37.38 8.27
N ASP B 444 36.54 -37.23 7.70
CA ASP B 444 37.77 -37.48 8.44
C ASP B 444 37.98 -36.38 9.46
N ALA B 445 37.75 -36.70 10.73
CA ALA B 445 37.79 -35.70 11.79
C ALA B 445 39.15 -35.01 11.88
N GLU B 446 40.25 -35.77 11.77
CA GLU B 446 41.57 -35.14 11.73
C GLU B 446 41.71 -34.17 10.57
N VAL B 447 41.27 -34.57 9.38
CA VAL B 447 41.13 -33.62 8.28
C VAL B 447 40.09 -32.56 8.57
N MET B 448 38.96 -32.93 9.17
CA MET B 448 37.96 -31.95 9.57
C MET B 448 38.49 -31.03 10.66
N ASN B 449 39.45 -31.49 11.45
CA ASN B 449 40.01 -30.70 12.54
C ASN B 449 40.81 -29.56 11.94
N SER B 450 40.22 -28.36 11.91
CA SER B 450 40.82 -27.17 11.32
C SER B 450 41.32 -27.47 9.90
N LEU B 451 40.36 -27.83 9.06
CA LEU B 451 40.67 -28.24 7.70
C LEU B 451 41.41 -27.16 6.93
N ALA B 452 40.98 -25.91 7.09
CA ALA B 452 41.62 -24.79 6.40
C ALA B 452 41.61 -23.57 7.32
N VAL B 453 42.79 -22.97 7.49
CA VAL B 453 42.90 -21.65 8.09
C VAL B 453 43.85 -20.84 7.22
N THR B 454 43.30 -20.05 6.30
CA THR B 454 44.11 -19.46 5.25
C THR B 454 43.76 -17.99 5.07
N MET B 455 44.81 -17.18 4.92
CA MET B 455 44.65 -15.81 4.45
C MET B 455 44.17 -15.77 3.01
N ASP B 456 44.57 -16.76 2.20
CA ASP B 456 44.11 -16.81 0.82
C ASP B 456 42.61 -16.99 0.74
N ASP B 457 42.04 -17.77 1.67
CA ASP B 457 40.59 -17.92 1.71
C ASP B 457 39.92 -16.58 1.98
N PHE B 458 40.46 -15.83 2.94
CA PHE B 458 39.90 -14.51 3.23
C PHE B 458 40.04 -13.58 2.03
N ARG B 459 41.19 -13.64 1.35
CA ARG B 459 41.40 -12.77 0.19
C ARG B 459 40.43 -13.10 -0.93
N TRP B 460 40.23 -14.39 -1.19
CA TRP B 460 39.27 -14.81 -2.22
C TRP B 460 37.86 -14.39 -1.84
N ALA B 461 37.50 -14.54 -0.56
CA ALA B 461 36.20 -14.09 -0.11
C ALA B 461 36.02 -12.60 -0.36
N LEU B 462 37.01 -11.80 0.06
CA LEU B 462 36.91 -10.36 -0.10
C LEU B 462 36.83 -9.97 -1.57
N SER B 463 37.66 -10.56 -2.41
CA SER B 463 37.55 -10.32 -3.85
C SER B 463 36.18 -10.70 -4.38
N GLN B 464 35.60 -11.76 -3.84
CA GLN B 464 34.25 -12.16 -4.17
C GLN B 464 33.22 -11.40 -3.35
N SER B 465 33.66 -10.54 -2.42
CA SER B 465 32.75 -9.80 -1.56
C SER B 465 32.57 -8.39 -2.10
N ASN B 466 31.42 -7.81 -1.79
CA ASN B 466 31.08 -6.45 -2.18
C ASN B 466 30.02 -5.90 -1.24
N PRO B 467 29.79 -4.59 -1.22
CA PRO B 467 28.76 -4.04 -0.33
C PRO B 467 27.37 -4.50 -0.77
N SER B 468 26.67 -5.13 0.17
CA SER B 468 25.36 -5.70 -0.14
C SER B 468 24.33 -4.61 -0.44
N ALA B 469 24.47 -3.45 0.21
CA ALA B 469 23.51 -2.37 -0.01
C ALA B 469 23.52 -1.88 -1.44
N LEU B 470 24.69 -1.73 -2.05
CA LEU B 470 24.80 -1.27 -3.43
C LEU B 470 24.65 -2.41 -4.42
N ARG B 471 24.45 -3.65 -3.95
CA ARG B 471 24.35 -4.79 -4.84
C ARG B 471 23.23 -4.64 -5.85
N GLU B 472 22.05 -4.17 -5.42
CA GLU B 472 20.98 -3.90 -6.36
C GLU B 472 21.39 -2.90 -7.43
N THR B 473 22.25 -1.95 -7.10
CA THR B 473 22.80 -1.01 -8.07
C THR B 473 24.09 -1.51 -8.70
N VAL B 474 24.66 -2.58 -8.20
CA VAL B 474 25.92 -3.10 -8.72
C VAL B 474 25.69 -3.69 -10.09
N VAL B 475 26.66 -3.51 -10.98
CA VAL B 475 26.63 -4.06 -12.32
C VAL B 475 27.99 -4.65 -12.64
N GLU B 476 27.99 -5.60 -13.58
CA GLU B 476 29.22 -6.26 -14.00
C GLU B 476 30.01 -5.32 -14.91
N VAL B 477 31.31 -5.19 -14.63
CA VAL B 477 32.17 -4.31 -15.42
C VAL B 477 33.41 -5.08 -15.86
N PRO B 478 33.99 -4.76 -17.01
CA PRO B 478 35.23 -5.42 -17.41
C PRO B 478 36.38 -5.03 -16.48
N GLN B 479 37.29 -5.99 -16.30
CA GLN B 479 38.44 -5.79 -15.42
C GLN B 479 39.57 -5.15 -16.22
N VAL B 480 40.11 -4.06 -15.70
CA VAL B 480 41.25 -3.39 -16.33
C VAL B 480 42.04 -2.66 -15.24
N THR B 481 43.35 -2.71 -15.34
CA THR B 481 44.23 -2.11 -14.37
C THR B 481 44.60 -0.69 -14.77
N TRP B 482 44.80 0.17 -13.76
CA TRP B 482 45.33 1.50 -14.02
C TRP B 482 46.65 1.42 -14.78
N GLU B 483 47.45 0.39 -14.52
CA GLU B 483 48.62 0.10 -15.31
C GLU B 483 48.28 -0.48 -16.68
N ASP B 484 47.18 -1.22 -16.79
CA ASP B 484 46.78 -1.81 -18.05
C ASP B 484 46.40 -0.76 -19.09
N ILE B 485 46.18 0.48 -18.68
CA ILE B 485 45.82 1.56 -19.57
C ILE B 485 47.09 2.36 -19.88
N GLY B 486 47.34 2.58 -21.18
CA GLY B 486 48.53 3.30 -21.57
C GLY B 486 48.27 4.77 -21.81
N GLY B 487 49.26 5.59 -21.44
CA GLY B 487 49.16 7.03 -21.63
C GLY B 487 48.57 7.74 -20.44
N LEU B 488 48.69 9.08 -20.43
CA LEU B 488 48.15 9.92 -19.36
C LEU B 488 48.67 9.47 -17.99
N GLU B 489 49.94 9.10 -17.98
CA GLU B 489 50.55 8.58 -16.75
C GLU B 489 50.49 9.62 -15.64
N ASP B 490 50.75 10.89 -15.96
CA ASP B 490 50.63 11.93 -14.95
C ASP B 490 49.19 12.04 -14.45
N VAL B 491 48.22 12.00 -15.36
CA VAL B 491 46.83 12.10 -14.95
C VAL B 491 46.43 10.90 -14.11
N LYS B 492 46.82 9.70 -14.54
CA LYS B 492 46.48 8.51 -13.78
C LYS B 492 47.10 8.55 -12.39
N ARG B 493 48.36 8.98 -12.30
CA ARG B 493 49.01 9.10 -11.01
C ARG B 493 48.31 10.12 -10.13
N GLU B 494 47.91 11.25 -10.71
CA GLU B 494 47.19 12.26 -9.94
C GLU B 494 45.87 11.71 -9.40
N LEU B 495 45.14 10.99 -10.24
CA LEU B 495 43.87 10.41 -9.79
C LEU B 495 44.10 9.39 -8.69
N GLN B 496 45.11 8.54 -8.85
CA GLN B 496 45.39 7.53 -7.84
C GLN B 496 45.79 8.16 -6.53
N GLU B 497 46.62 9.22 -6.59
CA GLU B 497 47.00 9.92 -5.37
C GLU B 497 45.79 10.57 -4.71
N LEU B 498 44.91 11.18 -5.51
CA LEU B 498 43.70 11.77 -4.96
C LEU B 498 42.87 10.72 -4.24
N VAL B 499 42.74 9.54 -4.83
CA VAL B 499 42.00 8.48 -4.16
C VAL B 499 42.69 8.05 -2.88
N GLN B 500 44.00 7.80 -2.93
CA GLN B 500 44.70 7.20 -1.80
C GLN B 500 44.85 8.17 -0.64
N TYR B 501 45.43 9.34 -0.87
CA TYR B 501 45.73 10.31 0.18
C TYR B 501 44.45 10.64 0.95
N PRO B 502 43.32 10.75 0.27
CA PRO B 502 42.07 11.02 0.98
C PRO B 502 41.73 9.93 1.99
N VAL B 503 42.24 8.74 1.74
CA VAL B 503 41.99 7.62 2.63
C VAL B 503 43.27 7.26 3.38
N GLU B 504 44.35 7.04 2.62
CA GLU B 504 45.60 6.57 3.20
C GLU B 504 46.15 7.54 4.24
N HIS B 505 46.14 8.83 3.92
CA HIS B 505 46.66 9.79 4.87
C HIS B 505 45.56 10.71 5.35
N PRO B 506 44.49 10.18 5.95
CA PRO B 506 43.48 11.06 6.55
C PRO B 506 44.06 11.87 7.68
N ASP B 507 45.00 11.26 8.42
CA ASP B 507 45.68 11.97 9.50
C ASP B 507 46.50 13.13 8.97
N LYS B 508 47.18 12.93 7.83
CA LYS B 508 47.95 14.01 7.24
C LYS B 508 47.04 15.16 6.83
N PHE B 509 45.88 14.85 6.26
CA PHE B 509 44.92 15.90 5.93
C PHE B 509 44.44 16.62 7.17
N LEU B 510 44.17 15.89 8.25
CA LEU B 510 43.76 16.52 9.50
C LEU B 510 44.84 17.46 10.01
N LYS B 511 46.10 17.03 9.96
CA LYS B 511 47.21 17.87 10.37
C LYS B 511 47.33 19.12 9.51
N PHE B 512 47.27 18.95 8.19
CA PHE B 512 47.24 20.12 7.31
C PHE B 512 45.98 20.92 7.52
N GLY B 513 44.86 20.25 7.73
CA GLY B 513 43.59 20.93 7.92
C GLY B 513 42.99 21.42 6.62
N MET B 514 42.75 20.50 5.69
CA MET B 514 42.17 20.84 4.40
C MET B 514 41.30 19.68 3.93
N THR B 515 40.37 19.98 3.02
CA THR B 515 39.46 18.98 2.50
C THR B 515 39.88 18.59 1.08
N PRO B 516 39.46 17.42 0.60
CA PRO B 516 39.86 17.00 -0.76
C PRO B 516 38.90 17.46 -1.84
N SER B 517 39.25 17.20 -3.09
CA SER B 517 38.44 17.61 -4.23
C SER B 517 37.48 16.50 -4.62
N LYS B 518 36.33 16.89 -5.18
CA LYS B 518 35.29 15.93 -5.54
C LYS B 518 34.99 15.91 -7.04
N GLY B 519 34.73 17.09 -7.61
CA GLY B 519 34.25 17.16 -8.98
C GLY B 519 35.31 17.10 -10.06
N VAL B 520 35.85 15.91 -10.30
CA VAL B 520 36.87 15.73 -11.32
C VAL B 520 36.17 15.43 -12.64
N LEU B 521 36.43 16.25 -13.65
CA LEU B 521 35.82 16.07 -14.96
C LEU B 521 36.86 15.69 -16.01
N PHE B 522 36.39 15.44 -17.22
CA PHE B 522 37.26 15.04 -18.32
C PHE B 522 36.72 15.68 -19.60
N TYR B 523 37.56 16.46 -20.27
CA TYR B 523 37.19 17.14 -21.50
C TYR B 523 37.96 16.55 -22.68
N GLY B 524 37.23 16.16 -23.72
CA GLY B 524 37.83 15.62 -24.92
C GLY B 524 36.92 14.64 -25.61
N PRO B 525 37.42 13.96 -26.62
CA PRO B 525 36.62 12.93 -27.30
C PRO B 525 36.47 11.71 -26.42
N PRO B 526 35.29 11.51 -25.83
CA PRO B 526 35.11 10.39 -24.90
C PRO B 526 35.05 9.06 -25.62
N GLY B 527 35.22 8.00 -24.84
CA GLY B 527 35.19 6.65 -25.38
C GLY B 527 36.41 6.25 -26.15
N CYS B 528 37.35 7.17 -26.38
CA CYS B 528 38.63 6.81 -26.98
C CYS B 528 39.49 6.01 -26.01
N GLY B 529 38.92 5.62 -24.89
CA GLY B 529 39.64 5.08 -23.76
C GLY B 529 39.22 5.85 -22.53
N LYS B 530 38.43 6.90 -22.75
CA LYS B 530 37.94 7.73 -21.65
C LYS B 530 37.04 6.94 -20.71
N THR B 531 35.92 6.44 -21.21
CA THR B 531 35.13 5.50 -20.42
C THR B 531 35.96 4.30 -20.01
N LEU B 532 36.86 3.87 -20.90
CA LEU B 532 37.77 2.79 -20.55
C LEU B 532 38.67 3.19 -19.39
N LEU B 533 39.15 4.43 -19.39
CA LEU B 533 39.96 4.91 -18.28
C LEU B 533 39.17 4.88 -16.98
N ALA B 534 37.92 5.34 -17.03
CA ALA B 534 37.08 5.31 -15.83
C ALA B 534 36.90 3.88 -15.34
N LYS B 535 36.65 2.95 -16.25
CA LYS B 535 36.46 1.56 -15.84
C LYS B 535 37.72 0.97 -15.23
N ALA B 536 38.88 1.26 -15.84
CA ALA B 536 40.13 0.76 -15.30
C ALA B 536 40.40 1.33 -13.93
N ILE B 537 40.09 2.62 -13.72
CA ILE B 537 40.27 3.21 -12.40
C ILE B 537 39.36 2.53 -11.40
N ALA B 538 38.09 2.32 -11.75
CA ALA B 538 37.16 1.68 -10.83
C ALA B 538 37.60 0.27 -10.48
N ASN B 539 38.08 -0.49 -11.46
CA ASN B 539 38.63 -1.81 -11.18
C ASN B 539 39.85 -1.73 -10.29
N GLU B 540 40.72 -0.76 -10.53
CA GLU B 540 41.90 -0.54 -9.71
C GLU B 540 41.58 0.26 -8.46
N CYS B 541 40.31 0.56 -8.22
CA CYS B 541 39.90 1.37 -7.08
C CYS B 541 39.69 0.47 -5.86
N GLN B 542 40.32 0.84 -4.75
CA GLN B 542 40.15 0.12 -3.50
C GLN B 542 38.81 0.40 -2.86
N ALA B 543 38.19 1.53 -3.15
CA ALA B 543 36.89 1.87 -2.58
C ALA B 543 35.77 1.53 -3.56
N ASN B 544 34.53 1.76 -3.13
CA ASN B 544 33.38 1.49 -3.97
C ASN B 544 33.30 2.52 -5.09
N PHE B 545 32.52 2.18 -6.12
CA PHE B 545 32.34 3.05 -7.27
C PHE B 545 30.91 2.89 -7.78
N ILE B 546 30.21 4.00 -7.92
CA ILE B 546 28.84 4.02 -8.41
C ILE B 546 28.87 4.69 -9.77
N SER B 547 28.52 3.93 -10.81
CA SER B 547 28.51 4.43 -12.17
C SER B 547 27.10 4.91 -12.51
N ILE B 548 27.01 6.10 -13.08
CA ILE B 548 25.74 6.72 -13.42
C ILE B 548 25.66 6.86 -14.93
N LYS B 549 24.60 6.28 -15.53
CA LYS B 549 24.33 6.46 -16.93
C LYS B 549 23.53 7.75 -17.14
N GLY B 550 23.67 8.35 -18.31
CA GLY B 550 23.04 9.62 -18.59
C GLY B 550 21.53 9.54 -18.59
N PRO B 551 20.99 8.51 -19.22
CA PRO B 551 19.53 8.36 -19.25
C PRO B 551 19.01 7.49 -18.11
N GLU B 552 19.89 7.18 -17.16
CA GLU B 552 19.57 6.23 -16.10
C GLU B 552 18.49 6.73 -15.15
N LEU B 553 18.54 7.98 -14.72
CA LEU B 553 17.69 8.43 -13.62
C LEU B 553 16.39 9.07 -14.08
N LEU B 554 16.13 9.13 -15.39
CA LEU B 554 14.91 9.73 -15.90
C LEU B 554 13.70 8.93 -15.45
N THR B 555 12.58 9.64 -15.27
CA THR B 555 11.34 9.01 -14.85
C THR B 555 10.17 9.85 -15.36
N MET B 556 9.02 9.19 -15.49
CA MET B 556 7.82 9.86 -16.00
C MET B 556 6.85 10.28 -14.90
N TRP B 557 6.87 9.61 -13.75
CA TRP B 557 5.95 9.97 -12.69
C TRP B 557 6.35 11.31 -12.08
N PHE B 558 5.40 11.92 -11.38
CA PHE B 558 5.58 13.26 -10.83
C PHE B 558 6.70 13.26 -9.79
N GLY B 559 7.82 13.90 -10.14
CA GLY B 559 8.93 14.01 -9.22
C GLY B 559 9.70 12.73 -9.02
N GLU B 560 9.37 11.67 -9.74
CA GLU B 560 10.01 10.37 -9.52
C GLU B 560 11.50 10.41 -9.80
N SER B 561 11.90 11.07 -10.89
CA SER B 561 13.32 11.13 -11.23
C SER B 561 14.11 11.86 -10.15
N GLU B 562 13.58 12.98 -9.66
CA GLU B 562 14.27 13.72 -8.61
C GLU B 562 14.37 12.89 -7.34
N ALA B 563 13.31 12.16 -6.99
CA ALA B 563 13.37 11.28 -5.83
C ALA B 563 14.42 10.20 -6.02
N ASN B 564 14.52 9.66 -7.23
CA ASN B 564 15.53 8.65 -7.51
C ASN B 564 16.93 9.22 -7.35
N VAL B 565 17.14 10.44 -7.84
CA VAL B 565 18.44 11.08 -7.69
C VAL B 565 18.77 11.29 -6.22
N ARG B 566 17.78 11.76 -5.45
CA ARG B 566 17.99 11.97 -4.03
C ARG B 566 18.33 10.66 -3.32
N GLU B 567 17.61 9.58 -3.66
CA GLU B 567 17.88 8.29 -3.06
C GLU B 567 19.28 7.79 -3.41
N ILE B 568 19.69 7.97 -4.66
CA ILE B 568 21.02 7.55 -5.06
C ILE B 568 22.08 8.32 -4.29
N PHE B 569 21.90 9.64 -4.17
CA PHE B 569 22.86 10.44 -3.42
C PHE B 569 22.90 10.01 -1.97
N ASP B 570 21.74 9.77 -1.36
CA ASP B 570 21.70 9.35 0.04
C ASP B 570 22.39 8.02 0.23
N LYS B 571 22.13 7.06 -0.66
CA LYS B 571 22.80 5.77 -0.56
C LYS B 571 24.30 5.92 -0.70
N ALA B 572 24.75 6.71 -1.68
CA ALA B 572 26.19 6.93 -1.84
C ALA B 572 26.81 7.54 -0.60
N ARG B 573 26.13 8.52 0.00
CA ARG B 573 26.61 9.08 1.26
C ARG B 573 26.69 8.01 2.34
N GLN B 574 25.67 7.17 2.44
CA GLN B 574 25.73 6.04 3.36
C GLN B 574 26.80 5.04 2.95
N ALA B 575 27.06 4.91 1.65
CA ALA B 575 28.00 3.91 1.15
C ALA B 575 29.40 4.51 1.05
N ALA B 576 29.84 5.09 2.15
CA ALA B 576 31.21 5.59 2.20
C ALA B 576 32.16 4.43 2.48
N PRO B 577 33.27 4.31 1.75
CA PRO B 577 33.66 5.16 0.62
C PRO B 577 33.01 4.73 -0.67
N CYS B 578 32.82 5.64 -1.63
CA CYS B 578 32.25 5.30 -2.92
C CYS B 578 32.76 6.30 -3.96
N VAL B 579 32.57 5.95 -5.23
CA VAL B 579 32.98 6.82 -6.33
C VAL B 579 31.79 7.10 -7.22
N LEU B 580 31.44 8.38 -7.36
CA LEU B 580 30.31 8.79 -8.19
C LEU B 580 30.78 8.87 -9.64
N PHE B 581 30.73 7.75 -10.34
CA PHE B 581 31.13 7.70 -11.74
C PHE B 581 29.96 8.19 -12.58
N PHE B 582 29.73 9.49 -12.55
CA PHE B 582 28.63 10.10 -13.30
C PHE B 582 29.02 10.12 -14.76
N ASP B 583 28.97 8.94 -15.38
CA ASP B 583 29.35 8.80 -16.78
C ASP B 583 28.30 9.49 -17.65
N GLU B 584 28.74 9.94 -18.83
CA GLU B 584 27.87 10.61 -19.80
C GLU B 584 27.15 11.79 -19.16
N LEU B 585 27.89 12.48 -18.30
CA LEU B 585 27.39 13.65 -17.60
C LEU B 585 27.08 14.80 -18.53
N ASP B 586 27.58 14.76 -19.77
CA ASP B 586 27.30 15.82 -20.73
C ASP B 586 25.81 15.93 -21.00
N SER B 587 25.12 14.80 -21.17
CA SER B 587 23.70 14.81 -21.45
C SER B 587 22.87 15.22 -20.25
N ILE B 588 23.40 15.09 -19.04
CA ILE B 588 22.66 15.44 -17.83
C ILE B 588 23.00 16.85 -17.34
N ALA B 589 24.09 17.45 -17.82
CA ALA B 589 24.58 18.72 -17.29
C ALA B 589 24.25 19.90 -18.18
N LYS B 590 23.23 19.80 -19.01
CA LYS B 590 22.84 20.92 -19.86
C LYS B 590 22.36 22.09 -18.99
N ALA B 591 22.78 23.29 -19.39
CA ALA B 591 22.35 24.49 -18.68
C ALA B 591 20.85 24.69 -18.84
N ARG B 592 20.25 25.35 -17.84
CA ARG B 592 18.81 25.57 -17.81
C ARG B 592 18.46 26.62 -18.88
N GLY B 593 18.08 26.12 -20.04
CA GLY B 593 17.73 26.99 -21.15
C GLY B 593 18.74 27.02 -22.27
N GLY B 594 19.37 25.87 -22.55
CA GLY B 594 20.35 25.81 -23.63
C GLY B 594 19.75 25.80 -25.01
N ASN B 595 18.43 25.69 -25.11
CA ASN B 595 17.72 25.74 -26.37
C ASN B 595 16.77 26.93 -26.34
N ILE B 596 15.92 27.09 -27.36
CA ILE B 596 15.03 28.24 -27.43
C ILE B 596 14.07 28.32 -26.24
N GLY B 597 13.90 27.23 -25.50
CA GLY B 597 13.09 27.25 -24.30
C GLY B 597 13.16 25.92 -23.60
N ASP B 598 12.84 25.94 -22.32
CA ASP B 598 12.83 24.72 -21.54
C ASP B 598 11.47 24.04 -21.64
N GLY B 599 11.46 22.74 -21.40
CA GLY B 599 10.23 21.98 -21.46
C GLY B 599 10.12 20.96 -20.35
N GLY B 600 9.05 21.05 -19.56
CA GLY B 600 8.83 20.12 -18.47
C GLY B 600 9.32 20.65 -17.14
N GLY B 601 10.47 21.32 -17.16
CA GLY B 601 11.05 21.91 -15.97
C GLY B 601 11.66 20.93 -14.99
N ALA B 602 11.33 19.64 -15.09
CA ALA B 602 11.89 18.65 -14.18
C ALA B 602 13.39 18.54 -14.32
N ALA B 603 13.94 18.89 -15.48
CA ALA B 603 15.40 18.90 -15.64
C ALA B 603 16.03 19.92 -14.71
N ASP B 604 15.43 21.10 -14.60
CA ASP B 604 15.91 22.10 -13.65
C ASP B 604 15.80 21.59 -12.22
N ARG B 605 14.70 20.88 -11.92
CA ARG B 605 14.56 20.29 -10.59
C ARG B 605 15.66 19.28 -10.32
N VAL B 606 16.00 18.48 -11.31
CA VAL B 606 17.07 17.50 -11.16
C VAL B 606 18.40 18.20 -10.93
N ILE B 607 18.66 19.26 -11.69
CA ILE B 607 19.90 20.01 -11.50
C ILE B 607 19.95 20.59 -10.09
N ASN B 608 18.82 21.13 -9.61
CA ASN B 608 18.78 21.68 -8.27
C ASN B 608 19.02 20.60 -7.22
N GLN B 609 18.42 19.43 -7.40
CA GLN B 609 18.64 18.33 -6.47
C GLN B 609 20.10 17.90 -6.47
N ILE B 610 20.70 17.85 -7.66
CA ILE B 610 22.12 17.51 -7.75
C ILE B 610 22.97 18.52 -7.02
N LEU B 611 22.68 19.81 -7.19
CA LEU B 611 23.38 20.84 -6.44
C LEU B 611 23.19 20.66 -4.94
N THR B 612 21.97 20.35 -4.52
CA THR B 612 21.71 20.02 -3.12
C THR B 612 22.58 18.86 -2.67
N GLU B 613 22.86 17.90 -3.56
CA GLU B 613 23.90 16.92 -3.30
C GLU B 613 25.28 17.52 -3.46
N MET B 614 25.49 18.32 -4.51
CA MET B 614 26.78 18.95 -4.74
C MET B 614 27.13 20.02 -3.71
N ASP B 615 26.14 20.54 -3.00
CA ASP B 615 26.31 21.55 -1.97
C ASP B 615 25.64 21.06 -0.68
N GLY B 616 25.54 21.94 0.30
CA GLY B 616 24.88 21.62 1.55
C GLY B 616 25.86 21.04 2.57
N MET B 617 25.61 21.39 3.83
CA MET B 617 26.49 21.05 4.93
C MET B 617 26.21 19.62 5.35
N SER B 618 27.13 18.72 5.04
CA SER B 618 26.98 17.31 5.36
C SER B 618 28.36 16.67 5.47
N THR B 619 28.40 15.34 5.54
CA THR B 619 29.66 14.64 5.69
C THR B 619 30.48 14.69 4.40
N LYS B 620 29.91 14.13 3.32
CA LYS B 620 30.62 13.97 2.05
C LYS B 620 31.96 13.27 2.28
N LYS B 621 31.88 12.15 3.02
CA LYS B 621 33.08 11.45 3.44
C LYS B 621 33.93 11.00 2.27
N ASN B 622 33.33 10.32 1.29
CA ASN B 622 34.06 9.97 0.08
C ASN B 622 33.14 10.30 -1.10
N VAL B 623 33.21 11.55 -1.54
CA VAL B 623 32.47 11.99 -2.70
C VAL B 623 33.42 12.05 -3.89
N PHE B 624 33.51 10.94 -4.63
CA PHE B 624 34.39 10.88 -5.79
C PHE B 624 33.52 11.02 -7.04
N ILE B 625 33.24 12.26 -7.43
CA ILE B 625 32.41 12.53 -8.59
C ILE B 625 33.29 12.48 -9.83
N ILE B 626 32.92 11.62 -10.78
CA ILE B 626 33.68 11.46 -12.01
C ILE B 626 32.92 12.15 -13.14
N GLY B 627 33.56 13.14 -13.76
CA GLY B 627 32.95 13.93 -14.80
C GLY B 627 33.42 13.49 -16.19
N ALA B 628 32.46 13.11 -17.02
CA ALA B 628 32.72 12.67 -18.39
C ALA B 628 31.82 13.45 -19.33
N THR B 629 32.43 14.24 -20.21
CA THR B 629 31.68 15.05 -21.16
C THR B 629 32.54 15.30 -22.39
N ASN B 630 32.04 14.87 -23.55
CA ASN B 630 32.74 15.15 -24.80
C ASN B 630 32.54 16.59 -25.26
N ARG B 631 31.42 17.23 -24.87
CA ARG B 631 31.13 18.59 -25.25
C ARG B 631 31.08 19.45 -24.00
N PRO B 632 32.15 20.17 -23.68
CA PRO B 632 32.13 21.06 -22.52
C PRO B 632 31.11 22.17 -22.61
N ASP B 633 30.71 22.57 -23.82
CA ASP B 633 29.72 23.61 -23.99
C ASP B 633 28.34 23.19 -23.50
N ILE B 634 28.13 21.92 -23.23
CA ILE B 634 26.82 21.43 -22.82
C ILE B 634 26.78 21.34 -21.31
N ILE B 635 27.69 22.03 -20.65
CA ILE B 635 27.85 21.97 -19.21
C ILE B 635 27.16 23.17 -18.58
N ASP B 636 26.27 22.91 -17.63
CA ASP B 636 25.72 23.98 -16.82
C ASP B 636 26.79 24.51 -15.87
N PRO B 637 27.07 25.82 -15.91
CA PRO B 637 28.18 26.36 -15.12
C PRO B 637 28.00 26.18 -13.62
N ALA B 638 26.77 26.09 -13.13
CA ALA B 638 26.51 26.04 -11.69
C ALA B 638 27.16 24.86 -11.01
N ILE B 639 27.06 23.66 -11.59
CA ILE B 639 27.72 22.49 -11.01
C ILE B 639 29.15 22.48 -11.51
N LEU B 640 29.36 23.04 -12.70
CA LEU B 640 30.69 23.22 -13.25
C LEU B 640 31.53 24.19 -12.43
N ARG B 641 30.91 24.98 -11.56
CA ARG B 641 31.61 25.95 -10.75
C ARG B 641 32.50 25.25 -9.74
N PRO B 642 33.51 25.93 -9.21
CA PRO B 642 34.39 25.31 -8.23
C PRO B 642 33.61 24.92 -6.98
N GLY B 643 34.20 24.00 -6.22
CA GLY B 643 33.48 23.39 -5.11
C GLY B 643 32.50 22.38 -5.64
N ARG B 644 31.50 22.85 -6.38
CA ARG B 644 30.63 21.96 -7.13
C ARG B 644 31.38 21.19 -8.20
N LEU B 645 32.53 21.70 -8.66
CA LEU B 645 33.40 20.98 -9.57
C LEU B 645 34.84 21.20 -9.13
N ASP B 646 35.63 20.11 -9.16
CA ASP B 646 37.02 20.19 -8.76
C ASP B 646 37.92 20.56 -9.94
N GLN B 647 37.90 19.74 -10.99
CA GLN B 647 38.76 19.94 -12.14
C GLN B 647 38.21 19.19 -13.34
N LEU B 648 38.70 19.55 -14.52
CA LEU B 648 38.33 18.90 -15.78
C LEU B 648 39.58 18.44 -16.49
N ILE B 649 39.58 17.19 -16.95
CA ILE B 649 40.72 16.63 -17.64
C ILE B 649 40.57 16.92 -19.13
N TYR B 650 41.32 17.90 -19.63
CA TYR B 650 41.29 18.21 -21.05
C TYR B 650 42.04 17.12 -21.77
N ILE B 651 41.33 16.04 -22.08
CA ILE B 651 41.94 14.85 -22.67
C ILE B 651 42.27 15.13 -24.13
N PRO B 652 43.54 15.34 -24.47
CA PRO B 652 43.88 15.55 -25.88
C PRO B 652 44.13 14.25 -26.60
N LEU B 653 44.44 14.32 -27.89
CA LEU B 653 44.79 13.15 -28.66
C LEU B 653 46.19 12.68 -28.27
N PRO B 654 46.54 11.45 -28.58
CA PRO B 654 47.84 10.93 -28.15
C PRO B 654 48.99 11.44 -29.00
N ASP B 655 50.08 11.82 -28.35
CA ASP B 655 51.30 12.17 -29.05
C ASP B 655 51.92 10.90 -29.61
N GLU B 656 52.91 11.05 -30.49
CA GLU B 656 53.59 9.87 -31.02
C GLU B 656 54.14 9.00 -29.90
N LYS B 657 54.66 9.61 -28.83
CA LYS B 657 55.03 8.86 -27.65
C LYS B 657 53.80 8.21 -27.01
N SER B 658 52.75 9.00 -26.81
CA SER B 658 51.51 8.43 -26.29
C SER B 658 50.93 7.42 -27.27
N ARG B 659 51.11 7.66 -28.57
CA ARG B 659 50.66 6.68 -29.56
C ARG B 659 51.37 5.35 -29.37
N VAL B 660 52.69 5.38 -29.19
CA VAL B 660 53.43 4.14 -28.98
C VAL B 660 53.02 3.50 -27.68
N ALA B 661 52.74 4.31 -26.65
CA ALA B 661 52.28 3.77 -25.38
C ALA B 661 50.97 3.01 -25.54
N ILE B 662 50.01 3.62 -26.23
CA ILE B 662 48.72 2.96 -26.44
C ILE B 662 48.91 1.72 -27.30
N LEU B 663 49.81 1.79 -28.29
CA LEU B 663 50.06 0.63 -29.13
C LEU B 663 50.62 -0.52 -28.33
N LYS B 664 51.59 -0.25 -27.46
CA LYS B 664 52.14 -1.29 -26.60
C LYS B 664 51.07 -1.85 -25.67
N ALA B 665 50.24 -0.97 -25.10
CA ALA B 665 49.17 -1.44 -24.23
C ALA B 665 48.22 -2.37 -24.97
N ASN B 666 47.85 -2.03 -26.20
CA ASN B 666 47.03 -2.90 -27.01
C ASN B 666 47.72 -4.21 -27.32
N LEU B 667 49.02 -4.16 -27.63
CA LEU B 667 49.78 -5.35 -27.97
C LEU B 667 50.08 -6.23 -26.76
N ARG B 668 49.55 -5.89 -25.60
CA ARG B 668 49.83 -6.66 -24.39
C ARG B 668 49.38 -8.11 -24.56
N LYS B 669 48.17 -8.32 -25.07
CA LYS B 669 47.66 -9.65 -25.30
C LYS B 669 47.92 -10.15 -26.72
N SER B 670 48.49 -9.34 -27.58
CA SER B 670 48.69 -9.67 -28.97
C SER B 670 50.02 -10.37 -29.16
N PRO B 671 50.13 -11.24 -30.17
CA PRO B 671 51.43 -11.82 -30.51
C PRO B 671 52.20 -10.86 -31.41
N VAL B 672 53.36 -10.42 -30.94
CA VAL B 672 54.10 -9.36 -31.59
C VAL B 672 54.99 -9.93 -32.69
N ALA B 673 55.08 -9.20 -33.80
CA ALA B 673 55.97 -9.56 -34.89
C ALA B 673 57.15 -8.59 -34.91
N LYS B 674 58.36 -9.14 -35.02
CA LYS B 674 59.55 -8.31 -35.06
C LYS B 674 59.64 -7.45 -36.32
N ASP B 675 58.89 -7.79 -37.36
CA ASP B 675 58.92 -7.04 -38.61
C ASP B 675 58.02 -5.82 -38.59
N VAL B 676 57.27 -5.61 -37.52
CA VAL B 676 56.35 -4.48 -37.44
C VAL B 676 57.10 -3.28 -36.87
N ASP B 677 57.10 -2.18 -37.61
CA ASP B 677 57.76 -0.95 -37.17
C ASP B 677 56.74 -0.10 -36.40
N LEU B 678 56.58 -0.40 -35.11
CA LEU B 678 55.61 0.32 -34.29
C LEU B 678 55.96 1.81 -34.20
N GLU B 679 57.25 2.12 -34.09
CA GLU B 679 57.66 3.52 -34.05
C GLU B 679 57.32 4.24 -35.35
N PHE B 680 57.56 3.57 -36.49
CA PHE B 680 57.24 4.19 -37.77
C PHE B 680 55.75 4.46 -37.88
N LEU B 681 54.91 3.51 -37.46
CA LEU B 681 53.48 3.74 -37.46
C LEU B 681 53.09 4.88 -36.52
N ALA B 682 53.64 4.90 -35.31
CA ALA B 682 53.28 5.93 -34.35
C ALA B 682 53.64 7.32 -34.87
N LYS B 683 54.82 7.45 -35.48
CA LYS B 683 55.15 8.70 -36.15
C LYS B 683 54.18 9.00 -37.28
N MET B 684 53.85 8.00 -38.09
CA MET B 684 52.85 8.16 -39.13
C MET B 684 51.47 8.42 -38.54
N THR B 685 51.11 7.70 -37.48
CA THR B 685 49.79 7.88 -36.87
C THR B 685 49.85 8.95 -35.80
N ASN B 686 50.43 10.10 -36.13
CA ASN B 686 50.42 11.22 -35.20
C ASN B 686 49.03 11.76 -34.96
N GLY B 687 48.24 11.91 -36.02
CA GLY B 687 46.89 12.42 -35.93
C GLY B 687 45.82 11.41 -35.60
N PHE B 688 46.20 10.15 -35.42
CA PHE B 688 45.24 9.08 -35.15
C PHE B 688 44.76 9.19 -33.70
N SER B 689 43.96 8.21 -33.27
CA SER B 689 43.40 8.21 -31.93
C SER B 689 43.50 6.83 -31.29
N GLY B 690 43.32 6.76 -29.97
CA GLY B 690 43.35 5.48 -29.29
C GLY B 690 42.26 4.55 -29.78
N ALA B 691 41.07 5.07 -30.02
CA ALA B 691 40.05 4.28 -30.70
C ALA B 691 40.51 3.90 -32.09
N ASP B 692 41.16 4.83 -32.80
CA ASP B 692 41.69 4.51 -34.12
C ASP B 692 42.76 3.43 -34.05
N LEU B 693 43.64 3.50 -33.05
CA LEU B 693 44.66 2.47 -32.90
C LEU B 693 44.03 1.12 -32.61
N THR B 694 43.02 1.10 -31.73
CA THR B 694 42.33 -0.15 -31.44
C THR B 694 41.64 -0.69 -32.70
N GLU B 695 41.08 0.20 -33.50
CA GLU B 695 40.44 -0.21 -34.74
C GLU B 695 41.46 -0.81 -35.70
N ILE B 696 42.64 -0.20 -35.81
CA ILE B 696 43.67 -0.73 -36.68
C ILE B 696 44.09 -2.12 -36.20
N CYS B 697 44.26 -2.28 -34.88
CA CYS B 697 44.61 -3.59 -34.35
C CYS B 697 43.52 -4.61 -34.66
N GLN B 698 42.27 -4.23 -34.47
CA GLN B 698 41.17 -5.15 -34.76
C GLN B 698 41.13 -5.52 -36.23
N ARG B 699 41.40 -4.56 -37.11
CA ARG B 699 41.40 -4.84 -38.55
C ARG B 699 42.51 -5.80 -38.92
N ALA B 700 43.71 -5.58 -38.38
CA ALA B 700 44.81 -6.50 -38.64
C ALA B 700 44.48 -7.89 -38.11
N CYS B 701 43.87 -7.96 -36.92
CA CYS B 701 43.48 -9.24 -36.36
C CYS B 701 42.44 -9.94 -37.23
N LYS B 702 41.48 -9.17 -37.75
CA LYS B 702 40.47 -9.74 -38.62
C LYS B 702 41.08 -10.27 -39.91
N LEU B 703 42.02 -9.51 -40.48
CA LEU B 703 42.71 -9.99 -41.68
C LEU B 703 43.45 -11.29 -41.40
N ALA B 704 44.16 -11.35 -40.27
CA ALA B 704 44.89 -12.56 -39.92
C ALA B 704 43.93 -13.72 -39.70
N ILE B 705 42.79 -13.47 -39.04
CA ILE B 705 41.83 -14.53 -38.76
C ILE B 705 41.24 -15.04 -40.06
N ARG B 706 40.92 -14.14 -40.99
CA ARG B 706 40.41 -14.55 -42.29
C ARG B 706 41.43 -15.39 -43.02
N GLU B 707 42.70 -14.97 -42.99
CA GLU B 707 43.75 -15.75 -43.63
C GLU B 707 43.86 -17.14 -43.02
N SER B 708 43.79 -17.21 -41.69
CA SER B 708 43.88 -18.51 -41.02
C SER B 708 42.70 -19.39 -41.38
N ILE B 709 41.50 -18.82 -41.43
CA ILE B 709 40.32 -19.59 -41.79
C ILE B 709 40.45 -20.11 -43.22
N GLU B 710 40.92 -19.27 -44.13
CA GLU B 710 41.12 -19.71 -45.51
C GLU B 710 42.15 -20.82 -45.59
N SER B 711 43.24 -20.69 -44.85
CA SER B 711 44.26 -21.73 -44.84
C SER B 711 43.70 -23.04 -44.30
N GLU B 712 42.91 -22.96 -43.23
CA GLU B 712 42.29 -24.15 -42.68
C GLU B 712 41.34 -24.80 -43.68
N ILE B 713 40.57 -23.97 -44.39
CA ILE B 713 39.65 -24.51 -45.40
C ILE B 713 40.41 -25.20 -46.51
N ARG B 714 41.50 -24.58 -46.98
CA ARG B 714 42.30 -25.20 -48.03
C ARG B 714 42.92 -26.50 -47.55
N ARG B 715 43.43 -26.52 -46.33
CA ARG B 715 44.04 -27.72 -45.78
C ARG B 715 43.00 -28.83 -45.64
N GLU B 716 41.80 -28.50 -45.18
CA GLU B 716 40.74 -29.49 -45.09
C GLU B 716 40.35 -30.01 -46.47
N ARG B 717 40.23 -29.11 -47.46
CA ARG B 717 39.88 -29.54 -48.81
C ARG B 717 40.92 -30.48 -49.38
N GLU B 718 42.20 -30.17 -49.20
CA GLU B 718 43.25 -31.09 -49.59
C GLU B 718 43.15 -32.41 -48.84
N ARG B 719 42.91 -32.34 -47.52
CA ARG B 719 42.66 -33.52 -46.71
C ARG B 719 41.34 -34.19 -47.05
N GLN B 720 40.34 -33.42 -47.50
CA GLN B 720 39.11 -34.02 -47.97
C GLN B 720 39.35 -34.88 -49.21
N THR B 721 40.22 -34.42 -50.11
CA THR B 721 40.48 -35.14 -51.35
C THR B 721 41.62 -36.15 -51.23
N ASN B 722 42.55 -35.94 -50.32
CA ASN B 722 43.68 -36.86 -50.19
C ASN B 722 44.04 -37.06 -48.73
N PRO B 723 44.72 -38.15 -48.39
CA PRO B 723 45.16 -38.33 -46.99
C PRO B 723 46.28 -37.36 -46.65
N SER B 724 46.01 -36.43 -45.75
CA SER B 724 46.96 -35.38 -45.40
C SER B 724 47.09 -35.28 -43.89
N ALA B 725 48.28 -34.86 -43.44
CA ALA B 725 48.54 -34.65 -42.03
C ALA B 725 47.75 -33.46 -41.50
N MET B 726 47.33 -33.56 -40.25
CA MET B 726 46.53 -32.52 -39.61
C MET B 726 47.27 -31.77 -38.52
N GLU B 727 48.19 -32.42 -37.80
CA GLU B 727 48.92 -31.80 -36.71
C GLU B 727 50.13 -31.08 -37.31
N VAL B 728 49.90 -29.86 -37.77
CA VAL B 728 50.95 -29.04 -38.38
C VAL B 728 50.86 -27.62 -37.83
N GLU B 729 51.96 -26.86 -37.97
CA GLU B 729 52.02 -25.50 -37.51
C GLU B 729 51.41 -24.51 -38.49
N GLU B 730 50.97 -25.00 -39.65
CA GLU B 730 50.31 -24.16 -40.64
C GLU B 730 49.02 -23.54 -40.12
N ASP B 731 48.46 -24.09 -39.04
CA ASP B 731 47.29 -23.49 -38.42
C ASP B 731 47.51 -22.04 -38.07
N ASP B 732 48.67 -21.72 -37.51
CA ASP B 732 49.08 -20.34 -37.30
C ASP B 732 50.25 -20.04 -38.21
N PRO B 733 50.02 -19.79 -39.51
CA PRO B 733 51.12 -19.36 -40.37
C PRO B 733 51.80 -18.09 -39.90
N VAL B 734 51.04 -17.19 -39.27
CA VAL B 734 51.61 -16.01 -38.64
C VAL B 734 50.84 -15.76 -37.35
N PRO B 735 51.19 -16.45 -36.24
CA PRO B 735 50.58 -16.08 -34.96
C PRO B 735 50.82 -14.64 -34.58
N GLU B 736 51.98 -14.09 -34.92
CA GLU B 736 52.24 -12.66 -34.77
C GLU B 736 51.54 -11.91 -35.90
N ILE B 737 51.60 -10.60 -35.88
CA ILE B 737 50.87 -9.78 -36.84
C ILE B 737 51.63 -9.79 -38.18
N ARG B 738 50.93 -10.15 -39.24
CA ARG B 738 51.50 -10.02 -40.57
C ARG B 738 51.70 -8.56 -40.91
N ARG B 739 52.93 -8.22 -41.30
CA ARG B 739 53.21 -6.85 -41.73
C ARG B 739 52.32 -6.47 -42.90
N ASP B 740 51.95 -7.45 -43.73
CA ASP B 740 50.97 -7.21 -44.77
C ASP B 740 49.62 -6.83 -44.17
N HIS B 741 49.22 -7.50 -43.09
CA HIS B 741 47.98 -7.16 -42.42
C HIS B 741 48.01 -5.73 -41.89
N PHE B 742 49.14 -5.33 -41.29
CA PHE B 742 49.27 -3.96 -40.80
C PHE B 742 49.21 -2.96 -41.94
N GLU B 743 49.90 -3.24 -43.05
CA GLU B 743 49.86 -2.33 -44.19
C GLU B 743 48.45 -2.22 -44.76
N GLU B 744 47.73 -3.33 -44.84
CA GLU B 744 46.36 -3.31 -45.33
C GLU B 744 45.47 -2.50 -44.40
N ALA B 745 45.63 -2.67 -43.09
CA ALA B 745 44.85 -1.87 -42.15
C ALA B 745 45.15 -0.39 -42.30
N MET B 746 46.43 -0.04 -42.48
CA MET B 746 46.78 1.35 -42.72
C MET B 746 46.14 1.89 -44.00
N ARG B 747 46.18 1.11 -45.07
CA ARG B 747 45.53 1.51 -46.31
C ARG B 747 44.01 1.53 -46.20
N PHE B 748 43.46 0.88 -45.17
CA PHE B 748 42.02 0.79 -45.03
C PHE B 748 41.41 2.14 -44.65
N ALA B 749 41.80 2.68 -43.51
CA ALA B 749 41.24 3.92 -43.00
C ALA B 749 42.35 4.81 -42.47
N ARG B 750 41.93 5.93 -41.86
CA ARG B 750 42.86 6.85 -41.22
C ARG B 750 42.19 7.56 -40.05
N ARG B 751 42.80 8.63 -39.58
CA ARG B 751 42.33 9.32 -38.39
C ARG B 751 40.94 9.90 -38.61
N SER B 752 40.12 9.85 -37.55
CA SER B 752 38.80 10.45 -37.56
C SER B 752 38.74 11.79 -36.83
N VAL B 753 39.88 12.40 -36.51
CA VAL B 753 39.90 13.67 -35.81
C VAL B 753 39.39 14.76 -36.73
N SER B 754 38.44 15.54 -36.24
CA SER B 754 37.85 16.62 -37.02
C SER B 754 38.52 17.94 -36.66
N ASP B 755 38.88 18.71 -37.69
CA ASP B 755 39.46 20.02 -37.47
C ASP B 755 38.48 20.94 -36.77
N ASN B 756 37.18 20.82 -37.08
CA ASN B 756 36.17 21.57 -36.34
C ASN B 756 36.08 21.09 -34.91
N ASP B 757 36.12 19.77 -34.70
CA ASP B 757 36.14 19.24 -33.34
C ASP B 757 37.40 19.68 -32.60
N ILE B 758 38.53 19.65 -33.29
CA ILE B 758 39.77 20.16 -32.71
C ILE B 758 39.60 21.62 -32.33
N ARG B 759 38.93 22.40 -33.18
CA ARG B 759 38.70 23.81 -32.89
C ARG B 759 37.83 23.98 -31.66
N LYS B 760 36.78 23.18 -31.52
CA LYS B 760 35.90 23.29 -30.36
C LYS B 760 36.64 22.91 -29.07
N TYR B 761 37.42 21.82 -29.12
CA TYR B 761 38.20 21.43 -27.96
C TYR B 761 39.21 22.52 -27.60
N GLU B 762 39.86 23.08 -28.62
CA GLU B 762 40.82 24.16 -28.38
C GLU B 762 40.11 25.39 -27.84
N MET B 763 38.87 25.62 -28.23
CA MET B 763 38.12 26.73 -27.69
C MET B 763 37.86 26.56 -26.21
N PHE B 764 37.44 25.37 -25.81
CA PHE B 764 37.27 25.10 -24.39
C PHE B 764 38.59 25.23 -23.64
N ALA B 765 39.66 24.70 -24.24
CA ALA B 765 40.98 24.79 -23.62
C ALA B 765 41.43 26.24 -23.48
N GLN B 766 41.16 27.07 -24.49
CA GLN B 766 41.56 28.46 -24.44
C GLN B 766 40.73 29.22 -23.40
N THR B 767 39.45 28.85 -23.28
CA THR B 767 38.64 29.41 -22.19
C THR B 767 39.29 29.11 -20.84
N LEU B 768 39.69 27.85 -20.64
CA LEU B 768 40.36 27.48 -19.40
C LEU B 768 41.68 28.22 -19.23
N GLN B 769 42.46 28.37 -20.31
CA GLN B 769 43.78 28.98 -20.21
C GLN B 769 43.70 30.47 -19.93
N GLN B 770 42.85 31.19 -20.65
CA GLN B 770 42.61 32.59 -20.33
C GLN B 770 42.03 32.74 -18.93
N SER B 771 41.25 31.77 -18.48
CA SER B 771 40.83 31.74 -17.08
C SER B 771 42.01 31.56 -16.15
N ARG B 772 43.12 30.98 -16.63
CA ARG B 772 44.32 30.80 -15.83
C ARG B 772 45.26 31.98 -15.98
N GLY B 773 46.48 31.83 -15.45
CA GLY B 773 47.47 32.89 -15.53
C GLY B 773 48.83 32.36 -15.12
N PHE B 774 49.81 33.26 -15.17
CA PHE B 774 51.19 32.91 -14.89
C PHE B 774 51.39 32.67 -13.39
N GLY B 775 52.42 31.89 -13.05
CA GLY B 775 52.70 31.59 -11.68
C GLY B 775 53.08 32.83 -10.89
N SER B 776 52.78 32.79 -9.58
CA SER B 776 53.01 33.94 -8.72
C SER B 776 54.50 34.30 -8.68
N PHE B 777 55.32 33.37 -8.17
CA PHE B 777 56.77 33.55 -8.11
C PHE B 777 57.12 34.89 -7.45
N ARG B 778 56.34 35.26 -6.44
CA ARG B 778 56.47 36.56 -5.81
C ARG B 778 57.67 36.55 -4.89
N PHE B 779 58.66 37.39 -5.19
CA PHE B 779 59.87 37.49 -4.38
C PHE B 779 59.86 38.78 -3.56
N ASN C 27 32.88 -41.73 -7.71
CA ASN C 27 34.16 -41.19 -7.23
C ASN C 27 34.47 -41.71 -5.83
N ARG C 28 33.96 -42.89 -5.51
CA ARG C 28 34.17 -43.48 -4.19
C ARG C 28 34.67 -44.91 -4.31
N PRO C 29 35.44 -45.39 -3.33
CA PRO C 29 35.88 -46.79 -3.38
C PRO C 29 34.73 -47.80 -3.32
N ASN C 30 33.62 -47.45 -2.67
CA ASN C 30 32.45 -48.32 -2.62
C ASN C 30 31.61 -48.21 -3.88
N ARG C 31 32.20 -47.62 -4.92
CA ARG C 31 31.54 -47.46 -6.22
C ARG C 31 32.30 -48.28 -7.24
N LEU C 32 31.87 -49.52 -7.43
CA LEU C 32 32.38 -50.31 -8.53
C LEU C 32 31.77 -49.81 -9.84
N ILE C 33 32.33 -50.28 -10.95
CA ILE C 33 31.82 -49.84 -12.25
C ILE C 33 30.61 -50.69 -12.57
N VAL C 34 29.44 -50.25 -12.11
CA VAL C 34 28.21 -51.01 -12.31
C VAL C 34 27.76 -50.82 -13.75
N ASP C 35 27.83 -51.89 -14.55
CA ASP C 35 27.28 -51.87 -15.88
C ASP C 35 25.93 -52.55 -15.85
N GLU C 36 25.24 -52.62 -16.99
CA GLU C 36 24.00 -53.36 -17.06
C GLU C 36 24.28 -54.84 -16.88
N ALA C 37 23.43 -55.51 -16.11
CA ALA C 37 23.59 -56.93 -15.88
C ALA C 37 23.26 -57.69 -17.16
N ILE C 38 23.61 -58.98 -17.20
CA ILE C 38 23.24 -59.80 -18.35
C ILE C 38 21.72 -59.96 -18.45
N ASN C 39 21.00 -59.61 -17.40
CA ASN C 39 19.54 -59.51 -17.43
C ASN C 39 19.14 -58.12 -16.95
N GLU C 40 18.03 -57.62 -17.48
CA GLU C 40 17.55 -56.32 -17.07
C GLU C 40 17.02 -56.35 -15.63
N ASP C 41 16.65 -57.53 -15.15
CA ASP C 41 16.32 -57.74 -13.76
C ASP C 41 17.60 -58.10 -13.00
N ASN C 42 17.48 -58.42 -11.71
CA ASN C 42 18.63 -58.71 -10.87
C ASN C 42 18.97 -60.20 -10.86
N SER C 43 18.60 -60.91 -11.94
CA SER C 43 18.81 -62.34 -12.03
C SER C 43 20.17 -62.72 -12.59
N VAL C 44 20.77 -61.89 -13.43
CA VAL C 44 22.03 -62.24 -14.08
C VAL C 44 23.09 -61.20 -13.76
N VAL C 45 23.01 -60.60 -12.57
CA VAL C 45 24.02 -59.64 -12.14
C VAL C 45 25.38 -60.32 -12.06
N SER C 46 26.42 -59.56 -12.37
CA SER C 46 27.80 -60.07 -12.35
C SER C 46 28.61 -59.24 -11.39
N LEU C 47 28.63 -59.63 -10.12
CA LEU C 47 29.46 -58.98 -9.12
C LEU C 47 30.89 -59.43 -9.30
N SER C 48 31.80 -58.46 -9.35
CA SER C 48 33.20 -58.73 -9.61
C SER C 48 33.80 -59.59 -8.51
N GLN C 49 34.87 -60.29 -8.85
CA GLN C 49 35.65 -61.03 -7.86
C GLN C 49 36.12 -60.05 -6.80
N PRO C 50 36.67 -58.90 -7.20
CA PRO C 50 36.96 -57.87 -6.20
C PRO C 50 35.71 -57.39 -5.48
N LYS C 51 34.58 -57.31 -6.17
CA LYS C 51 33.34 -56.94 -5.51
C LYS C 51 32.91 -58.01 -4.50
N MET C 52 32.95 -59.29 -4.90
CA MET C 52 32.59 -60.36 -3.99
C MET C 52 33.59 -60.50 -2.85
N ASP C 53 34.80 -59.93 -3.02
CA ASP C 53 35.83 -60.08 -2.00
C ASP C 53 35.85 -58.93 -1.01
N GLU C 54 36.05 -57.69 -1.49
CA GLU C 54 36.13 -56.54 -0.60
C GLU C 54 34.84 -56.35 0.18
N LEU C 55 33.71 -56.48 -0.50
CA LEU C 55 32.42 -56.53 0.16
C LEU C 55 31.90 -57.97 0.14
N GLN C 56 31.11 -58.30 1.14
CA GLN C 56 30.50 -59.64 1.22
C GLN C 56 29.41 -59.69 0.15
N LEU C 57 29.84 -59.70 -1.11
CA LEU C 57 28.94 -59.61 -2.26
C LEU C 57 28.74 -61.01 -2.82
N PHE C 58 27.78 -61.73 -2.24
CA PHE C 58 27.43 -63.05 -2.71
C PHE C 58 26.44 -62.97 -3.86
N ARG C 59 26.34 -64.07 -4.61
CA ARG C 59 25.32 -64.17 -5.65
C ARG C 59 23.92 -64.18 -5.05
N GLY C 60 23.78 -64.74 -3.85
CA GLY C 60 22.47 -64.88 -3.23
C GLY C 60 22.38 -64.25 -1.85
N ASP C 61 23.01 -63.09 -1.67
CA ASP C 61 22.95 -62.38 -0.40
C ASP C 61 22.15 -61.10 -0.57
N THR C 62 21.37 -60.77 0.45
CA THR C 62 20.63 -59.52 0.47
C THR C 62 21.61 -58.37 0.51
N VAL C 63 21.44 -57.41 -0.39
CA VAL C 63 22.42 -56.35 -0.62
C VAL C 63 21.70 -55.02 -0.50
N LEU C 64 22.09 -54.22 0.50
CA LEU C 64 21.52 -52.89 0.70
C LEU C 64 22.31 -51.90 -0.16
N LEU C 65 22.05 -51.93 -1.46
CA LEU C 65 22.78 -51.07 -2.39
C LEU C 65 22.23 -49.65 -2.36
N LYS C 66 22.87 -48.78 -3.12
CA LYS C 66 22.48 -47.37 -3.19
C LYS C 66 21.78 -47.07 -4.51
N GLY C 67 20.64 -46.39 -4.41
CA GLY C 67 19.90 -45.98 -5.58
C GLY C 67 19.48 -44.53 -5.48
N LYS C 68 19.37 -43.90 -6.64
CA LYS C 68 19.08 -42.47 -6.70
C LYS C 68 17.60 -42.21 -6.51
N LYS C 69 17.28 -40.95 -6.17
CA LYS C 69 15.90 -40.53 -5.92
C LYS C 69 15.24 -41.39 -4.85
N ARG C 70 15.99 -41.70 -3.79
CA ARG C 70 15.51 -42.51 -2.67
C ARG C 70 15.03 -43.87 -3.16
N ARG C 71 15.97 -44.61 -3.74
CA ARG C 71 15.73 -45.95 -4.28
C ARG C 71 16.45 -46.94 -3.36
N GLU C 72 15.72 -47.48 -2.38
CA GLU C 72 16.28 -48.42 -1.42
C GLU C 72 16.33 -49.81 -2.08
N ALA C 73 17.54 -50.25 -2.40
CA ALA C 73 17.74 -51.56 -3.02
C ALA C 73 18.18 -52.56 -1.95
N VAL C 74 17.40 -53.62 -1.78
CA VAL C 74 17.73 -54.67 -0.82
C VAL C 74 17.73 -56.01 -1.54
N CYS C 75 18.01 -55.98 -2.84
CA CYS C 75 17.91 -57.18 -3.67
C CYS C 75 19.10 -58.10 -3.43
N ILE C 76 19.04 -59.28 -4.04
CA ILE C 76 20.11 -60.25 -4.02
C ILE C 76 20.68 -60.30 -5.43
N VAL C 77 21.67 -59.46 -5.70
CA VAL C 77 22.29 -59.42 -7.02
C VAL C 77 23.24 -60.60 -7.16
N LEU C 78 23.16 -61.28 -8.29
CA LEU C 78 24.04 -62.41 -8.55
C LEU C 78 25.48 -61.94 -8.72
N SER C 79 26.41 -62.84 -8.42
CA SER C 79 27.84 -62.60 -8.62
C SER C 79 28.28 -63.48 -9.78
N ASP C 80 28.10 -62.99 -11.01
CA ASP C 80 28.51 -63.73 -12.20
C ASP C 80 29.92 -63.34 -12.60
N ASP C 81 30.85 -63.40 -11.65
CA ASP C 81 32.27 -63.24 -11.94
C ASP C 81 32.86 -64.50 -12.55
N THR C 82 32.18 -65.64 -12.42
CA THR C 82 32.65 -66.88 -13.04
C THR C 82 32.57 -66.79 -14.55
N CYS C 83 31.42 -66.39 -15.09
CA CYS C 83 31.28 -66.17 -16.52
C CYS C 83 32.19 -65.05 -17.00
N SER C 84 32.23 -63.94 -16.25
CA SER C 84 33.15 -62.85 -16.53
C SER C 84 33.36 -62.08 -15.23
N ASP C 85 34.60 -62.08 -14.76
CA ASP C 85 34.95 -61.32 -13.55
C ASP C 85 35.21 -59.88 -13.98
N GLU C 86 34.24 -59.32 -14.70
CA GLU C 86 34.31 -57.95 -15.19
C GLU C 86 33.87 -57.02 -14.07
N LYS C 87 33.57 -55.77 -14.40
CA LYS C 87 33.10 -54.81 -13.41
C LYS C 87 31.69 -55.20 -12.98
N ILE C 88 31.10 -54.42 -12.08
CA ILE C 88 29.78 -54.74 -11.55
C ILE C 88 28.75 -54.69 -12.67
N ARG C 89 27.82 -55.64 -12.63
CA ARG C 89 26.72 -55.69 -13.59
C ARG C 89 25.42 -55.51 -12.83
N MET C 90 24.64 -54.50 -13.22
CA MET C 90 23.45 -54.08 -12.49
C MET C 90 22.19 -54.34 -13.30
N ASN C 91 21.12 -54.61 -12.58
CA ASN C 91 19.82 -54.91 -13.19
C ASN C 91 19.34 -53.70 -14.00
N ARG C 92 19.32 -53.87 -15.33
CA ARG C 92 18.99 -52.74 -16.20
C ARG C 92 17.56 -52.24 -15.98
N VAL C 93 16.58 -53.15 -16.04
CA VAL C 93 15.19 -52.72 -15.87
C VAL C 93 14.96 -52.23 -14.45
N VAL C 94 15.48 -52.96 -13.46
CA VAL C 94 15.26 -52.56 -12.07
C VAL C 94 15.90 -51.21 -11.80
N ARG C 95 17.14 -51.01 -12.27
CA ARG C 95 17.81 -49.72 -12.06
C ARG C 95 17.07 -48.60 -12.78
N ASN C 96 16.60 -48.84 -14.00
CA ASN C 96 15.85 -47.82 -14.71
C ASN C 96 14.56 -47.45 -13.99
N ASN C 97 13.82 -48.45 -13.50
CA ASN C 97 12.57 -48.17 -12.79
C ASN C 97 12.84 -47.45 -11.47
N LEU C 98 13.90 -47.84 -10.77
CA LEU C 98 14.30 -47.16 -9.54
C LEU C 98 15.12 -45.92 -9.82
N ARG C 99 15.40 -45.62 -11.09
CA ARG C 99 16.24 -44.49 -11.48
C ARG C 99 17.60 -44.56 -10.80
N VAL C 100 18.14 -45.77 -10.71
CA VAL C 100 19.40 -46.00 -10.01
C VAL C 100 20.55 -45.60 -10.93
N ARG C 101 21.71 -45.34 -10.32
CA ARG C 101 22.92 -44.96 -11.05
C ARG C 101 23.81 -46.18 -11.23
N LEU C 102 24.00 -46.61 -12.47
CA LEU C 102 24.82 -47.76 -12.77
C LEU C 102 26.29 -47.35 -12.65
N GLY C 103 26.81 -47.41 -11.43
CA GLY C 103 28.18 -47.01 -11.17
C GLY C 103 28.30 -46.27 -9.86
N ASP C 104 27.16 -45.97 -9.26
CA ASP C 104 27.12 -45.24 -7.99
C ASP C 104 27.82 -46.03 -6.89
N VAL C 105 28.00 -45.39 -5.75
CA VAL C 105 28.62 -46.07 -4.62
C VAL C 105 27.54 -46.88 -3.94
N ILE C 106 27.33 -48.10 -4.42
CA ILE C 106 26.30 -48.98 -3.88
C ILE C 106 26.92 -49.76 -2.74
N SER C 107 26.87 -49.20 -1.53
CA SER C 107 27.42 -49.87 -0.35
C SER C 107 26.47 -51.00 -0.01
N ILE C 108 26.46 -52.02 -0.85
CA ILE C 108 25.49 -53.11 -0.75
C ILE C 108 25.83 -53.94 0.48
N GLN C 109 25.09 -53.73 1.55
CA GLN C 109 25.31 -54.46 2.79
C GLN C 109 24.12 -55.36 3.05
N PRO C 110 24.24 -56.33 3.96
CA PRO C 110 23.07 -57.15 4.32
C PRO C 110 21.97 -56.27 4.89
N CYS C 111 20.72 -56.61 4.57
CA CYS C 111 19.61 -55.85 5.12
C CYS C 111 18.75 -56.81 5.94
N PRO C 112 19.37 -57.59 6.83
CA PRO C 112 18.57 -58.46 7.72
C PRO C 112 17.91 -57.70 8.84
N ASP C 113 18.40 -56.52 9.18
CA ASP C 113 17.77 -55.70 10.21
C ASP C 113 16.36 -55.28 9.84
N VAL C 114 16.13 -54.90 8.58
CA VAL C 114 14.80 -54.54 8.11
C VAL C 114 13.96 -55.81 8.02
N LYS C 115 13.00 -55.95 8.92
CA LYS C 115 12.12 -57.11 8.97
C LYS C 115 10.68 -56.67 8.78
N TYR C 116 9.96 -57.39 7.94
CA TYR C 116 8.59 -57.04 7.58
C TYR C 116 7.61 -57.59 8.61
N GLY C 117 6.45 -56.95 8.68
CA GLY C 117 5.37 -57.42 9.52
C GLY C 117 4.60 -58.56 8.86
N LYS C 118 3.87 -59.30 9.70
CA LYS C 118 3.07 -60.41 9.21
C LYS C 118 1.94 -59.96 8.30
N ARG C 119 1.23 -58.88 8.65
CA ARG C 119 0.15 -58.34 7.84
C ARG C 119 0.45 -56.88 7.56
N ILE C 120 1.21 -56.62 6.50
CA ILE C 120 1.55 -55.26 6.09
C ILE C 120 0.63 -54.87 4.94
N HIS C 121 0.51 -53.57 4.70
CA HIS C 121 -0.38 -53.06 3.66
C HIS C 121 0.29 -53.27 2.30
N VAL C 122 0.13 -54.45 1.73
CA VAL C 122 0.66 -54.73 0.40
C VAL C 122 -0.20 -54.01 -0.62
N LEU C 123 0.44 -53.29 -1.53
CA LEU C 123 -0.30 -52.43 -2.45
C LEU C 123 -0.60 -53.18 -3.74
N PRO C 124 -1.81 -53.72 -3.89
CA PRO C 124 -2.17 -54.37 -5.15
C PRO C 124 -2.46 -53.36 -6.25
N ILE C 125 -1.60 -53.29 -7.25
CA ILE C 125 -1.74 -52.29 -8.30
C ILE C 125 -2.82 -52.73 -9.29
N ASP C 126 -3.63 -51.77 -9.72
CA ASP C 126 -4.58 -51.99 -10.80
C ASP C 126 -3.90 -52.24 -12.13
N ASP C 127 -2.77 -51.56 -12.39
CA ASP C 127 -1.98 -51.86 -13.57
C ASP C 127 -1.41 -53.27 -13.51
N THR C 128 -1.05 -53.74 -12.32
CA THR C 128 -0.64 -55.13 -12.17
C THR C 128 -1.77 -56.08 -12.52
N VAL C 129 -2.99 -55.77 -12.09
CA VAL C 129 -4.16 -56.57 -12.46
C VAL C 129 -4.67 -56.26 -13.86
N GLU C 130 -4.18 -55.18 -14.49
CA GLU C 130 -4.57 -54.82 -15.84
C GLU C 130 -3.86 -55.78 -16.81
N GLY C 131 -4.43 -56.97 -16.94
CA GLY C 131 -3.87 -57.99 -17.80
C GLY C 131 -3.83 -59.36 -17.15
N ILE C 132 -3.89 -59.38 -15.82
CA ILE C 132 -3.89 -60.62 -15.06
C ILE C 132 -5.28 -61.20 -15.06
N THR C 133 -5.36 -62.52 -15.15
CA THR C 133 -6.64 -63.23 -15.24
C THR C 133 -7.01 -63.81 -13.89
N GLY C 134 -8.25 -63.57 -13.47
CA GLY C 134 -8.77 -64.14 -12.25
C GLY C 134 -8.07 -63.60 -11.01
N ASN C 135 -8.13 -64.40 -9.94
CA ASN C 135 -7.47 -64.05 -8.68
C ASN C 135 -6.01 -64.47 -8.80
N LEU C 136 -5.37 -64.04 -9.88
CA LEU C 136 -3.95 -64.27 -10.06
C LEU C 136 -3.11 -63.54 -9.02
N PHE C 137 -3.69 -62.57 -8.32
CA PHE C 137 -2.99 -61.95 -7.20
C PHE C 137 -2.71 -62.97 -6.11
N GLU C 138 -3.71 -63.79 -5.75
CA GLU C 138 -3.49 -64.82 -4.75
C GLU C 138 -2.48 -65.86 -5.23
N VAL C 139 -2.56 -66.24 -6.50
CA VAL C 139 -1.64 -67.23 -7.04
C VAL C 139 -0.21 -66.70 -7.02
N TYR C 140 -0.01 -65.45 -7.46
CA TYR C 140 1.32 -64.85 -7.43
C TYR C 140 1.82 -64.69 -5.99
N LEU C 141 0.94 -64.28 -5.08
CA LEU C 141 1.33 -64.15 -3.68
C LEU C 141 1.79 -65.49 -3.10
N LYS C 142 1.07 -66.56 -3.40
CA LYS C 142 1.50 -67.90 -3.04
C LYS C 142 2.86 -68.16 -3.68
N PRO C 143 3.06 -67.78 -4.94
CA PRO C 143 4.37 -67.94 -5.56
C PRO C 143 5.39 -66.94 -5.02
N TYR C 144 4.91 -65.85 -4.42
CA TYR C 144 5.80 -64.81 -3.90
C TYR C 144 5.99 -64.87 -2.40
N PHE C 145 5.02 -65.40 -1.65
CA PHE C 145 5.17 -65.48 -0.20
C PHE C 145 6.35 -66.34 0.21
N LEU C 146 6.53 -67.50 -0.41
CA LEU C 146 7.67 -68.37 -0.15
C LEU C 146 8.43 -68.52 -1.46
N GLU C 147 9.74 -68.25 -1.43
CA GLU C 147 10.59 -68.30 -2.61
C GLU C 147 10.03 -67.42 -3.72
N ALA C 148 10.02 -66.12 -3.43
CA ALA C 148 9.50 -65.15 -4.39
C ALA C 148 10.25 -65.17 -5.70
N TYR C 149 11.51 -65.63 -5.71
CA TYR C 149 12.31 -65.77 -6.92
C TYR C 149 12.43 -64.46 -7.68
N ARG C 150 12.56 -63.36 -6.93
CA ARG C 150 12.72 -62.04 -7.53
C ARG C 150 13.53 -61.18 -6.58
N PRO C 151 14.01 -60.01 -7.02
CA PRO C 151 14.73 -59.13 -6.10
C PRO C 151 13.87 -58.70 -4.93
N ILE C 152 14.46 -58.65 -3.74
CA ILE C 152 13.72 -58.27 -2.54
C ILE C 152 13.93 -56.77 -2.26
N ARG C 153 13.11 -55.93 -2.91
CA ARG C 153 13.23 -54.49 -2.75
C ARG C 153 11.91 -53.85 -3.17
N LYS C 154 11.94 -52.53 -3.34
CA LYS C 154 10.78 -51.77 -3.79
C LYS C 154 11.21 -50.63 -4.70
N GLY C 155 10.32 -50.26 -5.62
CA GLY C 155 10.55 -49.13 -6.50
C GLY C 155 11.27 -49.42 -7.79
N ASP C 156 11.67 -50.65 -8.03
CA ASP C 156 12.41 -51.04 -9.23
C ASP C 156 11.54 -51.92 -10.11
N ILE C 157 12.13 -52.37 -11.23
CA ILE C 157 11.43 -53.24 -12.16
C ILE C 157 11.82 -54.68 -11.88
N PHE C 158 10.99 -55.39 -11.13
CA PHE C 158 11.21 -56.79 -10.82
C PHE C 158 10.28 -57.65 -11.66
N LEU C 159 10.84 -58.68 -12.29
CA LEU C 159 10.07 -59.57 -13.15
C LEU C 159 9.08 -60.36 -12.29
N VAL C 160 7.81 -59.97 -12.33
CA VAL C 160 6.75 -60.63 -11.59
C VAL C 160 5.72 -61.15 -12.59
N ARG C 161 5.61 -62.48 -12.69
CA ARG C 161 4.69 -63.09 -13.62
C ARG C 161 3.58 -63.82 -12.86
N GLY C 162 2.34 -63.52 -13.22
CA GLY C 162 1.20 -64.17 -12.59
C GLY C 162 -0.06 -63.96 -13.41
N GLY C 163 -0.79 -65.05 -13.65
CA GLY C 163 -1.94 -64.98 -14.53
C GLY C 163 -1.61 -64.59 -15.95
N MET C 164 -0.47 -65.06 -16.47
CA MET C 164 0.01 -64.71 -17.81
C MET C 164 0.10 -63.20 -17.99
N ARG C 165 0.60 -62.51 -16.97
CA ARG C 165 0.72 -61.06 -17.00
C ARG C 165 1.79 -60.63 -16.01
N ALA C 166 2.12 -59.34 -16.06
CA ALA C 166 3.10 -58.75 -15.16
C ALA C 166 2.37 -58.21 -13.95
N VAL C 167 2.25 -59.04 -12.91
CA VAL C 167 1.55 -58.63 -11.69
C VAL C 167 2.54 -57.96 -10.75
N GLU C 168 2.78 -56.67 -10.95
CA GLU C 168 3.63 -55.90 -10.05
C GLU C 168 2.74 -55.25 -8.99
N PHE C 169 1.92 -56.08 -8.36
CA PHE C 169 1.02 -55.63 -7.30
C PHE C 169 1.74 -55.60 -5.97
N LYS C 170 2.89 -54.94 -5.94
CA LYS C 170 3.72 -54.87 -4.77
C LYS C 170 3.47 -53.57 -4.01
N VAL C 171 3.76 -53.60 -2.71
CA VAL C 171 3.78 -52.37 -1.94
C VAL C 171 4.83 -51.42 -2.51
N VAL C 172 4.47 -50.14 -2.59
CA VAL C 172 5.35 -49.13 -3.16
C VAL C 172 6.67 -49.15 -2.38
N GLU C 173 6.57 -49.20 -1.07
CA GLU C 173 7.71 -49.37 -0.19
C GLU C 173 7.21 -49.57 1.23
N THR C 174 7.96 -50.32 2.02
CA THR C 174 7.73 -50.42 3.45
C THR C 174 8.98 -49.90 4.15
N ASP C 175 8.77 -49.04 5.15
CA ASP C 175 9.89 -48.42 5.86
C ASP C 175 10.76 -49.52 6.46
N PRO C 176 10.18 -50.47 7.18
CA PRO C 176 10.91 -51.69 7.51
C PRO C 176 10.67 -52.78 6.48
N SER C 177 11.75 -53.28 5.90
CA SER C 177 11.68 -54.38 4.93
C SER C 177 10.68 -54.09 3.83
N PRO C 178 11.01 -53.22 2.87
CA PRO C 178 10.13 -53.06 1.70
C PRO C 178 9.74 -54.37 1.05
N TYR C 179 10.51 -55.45 1.27
CA TYR C 179 10.17 -56.77 0.79
C TYR C 179 9.86 -57.71 1.95
N CYS C 180 9.60 -58.97 1.61
CA CYS C 180 9.23 -59.99 2.59
C CYS C 180 10.47 -60.42 3.35
N ILE C 181 10.78 -59.72 4.45
CA ILE C 181 11.92 -60.06 5.29
C ILE C 181 11.39 -60.68 6.57
N VAL C 182 10.26 -61.36 6.46
CA VAL C 182 9.62 -62.05 7.58
C VAL C 182 9.40 -63.50 7.13
N ALA C 183 8.74 -64.28 7.97
CA ALA C 183 8.47 -65.67 7.63
C ALA C 183 7.75 -65.74 6.29
N PRO C 184 8.08 -66.74 5.46
CA PRO C 184 7.51 -66.79 4.11
C PRO C 184 5.99 -66.86 4.13
N ASP C 185 5.43 -67.39 5.20
CA ASP C 185 3.99 -67.48 5.37
C ASP C 185 3.37 -66.20 5.91
N THR C 186 4.18 -65.20 6.27
CA THR C 186 3.66 -63.93 6.79
C THR C 186 3.06 -63.17 5.63
N VAL C 187 1.83 -63.54 5.26
CA VAL C 187 1.14 -62.92 4.13
C VAL C 187 0.67 -61.54 4.55
N ILE C 188 1.28 -60.51 3.98
CA ILE C 188 0.92 -59.13 4.28
C ILE C 188 -0.49 -58.88 3.80
N HIS C 189 -1.28 -58.17 4.61
CA HIS C 189 -2.67 -57.89 4.27
C HIS C 189 -2.70 -56.96 3.07
N CYS C 190 -3.00 -57.51 1.90
CA CYS C 190 -2.99 -56.74 0.66
C CYS C 190 -4.05 -55.65 0.70
N GLU C 191 -3.69 -54.50 0.14
CA GLU C 191 -4.63 -53.38 0.06
C GLU C 191 -5.79 -53.73 -0.87
N GLY C 192 -7.00 -53.42 -0.41
CA GLY C 192 -8.18 -53.71 -1.20
C GLY C 192 -8.28 -52.90 -2.47
N GLU C 193 -7.91 -51.62 -2.41
CA GLU C 193 -8.02 -50.77 -3.59
C GLU C 193 -6.94 -51.11 -4.60
N PRO C 194 -7.29 -51.12 -5.89
CA PRO C 194 -6.27 -51.36 -6.92
C PRO C 194 -5.62 -50.06 -7.37
N ILE C 195 -4.30 -50.03 -7.42
CA ILE C 195 -3.57 -48.81 -7.72
C ILE C 195 -3.50 -48.61 -9.23
N LYS C 196 -4.13 -47.54 -9.71
CA LYS C 196 -4.19 -47.25 -11.13
C LYS C 196 -2.81 -46.87 -11.67
N ARG C 197 -2.60 -47.16 -12.96
CA ARG C 197 -1.32 -46.90 -13.60
C ARG C 197 -1.02 -45.43 -13.77
N GLU C 198 -2.04 -44.57 -13.76
CA GLU C 198 -1.79 -43.14 -13.97
C GLU C 198 -0.97 -42.55 -12.83
N ASP C 199 -1.29 -42.90 -11.59
CA ASP C 199 -0.51 -42.42 -10.46
C ASP C 199 0.92 -42.93 -10.53
N GLU C 200 1.11 -44.19 -10.91
CA GLU C 200 2.45 -44.74 -11.06
C GLU C 200 3.24 -43.99 -12.12
N GLU C 201 2.61 -43.70 -13.26
CA GLU C 201 3.28 -42.94 -14.30
C GLU C 201 3.65 -41.54 -13.82
N GLU C 202 2.74 -40.88 -13.12
CA GLU C 202 3.04 -39.56 -12.59
C GLU C 202 4.21 -39.60 -11.62
N SER C 203 4.22 -40.57 -10.72
CA SER C 203 5.33 -40.70 -9.77
C SER C 203 6.65 -41.01 -10.46
N LEU C 204 6.63 -41.91 -11.45
CA LEU C 204 7.85 -42.25 -12.17
C LEU C 204 8.40 -41.07 -12.95
N ASN C 205 7.54 -40.24 -13.52
CA ASN C 205 7.97 -39.03 -14.22
C ASN C 205 8.27 -37.90 -13.25
N GLU C 206 9.15 -38.17 -12.28
CA GLU C 206 9.48 -37.18 -11.27
C GLU C 206 10.52 -36.21 -11.81
N VAL C 207 10.66 -35.06 -11.13
CA VAL C 207 11.61 -34.03 -11.53
C VAL C 207 12.92 -34.28 -10.79
N GLY C 208 13.83 -35.00 -11.43
CA GLY C 208 15.12 -35.31 -10.84
C GLY C 208 16.12 -34.20 -11.01
N TYR C 209 17.27 -34.38 -10.36
CA TYR C 209 18.36 -33.43 -10.45
C TYR C 209 19.03 -33.43 -11.83
N ASP C 210 18.69 -34.40 -12.68
CA ASP C 210 19.17 -34.38 -14.05
C ASP C 210 18.70 -33.16 -14.82
N ASP C 211 17.44 -32.77 -14.63
CA ASP C 211 16.91 -31.57 -15.28
C ASP C 211 17.51 -30.29 -14.71
N ILE C 212 18.37 -30.39 -13.70
CA ILE C 212 18.90 -29.23 -13.02
C ILE C 212 20.25 -28.79 -13.60
N GLY C 213 20.58 -29.25 -14.81
CA GLY C 213 21.85 -28.94 -15.43
C GLY C 213 21.99 -27.48 -15.83
N GLY C 214 23.07 -27.20 -16.57
CA GLY C 214 23.37 -25.84 -16.99
C GLY C 214 24.12 -25.05 -15.95
N CYS C 215 23.44 -24.64 -14.88
CA CYS C 215 24.08 -23.87 -13.80
C CYS C 215 24.83 -24.87 -12.93
N ARG C 216 25.77 -25.58 -13.54
CA ARG C 216 26.53 -26.61 -12.83
C ARG C 216 27.61 -25.97 -11.97
N LYS C 217 27.53 -24.65 -11.87
CA LYS C 217 28.42 -23.91 -10.99
C LYS C 217 27.62 -23.25 -9.88
N GLN C 218 26.70 -22.36 -10.24
CA GLN C 218 25.95 -21.62 -9.23
C GLN C 218 24.91 -22.52 -8.57
N LEU C 219 24.07 -23.18 -9.37
CA LEU C 219 23.07 -24.08 -8.80
C LEU C 219 23.75 -25.22 -8.08
N ALA C 220 24.83 -25.75 -8.65
CA ALA C 220 25.57 -26.81 -7.97
C ALA C 220 26.10 -26.35 -6.63
N GLN C 221 26.64 -25.13 -6.57
CA GLN C 221 27.15 -24.61 -5.31
C GLN C 221 26.03 -24.44 -4.28
N ILE C 222 24.89 -23.90 -4.71
CA ILE C 222 23.79 -23.71 -3.80
C ILE C 222 23.27 -25.04 -3.28
N LYS C 223 23.13 -26.02 -4.19
CA LYS C 223 22.64 -27.34 -3.80
C LYS C 223 23.62 -28.00 -2.85
N GLU C 224 24.92 -27.88 -3.12
CA GLU C 224 25.91 -28.44 -2.22
C GLU C 224 25.85 -27.77 -0.86
N MET C 225 25.64 -26.45 -0.82
CA MET C 225 25.51 -25.75 0.44
C MET C 225 24.30 -26.28 1.22
N VAL C 226 23.17 -26.47 0.54
CA VAL C 226 22.00 -27.01 1.21
C VAL C 226 22.26 -28.43 1.70
N GLU C 227 22.85 -29.27 0.86
CA GLU C 227 23.02 -30.68 1.18
C GLU C 227 24.01 -30.91 2.31
N LEU C 228 25.18 -30.29 2.24
CA LEU C 228 26.18 -30.41 3.29
C LEU C 228 25.56 -29.98 4.61
N PRO C 229 24.78 -28.91 4.62
CA PRO C 229 24.06 -28.54 5.84
C PRO C 229 23.14 -29.66 6.30
N LEU C 230 22.61 -30.43 5.36
CA LEU C 230 21.77 -31.56 5.69
C LEU C 230 22.54 -32.87 5.80
N ARG C 231 23.60 -33.05 5.01
CA ARG C 231 24.33 -34.31 5.00
C ARG C 231 25.55 -34.29 5.92
N HIS C 232 26.08 -33.12 6.24
CA HIS C 232 27.21 -33.04 7.15
C HIS C 232 27.11 -31.78 7.98
N PRO C 233 25.98 -31.55 8.64
CA PRO C 233 25.88 -30.39 9.55
C PRO C 233 26.93 -30.42 10.64
N ALA C 234 27.32 -31.61 11.08
CA ALA C 234 28.41 -31.71 12.04
C ALA C 234 29.69 -31.12 11.48
N LEU C 235 29.95 -31.33 10.19
CA LEU C 235 31.13 -30.73 9.57
C LEU C 235 31.06 -29.21 9.62
N PHE C 236 29.89 -28.64 9.31
CA PHE C 236 29.73 -27.20 9.36
C PHE C 236 29.94 -26.67 10.77
N LYS C 237 29.39 -27.35 11.76
CA LYS C 237 29.61 -26.93 13.14
C LYS C 237 31.08 -27.03 13.53
N ALA C 238 31.74 -28.12 13.15
CA ALA C 238 33.14 -28.35 13.47
C ALA C 238 34.07 -27.47 12.65
N ILE C 239 33.56 -26.77 11.65
CA ILE C 239 34.39 -25.80 10.93
C ILE C 239 34.88 -24.72 11.88
N GLY C 240 34.27 -24.60 13.05
CA GLY C 240 34.62 -23.56 14.00
C GLY C 240 33.74 -22.36 13.79
N VAL C 241 33.45 -22.07 12.52
CA VAL C 241 32.52 -21.00 12.17
C VAL C 241 31.12 -21.58 12.13
N LYS C 242 30.12 -20.73 12.32
CA LYS C 242 28.74 -21.17 12.27
C LYS C 242 28.34 -21.49 10.83
N PRO C 243 27.45 -22.44 10.63
CA PRO C 243 26.98 -22.76 9.28
C PRO C 243 26.13 -21.63 8.74
N PRO C 244 26.02 -21.52 7.41
CA PRO C 244 25.14 -20.49 6.83
C PRO C 244 23.70 -20.71 7.29
N ARG C 245 23.05 -19.63 7.70
CA ARG C 245 21.68 -19.72 8.19
C ARG C 245 20.71 -20.07 7.08
N GLY C 246 21.09 -19.90 5.82
CA GLY C 246 20.20 -20.18 4.72
C GLY C 246 20.85 -19.77 3.42
N ILE C 247 20.09 -19.93 2.34
CA ILE C 247 20.57 -19.58 1.01
C ILE C 247 19.45 -18.98 0.18
N LEU C 248 19.53 -17.68 -0.09
CA LEU C 248 18.61 -17.05 -1.02
C LEU C 248 18.94 -17.48 -2.44
N LEU C 249 17.91 -17.83 -3.20
CA LEU C 249 18.11 -18.47 -4.49
C LEU C 249 18.37 -17.45 -5.58
N TYR C 250 18.94 -17.93 -6.68
CA TYR C 250 19.27 -17.08 -7.81
C TYR C 250 18.02 -16.49 -8.44
N GLY C 251 18.15 -15.26 -8.93
CA GLY C 251 17.09 -14.62 -9.65
C GLY C 251 17.07 -15.05 -11.10
N PRO C 252 16.10 -15.88 -11.47
CA PRO C 252 16.02 -16.37 -12.85
C PRO C 252 15.32 -15.36 -13.74
N PRO C 253 15.77 -15.19 -14.98
CA PRO C 253 15.12 -14.22 -15.87
C PRO C 253 13.98 -14.82 -16.68
N GLY C 254 12.99 -15.38 -15.99
CA GLY C 254 11.80 -15.89 -16.66
C GLY C 254 11.96 -17.23 -17.34
N THR C 255 13.14 -17.85 -17.27
CA THR C 255 13.31 -19.18 -17.84
C THR C 255 12.42 -20.21 -17.16
N GLY C 256 11.92 -19.88 -15.99
CA GLY C 256 11.10 -20.77 -15.19
C GLY C 256 11.98 -21.35 -14.11
N LYS C 257 11.92 -20.75 -12.92
CA LYS C 257 12.66 -21.29 -11.80
C LYS C 257 11.90 -22.39 -11.09
N THR C 258 10.61 -22.54 -11.40
CA THR C 258 9.84 -23.63 -10.81
C THR C 258 10.45 -24.98 -11.16
N LEU C 259 11.07 -25.08 -12.34
CA LEU C 259 11.75 -26.32 -12.70
C LEU C 259 12.86 -26.64 -11.70
N ILE C 260 13.74 -25.68 -11.44
CA ILE C 260 14.83 -25.90 -10.50
C ILE C 260 14.28 -26.18 -9.12
N ALA C 261 13.28 -25.43 -8.69
CA ALA C 261 12.73 -25.61 -7.36
C ALA C 261 12.14 -27.00 -7.19
N ARG C 262 11.37 -27.47 -8.17
CA ARG C 262 10.76 -28.78 -8.09
C ARG C 262 11.81 -29.88 -8.12
N ALA C 263 12.84 -29.72 -8.97
CA ALA C 263 13.90 -30.72 -9.01
C ALA C 263 14.61 -30.81 -7.67
N VAL C 264 14.88 -29.67 -7.05
CA VAL C 264 15.53 -29.68 -5.75
C VAL C 264 14.63 -30.31 -4.70
N ALA C 265 13.35 -29.92 -4.67
CA ALA C 265 12.44 -30.45 -3.67
C ALA C 265 12.29 -31.96 -3.80
N ASN C 266 12.20 -32.47 -5.02
CA ASN C 266 12.22 -33.91 -5.22
C ASN C 266 13.54 -34.52 -4.77
N GLU C 267 14.65 -33.87 -5.08
CA GLU C 267 15.95 -34.37 -4.67
C GLU C 267 16.20 -34.20 -3.17
N THR C 268 15.38 -33.41 -2.49
CA THR C 268 15.60 -33.11 -1.09
C THR C 268 14.54 -33.77 -0.22
N GLY C 269 14.99 -34.26 0.93
CA GLY C 269 14.10 -34.83 1.92
C GLY C 269 13.63 -33.83 2.95
N ALA C 270 13.09 -32.71 2.49
CA ALA C 270 12.61 -31.67 3.37
C ALA C 270 11.20 -31.26 2.97
N PHE C 271 10.40 -30.89 3.97
CA PHE C 271 9.02 -30.49 3.75
C PHE C 271 9.02 -29.06 3.24
N PHE C 272 9.31 -28.90 1.95
CA PHE C 272 9.39 -27.57 1.36
C PHE C 272 8.00 -26.97 1.26
N PHE C 273 7.67 -26.09 2.21
CA PHE C 273 6.37 -25.42 2.22
C PHE C 273 6.30 -24.48 1.03
N LEU C 274 5.47 -24.82 0.06
CA LEU C 274 5.37 -24.03 -1.16
C LEU C 274 4.63 -22.72 -0.88
N ILE C 275 5.26 -21.60 -1.24
CA ILE C 275 4.62 -20.30 -1.11
C ILE C 275 3.76 -20.04 -2.33
N ASN C 276 2.88 -19.05 -2.25
CA ASN C 276 2.04 -18.67 -3.37
C ASN C 276 1.62 -17.21 -3.19
N GLY C 277 1.50 -16.51 -4.32
CA GLY C 277 1.09 -15.12 -4.30
C GLY C 277 -0.32 -14.98 -3.79
N PRO C 278 -1.21 -15.89 -4.22
CA PRO C 278 -2.57 -15.88 -3.70
C PRO C 278 -2.65 -16.07 -2.19
N GLU C 279 -1.73 -16.85 -1.61
CA GLU C 279 -1.69 -17.01 -0.17
C GLU C 279 -1.38 -15.72 0.56
N ILE C 280 -0.83 -14.73 -0.13
CA ILE C 280 -0.52 -13.45 0.46
C ILE C 280 -1.75 -12.54 0.52
N MET C 281 -2.89 -13.03 0.04
CA MET C 281 -4.11 -12.23 0.01
C MET C 281 -5.01 -12.65 1.16
N SER C 282 -5.52 -11.67 1.89
CA SER C 282 -6.37 -11.96 3.05
C SER C 282 -7.59 -11.06 3.02
N LYS C 283 -8.75 -11.69 2.81
CA LYS C 283 -10.01 -10.97 2.94
C LYS C 283 -10.28 -10.55 4.37
N LEU C 284 -9.57 -11.12 5.34
CA LEU C 284 -9.64 -10.70 6.72
C LEU C 284 -8.55 -9.66 6.99
N ALA C 285 -8.33 -9.37 8.27
CA ALA C 285 -7.35 -8.38 8.69
C ALA C 285 -6.09 -9.10 9.14
N GLY C 286 -5.01 -8.94 8.39
CA GLY C 286 -3.76 -9.57 8.74
C GLY C 286 -3.75 -11.07 8.65
N GLU C 287 -4.80 -11.67 8.07
CA GLU C 287 -4.91 -13.12 8.02
C GLU C 287 -3.80 -13.73 7.18
N SER C 288 -3.40 -13.06 6.09
CA SER C 288 -2.36 -13.62 5.24
C SER C 288 -1.02 -13.63 5.95
N GLU C 289 -0.66 -12.54 6.62
CA GLU C 289 0.60 -12.48 7.34
C GLU C 289 0.62 -13.48 8.49
N SER C 290 -0.47 -13.55 9.25
CA SER C 290 -0.55 -14.52 10.33
C SER C 290 -0.47 -15.94 9.80
N ASN C 291 -1.13 -16.20 8.67
CA ASN C 291 -1.10 -17.53 8.09
C ASN C 291 0.30 -17.88 7.61
N LEU C 292 1.00 -16.91 7.01
CA LEU C 292 2.38 -17.16 6.57
C LEU C 292 3.28 -17.44 7.76
N ARG C 293 3.12 -16.68 8.83
CA ARG C 293 3.90 -16.94 10.04
C ARG C 293 3.58 -18.31 10.60
N LYS C 294 2.30 -18.69 10.61
CA LYS C 294 1.91 -19.99 11.11
C LYS C 294 2.50 -21.10 10.25
N ALA C 295 2.50 -20.91 8.93
CA ALA C 295 3.08 -21.90 8.04
C ALA C 295 4.58 -22.04 8.28
N PHE C 296 5.27 -20.91 8.45
CA PHE C 296 6.70 -20.98 8.75
C PHE C 296 6.94 -21.71 10.05
N GLU C 297 6.15 -21.41 11.08
CA GLU C 297 6.32 -22.08 12.37
C GLU C 297 6.03 -23.56 12.26
N GLU C 298 4.98 -23.93 11.53
CA GLU C 298 4.64 -25.34 11.37
C GLU C 298 5.72 -26.08 10.61
N ALA C 299 6.27 -25.48 9.56
CA ALA C 299 7.35 -26.12 8.84
C ALA C 299 8.58 -26.29 9.71
N GLU C 300 8.93 -25.26 10.48
CA GLU C 300 10.09 -25.37 11.37
C GLU C 300 9.90 -26.45 12.41
N LYS C 301 8.78 -26.40 13.15
CA LYS C 301 8.50 -27.41 14.16
C LYS C 301 8.33 -28.79 13.56
N ASN C 302 7.95 -28.88 12.28
CA ASN C 302 7.77 -30.15 11.61
C ASN C 302 9.08 -30.90 11.53
N ALA C 303 10.05 -30.32 10.83
CA ALA C 303 11.31 -31.00 10.58
C ALA C 303 12.33 -30.00 10.07
N PRO C 304 13.57 -30.41 9.82
CA PRO C 304 14.49 -29.53 9.08
C PRO C 304 14.02 -29.42 7.62
N ALA C 305 12.86 -28.79 7.47
CA ALA C 305 12.17 -28.72 6.19
C ALA C 305 12.77 -27.59 5.34
N ILE C 306 12.09 -27.26 4.24
CA ILE C 306 12.54 -26.20 3.37
C ILE C 306 11.43 -25.18 3.20
N ILE C 307 11.77 -24.00 2.68
CA ILE C 307 10.76 -22.98 2.42
C ILE C 307 10.73 -22.69 0.93
N PHE C 308 9.80 -23.33 0.23
CA PHE C 308 9.66 -23.13 -1.21
C PHE C 308 8.99 -21.78 -1.45
N ILE C 309 9.80 -20.73 -1.35
CA ILE C 309 9.31 -19.37 -1.48
C ILE C 309 9.05 -19.11 -2.96
N ASP C 310 7.80 -19.25 -3.36
CA ASP C 310 7.39 -18.98 -4.73
C ASP C 310 6.85 -17.56 -4.85
N GLU C 311 6.82 -17.06 -6.08
CA GLU C 311 6.44 -15.68 -6.37
C GLU C 311 7.28 -14.72 -5.54
N LEU C 312 8.58 -14.99 -5.53
CA LEU C 312 9.54 -14.24 -4.71
C LEU C 312 9.60 -12.77 -5.09
N ASP C 313 9.11 -12.40 -6.26
CA ASP C 313 9.11 -11.00 -6.69
C ASP C 313 7.76 -10.32 -6.43
N ALA C 314 7.06 -10.71 -5.36
CA ALA C 314 5.73 -10.17 -5.13
C ALA C 314 5.78 -8.91 -4.29
N ILE C 315 6.25 -9.01 -3.05
CA ILE C 315 6.56 -7.80 -2.28
C ILE C 315 8.03 -7.48 -2.50
N ALA C 316 8.34 -6.84 -3.61
CA ALA C 316 9.71 -6.66 -4.03
C ALA C 316 10.39 -5.45 -3.40
N PRO C 317 9.73 -4.29 -3.37
CA PRO C 317 10.45 -3.04 -3.09
C PRO C 317 10.64 -2.72 -1.61
N LYS C 318 10.33 -3.64 -0.71
CA LYS C 318 10.44 -3.41 0.74
C LYS C 318 9.59 -2.21 1.16
N ARG C 319 8.50 -1.97 0.44
CA ARG C 319 7.55 -0.90 0.74
C ARG C 319 8.26 0.45 0.85
N GLU C 320 9.36 0.58 0.11
CA GLU C 320 10.09 1.85 0.09
C GLU C 320 9.20 2.94 -0.47
N LYS C 321 8.80 2.80 -1.73
CA LYS C 321 7.85 3.71 -2.36
C LYS C 321 6.42 3.22 -2.28
N THR C 322 6.19 2.00 -1.80
CA THR C 322 4.85 1.44 -1.77
C THR C 322 4.03 2.08 -0.67
N HIS C 323 2.82 2.52 -1.03
CA HIS C 323 1.90 3.15 -0.09
C HIS C 323 0.92 2.15 0.51
N GLY C 324 1.03 0.88 0.14
CA GLY C 324 0.10 -0.11 0.64
C GLY C 324 0.44 -0.55 2.06
N GLU C 325 -0.39 -0.10 3.00
CA GLU C 325 -0.19 -0.48 4.40
C GLU C 325 -0.32 -1.98 4.60
N VAL C 326 -1.33 -2.59 3.97
CA VAL C 326 -1.43 -4.04 4.00
C VAL C 326 -0.20 -4.66 3.38
N GLU C 327 0.27 -4.11 2.26
CA GLU C 327 1.54 -4.54 1.71
C GLU C 327 2.68 -4.22 2.66
N ARG C 328 2.64 -3.04 3.29
CA ARG C 328 3.66 -2.69 4.27
C ARG C 328 3.61 -3.65 5.46
N ARG C 329 2.41 -3.97 5.93
CA ARG C 329 2.29 -4.92 7.03
C ARG C 329 2.82 -6.29 6.64
N ILE C 330 2.55 -6.72 5.41
CA ILE C 330 3.07 -7.99 4.93
C ILE C 330 4.59 -7.97 4.90
N VAL C 331 5.17 -6.87 4.41
CA VAL C 331 6.62 -6.75 4.37
C VAL C 331 7.19 -6.80 5.78
N SER C 332 6.54 -6.14 6.72
CA SER C 332 7.01 -6.16 8.11
C SER C 332 6.97 -7.57 8.67
N GLN C 333 5.87 -8.28 8.45
CA GLN C 333 5.78 -9.66 8.93
C GLN C 333 6.83 -10.53 8.29
N LEU C 334 7.08 -10.34 6.99
CA LEU C 334 8.09 -11.13 6.30
C LEU C 334 9.47 -10.87 6.88
N LEU C 335 9.79 -9.60 7.13
CA LEU C 335 11.08 -9.28 7.74
C LEU C 335 11.19 -9.87 9.13
N THR C 336 10.11 -9.79 9.91
CA THR C 336 10.12 -10.37 11.25
C THR C 336 10.35 -11.87 11.20
N LEU C 337 9.75 -12.56 10.23
CA LEU C 337 10.04 -13.96 10.03
C LEU C 337 11.50 -14.18 9.61
N MET C 338 12.02 -13.32 8.73
CA MET C 338 13.39 -13.47 8.26
C MET C 338 14.41 -12.94 9.25
N ASP C 339 13.97 -12.19 10.27
CA ASP C 339 14.89 -11.62 11.25
C ASP C 339 14.46 -11.98 12.66
N GLY C 340 15.06 -11.33 13.64
CA GLY C 340 14.63 -11.52 15.02
C GLY C 340 15.17 -12.80 15.64
N LEU C 341 14.60 -13.18 16.77
CA LEU C 341 15.06 -14.33 17.53
C LEU C 341 14.76 -15.63 16.78
N LYS C 342 15.76 -16.51 16.76
CA LYS C 342 15.62 -17.86 16.19
C LYS C 342 15.21 -17.80 14.73
N GLN C 343 15.65 -16.76 14.02
CA GLN C 343 15.38 -16.64 12.60
C GLN C 343 16.05 -17.78 11.84
N ARG C 344 17.25 -18.15 12.29
CA ARG C 344 18.01 -19.23 11.66
C ARG C 344 17.46 -20.55 12.18
N ALA C 345 16.36 -21.00 11.60
CA ALA C 345 15.77 -22.29 11.90
C ALA C 345 16.45 -23.35 11.02
N HIS C 346 15.97 -24.60 10.96
CA HIS C 346 16.61 -25.60 10.13
C HIS C 346 16.00 -25.61 8.74
N VAL C 347 15.60 -24.42 8.26
CA VAL C 347 14.99 -24.26 6.94
C VAL C 347 15.58 -23.03 6.28
N ILE C 348 15.31 -22.91 4.98
CA ILE C 348 15.75 -21.76 4.20
C ILE C 348 14.77 -21.55 3.06
N VAL C 349 14.72 -20.34 2.55
CA VAL C 349 13.77 -19.98 1.52
C VAL C 349 14.48 -19.82 0.19
N MET C 350 13.71 -19.76 -0.89
CA MET C 350 14.24 -19.63 -2.24
C MET C 350 13.92 -18.25 -2.78
N ALA C 351 14.96 -17.51 -3.17
CA ALA C 351 14.78 -16.18 -3.73
C ALA C 351 14.69 -16.25 -5.26
N ALA C 352 13.62 -16.90 -5.72
CA ALA C 352 13.36 -17.05 -7.14
C ALA C 352 12.85 -15.71 -7.67
N THR C 353 13.80 -14.83 -7.98
CA THR C 353 13.49 -13.45 -8.33
C THR C 353 13.25 -13.32 -9.82
N ASN C 354 12.07 -12.82 -10.18
CA ASN C 354 11.82 -12.46 -11.57
C ASN C 354 12.61 -11.22 -11.97
N ARG C 355 12.70 -10.23 -11.09
CA ARG C 355 13.44 -9.01 -11.37
C ARG C 355 14.14 -8.58 -10.09
N PRO C 356 15.47 -8.64 -10.05
CA PRO C 356 16.17 -8.21 -8.83
C PRO C 356 16.11 -6.73 -8.59
N ASN C 357 16.01 -5.91 -9.64
CA ASN C 357 15.85 -4.47 -9.45
C ASN C 357 14.57 -4.14 -8.69
N SER C 358 13.49 -4.87 -8.95
CA SER C 358 12.29 -4.71 -8.13
C SER C 358 12.56 -5.07 -6.68
N ILE C 359 13.33 -6.13 -6.44
CA ILE C 359 13.67 -6.56 -5.10
C ILE C 359 14.42 -5.44 -4.40
N ASP C 360 14.41 -5.45 -3.07
CA ASP C 360 15.02 -4.38 -2.30
C ASP C 360 15.98 -4.94 -1.25
N PRO C 361 16.86 -4.11 -0.70
CA PRO C 361 17.90 -4.59 0.22
C PRO C 361 17.39 -5.23 1.51
N ALA C 362 16.11 -5.08 1.85
CA ALA C 362 15.55 -5.65 3.06
C ALA C 362 15.62 -7.17 3.09
N LEU C 363 16.13 -7.78 2.01
CA LEU C 363 16.36 -9.22 1.97
C LEU C 363 17.74 -9.51 1.40
N ARG C 364 18.35 -8.52 0.76
CA ARG C 364 19.62 -8.70 0.07
C ARG C 364 20.76 -9.02 1.03
N ARG C 365 20.56 -8.82 2.33
CA ARG C 365 21.58 -9.11 3.32
C ARG C 365 21.48 -10.57 3.77
N PHE C 366 22.63 -11.12 4.12
CA PHE C 366 22.69 -12.49 4.64
C PHE C 366 22.15 -12.45 6.06
N GLY C 367 20.83 -12.62 6.16
CA GLY C 367 20.15 -12.49 7.44
C GLY C 367 18.88 -11.69 7.26
N ARG C 368 18.92 -10.72 6.35
CA ARG C 368 17.70 -10.07 5.89
C ARG C 368 16.85 -11.04 5.08
N PHE C 369 17.47 -12.01 4.44
CA PHE C 369 16.79 -13.17 3.87
C PHE C 369 17.61 -14.39 4.25
N ASP C 370 17.40 -15.51 3.55
CA ASP C 370 18.18 -16.71 3.81
C ASP C 370 19.67 -16.44 3.61
N ARG C 371 20.01 -15.76 2.52
CA ARG C 371 21.39 -15.39 2.24
C ARG C 371 21.41 -14.30 1.18
N GLU C 372 22.60 -14.09 0.61
CA GLU C 372 22.76 -13.27 -0.58
C GLU C 372 22.44 -14.14 -1.78
N VAL C 373 21.54 -13.63 -2.62
CA VAL C 373 20.99 -14.41 -3.73
C VAL C 373 21.86 -14.27 -4.97
N ASP C 374 21.83 -15.28 -5.83
CA ASP C 374 22.54 -15.26 -7.10
C ASP C 374 21.58 -14.79 -8.19
N ILE C 375 21.90 -14.94 -9.48
CA ILE C 375 20.95 -14.75 -10.56
C ILE C 375 21.11 -15.91 -11.54
N GLY C 376 20.04 -16.17 -12.29
CA GLY C 376 20.05 -17.25 -13.26
C GLY C 376 19.83 -16.74 -14.66
N ILE C 377 20.54 -17.34 -15.61
CA ILE C 377 20.44 -16.94 -17.02
C ILE C 377 20.83 -18.11 -17.92
N PRO C 378 20.41 -18.10 -19.19
CA PRO C 378 20.71 -19.24 -20.06
C PRO C 378 21.98 -19.08 -20.88
N ASP C 379 22.63 -20.20 -21.20
CA ASP C 379 23.80 -20.22 -22.07
C ASP C 379 23.58 -21.21 -23.20
N ALA C 380 24.10 -20.86 -24.39
CA ALA C 380 23.85 -21.68 -25.56
C ALA C 380 24.76 -22.90 -25.61
N THR C 381 26.02 -22.75 -25.17
CA THR C 381 26.92 -23.90 -25.13
C THR C 381 26.40 -24.98 -24.21
N GLY C 382 25.95 -24.62 -23.01
CA GLY C 382 25.30 -25.57 -22.14
C GLY C 382 23.90 -25.93 -22.58
N ARG C 383 23.29 -25.11 -23.43
CA ARG C 383 21.96 -25.42 -23.96
C ARG C 383 21.94 -26.74 -24.71
N LEU C 384 23.00 -27.06 -25.45
CA LEU C 384 23.09 -28.37 -26.08
C LEU C 384 22.97 -29.50 -25.06
N GLU C 385 23.61 -29.35 -23.90
CA GLU C 385 23.37 -30.29 -22.82
C GLU C 385 21.92 -30.23 -22.36
N ILE C 386 21.37 -29.03 -22.20
CA ILE C 386 19.94 -28.92 -21.92
C ILE C 386 19.13 -29.46 -23.08
N LEU C 387 19.56 -29.17 -24.30
CA LEU C 387 18.94 -29.78 -25.47
C LEU C 387 19.11 -31.29 -25.44
N GLN C 388 20.28 -31.76 -25.00
CA GLN C 388 20.48 -33.20 -24.88
C GLN C 388 19.46 -33.81 -23.93
N ILE C 389 19.23 -33.16 -22.79
CA ILE C 389 18.27 -33.67 -21.83
C ILE C 389 16.86 -33.65 -22.41
N HIS C 390 16.50 -32.54 -23.06
CA HIS C 390 15.15 -32.44 -23.63
C HIS C 390 14.93 -33.52 -24.68
N THR C 391 15.93 -33.76 -25.53
CA THR C 391 15.82 -34.83 -26.51
C THR C 391 15.75 -36.20 -25.85
N LYS C 392 16.58 -36.44 -24.84
CA LYS C 392 16.57 -37.73 -24.16
C LYS C 392 15.25 -37.97 -23.43
N ASN C 393 14.49 -36.92 -23.16
CA ASN C 393 13.20 -37.08 -22.51
C ASN C 393 12.31 -38.01 -23.33
N MET C 394 12.23 -37.80 -24.64
CA MET C 394 11.45 -38.63 -25.54
C MET C 394 12.25 -38.85 -26.81
N LYS C 395 12.49 -40.11 -27.14
CA LYS C 395 13.20 -40.44 -28.38
C LYS C 395 12.39 -39.93 -29.57
N LEU C 396 13.05 -39.13 -30.41
CA LEU C 396 12.36 -38.55 -31.56
C LEU C 396 13.20 -38.49 -32.83
N ALA C 397 14.41 -39.03 -32.84
CA ALA C 397 15.27 -38.94 -34.02
C ALA C 397 16.43 -39.92 -33.86
N ASP C 398 16.88 -40.49 -34.97
CA ASP C 398 18.02 -41.38 -34.98
C ASP C 398 19.19 -40.84 -35.78
N ASP C 399 18.99 -40.48 -37.04
CA ASP C 399 20.05 -39.97 -37.89
C ASP C 399 20.19 -38.46 -37.82
N VAL C 400 19.45 -37.80 -36.95
CA VAL C 400 19.50 -36.35 -36.81
C VAL C 400 20.65 -35.98 -35.91
N ASP C 401 21.55 -35.13 -36.41
CA ASP C 401 22.63 -34.58 -35.59
C ASP C 401 22.04 -33.45 -34.74
N LEU C 402 21.14 -33.81 -33.84
CA LEU C 402 20.37 -32.82 -33.08
C LEU C 402 21.27 -31.92 -32.25
N GLU C 403 22.27 -32.49 -31.57
CA GLU C 403 23.21 -31.67 -30.84
C GLU C 403 23.99 -30.76 -31.77
N GLN C 404 24.41 -31.29 -32.93
CA GLN C 404 25.15 -30.49 -33.89
C GLN C 404 24.31 -29.32 -34.39
N VAL C 405 23.04 -29.58 -34.71
CA VAL C 405 22.18 -28.50 -35.19
C VAL C 405 21.91 -27.50 -34.07
N ALA C 406 21.66 -27.99 -32.86
CA ALA C 406 21.39 -27.11 -31.72
C ALA C 406 22.57 -26.19 -31.45
N ASN C 407 23.79 -26.73 -31.49
CA ASN C 407 24.96 -25.86 -31.43
C ASN C 407 25.00 -24.91 -32.61
N GLU C 408 24.67 -25.41 -33.80
CA GLU C 408 24.58 -24.56 -34.98
C GLU C 408 23.49 -23.50 -34.83
N THR C 409 22.49 -23.75 -34.00
CA THR C 409 21.45 -22.77 -33.72
C THR C 409 21.69 -22.26 -32.30
N HIS C 410 22.61 -21.32 -32.17
CA HIS C 410 22.93 -20.72 -30.88
C HIS C 410 22.01 -19.56 -30.54
N GLY C 411 21.24 -19.08 -31.50
CA GLY C 411 20.28 -18.03 -31.22
C GLY C 411 19.10 -18.48 -30.40
N HIS C 412 19.02 -19.78 -30.11
CA HIS C 412 17.94 -20.32 -29.30
C HIS C 412 17.90 -19.62 -27.94
N VAL C 413 16.67 -19.39 -27.47
CA VAL C 413 16.47 -18.66 -26.22
C VAL C 413 16.83 -19.48 -24.99
N GLY C 414 17.23 -20.73 -25.16
CA GLY C 414 17.62 -21.58 -24.05
C GLY C 414 16.45 -22.23 -23.34
N ALA C 415 15.72 -21.46 -22.55
CA ALA C 415 14.50 -21.95 -21.92
C ALA C 415 13.45 -22.29 -22.95
N ASP C 416 13.55 -21.74 -24.15
CA ASP C 416 12.66 -22.06 -25.25
C ASP C 416 13.09 -23.33 -25.98
N LEU C 417 14.10 -24.03 -25.49
CA LEU C 417 14.47 -25.31 -26.08
C LEU C 417 13.32 -26.30 -25.97
N ALA C 418 12.56 -26.25 -24.87
CA ALA C 418 11.39 -27.09 -24.75
C ALA C 418 10.37 -26.76 -25.82
N ALA C 419 10.14 -25.47 -26.08
CA ALA C 419 9.24 -25.09 -27.16
C ALA C 419 9.76 -25.55 -28.51
N LEU C 420 11.08 -25.47 -28.72
CA LEU C 420 11.65 -25.93 -29.98
C LEU C 420 11.46 -27.42 -30.16
N CYS C 421 11.65 -28.20 -29.10
CA CYS C 421 11.40 -29.63 -29.17
C CYS C 421 9.94 -29.90 -29.46
N SER C 422 9.04 -29.16 -28.81
CA SER C 422 7.62 -29.30 -29.10
C SER C 422 7.32 -28.97 -30.55
N GLU C 423 8.02 -27.99 -31.11
CA GLU C 423 7.82 -27.63 -32.50
C GLU C 423 8.28 -28.73 -33.44
N ALA C 424 9.43 -29.33 -33.16
CA ALA C 424 9.89 -30.45 -33.96
C ALA C 424 8.92 -31.62 -33.87
N ALA C 425 8.41 -31.88 -32.67
CA ALA C 425 7.42 -32.92 -32.48
C ALA C 425 6.15 -32.62 -33.26
N LEU C 426 5.70 -31.37 -33.23
CA LEU C 426 4.50 -31.00 -33.96
C LEU C 426 4.69 -31.14 -35.46
N GLN C 427 5.87 -30.75 -35.96
CA GLN C 427 6.14 -30.91 -37.38
C GLN C 427 6.14 -32.37 -37.78
N ALA C 428 6.78 -33.23 -36.99
CA ALA C 428 6.78 -34.66 -37.28
C ALA C 428 5.37 -35.24 -37.18
N ILE C 429 4.60 -34.79 -36.19
CA ILE C 429 3.25 -35.28 -36.02
C ILE C 429 2.37 -34.87 -37.18
N ARG C 430 2.53 -33.63 -37.65
CA ARG C 430 1.81 -33.20 -38.84
C ARG C 430 2.23 -34.03 -40.05
N LYS C 431 3.52 -34.28 -40.20
CA LYS C 431 3.98 -35.07 -41.33
C LYS C 431 3.39 -36.47 -41.32
N LYS C 432 3.45 -37.17 -40.19
CA LYS C 432 2.95 -38.52 -40.12
C LYS C 432 1.42 -38.58 -40.18
N MET C 433 0.74 -37.76 -39.38
CA MET C 433 -0.70 -37.73 -39.30
C MET C 433 -1.35 -37.22 -40.57
N ASP C 434 -0.63 -36.49 -41.41
CA ASP C 434 -1.11 -36.16 -42.73
C ASP C 434 -0.74 -37.22 -43.76
N LEU C 435 0.44 -37.82 -43.63
CA LEU C 435 0.83 -38.92 -44.50
C LEU C 435 -0.12 -40.11 -44.38
N ILE C 436 -0.82 -40.24 -43.25
CA ILE C 436 -1.80 -41.29 -43.06
C ILE C 436 -3.08 -40.66 -42.56
N ASP C 437 -4.08 -41.50 -42.26
CA ASP C 437 -5.27 -41.05 -41.56
C ASP C 437 -4.94 -40.99 -40.07
N LEU C 438 -5.97 -40.86 -39.23
CA LEU C 438 -5.75 -40.92 -37.79
C LEU C 438 -4.95 -42.15 -37.40
N GLU C 439 -5.34 -43.33 -37.89
CA GLU C 439 -4.56 -44.56 -37.78
C GLU C 439 -4.19 -44.88 -36.33
N ASP C 440 -5.16 -44.68 -35.43
CA ASP C 440 -4.92 -44.93 -34.01
C ASP C 440 -4.59 -46.38 -33.75
N GLU C 441 -5.33 -47.30 -34.35
CA GLU C 441 -5.06 -48.73 -34.19
C GLU C 441 -3.73 -49.14 -34.78
N THR C 442 -3.46 -48.72 -36.01
CA THR C 442 -2.21 -49.03 -36.71
C THR C 442 -1.20 -47.97 -36.32
N ILE C 443 -0.74 -48.03 -35.08
CA ILE C 443 0.27 -47.11 -34.60
C ILE C 443 1.57 -47.47 -35.27
N ASP C 444 1.95 -46.67 -36.26
CA ASP C 444 3.15 -46.92 -37.04
C ASP C 444 4.38 -46.93 -36.13
N ALA C 445 5.26 -47.89 -36.38
CA ALA C 445 6.48 -47.99 -35.58
C ALA C 445 7.29 -46.71 -35.66
N GLU C 446 7.38 -46.11 -36.86
CA GLU C 446 8.00 -44.79 -36.98
C GLU C 446 7.22 -43.76 -36.17
N VAL C 447 5.89 -43.84 -36.18
CA VAL C 447 5.07 -42.93 -35.39
C VAL C 447 4.98 -43.34 -33.92
N MET C 448 5.22 -44.61 -33.60
CA MET C 448 5.12 -45.08 -32.23
C MET C 448 6.39 -44.88 -31.43
N ASN C 449 7.52 -45.37 -31.93
CA ASN C 449 8.76 -45.31 -31.16
C ASN C 449 9.30 -43.89 -31.04
N SER C 450 9.29 -43.12 -32.13
CA SER C 450 9.83 -41.77 -32.08
C SER C 450 8.95 -40.81 -32.86
N LEU C 451 9.32 -39.54 -32.90
CA LEU C 451 8.69 -38.58 -33.78
C LEU C 451 9.31 -38.55 -35.16
N ALA C 452 10.63 -38.62 -35.25
CA ALA C 452 11.32 -38.75 -36.52
C ALA C 452 12.52 -39.66 -36.31
N VAL C 453 13.36 -39.74 -37.34
CA VAL C 453 14.61 -40.48 -37.22
C VAL C 453 15.72 -39.64 -37.81
N THR C 454 15.37 -38.43 -38.26
CA THR C 454 16.31 -37.56 -38.94
C THR C 454 15.91 -36.11 -38.72
N MET C 455 16.76 -35.21 -39.18
CA MET C 455 16.60 -33.78 -38.95
C MET C 455 15.51 -33.15 -39.81
N ASP C 456 14.62 -33.94 -40.40
CA ASP C 456 13.51 -33.35 -41.14
C ASP C 456 12.61 -32.55 -40.21
N ASP C 457 12.14 -33.18 -39.12
CA ASP C 457 11.30 -32.48 -38.17
C ASP C 457 12.07 -31.37 -37.47
N PHE C 458 13.35 -31.63 -37.17
CA PHE C 458 14.17 -30.60 -36.51
C PHE C 458 14.32 -29.38 -37.41
N ARG C 459 14.58 -29.58 -38.70
CA ARG C 459 14.73 -28.46 -39.61
C ARG C 459 13.40 -27.74 -39.82
N TRP C 460 12.31 -28.49 -39.89
CA TRP C 460 11.00 -27.85 -39.99
C TRP C 460 10.74 -26.97 -38.79
N ALA C 461 11.06 -27.46 -37.60
CA ALA C 461 10.95 -26.63 -36.40
C ALA C 461 11.84 -25.41 -36.49
N LEU C 462 13.13 -25.60 -36.79
CA LEU C 462 14.08 -24.50 -36.82
C LEU C 462 13.63 -23.40 -37.77
N SER C 463 13.14 -23.79 -38.95
CA SER C 463 12.53 -22.80 -39.83
C SER C 463 11.31 -22.15 -39.18
N GLN C 464 10.45 -22.95 -38.55
CA GLN C 464 9.27 -22.41 -37.87
C GLN C 464 9.67 -21.68 -36.59
N SER C 465 10.56 -22.30 -35.81
CA SER C 465 10.89 -21.77 -34.50
C SER C 465 11.67 -20.47 -34.60
N ASN C 466 11.54 -19.65 -33.57
CA ASN C 466 12.30 -18.41 -33.39
C ASN C 466 12.27 -18.06 -31.91
N PRO C 467 13.19 -17.21 -31.43
CA PRO C 467 13.19 -16.86 -30.00
C PRO C 467 11.93 -16.12 -29.60
N SER C 468 11.28 -16.63 -28.54
CA SER C 468 9.98 -16.12 -28.13
C SER C 468 10.08 -14.71 -27.57
N ALA C 469 11.17 -14.40 -26.88
CA ALA C 469 11.32 -13.06 -26.31
C ALA C 469 11.33 -12.00 -27.40
N LEU C 470 12.19 -12.16 -28.41
CA LEU C 470 12.20 -11.22 -29.51
C LEU C 470 10.89 -11.26 -30.30
N ARG C 471 10.30 -12.45 -30.42
CA ARG C 471 9.03 -12.58 -31.13
C ARG C 471 7.94 -11.72 -30.51
N GLU C 472 7.75 -11.82 -29.19
CA GLU C 472 6.85 -10.91 -28.52
C GLU C 472 7.33 -9.47 -28.63
N THR C 473 8.64 -9.27 -28.64
CA THR C 473 9.20 -7.93 -28.78
C THR C 473 8.95 -7.35 -30.16
N VAL C 474 9.24 -8.12 -31.22
CA VAL C 474 9.24 -7.59 -32.58
C VAL C 474 8.81 -8.67 -33.55
N VAL C 475 8.28 -8.22 -34.69
CA VAL C 475 7.93 -9.10 -35.81
C VAL C 475 8.75 -8.67 -37.01
N GLU C 476 8.59 -9.37 -38.13
CA GLU C 476 9.41 -9.09 -39.31
C GLU C 476 8.65 -9.43 -40.58
N VAL C 477 9.12 -8.87 -41.68
CA VAL C 477 8.59 -9.17 -43.01
C VAL C 477 9.62 -10.02 -43.74
N PRO C 478 9.21 -10.88 -44.67
CA PRO C 478 10.18 -11.76 -45.33
C PRO C 478 11.02 -11.04 -46.36
N GLN C 479 12.12 -11.66 -46.77
CA GLN C 479 13.01 -11.08 -47.77
C GLN C 479 13.78 -12.20 -48.45
N VAL C 480 14.48 -11.86 -49.53
CA VAL C 480 15.33 -12.81 -50.24
C VAL C 480 16.66 -12.90 -49.51
N THR C 481 17.44 -13.92 -49.84
CA THR C 481 18.72 -14.15 -49.18
C THR C 481 19.74 -13.13 -49.66
N TRP C 482 20.81 -12.97 -48.88
CA TRP C 482 21.92 -12.12 -49.30
C TRP C 482 22.55 -12.61 -50.60
N GLU C 483 22.71 -13.93 -50.74
CA GLU C 483 23.12 -14.49 -52.01
C GLU C 483 22.07 -14.28 -53.10
N ASP C 484 20.79 -14.20 -52.75
CA ASP C 484 19.75 -13.95 -53.72
C ASP C 484 19.84 -12.55 -54.32
N ILE C 485 20.65 -11.67 -53.73
CA ILE C 485 20.91 -10.34 -54.28
C ILE C 485 22.39 -10.26 -54.65
N GLY C 486 22.71 -9.39 -55.60
CA GLY C 486 24.06 -9.26 -56.09
C GLY C 486 24.68 -7.92 -55.73
N GLY C 487 25.96 -7.80 -56.06
CA GLY C 487 26.70 -6.57 -55.81
C GLY C 487 27.37 -6.54 -54.46
N LEU C 488 28.38 -5.67 -54.33
CA LEU C 488 29.10 -5.50 -53.07
C LEU C 488 29.59 -6.84 -52.53
N GLU C 489 30.11 -7.68 -53.42
CA GLU C 489 30.58 -9.00 -53.04
C GLU C 489 31.61 -8.94 -51.92
N ASP C 490 32.54 -7.99 -52.00
CA ASP C 490 33.49 -7.81 -50.92
C ASP C 490 32.78 -7.44 -49.63
N VAL C 491 31.79 -6.54 -49.71
CA VAL C 491 31.08 -6.11 -48.52
C VAL C 491 30.30 -7.27 -47.91
N LYS C 492 29.59 -8.03 -48.75
CA LYS C 492 28.82 -9.15 -48.24
C LYS C 492 29.74 -10.19 -47.62
N ARG C 493 30.87 -10.48 -48.28
CA ARG C 493 31.82 -11.42 -47.73
C ARG C 493 32.36 -10.94 -46.39
N GLU C 494 32.66 -9.65 -46.29
CA GLU C 494 33.18 -9.11 -45.03
C GLU C 494 32.13 -9.24 -43.92
N LEU C 495 30.87 -8.93 -44.24
CA LEU C 495 29.82 -9.05 -43.24
C LEU C 495 29.66 -10.50 -42.79
N GLN C 496 29.66 -11.43 -43.74
CA GLN C 496 29.53 -12.83 -43.40
C GLN C 496 30.70 -13.30 -42.54
N GLU C 497 31.91 -12.88 -42.89
CA GLU C 497 33.08 -13.25 -42.10
C GLU C 497 33.01 -12.68 -40.71
N LEU C 498 32.53 -11.43 -40.59
CA LEU C 498 32.37 -10.84 -39.27
C LEU C 498 31.38 -11.62 -38.43
N VAL C 499 30.25 -12.02 -39.03
CA VAL C 499 29.30 -12.84 -38.30
C VAL C 499 29.92 -14.17 -37.89
N GLN C 500 30.62 -14.83 -38.81
CA GLN C 500 31.12 -16.17 -38.57
C GLN C 500 32.28 -16.21 -37.59
N TYR C 501 33.13 -15.18 -37.56
CA TYR C 501 34.33 -15.24 -36.74
C TYR C 501 34.02 -15.52 -35.28
N PRO C 502 33.23 -14.70 -34.59
CA PRO C 502 32.79 -15.11 -33.24
C PRO C 502 32.05 -16.43 -33.25
N VAL C 503 31.22 -16.67 -34.26
CA VAL C 503 30.50 -17.93 -34.36
C VAL C 503 31.41 -19.13 -34.57
N GLU C 504 32.42 -19.00 -35.43
CA GLU C 504 33.25 -20.13 -35.79
C GLU C 504 34.44 -20.28 -34.86
N HIS C 505 35.33 -19.31 -34.82
CA HIS C 505 36.51 -19.46 -33.98
C HIS C 505 36.70 -18.23 -33.12
N PRO C 506 35.80 -17.99 -32.16
CA PRO C 506 36.03 -16.89 -31.22
C PRO C 506 37.31 -17.11 -30.43
N ASP C 507 37.63 -18.38 -30.19
CA ASP C 507 38.88 -18.70 -29.52
C ASP C 507 40.08 -18.26 -30.35
N LYS C 508 40.00 -18.39 -31.68
CA LYS C 508 41.11 -17.95 -32.52
C LYS C 508 41.37 -16.47 -32.34
N PHE C 509 40.32 -15.66 -32.28
CA PHE C 509 40.46 -14.26 -31.92
C PHE C 509 41.03 -14.09 -30.53
N LEU C 510 40.55 -14.88 -29.57
CA LEU C 510 41.22 -14.95 -28.28
C LEU C 510 42.64 -15.45 -28.42
N LYS C 511 42.85 -16.49 -29.23
CA LYS C 511 44.19 -16.95 -29.54
C LYS C 511 45.02 -15.91 -30.25
N PHE C 512 44.44 -15.16 -31.18
CA PHE C 512 45.12 -14.00 -31.74
C PHE C 512 45.37 -12.93 -30.69
N GLY C 513 44.65 -12.97 -29.58
CA GLY C 513 44.82 -11.99 -28.53
C GLY C 513 44.16 -10.67 -28.84
N MET C 514 43.03 -10.72 -29.55
CA MET C 514 42.32 -9.52 -29.95
C MET C 514 40.82 -9.74 -29.73
N THR C 515 40.05 -8.67 -29.92
CA THR C 515 38.62 -8.71 -29.69
C THR C 515 37.86 -8.42 -30.98
N PRO C 516 36.58 -8.80 -31.06
CA PRO C 516 35.82 -8.56 -32.29
C PRO C 516 35.41 -7.11 -32.45
N SER C 517 35.02 -6.77 -33.67
CA SER C 517 34.56 -5.43 -33.99
C SER C 517 33.11 -5.23 -33.57
N LYS C 518 32.77 -3.99 -33.23
CA LYS C 518 31.47 -3.67 -32.69
C LYS C 518 30.41 -3.47 -33.77
N GLY C 519 30.60 -2.47 -34.64
CA GLY C 519 29.55 -2.10 -35.56
C GLY C 519 30.04 -1.58 -36.89
N VAL C 520 29.10 -1.37 -37.81
CA VAL C 520 29.40 -0.98 -39.18
C VAL C 520 28.52 0.20 -39.56
N LEU C 521 28.72 0.68 -40.78
CA LEU C 521 27.91 1.77 -41.33
C LEU C 521 27.74 1.47 -42.82
N PHE C 522 26.54 1.70 -43.33
CA PHE C 522 26.23 1.37 -44.72
C PHE C 522 25.91 2.64 -45.50
N TYR C 523 26.49 2.79 -46.68
CA TYR C 523 26.12 3.87 -47.57
C TYR C 523 25.99 3.42 -49.01
N GLY C 524 25.70 4.36 -49.90
CA GLY C 524 25.52 4.08 -51.29
C GLY C 524 24.74 5.20 -51.94
N PRO C 525 23.73 4.85 -52.73
CA PRO C 525 22.75 5.84 -53.16
C PRO C 525 21.79 6.15 -52.03
N PRO C 526 20.82 7.01 -52.25
CA PRO C 526 19.86 7.32 -51.18
C PRO C 526 18.84 6.20 -50.99
N GLY C 527 19.28 5.12 -50.33
CA GLY C 527 18.38 4.01 -50.03
C GLY C 527 17.80 3.37 -51.27
N CYS C 528 18.66 3.09 -52.25
CA CYS C 528 18.24 2.55 -53.54
C CYS C 528 18.19 1.03 -53.52
N GLY C 529 17.90 0.47 -52.35
CA GLY C 529 18.02 -0.95 -52.12
C GLY C 529 18.96 -1.15 -50.96
N LYS C 530 19.46 -0.03 -50.42
CA LYS C 530 20.24 -0.09 -49.20
C LYS C 530 19.40 -0.69 -48.07
N THR C 531 18.18 -0.19 -47.90
CA THR C 531 17.24 -0.84 -47.00
C THR C 531 16.99 -2.28 -47.42
N LEU C 532 16.84 -2.49 -48.74
CA LEU C 532 16.67 -3.84 -49.25
C LEU C 532 17.92 -4.68 -48.98
N LEU C 533 19.11 -4.07 -49.11
CA LEU C 533 20.33 -4.80 -48.82
C LEU C 533 20.37 -5.25 -47.37
N ALA C 534 20.01 -4.36 -46.45
CA ALA C 534 19.95 -4.73 -45.05
C ALA C 534 18.94 -5.84 -44.81
N LYS C 535 17.78 -5.74 -45.45
CA LYS C 535 16.76 -6.77 -45.28
C LYS C 535 17.27 -8.12 -45.76
N ALA C 536 17.94 -8.16 -46.91
CA ALA C 536 18.48 -9.41 -47.43
C ALA C 536 19.55 -9.96 -46.51
N ILE C 537 20.41 -9.09 -45.97
CA ILE C 537 21.44 -9.55 -45.06
C ILE C 537 20.81 -10.17 -43.82
N ALA C 538 19.78 -9.52 -43.27
CA ALA C 538 19.09 -10.10 -42.13
C ALA C 538 18.43 -11.42 -42.48
N ASN C 539 17.85 -11.52 -43.67
CA ASN C 539 17.26 -12.78 -44.10
C ASN C 539 18.29 -13.89 -44.18
N GLU C 540 19.46 -13.61 -44.73
CA GLU C 540 20.52 -14.61 -44.79
C GLU C 540 21.28 -14.75 -43.48
N CYS C 541 20.99 -13.91 -42.49
CA CYS C 541 21.69 -13.96 -41.22
C CYS C 541 21.44 -15.29 -40.51
N GLN C 542 22.54 -15.89 -40.04
CA GLN C 542 22.44 -17.16 -39.33
C GLN C 542 21.88 -16.97 -37.93
N ALA C 543 22.31 -15.94 -37.22
CA ALA C 543 21.86 -15.68 -35.86
C ALA C 543 20.70 -14.69 -35.87
N ASN C 544 20.30 -14.26 -34.67
CA ASN C 544 19.21 -13.32 -34.52
C ASN C 544 19.60 -11.94 -35.06
N PHE C 545 18.59 -11.21 -35.52
CA PHE C 545 18.82 -9.90 -36.13
C PHE C 545 17.60 -9.03 -35.85
N ILE C 546 17.77 -8.04 -34.99
CA ILE C 546 16.69 -7.12 -34.64
C ILE C 546 16.91 -5.81 -35.36
N SER C 547 15.91 -5.37 -36.11
CA SER C 547 15.94 -4.11 -36.82
C SER C 547 15.20 -3.04 -36.01
N ILE C 548 15.57 -1.78 -36.23
CA ILE C 548 14.99 -0.67 -35.49
C ILE C 548 14.53 0.39 -36.48
N LYS C 549 13.48 1.11 -36.08
CA LYS C 549 12.98 2.25 -36.83
C LYS C 549 12.93 3.45 -35.88
N GLY C 550 13.22 4.63 -36.42
CA GLY C 550 13.30 5.82 -35.61
C GLY C 550 11.96 6.23 -35.03
N PRO C 551 10.87 5.74 -35.63
CA PRO C 551 9.54 6.09 -35.12
C PRO C 551 9.28 5.68 -33.68
N GLU C 552 9.81 4.54 -33.25
CA GLU C 552 9.57 4.03 -31.90
C GLU C 552 10.57 4.66 -30.94
N LEU C 553 10.54 5.99 -30.84
CA LEU C 553 11.53 6.68 -30.03
C LEU C 553 10.94 7.40 -28.84
N LEU C 554 9.97 8.29 -29.07
CA LEU C 554 9.57 9.28 -28.09
C LEU C 554 8.21 8.96 -27.49
N THR C 555 8.14 8.92 -26.18
CA THR C 555 6.87 8.86 -25.46
C THR C 555 6.30 10.28 -25.35
N MET C 556 5.00 10.42 -25.54
CA MET C 556 4.36 11.72 -25.38
C MET C 556 4.47 12.20 -23.93
N TRP C 557 4.27 11.30 -22.98
CA TRP C 557 4.54 11.61 -21.59
C TRP C 557 6.05 11.70 -21.38
N PHE C 558 6.48 12.88 -20.94
CA PHE C 558 7.91 13.13 -20.77
C PHE C 558 8.48 12.27 -19.66
N GLY C 559 9.80 12.05 -19.72
CA GLY C 559 10.47 11.19 -18.79
C GLY C 559 10.35 9.72 -19.09
N GLU C 560 9.66 9.34 -20.16
CA GLU C 560 9.49 7.94 -20.52
C GLU C 560 10.17 7.58 -21.84
N SER C 561 10.39 8.57 -22.72
CA SER C 561 11.04 8.27 -23.99
C SER C 561 12.46 7.76 -23.78
N GLU C 562 13.23 8.42 -22.92
CA GLU C 562 14.54 7.90 -22.57
C GLU C 562 14.42 6.54 -21.89
N ALA C 563 13.36 6.35 -21.10
CA ALA C 563 13.10 5.03 -20.54
C ALA C 563 12.84 4.02 -21.64
N ASN C 564 12.13 4.42 -22.70
CA ASN C 564 11.91 3.52 -23.83
C ASN C 564 13.23 3.15 -24.50
N VAL C 565 14.11 4.14 -24.67
CA VAL C 565 15.41 3.87 -25.28
C VAL C 565 16.21 2.90 -24.42
N ARG C 566 16.21 3.13 -23.11
CA ARG C 566 16.93 2.24 -22.20
C ARG C 566 16.35 0.85 -22.26
N GLU C 567 15.02 0.73 -22.32
CA GLU C 567 14.40 -0.59 -22.41
C GLU C 567 14.78 -1.29 -23.70
N ILE C 568 14.82 -0.55 -24.81
CA ILE C 568 15.21 -1.15 -26.08
C ILE C 568 16.65 -1.64 -26.01
N PHE C 569 17.54 -0.82 -25.45
CA PHE C 569 18.93 -1.24 -25.33
C PHE C 569 19.07 -2.45 -24.44
N ASP C 570 18.30 -2.50 -23.34
CA ASP C 570 18.38 -3.65 -22.44
C ASP C 570 17.85 -4.90 -23.11
N LYS C 571 16.77 -4.78 -23.87
CA LYS C 571 16.26 -5.92 -24.61
C LYS C 571 17.30 -6.41 -25.61
N ALA C 572 17.97 -5.48 -26.28
CA ALA C 572 19.04 -5.86 -27.19
C ALA C 572 20.16 -6.60 -26.46
N ARG C 573 20.58 -6.08 -25.31
CA ARG C 573 21.65 -6.72 -24.55
C ARG C 573 21.26 -8.13 -24.14
N GLN C 574 20.04 -8.30 -23.64
CA GLN C 574 19.53 -9.62 -23.32
C GLN C 574 19.38 -10.49 -24.56
N ALA C 575 19.29 -9.87 -25.74
CA ALA C 575 19.08 -10.60 -26.97
C ALA C 575 20.39 -11.10 -27.55
N ALA C 576 21.49 -10.76 -26.91
CA ALA C 576 22.77 -11.24 -27.40
C ALA C 576 22.82 -12.76 -27.31
N PRO C 577 23.27 -13.44 -28.36
CA PRO C 577 23.79 -12.88 -29.62
C PRO C 577 22.69 -12.55 -30.62
N CYS C 578 22.55 -11.27 -30.97
CA CYS C 578 21.60 -10.86 -32.01
C CYS C 578 22.21 -9.70 -32.77
N VAL C 579 21.76 -9.52 -34.01
CA VAL C 579 22.28 -8.44 -34.85
C VAL C 579 21.47 -7.19 -34.61
N LEU C 580 22.16 -6.11 -34.25
CA LEU C 580 21.51 -4.83 -33.94
C LEU C 580 21.38 -4.02 -35.22
N PHE C 581 20.21 -4.06 -35.83
CA PHE C 581 19.93 -3.30 -37.03
C PHE C 581 19.03 -2.12 -36.70
N PHE C 582 19.14 -1.06 -37.47
CA PHE C 582 18.34 0.14 -37.25
C PHE C 582 18.12 0.81 -38.59
N ASP C 583 17.34 1.89 -38.59
CA ASP C 583 17.11 2.67 -39.79
C ASP C 583 18.32 3.55 -40.08
N GLU C 584 18.19 4.45 -41.04
CA GLU C 584 19.27 5.40 -41.30
C GLU C 584 19.44 6.31 -40.10
N LEU C 585 20.55 6.11 -39.38
CA LEU C 585 20.80 6.90 -38.18
C LEU C 585 20.91 8.38 -38.53
N ASP C 586 21.42 8.70 -39.72
CA ASP C 586 21.41 10.08 -40.18
C ASP C 586 20.00 10.64 -40.22
N SER C 587 19.01 9.77 -40.44
CA SER C 587 17.61 10.16 -40.40
C SER C 587 16.92 9.73 -39.11
N ILE C 588 17.65 9.14 -38.17
CA ILE C 588 17.04 8.64 -36.94
C ILE C 588 17.44 9.51 -35.76
N ALA C 589 18.74 9.59 -35.50
CA ALA C 589 19.27 10.38 -34.40
C ALA C 589 20.54 11.07 -34.90
N LYS C 590 20.41 12.34 -35.26
CA LYS C 590 21.53 13.15 -35.72
C LYS C 590 22.07 13.97 -34.54
N ALA C 591 22.62 13.26 -33.56
CA ALA C 591 23.04 13.90 -32.32
C ALA C 591 24.14 14.92 -32.54
N ARG C 592 25.15 14.57 -33.32
CA ARG C 592 26.15 15.56 -33.74
C ARG C 592 25.96 15.79 -35.24
N GLY C 593 24.77 15.50 -35.73
CA GLY C 593 24.42 15.79 -37.11
C GLY C 593 23.28 16.77 -37.21
N GLY C 594 22.43 16.81 -36.19
CA GLY C 594 21.34 17.78 -36.16
C GLY C 594 21.75 19.09 -35.54
N ASN C 595 22.23 19.04 -34.29
CA ASN C 595 22.69 20.22 -33.59
C ASN C 595 23.46 19.78 -32.35
N ILE C 596 24.24 20.70 -31.79
CA ILE C 596 24.88 20.42 -30.52
C ILE C 596 23.84 20.20 -29.44
N GLY C 597 22.82 21.04 -29.39
CA GLY C 597 21.69 20.87 -28.48
C GLY C 597 20.70 19.90 -29.09
N ASP C 598 20.35 18.88 -28.32
CA ASP C 598 19.51 17.81 -28.81
C ASP C 598 18.03 18.10 -28.54
N GLY C 599 17.20 17.08 -28.75
CA GLY C 599 15.76 17.26 -28.75
C GLY C 599 15.17 17.38 -27.35
N GLY C 600 15.32 18.56 -26.75
CA GLY C 600 14.80 18.81 -25.42
C GLY C 600 15.44 17.99 -24.34
N GLY C 601 16.69 17.56 -24.51
CA GLY C 601 17.35 16.68 -23.58
C GLY C 601 16.97 15.23 -23.75
N ALA C 602 15.78 14.95 -24.26
CA ALA C 602 15.40 13.57 -24.52
C ALA C 602 16.30 12.93 -25.56
N ALA C 603 16.51 13.60 -26.69
CA ALA C 603 17.41 13.06 -27.71
C ALA C 603 18.84 13.01 -27.18
N ASP C 604 19.22 13.98 -26.37
CA ASP C 604 20.55 13.95 -25.77
C ASP C 604 20.74 12.72 -24.90
N ARG C 605 19.74 12.41 -24.07
CA ARG C 605 19.82 11.22 -23.23
C ARG C 605 19.78 9.96 -24.07
N VAL C 606 19.03 9.99 -25.18
CA VAL C 606 19.00 8.83 -26.08
C VAL C 606 20.38 8.59 -26.66
N ILE C 607 21.03 9.64 -27.14
CA ILE C 607 22.38 9.50 -27.68
C ILE C 607 23.35 9.08 -26.58
N ASN C 608 23.14 9.59 -25.36
CA ASN C 608 23.99 9.22 -24.24
C ASN C 608 23.86 7.75 -23.93
N GLN C 609 22.64 7.22 -23.94
CA GLN C 609 22.44 5.78 -23.74
C GLN C 609 23.04 4.98 -24.88
N ILE C 610 22.90 5.47 -26.11
CA ILE C 610 23.43 4.75 -27.27
C ILE C 610 24.95 4.65 -27.18
N LEU C 611 25.61 5.76 -26.88
CA LEU C 611 27.04 5.70 -26.62
C LEU C 611 27.34 4.83 -25.41
N THR C 612 26.52 4.94 -24.36
CA THR C 612 26.58 4.03 -23.23
C THR C 612 26.22 2.62 -23.62
N GLU C 613 25.38 2.44 -24.64
CA GLU C 613 25.29 1.15 -25.28
C GLU C 613 26.55 0.85 -26.07
N MET C 614 27.11 1.85 -26.74
CA MET C 614 28.35 1.68 -27.49
C MET C 614 29.58 1.64 -26.60
N ASP C 615 29.49 2.16 -25.38
CA ASP C 615 30.63 2.20 -24.46
C ASP C 615 30.25 1.61 -23.12
N GLY C 616 31.12 1.76 -22.12
CA GLY C 616 30.84 1.27 -20.79
C GLY C 616 31.55 -0.02 -20.46
N MET C 617 30.79 -1.04 -20.04
CA MET C 617 31.38 -2.35 -19.73
C MET C 617 30.29 -3.40 -19.92
N SER C 618 30.34 -4.11 -21.03
CA SER C 618 29.33 -5.10 -21.34
C SER C 618 29.93 -6.16 -22.26
N THR C 619 29.22 -7.28 -22.37
CA THR C 619 29.69 -8.40 -23.18
C THR C 619 29.59 -8.09 -24.67
N LYS C 620 28.39 -7.71 -25.12
CA LYS C 620 28.14 -7.45 -26.53
C LYS C 620 28.48 -8.68 -27.37
N LYS C 621 27.77 -9.78 -27.13
CA LYS C 621 28.07 -11.03 -27.83
C LYS C 621 27.92 -10.88 -29.33
N ASN C 622 26.83 -10.25 -29.79
CA ASN C 622 26.67 -9.94 -31.21
C ASN C 622 26.28 -8.48 -31.31
N VAL C 623 27.16 -7.68 -31.89
CA VAL C 623 26.94 -6.25 -32.01
C VAL C 623 26.90 -5.90 -33.49
N PHE C 624 25.94 -5.07 -33.86
CA PHE C 624 25.79 -4.64 -35.25
C PHE C 624 25.26 -3.21 -35.25
N ILE C 625 25.41 -2.55 -36.40
CA ILE C 625 24.93 -1.18 -36.56
C ILE C 625 24.49 -1.01 -38.00
N ILE C 626 23.19 -0.73 -38.19
CA ILE C 626 22.61 -0.54 -39.51
C ILE C 626 22.13 0.89 -39.63
N GLY C 627 22.68 1.63 -40.59
CA GLY C 627 22.28 3.00 -40.84
C GLY C 627 22.75 3.49 -42.19
N ALA C 628 21.84 4.09 -42.95
CA ALA C 628 22.16 4.53 -44.30
C ALA C 628 22.61 5.99 -44.30
N THR C 629 23.57 6.30 -45.18
CA THR C 629 24.08 7.65 -45.31
C THR C 629 23.08 8.49 -46.09
N ASN C 630 21.94 8.75 -45.44
CA ASN C 630 20.99 9.71 -45.97
C ASN C 630 21.58 11.10 -46.05
N ARG C 631 22.39 11.48 -45.06
CA ARG C 631 23.15 12.70 -45.06
C ARG C 631 24.40 12.42 -44.23
N PRO C 632 25.57 12.36 -44.86
CA PRO C 632 26.80 12.15 -44.08
C PRO C 632 27.05 13.23 -43.04
N ASP C 633 26.58 14.45 -43.28
CA ASP C 633 26.66 15.51 -42.30
C ASP C 633 25.69 15.33 -41.15
N ILE C 634 24.66 14.50 -41.32
CA ILE C 634 23.67 14.25 -40.28
C ILE C 634 24.23 13.22 -39.31
N ILE C 635 25.47 12.82 -39.53
CA ILE C 635 26.09 11.81 -38.67
C ILE C 635 26.45 12.43 -37.32
N ASP C 636 26.30 11.63 -36.28
CA ASP C 636 26.77 12.05 -34.97
C ASP C 636 28.24 11.64 -34.79
N PRO C 637 29.14 12.58 -34.51
CA PRO C 637 30.55 12.23 -34.36
C PRO C 637 30.83 11.21 -33.27
N ALA C 638 30.07 11.23 -32.18
CA ALA C 638 30.23 10.22 -31.14
C ALA C 638 29.95 8.82 -31.66
N ILE C 639 28.89 8.64 -32.46
CA ILE C 639 28.65 7.39 -33.15
C ILE C 639 29.71 7.11 -34.18
N LEU C 640 30.20 8.14 -34.87
CA LEU C 640 31.19 7.95 -35.93
C LEU C 640 32.48 7.32 -35.42
N ARG C 641 32.79 7.49 -34.14
CA ARG C 641 34.04 6.97 -33.60
C ARG C 641 33.99 5.45 -33.51
N PRO C 642 35.13 4.79 -33.47
CA PRO C 642 35.14 3.34 -33.22
C PRO C 642 34.63 3.05 -31.82
N GLY C 643 34.21 1.81 -31.62
CA GLY C 643 33.51 1.46 -30.40
C GLY C 643 32.04 1.80 -30.51
N ARG C 644 31.75 2.88 -31.24
CA ARG C 644 30.40 3.21 -31.63
C ARG C 644 30.10 2.87 -33.08
N LEU C 645 31.10 2.90 -33.95
CA LEU C 645 30.96 2.43 -35.33
C LEU C 645 32.35 2.13 -35.86
N ASP C 646 32.60 0.88 -36.19
CA ASP C 646 33.91 0.50 -36.73
C ASP C 646 33.95 0.67 -38.25
N GLN C 647 33.09 -0.03 -38.98
CA GLN C 647 33.10 0.00 -40.43
C GLN C 647 32.31 1.20 -40.93
N LEU C 648 32.88 1.87 -41.93
CA LEU C 648 32.33 3.13 -42.41
C LEU C 648 31.25 2.89 -43.45
N ILE C 649 30.41 3.91 -43.64
CA ILE C 649 29.32 3.86 -44.61
C ILE C 649 29.92 4.19 -45.97
N TYR C 650 30.32 3.15 -46.69
CA TYR C 650 30.92 3.30 -48.02
C TYR C 650 29.80 3.62 -49.00
N ILE C 651 29.85 4.81 -49.58
CA ILE C 651 28.80 5.24 -50.50
C ILE C 651 29.11 4.70 -51.89
N PRO C 652 28.47 3.63 -52.31
CA PRO C 652 28.65 3.15 -53.68
C PRO C 652 27.60 3.70 -54.63
N LEU C 653 27.83 3.55 -55.93
CA LEU C 653 26.84 3.88 -56.94
C LEU C 653 26.83 2.76 -57.98
N PRO C 654 25.76 2.62 -58.76
CA PRO C 654 25.73 1.52 -59.73
C PRO C 654 26.69 1.76 -60.89
N ASP C 655 27.82 1.05 -60.87
CA ASP C 655 28.79 1.14 -61.96
C ASP C 655 28.25 0.39 -63.16
N GLU C 656 28.83 0.62 -64.34
CA GLU C 656 28.38 -0.03 -65.56
C GLU C 656 28.37 -1.55 -65.42
N LYS C 657 29.49 -2.13 -64.99
CA LYS C 657 29.49 -3.55 -64.67
C LYS C 657 28.55 -3.85 -63.53
N SER C 658 28.55 -2.99 -62.50
CA SER C 658 27.62 -3.17 -61.39
C SER C 658 26.18 -3.04 -61.85
N ARG C 659 25.92 -2.08 -62.75
CA ARG C 659 24.57 -1.94 -63.28
C ARG C 659 24.16 -3.19 -64.06
N VAL C 660 25.07 -3.75 -64.85
CA VAL C 660 24.77 -4.96 -65.58
C VAL C 660 24.47 -6.11 -64.62
N ALA C 661 25.26 -6.23 -63.56
CA ALA C 661 25.02 -7.27 -62.57
C ALA C 661 23.66 -7.09 -61.91
N ILE C 662 23.32 -5.87 -61.54
CA ILE C 662 22.04 -5.62 -60.89
C ILE C 662 20.89 -5.93 -61.83
N LEU C 663 21.04 -5.55 -63.10
CA LEU C 663 20.00 -5.85 -64.09
C LEU C 663 19.83 -7.35 -64.26
N LYS C 664 20.94 -8.07 -64.33
CA LYS C 664 20.86 -9.53 -64.45
C LYS C 664 20.17 -10.13 -63.23
N ALA C 665 20.51 -9.64 -62.04
CA ALA C 665 19.87 -10.13 -60.83
C ALA C 665 18.38 -9.86 -60.84
N ASN C 666 17.97 -8.66 -61.24
CA ASN C 666 16.56 -8.35 -61.32
C ASN C 666 15.84 -9.24 -62.32
N LEU C 667 16.46 -9.48 -63.47
CA LEU C 667 15.86 -10.34 -64.48
C LEU C 667 15.80 -11.79 -64.02
N ARG C 668 16.71 -12.20 -63.14
CA ARG C 668 16.77 -13.60 -62.72
C ARG C 668 15.44 -14.11 -62.20
N LYS C 669 14.70 -13.27 -61.48
CA LYS C 669 13.40 -13.67 -60.96
C LYS C 669 12.28 -13.46 -61.97
N SER C 670 12.58 -12.97 -63.16
CA SER C 670 11.52 -12.59 -64.08
C SER C 670 11.59 -13.39 -65.38
N PRO C 671 10.48 -13.47 -66.12
CA PRO C 671 10.51 -14.13 -67.43
C PRO C 671 11.07 -13.22 -68.51
N VAL C 672 12.39 -13.17 -68.64
CA VAL C 672 13.02 -12.28 -69.61
C VAL C 672 13.13 -12.99 -70.96
N ALA C 673 13.25 -12.19 -72.01
CA ALA C 673 13.34 -12.69 -73.37
C ALA C 673 14.74 -12.45 -73.94
N LYS C 674 15.14 -13.32 -74.85
CA LYS C 674 16.41 -13.17 -75.53
C LYS C 674 16.45 -11.94 -76.43
N ASP C 675 15.28 -11.42 -76.83
CA ASP C 675 15.25 -10.22 -77.65
C ASP C 675 15.81 -9.01 -76.91
N VAL C 676 15.69 -8.99 -75.59
CA VAL C 676 16.24 -7.91 -74.76
C VAL C 676 17.73 -8.18 -74.57
N ASP C 677 18.54 -7.17 -74.83
CA ASP C 677 19.99 -7.27 -74.69
C ASP C 677 20.45 -6.53 -73.44
N LEU C 678 20.95 -7.29 -72.48
CA LEU C 678 21.45 -6.68 -71.25
C LEU C 678 22.70 -5.85 -71.48
N GLU C 679 23.47 -6.17 -72.52
CA GLU C 679 24.64 -5.36 -72.84
C GLU C 679 24.23 -3.96 -73.28
N PHE C 680 23.24 -3.87 -74.18
CA PHE C 680 22.72 -2.57 -74.57
C PHE C 680 22.08 -1.86 -73.39
N LEU C 681 21.42 -2.63 -72.52
CA LEU C 681 20.84 -2.03 -71.31
C LEU C 681 21.91 -1.40 -70.44
N ALA C 682 23.03 -2.11 -70.24
CA ALA C 682 24.11 -1.56 -69.44
C ALA C 682 24.75 -0.36 -70.12
N LYS C 683 24.92 -0.42 -71.43
CA LYS C 683 25.49 0.71 -72.16
C LYS C 683 24.62 1.94 -72.01
N MET C 684 23.30 1.78 -72.11
CA MET C 684 22.37 2.88 -71.92
C MET C 684 22.27 3.30 -70.46
N THR C 685 22.61 2.41 -69.52
CA THR C 685 22.47 2.73 -68.11
C THR C 685 23.31 3.93 -67.73
N ASN C 686 24.59 3.91 -68.10
CA ASN C 686 25.51 5.04 -67.87
C ASN C 686 25.46 5.49 -66.41
N GLY C 687 25.42 4.51 -65.51
CA GLY C 687 25.30 4.81 -64.11
C GLY C 687 23.92 5.33 -63.74
N PHE C 688 22.90 4.52 -63.98
CA PHE C 688 21.55 4.79 -63.54
C PHE C 688 21.28 3.98 -62.28
N SER C 689 20.28 4.40 -61.51
CA SER C 689 19.97 3.75 -60.26
C SER C 689 19.42 2.35 -60.49
N GLY C 690 19.73 1.44 -59.56
CA GLY C 690 19.12 0.12 -59.59
C GLY C 690 17.64 0.16 -59.34
N ALA C 691 17.17 1.05 -58.47
CA ALA C 691 15.74 1.29 -58.35
C ALA C 691 15.17 1.76 -59.68
N ASP C 692 15.93 2.54 -60.44
CA ASP C 692 15.48 2.96 -61.76
C ASP C 692 15.33 1.75 -62.68
N LEU C 693 16.28 0.82 -62.63
CA LEU C 693 16.16 -0.38 -63.44
C LEU C 693 14.94 -1.20 -63.03
N THR C 694 14.71 -1.33 -61.73
CA THR C 694 13.53 -2.05 -61.27
C THR C 694 12.26 -1.37 -61.73
N GLU C 695 12.22 -0.05 -61.69
CA GLU C 695 11.06 0.68 -62.17
C GLU C 695 10.85 0.47 -63.66
N ILE C 696 11.93 0.45 -64.43
CA ILE C 696 11.81 0.19 -65.86
C ILE C 696 11.25 -1.20 -66.09
N CYS C 697 11.72 -2.18 -65.34
CA CYS C 697 11.19 -3.53 -65.45
C CYS C 697 9.71 -3.56 -65.11
N GLN C 698 9.32 -2.86 -64.04
CA GLN C 698 7.92 -2.83 -63.65
C GLN C 698 7.07 -2.17 -64.72
N ARG C 699 7.57 -1.10 -65.33
CA ARG C 699 6.82 -0.41 -66.37
C ARG C 699 6.65 -1.30 -67.60
N ALA C 700 7.71 -1.99 -68.00
CA ALA C 700 7.60 -2.91 -69.14
C ALA C 700 6.62 -4.02 -68.83
N CYS C 701 6.67 -4.55 -67.60
CA CYS C 701 5.73 -5.60 -67.21
C CYS C 701 4.30 -5.08 -67.23
N LYS C 702 4.09 -3.85 -66.77
CA LYS C 702 2.75 -3.27 -66.80
C LYS C 702 2.26 -3.10 -68.22
N LEU C 703 3.13 -2.65 -69.12
CA LEU C 703 2.75 -2.51 -70.52
C LEU C 703 2.37 -3.86 -71.11
N ALA C 704 3.18 -4.89 -70.85
CA ALA C 704 2.88 -6.21 -71.37
C ALA C 704 1.57 -6.75 -70.79
N ILE C 705 1.35 -6.53 -69.50
CA ILE C 705 0.14 -7.02 -68.86
C ILE C 705 -1.09 -6.32 -69.43
N ARG C 706 -0.99 -5.01 -69.64
CA ARG C 706 -2.09 -4.28 -70.27
C ARG C 706 -2.35 -4.79 -71.67
N GLU C 707 -1.27 -5.06 -72.42
CA GLU C 707 -1.45 -5.60 -73.77
C GLU C 707 -2.15 -6.96 -73.73
N SER C 708 -1.75 -7.83 -72.81
CA SER C 708 -2.36 -9.14 -72.71
C SER C 708 -3.83 -9.04 -72.31
N ILE C 709 -4.13 -8.16 -71.34
CA ILE C 709 -5.52 -7.99 -70.91
C ILE C 709 -6.36 -7.46 -72.06
N GLU C 710 -5.84 -6.47 -72.79
CA GLU C 710 -6.58 -5.93 -73.92
C GLU C 710 -6.79 -6.99 -74.99
N SER C 711 -5.78 -7.81 -75.27
CA SER C 711 -5.94 -8.88 -76.24
C SER C 711 -7.00 -9.87 -75.81
N GLU C 712 -7.00 -10.24 -74.53
CA GLU C 712 -8.02 -11.16 -74.03
C GLU C 712 -9.40 -10.56 -74.16
N ILE C 713 -9.54 -9.28 -73.80
CA ILE C 713 -10.85 -8.63 -73.89
C ILE C 713 -11.32 -8.56 -75.33
N ARG C 714 -10.42 -8.20 -76.24
CA ARG C 714 -10.78 -8.11 -77.64
C ARG C 714 -11.16 -9.47 -78.20
N ARG C 715 -10.43 -10.51 -77.83
CA ARG C 715 -10.77 -11.85 -78.29
C ARG C 715 -12.11 -12.32 -77.74
N GLU C 716 -12.39 -12.01 -76.47
CA GLU C 716 -13.69 -12.36 -75.90
C GLU C 716 -14.82 -11.61 -76.58
N ARG C 717 -14.64 -10.32 -76.86
CA ARG C 717 -15.63 -9.51 -77.52
C ARG C 717 -15.70 -9.77 -79.02
N GLU C 718 -14.75 -10.54 -79.57
CA GLU C 718 -14.77 -10.81 -81.01
C GLU C 718 -16.05 -11.52 -81.43
N ARG C 719 -16.50 -12.50 -80.64
CA ARG C 719 -17.78 -13.13 -80.87
C ARG C 719 -18.33 -13.59 -79.54
N GLN C 720 -19.66 -13.72 -79.47
CA GLN C 720 -20.27 -14.32 -78.29
C GLN C 720 -19.80 -15.76 -78.07
N THR C 721 -19.40 -16.45 -79.14
CA THR C 721 -18.80 -17.78 -79.04
C THR C 721 -17.48 -17.72 -79.80
N ASN C 722 -16.43 -17.28 -79.10
CA ASN C 722 -15.11 -17.15 -79.71
C ASN C 722 -14.03 -17.70 -78.77
N PRO C 723 -12.97 -18.30 -79.31
CA PRO C 723 -11.89 -18.79 -78.44
C PRO C 723 -10.97 -17.67 -77.98
N SER C 724 -11.37 -17.00 -76.90
CA SER C 724 -10.68 -15.80 -76.42
C SER C 724 -9.31 -16.17 -75.87
N ALA C 725 -8.25 -15.65 -76.50
CA ALA C 725 -6.90 -15.73 -75.98
C ALA C 725 -6.47 -17.16 -75.69
N MET C 726 -6.40 -18.00 -76.74
CA MET C 726 -6.10 -19.42 -76.57
C MET C 726 -4.81 -19.68 -75.81
N GLU C 727 -3.83 -18.78 -75.91
CA GLU C 727 -2.62 -18.87 -75.11
C GLU C 727 -2.32 -17.49 -74.53
N VAL C 728 -2.44 -17.39 -73.20
CA VAL C 728 -2.28 -16.11 -72.51
C VAL C 728 -0.87 -15.55 -72.63
N GLU C 729 0.14 -16.39 -72.48
CA GLU C 729 1.52 -15.98 -72.71
C GLU C 729 1.77 -15.58 -74.15
N GLU C 730 1.14 -16.25 -75.12
CA GLU C 730 1.10 -15.78 -76.48
C GLU C 730 0.14 -14.61 -76.67
N ASP C 731 -0.90 -14.52 -75.84
CA ASP C 731 -1.73 -13.32 -75.82
C ASP C 731 -0.95 -12.12 -75.32
N ASP C 732 0.00 -12.33 -74.40
CA ASP C 732 0.99 -11.32 -74.09
C ASP C 732 1.92 -11.21 -75.29
N PRO C 733 2.64 -10.10 -75.47
CA PRO C 733 3.50 -9.96 -76.65
C PRO C 733 4.49 -11.12 -76.75
N VAL C 734 4.99 -11.56 -75.60
CA VAL C 734 5.75 -12.80 -75.49
C VAL C 734 5.43 -13.41 -74.14
N PRO C 735 5.63 -14.71 -73.94
CA PRO C 735 5.59 -15.25 -72.58
C PRO C 735 6.62 -14.55 -71.71
N GLU C 736 7.73 -14.21 -72.33
CA GLU C 736 8.79 -13.41 -71.71
C GLU C 736 8.51 -11.94 -72.03
N ILE C 737 9.43 -11.01 -71.77
CA ILE C 737 9.15 -9.59 -72.00
C ILE C 737 9.34 -9.26 -73.48
N ARG C 738 8.80 -8.12 -73.89
CA ARG C 738 8.93 -7.66 -75.27
C ARG C 738 10.03 -6.61 -75.36
N ARG C 739 10.98 -6.85 -76.25
CA ARG C 739 12.04 -5.88 -76.48
C ARG C 739 11.46 -4.54 -76.89
N ASP C 740 10.35 -4.55 -77.63
CA ASP C 740 9.64 -3.32 -77.93
C ASP C 740 9.10 -2.69 -76.66
N HIS C 741 8.54 -3.50 -75.76
CA HIS C 741 8.07 -2.97 -74.48
C HIS C 741 9.23 -2.40 -73.67
N PHE C 742 10.38 -3.07 -73.72
CA PHE C 742 11.56 -2.57 -73.02
C PHE C 742 11.99 -1.22 -73.57
N GLU C 743 12.03 -1.09 -74.90
CA GLU C 743 12.42 0.18 -75.50
C GLU C 743 11.41 1.28 -75.16
N GLU C 744 10.13 0.93 -75.16
CA GLU C 744 9.10 1.91 -74.80
C GLU C 744 9.26 2.37 -73.36
N ALA C 745 9.50 1.44 -72.45
CA ALA C 745 9.74 1.81 -71.06
C ALA C 745 10.98 2.68 -70.93
N MET C 746 12.06 2.34 -71.64
CA MET C 746 13.26 3.16 -71.61
C MET C 746 12.99 4.58 -72.09
N ARG C 747 12.29 4.73 -73.21
CA ARG C 747 11.91 6.05 -73.67
C ARG C 747 10.99 6.76 -72.68
N PHE C 748 10.21 6.00 -71.93
CA PHE C 748 9.33 6.55 -70.90
C PHE C 748 10.04 6.72 -69.57
N ALA C 749 11.35 6.50 -69.51
CA ALA C 749 12.11 6.56 -68.27
C ALA C 749 13.01 7.79 -68.24
N ARG C 750 13.40 8.17 -67.04
CA ARG C 750 14.29 9.30 -66.81
C ARG C 750 15.58 8.80 -66.14
N ARG C 751 16.51 9.73 -65.90
CA ARG C 751 17.78 9.36 -65.28
C ARG C 751 17.71 9.44 -63.77
N SER C 752 18.80 9.12 -63.10
CA SER C 752 18.84 9.16 -61.64
C SER C 752 20.04 9.91 -61.10
N VAL C 753 21.08 10.14 -61.89
CA VAL C 753 22.27 10.86 -61.45
C VAL C 753 21.90 12.34 -61.37
N SER C 754 22.32 12.99 -60.29
CA SER C 754 21.97 14.37 -60.06
C SER C 754 23.24 15.15 -59.71
N ASP C 755 23.26 16.44 -60.05
CA ASP C 755 24.31 17.31 -59.58
C ASP C 755 24.21 17.50 -58.07
N ASN C 756 22.99 17.45 -57.54
CA ASN C 756 22.82 17.33 -56.09
C ASN C 756 23.34 15.99 -55.60
N ASP C 757 23.07 14.92 -56.36
CA ASP C 757 23.69 13.64 -56.05
C ASP C 757 25.19 13.73 -56.18
N ILE C 758 25.68 14.49 -57.16
CA ILE C 758 27.11 14.73 -57.29
C ILE C 758 27.64 15.41 -56.04
N ARG C 759 26.90 16.38 -55.52
CA ARG C 759 27.34 17.09 -54.32
C ARG C 759 27.34 16.18 -53.09
N LYS C 760 26.32 15.33 -52.96
CA LYS C 760 26.29 14.39 -51.85
C LYS C 760 27.46 13.41 -51.93
N TYR C 761 27.74 12.92 -53.13
CA TYR C 761 28.89 12.04 -53.32
C TYR C 761 30.18 12.78 -53.01
N GLU C 762 30.26 14.06 -53.38
CA GLU C 762 31.44 14.85 -53.06
C GLU C 762 31.62 15.01 -51.56
N MET C 763 30.52 15.23 -50.85
CA MET C 763 30.59 15.32 -49.39
C MET C 763 31.06 14.00 -48.79
N PHE C 764 30.53 12.89 -49.30
CA PHE C 764 30.99 11.58 -48.83
C PHE C 764 32.47 11.39 -49.12
N ALA C 765 32.92 11.80 -50.30
CA ALA C 765 34.32 11.65 -50.68
C ALA C 765 35.20 12.54 -49.81
N GLN C 766 34.72 13.73 -49.47
CA GLN C 766 35.47 14.59 -48.56
C GLN C 766 35.60 13.93 -47.19
N THR C 767 34.50 13.38 -46.69
CA THR C 767 34.56 12.65 -45.42
C THR C 767 35.53 11.49 -45.50
N LEU C 768 35.58 10.80 -46.65
CA LEU C 768 36.46 9.65 -46.79
C LEU C 768 37.91 10.07 -46.86
N GLN C 769 38.27 10.89 -47.86
CA GLN C 769 39.65 11.34 -48.02
C GLN C 769 40.16 12.05 -46.79
N GLN C 770 39.28 12.75 -46.06
CA GLN C 770 39.67 13.29 -44.77
C GLN C 770 40.04 12.19 -43.78
N SER C 771 39.25 11.12 -43.73
CA SER C 771 39.57 9.95 -42.92
C SER C 771 40.40 8.94 -43.69
N ARG C 772 40.99 9.35 -44.82
CA ARG C 772 41.88 8.50 -45.60
C ARG C 772 43.29 9.09 -45.60
N GLY C 773 44.26 8.24 -45.29
CA GLY C 773 45.65 8.66 -45.28
C GLY C 773 46.33 8.29 -46.59
N PHE C 774 46.95 9.29 -47.22
CA PHE C 774 47.61 9.10 -48.50
C PHE C 774 48.91 8.33 -48.28
N GLY C 775 49.07 7.22 -48.99
CA GLY C 775 50.27 6.41 -48.92
C GLY C 775 49.96 5.00 -48.48
N SER C 776 50.81 4.08 -48.95
CA SER C 776 50.67 2.68 -48.58
C SER C 776 50.98 2.44 -47.12
N PHE C 777 51.83 3.27 -46.52
CA PHE C 777 52.23 3.15 -45.12
C PHE C 777 52.84 1.77 -44.85
N ARG C 778 53.86 1.43 -45.64
CA ARG C 778 54.57 0.17 -45.52
C ARG C 778 55.98 0.45 -45.02
N PHE C 779 56.35 -0.20 -43.92
CA PHE C 779 57.66 0.01 -43.32
C PHE C 779 58.68 -0.95 -43.90
N ASN D 27 -18.83 -43.22 -41.18
CA ASN D 27 -18.71 -44.49 -41.87
C ASN D 27 -17.25 -44.89 -42.01
N ARG D 28 -16.65 -44.51 -43.13
CA ARG D 28 -15.25 -44.76 -43.38
C ARG D 28 -14.63 -43.52 -44.03
N PRO D 29 -13.32 -43.51 -44.28
CA PRO D 29 -12.76 -42.48 -45.16
C PRO D 29 -13.48 -42.51 -46.50
N ASN D 30 -13.87 -43.72 -46.90
CA ASN D 30 -14.87 -43.89 -47.94
C ASN D 30 -16.24 -43.56 -47.33
N ARG D 31 -16.73 -42.36 -47.61
CA ARG D 31 -17.97 -41.89 -47.01
C ARG D 31 -19.18 -42.40 -47.79
N LEU D 32 -20.31 -42.50 -47.11
CA LEU D 32 -21.55 -42.90 -47.75
C LEU D 32 -22.12 -41.73 -48.55
N ILE D 33 -22.45 -41.97 -49.82
CA ILE D 33 -23.02 -40.93 -50.67
C ILE D 33 -24.52 -40.90 -50.40
N VAL D 34 -24.92 -40.10 -49.41
CA VAL D 34 -26.32 -40.02 -49.00
C VAL D 34 -27.01 -38.94 -49.80
N ASP D 35 -27.50 -39.30 -50.98
CA ASP D 35 -28.15 -38.33 -51.85
C ASP D 35 -29.64 -38.65 -52.02
N GLU D 36 -29.94 -39.86 -52.50
CA GLU D 36 -31.31 -40.30 -52.73
C GLU D 36 -31.45 -41.74 -52.24
N ALA D 37 -32.07 -41.90 -51.08
CA ALA D 37 -32.27 -43.22 -50.52
C ALA D 37 -33.25 -44.02 -51.37
N ILE D 38 -33.06 -45.34 -51.36
CA ILE D 38 -33.97 -46.23 -52.07
C ILE D 38 -35.37 -46.13 -51.47
N ASN D 39 -35.46 -46.01 -50.15
CA ASN D 39 -36.71 -45.71 -49.48
C ASN D 39 -36.95 -44.20 -49.49
N GLU D 40 -38.21 -43.81 -49.34
CA GLU D 40 -38.60 -42.42 -49.37
C GLU D 40 -39.19 -41.95 -48.04
N ASP D 41 -38.83 -42.61 -46.95
CA ASP D 41 -39.30 -42.23 -45.62
C ASP D 41 -38.48 -41.04 -45.13
N ASN D 42 -38.73 -40.58 -43.90
CA ASN D 42 -38.01 -39.45 -43.35
C ASN D 42 -36.57 -39.78 -42.99
N SER D 43 -36.31 -40.94 -42.37
CA SER D 43 -34.97 -41.35 -42.00
C SER D 43 -34.82 -42.84 -42.35
N VAL D 44 -34.35 -43.12 -43.55
CA VAL D 44 -34.14 -44.47 -44.04
C VAL D 44 -32.87 -44.44 -44.89
N VAL D 45 -31.82 -45.08 -44.39
CA VAL D 45 -30.58 -45.18 -45.14
C VAL D 45 -30.72 -46.30 -46.18
N SER D 46 -30.46 -45.98 -47.43
CA SER D 46 -30.51 -46.98 -48.50
C SER D 46 -29.35 -47.95 -48.31
N LEU D 47 -29.66 -49.15 -47.84
CA LEU D 47 -28.62 -50.14 -47.60
C LEU D 47 -28.08 -50.62 -48.93
N SER D 48 -26.94 -50.06 -49.34
CA SER D 48 -26.30 -50.43 -50.58
C SER D 48 -25.85 -51.89 -50.48
N GLN D 49 -25.53 -52.49 -51.63
CA GLN D 49 -24.90 -53.80 -51.59
C GLN D 49 -23.62 -53.65 -50.77
N PRO D 50 -22.79 -52.65 -51.07
CA PRO D 50 -21.64 -52.39 -50.18
C PRO D 50 -22.06 -51.97 -48.78
N LYS D 51 -23.10 -51.15 -48.66
CA LYS D 51 -23.50 -50.69 -47.33
C LYS D 51 -24.14 -51.81 -46.50
N MET D 52 -25.07 -52.57 -47.09
CA MET D 52 -25.71 -53.65 -46.36
C MET D 52 -24.78 -54.84 -46.18
N ASP D 53 -23.73 -54.95 -46.99
CA ASP D 53 -22.81 -56.07 -46.88
C ASP D 53 -21.66 -55.77 -45.91
N GLU D 54 -20.88 -54.73 -46.21
CA GLU D 54 -19.78 -54.37 -45.33
C GLU D 54 -20.26 -53.98 -43.94
N LEU D 55 -21.42 -53.36 -43.85
CA LEU D 55 -22.09 -53.10 -42.58
C LEU D 55 -23.36 -53.94 -42.57
N GLN D 56 -23.49 -54.82 -41.59
CA GLN D 56 -24.63 -55.73 -41.56
C GLN D 56 -25.86 -54.91 -41.19
N LEU D 57 -26.36 -54.15 -42.16
CA LEU D 57 -27.47 -53.22 -41.95
C LEU D 57 -28.74 -53.89 -42.45
N PHE D 58 -29.35 -54.70 -41.59
CA PHE D 58 -30.65 -55.28 -41.86
C PHE D 58 -31.73 -54.34 -41.33
N ARG D 59 -32.98 -54.60 -41.68
CA ARG D 59 -34.08 -53.79 -41.20
C ARG D 59 -34.25 -53.86 -39.69
N GLY D 60 -34.09 -55.05 -39.11
CA GLY D 60 -34.15 -55.18 -37.67
C GLY D 60 -32.88 -54.71 -37.00
N ASP D 61 -31.81 -54.61 -37.76
CA ASP D 61 -30.54 -54.09 -37.25
C ASP D 61 -30.67 -52.59 -37.04
N THR D 62 -30.83 -52.19 -35.77
CA THR D 62 -30.96 -50.78 -35.42
C THR D 62 -29.58 -50.24 -35.07
N VAL D 63 -28.68 -50.30 -36.04
CA VAL D 63 -27.31 -49.84 -35.87
C VAL D 63 -27.30 -48.32 -35.94
N LEU D 64 -26.76 -47.68 -34.91
CA LEU D 64 -26.80 -46.23 -34.82
C LEU D 64 -25.77 -45.61 -35.76
N LEU D 65 -26.24 -44.78 -36.68
CA LEU D 65 -25.38 -44.17 -37.68
C LEU D 65 -24.51 -43.11 -37.03
N LYS D 66 -23.21 -43.14 -37.33
CA LYS D 66 -22.27 -42.18 -36.75
C LYS D 66 -22.34 -40.89 -37.55
N GLY D 67 -23.37 -40.08 -37.31
CA GLY D 67 -23.51 -38.82 -38.00
C GLY D 67 -22.67 -37.72 -37.39
N LYS D 68 -23.20 -36.51 -37.33
CA LYS D 68 -22.49 -35.35 -36.82
C LYS D 68 -23.19 -34.79 -35.59
N LYS D 69 -22.39 -34.22 -34.69
CA LYS D 69 -22.89 -33.57 -33.47
C LYS D 69 -23.70 -34.54 -32.62
N ARG D 70 -23.08 -35.67 -32.27
CA ARG D 70 -23.69 -36.70 -31.42
C ARG D 70 -24.99 -37.23 -32.06
N ARG D 71 -24.80 -37.85 -33.22
CA ARG D 71 -25.90 -38.40 -34.00
C ARG D 71 -25.94 -39.91 -33.89
N GLU D 72 -27.11 -40.44 -33.55
CA GLU D 72 -27.35 -41.88 -33.47
C GLU D 72 -28.85 -42.13 -33.54
N ALA D 73 -29.23 -43.29 -34.07
CA ALA D 73 -30.64 -43.61 -34.27
C ALA D 73 -30.78 -45.11 -34.51
N VAL D 74 -31.95 -45.51 -35.01
CA VAL D 74 -32.19 -46.88 -35.43
C VAL D 74 -32.04 -46.94 -36.95
N CYS D 75 -31.35 -47.97 -37.43
CA CYS D 75 -31.00 -48.09 -38.85
C CYS D 75 -32.21 -48.63 -39.62
N ILE D 76 -32.78 -47.79 -40.47
CA ILE D 76 -33.84 -48.21 -41.39
C ILE D 76 -33.17 -48.66 -42.67
N VAL D 77 -32.92 -49.96 -42.79
CA VAL D 77 -32.27 -50.50 -43.98
C VAL D 77 -33.21 -50.37 -45.16
N LEU D 78 -32.69 -49.82 -46.26
CA LEU D 78 -33.48 -49.61 -47.47
C LEU D 78 -32.75 -50.27 -48.64
N SER D 79 -32.31 -51.51 -48.44
CA SER D 79 -31.61 -52.25 -49.47
C SER D 79 -32.53 -52.53 -50.65
N ASP D 80 -32.19 -51.98 -51.81
CA ASP D 80 -32.95 -52.16 -53.03
C ASP D 80 -32.00 -52.48 -54.19
N ASP D 81 -31.08 -53.42 -53.93
CA ASP D 81 -30.12 -53.84 -54.94
C ASP D 81 -30.72 -54.74 -56.01
N THR D 82 -31.95 -55.24 -55.80
CA THR D 82 -32.57 -56.14 -56.77
C THR D 82 -33.04 -55.41 -58.03
N CYS D 83 -33.57 -54.19 -57.90
CA CYS D 83 -34.06 -53.45 -59.05
C CYS D 83 -32.94 -52.71 -59.77
N SER D 84 -32.22 -51.86 -59.04
CA SER D 84 -31.07 -51.14 -59.58
C SER D 84 -29.91 -51.31 -58.61
N ASP D 85 -28.82 -50.60 -58.89
CA ASP D 85 -27.66 -50.66 -58.01
C ASP D 85 -27.96 -49.89 -56.73
N GLU D 86 -28.08 -50.62 -55.62
CA GLU D 86 -28.33 -49.99 -54.34
C GLU D 86 -27.15 -49.12 -53.94
N LYS D 87 -27.42 -47.84 -53.72
CA LYS D 87 -26.42 -46.87 -53.30
C LYS D 87 -26.58 -46.61 -51.81
N ILE D 88 -25.48 -46.29 -51.15
CA ILE D 88 -25.52 -46.05 -49.72
C ILE D 88 -25.99 -44.61 -49.51
N ARG D 89 -27.30 -44.42 -49.44
CA ARG D 89 -27.89 -43.09 -49.39
C ARG D 89 -28.88 -43.00 -48.23
N MET D 90 -28.79 -41.92 -47.48
CA MET D 90 -29.75 -41.62 -46.42
C MET D 90 -30.84 -40.69 -46.98
N ASN D 91 -32.00 -40.76 -46.35
CA ASN D 91 -33.12 -39.92 -46.77
C ASN D 91 -32.76 -38.46 -46.60
N ARG D 92 -33.09 -37.67 -47.62
CA ARG D 92 -32.86 -36.23 -47.56
C ARG D 92 -33.65 -35.59 -46.43
N VAL D 93 -34.81 -36.17 -46.08
CA VAL D 93 -35.57 -35.68 -44.94
C VAL D 93 -34.79 -35.88 -43.66
N VAL D 94 -34.05 -37.00 -43.55
CA VAL D 94 -33.21 -37.23 -42.39
C VAL D 94 -32.13 -36.16 -42.30
N ARG D 95 -31.49 -35.84 -43.42
CA ARG D 95 -30.46 -34.80 -43.43
C ARG D 95 -31.03 -33.44 -43.05
N ASN D 96 -32.20 -33.10 -43.59
CA ASN D 96 -32.81 -31.82 -43.25
C ASN D 96 -33.22 -31.77 -41.78
N ASN D 97 -33.74 -32.88 -41.25
CA ASN D 97 -34.14 -32.94 -39.86
C ASN D 97 -32.96 -32.83 -38.91
N LEU D 98 -31.93 -33.63 -39.13
CA LEU D 98 -30.80 -33.76 -38.20
C LEU D 98 -29.88 -32.54 -38.20
N ARG D 99 -30.28 -31.45 -38.85
CA ARG D 99 -29.45 -30.26 -38.98
C ARG D 99 -28.09 -30.59 -39.58
N VAL D 100 -28.12 -31.39 -40.64
CA VAL D 100 -26.92 -31.83 -41.34
C VAL D 100 -27.16 -31.71 -42.84
N ARG D 101 -26.17 -32.12 -43.62
CA ARG D 101 -26.26 -32.14 -45.06
C ARG D 101 -26.24 -33.57 -45.57
N LEU D 102 -26.94 -33.80 -46.67
CA LEU D 102 -27.09 -35.14 -47.22
C LEU D 102 -25.80 -35.54 -47.93
N GLY D 103 -25.21 -36.66 -47.51
CA GLY D 103 -23.98 -37.14 -48.12
C GLY D 103 -22.89 -37.43 -47.12
N ASP D 104 -23.22 -37.38 -45.84
CA ASP D 104 -22.25 -37.55 -44.77
C ASP D 104 -21.90 -39.03 -44.57
N VAL D 105 -20.79 -39.26 -43.86
CA VAL D 105 -20.36 -40.60 -43.50
C VAL D 105 -20.91 -40.94 -42.13
N ILE D 106 -21.48 -42.13 -42.00
CA ILE D 106 -22.03 -42.58 -40.73
C ILE D 106 -21.79 -44.08 -40.61
N SER D 107 -21.22 -44.48 -39.48
CA SER D 107 -20.89 -45.87 -39.25
C SER D 107 -22.11 -46.62 -38.74
N ILE D 108 -22.41 -47.76 -39.38
CA ILE D 108 -23.58 -48.55 -39.03
C ILE D 108 -23.22 -49.54 -37.94
N GLN D 109 -23.26 -49.10 -36.69
CA GLN D 109 -23.07 -49.95 -35.53
C GLN D 109 -23.97 -49.46 -34.40
N PRO D 110 -24.32 -50.30 -33.44
CA PRO D 110 -25.17 -49.80 -32.34
C PRO D 110 -24.38 -48.92 -31.40
N CYS D 111 -24.60 -47.62 -31.48
CA CYS D 111 -23.87 -46.66 -30.68
C CYS D 111 -24.56 -46.43 -29.33
N PRO D 112 -23.81 -45.98 -28.33
CA PRO D 112 -24.40 -45.72 -27.00
C PRO D 112 -25.14 -44.41 -26.88
N ASP D 113 -25.08 -43.53 -27.88
CA ASP D 113 -25.87 -42.31 -27.86
C ASP D 113 -27.37 -42.59 -27.82
N VAL D 114 -27.79 -43.74 -28.35
CA VAL D 114 -29.15 -44.24 -28.16
C VAL D 114 -28.99 -45.59 -27.48
N LYS D 115 -29.02 -45.59 -26.15
CA LYS D 115 -28.76 -46.78 -25.36
C LYS D 115 -30.04 -47.56 -25.09
N TYR D 116 -29.98 -48.54 -24.19
CA TYR D 116 -31.16 -49.21 -23.68
C TYR D 116 -31.50 -48.63 -22.31
N GLY D 117 -32.79 -48.40 -22.09
CA GLY D 117 -33.22 -47.75 -20.87
C GLY D 117 -34.50 -48.31 -20.28
N LYS D 118 -34.61 -48.25 -18.95
CA LYS D 118 -35.80 -48.74 -18.28
C LYS D 118 -36.81 -47.62 -18.06
N ARG D 119 -36.41 -46.58 -17.34
CA ARG D 119 -37.28 -45.42 -17.08
C ARG D 119 -36.61 -44.20 -17.66
N ILE D 120 -37.12 -43.72 -18.80
CA ILE D 120 -36.57 -42.58 -19.50
C ILE D 120 -37.50 -41.38 -19.31
N HIS D 121 -36.93 -40.24 -18.94
CA HIS D 121 -37.69 -39.01 -18.75
C HIS D 121 -38.21 -38.50 -20.09
N VAL D 122 -39.47 -38.07 -20.09
CA VAL D 122 -40.12 -37.52 -21.28
C VAL D 122 -40.53 -36.09 -20.96
N LEU D 123 -40.12 -35.15 -21.80
CA LEU D 123 -40.40 -33.73 -21.58
C LEU D 123 -41.00 -33.12 -22.84
N PRO D 124 -42.32 -33.24 -23.06
CA PRO D 124 -42.92 -32.60 -24.23
C PRO D 124 -42.74 -31.10 -24.22
N ILE D 125 -42.52 -30.53 -25.40
CA ILE D 125 -42.22 -29.11 -25.55
C ILE D 125 -43.49 -28.29 -25.37
N ASP D 126 -43.33 -27.04 -24.95
CA ASP D 126 -44.47 -26.14 -24.81
C ASP D 126 -45.15 -25.84 -26.14
N ASP D 127 -44.38 -25.64 -27.20
CA ASP D 127 -44.96 -25.50 -28.53
C ASP D 127 -45.48 -26.83 -29.06
N THR D 128 -45.09 -27.94 -28.44
CA THR D 128 -45.57 -29.27 -28.82
C THR D 128 -46.66 -29.80 -27.93
N VAL D 129 -46.58 -29.60 -26.62
CA VAL D 129 -47.61 -30.08 -25.72
C VAL D 129 -48.91 -29.30 -25.92
N GLU D 130 -48.83 -28.00 -26.18
CA GLU D 130 -50.01 -27.17 -26.36
C GLU D 130 -50.65 -27.51 -27.70
N GLY D 131 -51.95 -27.81 -27.67
CA GLY D 131 -52.70 -28.15 -28.87
C GLY D 131 -52.77 -29.62 -29.17
N ILE D 132 -52.00 -30.46 -28.50
CA ILE D 132 -52.01 -31.90 -28.74
C ILE D 132 -53.29 -32.49 -28.19
N THR D 133 -53.79 -33.51 -28.87
CA THR D 133 -55.05 -34.16 -28.51
C THR D 133 -54.79 -35.34 -27.59
N GLY D 134 -55.64 -35.45 -26.57
CA GLY D 134 -55.57 -36.57 -25.65
C GLY D 134 -54.43 -36.48 -24.67
N ASN D 135 -54.30 -37.53 -23.87
CA ASN D 135 -53.22 -37.61 -22.90
C ASN D 135 -51.87 -37.70 -23.61
N LEU D 136 -50.86 -37.17 -22.95
CA LEU D 136 -49.51 -37.22 -23.51
C LEU D 136 -49.04 -38.65 -23.72
N PHE D 137 -49.27 -39.51 -22.74
CA PHE D 137 -48.93 -40.92 -22.89
C PHE D 137 -49.75 -41.56 -24.00
N GLU D 138 -51.05 -41.24 -24.06
CA GLU D 138 -51.91 -41.82 -25.08
C GLU D 138 -51.48 -41.43 -26.49
N VAL D 139 -51.18 -40.15 -26.72
CA VAL D 139 -50.73 -39.72 -28.03
C VAL D 139 -49.34 -40.27 -28.34
N TYR D 140 -48.47 -40.33 -27.33
CA TYR D 140 -47.09 -40.76 -27.55
C TYR D 140 -46.98 -42.24 -27.87
N LEU D 141 -47.65 -43.10 -27.10
CA LEU D 141 -47.63 -44.53 -27.39
C LEU D 141 -48.24 -44.83 -28.75
N LYS D 142 -49.27 -44.09 -29.14
CA LYS D 142 -49.83 -44.17 -30.48
C LYS D 142 -48.74 -43.82 -31.48
N PRO D 143 -47.97 -42.77 -31.24
CA PRO D 143 -46.88 -42.39 -32.15
C PRO D 143 -45.53 -43.01 -31.80
N TYR D 144 -45.43 -43.81 -30.73
CA TYR D 144 -44.16 -44.42 -30.36
C TYR D 144 -43.66 -45.40 -31.41
N PHE D 145 -44.55 -46.22 -31.96
CA PHE D 145 -44.13 -47.21 -32.94
C PHE D 145 -43.85 -46.57 -34.30
N LEU D 146 -44.50 -45.46 -34.60
CA LEU D 146 -44.37 -44.82 -35.90
C LEU D 146 -43.01 -44.15 -36.01
N GLU D 147 -42.31 -44.43 -37.12
CA GLU D 147 -41.00 -43.82 -37.41
C GLU D 147 -40.02 -44.04 -36.27
N ALA D 148 -39.90 -45.30 -35.84
CA ALA D 148 -38.92 -45.65 -34.82
C ALA D 148 -37.49 -45.41 -35.28
N TYR D 149 -37.19 -45.69 -36.55
CA TYR D 149 -35.86 -45.42 -37.11
C TYR D 149 -35.79 -44.00 -37.67
N ARG D 150 -36.18 -43.02 -36.86
CA ARG D 150 -36.13 -41.62 -37.26
C ARG D 150 -34.86 -40.99 -36.70
N PRO D 151 -34.57 -39.73 -37.03
CA PRO D 151 -33.29 -39.15 -36.62
C PRO D 151 -33.33 -38.58 -35.20
N ILE D 152 -32.24 -38.77 -34.45
CA ILE D 152 -32.14 -38.26 -33.09
C ILE D 152 -30.88 -37.43 -32.94
N ARG D 153 -30.42 -36.84 -34.05
CA ARG D 153 -29.23 -36.01 -34.06
C ARG D 153 -29.53 -34.60 -33.58
N LYS D 154 -28.58 -33.69 -33.75
CA LYS D 154 -28.67 -32.33 -33.20
C LYS D 154 -29.84 -31.60 -33.85
N GLY D 155 -30.90 -31.40 -33.07
CA GLY D 155 -32.11 -30.79 -33.58
C GLY D 155 -32.81 -31.60 -34.64
N ASP D 156 -32.74 -32.93 -34.54
CA ASP D 156 -33.31 -33.81 -35.55
C ASP D 156 -34.82 -33.83 -35.43
N ILE D 157 -35.51 -33.61 -36.54
CA ILE D 157 -36.96 -33.66 -36.59
C ILE D 157 -37.36 -35.09 -36.97
N PHE D 158 -37.75 -35.88 -35.99
CA PHE D 158 -38.24 -37.23 -36.25
C PHE D 158 -39.57 -37.16 -36.99
N LEU D 159 -39.87 -38.24 -37.72
CA LEU D 159 -41.13 -38.32 -38.48
C LEU D 159 -42.27 -38.59 -37.49
N VAL D 160 -42.50 -37.63 -36.62
CA VAL D 160 -43.54 -37.72 -35.61
C VAL D 160 -44.80 -37.12 -36.24
N ARG D 161 -45.52 -37.94 -36.98
CA ARG D 161 -46.77 -37.53 -37.61
C ARG D 161 -47.92 -38.23 -36.89
N GLY D 162 -48.89 -37.45 -36.44
CA GLY D 162 -50.03 -37.97 -35.71
C GLY D 162 -50.59 -36.93 -34.76
N GLY D 163 -51.80 -37.19 -34.27
CA GLY D 163 -52.48 -36.26 -33.38
C GLY D 163 -53.17 -35.12 -34.08
N MET D 164 -53.15 -35.08 -35.41
CA MET D 164 -53.74 -34.00 -36.20
C MET D 164 -53.15 -32.64 -35.80
N ARG D 165 -51.89 -32.65 -35.38
CA ARG D 165 -51.21 -31.44 -34.93
C ARG D 165 -49.70 -31.68 -35.01
N ALA D 166 -48.95 -30.58 -34.94
CA ALA D 166 -47.50 -30.64 -34.96
C ALA D 166 -47.00 -31.10 -33.58
N VAL D 167 -47.18 -32.40 -33.34
CA VAL D 167 -46.76 -32.99 -32.07
C VAL D 167 -45.28 -33.29 -32.14
N GLU D 168 -44.47 -32.34 -31.71
CA GLU D 168 -43.02 -32.51 -31.66
C GLU D 168 -42.70 -33.35 -30.43
N PHE D 169 -42.39 -34.63 -30.65
CA PHE D 169 -42.12 -35.54 -29.53
C PHE D 169 -40.79 -35.14 -28.93
N LYS D 170 -40.83 -34.10 -28.11
CA LYS D 170 -39.63 -33.58 -27.48
C LYS D 170 -39.14 -34.56 -26.44
N VAL D 171 -38.18 -35.40 -26.81
CA VAL D 171 -37.64 -36.41 -25.89
C VAL D 171 -36.51 -35.78 -25.11
N VAL D 172 -36.25 -36.29 -23.90
CA VAL D 172 -35.09 -35.85 -23.16
C VAL D 172 -33.80 -36.21 -23.88
N GLU D 173 -33.85 -37.26 -24.72
CA GLU D 173 -32.68 -37.76 -25.44
C GLU D 173 -31.54 -38.05 -24.47
N THR D 174 -31.90 -38.57 -23.30
CA THR D 174 -30.95 -38.82 -22.23
C THR D 174 -30.01 -39.96 -22.64
N ASP D 175 -28.90 -40.07 -21.91
CA ASP D 175 -27.89 -41.09 -22.19
C ASP D 175 -28.54 -42.47 -22.15
N PRO D 176 -29.34 -42.76 -21.14
CA PRO D 176 -30.12 -44.01 -21.17
C PRO D 176 -31.27 -43.93 -22.16
N SER D 177 -31.15 -44.63 -23.29
CA SER D 177 -32.17 -44.74 -24.31
C SER D 177 -32.63 -43.38 -24.81
N PRO D 178 -31.76 -42.60 -25.45
CA PRO D 178 -32.24 -41.37 -26.11
C PRO D 178 -33.24 -41.64 -27.22
N TYR D 179 -33.09 -42.74 -27.94
CA TYR D 179 -34.09 -43.21 -28.90
C TYR D 179 -34.90 -44.31 -28.21
N CYS D 180 -36.13 -43.98 -27.83
CA CYS D 180 -36.95 -44.89 -27.05
C CYS D 180 -37.51 -45.99 -27.94
N ILE D 181 -37.13 -47.22 -27.67
CA ILE D 181 -37.69 -48.38 -28.35
C ILE D 181 -39.13 -48.54 -27.90
N VAL D 182 -39.98 -49.06 -28.80
CA VAL D 182 -41.40 -49.22 -28.51
C VAL D 182 -41.53 -50.42 -27.55
N ALA D 183 -41.58 -50.13 -26.26
CA ALA D 183 -41.68 -51.15 -25.23
C ALA D 183 -42.41 -50.57 -24.04
N PRO D 184 -43.34 -51.33 -23.42
CA PRO D 184 -44.00 -50.83 -22.21
C PRO D 184 -43.06 -50.65 -21.04
N ASP D 185 -41.87 -51.27 -21.08
CA ASP D 185 -40.90 -51.11 -20.00
C ASP D 185 -40.47 -49.65 -19.83
N THR D 186 -40.45 -48.89 -20.93
CA THR D 186 -40.03 -47.49 -20.87
C THR D 186 -41.13 -46.69 -20.18
N VAL D 187 -40.98 -46.49 -18.88
CA VAL D 187 -41.94 -45.70 -18.11
C VAL D 187 -41.81 -44.25 -18.53
N ILE D 188 -42.83 -43.74 -19.21
CA ILE D 188 -42.80 -42.38 -19.74
C ILE D 188 -43.01 -41.42 -18.59
N HIS D 189 -41.91 -40.85 -18.09
CA HIS D 189 -41.99 -39.86 -17.03
C HIS D 189 -42.72 -38.62 -17.52
N CYS D 190 -43.58 -38.08 -16.67
CA CYS D 190 -44.41 -36.94 -17.04
C CYS D 190 -43.54 -35.74 -17.38
N GLU D 191 -43.99 -34.97 -18.36
CA GLU D 191 -43.28 -33.75 -18.77
C GLU D 191 -43.49 -32.70 -17.69
N GLY D 192 -42.54 -32.64 -16.75
CA GLY D 192 -42.65 -31.71 -15.64
C GLY D 192 -42.63 -30.25 -16.04
N GLU D 193 -42.17 -29.96 -17.26
CA GLU D 193 -42.15 -28.60 -17.77
C GLU D 193 -42.38 -28.64 -19.27
N PRO D 194 -43.32 -27.83 -19.79
CA PRO D 194 -43.47 -27.72 -21.24
C PRO D 194 -42.33 -26.89 -21.81
N ILE D 195 -41.48 -27.52 -22.60
CA ILE D 195 -40.24 -26.90 -23.06
C ILE D 195 -40.58 -25.77 -24.03
N LYS D 196 -40.14 -24.56 -23.70
CA LYS D 196 -40.40 -23.40 -24.52
C LYS D 196 -39.66 -23.48 -25.85
N ARG D 197 -40.31 -22.98 -26.89
CA ARG D 197 -39.73 -23.03 -28.24
C ARG D 197 -38.53 -22.11 -28.39
N GLU D 198 -38.47 -21.03 -27.61
CA GLU D 198 -37.35 -20.11 -27.72
C GLU D 198 -36.04 -20.76 -27.29
N ASP D 199 -36.06 -21.47 -26.16
CA ASP D 199 -34.87 -22.18 -25.71
C ASP D 199 -34.47 -23.26 -26.71
N GLU D 200 -35.45 -23.97 -27.27
CA GLU D 200 -35.17 -24.98 -28.27
C GLU D 200 -34.51 -24.36 -29.50
N GLU D 201 -35.02 -23.22 -29.94
CA GLU D 201 -34.41 -22.53 -31.08
C GLU D 201 -32.99 -22.08 -30.76
N GLU D 202 -32.77 -21.53 -29.56
CA GLU D 202 -31.43 -21.11 -29.18
C GLU D 202 -30.46 -22.29 -29.17
N SER D 203 -30.89 -23.43 -28.64
CA SER D 203 -30.07 -24.64 -28.70
C SER D 203 -29.82 -25.07 -30.13
N LEU D 204 -30.85 -25.04 -30.98
CA LEU D 204 -30.65 -25.29 -32.40
C LEU D 204 -29.76 -24.23 -33.03
N ASN D 205 -29.94 -22.97 -32.64
CA ASN D 205 -29.10 -21.89 -33.12
C ASN D 205 -27.81 -21.83 -32.31
N GLU D 206 -27.13 -22.97 -32.26
CA GLU D 206 -25.86 -23.08 -31.55
C GLU D 206 -24.73 -22.53 -32.40
N VAL D 207 -23.56 -22.41 -31.79
CA VAL D 207 -22.37 -21.91 -32.45
C VAL D 207 -21.45 -23.09 -32.70
N GLY D 208 -21.25 -23.44 -33.97
CA GLY D 208 -20.43 -24.55 -34.36
C GLY D 208 -19.06 -24.13 -34.84
N TYR D 209 -18.13 -25.09 -34.83
CA TYR D 209 -16.78 -24.85 -35.31
C TYR D 209 -16.71 -24.55 -36.79
N ASP D 210 -17.53 -25.22 -37.60
CA ASP D 210 -17.60 -24.94 -39.02
C ASP D 210 -18.41 -23.69 -39.32
N ASP D 211 -19.07 -23.11 -38.32
CA ASP D 211 -19.87 -21.92 -38.51
C ASP D 211 -19.03 -20.65 -38.61
N ILE D 212 -17.72 -20.75 -38.42
CA ILE D 212 -16.86 -19.57 -38.42
C ILE D 212 -16.27 -19.37 -39.80
N GLY D 213 -15.54 -20.36 -40.29
CA GLY D 213 -14.86 -20.26 -41.56
C GLY D 213 -13.65 -19.35 -41.48
N GLY D 214 -13.42 -18.63 -42.58
CA GLY D 214 -12.33 -17.68 -42.64
C GLY D 214 -10.96 -18.32 -42.72
N CYS D 215 -10.04 -17.88 -41.86
CA CYS D 215 -8.65 -18.37 -41.89
C CYS D 215 -8.57 -19.79 -41.33
N ARG D 216 -9.23 -20.70 -42.05
CA ARG D 216 -9.24 -22.09 -41.64
C ARG D 216 -7.84 -22.65 -41.55
N LYS D 217 -6.94 -22.23 -42.45
CA LYS D 217 -5.58 -22.74 -42.43
C LYS D 217 -4.92 -22.52 -41.07
N GLN D 218 -5.03 -21.31 -40.52
CA GLN D 218 -4.50 -21.05 -39.20
C GLN D 218 -5.34 -21.65 -38.09
N LEU D 219 -6.67 -21.56 -38.20
CA LEU D 219 -7.55 -22.03 -37.15
C LEU D 219 -7.42 -23.51 -36.89
N ALA D 220 -7.39 -24.32 -37.94
CA ALA D 220 -7.27 -25.77 -37.78
C ALA D 220 -5.97 -26.15 -37.10
N GLN D 221 -4.90 -25.40 -37.35
CA GLN D 221 -3.61 -25.71 -36.72
C GLN D 221 -3.75 -25.80 -35.21
N ILE D 222 -4.54 -24.92 -34.61
CA ILE D 222 -4.76 -24.99 -33.17
C ILE D 222 -5.93 -25.90 -32.82
N LYS D 223 -6.98 -25.91 -33.64
CA LYS D 223 -8.16 -26.71 -33.32
C LYS D 223 -7.82 -28.19 -33.28
N GLU D 224 -7.19 -28.70 -34.34
CA GLU D 224 -6.76 -30.09 -34.36
C GLU D 224 -5.73 -30.36 -33.28
N MET D 225 -4.85 -29.39 -33.03
CA MET D 225 -3.88 -29.55 -31.95
C MET D 225 -4.57 -29.83 -30.63
N VAL D 226 -5.61 -29.06 -30.32
CA VAL D 226 -6.37 -29.30 -29.10
C VAL D 226 -7.11 -30.63 -29.16
N GLU D 227 -7.79 -30.90 -30.26
CA GLU D 227 -8.66 -32.08 -30.33
C GLU D 227 -7.89 -33.39 -30.28
N LEU D 228 -6.87 -33.54 -31.13
CA LEU D 228 -6.07 -34.75 -31.22
C LEU D 228 -5.48 -35.08 -29.86
N PRO D 229 -5.01 -34.07 -29.11
CA PRO D 229 -4.57 -34.33 -27.74
C PRO D 229 -5.62 -35.02 -26.89
N LEU D 230 -6.89 -34.69 -27.09
CA LEU D 230 -7.97 -35.44 -26.47
C LEU D 230 -8.52 -36.56 -27.33
N ARG D 231 -8.68 -36.37 -28.64
CA ARG D 231 -9.18 -37.43 -29.51
C ARG D 231 -8.23 -38.61 -29.59
N HIS D 232 -6.92 -38.36 -29.66
CA HIS D 232 -5.91 -39.41 -29.72
C HIS D 232 -4.83 -39.09 -28.69
N PRO D 233 -5.16 -39.11 -27.40
CA PRO D 233 -4.13 -38.94 -26.37
C PRO D 233 -3.05 -40.00 -26.43
N ALA D 234 -3.37 -41.20 -26.94
CA ALA D 234 -2.34 -42.21 -27.15
C ALA D 234 -1.28 -41.71 -28.12
N LEU D 235 -1.67 -40.92 -29.11
CA LEU D 235 -0.68 -40.32 -30.00
C LEU D 235 0.25 -39.40 -29.24
N PHE D 236 -0.30 -38.59 -28.33
CA PHE D 236 0.54 -37.73 -27.50
C PHE D 236 1.48 -38.56 -26.63
N LYS D 237 0.98 -39.64 -26.05
CA LYS D 237 1.84 -40.52 -25.26
C LYS D 237 2.96 -41.11 -26.10
N ALA D 238 2.64 -41.59 -27.30
CA ALA D 238 3.65 -42.12 -28.20
C ALA D 238 4.66 -41.06 -28.63
N ILE D 239 4.23 -39.81 -28.71
CA ILE D 239 5.17 -38.73 -29.00
C ILE D 239 6.16 -38.56 -27.86
N GLY D 240 5.71 -38.77 -26.63
CA GLY D 240 6.53 -38.51 -25.47
C GLY D 240 6.63 -37.06 -25.07
N VAL D 241 5.86 -36.19 -25.72
CA VAL D 241 5.85 -34.77 -25.39
C VAL D 241 4.42 -34.34 -25.11
N LYS D 242 4.26 -33.58 -24.03
CA LYS D 242 2.95 -33.08 -23.67
C LYS D 242 2.50 -32.00 -24.64
N PRO D 243 1.19 -31.77 -24.75
CA PRO D 243 0.69 -30.76 -25.67
C PRO D 243 0.60 -29.40 -25.00
N PRO D 244 0.20 -28.37 -25.73
CA PRO D 244 0.10 -27.03 -25.14
C PRO D 244 -1.03 -26.93 -24.13
N ARG D 245 -0.92 -25.93 -23.27
CA ARG D 245 -1.91 -25.67 -22.23
C ARG D 245 -2.92 -24.59 -22.63
N GLY D 246 -2.94 -24.18 -23.89
CA GLY D 246 -3.82 -23.12 -24.35
C GLY D 246 -3.09 -21.92 -24.91
N ILE D 247 -3.26 -21.70 -26.21
CA ILE D 247 -2.53 -20.66 -26.94
C ILE D 247 -3.20 -19.31 -26.74
N LEU D 248 -2.54 -18.26 -27.21
CA LEU D 248 -3.08 -16.90 -27.13
C LEU D 248 -3.49 -16.48 -28.53
N LEU D 249 -4.70 -15.94 -28.65
CA LEU D 249 -5.23 -15.51 -29.95
C LEU D 249 -4.88 -14.05 -30.18
N TYR D 250 -3.68 -13.80 -30.72
CA TYR D 250 -3.25 -12.45 -31.06
C TYR D 250 -3.97 -12.04 -32.33
N GLY D 251 -5.19 -11.53 -32.19
CA GLY D 251 -6.00 -11.19 -33.32
C GLY D 251 -6.51 -9.76 -33.29
N PRO D 252 -6.88 -9.23 -34.45
CA PRO D 252 -7.45 -7.89 -34.49
C PRO D 252 -8.74 -7.82 -33.69
N PRO D 253 -8.90 -6.80 -32.86
CA PRO D 253 -10.07 -6.73 -31.99
C PRO D 253 -11.36 -6.54 -32.78
N GLY D 254 -12.44 -7.09 -32.23
CA GLY D 254 -13.74 -6.90 -32.81
C GLY D 254 -13.92 -7.49 -34.18
N THR D 255 -13.01 -8.36 -34.61
CA THR D 255 -13.11 -9.02 -35.91
C THR D 255 -14.07 -10.19 -35.87
N GLY D 256 -14.96 -10.22 -34.87
CA GLY D 256 -15.59 -11.46 -34.49
C GLY D 256 -14.64 -12.39 -33.80
N LYS D 257 -13.43 -11.91 -33.50
CA LYS D 257 -12.44 -12.73 -32.82
C LYS D 257 -12.96 -13.20 -31.47
N THR D 258 -13.54 -12.29 -30.69
CA THR D 258 -14.26 -12.72 -29.50
C THR D 258 -15.38 -13.68 -29.88
N LEU D 259 -16.16 -13.34 -30.91
CA LEU D 259 -17.24 -14.20 -31.34
C LEU D 259 -16.70 -15.54 -31.84
N ILE D 260 -15.61 -15.51 -32.61
CA ILE D 260 -15.05 -16.75 -33.15
C ILE D 260 -14.57 -17.64 -32.02
N ALA D 261 -13.89 -17.07 -31.03
CA ALA D 261 -13.43 -17.85 -29.90
C ALA D 261 -14.59 -18.45 -29.13
N ARG D 262 -15.64 -17.65 -28.92
CA ARG D 262 -16.81 -18.16 -28.21
C ARG D 262 -17.45 -19.31 -28.97
N ALA D 263 -17.57 -19.18 -30.29
CA ALA D 263 -18.14 -20.25 -31.09
C ALA D 263 -17.29 -21.50 -31.05
N VAL D 264 -15.96 -21.35 -31.13
CA VAL D 264 -15.08 -22.50 -31.05
C VAL D 264 -15.23 -23.20 -29.72
N ALA D 265 -15.31 -22.43 -28.62
CA ALA D 265 -15.54 -23.03 -27.32
C ALA D 265 -16.86 -23.76 -27.26
N ASN D 266 -17.91 -23.17 -27.85
CA ASN D 266 -19.21 -23.83 -27.90
C ASN D 266 -19.17 -25.14 -28.67
N GLU D 267 -18.45 -25.19 -29.79
CA GLU D 267 -18.32 -26.45 -30.53
C GLU D 267 -17.60 -27.51 -29.71
N THR D 268 -16.55 -27.13 -28.99
CA THR D 268 -15.80 -28.09 -28.21
C THR D 268 -16.62 -28.58 -27.02
N GLY D 269 -16.64 -29.90 -26.84
CA GLY D 269 -17.31 -30.52 -25.71
C GLY D 269 -16.40 -30.74 -24.53
N ALA D 270 -16.01 -29.67 -23.84
CA ALA D 270 -15.09 -29.75 -22.72
C ALA D 270 -15.62 -28.91 -21.55
N PHE D 271 -15.01 -29.11 -20.40
CA PHE D 271 -15.37 -28.37 -19.18
C PHE D 271 -14.81 -26.96 -19.31
N PHE D 272 -15.46 -26.16 -20.16
CA PHE D 272 -15.00 -24.82 -20.46
C PHE D 272 -15.58 -23.83 -19.45
N PHE D 273 -14.77 -22.82 -19.10
CA PHE D 273 -15.23 -21.73 -18.25
C PHE D 273 -14.48 -20.47 -18.69
N LEU D 274 -15.12 -19.68 -19.54
CA LEU D 274 -14.52 -18.45 -20.03
C LEU D 274 -14.43 -17.42 -18.89
N ILE D 275 -13.53 -16.46 -19.07
CA ILE D 275 -13.33 -15.41 -18.09
C ILE D 275 -13.37 -14.05 -18.78
N ASN D 276 -13.73 -13.03 -18.01
CA ASN D 276 -13.79 -11.65 -18.47
C ASN D 276 -13.05 -10.75 -17.50
N GLY D 277 -12.53 -9.65 -18.03
CA GLY D 277 -11.75 -8.72 -17.25
C GLY D 277 -12.56 -8.04 -16.17
N PRO D 278 -13.82 -7.72 -16.47
CA PRO D 278 -14.67 -7.05 -15.48
C PRO D 278 -14.84 -7.88 -14.22
N GLU D 279 -15.15 -9.16 -14.39
CA GLU D 279 -15.19 -10.07 -13.26
C GLU D 279 -13.82 -10.30 -12.66
N ILE D 280 -12.76 -10.13 -13.45
CA ILE D 280 -11.41 -10.35 -12.99
C ILE D 280 -10.92 -9.19 -12.12
N MET D 281 -11.74 -8.16 -11.94
CA MET D 281 -11.35 -6.96 -11.19
C MET D 281 -12.26 -6.87 -9.96
N SER D 282 -11.78 -7.43 -8.86
CA SER D 282 -12.47 -7.32 -7.59
C SER D 282 -11.96 -6.11 -6.81
N LYS D 283 -12.79 -5.59 -5.91
CA LYS D 283 -12.43 -4.47 -5.07
C LYS D 283 -12.05 -4.88 -3.65
N LEU D 284 -12.21 -6.16 -3.31
CA LEU D 284 -11.87 -6.64 -1.98
C LEU D 284 -10.38 -6.97 -1.93
N ALA D 285 -9.95 -7.59 -0.83
CA ALA D 285 -8.54 -7.89 -0.59
C ALA D 285 -8.21 -9.22 -1.26
N GLY D 286 -7.62 -9.15 -2.45
CA GLY D 286 -7.24 -10.35 -3.16
C GLY D 286 -8.40 -11.21 -3.62
N GLU D 287 -9.62 -10.66 -3.62
CA GLU D 287 -10.78 -11.45 -3.99
C GLU D 287 -10.70 -11.95 -5.41
N SER D 288 -10.24 -11.10 -6.34
CA SER D 288 -10.16 -11.51 -7.73
C SER D 288 -9.19 -12.66 -7.92
N GLU D 289 -8.01 -12.58 -7.30
CA GLU D 289 -7.04 -13.65 -7.43
C GLU D 289 -7.55 -14.95 -6.82
N SER D 290 -8.19 -14.85 -5.66
CA SER D 290 -8.76 -16.04 -5.04
C SER D 290 -9.84 -16.65 -5.91
N ASN D 291 -10.69 -15.81 -6.50
CA ASN D 291 -11.73 -16.31 -7.38
C ASN D 291 -11.14 -16.98 -8.62
N LEU D 292 -10.09 -16.39 -9.18
CA LEU D 292 -9.43 -16.99 -10.35
C LEU D 292 -8.83 -18.34 -9.99
N ARG D 293 -8.16 -18.42 -8.84
CA ARG D 293 -7.60 -19.69 -8.41
C ARG D 293 -8.69 -20.71 -8.19
N LYS D 294 -9.80 -20.31 -7.57
CA LYS D 294 -10.90 -21.24 -7.34
C LYS D 294 -11.48 -21.73 -8.64
N ALA D 295 -11.65 -20.84 -9.62
CA ALA D 295 -12.16 -21.24 -10.92
C ALA D 295 -11.22 -22.22 -11.60
N PHE D 296 -9.91 -21.93 -11.56
CA PHE D 296 -8.95 -22.84 -12.17
C PHE D 296 -9.00 -24.21 -11.51
N GLU D 297 -9.06 -24.23 -10.18
CA GLU D 297 -9.11 -25.51 -9.46
C GLU D 297 -10.38 -26.28 -9.79
N GLU D 298 -11.52 -25.59 -9.82
CA GLU D 298 -12.77 -26.25 -10.12
C GLU D 298 -12.78 -26.81 -11.53
N ALA D 299 -12.24 -26.05 -12.49
CA ALA D 299 -12.15 -26.54 -13.86
C ALA D 299 -11.24 -27.74 -13.97
N GLU D 300 -10.08 -27.69 -13.31
CA GLU D 300 -9.18 -28.84 -13.33
C GLU D 300 -9.84 -30.07 -12.72
N LYS D 301 -10.52 -29.89 -11.60
CA LYS D 301 -11.25 -31.00 -10.99
C LYS D 301 -12.41 -31.46 -11.85
N ASN D 302 -12.92 -30.61 -12.73
CA ASN D 302 -14.10 -30.96 -13.51
C ASN D 302 -13.74 -31.94 -14.62
N ALA D 303 -12.94 -31.51 -15.58
CA ALA D 303 -12.55 -32.35 -16.71
C ALA D 303 -11.51 -31.65 -17.55
N PRO D 304 -11.75 -31.53 -18.85
CA PRO D 304 -10.85 -30.73 -19.72
C PRO D 304 -11.14 -29.25 -19.54
N ALA D 305 -10.15 -28.53 -19.01
CA ALA D 305 -10.35 -27.13 -18.67
C ALA D 305 -10.20 -26.25 -19.90
N ILE D 306 -11.08 -25.27 -20.03
CA ILE D 306 -11.02 -24.32 -21.13
C ILE D 306 -11.47 -22.95 -20.63
N ILE D 307 -10.61 -21.95 -20.73
CA ILE D 307 -10.90 -20.61 -20.26
C ILE D 307 -10.58 -19.62 -21.37
N PHE D 308 -11.20 -18.45 -21.27
CA PHE D 308 -11.02 -17.37 -22.23
C PHE D 308 -10.56 -16.13 -21.49
N ILE D 309 -9.58 -15.42 -22.05
CA ILE D 309 -9.02 -14.23 -21.43
C ILE D 309 -9.22 -13.04 -22.34
N ASP D 310 -9.20 -11.82 -21.78
CA ASP D 310 -9.39 -10.59 -22.55
C ASP D 310 -8.27 -9.60 -22.21
N GLU D 311 -7.13 -9.76 -22.89
CA GLU D 311 -6.03 -8.79 -22.92
C GLU D 311 -5.77 -8.14 -21.56
N LEU D 312 -5.84 -8.93 -20.49
CA LEU D 312 -5.44 -8.42 -19.19
C LEU D 312 -3.94 -8.54 -18.98
N ASP D 313 -3.26 -9.26 -19.88
CA ASP D 313 -1.81 -9.43 -19.82
C ASP D 313 -1.07 -8.32 -20.54
N ALA D 314 -1.63 -7.82 -21.64
CA ALA D 314 -1.24 -6.50 -22.10
C ALA D 314 -1.51 -5.44 -21.04
N ILE D 315 -2.52 -5.65 -20.22
CA ILE D 315 -2.78 -4.81 -19.05
C ILE D 315 -1.92 -5.22 -17.86
N ALA D 316 -1.19 -6.33 -17.98
CA ALA D 316 -0.29 -6.67 -16.89
C ALA D 316 0.92 -5.74 -16.91
N PRO D 317 1.18 -5.03 -15.82
CA PRO D 317 2.31 -4.10 -15.78
C PRO D 317 3.65 -4.80 -15.89
N LYS D 318 3.65 -6.10 -15.64
CA LYS D 318 4.88 -6.88 -15.50
C LYS D 318 5.78 -6.27 -14.43
N ARG D 319 5.14 -5.57 -13.47
CA ARG D 319 5.83 -4.83 -12.41
C ARG D 319 6.73 -3.74 -13.01
N GLU D 320 6.57 -3.47 -14.30
CA GLU D 320 7.43 -2.52 -14.98
C GLU D 320 6.61 -1.46 -15.71
N LYS D 321 5.52 -1.87 -16.34
CA LYS D 321 4.72 -0.94 -17.11
C LYS D 321 3.99 0.02 -16.17
N THR D 322 3.24 -0.52 -15.22
CA THR D 322 2.47 0.30 -14.32
C THR D 322 2.91 0.09 -12.88
N HIS D 323 2.35 0.91 -11.99
CA HIS D 323 2.64 0.83 -10.56
C HIS D 323 1.53 0.16 -9.78
N GLY D 324 0.55 -0.45 -10.44
CA GLY D 324 -0.55 -1.08 -9.74
C GLY D 324 -0.15 -2.46 -9.26
N GLU D 325 0.31 -2.53 -8.01
CA GLU D 325 0.78 -3.77 -7.42
C GLU D 325 -0.31 -4.81 -7.29
N VAL D 326 -1.50 -4.42 -6.85
CA VAL D 326 -2.62 -5.36 -6.77
C VAL D 326 -2.90 -5.99 -8.12
N GLU D 327 -2.95 -5.16 -9.17
CA GLU D 327 -3.03 -5.70 -10.52
C GLU D 327 -1.80 -6.54 -10.84
N ARG D 328 -0.62 -6.04 -10.48
CA ARG D 328 0.59 -6.81 -10.72
C ARG D 328 0.58 -8.10 -9.92
N ARG D 329 0.10 -8.04 -8.67
CA ARG D 329 0.00 -9.24 -7.85
C ARG D 329 -0.93 -10.27 -8.48
N ILE D 330 -2.08 -9.82 -8.97
CA ILE D 330 -3.01 -10.73 -9.63
C ILE D 330 -2.39 -11.33 -10.87
N VAL D 331 -1.67 -10.50 -11.65
CA VAL D 331 -1.02 -10.99 -12.86
C VAL D 331 0.00 -12.07 -12.50
N SER D 332 0.80 -11.83 -11.47
CA SER D 332 1.80 -12.81 -11.08
C SER D 332 1.15 -14.10 -10.58
N GLN D 333 0.08 -13.98 -9.80
CA GLN D 333 -0.60 -15.16 -9.31
C GLN D 333 -1.18 -15.97 -10.47
N LEU D 334 -1.76 -15.28 -11.44
CA LEU D 334 -2.28 -15.96 -12.62
C LEU D 334 -1.17 -16.63 -13.40
N LEU D 335 -0.03 -15.95 -13.55
CA LEU D 335 1.10 -16.55 -14.25
C LEU D 335 1.58 -17.81 -13.54
N THR D 336 1.66 -17.77 -12.22
CA THR D 336 2.03 -18.96 -11.46
C THR D 336 1.00 -20.07 -11.64
N LEU D 337 -0.28 -19.73 -11.62
CA LEU D 337 -1.32 -20.73 -11.82
C LEU D 337 -1.22 -21.38 -13.20
N MET D 338 -0.99 -20.58 -14.23
CA MET D 338 -0.82 -21.11 -15.58
C MET D 338 0.59 -21.61 -15.84
N ASP D 339 1.60 -21.03 -15.20
CA ASP D 339 2.98 -21.46 -15.36
C ASP D 339 3.56 -21.66 -13.97
N GLY D 340 3.46 -22.88 -13.47
CA GLY D 340 3.97 -23.18 -12.15
C GLY D 340 4.21 -24.65 -11.97
N LEU D 341 4.53 -25.03 -10.73
CA LEU D 341 4.89 -26.42 -10.41
C LEU D 341 3.65 -27.29 -10.56
N LYS D 342 3.65 -28.14 -11.58
CA LYS D 342 2.56 -29.09 -11.84
C LYS D 342 1.22 -28.36 -11.97
N GLN D 343 1.16 -27.53 -13.02
CA GLN D 343 0.03 -26.62 -13.18
C GLN D 343 -1.29 -27.38 -13.29
N ARG D 344 -1.45 -28.18 -14.35
CA ARG D 344 -2.70 -28.91 -14.56
C ARG D 344 -2.55 -29.86 -15.73
N ALA D 345 -3.43 -30.85 -15.77
CA ALA D 345 -3.59 -31.73 -16.92
C ALA D 345 -5.01 -31.52 -17.47
N HIS D 346 -5.15 -31.73 -18.77
CA HIS D 346 -6.41 -31.47 -19.47
C HIS D 346 -6.87 -30.03 -19.24
N VAL D 347 -5.92 -29.11 -19.43
CA VAL D 347 -6.17 -27.69 -19.24
C VAL D 347 -5.84 -26.95 -20.51
N ILE D 348 -6.82 -26.19 -21.00
CA ILE D 348 -6.64 -25.38 -22.19
C ILE D 348 -6.89 -23.91 -21.84
N VAL D 349 -5.82 -23.16 -21.65
CA VAL D 349 -5.95 -21.74 -21.33
C VAL D 349 -5.98 -20.93 -22.62
N MET D 350 -7.16 -20.81 -23.22
CA MET D 350 -7.32 -20.04 -24.43
C MET D 350 -7.29 -18.56 -24.09
N ALA D 351 -6.40 -17.83 -24.74
CA ALA D 351 -6.23 -16.40 -24.49
C ALA D 351 -6.62 -15.63 -25.74
N ALA D 352 -7.57 -14.72 -25.59
CA ALA D 352 -8.01 -13.85 -26.67
C ALA D 352 -7.36 -12.49 -26.46
N THR D 353 -6.37 -12.18 -27.29
CA THR D 353 -5.67 -10.91 -27.18
C THR D 353 -6.49 -9.79 -27.80
N ASN D 354 -7.27 -9.10 -26.95
CA ASN D 354 -8.03 -7.96 -27.38
C ASN D 354 -7.13 -6.82 -27.85
N ARG D 355 -5.98 -6.65 -27.22
CA ARG D 355 -4.93 -5.82 -27.80
C ARG D 355 -4.11 -6.74 -28.68
N PRO D 356 -4.20 -6.60 -30.00
CA PRO D 356 -3.46 -7.51 -30.90
C PRO D 356 -1.96 -7.43 -30.67
N ASN D 357 -1.47 -6.24 -30.36
CA ASN D 357 -0.07 -6.03 -29.98
C ASN D 357 -0.02 -6.04 -28.47
N SER D 358 -0.47 -7.16 -27.89
CA SER D 358 -0.55 -7.29 -26.43
C SER D 358 0.85 -7.21 -25.87
N ILE D 359 1.13 -6.14 -25.13
CA ILE D 359 2.42 -6.00 -24.47
C ILE D 359 2.35 -6.73 -23.15
N ASP D 360 2.67 -8.02 -23.18
CA ASP D 360 2.65 -8.86 -21.98
C ASP D 360 4.03 -9.45 -21.79
N PRO D 361 4.93 -8.79 -21.07
CA PRO D 361 6.31 -9.29 -21.01
C PRO D 361 6.44 -10.57 -20.19
N ALA D 362 5.36 -10.99 -19.55
CA ALA D 362 5.39 -12.11 -18.63
C ALA D 362 4.97 -13.42 -19.28
N LEU D 363 3.73 -13.51 -19.74
CA LEU D 363 3.22 -14.76 -20.28
C LEU D 363 3.57 -14.95 -21.75
N ARG D 364 3.69 -13.88 -22.52
CA ARG D 364 3.84 -13.97 -23.96
C ARG D 364 5.24 -14.43 -24.31
N ARG D 365 5.52 -15.69 -23.95
CA ARG D 365 6.80 -16.31 -24.25
C ARG D 365 6.64 -17.83 -24.29
N PHE D 366 7.76 -18.53 -24.47
CA PHE D 366 7.76 -19.99 -24.53
C PHE D 366 7.41 -20.54 -23.15
N GLY D 367 6.52 -21.54 -23.12
CA GLY D 367 6.10 -22.18 -21.90
C GLY D 367 5.12 -21.36 -21.09
N ARG D 368 5.44 -20.09 -20.81
CA ARG D 368 4.50 -19.23 -20.12
C ARG D 368 3.20 -19.10 -20.91
N PHE D 369 3.31 -18.76 -22.19
CA PHE D 369 2.23 -18.95 -23.13
C PHE D 369 2.49 -20.25 -23.90
N ASP D 370 1.39 -20.95 -24.20
CA ASP D 370 1.52 -22.19 -24.98
C ASP D 370 1.91 -21.87 -26.41
N ARG D 371 1.09 -21.10 -27.11
CA ARG D 371 1.40 -20.66 -28.46
C ARG D 371 0.73 -19.31 -28.67
N GLU D 372 0.88 -18.74 -29.86
CA GLU D 372 0.31 -17.43 -30.15
C GLU D 372 -0.47 -17.53 -31.46
N VAL D 373 -1.79 -17.48 -31.37
CA VAL D 373 -2.61 -17.52 -32.56
C VAL D 373 -2.79 -16.11 -33.12
N ASP D 374 -2.39 -15.94 -34.37
CA ASP D 374 -2.49 -14.66 -35.05
C ASP D 374 -3.77 -14.64 -35.87
N ILE D 375 -4.62 -13.64 -35.61
CA ILE D 375 -5.88 -13.49 -36.34
C ILE D 375 -5.97 -12.06 -36.83
N GLY D 376 -6.88 -11.84 -37.78
CA GLY D 376 -7.05 -10.51 -38.36
C GLY D 376 -8.15 -10.46 -39.39
N ILE D 377 -7.90 -9.77 -40.51
CA ILE D 377 -8.89 -9.62 -41.57
C ILE D 377 -8.76 -10.79 -42.54
N PRO D 378 -9.83 -11.20 -43.20
CA PRO D 378 -9.73 -12.33 -44.14
C PRO D 378 -9.39 -11.88 -45.54
N ASP D 379 -9.22 -12.84 -46.44
CA ASP D 379 -8.95 -12.53 -47.84
C ASP D 379 -10.25 -12.45 -48.62
N ALA D 380 -10.15 -12.15 -49.91
CA ALA D 380 -11.36 -12.09 -50.73
C ALA D 380 -12.07 -13.43 -50.77
N THR D 381 -11.31 -14.52 -50.90
CA THR D 381 -11.92 -15.84 -50.80
C THR D 381 -12.51 -16.07 -49.42
N GLY D 382 -11.78 -15.68 -48.37
CA GLY D 382 -12.34 -15.78 -47.03
C GLY D 382 -13.53 -14.88 -46.83
N ARG D 383 -13.50 -13.70 -47.45
CA ARG D 383 -14.65 -12.81 -47.40
C ARG D 383 -15.86 -13.47 -48.04
N LEU D 384 -15.66 -14.12 -49.18
CA LEU D 384 -16.76 -14.82 -49.83
C LEU D 384 -17.29 -15.95 -48.97
N GLU D 385 -16.38 -16.68 -48.32
CA GLU D 385 -16.80 -17.75 -47.44
C GLU D 385 -17.65 -17.22 -46.29
N ILE D 386 -17.20 -16.13 -45.66
CA ILE D 386 -17.94 -15.56 -44.54
C ILE D 386 -19.29 -15.03 -45.02
N LEU D 387 -19.31 -14.41 -46.20
CA LEU D 387 -20.57 -13.93 -46.75
C LEU D 387 -21.53 -15.07 -47.02
N GLN D 388 -21.03 -16.18 -47.56
CA GLN D 388 -21.87 -17.35 -47.77
C GLN D 388 -22.40 -17.87 -46.45
N ILE D 389 -21.55 -17.89 -45.42
CA ILE D 389 -21.99 -18.34 -44.11
C ILE D 389 -23.11 -17.45 -43.59
N HIS D 390 -22.94 -16.14 -43.70
CA HIS D 390 -23.97 -15.21 -43.24
C HIS D 390 -25.26 -15.39 -44.03
N THR D 391 -25.16 -15.55 -45.34
CA THR D 391 -26.35 -15.67 -46.18
C THR D 391 -27.06 -17.00 -45.99
N LYS D 392 -26.34 -18.02 -45.55
CA LYS D 392 -26.97 -19.33 -45.35
C LYS D 392 -28.14 -19.25 -44.39
N ASN D 393 -28.03 -18.42 -43.36
CA ASN D 393 -29.13 -18.18 -42.43
C ASN D 393 -30.01 -17.02 -42.88
N MET D 394 -29.93 -16.63 -44.14
CA MET D 394 -30.68 -15.48 -44.62
C MET D 394 -31.68 -15.90 -45.69
N LYS D 395 -32.36 -14.93 -46.31
CA LYS D 395 -33.38 -15.23 -47.29
C LYS D 395 -32.75 -15.61 -48.63
N LEU D 396 -33.57 -15.69 -49.68
CA LEU D 396 -33.12 -16.21 -50.95
C LEU D 396 -31.97 -15.39 -51.54
N ALA D 397 -32.11 -14.07 -51.52
CA ALA D 397 -31.09 -13.16 -52.05
C ALA D 397 -30.77 -13.47 -53.52
N ASP D 398 -31.78 -14.03 -54.20
CA ASP D 398 -31.61 -14.42 -55.59
C ASP D 398 -31.34 -13.24 -56.50
N ASP D 399 -31.95 -12.09 -56.23
CA ASP D 399 -31.70 -10.89 -57.03
C ASP D 399 -30.29 -10.34 -56.83
N VAL D 400 -29.58 -10.79 -55.80
CA VAL D 400 -28.25 -10.30 -55.49
C VAL D 400 -27.23 -11.35 -55.90
N ASP D 401 -26.20 -10.92 -56.64
CA ASP D 401 -25.12 -11.80 -57.03
C ASP D 401 -24.06 -11.84 -55.94
N LEU D 402 -24.02 -12.94 -55.20
CA LEU D 402 -23.12 -13.06 -54.06
C LEU D 402 -21.66 -13.05 -54.49
N GLU D 403 -21.33 -13.75 -55.57
CA GLU D 403 -19.94 -13.80 -56.02
C GLU D 403 -19.44 -12.43 -56.43
N GLN D 404 -20.24 -11.70 -57.21
CA GLN D 404 -19.85 -10.36 -57.61
C GLN D 404 -19.74 -9.43 -56.40
N VAL D 405 -20.68 -9.53 -55.47
CA VAL D 405 -20.62 -8.69 -54.28
C VAL D 405 -19.36 -8.97 -53.48
N ALA D 406 -19.05 -10.25 -53.24
CA ALA D 406 -17.84 -10.60 -52.52
C ALA D 406 -16.59 -10.12 -53.23
N ASN D 407 -16.54 -10.29 -54.55
CA ASN D 407 -15.43 -9.76 -55.33
C ASN D 407 -15.31 -8.25 -55.19
N GLU D 408 -16.43 -7.53 -55.27
CA GLU D 408 -16.44 -6.10 -55.02
C GLU D 408 -16.08 -5.76 -53.58
N THR D 409 -16.61 -6.53 -52.62
CA THR D 409 -16.41 -6.25 -51.19
C THR D 409 -15.01 -6.73 -50.81
N HIS D 410 -14.01 -6.03 -51.34
CA HIS D 410 -12.62 -6.29 -50.99
C HIS D 410 -12.10 -5.37 -49.91
N GLY D 411 -12.95 -4.50 -49.38
CA GLY D 411 -12.50 -3.54 -48.38
C GLY D 411 -12.85 -3.95 -46.95
N HIS D 412 -14.08 -4.40 -46.75
CA HIS D 412 -14.55 -4.80 -45.43
C HIS D 412 -14.34 -6.30 -45.27
N VAL D 413 -14.22 -6.75 -44.02
CA VAL D 413 -13.91 -8.15 -43.75
C VAL D 413 -14.41 -8.51 -42.35
N GLY D 414 -14.63 -9.80 -42.14
CA GLY D 414 -14.97 -10.33 -40.83
C GLY D 414 -16.28 -9.82 -40.27
N ALA D 415 -16.26 -9.37 -39.02
CA ALA D 415 -17.45 -8.82 -38.40
C ALA D 415 -17.95 -7.61 -39.18
N ASP D 416 -17.05 -6.88 -39.83
CA ASP D 416 -17.48 -5.79 -40.71
C ASP D 416 -18.30 -6.34 -41.88
N LEU D 417 -17.86 -7.45 -42.46
CA LEU D 417 -18.64 -8.07 -43.53
C LEU D 417 -19.98 -8.56 -43.03
N ALA D 418 -20.01 -9.15 -41.83
CA ALA D 418 -21.27 -9.62 -41.27
C ALA D 418 -22.22 -8.46 -41.03
N ALA D 419 -21.71 -7.35 -40.48
CA ALA D 419 -22.54 -6.17 -40.28
C ALA D 419 -23.02 -5.62 -41.61
N LEU D 420 -22.18 -5.69 -42.65
CA LEU D 420 -22.60 -5.25 -43.97
C LEU D 420 -23.73 -6.11 -44.50
N CYS D 421 -23.65 -7.43 -44.30
CA CYS D 421 -24.75 -8.30 -44.71
C CYS D 421 -26.03 -7.97 -43.96
N SER D 422 -25.91 -7.74 -42.65
CA SER D 422 -27.07 -7.35 -41.87
C SER D 422 -27.66 -6.04 -42.37
N GLU D 423 -26.79 -5.09 -42.72
CA GLU D 423 -27.27 -3.81 -43.24
C GLU D 423 -27.96 -3.98 -44.58
N ALA D 424 -27.43 -4.85 -45.44
CA ALA D 424 -28.09 -5.10 -46.72
C ALA D 424 -29.47 -5.70 -46.50
N ALA D 425 -29.57 -6.65 -45.57
CA ALA D 425 -30.86 -7.22 -45.24
C ALA D 425 -31.81 -6.16 -44.71
N LEU D 426 -31.30 -5.28 -43.84
CA LEU D 426 -32.14 -4.23 -43.28
C LEU D 426 -32.61 -3.26 -44.36
N GLN D 427 -31.72 -2.91 -45.29
CA GLN D 427 -32.11 -2.01 -46.37
C GLN D 427 -33.16 -2.64 -47.27
N ALA D 428 -32.97 -3.91 -47.62
CA ALA D 428 -33.97 -4.58 -48.44
C ALA D 428 -35.30 -4.68 -47.71
N ILE D 429 -35.27 -4.99 -46.42
CA ILE D 429 -36.49 -5.10 -45.64
C ILE D 429 -37.19 -3.75 -45.54
N ARG D 430 -36.41 -2.69 -45.30
CA ARG D 430 -36.99 -1.35 -45.21
C ARG D 430 -37.60 -0.95 -46.54
N LYS D 431 -36.94 -1.28 -47.65
CA LYS D 431 -37.52 -1.01 -48.96
C LYS D 431 -38.82 -1.76 -49.15
N LYS D 432 -38.82 -3.07 -48.87
CA LYS D 432 -40.02 -3.88 -49.10
C LYS D 432 -41.17 -3.43 -48.22
N MET D 433 -40.92 -3.21 -46.93
CA MET D 433 -41.96 -2.70 -46.05
C MET D 433 -42.44 -1.32 -46.48
N ASP D 434 -41.52 -0.45 -46.91
CA ASP D 434 -41.90 0.80 -47.53
C ASP D 434 -42.56 0.59 -48.89
N LEU D 435 -42.08 -0.39 -49.67
CA LEU D 435 -42.73 -0.72 -50.93
C LEU D 435 -44.12 -1.31 -50.73
N ILE D 436 -44.46 -1.70 -49.51
CA ILE D 436 -45.78 -2.19 -49.19
C ILE D 436 -46.37 -1.27 -48.13
N ASP D 437 -47.58 -1.57 -47.68
CA ASP D 437 -48.15 -0.88 -46.55
C ASP D 437 -47.56 -1.48 -45.27
N LEU D 438 -48.14 -1.13 -44.13
CA LEU D 438 -47.69 -1.70 -42.86
C LEU D 438 -47.83 -3.22 -42.83
N GLU D 439 -48.76 -3.78 -43.62
CA GLU D 439 -48.92 -5.23 -43.77
C GLU D 439 -49.14 -5.92 -42.42
N ASP D 440 -49.72 -5.19 -41.47
CA ASP D 440 -50.00 -5.73 -40.16
C ASP D 440 -51.20 -6.67 -40.15
N GLU D 441 -52.04 -6.62 -41.17
CA GLU D 441 -53.17 -7.52 -41.29
C GLU D 441 -52.87 -8.74 -42.16
N THR D 442 -52.20 -8.55 -43.30
CA THR D 442 -51.80 -9.67 -44.15
C THR D 442 -50.31 -9.53 -44.43
N ILE D 443 -49.50 -10.10 -43.53
CA ILE D 443 -48.05 -10.10 -43.70
C ILE D 443 -47.68 -11.31 -44.53
N ASP D 444 -47.69 -11.14 -45.86
CA ASP D 444 -47.43 -12.25 -46.75
C ASP D 444 -46.00 -12.73 -46.60
N ALA D 445 -45.83 -13.89 -45.98
CA ALA D 445 -44.52 -14.52 -45.91
C ALA D 445 -43.97 -14.83 -47.29
N GLU D 446 -44.85 -15.05 -48.28
CA GLU D 446 -44.38 -15.14 -49.67
C GLU D 446 -43.77 -13.82 -50.11
N VAL D 447 -44.41 -12.71 -49.76
CA VAL D 447 -43.85 -11.40 -50.09
C VAL D 447 -42.52 -11.20 -49.40
N MET D 448 -42.43 -11.57 -48.13
CA MET D 448 -41.18 -11.44 -47.40
C MET D 448 -40.07 -12.27 -48.02
N ASN D 449 -40.37 -13.52 -48.39
CA ASN D 449 -39.38 -14.36 -49.06
C ASN D 449 -38.98 -13.80 -50.41
N SER D 450 -39.95 -13.29 -51.18
CA SER D 450 -39.66 -12.70 -52.48
C SER D 450 -38.79 -11.45 -52.34
N LEU D 451 -38.92 -10.73 -51.23
CA LEU D 451 -38.02 -9.61 -50.95
C LEU D 451 -36.59 -10.13 -50.96
N ALA D 452 -36.35 -11.23 -50.25
CA ALA D 452 -35.08 -11.93 -50.29
C ALA D 452 -33.92 -10.97 -50.07
N VAL D 453 -33.24 -10.61 -51.16
CA VAL D 453 -32.29 -9.51 -51.17
C VAL D 453 -32.03 -9.11 -52.61
N THR D 454 -32.01 -7.81 -52.87
CA THR D 454 -31.76 -7.31 -54.20
C THR D 454 -30.30 -6.89 -54.33
N MET D 455 -29.70 -7.21 -55.48
CA MET D 455 -28.40 -6.64 -55.79
C MET D 455 -28.47 -5.12 -55.79
N ASP D 456 -29.64 -4.57 -56.12
CA ASP D 456 -29.86 -3.14 -55.92
C ASP D 456 -29.80 -2.78 -54.45
N ASP D 457 -30.55 -3.49 -53.62
CA ASP D 457 -30.53 -3.21 -52.18
C ASP D 457 -29.16 -3.50 -51.59
N PHE D 458 -28.55 -4.61 -52.00
CA PHE D 458 -27.22 -4.94 -51.51
C PHE D 458 -26.21 -3.87 -51.90
N ARG D 459 -26.27 -3.40 -53.15
CA ARG D 459 -25.34 -2.37 -53.60
C ARG D 459 -25.60 -1.05 -52.88
N TRP D 460 -26.88 -0.72 -52.64
CA TRP D 460 -27.21 0.49 -51.92
C TRP D 460 -26.63 0.45 -50.51
N ALA D 461 -26.79 -0.67 -49.83
CA ALA D 461 -26.20 -0.81 -48.50
C ALA D 461 -24.68 -0.74 -48.58
N LEU D 462 -24.09 -1.42 -49.56
CA LEU D 462 -22.64 -1.45 -49.68
C LEU D 462 -22.07 -0.06 -49.88
N SER D 463 -22.70 0.73 -50.74
CA SER D 463 -22.34 2.14 -50.85
C SER D 463 -22.56 2.86 -49.54
N GLN D 464 -23.67 2.59 -48.85
CA GLN D 464 -23.88 3.12 -47.52
C GLN D 464 -22.86 2.56 -46.54
N SER D 465 -22.48 1.30 -46.71
CA SER D 465 -21.53 0.67 -45.81
C SER D 465 -20.10 1.13 -46.10
N ASN D 466 -19.22 0.92 -45.12
CA ASN D 466 -17.80 1.22 -45.25
C ASN D 466 -17.04 0.44 -44.19
N PRO D 467 -15.72 0.31 -44.31
CA PRO D 467 -14.95 -0.41 -43.29
C PRO D 467 -15.03 0.28 -41.93
N SER D 468 -15.04 -0.50 -40.86
CA SER D 468 -15.17 0.06 -39.52
C SER D 468 -13.95 0.90 -39.16
N ALA D 469 -12.76 0.46 -39.55
CA ALA D 469 -11.56 1.23 -39.28
C ALA D 469 -11.60 2.62 -39.93
N LEU D 470 -11.95 2.70 -41.20
CA LEU D 470 -12.16 3.98 -41.85
C LEU D 470 -13.35 4.73 -41.26
N ARG D 471 -14.36 4.01 -40.79
CA ARG D 471 -15.53 4.63 -40.18
C ARG D 471 -15.16 5.50 -38.99
N GLU D 472 -14.08 5.18 -38.28
CA GLU D 472 -13.55 6.02 -37.22
C GLU D 472 -12.39 6.87 -37.73
N THR D 473 -12.00 6.69 -38.99
CA THR D 473 -10.81 7.34 -39.49
C THR D 473 -11.15 8.50 -40.43
N VAL D 474 -11.94 8.23 -41.46
CA VAL D 474 -12.20 9.20 -42.51
C VAL D 474 -13.70 9.42 -42.63
N VAL D 475 -14.04 10.59 -43.19
CA VAL D 475 -15.42 10.95 -43.50
C VAL D 475 -15.41 11.58 -44.88
N GLU D 476 -15.97 10.89 -45.87
CA GLU D 476 -15.91 11.35 -47.24
C GLU D 476 -16.97 12.42 -47.50
N VAL D 477 -16.79 13.14 -48.60
CA VAL D 477 -17.77 14.09 -49.10
C VAL D 477 -18.14 13.67 -50.52
N PRO D 478 -19.07 14.35 -51.18
CA PRO D 478 -19.44 13.95 -52.54
C PRO D 478 -18.27 14.03 -53.50
N GLN D 479 -18.19 13.05 -54.39
CA GLN D 479 -17.12 12.98 -55.36
C GLN D 479 -17.70 12.68 -56.73
N VAL D 480 -17.37 13.52 -57.70
CA VAL D 480 -17.85 13.36 -59.06
C VAL D 480 -17.07 12.26 -59.75
N THR D 481 -17.71 11.58 -60.69
CA THR D 481 -17.12 10.42 -61.36
C THR D 481 -16.03 10.89 -62.33
N TRP D 482 -15.19 9.95 -62.76
CA TRP D 482 -14.17 10.24 -63.75
C TRP D 482 -14.76 10.77 -65.05
N GLU D 483 -16.02 10.47 -65.32
CA GLU D 483 -16.71 11.11 -66.44
C GLU D 483 -16.79 12.61 -66.28
N ASP D 484 -17.09 13.09 -65.08
CA ASP D 484 -17.04 14.52 -64.80
C ASP D 484 -15.63 15.07 -64.87
N ILE D 485 -14.62 14.22 -64.76
CA ILE D 485 -13.23 14.66 -64.87
C ILE D 485 -12.94 14.94 -66.34
N GLY D 486 -12.40 16.13 -66.60
CA GLY D 486 -12.09 16.56 -67.96
C GLY D 486 -10.61 16.43 -68.25
N GLY D 487 -10.30 15.93 -69.44
CA GLY D 487 -8.93 15.79 -69.87
C GLY D 487 -8.20 14.70 -69.12
N LEU D 488 -6.87 14.79 -69.16
CA LEU D 488 -5.97 13.86 -68.48
C LEU D 488 -6.27 12.42 -68.89
N GLU D 489 -6.47 12.26 -70.20
CA GLU D 489 -6.78 10.93 -70.73
C GLU D 489 -5.67 9.94 -70.43
N ASP D 490 -4.41 10.34 -70.63
CA ASP D 490 -3.30 9.48 -70.25
C ASP D 490 -3.29 9.24 -68.74
N VAL D 491 -3.56 10.28 -67.97
CA VAL D 491 -3.60 10.13 -66.52
C VAL D 491 -4.74 9.21 -66.11
N LYS D 492 -5.91 9.37 -66.73
CA LYS D 492 -7.03 8.49 -66.43
C LYS D 492 -6.69 7.05 -66.78
N ARG D 493 -6.02 6.83 -67.91
CA ARG D 493 -5.61 5.49 -68.30
C ARG D 493 -4.63 4.91 -67.29
N GLU D 494 -3.68 5.73 -66.82
CA GLU D 494 -2.73 5.24 -65.83
C GLU D 494 -3.43 4.87 -64.53
N LEU D 495 -4.37 5.71 -64.09
CA LEU D 495 -5.12 5.39 -62.88
C LEU D 495 -5.92 4.11 -63.05
N GLN D 496 -6.55 3.94 -64.21
CA GLN D 496 -7.31 2.72 -64.48
C GLN D 496 -6.41 1.49 -64.47
N GLU D 497 -5.22 1.61 -65.06
CA GLU D 497 -4.27 0.50 -65.05
C GLU D 497 -3.85 0.17 -63.63
N LEU D 498 -3.60 1.19 -62.81
CA LEU D 498 -3.25 0.96 -61.41
C LEU D 498 -4.37 0.24 -60.68
N VAL D 499 -5.62 0.66 -60.91
CA VAL D 499 -6.74 0.00 -60.26
C VAL D 499 -6.87 -1.44 -60.72
N GLN D 500 -6.78 -1.69 -62.03
CA GLN D 500 -6.88 -3.04 -62.56
C GLN D 500 -5.74 -3.94 -62.11
N TYR D 501 -4.60 -3.36 -61.78
CA TYR D 501 -3.48 -4.10 -61.22
C TYR D 501 -3.94 -4.88 -60.00
N PRO D 502 -4.79 -4.30 -59.16
CA PRO D 502 -5.31 -5.05 -58.01
C PRO D 502 -6.09 -6.30 -58.41
N VAL D 503 -6.74 -6.31 -59.56
CA VAL D 503 -7.69 -7.37 -59.87
C VAL D 503 -6.99 -8.53 -60.57
N GLU D 504 -5.90 -8.24 -61.26
CA GLU D 504 -5.25 -9.29 -62.03
C GLU D 504 -3.75 -9.37 -61.76
N HIS D 505 -3.24 -8.69 -60.74
CA HIS D 505 -1.82 -8.61 -60.46
C HIS D 505 -1.27 -9.99 -60.16
N PRO D 506 -2.09 -10.91 -59.67
CA PRO D 506 -1.62 -12.29 -59.51
C PRO D 506 -1.14 -12.84 -60.85
N ASP D 507 -1.92 -12.58 -61.90
CA ASP D 507 -1.55 -13.04 -63.22
C ASP D 507 -0.27 -12.36 -63.70
N LYS D 508 -0.14 -11.05 -63.46
CA LYS D 508 1.05 -10.35 -63.91
C LYS D 508 2.29 -10.84 -63.21
N PHE D 509 2.21 -11.03 -61.89
CA PHE D 509 3.34 -11.57 -61.15
C PHE D 509 3.67 -12.99 -61.61
N LEU D 510 2.65 -13.79 -61.89
CA LEU D 510 2.87 -15.12 -62.42
C LEU D 510 3.61 -15.07 -63.76
N LYS D 511 3.21 -14.16 -64.64
CA LYS D 511 3.84 -14.09 -65.95
C LYS D 511 5.26 -13.52 -65.85
N PHE D 512 5.37 -12.24 -65.51
CA PHE D 512 6.68 -11.61 -65.42
C PHE D 512 7.33 -11.91 -64.07
N GLY D 513 6.71 -11.47 -63.00
CA GLY D 513 7.32 -11.56 -61.68
C GLY D 513 7.73 -10.20 -61.16
N MET D 514 7.05 -9.15 -61.60
CA MET D 514 7.41 -7.78 -61.25
C MET D 514 6.31 -7.18 -60.38
N THR D 515 6.72 -6.50 -59.32
CA THR D 515 5.79 -5.83 -58.44
C THR D 515 5.37 -4.48 -59.02
N PRO D 516 4.22 -3.97 -58.61
CA PRO D 516 3.76 -2.69 -59.13
C PRO D 516 4.29 -1.52 -58.30
N SER D 517 4.06 -0.32 -58.82
CA SER D 517 4.49 0.89 -58.15
C SER D 517 3.50 1.27 -57.05
N LYS D 518 3.97 2.11 -56.14
CA LYS D 518 3.13 2.55 -55.02
C LYS D 518 2.22 3.69 -55.44
N GLY D 519 2.80 4.83 -55.82
CA GLY D 519 2.02 5.99 -56.19
C GLY D 519 2.85 7.00 -56.95
N VAL D 520 2.15 8.03 -57.45
CA VAL D 520 2.75 9.04 -58.31
C VAL D 520 2.52 10.41 -57.69
N LEU D 521 3.52 11.27 -57.79
CA LEU D 521 3.41 12.64 -57.30
C LEU D 521 2.78 13.48 -58.41
N PHE D 522 1.53 13.88 -58.20
CA PHE D 522 0.81 14.69 -59.18
C PHE D 522 1.34 16.11 -59.09
N TYR D 523 2.50 16.34 -59.69
CA TYR D 523 3.13 17.66 -59.72
C TYR D 523 2.38 18.50 -60.74
N GLY D 524 1.14 18.85 -60.41
CA GLY D 524 0.30 19.57 -61.34
C GLY D 524 0.67 21.03 -61.42
N PRO D 525 -0.05 21.78 -62.25
CA PRO D 525 0.18 23.22 -62.32
C PRO D 525 -0.08 23.86 -60.96
N PRO D 526 0.65 24.91 -60.62
CA PRO D 526 0.54 25.46 -59.26
C PRO D 526 -0.84 26.01 -58.96
N GLY D 527 -1.56 25.36 -58.05
CA GLY D 527 -2.86 25.82 -57.65
C GLY D 527 -3.96 25.67 -58.68
N CYS D 528 -3.70 24.95 -59.77
CA CYS D 528 -4.74 24.68 -60.75
C CYS D 528 -5.88 23.87 -60.17
N GLY D 529 -5.63 23.19 -59.06
CA GLY D 529 -6.62 22.39 -58.39
C GLY D 529 -6.40 20.94 -58.70
N LYS D 530 -5.73 20.24 -57.79
CA LYS D 530 -5.59 18.80 -57.90
C LYS D 530 -6.58 18.07 -57.02
N THR D 531 -7.21 18.79 -56.08
CA THR D 531 -8.25 18.18 -55.27
C THR D 531 -9.39 17.68 -56.14
N LEU D 532 -9.65 18.36 -57.25
CA LEU D 532 -10.63 17.86 -58.21
C LEU D 532 -10.22 16.50 -58.73
N LEU D 533 -8.95 16.34 -59.11
CA LEU D 533 -8.46 15.05 -59.59
C LEU D 533 -8.58 14.00 -58.50
N ALA D 534 -8.23 14.36 -57.27
CA ALA D 534 -8.31 13.40 -56.18
C ALA D 534 -9.74 12.94 -55.94
N LYS D 535 -10.69 13.89 -55.93
CA LYS D 535 -12.08 13.52 -55.72
C LYS D 535 -12.60 12.66 -56.85
N ALA D 536 -12.21 12.98 -58.10
CA ALA D 536 -12.62 12.16 -59.22
C ALA D 536 -12.07 10.75 -59.11
N ILE D 537 -10.81 10.62 -58.70
CA ILE D 537 -10.23 9.30 -58.49
C ILE D 537 -10.99 8.55 -57.41
N ALA D 538 -11.27 9.22 -56.29
CA ALA D 538 -11.96 8.57 -55.19
C ALA D 538 -13.34 8.08 -55.59
N ASN D 539 -14.09 8.91 -56.33
CA ASN D 539 -15.35 8.44 -56.88
C ASN D 539 -15.15 7.25 -57.81
N GLU D 540 -14.17 7.34 -58.70
CA GLU D 540 -13.86 6.21 -59.57
C GLU D 540 -13.14 5.10 -58.83
N CYS D 541 -12.66 5.36 -57.62
CA CYS D 541 -11.95 4.34 -56.86
C CYS D 541 -12.90 3.21 -56.46
N GLN D 542 -12.36 1.99 -56.50
CA GLN D 542 -13.10 0.79 -56.11
C GLN D 542 -12.57 0.20 -54.81
N ALA D 543 -11.69 0.90 -54.11
CA ALA D 543 -11.08 0.40 -52.88
C ALA D 543 -11.16 1.45 -51.79
N ASN D 544 -10.48 1.17 -50.68
CA ASN D 544 -10.48 2.04 -49.52
C ASN D 544 -9.44 3.13 -49.73
N PHE D 545 -9.79 4.14 -50.51
CA PHE D 545 -8.88 5.24 -50.82
C PHE D 545 -8.89 6.23 -49.66
N ILE D 546 -7.76 6.34 -48.97
CA ILE D 546 -7.62 7.30 -47.88
C ILE D 546 -6.84 8.50 -48.39
N SER D 547 -6.98 9.61 -47.70
CA SER D 547 -6.32 10.86 -48.07
C SER D 547 -5.59 11.45 -46.87
N ILE D 548 -4.40 11.98 -47.12
CA ILE D 548 -3.63 12.63 -46.06
C ILE D 548 -4.15 14.05 -45.89
N LYS D 549 -3.75 14.69 -44.78
CA LYS D 549 -4.09 16.08 -44.52
C LYS D 549 -2.85 16.81 -44.03
N GLY D 550 -2.52 17.91 -44.70
CA GLY D 550 -1.32 18.66 -44.37
C GLY D 550 -1.47 19.43 -43.07
N PRO D 551 -2.70 19.64 -42.63
CA PRO D 551 -2.92 20.42 -41.40
C PRO D 551 -2.66 19.60 -40.15
N GLU D 552 -2.92 18.30 -40.21
CA GLU D 552 -2.77 17.41 -39.06
C GLU D 552 -1.42 16.72 -39.03
N LEU D 553 -0.38 17.36 -39.55
CA LEU D 553 0.92 16.72 -39.68
C LEU D 553 1.59 16.50 -38.33
N LEU D 554 1.64 17.53 -37.48
CA LEU D 554 2.45 17.49 -36.28
C LEU D 554 1.60 17.77 -35.05
N THR D 555 2.15 17.46 -33.89
CA THR D 555 1.48 17.68 -32.61
C THR D 555 2.44 18.35 -31.63
N MET D 556 1.85 19.02 -30.63
CA MET D 556 2.64 19.66 -29.59
C MET D 556 3.34 18.67 -28.67
N TRP D 557 2.72 17.52 -28.42
CA TRP D 557 3.37 16.49 -27.61
C TRP D 557 4.62 15.99 -28.31
N PHE D 558 5.67 15.77 -27.52
CA PHE D 558 6.98 15.41 -28.07
C PHE D 558 6.90 14.04 -28.74
N GLY D 559 7.31 13.97 -30.00
CA GLY D 559 7.39 12.70 -30.69
C GLY D 559 6.07 12.15 -31.19
N GLU D 560 4.98 12.86 -30.99
CA GLU D 560 3.67 12.35 -31.38
C GLU D 560 3.51 12.26 -32.90
N SER D 561 4.30 13.00 -33.66
CA SER D 561 4.11 13.05 -35.10
C SER D 561 4.36 11.69 -35.74
N GLU D 562 5.50 11.07 -35.47
CA GLU D 562 5.75 9.74 -36.01
C GLU D 562 4.74 8.73 -35.48
N ALA D 563 4.30 8.90 -34.24
CA ALA D 563 3.24 8.06 -33.71
C ALA D 563 1.98 8.19 -34.54
N ASN D 564 1.60 9.41 -34.90
CA ASN D 564 0.50 9.59 -35.84
C ASN D 564 0.85 8.99 -37.20
N VAL D 565 2.08 9.21 -37.66
CA VAL D 565 2.51 8.63 -38.92
C VAL D 565 2.50 7.12 -38.86
N ARG D 566 3.02 6.55 -37.77
CA ARG D 566 3.02 5.10 -37.62
C ARG D 566 1.59 4.56 -37.60
N GLU D 567 0.69 5.24 -36.88
CA GLU D 567 -0.69 4.79 -36.83
C GLU D 567 -1.33 4.83 -38.20
N ILE D 568 -1.08 5.90 -38.97
CA ILE D 568 -1.64 5.99 -40.30
C ILE D 568 -1.11 4.87 -41.19
N PHE D 569 0.19 4.64 -41.15
CA PHE D 569 0.77 3.59 -41.98
C PHE D 569 0.23 2.22 -41.59
N ASP D 570 0.07 1.97 -40.30
CA ASP D 570 -0.46 0.70 -39.84
C ASP D 570 -1.90 0.51 -40.27
N LYS D 571 -2.71 1.56 -40.14
CA LYS D 571 -4.10 1.47 -40.59
C LYS D 571 -4.16 1.19 -42.07
N ALA D 572 -3.30 1.85 -42.86
CA ALA D 572 -3.26 1.59 -44.30
C ALA D 572 -2.86 0.15 -44.60
N ARG D 573 -1.81 -0.34 -43.93
CA ARG D 573 -1.39 -1.71 -44.15
C ARG D 573 -2.49 -2.70 -43.79
N GLN D 574 -3.22 -2.43 -42.72
CA GLN D 574 -4.36 -3.27 -42.37
C GLN D 574 -5.44 -3.22 -43.42
N ALA D 575 -5.76 -2.03 -43.93
CA ALA D 575 -6.86 -1.86 -44.86
C ALA D 575 -6.44 -1.95 -46.32
N ALA D 576 -5.74 -3.00 -46.70
CA ALA D 576 -5.48 -3.17 -48.13
C ALA D 576 -6.71 -3.75 -48.82
N PRO D 577 -7.00 -3.33 -50.06
CA PRO D 577 -6.30 -2.31 -50.85
C PRO D 577 -6.60 -0.91 -50.35
N CYS D 578 -5.70 0.04 -50.53
CA CYS D 578 -5.89 1.37 -50.00
C CYS D 578 -5.13 2.38 -50.86
N VAL D 579 -5.49 3.65 -50.68
CA VAL D 579 -4.80 4.76 -51.31
C VAL D 579 -4.46 5.79 -50.25
N LEU D 580 -3.43 6.58 -50.52
CA LEU D 580 -2.99 7.63 -49.60
C LEU D 580 -2.85 8.91 -50.42
N PHE D 581 -3.93 9.68 -50.49
CA PHE D 581 -3.90 10.97 -51.17
C PHE D 581 -3.16 11.95 -50.28
N PHE D 582 -1.87 12.11 -50.54
CA PHE D 582 -1.04 12.99 -49.73
C PHE D 582 -1.39 14.44 -50.05
N ASP D 583 -2.31 15.01 -49.29
CA ASP D 583 -2.66 16.41 -49.42
C ASP D 583 -1.54 17.26 -48.85
N GLU D 584 -1.33 18.44 -49.43
CA GLU D 584 -0.23 19.32 -49.06
C GLU D 584 1.08 18.56 -49.10
N LEU D 585 1.33 17.88 -50.23
CA LEU D 585 2.55 17.10 -50.37
C LEU D 585 3.80 17.94 -50.15
N ASP D 586 3.80 19.19 -50.63
CA ASP D 586 4.93 20.06 -50.37
C ASP D 586 5.11 20.33 -48.89
N SER D 587 4.02 20.52 -48.15
CA SER D 587 4.10 20.81 -46.73
C SER D 587 4.83 19.70 -45.99
N ILE D 588 4.47 18.45 -46.22
CA ILE D 588 5.20 17.35 -45.63
C ILE D 588 6.60 17.25 -46.21
N ALA D 589 6.77 17.54 -47.50
CA ALA D 589 8.08 17.43 -48.14
C ALA D 589 9.10 18.33 -47.48
N LYS D 590 8.72 19.59 -47.21
CA LYS D 590 9.59 20.55 -46.54
C LYS D 590 10.91 20.70 -47.29
N ALA D 591 10.85 20.53 -48.61
CA ALA D 591 12.01 20.73 -49.49
C ALA D 591 13.21 19.90 -49.02
N ARG D 592 13.98 20.45 -48.08
CA ARG D 592 15.13 19.73 -47.57
C ARG D 592 14.77 18.89 -46.35
N GLY D 593 14.25 19.54 -45.32
CA GLY D 593 13.98 18.86 -44.06
C GLY D 593 15.12 18.99 -43.08
N GLY D 594 14.84 19.53 -41.90
CA GLY D 594 15.86 19.69 -40.89
C GLY D 594 16.88 20.76 -41.20
N ASN D 595 16.44 22.01 -41.22
CA ASN D 595 17.35 23.11 -41.51
C ASN D 595 17.52 24.00 -40.28
N ILE D 596 16.42 24.38 -39.64
CA ILE D 596 16.45 25.29 -38.50
C ILE D 596 15.26 24.97 -37.60
N GLY D 597 15.43 25.23 -36.31
CA GLY D 597 14.36 25.02 -35.36
C GLY D 597 14.28 23.58 -34.88
N ASP D 598 14.08 23.42 -33.58
CA ASP D 598 13.92 22.10 -33.00
C ASP D 598 12.67 21.40 -33.54
N GLY D 599 11.57 22.13 -33.68
CA GLY D 599 10.41 21.58 -34.36
C GLY D 599 10.74 21.15 -35.77
N GLY D 600 11.56 21.93 -36.48
CA GLY D 600 11.97 21.55 -37.82
C GLY D 600 12.75 20.25 -37.84
N GLY D 601 13.70 20.09 -36.92
CA GLY D 601 14.45 18.84 -36.86
C GLY D 601 13.59 17.65 -36.51
N ALA D 602 12.71 17.82 -35.52
CA ALA D 602 11.80 16.73 -35.16
C ALA D 602 10.90 16.36 -36.32
N ALA D 603 10.41 17.35 -37.05
CA ALA D 603 9.55 17.09 -38.20
C ALA D 603 10.33 16.38 -39.30
N ASP D 604 11.57 16.79 -39.55
CA ASP D 604 12.38 16.11 -40.54
C ASP D 604 12.60 14.66 -40.16
N ARG D 605 12.88 14.41 -38.87
CA ARG D 605 13.03 13.03 -38.41
C ARG D 605 11.75 12.23 -38.60
N VAL D 606 10.61 12.82 -38.26
CA VAL D 606 9.33 12.12 -38.42
C VAL D 606 9.07 11.83 -39.89
N ILE D 607 9.35 12.80 -40.76
CA ILE D 607 9.13 12.60 -42.19
C ILE D 607 10.04 11.51 -42.72
N ASN D 608 11.30 11.50 -42.30
CA ASN D 608 12.21 10.46 -42.73
C ASN D 608 11.74 9.10 -42.25
N GLN D 609 11.26 9.01 -41.01
CA GLN D 609 10.74 7.76 -40.50
C GLN D 609 9.53 7.30 -41.30
N ILE D 610 8.64 8.24 -41.64
CA ILE D 610 7.46 7.90 -42.43
C ILE D 610 7.88 7.39 -43.80
N LEU D 611 8.86 8.05 -44.42
CA LEU D 611 9.33 7.61 -45.73
C LEU D 611 9.95 6.23 -45.65
N THR D 612 10.74 5.98 -44.62
CA THR D 612 11.34 4.66 -44.44
C THR D 612 10.27 3.59 -44.23
N GLU D 613 9.25 3.91 -43.44
CA GLU D 613 8.12 2.99 -43.30
C GLU D 613 7.45 2.74 -44.64
N MET D 614 7.29 3.80 -45.43
CA MET D 614 6.78 3.66 -46.79
C MET D 614 7.78 2.97 -47.71
N ASP D 615 9.07 3.26 -47.57
CA ASP D 615 10.07 2.67 -48.46
C ASP D 615 11.36 2.48 -47.66
N GLY D 616 11.54 1.28 -47.11
CA GLY D 616 10.54 0.24 -47.00
C GLY D 616 11.10 -1.03 -46.40
N MET D 617 10.41 -1.63 -45.43
CA MET D 617 10.83 -2.92 -44.89
C MET D 617 9.60 -3.77 -44.51
N SER D 618 8.56 -3.73 -45.33
CA SER D 618 7.28 -4.33 -44.94
C SER D 618 6.69 -5.07 -46.13
N THR D 619 5.45 -5.52 -45.98
CA THR D 619 4.77 -6.26 -47.03
C THR D 619 4.39 -5.36 -48.20
N LYS D 620 3.86 -4.18 -47.91
CA LYS D 620 3.44 -3.21 -48.92
C LYS D 620 2.39 -3.85 -49.85
N LYS D 621 1.26 -4.19 -49.24
CA LYS D 621 0.27 -5.00 -49.93
C LYS D 621 -0.40 -4.22 -51.05
N ASN D 622 -1.10 -3.14 -50.72
CA ASN D 622 -1.81 -2.35 -51.72
C ASN D 622 -1.96 -0.92 -51.19
N VAL D 623 -1.09 -0.04 -51.68
CA VAL D 623 -1.12 1.35 -51.28
C VAL D 623 -1.07 2.23 -52.53
N PHE D 624 -1.26 3.53 -52.33
CA PHE D 624 -1.20 4.47 -53.44
C PHE D 624 -0.70 5.81 -52.89
N ILE D 625 0.47 6.23 -53.34
CA ILE D 625 1.08 7.48 -52.90
C ILE D 625 0.64 8.55 -53.89
N ILE D 626 -0.45 9.24 -53.56
CA ILE D 626 -1.01 10.29 -54.40
C ILE D 626 -0.70 11.63 -53.74
N GLY D 627 0.23 12.38 -54.33
CA GLY D 627 0.65 13.63 -53.75
C GLY D 627 0.74 14.72 -54.80
N ALA D 628 0.31 15.92 -54.39
CA ALA D 628 0.41 17.12 -55.22
C ALA D 628 1.09 18.20 -54.40
N THR D 629 2.17 18.76 -54.95
CA THR D 629 2.97 19.75 -54.26
C THR D 629 2.93 21.06 -55.01
N ASN D 630 3.42 22.12 -54.35
CA ASN D 630 3.50 23.43 -54.98
C ASN D 630 4.47 23.40 -56.16
N ARG D 631 5.66 22.85 -55.95
CA ARG D 631 6.66 22.82 -57.01
C ARG D 631 7.67 21.70 -56.77
N PRO D 632 8.39 21.27 -57.80
CA PRO D 632 9.45 20.27 -57.59
C PRO D 632 10.52 20.72 -56.63
N ASP D 633 10.83 22.01 -56.59
CA ASP D 633 11.76 22.52 -55.60
C ASP D 633 11.25 22.35 -54.18
N ILE D 634 9.94 22.45 -53.96
CA ILE D 634 9.36 22.26 -52.64
C ILE D 634 9.40 20.81 -52.20
N ILE D 635 9.76 19.88 -53.09
CA ILE D 635 9.71 18.45 -52.79
C ILE D 635 10.89 18.06 -51.92
N ASP D 636 10.71 17.04 -51.10
CA ASP D 636 11.79 16.49 -50.29
C ASP D 636 12.77 15.75 -51.18
N PRO D 637 14.03 16.17 -51.18
CA PRO D 637 15.00 15.57 -52.11
C PRO D 637 15.15 14.07 -51.95
N ALA D 638 15.11 13.61 -50.70
CA ALA D 638 15.15 12.18 -50.43
C ALA D 638 13.87 11.47 -50.81
N ILE D 639 12.71 12.01 -50.43
CA ILE D 639 11.45 11.44 -50.86
C ILE D 639 11.26 11.49 -52.36
N LEU D 640 11.72 12.56 -53.02
CA LEU D 640 11.64 12.66 -54.47
C LEU D 640 12.47 11.59 -55.17
N ARG D 641 13.45 11.02 -54.49
CA ARG D 641 14.29 10.00 -55.11
C ARG D 641 13.43 8.77 -55.41
N PRO D 642 13.80 7.98 -56.41
CA PRO D 642 12.99 6.81 -56.76
C PRO D 642 12.96 5.80 -55.63
N GLY D 643 12.03 4.85 -55.73
CA GLY D 643 11.79 3.94 -54.63
C GLY D 643 11.01 4.64 -53.54
N ARG D 644 11.64 5.64 -52.91
CA ARG D 644 10.90 6.55 -52.03
C ARG D 644 9.80 7.26 -52.79
N LEU D 645 10.10 7.69 -54.02
CA LEU D 645 9.08 8.16 -54.95
C LEU D 645 8.91 7.08 -56.01
N ASP D 646 7.71 6.50 -56.10
CA ASP D 646 7.46 5.49 -57.11
C ASP D 646 7.33 6.11 -58.49
N GLN D 647 6.39 7.04 -58.65
CA GLN D 647 6.19 7.75 -59.90
C GLN D 647 5.90 9.21 -59.61
N LEU D 648 5.64 9.97 -60.67
CA LEU D 648 5.36 11.39 -60.54
C LEU D 648 4.56 11.85 -61.75
N ILE D 649 3.69 12.84 -61.55
CA ILE D 649 2.86 13.38 -62.61
C ILE D 649 3.05 14.89 -62.64
N TYR D 650 3.98 15.36 -63.46
CA TYR D 650 4.25 16.80 -63.61
C TYR D 650 3.19 17.35 -64.56
N ILE D 651 1.96 17.46 -64.05
CA ILE D 651 0.83 17.85 -64.88
C ILE D 651 0.96 19.32 -65.28
N PRO D 652 0.86 19.63 -66.57
CA PRO D 652 0.90 21.04 -66.98
C PRO D 652 -0.46 21.70 -66.85
N LEU D 653 -0.56 22.95 -67.32
CA LEU D 653 -1.81 23.69 -67.24
C LEU D 653 -2.75 23.29 -68.37
N PRO D 654 -3.96 23.84 -68.38
CA PRO D 654 -4.96 23.40 -69.37
C PRO D 654 -4.64 23.83 -70.79
N ASP D 655 -5.02 23.01 -71.76
CA ASP D 655 -4.87 23.33 -73.17
C ASP D 655 -6.21 23.77 -73.76
N GLU D 656 -6.19 24.22 -75.02
CA GLU D 656 -7.43 24.65 -75.66
C GLU D 656 -8.43 23.51 -75.78
N LYS D 657 -7.97 22.33 -76.20
CA LYS D 657 -8.84 21.17 -76.18
C LYS D 657 -9.27 20.84 -74.75
N SER D 658 -8.34 20.93 -73.81
CA SER D 658 -8.68 20.75 -72.41
C SER D 658 -9.66 21.83 -71.95
N ARG D 659 -9.47 23.05 -72.44
CA ARG D 659 -10.40 24.12 -72.10
C ARG D 659 -11.81 23.80 -72.58
N VAL D 660 -11.93 23.30 -73.81
CA VAL D 660 -13.23 22.92 -74.34
C VAL D 660 -13.83 21.79 -73.52
N ALA D 661 -13.00 20.80 -73.14
CA ALA D 661 -13.49 19.70 -72.32
C ALA D 661 -14.01 20.20 -70.99
N ILE D 662 -13.28 21.10 -70.35
CA ILE D 662 -13.71 21.66 -69.07
C ILE D 662 -15.00 22.44 -69.24
N LEU D 663 -15.11 23.19 -70.33
CA LEU D 663 -16.33 23.93 -70.59
C LEU D 663 -17.51 22.99 -70.74
N LYS D 664 -17.33 21.91 -71.48
CA LYS D 664 -18.40 20.93 -71.64
C LYS D 664 -18.78 20.30 -70.31
N ALA D 665 -17.78 19.96 -69.50
CA ALA D 665 -18.05 19.40 -68.19
C ALA D 665 -18.84 20.35 -67.32
N ASN D 666 -18.49 21.63 -67.34
CA ASN D 666 -19.26 22.64 -66.61
C ASN D 666 -20.68 22.72 -67.15
N LEU D 667 -20.82 22.69 -68.47
CA LEU D 667 -22.13 22.77 -69.10
C LEU D 667 -22.96 21.52 -68.88
N ARG D 668 -22.37 20.44 -68.38
CA ARG D 668 -23.11 19.21 -68.18
C ARG D 668 -24.33 19.40 -67.28
N LYS D 669 -24.31 20.42 -66.43
CA LYS D 669 -25.41 20.71 -65.54
C LYS D 669 -25.98 22.12 -65.71
N SER D 670 -25.84 22.72 -66.89
CA SER D 670 -26.25 24.11 -67.04
C SER D 670 -27.17 24.31 -68.24
N PRO D 671 -27.94 25.41 -68.26
CA PRO D 671 -28.77 25.70 -69.44
C PRO D 671 -27.94 26.26 -70.58
N VAL D 672 -27.70 25.44 -71.60
CA VAL D 672 -26.74 25.78 -72.65
C VAL D 672 -27.42 26.60 -73.74
N ALA D 673 -26.59 27.22 -74.58
CA ALA D 673 -27.07 27.94 -75.75
C ALA D 673 -25.96 27.98 -76.78
N LYS D 674 -26.34 28.27 -78.02
CA LYS D 674 -25.38 28.45 -79.10
C LYS D 674 -25.02 29.92 -79.32
N ASP D 675 -25.51 30.82 -78.47
CA ASP D 675 -25.26 32.24 -78.64
C ASP D 675 -23.77 32.56 -78.48
N VAL D 676 -23.11 31.93 -77.53
CA VAL D 676 -21.68 32.11 -77.31
C VAL D 676 -20.98 30.84 -77.79
N ASP D 677 -19.97 31.00 -78.63
CA ASP D 677 -19.28 29.86 -79.21
C ASP D 677 -18.22 29.31 -78.26
N LEU D 678 -18.34 28.02 -77.97
CA LEU D 678 -17.33 27.37 -77.13
C LEU D 678 -15.97 27.34 -77.80
N GLU D 679 -15.92 27.12 -79.11
CA GLU D 679 -14.65 27.15 -79.81
C GLU D 679 -14.03 28.55 -79.77
N PHE D 680 -14.85 29.59 -79.95
CA PHE D 680 -14.34 30.95 -79.82
C PHE D 680 -13.87 31.22 -78.40
N LEU D 681 -14.60 30.69 -77.42
CA LEU D 681 -14.17 30.86 -76.03
C LEU D 681 -12.81 30.21 -75.80
N ALA D 682 -12.62 29.00 -76.33
CA ALA D 682 -11.33 28.33 -76.19
C ALA D 682 -10.23 29.09 -76.90
N LYS D 683 -10.51 29.61 -78.10
CA LYS D 683 -9.51 30.38 -78.82
C LYS D 683 -9.11 31.63 -78.04
N MET D 684 -10.09 32.33 -77.46
CA MET D 684 -9.79 33.49 -76.64
C MET D 684 -9.16 33.12 -75.31
N THR D 685 -9.30 31.87 -74.87
CA THR D 685 -8.76 31.49 -73.56
C THR D 685 -7.25 31.57 -73.52
N ASN D 686 -6.57 31.17 -74.60
CA ASN D 686 -5.11 31.14 -74.65
C ASN D 686 -4.55 30.36 -73.47
N GLY D 687 -5.21 29.24 -73.15
CA GLY D 687 -4.82 28.44 -72.02
C GLY D 687 -5.01 29.12 -70.68
N PHE D 688 -6.09 29.89 -70.53
CA PHE D 688 -6.39 30.48 -69.24
C PHE D 688 -6.83 29.40 -68.25
N SER D 689 -6.90 29.78 -66.98
CA SER D 689 -7.26 28.83 -65.94
C SER D 689 -8.68 28.31 -66.13
N GLY D 690 -8.82 27.00 -66.04
CA GLY D 690 -10.14 26.39 -66.13
C GLY D 690 -11.04 26.74 -64.97
N ALA D 691 -10.48 26.89 -63.78
CA ALA D 691 -11.25 27.41 -62.66
C ALA D 691 -11.79 28.79 -62.97
N ASP D 692 -11.03 29.61 -63.68
CA ASP D 692 -11.52 30.91 -64.11
C ASP D 692 -12.73 30.75 -65.03
N LEU D 693 -12.67 29.79 -65.95
CA LEU D 693 -13.81 29.56 -66.83
C LEU D 693 -15.03 29.12 -66.03
N THR D 694 -14.83 28.22 -65.06
CA THR D 694 -15.95 27.78 -64.23
C THR D 694 -16.55 28.95 -63.46
N GLU D 695 -15.69 29.82 -62.93
CA GLU D 695 -16.16 30.98 -62.21
C GLU D 695 -16.94 31.91 -63.12
N ILE D 696 -16.46 32.11 -64.35
CA ILE D 696 -17.18 32.94 -65.30
C ILE D 696 -18.55 32.35 -65.59
N CYS D 697 -18.60 31.02 -65.76
CA CYS D 697 -19.89 30.36 -65.98
C CYS D 697 -20.82 30.56 -64.79
N GLN D 698 -20.28 30.44 -63.58
CA GLN D 698 -21.09 30.65 -62.39
C GLN D 698 -21.61 32.07 -62.32
N ARG D 699 -20.76 33.05 -62.66
CA ARG D 699 -21.19 34.44 -62.64
C ARG D 699 -22.28 34.70 -63.67
N ALA D 700 -22.12 34.15 -64.88
CA ALA D 700 -23.16 34.31 -65.89
C ALA D 700 -24.46 33.68 -65.45
N CYS D 701 -24.39 32.49 -64.84
CA CYS D 701 -25.58 31.84 -64.34
C CYS D 701 -26.24 32.66 -63.25
N LYS D 702 -25.44 33.25 -62.36
CA LYS D 702 -25.99 34.09 -61.30
C LYS D 702 -26.68 35.31 -61.88
N LEU D 703 -26.06 35.93 -62.89
CA LEU D 703 -26.69 37.08 -63.54
C LEU D 703 -28.02 36.69 -64.18
N ALA D 704 -28.05 35.54 -64.87
CA ALA D 704 -29.28 35.09 -65.48
C ALA D 704 -30.34 34.80 -64.44
N ILE D 705 -29.95 34.17 -63.33
CA ILE D 705 -30.90 33.85 -62.27
C ILE D 705 -31.46 35.13 -61.65
N ARG D 706 -30.60 36.12 -61.43
CA ARG D 706 -31.06 37.39 -60.89
C ARG D 706 -32.03 38.06 -61.86
N GLU D 707 -31.72 38.00 -63.16
CA GLU D 707 -32.62 38.57 -64.14
C GLU D 707 -33.97 37.86 -64.12
N SER D 708 -33.96 36.54 -64.01
CA SER D 708 -35.20 35.78 -63.95
C SER D 708 -36.00 36.15 -62.70
N ILE D 709 -35.32 36.29 -61.56
CA ILE D 709 -36.00 36.67 -60.33
C ILE D 709 -36.61 38.05 -60.48
N GLU D 710 -35.88 38.99 -61.08
CA GLU D 710 -36.41 40.33 -61.28
C GLU D 710 -37.62 40.30 -62.20
N SER D 711 -37.57 39.50 -63.27
CA SER D 711 -38.71 39.38 -64.17
C SER D 711 -39.92 38.81 -63.45
N GLU D 712 -39.70 37.78 -62.63
CA GLU D 712 -40.80 37.21 -61.86
C GLU D 712 -41.39 38.23 -60.90
N ILE D 713 -40.53 39.02 -60.25
CA ILE D 713 -41.00 40.05 -59.34
C ILE D 713 -41.83 41.09 -60.10
N ARG D 714 -41.36 41.49 -61.29
CA ARG D 714 -42.11 42.44 -62.09
C ARG D 714 -43.46 41.88 -62.50
N ARG D 715 -43.50 40.60 -62.89
CA ARG D 715 -44.78 39.97 -63.24
C ARG D 715 -45.70 39.94 -62.04
N GLU D 716 -45.17 39.62 -60.86
CA GLU D 716 -45.95 39.62 -59.63
C GLU D 716 -46.40 41.02 -59.22
N ARG D 717 -45.69 42.06 -59.66
CA ARG D 717 -46.11 43.42 -59.32
C ARG D 717 -47.51 43.72 -59.85
N GLU D 718 -47.79 43.34 -61.08
CA GLU D 718 -49.15 43.28 -61.60
C GLU D 718 -49.72 41.98 -61.08
N ARG D 719 -50.30 42.04 -59.87
CA ARG D 719 -50.69 40.83 -59.17
C ARG D 719 -51.91 40.20 -59.83
N GLN D 720 -51.66 39.32 -60.81
CA GLN D 720 -52.71 38.64 -61.55
C GLN D 720 -53.67 39.64 -62.18
N THR D 721 -53.13 40.60 -62.93
CA THR D 721 -53.98 41.57 -63.63
C THR D 721 -54.86 40.90 -64.67
N ASN D 722 -54.45 39.74 -65.20
CA ASN D 722 -55.26 38.96 -66.11
C ASN D 722 -55.12 37.48 -65.77
N PRO D 723 -56.15 36.67 -66.05
CA PRO D 723 -56.03 35.23 -65.78
C PRO D 723 -54.93 34.59 -66.61
N SER D 724 -54.73 35.08 -67.83
CA SER D 724 -53.69 34.61 -68.73
C SER D 724 -52.59 35.64 -68.87
N ALA D 725 -52.27 36.32 -67.76
CA ALA D 725 -51.24 37.36 -67.77
C ALA D 725 -49.86 36.81 -68.10
N MET D 726 -49.56 35.57 -67.71
CA MET D 726 -48.29 34.94 -68.01
C MET D 726 -48.53 33.78 -68.95
N GLU D 727 -48.25 33.99 -70.24
CA GLU D 727 -48.36 32.90 -71.21
C GLU D 727 -47.40 31.77 -70.91
N VAL D 728 -46.15 32.10 -70.58
CA VAL D 728 -45.20 31.16 -70.00
C VAL D 728 -45.30 31.29 -68.50
N GLU D 729 -45.85 30.26 -67.84
CA GLU D 729 -46.06 30.32 -66.41
C GLU D 729 -44.76 30.51 -65.65
N GLU D 730 -43.71 29.80 -66.04
CA GLU D 730 -42.38 30.04 -65.50
C GLU D 730 -41.76 31.32 -66.05
N ASP D 731 -42.05 31.67 -67.31
CA ASP D 731 -41.50 32.85 -67.97
C ASP D 731 -39.99 32.89 -67.81
N ASP D 732 -39.34 31.83 -68.28
CA ASP D 732 -37.90 31.72 -68.12
C ASP D 732 -37.22 32.67 -69.08
N PRO D 733 -36.70 33.81 -68.59
CA PRO D 733 -36.04 34.75 -69.48
C PRO D 733 -34.71 34.25 -70.02
N VAL D 734 -33.99 33.43 -69.26
CA VAL D 734 -32.72 32.89 -69.71
C VAL D 734 -32.76 31.37 -69.51
N PRO D 735 -33.69 30.66 -70.13
CA PRO D 735 -33.62 29.20 -70.12
C PRO D 735 -32.42 28.67 -70.87
N GLU D 736 -31.70 29.52 -71.58
CA GLU D 736 -30.44 29.19 -72.24
C GLU D 736 -29.36 30.15 -71.75
N ILE D 737 -28.16 30.00 -72.31
CA ILE D 737 -27.02 30.80 -71.90
C ILE D 737 -27.04 32.11 -72.67
N ARG D 738 -27.08 33.23 -71.95
CA ARG D 738 -26.98 34.53 -72.58
C ARG D 738 -25.53 34.86 -72.91
N ARG D 739 -25.25 34.97 -74.21
CA ARG D 739 -23.90 35.32 -74.65
C ARG D 739 -23.50 36.69 -74.13
N ASP D 740 -24.47 37.55 -73.83
CA ASP D 740 -24.17 38.81 -73.17
C ASP D 740 -23.56 38.57 -71.80
N HIS D 741 -24.10 37.62 -71.04
CA HIS D 741 -23.53 37.29 -69.75
C HIS D 741 -22.11 36.75 -69.91
N PHE D 742 -21.88 35.93 -70.94
CA PHE D 742 -20.53 35.41 -71.19
C PHE D 742 -19.57 36.54 -71.52
N GLU D 743 -20.00 37.49 -72.36
CA GLU D 743 -19.14 38.62 -72.70
C GLU D 743 -18.85 39.46 -71.47
N GLU D 744 -19.85 39.68 -70.62
CA GLU D 744 -19.64 40.44 -69.40
C GLU D 744 -18.65 39.76 -68.48
N ALA D 745 -18.77 38.43 -68.32
CA ALA D 745 -17.81 37.70 -67.51
C ALA D 745 -16.41 37.79 -68.11
N MET D 746 -16.30 37.70 -69.43
CA MET D 746 -15.02 37.85 -70.10
C MET D 746 -14.42 39.23 -69.86
N ARG D 747 -15.25 40.27 -69.82
CA ARG D 747 -14.76 41.62 -69.53
C ARG D 747 -14.21 41.71 -68.11
N PHE D 748 -14.65 40.85 -67.20
CA PHE D 748 -14.18 40.83 -65.81
C PHE D 748 -13.44 39.52 -65.57
N ALA D 749 -12.65 39.10 -66.56
CA ALA D 749 -11.94 37.84 -66.48
C ALA D 749 -10.79 37.94 -65.48
N ARG D 750 -10.24 36.78 -65.12
CA ARG D 750 -9.14 36.74 -64.15
C ARG D 750 -7.82 36.38 -64.82
N ARG D 751 -7.78 35.27 -65.55
CA ARG D 751 -6.57 34.78 -66.19
C ARG D 751 -5.41 34.73 -65.19
N SER D 752 -5.55 33.89 -64.17
CA SER D 752 -4.61 33.84 -63.05
C SER D 752 -3.29 33.18 -63.40
N VAL D 753 -3.00 32.94 -64.68
CA VAL D 753 -1.78 32.28 -65.09
C VAL D 753 -0.61 33.26 -64.96
N SER D 754 0.16 33.14 -63.89
CA SER D 754 1.30 34.01 -63.69
C SER D 754 2.47 33.60 -64.57
N ASP D 755 2.96 34.56 -65.34
CA ASP D 755 4.08 34.30 -66.24
C ASP D 755 5.33 33.91 -65.48
N ASN D 756 5.56 34.53 -64.31
CA ASN D 756 6.66 34.09 -63.46
C ASN D 756 6.41 32.67 -62.95
N ASP D 757 5.18 32.39 -62.51
CA ASP D 757 4.84 31.02 -62.11
C ASP D 757 4.94 30.08 -63.31
N ILE D 758 4.55 30.56 -64.49
CA ILE D 758 4.70 29.76 -65.69
C ILE D 758 6.16 29.39 -65.89
N ARG D 759 7.05 30.38 -65.77
CA ARG D 759 8.48 30.13 -65.93
C ARG D 759 9.00 29.16 -64.88
N LYS D 760 8.52 29.29 -63.64
CA LYS D 760 8.99 28.40 -62.57
C LYS D 760 8.57 26.96 -62.83
N TYR D 761 7.29 26.76 -63.14
CA TYR D 761 6.81 25.41 -63.43
C TYR D 761 7.51 24.85 -64.66
N GLU D 762 7.74 25.68 -65.68
CA GLU D 762 8.44 25.24 -66.86
C GLU D 762 9.87 24.83 -66.54
N MET D 763 10.53 25.58 -65.67
CA MET D 763 11.89 25.23 -65.28
C MET D 763 11.91 23.91 -64.53
N PHE D 764 10.95 23.70 -63.63
CA PHE D 764 10.87 22.43 -62.92
C PHE D 764 10.64 21.28 -63.90
N ALA D 765 9.73 21.47 -64.85
CA ALA D 765 9.46 20.43 -65.84
C ALA D 765 10.68 20.17 -66.72
N GLN D 766 11.39 21.23 -67.11
CA GLN D 766 12.58 21.05 -67.93
C GLN D 766 13.67 20.31 -67.16
N THR D 767 13.81 20.61 -65.87
CA THR D 767 14.74 19.86 -65.05
C THR D 767 14.35 18.40 -64.98
N LEU D 768 13.06 18.11 -64.81
CA LEU D 768 12.61 16.73 -64.79
C LEU D 768 12.91 16.04 -66.11
N GLN D 769 12.64 16.72 -67.22
CA GLN D 769 12.84 16.15 -68.55
C GLN D 769 14.30 16.02 -68.92
N GLN D 770 15.18 16.78 -68.28
CA GLN D 770 16.60 16.67 -68.55
C GLN D 770 17.10 15.27 -68.23
N SER D 771 16.65 14.70 -67.12
CA SER D 771 16.95 13.31 -66.80
C SER D 771 16.27 12.33 -67.75
N ARG D 772 15.23 12.77 -68.46
CA ARG D 772 14.47 11.92 -69.37
C ARG D 772 15.15 11.92 -70.74
N GLY D 773 14.64 11.12 -71.67
CA GLY D 773 15.18 11.05 -73.00
C GLY D 773 15.95 9.77 -73.27
N PHE D 774 15.34 8.85 -74.03
CA PHE D 774 15.98 7.60 -74.39
C PHE D 774 15.45 7.15 -75.75
N GLY D 775 16.28 6.39 -76.45
CA GLY D 775 15.93 5.83 -77.74
C GLY D 775 15.49 4.38 -77.63
N SER D 776 15.43 3.73 -78.80
CA SER D 776 15.05 2.32 -78.84
C SER D 776 16.07 1.44 -78.15
N PHE D 777 17.36 1.72 -78.34
CA PHE D 777 18.45 0.96 -77.75
C PHE D 777 18.33 -0.52 -78.10
N ARG D 778 17.89 -0.80 -79.31
CA ARG D 778 17.75 -2.15 -79.81
C ARG D 778 18.76 -2.39 -80.93
N PHE D 779 19.47 -3.51 -80.84
CA PHE D 779 20.48 -3.85 -81.82
C PHE D 779 19.85 -4.14 -83.18
N ASN E 27 -51.37 -0.55 -43.77
CA ASN E 27 -52.80 -0.83 -43.66
C ASN E 27 -53.45 -0.86 -45.03
N ARG E 28 -54.77 -0.69 -45.06
CA ARG E 28 -55.53 -0.70 -46.30
C ARG E 28 -55.20 0.54 -47.11
N PRO E 29 -55.26 0.45 -48.45
CA PRO E 29 -54.96 1.62 -49.27
C PRO E 29 -56.06 2.66 -49.31
N ASN E 30 -57.31 2.27 -49.03
CA ASN E 30 -58.40 3.23 -49.03
C ASN E 30 -58.43 3.99 -47.71
N ARG E 31 -58.31 5.32 -47.78
CA ARG E 31 -58.29 6.14 -46.60
C ARG E 31 -59.68 6.14 -45.95
N LEU E 32 -59.72 5.89 -44.64
CA LEU E 32 -60.97 5.88 -43.91
C LEU E 32 -61.47 7.31 -43.71
N ILE E 33 -62.73 7.55 -44.02
CA ILE E 33 -63.31 8.88 -43.90
C ILE E 33 -63.61 9.16 -42.43
N VAL E 34 -62.94 10.17 -41.87
CA VAL E 34 -63.16 10.56 -40.48
C VAL E 34 -64.28 11.59 -40.44
N ASP E 35 -65.52 11.12 -40.41
CA ASP E 35 -66.68 12.00 -40.37
C ASP E 35 -67.34 11.94 -39.00
N GLU E 36 -68.44 12.66 -38.84
CA GLU E 36 -69.18 12.64 -37.60
C GLU E 36 -69.85 11.28 -37.41
N ALA E 37 -69.80 10.79 -36.18
CA ALA E 37 -70.43 9.52 -35.85
C ALA E 37 -71.95 9.66 -35.91
N ILE E 38 -72.62 8.54 -36.22
CA ILE E 38 -74.07 8.55 -36.29
C ILE E 38 -74.69 8.85 -34.93
N ASN E 39 -74.10 8.32 -33.86
CA ASN E 39 -74.59 8.58 -32.51
C ASN E 39 -73.90 9.80 -31.92
N GLU E 40 -74.67 10.57 -31.15
CA GLU E 40 -74.13 11.78 -30.53
C GLU E 40 -73.11 11.46 -29.46
N ASP E 41 -73.34 10.43 -28.65
CA ASP E 41 -72.42 10.07 -27.59
C ASP E 41 -71.12 9.53 -28.16
N ASN E 42 -70.01 9.88 -27.52
CA ASN E 42 -68.70 9.38 -27.95
C ASN E 42 -68.55 7.89 -27.76
N SER E 43 -69.06 7.34 -26.65
CA SER E 43 -68.92 5.92 -26.36
C SER E 43 -69.76 5.05 -27.28
N VAL E 44 -70.77 5.62 -27.94
CA VAL E 44 -71.64 4.88 -28.85
C VAL E 44 -71.32 5.29 -30.27
N VAL E 45 -70.99 4.32 -31.12
CA VAL E 45 -70.65 4.57 -32.51
C VAL E 45 -71.41 3.60 -33.40
N SER E 46 -71.53 3.96 -34.67
CA SER E 46 -72.21 3.12 -35.64
C SER E 46 -71.22 2.28 -36.42
N LEU E 47 -71.49 0.98 -36.49
CA LEU E 47 -70.63 0.05 -37.19
C LEU E 47 -70.83 0.18 -38.70
N SER E 48 -69.89 -0.38 -39.47
CA SER E 48 -69.92 -0.29 -40.91
C SER E 48 -70.81 -1.40 -41.47
N GLN E 49 -70.86 -1.54 -42.80
CA GLN E 49 -71.69 -2.53 -43.47
C GLN E 49 -71.29 -3.95 -43.06
N PRO E 50 -70.00 -4.27 -43.08
CA PRO E 50 -69.58 -5.63 -42.69
C PRO E 50 -69.81 -5.94 -41.22
N LYS E 51 -69.94 -4.93 -40.37
CA LYS E 51 -70.11 -5.15 -38.94
C LYS E 51 -71.56 -5.01 -38.48
N MET E 52 -72.50 -4.84 -39.40
CA MET E 52 -73.91 -4.76 -39.03
C MET E 52 -74.44 -6.05 -38.41
N ASP E 53 -74.07 -7.20 -38.97
CA ASP E 53 -74.50 -8.49 -38.46
C ASP E 53 -73.36 -9.39 -38.01
N GLU E 54 -72.11 -8.97 -38.22
CA GLU E 54 -70.97 -9.78 -37.79
C GLU E 54 -70.91 -9.93 -36.27
N LEU E 55 -71.22 -8.88 -35.53
CA LEU E 55 -71.21 -8.92 -34.07
C LEU E 55 -72.56 -9.43 -33.57
N GLN E 56 -72.56 -10.60 -32.96
CA GLN E 56 -73.79 -11.20 -32.46
C GLN E 56 -74.22 -10.49 -31.18
N LEU E 57 -75.50 -10.13 -31.11
CA LEU E 57 -76.07 -9.45 -29.95
C LEU E 57 -76.50 -10.49 -28.93
N PHE E 58 -75.79 -10.57 -27.81
CA PHE E 58 -76.09 -11.48 -26.74
C PHE E 58 -76.42 -10.71 -25.47
N ARG E 59 -77.52 -11.11 -24.81
CA ARG E 59 -77.94 -10.43 -23.60
C ARG E 59 -77.18 -10.93 -22.38
N GLY E 60 -77.02 -12.25 -22.25
CA GLY E 60 -76.32 -12.80 -21.10
C GLY E 60 -74.82 -12.64 -21.11
N ASP E 61 -74.24 -12.37 -22.26
CA ASP E 61 -72.80 -12.16 -22.40
C ASP E 61 -72.55 -10.77 -22.94
N THR E 62 -71.68 -10.02 -22.27
CA THR E 62 -71.36 -8.66 -22.68
C THR E 62 -70.64 -8.69 -24.03
N VAL E 63 -71.02 -7.78 -24.92
CA VAL E 63 -70.41 -7.71 -26.24
C VAL E 63 -69.10 -6.93 -26.14
N LEU E 64 -68.01 -7.65 -25.91
CA LEU E 64 -66.70 -7.04 -25.75
C LEU E 64 -66.08 -6.85 -27.13
N LEU E 65 -65.94 -5.59 -27.54
CA LEU E 65 -65.33 -5.29 -28.83
C LEU E 65 -63.82 -5.28 -28.72
N LYS E 66 -63.15 -5.96 -29.64
CA LYS E 66 -61.70 -6.02 -29.65
C LYS E 66 -61.14 -4.71 -30.17
N GLY E 67 -60.48 -3.95 -29.29
CA GLY E 67 -59.95 -2.66 -29.67
C GLY E 67 -58.45 -2.54 -29.40
N LYS E 68 -57.98 -1.31 -29.22
CA LYS E 68 -56.57 -1.04 -28.99
C LYS E 68 -56.25 -1.01 -27.50
N LYS E 69 -55.00 -1.37 -27.17
CA LYS E 69 -54.53 -1.39 -25.79
C LYS E 69 -55.35 -2.31 -24.91
N ARG E 70 -55.54 -3.54 -25.37
CA ARG E 70 -56.27 -4.58 -24.63
C ARG E 70 -57.68 -4.09 -24.26
N ARG E 71 -58.36 -3.51 -25.25
CA ARG E 71 -59.67 -2.93 -25.06
C ARG E 71 -60.73 -4.02 -25.12
N GLU E 72 -61.39 -4.27 -23.99
CA GLU E 72 -62.54 -5.16 -23.91
C GLU E 72 -63.72 -4.35 -23.39
N ALA E 73 -64.41 -3.67 -24.30
CA ALA E 73 -65.49 -2.77 -23.93
C ALA E 73 -66.83 -3.40 -24.27
N VAL E 74 -67.74 -3.40 -23.29
CA VAL E 74 -69.08 -3.94 -23.51
C VAL E 74 -69.94 -2.83 -24.11
N CYS E 75 -69.88 -2.67 -25.43
CA CYS E 75 -70.62 -1.64 -26.12
C CYS E 75 -71.81 -2.25 -26.86
N ILE E 76 -72.67 -1.39 -27.39
CA ILE E 76 -73.85 -1.82 -28.12
C ILE E 76 -73.43 -2.31 -29.49
N VAL E 77 -74.29 -3.11 -30.14
CA VAL E 77 -74.04 -3.59 -31.49
C VAL E 77 -74.85 -2.74 -32.46
N LEU E 78 -75.21 -1.53 -32.02
CA LEU E 78 -76.02 -0.63 -32.82
C LEU E 78 -75.21 -0.18 -34.04
N SER E 79 -75.58 -0.71 -35.20
CA SER E 79 -74.92 -0.38 -36.46
C SER E 79 -75.91 0.36 -37.35
N ASP E 80 -75.50 1.52 -37.86
CA ASP E 80 -76.30 2.30 -38.80
C ASP E 80 -76.15 1.79 -40.23
N ASP E 81 -75.61 0.59 -40.40
CA ASP E 81 -75.42 0.00 -41.71
C ASP E 81 -76.71 -0.51 -42.33
N THR E 82 -77.76 -0.69 -41.54
CA THR E 82 -79.06 -1.09 -42.07
C THR E 82 -79.71 0.01 -42.89
N CYS E 83 -79.28 1.26 -42.72
CA CYS E 83 -79.80 2.39 -43.49
C CYS E 83 -78.83 2.84 -44.57
N SER E 84 -77.57 3.04 -44.23
CA SER E 84 -76.57 3.48 -45.19
C SER E 84 -75.19 3.05 -44.71
N ASP E 85 -74.19 3.25 -45.56
CA ASP E 85 -72.81 2.89 -45.22
C ASP E 85 -72.29 3.89 -44.18
N GLU E 86 -72.38 3.52 -42.91
CA GLU E 86 -71.92 4.38 -41.83
C GLU E 86 -70.41 4.54 -41.92
N LYS E 87 -69.95 5.79 -41.82
CA LYS E 87 -68.52 6.09 -41.90
C LYS E 87 -67.79 5.49 -40.69
N ILE E 88 -66.64 4.88 -40.95
CA ILE E 88 -65.83 4.27 -39.88
C ILE E 88 -64.99 5.39 -39.27
N ARG E 89 -65.54 6.05 -38.25
CA ARG E 89 -64.86 7.16 -37.60
C ARG E 89 -65.34 7.27 -36.16
N MET E 90 -64.40 7.57 -35.27
CA MET E 90 -64.72 7.79 -33.86
C MET E 90 -65.25 9.21 -33.65
N ASN E 91 -65.81 9.44 -32.47
CA ASN E 91 -66.34 10.75 -32.11
C ASN E 91 -65.22 11.63 -31.55
N ARG E 92 -65.60 12.79 -31.00
CA ARG E 92 -64.61 13.71 -30.46
C ARG E 92 -63.87 13.14 -29.26
N VAL E 93 -64.58 12.49 -28.34
CA VAL E 93 -63.96 11.92 -27.15
C VAL E 93 -63.62 10.44 -27.32
N VAL E 94 -64.21 9.76 -28.30
CA VAL E 94 -63.94 8.34 -28.49
C VAL E 94 -62.48 8.10 -28.87
N ARG E 95 -61.90 9.02 -29.65
CA ARG E 95 -60.50 8.88 -30.04
C ARG E 95 -59.57 8.89 -28.84
N ASN E 96 -59.78 9.81 -27.90
CA ASN E 96 -58.97 9.83 -26.69
C ASN E 96 -59.37 8.72 -25.73
N ASN E 97 -60.58 8.19 -25.86
CA ASN E 97 -61.04 7.13 -24.97
C ASN E 97 -60.39 5.80 -25.34
N LEU E 98 -60.64 5.31 -26.55
CA LEU E 98 -60.17 3.99 -26.95
C LEU E 98 -58.68 3.96 -27.27
N ARG E 99 -58.06 5.13 -27.49
CA ARG E 99 -56.66 5.21 -27.90
C ARG E 99 -56.41 4.38 -29.16
N VAL E 100 -57.36 4.44 -30.09
CA VAL E 100 -57.29 3.71 -31.34
C VAL E 100 -57.40 4.69 -32.50
N ARG E 101 -56.68 4.39 -33.57
CA ARG E 101 -56.66 5.26 -34.74
C ARG E 101 -57.96 5.14 -35.53
N LEU E 102 -58.22 6.15 -36.35
CA LEU E 102 -59.40 6.16 -37.20
C LEU E 102 -59.28 5.08 -38.26
N GLY E 103 -60.37 4.37 -38.51
CA GLY E 103 -60.38 3.28 -39.47
C GLY E 103 -59.85 1.96 -38.95
N ASP E 104 -59.43 1.89 -37.70
CA ASP E 104 -58.94 0.65 -37.12
C ASP E 104 -60.08 -0.35 -37.02
N VAL E 105 -59.79 -1.61 -37.36
CA VAL E 105 -60.81 -2.66 -37.34
C VAL E 105 -61.04 -3.10 -35.91
N ILE E 106 -62.29 -3.04 -35.47
CA ILE E 106 -62.69 -3.46 -34.13
C ILE E 106 -63.86 -4.42 -34.31
N SER E 107 -63.71 -5.64 -33.79
CA SER E 107 -64.74 -6.68 -33.89
C SER E 107 -65.07 -7.19 -32.50
N ILE E 108 -66.20 -7.90 -32.40
CA ILE E 108 -66.66 -8.47 -31.14
C ILE E 108 -65.90 -9.77 -30.92
N GLN E 109 -65.00 -9.76 -29.94
CA GLN E 109 -64.17 -10.92 -29.64
C GLN E 109 -64.20 -11.19 -28.14
N PRO E 110 -63.57 -12.27 -27.68
CA PRO E 110 -63.53 -12.54 -26.24
C PRO E 110 -62.84 -11.42 -25.48
N CYS E 111 -63.34 -11.18 -24.26
CA CYS E 111 -62.85 -10.08 -23.44
C CYS E 111 -61.46 -10.39 -22.92
N PRO E 112 -60.41 -9.78 -23.47
CA PRO E 112 -59.06 -10.05 -22.96
C PRO E 112 -58.71 -9.28 -21.71
N ASP E 113 -59.30 -8.11 -21.49
CA ASP E 113 -59.09 -7.33 -20.28
C ASP E 113 -59.87 -7.87 -19.09
N VAL E 114 -60.77 -8.83 -19.32
CA VAL E 114 -61.58 -9.39 -18.25
C VAL E 114 -61.07 -10.79 -17.91
N LYS E 115 -60.20 -10.86 -16.91
CA LYS E 115 -59.63 -12.14 -16.48
C LYS E 115 -60.26 -12.58 -15.17
N TYR E 116 -60.82 -13.79 -15.14
CA TYR E 116 -61.41 -14.35 -13.94
C TYR E 116 -60.33 -15.05 -13.12
N GLY E 117 -60.27 -14.71 -11.83
CA GLY E 117 -59.27 -15.29 -10.95
C GLY E 117 -59.84 -15.73 -9.61
N LYS E 118 -58.98 -16.25 -8.74
CA LYS E 118 -59.43 -16.70 -7.43
C LYS E 118 -59.90 -15.55 -6.56
N ARG E 119 -59.13 -14.46 -6.52
CA ARG E 119 -59.51 -13.25 -5.79
C ARG E 119 -59.25 -12.08 -6.74
N ILE E 120 -60.25 -11.74 -7.55
CA ILE E 120 -60.14 -10.66 -8.53
C ILE E 120 -61.11 -9.58 -8.08
N HIS E 121 -60.58 -8.56 -7.42
CA HIS E 121 -61.35 -7.44 -6.91
C HIS E 121 -60.79 -6.13 -7.45
N VAL E 122 -61.68 -5.19 -7.77
CA VAL E 122 -61.30 -3.90 -8.33
C VAL E 122 -61.04 -2.93 -7.20
N LEU E 123 -59.85 -2.33 -7.18
CA LEU E 123 -59.51 -1.37 -6.15
C LEU E 123 -60.21 -0.04 -6.39
N PRO E 124 -60.58 0.67 -5.33
CA PRO E 124 -61.21 1.97 -5.48
C PRO E 124 -60.17 3.08 -5.61
N ILE E 125 -60.65 4.27 -5.97
CA ILE E 125 -59.81 5.44 -6.16
C ILE E 125 -60.48 6.63 -5.50
N ASP E 126 -59.71 7.70 -5.30
CA ASP E 126 -60.23 8.91 -4.67
C ASP E 126 -61.33 9.56 -5.51
N ASP E 127 -61.16 9.61 -6.83
CA ASP E 127 -62.23 10.13 -7.68
C ASP E 127 -63.48 9.26 -7.60
N THR E 128 -63.30 7.95 -7.45
CA THR E 128 -64.43 7.06 -7.20
C THR E 128 -65.05 7.31 -5.83
N VAL E 129 -64.26 7.79 -4.86
CA VAL E 129 -64.78 8.10 -3.54
C VAL E 129 -65.24 9.54 -3.44
N GLU E 130 -64.42 10.49 -3.90
CA GLU E 130 -64.78 11.89 -3.86
C GLU E 130 -65.87 12.20 -4.88
N GLY E 131 -66.88 12.94 -4.43
CA GLY E 131 -68.00 13.31 -5.26
C GLY E 131 -69.17 12.36 -5.23
N ILE E 132 -68.97 11.12 -4.78
CA ILE E 132 -70.02 10.11 -4.71
C ILE E 132 -70.62 10.13 -3.32
N THR E 133 -71.93 9.93 -3.25
CA THR E 133 -72.63 9.89 -1.97
C THR E 133 -72.26 8.63 -1.20
N GLY E 134 -71.94 8.80 0.08
CA GLY E 134 -71.54 7.69 0.91
C GLY E 134 -70.12 7.22 0.59
N ASN E 135 -69.81 6.04 1.08
CA ASN E 135 -68.49 5.45 0.86
C ASN E 135 -68.36 4.99 -0.59
N LEU E 136 -67.11 4.86 -1.02
CA LEU E 136 -66.84 4.38 -2.38
C LEU E 136 -67.33 2.96 -2.59
N PHE E 137 -67.11 2.08 -1.60
CA PHE E 137 -67.60 0.72 -1.70
C PHE E 137 -69.12 0.68 -1.71
N GLU E 138 -69.77 1.53 -0.91
CA GLU E 138 -71.23 1.55 -0.86
C GLU E 138 -71.83 1.95 -2.20
N VAL E 139 -71.26 2.96 -2.86
CA VAL E 139 -71.77 3.38 -4.16
C VAL E 139 -71.31 2.46 -5.29
N TYR E 140 -70.24 1.71 -5.10
CA TYR E 140 -69.74 0.81 -6.12
C TYR E 140 -70.44 -0.55 -6.12
N LEU E 141 -70.84 -1.05 -4.94
CA LEU E 141 -71.47 -2.36 -4.84
C LEU E 141 -72.78 -2.43 -5.59
N LYS E 142 -73.49 -1.32 -5.78
CA LYS E 142 -74.67 -1.27 -6.61
C LYS E 142 -74.29 -1.68 -8.03
N PRO E 143 -73.16 -1.20 -8.55
CA PRO E 143 -72.72 -1.62 -9.88
C PRO E 143 -71.76 -2.80 -9.82
N TYR E 144 -71.26 -3.13 -8.63
CA TYR E 144 -70.33 -4.25 -8.49
C TYR E 144 -71.04 -5.56 -8.20
N PHE E 145 -72.36 -5.56 -8.01
CA PHE E 145 -73.08 -6.78 -7.70
C PHE E 145 -73.18 -7.72 -8.89
N LEU E 146 -73.84 -7.30 -9.98
CA LEU E 146 -73.94 -8.13 -11.16
C LEU E 146 -73.31 -7.45 -12.38
N GLU E 147 -73.72 -6.23 -12.67
CA GLU E 147 -73.23 -5.48 -13.82
C GLU E 147 -72.98 -4.04 -13.41
N ALA E 148 -71.94 -3.42 -14.00
CA ALA E 148 -71.61 -2.05 -13.69
C ALA E 148 -72.56 -1.05 -14.35
N TYR E 149 -73.05 -1.37 -15.56
CA TYR E 149 -73.94 -0.50 -16.31
C TYR E 149 -73.29 0.87 -16.55
N ARG E 150 -71.97 0.88 -16.69
CA ARG E 150 -71.23 2.11 -16.96
C ARG E 150 -69.99 1.75 -17.76
N PRO E 151 -69.46 2.68 -18.57
CA PRO E 151 -68.26 2.37 -19.35
C PRO E 151 -67.01 2.50 -18.50
N ILE E 152 -66.37 1.36 -18.22
CA ILE E 152 -65.15 1.34 -17.43
C ILE E 152 -63.95 1.50 -18.36
N ARG E 153 -63.60 2.74 -18.68
CA ARG E 153 -62.48 3.04 -19.56
C ARG E 153 -61.97 4.44 -19.27
N LYS E 154 -60.76 4.70 -19.73
CA LYS E 154 -60.14 6.01 -19.55
C LYS E 154 -60.49 6.92 -20.73
N GLY E 155 -61.22 7.99 -20.44
CA GLY E 155 -61.64 8.93 -21.46
C GLY E 155 -62.99 8.65 -22.08
N ASP E 156 -63.55 7.46 -21.86
CA ASP E 156 -64.85 7.12 -22.42
C ASP E 156 -65.96 7.83 -21.64
N ILE E 157 -67.06 8.11 -22.32
CA ILE E 157 -68.22 8.72 -21.69
C ILE E 157 -68.86 7.65 -20.80
N PHE E 158 -68.61 7.73 -19.51
CA PHE E 158 -69.08 6.74 -18.55
C PHE E 158 -70.37 7.24 -17.91
N LEU E 159 -71.50 6.66 -18.31
CA LEU E 159 -72.80 7.03 -17.77
C LEU E 159 -73.13 6.16 -16.57
N VAL E 160 -73.20 6.78 -15.40
CA VAL E 160 -73.53 6.09 -14.16
C VAL E 160 -74.93 6.55 -13.74
N ARG E 161 -75.88 5.63 -13.72
CA ARG E 161 -77.26 5.93 -13.38
C ARG E 161 -77.39 6.02 -11.86
N GLY E 162 -77.69 7.20 -11.36
CA GLY E 162 -77.86 7.38 -9.93
C GLY E 162 -76.57 7.79 -9.24
N GLY E 163 -76.72 8.56 -8.16
CA GLY E 163 -75.61 9.02 -7.37
C GLY E 163 -75.05 10.37 -7.81
N MET E 164 -75.35 10.80 -9.04
CA MET E 164 -74.87 12.07 -9.57
C MET E 164 -73.35 12.17 -9.50
N ARG E 165 -72.66 11.05 -9.70
CA ARG E 165 -71.21 11.00 -9.64
C ARG E 165 -70.73 9.81 -10.45
N ALA E 166 -69.43 9.81 -10.75
CA ALA E 166 -68.77 8.75 -11.49
C ALA E 166 -67.97 7.90 -10.52
N VAL E 167 -68.45 6.69 -10.24
CA VAL E 167 -67.73 5.76 -9.37
C VAL E 167 -66.81 4.89 -10.22
N GLU E 168 -65.61 5.39 -10.48
CA GLU E 168 -64.62 4.68 -11.28
C GLU E 168 -63.23 5.11 -10.85
N PHE E 169 -62.26 4.24 -11.12
CA PHE E 169 -60.87 4.48 -10.71
C PHE E 169 -60.24 5.53 -11.62
N LYS E 170 -59.68 6.59 -11.01
CA LYS E 170 -58.96 7.61 -11.77
C LYS E 170 -57.52 7.14 -11.96
N VAL E 171 -57.41 5.97 -12.59
CA VAL E 171 -56.13 5.33 -12.86
C VAL E 171 -56.15 4.83 -14.30
N VAL E 172 -55.09 4.14 -14.71
CA VAL E 172 -55.00 3.67 -16.08
C VAL E 172 -56.15 2.71 -16.41
N GLU E 173 -56.43 1.76 -15.52
CA GLU E 173 -57.50 0.80 -15.75
C GLU E 173 -57.90 0.22 -14.39
N THR E 174 -58.83 -0.73 -14.43
CA THR E 174 -59.29 -1.40 -13.22
C THR E 174 -58.19 -2.32 -12.69
N ASP E 175 -58.27 -2.58 -11.38
CA ASP E 175 -57.25 -3.40 -10.72
C ASP E 175 -57.31 -4.85 -11.19
N PRO E 176 -58.34 -5.60 -10.78
CA PRO E 176 -58.39 -7.02 -11.18
C PRO E 176 -58.60 -7.25 -12.66
N SER E 177 -59.65 -6.66 -13.22
CA SER E 177 -60.03 -6.88 -14.61
C SER E 177 -61.18 -5.97 -15.00
N PRO E 178 -61.50 -5.87 -16.30
CA PRO E 178 -62.69 -5.11 -16.72
C PRO E 178 -63.98 -5.77 -16.25
N TYR E 179 -64.11 -7.07 -16.48
CA TYR E 179 -65.21 -7.87 -15.95
C TYR E 179 -64.62 -9.11 -15.27
N CYS E 180 -64.26 -8.96 -14.00
CA CYS E 180 -63.66 -10.06 -13.25
C CYS E 180 -64.75 -11.00 -12.72
N ILE E 181 -64.31 -12.09 -12.10
CA ILE E 181 -65.23 -13.03 -11.47
C ILE E 181 -65.51 -12.56 -10.06
N VAL E 182 -66.44 -11.63 -9.91
CA VAL E 182 -66.81 -11.07 -8.61
C VAL E 182 -68.33 -10.91 -8.59
N ALA E 183 -69.02 -11.84 -7.94
CA ALA E 183 -70.47 -11.77 -7.81
C ALA E 183 -70.81 -10.77 -6.70
N PRO E 184 -72.11 -10.55 -6.43
CA PRO E 184 -72.47 -9.63 -5.35
C PRO E 184 -71.94 -10.04 -3.99
N ASP E 185 -71.68 -11.33 -3.76
CA ASP E 185 -71.06 -11.79 -2.53
C ASP E 185 -69.57 -11.48 -2.46
N THR E 186 -68.95 -11.10 -3.58
CA THR E 186 -67.55 -10.74 -3.63
C THR E 186 -67.44 -9.24 -3.85
N VAL E 187 -67.28 -8.49 -2.77
CA VAL E 187 -67.21 -7.04 -2.87
C VAL E 187 -65.88 -6.63 -3.49
N ILE E 188 -65.83 -5.39 -3.98
CA ILE E 188 -64.63 -4.85 -4.61
C ILE E 188 -63.64 -4.51 -3.50
N HIS E 189 -62.69 -5.42 -3.25
CA HIS E 189 -61.68 -5.22 -2.22
C HIS E 189 -60.68 -4.17 -2.71
N CYS E 190 -60.81 -2.96 -2.19
CA CYS E 190 -59.94 -1.87 -2.57
C CYS E 190 -58.55 -2.07 -1.99
N GLU E 191 -57.58 -1.34 -2.56
CA GLU E 191 -56.21 -1.38 -2.08
C GLU E 191 -56.07 -0.58 -0.78
N GLY E 192 -54.84 -0.43 -0.32
CA GLY E 192 -54.61 0.30 0.93
C GLY E 192 -54.94 1.77 0.87
N GLU E 193 -54.85 2.39 -0.31
CA GLU E 193 -55.16 3.79 -0.46
C GLU E 193 -55.89 4.02 -1.78
N PRO E 194 -56.78 5.02 -1.84
CA PRO E 194 -57.43 5.35 -3.11
C PRO E 194 -56.55 6.23 -3.98
N ILE E 195 -56.03 5.69 -5.09
CA ILE E 195 -55.11 6.41 -5.94
C ILE E 195 -55.89 7.01 -7.11
N LYS E 196 -55.89 8.33 -7.20
CA LYS E 196 -56.61 9.03 -8.26
C LYS E 196 -55.73 10.14 -8.83
N ARG E 197 -55.92 10.39 -10.13
CA ARG E 197 -55.24 11.48 -10.84
C ARG E 197 -53.72 11.37 -10.72
N GLU E 198 -53.22 10.14 -10.69
CA GLU E 198 -51.79 9.88 -10.64
C GLU E 198 -51.29 9.20 -11.91
N ASP E 199 -51.91 8.09 -12.31
CA ASP E 199 -51.56 7.44 -13.55
C ASP E 199 -51.89 8.31 -14.76
N GLU E 200 -53.01 9.03 -14.72
CA GLU E 200 -53.36 9.92 -15.81
C GLU E 200 -52.35 11.04 -15.96
N GLU E 201 -51.87 11.59 -14.83
CA GLU E 201 -50.86 12.63 -14.89
C GLU E 201 -49.57 12.13 -15.52
N GLU E 202 -49.14 10.93 -15.15
CA GLU E 202 -47.95 10.35 -15.75
C GLU E 202 -48.13 10.07 -17.23
N SER E 203 -49.30 9.54 -17.62
CA SER E 203 -49.57 9.27 -19.03
C SER E 203 -49.57 10.55 -19.84
N LEU E 204 -50.14 11.63 -19.31
CA LEU E 204 -50.04 12.92 -19.97
C LEU E 204 -48.61 13.41 -20.02
N ASN E 205 -47.84 13.16 -18.97
CA ASN E 205 -46.42 13.52 -18.92
C ASN E 205 -45.56 12.56 -19.74
N GLU E 206 -46.11 11.42 -20.14
CA GLU E 206 -45.39 10.52 -21.02
C GLU E 206 -45.12 11.22 -22.35
N VAL E 207 -43.85 11.25 -22.73
CA VAL E 207 -43.41 12.09 -23.84
C VAL E 207 -43.85 11.45 -25.15
N GLY E 208 -44.73 12.12 -25.88
CA GLY E 208 -45.11 11.68 -27.20
C GLY E 208 -43.94 11.77 -28.17
N TYR E 209 -43.90 10.79 -29.09
CA TYR E 209 -42.81 10.73 -30.06
C TYR E 209 -42.76 11.96 -30.95
N ASP E 210 -43.88 12.64 -31.12
CA ASP E 210 -43.94 13.83 -31.95
C ASP E 210 -43.34 15.06 -31.28
N ASP E 211 -42.97 14.96 -30.00
CA ASP E 211 -42.45 16.12 -29.28
C ASP E 211 -41.17 16.68 -29.88
N ILE E 212 -40.45 15.89 -30.68
CA ILE E 212 -39.26 16.36 -31.38
C ILE E 212 -39.54 16.25 -32.86
N GLY E 213 -39.47 17.38 -33.57
CA GLY E 213 -39.74 17.40 -34.99
C GLY E 213 -38.67 16.72 -35.81
N GLY E 214 -39.06 15.86 -36.75
CA GLY E 214 -38.11 15.18 -37.60
C GLY E 214 -37.57 13.92 -36.96
N CYS E 215 -37.10 14.03 -35.73
CA CYS E 215 -36.57 12.87 -35.01
C CYS E 215 -37.66 11.87 -34.65
N ARG E 216 -38.93 12.28 -34.71
CA ARG E 216 -40.01 11.32 -34.60
C ARG E 216 -39.91 10.26 -35.69
N LYS E 217 -39.30 10.62 -36.83
CA LYS E 217 -38.99 9.62 -37.84
C LYS E 217 -37.98 8.61 -37.32
N GLN E 218 -36.96 9.07 -36.58
CA GLN E 218 -36.02 8.14 -35.97
C GLN E 218 -36.72 7.23 -34.97
N LEU E 219 -37.60 7.81 -34.14
CA LEU E 219 -38.33 7.01 -33.18
C LEU E 219 -39.20 5.98 -33.89
N ALA E 220 -39.88 6.38 -34.97
CA ALA E 220 -40.70 5.44 -35.72
C ALA E 220 -39.84 4.35 -36.33
N GLN E 221 -38.67 4.69 -36.86
CA GLN E 221 -37.80 3.68 -37.45
C GLN E 221 -37.38 2.64 -36.41
N ILE E 222 -36.92 3.09 -35.25
CA ILE E 222 -36.49 2.15 -34.22
C ILE E 222 -37.66 1.32 -33.71
N LYS E 223 -38.80 1.97 -33.47
CA LYS E 223 -39.96 1.27 -32.93
C LYS E 223 -40.51 0.26 -33.92
N GLU E 224 -40.51 0.60 -35.20
CA GLU E 224 -40.95 -0.34 -36.22
C GLU E 224 -39.97 -1.49 -36.34
N MET E 225 -38.66 -1.21 -36.24
CA MET E 225 -37.69 -2.28 -36.20
C MET E 225 -37.98 -3.25 -35.08
N VAL E 226 -38.34 -2.72 -33.90
CA VAL E 226 -38.69 -3.59 -32.79
C VAL E 226 -39.99 -4.36 -33.07
N GLU E 227 -41.03 -3.66 -33.51
CA GLU E 227 -42.35 -4.25 -33.63
C GLU E 227 -42.46 -5.24 -34.77
N LEU E 228 -42.11 -4.84 -35.99
CA LEU E 228 -42.24 -5.66 -37.17
C LEU E 228 -41.43 -6.94 -37.01
N PRO E 229 -40.17 -6.85 -36.57
CA PRO E 229 -39.43 -8.08 -36.26
C PRO E 229 -40.11 -8.94 -35.22
N LEU E 230 -40.84 -8.33 -34.29
CA LEU E 230 -41.68 -9.05 -33.34
C LEU E 230 -43.05 -9.38 -33.90
N ARG E 231 -43.72 -8.41 -34.53
CA ARG E 231 -45.01 -8.67 -35.17
C ARG E 231 -44.84 -9.68 -36.30
N HIS E 232 -43.80 -9.52 -37.10
CA HIS E 232 -43.46 -10.50 -38.12
C HIS E 232 -42.14 -11.16 -37.76
N PRO E 233 -42.15 -12.35 -37.15
CA PRO E 233 -40.90 -13.08 -36.95
C PRO E 233 -40.20 -13.42 -38.25
N ALA E 234 -40.92 -13.41 -39.37
CA ALA E 234 -40.25 -13.48 -40.67
C ALA E 234 -39.36 -12.28 -40.89
N LEU E 235 -39.79 -11.10 -40.45
CA LEU E 235 -39.01 -9.88 -40.59
C LEU E 235 -37.76 -9.88 -39.72
N PHE E 236 -37.64 -10.83 -38.81
CA PHE E 236 -36.46 -10.91 -37.97
C PHE E 236 -35.60 -12.13 -38.25
N LYS E 237 -36.18 -13.33 -38.18
CA LYS E 237 -35.42 -14.55 -38.38
C LYS E 237 -35.35 -14.95 -39.85
N ALA E 238 -36.50 -15.03 -40.53
CA ALA E 238 -36.50 -15.35 -41.95
C ALA E 238 -35.74 -14.32 -42.77
N ILE E 239 -35.87 -13.04 -42.42
CA ILE E 239 -34.98 -12.03 -42.98
C ILE E 239 -33.53 -12.31 -42.60
N GLY E 240 -33.30 -12.86 -41.41
CA GLY E 240 -31.96 -13.12 -40.94
C GLY E 240 -31.30 -11.97 -40.23
N VAL E 241 -31.98 -10.84 -40.08
CA VAL E 241 -31.42 -9.66 -39.41
C VAL E 241 -32.16 -9.48 -38.10
N LYS E 242 -31.43 -9.49 -37.00
CA LYS E 242 -32.01 -9.25 -35.68
C LYS E 242 -32.00 -7.75 -35.41
N PRO E 243 -32.80 -7.29 -34.44
CA PRO E 243 -32.78 -5.86 -34.11
C PRO E 243 -31.44 -5.45 -33.54
N PRO E 244 -30.99 -4.22 -33.83
CA PRO E 244 -29.71 -3.78 -33.29
C PRO E 244 -29.76 -3.61 -31.78
N ARG E 245 -28.66 -3.98 -31.13
CA ARG E 245 -28.55 -3.82 -29.68
C ARG E 245 -28.50 -2.36 -29.27
N GLY E 246 -27.86 -1.50 -30.07
CA GLY E 246 -27.77 -0.09 -29.75
C GLY E 246 -26.90 0.68 -30.72
N ILE E 247 -27.14 1.98 -30.82
CA ILE E 247 -26.36 2.86 -31.67
C ILE E 247 -26.05 4.13 -30.90
N LEU E 248 -25.05 4.87 -31.37
CA LEU E 248 -24.70 6.15 -30.78
C LEU E 248 -25.81 7.15 -31.03
N LEU E 249 -26.19 7.88 -29.98
CA LEU E 249 -27.21 8.91 -30.10
C LEU E 249 -26.66 10.08 -30.92
N TYR E 250 -27.29 10.34 -32.06
CA TYR E 250 -26.87 11.44 -32.92
C TYR E 250 -27.45 12.74 -32.38
N GLY E 251 -27.15 13.01 -31.11
CA GLY E 251 -27.60 14.21 -30.45
C GLY E 251 -26.45 14.97 -29.84
N PRO E 252 -26.43 16.29 -30.02
CA PRO E 252 -25.30 17.09 -29.55
C PRO E 252 -25.36 17.28 -28.04
N PRO E 253 -24.43 18.04 -27.47
CA PRO E 253 -24.46 18.29 -26.03
C PRO E 253 -25.73 19.00 -25.59
N GLY E 254 -26.30 18.58 -24.47
CA GLY E 254 -27.48 19.21 -23.93
C GLY E 254 -28.66 19.13 -24.87
N THR E 255 -28.66 18.14 -25.76
CA THR E 255 -29.74 17.98 -26.72
C THR E 255 -31.07 17.65 -26.07
N GLY E 256 -31.10 17.52 -24.74
CA GLY E 256 -32.30 17.03 -24.09
C GLY E 256 -32.54 15.60 -24.50
N LYS E 257 -31.46 14.82 -24.60
CA LYS E 257 -31.60 13.40 -24.92
C LYS E 257 -32.41 12.68 -23.85
N THR E 258 -32.52 13.27 -22.66
CA THR E 258 -33.47 12.78 -21.67
C THR E 258 -34.89 12.79 -22.23
N LEU E 259 -35.23 13.81 -23.02
CA LEU E 259 -36.51 13.81 -23.69
C LEU E 259 -36.62 12.66 -24.67
N ILE E 260 -35.53 12.34 -25.37
CA ILE E 260 -35.54 11.21 -26.29
C ILE E 260 -35.81 9.92 -25.54
N ALA E 261 -35.14 9.72 -24.40
CA ALA E 261 -35.37 8.52 -23.60
C ALA E 261 -36.79 8.46 -23.08
N ARG E 262 -37.31 9.60 -22.62
CA ARG E 262 -38.69 9.63 -22.12
C ARG E 262 -39.68 9.29 -23.23
N ALA E 263 -39.44 9.81 -24.43
CA ALA E 263 -40.30 9.50 -25.56
C ALA E 263 -40.23 8.02 -25.91
N VAL E 264 -39.02 7.45 -25.88
CA VAL E 264 -38.87 6.02 -26.15
C VAL E 264 -39.64 5.21 -25.13
N ALA E 265 -39.54 5.56 -23.85
CA ALA E 265 -40.26 4.85 -22.81
C ALA E 265 -41.76 4.99 -22.97
N ASN E 266 -42.23 6.20 -23.27
CA ASN E 266 -43.67 6.42 -23.43
C ASN E 266 -44.22 5.65 -24.63
N GLU E 267 -43.55 5.72 -25.77
CA GLU E 267 -44.00 4.98 -26.94
C GLU E 267 -43.77 3.48 -26.75
N THR E 268 -42.51 3.08 -26.59
CA THR E 268 -42.17 1.70 -26.33
C THR E 268 -42.12 1.46 -24.82
N GLY E 269 -43.07 0.69 -24.32
CA GLY E 269 -43.13 0.42 -22.90
C GLY E 269 -41.93 -0.40 -22.44
N ALA E 270 -41.04 0.24 -21.70
CA ALA E 270 -39.83 -0.42 -21.22
C ALA E 270 -39.34 0.31 -19.98
N PHE E 271 -38.52 -0.36 -19.19
CA PHE E 271 -37.92 0.24 -18.02
C PHE E 271 -36.69 1.03 -18.43
N PHE E 272 -36.84 2.35 -18.48
CA PHE E 272 -35.74 3.23 -18.85
C PHE E 272 -34.63 3.12 -17.81
N PHE E 273 -33.39 2.97 -18.28
CA PHE E 273 -32.23 2.82 -17.41
C PHE E 273 -31.24 3.93 -17.75
N LEU E 274 -31.44 5.10 -17.14
CA LEU E 274 -30.52 6.20 -17.32
C LEU E 274 -29.21 5.89 -16.62
N ILE E 275 -28.10 6.02 -17.36
CA ILE E 275 -26.79 5.72 -16.79
C ILE E 275 -25.84 6.87 -17.11
N ASN E 276 -25.69 7.79 -16.17
CA ASN E 276 -24.79 8.91 -16.34
C ASN E 276 -23.34 8.44 -16.37
N GLY E 277 -22.58 8.97 -17.33
CA GLY E 277 -21.19 8.63 -17.48
C GLY E 277 -20.38 9.05 -16.26
N PRO E 278 -20.67 10.24 -15.74
CA PRO E 278 -20.00 10.68 -14.51
C PRO E 278 -20.36 9.80 -13.33
N GLU E 279 -21.62 9.39 -13.26
CA GLU E 279 -22.07 8.46 -12.24
C GLU E 279 -21.41 7.09 -12.37
N ILE E 280 -20.85 6.78 -13.53
CA ILE E 280 -20.16 5.53 -13.75
C ILE E 280 -18.67 5.64 -13.44
N MET E 281 -18.26 6.72 -12.79
CA MET E 281 -16.86 6.92 -12.38
C MET E 281 -16.77 6.62 -10.90
N SER E 282 -15.96 5.63 -10.55
CA SER E 282 -15.81 5.18 -9.17
C SER E 282 -14.33 5.05 -8.83
N LYS E 283 -14.03 5.23 -7.54
CA LYS E 283 -12.65 5.07 -7.07
C LYS E 283 -12.24 3.61 -6.97
N LEU E 284 -13.17 2.74 -6.63
CA LEU E 284 -12.90 1.31 -6.53
C LEU E 284 -12.97 0.69 -7.92
N ALA E 285 -11.87 0.06 -8.35
CA ALA E 285 -11.75 -0.49 -9.70
C ALA E 285 -12.70 -1.68 -9.83
N GLY E 286 -13.73 -1.48 -10.63
CA GLY E 286 -14.67 -2.54 -10.92
C GLY E 286 -16.02 -2.29 -10.28
N GLU E 287 -16.03 -1.50 -9.21
CA GLU E 287 -17.25 -1.19 -8.48
C GLU E 287 -18.29 -0.53 -9.38
N SER E 288 -17.88 0.47 -10.15
CA SER E 288 -18.78 1.03 -11.16
C SER E 288 -19.12 0.00 -12.21
N GLU E 289 -18.12 -0.78 -12.66
CA GLU E 289 -18.38 -1.79 -13.68
C GLU E 289 -19.29 -2.89 -13.15
N SER E 290 -19.03 -3.35 -11.93
CA SER E 290 -19.89 -4.37 -11.33
C SER E 290 -21.30 -3.83 -11.12
N ASN E 291 -21.42 -2.58 -10.68
CA ASN E 291 -22.74 -1.99 -10.50
C ASN E 291 -23.48 -1.89 -11.84
N LEU E 292 -22.76 -1.51 -12.90
CA LEU E 292 -23.39 -1.42 -14.21
C LEU E 292 -23.84 -2.78 -14.71
N ARG E 293 -23.00 -3.80 -14.52
CA ARG E 293 -23.38 -5.14 -14.92
C ARG E 293 -24.61 -5.62 -14.14
N LYS E 294 -24.61 -5.35 -12.83
CA LYS E 294 -25.76 -5.74 -12.00
C LYS E 294 -27.02 -5.02 -12.45
N ALA E 295 -26.92 -3.74 -12.75
CA ALA E 295 -28.09 -3.00 -13.22
C ALA E 295 -28.58 -3.55 -14.55
N PHE E 296 -27.66 -3.86 -15.46
CA PHE E 296 -28.05 -4.44 -16.74
C PHE E 296 -28.77 -5.76 -16.55
N GLU E 297 -28.23 -6.62 -15.69
CA GLU E 297 -28.86 -7.91 -15.45
C GLU E 297 -30.23 -7.74 -14.78
N GLU E 298 -30.32 -6.81 -13.83
CA GLU E 298 -31.59 -6.58 -13.14
C GLU E 298 -32.64 -6.07 -14.12
N ALA E 299 -32.26 -5.15 -15.00
CA ALA E 299 -33.20 -4.66 -16.00
C ALA E 299 -33.61 -5.77 -16.97
N GLU E 300 -32.66 -6.60 -17.39
CA GLU E 300 -32.99 -7.71 -18.28
C GLU E 300 -33.97 -8.66 -17.62
N LYS E 301 -33.72 -9.02 -16.36
CA LYS E 301 -34.67 -9.85 -15.62
C LYS E 301 -35.97 -9.13 -15.35
N ASN E 302 -35.97 -7.81 -15.34
CA ASN E 302 -37.16 -7.03 -15.03
C ASN E 302 -38.14 -7.06 -16.18
N ALA E 303 -37.72 -6.57 -17.34
CA ALA E 303 -38.61 -6.50 -18.49
C ALA E 303 -37.81 -6.29 -19.76
N PRO E 304 -38.47 -6.26 -20.91
CA PRO E 304 -37.79 -5.86 -22.17
C PRO E 304 -37.47 -4.36 -22.12
N ALA E 305 -36.54 -4.02 -21.23
CA ALA E 305 -36.31 -2.64 -20.83
C ALA E 305 -35.48 -1.89 -21.86
N ILE E 306 -35.17 -0.63 -21.54
CA ILE E 306 -34.34 0.21 -22.40
C ILE E 306 -33.29 0.90 -21.55
N ILE E 307 -32.03 0.76 -21.95
CA ILE E 307 -30.93 1.33 -21.19
C ILE E 307 -30.52 2.66 -21.83
N PHE E 308 -30.41 3.70 -21.00
CA PHE E 308 -30.01 5.03 -21.45
C PHE E 308 -28.61 5.29 -20.91
N ILE E 309 -27.61 5.21 -21.79
CA ILE E 309 -26.22 5.39 -21.39
C ILE E 309 -25.91 6.88 -21.47
N ASP E 310 -26.23 7.62 -20.41
CA ASP E 310 -26.03 9.06 -20.39
C ASP E 310 -24.54 9.39 -20.28
N GLU E 311 -24.12 10.44 -20.98
CA GLU E 311 -22.73 10.90 -20.97
C GLU E 311 -21.78 9.78 -21.38
N LEU E 312 -22.27 8.90 -22.24
CA LEU E 312 -21.52 7.74 -22.68
C LEU E 312 -20.29 8.11 -23.50
N ASP E 313 -20.37 9.16 -24.32
CA ASP E 313 -19.26 9.55 -25.17
C ASP E 313 -18.01 9.91 -24.37
N ALA E 314 -18.14 10.65 -23.28
CA ALA E 314 -17.02 10.98 -22.41
C ALA E 314 -16.85 9.96 -21.29
N ILE E 315 -17.72 8.95 -21.22
CA ILE E 315 -17.66 7.96 -20.16
C ILE E 315 -16.40 7.10 -20.25
N ALA E 316 -15.71 7.12 -21.39
CA ALA E 316 -14.53 6.30 -21.56
C ALA E 316 -13.63 6.94 -22.61
N PRO E 317 -12.32 6.71 -22.53
CA PRO E 317 -11.42 7.14 -23.62
C PRO E 317 -11.09 6.02 -24.58
N LYS E 318 -11.76 4.87 -24.44
CA LYS E 318 -11.50 3.66 -25.21
C LYS E 318 -10.14 3.04 -24.88
N ARG E 319 -9.57 3.43 -23.75
CA ARG E 319 -8.33 2.84 -23.23
C ARG E 319 -7.20 2.89 -24.27
N GLU E 320 -7.30 3.85 -25.19
CA GLU E 320 -6.28 4.03 -26.21
C GLU E 320 -5.55 5.34 -25.98
N LYS E 321 -6.30 6.44 -25.90
CA LYS E 321 -5.71 7.72 -25.57
C LYS E 321 -5.27 7.77 -24.11
N THR E 322 -6.01 7.12 -23.23
CA THR E 322 -5.74 7.13 -21.80
C THR E 322 -5.08 5.82 -21.38
N HIS E 323 -4.15 5.92 -20.42
CA HIS E 323 -3.48 4.75 -19.86
C HIS E 323 -4.17 4.25 -18.59
N GLY E 324 -5.36 4.76 -18.30
CA GLY E 324 -6.08 4.40 -17.09
C GLY E 324 -6.57 2.97 -17.12
N GLU E 325 -6.02 2.16 -16.21
CA GLU E 325 -6.46 0.78 -16.09
C GLU E 325 -7.93 0.69 -15.71
N VAL E 326 -8.44 1.67 -14.98
CA VAL E 326 -9.87 1.73 -14.70
C VAL E 326 -10.65 1.92 -16.00
N GLU E 327 -10.14 2.78 -16.89
CA GLU E 327 -10.77 2.96 -18.19
C GLU E 327 -10.76 1.67 -19.00
N ARG E 328 -9.63 0.94 -18.97
CA ARG E 328 -9.56 -0.33 -19.67
C ARG E 328 -10.54 -1.33 -19.10
N ARG E 329 -10.66 -1.37 -17.78
CA ARG E 329 -11.62 -2.27 -17.14
C ARG E 329 -13.05 -1.92 -17.52
N ILE E 330 -13.36 -0.62 -17.58
CA ILE E 330 -14.69 -0.18 -17.99
C ILE E 330 -14.95 -0.60 -19.43
N VAL E 331 -13.95 -0.43 -20.30
CA VAL E 331 -14.11 -0.82 -21.69
C VAL E 331 -14.36 -2.32 -21.79
N SER E 332 -13.61 -3.11 -21.02
CA SER E 332 -13.81 -4.56 -21.04
C SER E 332 -15.21 -4.93 -20.55
N GLN E 333 -15.67 -4.28 -19.48
CA GLN E 333 -17.02 -4.55 -18.98
C GLN E 333 -18.07 -4.20 -20.03
N LEU E 334 -17.90 -3.07 -20.70
CA LEU E 334 -18.84 -2.70 -21.76
C LEU E 334 -18.84 -3.72 -22.89
N LEU E 335 -17.65 -4.06 -23.40
CA LEU E 335 -17.57 -5.08 -24.43
C LEU E 335 -18.15 -6.41 -23.96
N THR E 336 -18.14 -6.66 -22.66
CA THR E 336 -18.82 -7.81 -22.11
C THR E 336 -20.30 -7.56 -21.88
N LEU E 337 -20.66 -6.46 -21.22
CA LEU E 337 -22.05 -6.16 -20.90
C LEU E 337 -22.85 -5.69 -22.11
N MET E 338 -22.39 -4.61 -22.76
CA MET E 338 -23.08 -4.12 -23.95
C MET E 338 -23.07 -5.13 -25.08
N ASP E 339 -21.95 -5.81 -25.32
CA ASP E 339 -21.86 -6.87 -26.32
C ASP E 339 -22.01 -8.18 -25.56
N GLY E 340 -23.25 -8.58 -25.30
CA GLY E 340 -23.54 -9.81 -24.60
C GLY E 340 -24.34 -10.75 -25.48
N LEU E 341 -24.16 -12.04 -25.23
CA LEU E 341 -24.78 -13.09 -26.04
C LEU E 341 -26.28 -13.08 -25.78
N LYS E 342 -27.02 -12.46 -26.71
CA LYS E 342 -28.47 -12.30 -26.59
C LYS E 342 -28.84 -11.65 -25.26
N GLN E 343 -27.93 -10.84 -24.74
CA GLN E 343 -28.11 -10.16 -23.47
C GLN E 343 -29.21 -9.11 -23.53
N ARG E 344 -29.86 -8.94 -24.68
CA ARG E 344 -30.96 -8.00 -24.81
C ARG E 344 -32.19 -8.80 -25.25
N ALA E 345 -32.91 -9.33 -24.26
CA ALA E 345 -34.17 -10.01 -24.51
C ALA E 345 -35.21 -8.92 -24.76
N HIS E 346 -35.30 -8.49 -26.01
CA HIS E 346 -36.13 -7.35 -26.39
C HIS E 346 -35.75 -6.10 -25.58
N VAL E 347 -34.46 -5.97 -25.32
CA VAL E 347 -33.93 -4.85 -24.55
C VAL E 347 -33.14 -3.95 -25.48
N ILE E 348 -33.23 -2.64 -25.24
CA ILE E 348 -32.61 -1.64 -26.10
C ILE E 348 -31.50 -0.98 -25.31
N VAL E 349 -30.27 -1.12 -25.80
CA VAL E 349 -29.13 -0.41 -25.20
C VAL E 349 -28.97 0.91 -25.92
N MET E 350 -29.75 1.91 -25.51
CA MET E 350 -29.67 3.23 -26.12
C MET E 350 -28.48 3.99 -25.55
N ALA E 351 -27.45 4.15 -26.35
CA ALA E 351 -26.22 4.84 -25.92
C ALA E 351 -26.43 6.33 -26.15
N ALA E 352 -26.65 7.07 -25.07
CA ALA E 352 -26.85 8.51 -25.16
C ALA E 352 -25.48 9.17 -25.30
N THR E 353 -25.06 9.37 -26.54
CA THR E 353 -23.78 10.01 -26.82
C THR E 353 -23.84 11.49 -26.46
N ASN E 354 -22.73 11.99 -25.89
CA ASN E 354 -22.66 13.38 -25.48
C ASN E 354 -22.83 14.33 -26.66
N ARG E 355 -22.15 14.07 -27.77
CA ARG E 355 -22.31 14.86 -28.97
C ARG E 355 -22.53 13.91 -30.13
N PRO E 356 -23.38 14.29 -31.10
CA PRO E 356 -23.60 13.41 -32.26
C PRO E 356 -22.34 13.10 -33.05
N ASN E 357 -21.40 14.03 -33.10
CA ASN E 357 -20.18 13.86 -33.89
C ASN E 357 -18.92 13.71 -33.06
N SER E 358 -19.05 13.69 -31.74
CA SER E 358 -17.89 13.52 -30.87
C SER E 358 -17.21 12.20 -31.17
N ILE E 359 -15.92 12.25 -31.44
CA ILE E 359 -15.15 11.03 -31.68
C ILE E 359 -14.84 10.44 -30.32
N ASP E 360 -15.76 9.61 -29.83
CA ASP E 360 -15.76 9.13 -28.46
C ASP E 360 -15.02 7.80 -28.35
N PRO E 361 -14.98 7.19 -27.15
CA PRO E 361 -14.46 5.83 -27.05
C PRO E 361 -15.15 4.83 -27.95
N ALA E 362 -16.48 4.92 -28.09
CA ALA E 362 -17.20 4.03 -28.98
C ALA E 362 -16.92 4.32 -30.45
N LEU E 363 -16.49 5.54 -30.77
CA LEU E 363 -15.96 5.78 -32.11
C LEU E 363 -14.73 4.93 -32.35
N ARG E 364 -13.83 4.84 -31.36
CA ARG E 364 -12.69 3.94 -31.46
C ARG E 364 -13.14 2.48 -31.44
N ARG E 365 -14.09 2.13 -30.58
CA ARG E 365 -14.59 0.77 -30.46
C ARG E 365 -16.05 0.74 -30.93
N PHE E 366 -16.24 0.56 -32.23
CA PHE E 366 -17.59 0.55 -32.81
C PHE E 366 -18.23 -0.81 -32.56
N GLY E 367 -18.37 -1.18 -31.28
CA GLY E 367 -19.01 -2.43 -30.94
C GLY E 367 -20.33 -2.20 -30.24
N ARG E 368 -20.42 -1.10 -29.48
CA ARG E 368 -21.71 -0.69 -28.95
C ARG E 368 -22.65 -0.32 -30.07
N PHE E 369 -22.18 0.47 -31.03
CA PHE E 369 -22.88 0.73 -32.28
C PHE E 369 -22.35 -0.27 -33.30
N ASP E 370 -22.47 -1.55 -32.96
CA ASP E 370 -22.18 -2.60 -33.92
C ASP E 370 -23.18 -2.58 -35.07
N ARG E 371 -24.28 -1.86 -34.89
CA ARG E 371 -25.27 -1.63 -35.93
C ARG E 371 -25.99 -0.32 -35.61
N GLU E 372 -25.94 0.63 -36.54
CA GLU E 372 -26.65 1.89 -36.39
C GLU E 372 -27.90 1.86 -37.26
N VAL E 373 -29.05 2.17 -36.66
CA VAL E 373 -30.34 2.03 -37.32
C VAL E 373 -30.56 3.22 -38.25
N ASP E 374 -31.11 2.96 -39.43
CA ASP E 374 -31.47 4.01 -40.39
C ASP E 374 -32.74 4.68 -39.87
N ILE E 375 -32.55 5.76 -39.11
CA ILE E 375 -33.63 6.39 -38.37
C ILE E 375 -33.68 7.88 -38.70
N GLY E 376 -34.87 8.38 -39.02
CA GLY E 376 -34.99 9.73 -39.54
C GLY E 376 -34.74 10.80 -38.49
N ILE E 377 -33.71 11.61 -38.74
CA ILE E 377 -33.20 12.55 -37.75
C ILE E 377 -34.08 13.78 -37.65
N PRO E 378 -33.74 14.74 -36.77
CA PRO E 378 -34.66 15.83 -36.46
C PRO E 378 -34.83 16.84 -37.59
N ASP E 379 -35.60 17.88 -37.31
CA ASP E 379 -35.89 18.95 -38.26
C ASP E 379 -35.29 20.27 -37.79
N ALA E 380 -35.47 21.32 -38.61
CA ALA E 380 -34.89 22.64 -38.31
C ALA E 380 -35.89 23.60 -37.68
N THR E 381 -37.14 23.58 -38.11
CA THR E 381 -38.20 24.34 -37.47
C THR E 381 -38.69 23.62 -36.21
N GLY E 382 -38.08 22.48 -35.91
CA GLY E 382 -38.35 21.72 -34.71
C GLY E 382 -38.09 22.54 -33.47
N ARG E 383 -37.22 23.54 -33.57
CA ARG E 383 -37.12 24.53 -32.51
C ARG E 383 -38.42 25.32 -32.40
N LEU E 384 -38.88 25.88 -33.52
CA LEU E 384 -40.16 26.59 -33.52
C LEU E 384 -41.30 25.64 -33.19
N GLU E 385 -41.26 24.42 -33.72
CA GLU E 385 -42.31 23.44 -33.44
C GLU E 385 -42.36 23.10 -31.96
N ILE E 386 -41.20 22.90 -31.33
CA ILE E 386 -41.16 22.55 -29.92
C ILE E 386 -41.59 23.74 -29.07
N LEU E 387 -41.21 24.96 -29.47
CA LEU E 387 -41.70 26.14 -28.76
C LEU E 387 -43.21 26.24 -28.87
N GLN E 388 -43.75 25.96 -30.06
CA GLN E 388 -45.19 25.98 -30.24
C GLN E 388 -45.87 24.91 -29.39
N ILE E 389 -45.26 23.73 -29.29
CA ILE E 389 -45.82 22.69 -28.45
C ILE E 389 -45.80 23.10 -26.98
N HIS E 390 -44.69 23.67 -26.52
CA HIS E 390 -44.61 24.12 -25.14
C HIS E 390 -45.63 25.20 -24.83
N THR E 391 -45.78 26.17 -25.73
CA THR E 391 -46.82 27.17 -25.57
C THR E 391 -48.21 26.55 -25.62
N LYS E 392 -48.38 25.50 -26.42
CA LYS E 392 -49.63 24.78 -26.53
C LYS E 392 -49.77 23.68 -25.50
N ASN E 393 -48.71 23.42 -24.73
CA ASN E 393 -48.80 22.38 -23.71
C ASN E 393 -49.75 22.82 -22.61
N MET E 394 -49.42 23.91 -21.92
CA MET E 394 -50.30 24.50 -20.93
C MET E 394 -50.28 26.02 -20.95
N LYS E 395 -49.44 26.63 -21.77
CA LYS E 395 -49.29 28.09 -21.75
C LYS E 395 -50.48 28.76 -22.41
N LEU E 396 -50.86 29.91 -21.85
CA LEU E 396 -51.95 30.72 -22.35
C LEU E 396 -51.45 32.04 -22.94
N ALA E 397 -50.18 32.07 -23.36
CA ALA E 397 -49.55 33.28 -23.88
C ALA E 397 -50.07 33.53 -25.30
N ASP E 398 -51.32 33.99 -25.39
CA ASP E 398 -51.90 34.34 -26.67
C ASP E 398 -51.22 35.53 -27.32
N ASP E 399 -50.83 36.52 -26.53
CA ASP E 399 -50.14 37.70 -27.05
C ASP E 399 -48.71 37.41 -27.49
N VAL E 400 -48.17 36.25 -27.12
CA VAL E 400 -46.85 35.84 -27.60
C VAL E 400 -46.95 35.56 -29.09
N ASP E 401 -46.37 36.45 -29.90
CA ASP E 401 -46.45 36.32 -31.34
C ASP E 401 -45.62 35.13 -31.82
N LEU E 402 -46.22 34.37 -32.75
CA LEU E 402 -45.52 33.24 -33.34
C LEU E 402 -44.37 33.67 -34.24
N GLU E 403 -44.44 34.87 -34.82
CA GLU E 403 -43.33 35.36 -35.61
C GLU E 403 -42.11 35.61 -34.74
N GLN E 404 -42.31 36.18 -33.55
CA GLN E 404 -41.21 36.32 -32.60
C GLN E 404 -40.66 34.96 -32.20
N VAL E 405 -41.55 33.98 -32.03
CA VAL E 405 -41.13 32.62 -31.71
C VAL E 405 -40.24 32.06 -32.81
N ALA E 406 -40.64 32.24 -34.06
CA ALA E 406 -39.84 31.76 -35.18
C ALA E 406 -38.50 32.47 -35.23
N ASN E 407 -38.50 33.79 -35.04
CA ASN E 407 -37.25 34.54 -35.07
C ASN E 407 -36.29 34.09 -33.98
N GLU E 408 -36.81 33.83 -32.77
CA GLU E 408 -35.98 33.29 -31.71
C GLU E 408 -35.49 31.89 -32.03
N THR E 409 -36.35 31.05 -32.60
CA THR E 409 -35.98 29.67 -32.94
C THR E 409 -34.98 29.60 -34.08
N HIS E 410 -34.84 30.68 -34.85
CA HIS E 410 -33.78 30.74 -35.86
C HIS E 410 -32.39 30.77 -35.24
N GLY E 411 -32.26 31.34 -34.04
CA GLY E 411 -31.00 31.43 -33.34
C GLY E 411 -30.99 30.69 -32.03
N HIS E 412 -31.54 29.47 -32.00
CA HIS E 412 -31.83 28.78 -30.75
C HIS E 412 -31.38 27.31 -30.76
N VAL E 413 -31.82 26.56 -29.74
CA VAL E 413 -31.33 25.21 -29.47
C VAL E 413 -32.51 24.25 -29.42
N GLY E 414 -32.26 23.02 -28.98
CA GLY E 414 -33.32 22.04 -28.95
C GLY E 414 -34.11 22.09 -27.65
N ALA E 415 -33.98 21.07 -26.80
CA ALA E 415 -34.64 21.13 -25.50
C ALA E 415 -34.17 22.34 -24.68
N ASP E 416 -32.97 22.84 -24.94
CA ASP E 416 -32.49 24.03 -24.25
C ASP E 416 -33.32 25.25 -24.60
N LEU E 417 -33.67 25.41 -25.88
CA LEU E 417 -34.52 26.53 -26.27
C LEU E 417 -35.92 26.37 -25.72
N ALA E 418 -36.40 25.13 -25.60
CA ALA E 418 -37.68 24.89 -24.96
C ALA E 418 -37.64 25.31 -23.49
N ALA E 419 -36.55 24.99 -22.81
CA ALA E 419 -36.39 25.45 -21.44
C ALA E 419 -36.31 26.96 -21.37
N LEU E 420 -35.65 27.58 -22.34
CA LEU E 420 -35.60 29.05 -22.38
C LEU E 420 -37.00 29.63 -22.56
N CYS E 421 -37.81 29.03 -23.42
CA CYS E 421 -39.18 29.48 -23.60
C CYS E 421 -39.99 29.30 -22.32
N SER E 422 -39.82 28.17 -21.65
CA SER E 422 -40.52 27.96 -20.38
C SER E 422 -40.10 28.99 -19.35
N GLU E 423 -38.81 29.32 -19.30
CA GLU E 423 -38.32 30.33 -18.37
C GLU E 423 -38.89 31.71 -18.71
N ALA E 424 -38.96 32.04 -19.99
CA ALA E 424 -39.53 33.31 -20.40
C ALA E 424 -41.00 33.39 -20.00
N ALA E 425 -41.73 32.30 -20.21
CA ALA E 425 -43.13 32.26 -19.80
C ALA E 425 -43.26 32.44 -18.29
N LEU E 426 -42.42 31.74 -17.53
CA LEU E 426 -42.47 31.85 -16.08
C LEU E 426 -42.16 33.27 -15.61
N GLN E 427 -41.16 33.90 -16.23
CA GLN E 427 -40.77 35.25 -15.80
C GLN E 427 -41.82 36.27 -16.19
N ALA E 428 -42.40 36.15 -17.38
CA ALA E 428 -43.48 37.05 -17.77
C ALA E 428 -44.70 36.86 -16.88
N ILE E 429 -45.01 35.61 -16.54
CA ILE E 429 -46.14 35.33 -15.67
C ILE E 429 -45.89 35.85 -14.27
N ARG E 430 -44.64 35.76 -13.79
CA ARG E 430 -44.30 36.35 -12.51
C ARG E 430 -44.43 37.86 -12.54
N LYS E 431 -43.96 38.50 -13.61
CA LYS E 431 -44.08 39.94 -13.73
C LYS E 431 -45.54 40.37 -13.75
N LYS E 432 -46.39 39.65 -14.48
CA LYS E 432 -47.82 39.97 -14.52
C LYS E 432 -48.49 39.70 -13.18
N MET E 433 -48.25 38.54 -12.58
CA MET E 433 -48.84 38.18 -11.30
C MET E 433 -48.35 39.07 -10.16
N ASP E 434 -47.06 39.41 -10.13
CA ASP E 434 -46.56 40.37 -9.18
C ASP E 434 -47.13 41.76 -9.39
N LEU E 435 -47.40 42.14 -10.65
CA LEU E 435 -48.10 43.38 -10.92
C LEU E 435 -49.52 43.37 -10.40
N ILE E 436 -50.08 42.19 -10.14
CA ILE E 436 -51.41 42.07 -9.55
C ILE E 436 -51.26 41.79 -8.08
N ASP E 437 -52.34 41.98 -7.32
CA ASP E 437 -52.33 41.71 -5.89
C ASP E 437 -52.42 40.20 -5.66
N LEU E 438 -52.57 39.80 -4.40
CA LEU E 438 -52.74 38.39 -4.08
C LEU E 438 -54.02 37.83 -4.68
N GLU E 439 -55.06 38.66 -4.81
CA GLU E 439 -56.36 38.24 -5.35
C GLU E 439 -56.90 37.03 -4.58
N ASP E 440 -56.76 37.07 -3.26
CA ASP E 440 -57.16 35.95 -2.42
C ASP E 440 -58.66 35.73 -2.42
N GLU E 441 -59.45 36.81 -2.54
CA GLU E 441 -60.90 36.68 -2.48
C GLU E 441 -61.46 35.91 -3.67
N THR E 442 -61.04 36.27 -4.88
CA THR E 442 -61.55 35.63 -6.09
C THR E 442 -60.43 35.49 -7.10
N ILE E 443 -60.44 34.40 -7.86
CA ILE E 443 -59.42 34.16 -8.88
C ILE E 443 -59.70 35.06 -10.07
N ASP E 444 -58.72 35.88 -10.44
CA ASP E 444 -58.86 36.74 -11.59
C ASP E 444 -58.76 35.90 -12.86
N ALA E 445 -59.90 35.65 -13.49
CA ALA E 445 -59.93 34.81 -14.68
C ALA E 445 -59.13 35.39 -15.84
N GLU E 446 -59.23 36.70 -16.06
CA GLU E 446 -58.46 37.33 -17.12
C GLU E 446 -56.96 37.28 -16.86
N VAL E 447 -56.53 37.51 -15.62
CA VAL E 447 -55.12 37.43 -15.29
C VAL E 447 -54.63 35.99 -15.31
N MET E 448 -55.36 35.07 -14.68
CA MET E 448 -54.91 33.68 -14.61
C MET E 448 -55.16 32.95 -15.91
N ASN E 449 -56.43 32.81 -16.30
CA ASN E 449 -56.75 32.17 -17.56
C ASN E 449 -56.49 33.14 -18.71
N SER E 450 -56.10 32.57 -19.86
CA SER E 450 -55.72 33.36 -21.03
C SER E 450 -54.64 34.37 -20.66
N LEU E 451 -53.68 33.92 -19.84
CA LEU E 451 -52.60 34.79 -19.38
C LEU E 451 -51.66 35.02 -20.56
N ALA E 452 -52.12 35.88 -21.46
CA ALA E 452 -51.40 36.11 -22.71
C ALA E 452 -50.13 36.88 -22.43
N VAL E 453 -49.03 36.16 -22.25
CA VAL E 453 -47.72 36.78 -22.08
C VAL E 453 -47.36 37.39 -23.42
N THR E 454 -47.17 38.71 -23.41
CA THR E 454 -46.93 39.45 -24.64
C THR E 454 -45.63 38.99 -25.30
N MET E 455 -45.65 39.00 -26.63
CA MET E 455 -44.43 38.75 -27.38
C MET E 455 -43.30 39.64 -26.90
N ASP E 456 -43.61 40.92 -26.61
CA ASP E 456 -42.63 41.79 -25.98
C ASP E 456 -42.31 41.31 -24.56
N ASP E 457 -43.35 41.00 -23.77
CA ASP E 457 -43.12 40.53 -22.41
C ASP E 457 -42.36 39.21 -22.39
N PHE E 458 -42.76 38.27 -23.25
CA PHE E 458 -42.08 36.99 -23.32
C PHE E 458 -40.63 37.17 -23.80
N ARG E 459 -40.42 38.02 -24.80
CA ARG E 459 -39.07 38.24 -25.31
C ARG E 459 -38.18 38.89 -24.26
N TRP E 460 -38.72 39.86 -23.52
CA TRP E 460 -37.94 40.50 -22.46
C TRP E 460 -37.63 39.52 -21.35
N ALA E 461 -38.60 38.68 -20.97
CA ALA E 461 -38.35 37.67 -19.96
C ALA E 461 -37.30 36.68 -20.43
N LEU E 462 -37.32 36.31 -21.71
CA LEU E 462 -36.30 35.42 -22.26
C LEU E 462 -34.92 36.07 -22.27
N SER E 463 -34.83 37.34 -22.68
CA SER E 463 -33.55 38.03 -22.67
C SER E 463 -33.00 38.16 -21.26
N GLN E 464 -33.88 38.38 -20.28
CA GLN E 464 -33.46 38.37 -18.88
C GLN E 464 -33.06 36.98 -18.42
N SER E 465 -33.68 35.93 -18.99
CA SER E 465 -33.43 34.58 -18.54
C SER E 465 -32.35 33.89 -19.38
N ASN E 466 -32.54 33.83 -20.70
CA ASN E 466 -31.62 33.13 -21.58
C ASN E 466 -30.29 33.86 -21.61
N PRO E 467 -29.21 33.17 -21.97
CA PRO E 467 -27.90 33.83 -22.03
C PRO E 467 -27.90 34.98 -23.02
N SER E 468 -27.26 36.08 -22.61
CA SER E 468 -27.22 37.28 -23.43
C SER E 468 -26.02 37.31 -24.37
N ALA E 469 -25.10 36.36 -24.26
CA ALA E 469 -23.91 36.35 -25.10
C ALA E 469 -24.23 36.15 -26.57
N LEU E 470 -25.16 35.25 -26.90
CA LEU E 470 -25.51 34.99 -28.29
C LEU E 470 -26.46 36.02 -28.87
N ARG E 471 -27.08 36.85 -28.01
CA ARG E 471 -28.05 37.83 -28.48
C ARG E 471 -27.40 38.96 -29.27
N GLU E 472 -26.24 39.45 -28.86
CA GLU E 472 -25.56 40.52 -29.57
C GLU E 472 -24.50 40.01 -30.54
N THR E 473 -24.05 38.77 -30.39
CA THR E 473 -23.05 38.22 -31.28
C THR E 473 -23.52 38.17 -32.73
N VAL E 474 -24.76 37.76 -32.96
CA VAL E 474 -25.32 37.75 -34.30
C VAL E 474 -25.74 39.18 -34.66
N VAL E 475 -25.01 39.80 -35.60
CA VAL E 475 -25.37 41.14 -36.04
C VAL E 475 -26.65 41.17 -36.85
N GLU E 476 -27.22 40.00 -37.15
CA GLU E 476 -28.60 39.94 -37.60
C GLU E 476 -29.56 40.53 -36.57
N VAL E 477 -29.19 40.47 -35.30
CA VAL E 477 -29.93 41.15 -34.23
C VAL E 477 -29.60 42.64 -34.29
N PRO E 478 -28.35 43.01 -34.58
CA PRO E 478 -28.03 44.43 -34.71
C PRO E 478 -28.73 45.06 -35.89
N GLN E 479 -29.42 46.16 -35.62
CA GLN E 479 -30.32 46.79 -36.58
C GLN E 479 -29.54 47.77 -37.47
N VAL E 480 -28.49 47.26 -38.10
CA VAL E 480 -27.75 48.04 -39.08
C VAL E 480 -27.63 47.23 -40.36
N THR E 481 -28.58 47.40 -41.26
CA THR E 481 -28.48 46.82 -42.59
C THR E 481 -27.68 47.79 -43.45
N TRP E 482 -26.36 47.75 -43.30
CA TRP E 482 -25.46 48.75 -43.88
C TRP E 482 -25.83 50.15 -43.38
N GLU E 483 -26.50 50.20 -42.24
CA GLU E 483 -26.88 51.46 -41.63
C GLU E 483 -25.71 52.17 -40.96
N ASP E 484 -24.80 51.42 -40.32
CA ASP E 484 -23.63 52.03 -39.71
C ASP E 484 -22.69 52.63 -40.74
N ILE E 485 -22.57 52.01 -41.91
CA ILE E 485 -21.72 52.51 -42.99
C ILE E 485 -22.64 52.66 -44.20
N GLY E 486 -23.15 53.88 -44.42
CA GLY E 486 -23.98 54.14 -45.58
C GLY E 486 -23.21 53.93 -46.87
N GLY E 487 -23.83 53.18 -47.78
CA GLY E 487 -23.21 52.88 -49.05
C GLY E 487 -22.92 51.41 -49.25
N LEU E 488 -21.96 51.10 -50.12
CA LEU E 488 -21.62 49.73 -50.48
C LEU E 488 -22.86 48.98 -50.99
N GLU E 489 -23.71 49.74 -51.68
CA GLU E 489 -24.96 49.19 -52.19
C GLU E 489 -24.73 48.05 -53.18
N ASP E 490 -23.72 48.18 -54.04
CA ASP E 490 -23.38 47.06 -54.92
C ASP E 490 -22.96 45.84 -54.11
N VAL E 491 -22.12 46.05 -53.09
CA VAL E 491 -21.67 44.95 -52.25
C VAL E 491 -22.84 44.35 -51.47
N LYS E 492 -23.70 45.21 -50.92
CA LYS E 492 -24.86 44.72 -50.19
C LYS E 492 -25.77 43.91 -51.09
N ARG E 493 -26.00 44.40 -52.30
CA ARG E 493 -26.83 43.67 -53.26
C ARG E 493 -26.21 42.34 -53.63
N GLU E 494 -24.90 42.31 -53.85
CA GLU E 494 -24.23 41.07 -54.19
C GLU E 494 -24.35 40.05 -53.06
N LEU E 495 -24.13 40.50 -51.82
CA LEU E 495 -24.25 39.60 -50.68
C LEU E 495 -25.68 39.10 -50.52
N GLN E 496 -26.65 39.99 -50.70
CA GLN E 496 -28.05 39.60 -50.58
C GLN E 496 -28.42 38.59 -51.67
N GLU E 497 -27.95 38.80 -52.89
CA GLU E 497 -28.20 37.85 -53.96
C GLU E 497 -27.56 36.51 -53.65
N LEU E 498 -26.32 36.52 -53.15
CA LEU E 498 -25.66 35.27 -52.80
C LEU E 498 -26.44 34.52 -51.73
N VAL E 499 -26.91 35.23 -50.71
CA VAL E 499 -27.69 34.58 -49.67
C VAL E 499 -29.01 34.04 -50.22
N GLN E 500 -29.76 34.88 -50.93
CA GLN E 500 -31.07 34.48 -51.42
C GLN E 500 -30.99 33.40 -52.48
N TYR E 501 -29.82 33.22 -53.10
CA TYR E 501 -29.69 32.18 -54.11
C TYR E 501 -30.11 30.81 -53.60
N PRO E 502 -29.41 30.20 -52.66
CA PRO E 502 -29.97 29.00 -52.04
C PRO E 502 -30.86 29.34 -50.86
N VAL E 503 -31.66 30.39 -50.99
CA VAL E 503 -32.67 30.72 -50.00
C VAL E 503 -33.99 30.96 -50.71
N GLU E 504 -33.99 31.91 -51.64
CA GLU E 504 -35.21 32.25 -52.36
C GLU E 504 -35.42 31.27 -53.50
N HIS E 505 -34.46 31.18 -54.42
CA HIS E 505 -34.60 30.33 -55.59
C HIS E 505 -33.45 29.34 -55.64
N PRO E 506 -33.33 28.43 -54.68
CA PRO E 506 -32.35 27.35 -54.82
C PRO E 506 -32.67 26.48 -56.03
N ASP E 507 -33.96 26.43 -56.37
CA ASP E 507 -34.38 25.73 -57.58
C ASP E 507 -33.77 26.37 -58.82
N LYS E 508 -33.70 27.69 -58.85
CA LYS E 508 -33.05 28.37 -59.97
C LYS E 508 -31.56 28.01 -60.01
N PHE E 509 -30.93 27.94 -58.85
CA PHE E 509 -29.53 27.53 -58.81
C PHE E 509 -29.36 26.12 -59.37
N LEU E 510 -30.27 25.21 -59.00
CA LEU E 510 -30.22 23.85 -59.55
C LEU E 510 -30.42 23.87 -61.05
N LYS E 511 -31.37 24.66 -61.54
CA LYS E 511 -31.62 24.75 -62.97
C LYS E 511 -30.39 25.25 -63.71
N PHE E 512 -29.74 26.28 -63.20
CA PHE E 512 -28.43 26.67 -63.71
C PHE E 512 -27.35 25.65 -63.34
N GLY E 513 -27.52 24.95 -62.22
CA GLY E 513 -26.50 24.03 -61.77
C GLY E 513 -25.20 24.70 -61.35
N MET E 514 -25.28 25.83 -60.65
CA MET E 514 -24.11 26.57 -60.21
C MET E 514 -24.11 26.63 -58.69
N THR E 515 -22.95 26.34 -58.10
CA THR E 515 -22.80 26.39 -56.65
C THR E 515 -22.38 27.78 -56.21
N PRO E 516 -22.61 28.14 -54.94
CA PRO E 516 -22.23 29.48 -54.47
C PRO E 516 -20.74 29.59 -54.22
N SER E 517 -20.31 30.83 -54.01
CA SER E 517 -18.91 31.12 -53.75
C SER E 517 -18.56 30.88 -52.28
N LYS E 518 -17.26 30.82 -52.02
CA LYS E 518 -16.77 30.56 -50.67
C LYS E 518 -16.76 31.82 -49.82
N GLY E 519 -16.02 32.84 -50.26
CA GLY E 519 -15.89 34.04 -49.46
C GLY E 519 -15.43 35.21 -50.29
N VAL E 520 -15.26 36.35 -49.61
CA VAL E 520 -14.96 37.62 -50.26
C VAL E 520 -13.66 38.16 -49.68
N LEU E 521 -12.77 38.60 -50.57
CA LEU E 521 -11.49 39.19 -50.16
C LEU E 521 -11.63 40.71 -50.21
N PHE E 522 -12.29 41.25 -49.19
CA PHE E 522 -12.52 42.70 -49.10
C PHE E 522 -11.21 43.37 -48.71
N TYR E 523 -10.39 43.64 -49.72
CA TYR E 523 -9.07 44.25 -49.51
C TYR E 523 -9.18 45.74 -49.83
N GLY E 524 -9.42 46.54 -48.80
CA GLY E 524 -9.46 47.97 -48.94
C GLY E 524 -8.68 48.66 -47.84
N PRO E 525 -9.09 49.87 -47.49
CA PRO E 525 -8.45 50.56 -46.37
C PRO E 525 -8.65 49.79 -45.08
N PRO E 526 -7.64 49.75 -44.22
CA PRO E 526 -7.77 48.98 -42.98
C PRO E 526 -8.70 49.66 -41.98
N GLY E 527 -9.59 48.88 -41.36
CA GLY E 527 -10.48 49.41 -40.36
C GLY E 527 -11.43 50.47 -40.87
N CYS E 528 -11.56 50.61 -42.18
CA CYS E 528 -12.48 51.61 -42.73
C CYS E 528 -13.93 51.24 -42.47
N GLY E 529 -14.17 50.04 -41.96
CA GLY E 529 -15.52 49.52 -41.83
C GLY E 529 -15.58 48.08 -42.29
N LYS E 530 -14.42 47.46 -42.50
CA LYS E 530 -14.39 46.05 -42.83
C LYS E 530 -15.04 45.22 -41.73
N THR E 531 -14.74 45.54 -40.48
CA THR E 531 -15.48 44.95 -39.37
C THR E 531 -16.96 45.33 -39.46
N LEU E 532 -17.24 46.60 -39.77
CA LEU E 532 -18.61 47.01 -40.02
C LEU E 532 -19.19 46.27 -41.21
N LEU E 533 -18.35 45.95 -42.20
CA LEU E 533 -18.82 45.18 -43.34
C LEU E 533 -19.27 43.80 -42.90
N ALA E 534 -18.48 43.14 -42.05
CA ALA E 534 -18.88 41.83 -41.53
C ALA E 534 -20.15 41.94 -40.71
N LYS E 535 -20.27 42.99 -39.92
CA LYS E 535 -21.48 43.18 -39.12
C LYS E 535 -22.70 43.34 -40.01
N ALA E 536 -22.57 44.11 -41.08
CA ALA E 536 -23.70 44.30 -42.00
C ALA E 536 -24.02 42.99 -42.72
N ILE E 537 -23.01 42.21 -43.07
CA ILE E 537 -23.26 40.92 -43.69
C ILE E 537 -24.04 40.01 -42.75
N ALA E 538 -23.63 39.96 -41.48
CA ALA E 538 -24.38 39.18 -40.49
C ALA E 538 -25.79 39.72 -40.31
N ASN E 539 -25.95 41.05 -40.40
CA ASN E 539 -27.28 41.65 -40.35
C ASN E 539 -28.15 41.15 -41.48
N GLU E 540 -27.59 41.09 -42.70
CA GLU E 540 -28.29 40.43 -43.80
C GLU E 540 -28.44 38.94 -43.56
N CYS E 541 -27.53 38.33 -42.81
CA CYS E 541 -27.61 36.91 -42.50
C CYS E 541 -28.63 36.65 -41.39
N GLN E 542 -28.74 35.40 -40.97
CA GLN E 542 -29.64 35.03 -39.89
C GLN E 542 -28.88 34.32 -38.78
N ALA E 543 -27.72 33.76 -39.10
CA ALA E 543 -26.88 33.07 -38.14
C ALA E 543 -25.68 33.93 -37.77
N ASN E 544 -24.77 33.36 -36.98
CA ASN E 544 -23.60 34.10 -36.51
C ASN E 544 -22.46 34.01 -37.50
N PHE E 545 -21.35 34.68 -37.20
CA PHE E 545 -20.18 34.70 -38.07
C PHE E 545 -18.98 34.18 -37.28
N ILE E 546 -17.83 34.13 -37.95
CA ILE E 546 -16.60 33.62 -37.36
C ILE E 546 -15.52 34.67 -37.51
N SER E 547 -15.28 35.44 -36.45
CA SER E 547 -14.27 36.48 -36.45
C SER E 547 -12.93 35.85 -36.06
N ILE E 548 -11.93 36.00 -36.92
CA ILE E 548 -10.62 35.41 -36.69
C ILE E 548 -9.55 36.49 -36.82
N LYS E 549 -8.43 36.24 -36.16
CA LYS E 549 -7.27 37.12 -36.23
C LYS E 549 -6.02 36.29 -36.48
N GLY E 550 -5.05 36.91 -37.14
CA GLY E 550 -3.79 36.24 -37.43
C GLY E 550 -3.00 36.01 -36.16
N PRO E 551 -3.31 36.77 -35.11
CA PRO E 551 -2.63 36.55 -33.82
C PRO E 551 -2.82 35.17 -33.25
N GLU E 552 -4.01 34.58 -33.38
CA GLU E 552 -4.25 33.26 -32.82
C GLU E 552 -3.46 32.17 -33.52
N LEU E 553 -2.90 32.46 -34.69
CA LEU E 553 -2.21 31.45 -35.49
C LEU E 553 -0.84 31.06 -34.94
N LEU E 554 -0.20 31.94 -34.16
CA LEU E 554 1.18 31.73 -33.74
C LEU E 554 1.21 30.89 -32.49
N THR E 555 2.19 29.99 -32.39
CA THR E 555 2.39 29.17 -31.21
C THR E 555 3.83 28.66 -31.21
N MET E 556 4.31 28.27 -30.03
CA MET E 556 5.63 27.66 -29.94
C MET E 556 5.67 26.29 -30.62
N TRP E 557 4.63 25.50 -30.44
CA TRP E 557 4.48 24.22 -31.13
C TRP E 557 3.46 24.39 -32.25
N PHE E 558 3.82 23.91 -33.43
CA PHE E 558 3.02 24.16 -34.63
C PHE E 558 1.83 23.22 -34.65
N GLY E 559 0.75 23.60 -33.96
CA GLY E 559 -0.48 22.85 -34.04
C GLY E 559 -1.72 23.71 -34.05
N GLU E 560 -1.53 25.02 -34.01
CA GLU E 560 -2.68 25.94 -33.90
C GLU E 560 -3.53 25.95 -35.15
N SER E 561 -2.90 25.85 -36.33
CA SER E 561 -3.64 25.98 -37.58
C SER E 561 -4.67 24.87 -37.72
N GLU E 562 -4.28 23.64 -37.43
CA GLU E 562 -5.22 22.53 -37.55
C GLU E 562 -6.38 22.69 -36.60
N ALA E 563 -6.11 23.11 -35.36
CA ALA E 563 -7.18 23.31 -34.39
C ALA E 563 -8.13 24.40 -34.84
N ASN E 564 -7.60 25.51 -35.33
CA ASN E 564 -8.46 26.60 -35.79
C ASN E 564 -9.30 26.17 -36.97
N VAL E 565 -8.69 25.47 -37.93
CA VAL E 565 -9.44 25.01 -39.10
C VAL E 565 -10.52 24.03 -38.69
N ARG E 566 -10.21 23.14 -37.76
CA ARG E 566 -11.20 22.17 -37.31
C ARG E 566 -12.36 22.86 -36.61
N GLU E 567 -12.06 23.85 -35.76
CA GLU E 567 -13.13 24.59 -35.10
C GLU E 567 -13.99 25.31 -36.11
N ILE E 568 -13.36 25.94 -37.11
CA ILE E 568 -14.12 26.65 -38.13
C ILE E 568 -15.01 25.69 -38.89
N PHE E 569 -14.47 24.55 -39.31
CA PHE E 569 -15.27 23.60 -40.05
C PHE E 569 -16.43 23.06 -39.22
N ASP E 570 -16.16 22.71 -37.97
CA ASP E 570 -17.22 22.19 -37.11
C ASP E 570 -18.33 23.22 -36.91
N LYS E 571 -17.98 24.46 -36.60
CA LYS E 571 -18.98 25.49 -36.45
C LYS E 571 -19.75 25.71 -37.74
N ALA E 572 -19.07 25.77 -38.87
CA ALA E 572 -19.75 25.82 -40.16
C ALA E 572 -20.56 24.57 -40.42
N ARG E 573 -20.03 23.40 -40.08
CA ARG E 573 -20.83 22.18 -40.08
C ARG E 573 -21.96 22.25 -39.08
N GLN E 574 -21.78 22.98 -37.99
CA GLN E 574 -22.82 23.11 -36.98
C GLN E 574 -23.86 24.16 -37.33
N ALA E 575 -23.44 25.39 -37.58
CA ALA E 575 -24.37 26.48 -37.80
C ALA E 575 -24.46 26.79 -39.30
N ALA E 576 -25.18 27.84 -39.65
CA ALA E 576 -25.26 28.31 -41.02
C ALA E 576 -23.99 29.06 -41.37
N PRO E 577 -23.91 29.66 -42.55
CA PRO E 577 -22.67 30.32 -42.98
C PRO E 577 -22.19 31.34 -41.96
N CYS E 578 -21.06 31.03 -41.32
CA CYS E 578 -20.39 31.95 -40.44
C CYS E 578 -19.30 32.66 -41.23
N VAL E 579 -19.40 33.97 -41.35
CA VAL E 579 -18.44 34.76 -42.11
C VAL E 579 -17.08 34.59 -41.43
N LEU E 580 -16.15 33.94 -42.11
CA LEU E 580 -14.82 33.71 -41.57
C LEU E 580 -14.07 35.03 -41.59
N PHE E 581 -14.42 35.90 -40.63
CA PHE E 581 -13.83 37.23 -40.55
C PHE E 581 -12.41 37.08 -40.02
N PHE E 582 -11.51 36.71 -40.93
CA PHE E 582 -10.12 36.45 -40.56
C PHE E 582 -9.32 37.75 -40.67
N ASP E 583 -8.69 38.15 -39.56
CA ASP E 583 -7.84 39.33 -39.52
C ASP E 583 -6.39 38.94 -39.77
N GLU E 584 -5.65 39.85 -40.39
CA GLU E 584 -4.25 39.61 -40.76
C GLU E 584 -4.13 38.40 -41.67
N LEU E 585 -5.18 38.15 -42.45
CA LEU E 585 -5.21 37.00 -43.34
C LEU E 585 -4.08 37.06 -44.37
N ASP E 586 -3.98 38.18 -45.09
CA ASP E 586 -2.86 38.36 -46.00
C ASP E 586 -1.54 38.34 -45.26
N SER E 587 -1.47 39.01 -44.10
CA SER E 587 -0.26 38.98 -43.30
C SER E 587 0.09 37.58 -42.87
N ILE E 588 -0.90 36.77 -42.48
CA ILE E 588 -0.63 35.39 -42.12
C ILE E 588 -0.12 34.60 -43.31
N ALA E 589 -0.75 34.75 -44.48
CA ALA E 589 -0.38 33.94 -45.63
C ALA E 589 0.84 34.50 -46.34
N LYS E 590 0.73 35.72 -46.85
CA LYS E 590 1.83 36.40 -47.54
C LYS E 590 2.35 35.60 -48.73
N ALA E 591 1.49 34.80 -49.36
CA ALA E 591 1.84 34.02 -50.54
C ALA E 591 3.07 33.16 -50.30
N ARG E 592 3.13 32.52 -49.13
CA ARG E 592 4.26 31.68 -48.75
C ARG E 592 5.56 32.46 -48.80
N GLY E 593 6.29 32.33 -49.91
CA GLY E 593 7.53 33.06 -50.09
C GLY E 593 8.78 32.29 -49.69
N GLY E 594 8.70 31.47 -48.66
CA GLY E 594 9.85 30.71 -48.21
C GLY E 594 10.81 31.50 -47.35
N ASN E 595 10.32 32.00 -46.21
CA ASN E 595 11.16 32.74 -45.30
C ASN E 595 12.10 31.82 -44.53
N ILE E 596 13.13 32.40 -43.94
CA ILE E 596 14.16 31.61 -43.28
C ILE E 596 13.75 31.31 -41.84
N GLY E 597 14.44 30.35 -41.23
CA GLY E 597 14.20 29.99 -39.85
C GLY E 597 13.01 29.06 -39.69
N ASP E 598 12.76 28.68 -38.43
CA ASP E 598 11.58 27.89 -38.12
C ASP E 598 10.30 28.64 -38.45
N GLY E 599 10.35 29.97 -38.39
CA GLY E 599 9.17 30.76 -38.72
C GLY E 599 8.73 30.57 -40.16
N GLY E 600 9.68 30.55 -41.09
CA GLY E 600 9.32 30.39 -42.49
C GLY E 600 8.69 29.04 -42.78
N GLY E 601 9.27 27.96 -42.27
CA GLY E 601 8.69 26.65 -42.47
C GLY E 601 7.34 26.50 -41.80
N ALA E 602 7.21 27.04 -40.58
CA ALA E 602 5.92 27.00 -39.90
C ALA E 602 4.87 27.78 -40.67
N ALA E 603 5.26 28.93 -41.23
CA ALA E 603 4.32 29.71 -42.01
C ALA E 603 3.91 28.99 -43.28
N ASP E 604 4.86 28.32 -43.94
CA ASP E 604 4.52 27.54 -45.12
C ASP E 604 3.55 26.41 -44.76
N ARG E 605 3.80 25.74 -43.64
CA ARG E 605 2.89 24.69 -43.19
C ARG E 605 1.52 25.25 -42.89
N VAL E 606 1.46 26.41 -42.24
CA VAL E 606 0.18 27.03 -41.92
C VAL E 606 -0.56 27.42 -43.19
N ILE E 607 0.17 27.94 -44.18
CA ILE E 607 -0.45 28.30 -45.45
C ILE E 607 -1.02 27.08 -46.13
N ASN E 608 -0.27 25.97 -46.14
CA ASN E 608 -0.77 24.74 -46.73
C ASN E 608 -2.00 24.25 -45.99
N GLN E 609 -1.98 24.32 -44.64
CA GLN E 609 -3.13 23.89 -43.86
C GLN E 609 -4.34 24.76 -44.15
N ILE E 610 -4.14 26.06 -44.29
CA ILE E 610 -5.24 26.96 -44.59
C ILE E 610 -5.81 26.66 -45.96
N LEU E 611 -4.94 26.41 -46.94
CA LEU E 611 -5.42 26.03 -48.27
C LEU E 611 -6.21 24.73 -48.22
N THR E 612 -5.73 23.75 -47.45
CA THR E 612 -6.47 22.50 -47.30
C THR E 612 -7.82 22.73 -46.65
N GLU E 613 -7.88 23.59 -45.65
CA GLU E 613 -9.16 23.94 -45.03
C GLU E 613 -10.10 24.59 -46.02
N MET E 614 -9.57 25.49 -46.86
CA MET E 614 -10.38 26.14 -47.88
C MET E 614 -10.60 25.26 -49.10
N ASP E 615 -10.09 24.02 -49.07
CA ASP E 615 -10.21 23.13 -50.22
C ASP E 615 -10.50 21.71 -49.75
N GLY E 616 -10.35 20.74 -50.65
CA GLY E 616 -10.57 19.35 -50.29
C GLY E 616 -12.05 18.99 -50.26
N MET E 617 -12.33 17.78 -49.78
CA MET E 617 -13.69 17.25 -49.74
C MET E 617 -14.46 17.98 -48.65
N SER E 618 -14.72 19.26 -48.90
CA SER E 618 -15.45 20.08 -47.96
C SER E 618 -16.90 19.63 -47.85
N THR E 619 -17.52 19.93 -46.72
CA THR E 619 -18.90 19.56 -46.46
C THR E 619 -19.88 20.29 -47.37
N LYS E 620 -19.43 21.33 -48.08
CA LYS E 620 -20.29 22.12 -48.95
C LYS E 620 -21.45 22.71 -48.15
N LYS E 621 -21.24 22.90 -46.86
CA LYS E 621 -22.22 23.48 -45.97
C LYS E 621 -22.21 24.99 -46.13
N ASN E 622 -23.18 25.65 -45.49
CA ASN E 622 -23.24 27.10 -45.51
C ASN E 622 -22.01 27.66 -44.82
N VAL E 623 -21.24 28.47 -45.55
CA VAL E 623 -20.00 29.03 -45.03
C VAL E 623 -19.67 30.31 -45.79
N PHE E 624 -19.01 31.24 -45.11
CA PHE E 624 -18.57 32.49 -45.71
C PHE E 624 -17.20 32.84 -45.16
N ILE E 625 -16.41 33.50 -46.00
CA ILE E 625 -15.03 33.84 -45.66
C ILE E 625 -14.82 35.33 -45.85
N ILE E 626 -14.25 35.98 -44.84
CA ILE E 626 -13.94 37.40 -44.91
C ILE E 626 -12.50 37.63 -44.44
N GLY E 627 -11.57 37.69 -45.38
CA GLY E 627 -10.18 37.89 -45.04
C GLY E 627 -9.84 39.37 -44.96
N ALA E 628 -9.14 39.76 -43.90
CA ALA E 628 -8.69 41.14 -43.73
C ALA E 628 -7.33 41.30 -44.37
N THR E 629 -7.27 42.05 -45.47
CA THR E 629 -6.03 42.29 -46.19
C THR E 629 -5.87 43.78 -46.43
N ASN E 630 -5.23 44.47 -45.49
CA ASN E 630 -4.91 45.87 -45.69
C ASN E 630 -3.89 46.07 -46.79
N ARG E 631 -3.08 45.05 -47.09
CA ARG E 631 -2.12 45.08 -48.17
C ARG E 631 -2.48 43.98 -49.16
N PRO E 632 -3.12 44.33 -50.27
CA PRO E 632 -3.41 43.32 -51.29
C PRO E 632 -2.17 42.66 -51.87
N ASP E 633 -1.05 43.39 -51.95
CA ASP E 633 0.20 42.78 -52.38
C ASP E 633 0.71 41.75 -51.38
N ILE E 634 0.24 41.78 -50.15
CA ILE E 634 0.66 40.82 -49.13
C ILE E 634 -0.25 39.60 -49.11
N ILE E 635 -1.11 39.45 -50.11
CA ILE E 635 -2.07 38.36 -50.12
C ILE E 635 -1.39 37.08 -50.60
N ASP E 636 -2.09 35.96 -50.41
CA ASP E 636 -1.60 34.67 -50.86
C ASP E 636 -1.85 34.48 -52.35
N PRO E 637 -0.86 33.99 -53.09
CA PRO E 637 -1.07 33.76 -54.52
C PRO E 637 -2.04 32.61 -54.77
N ALA E 638 -1.89 31.54 -53.99
CA ALA E 638 -2.79 30.40 -54.12
C ALA E 638 -4.22 30.77 -53.75
N ILE E 639 -4.41 31.53 -52.68
CA ILE E 639 -5.74 31.99 -52.32
C ILE E 639 -6.35 32.85 -53.43
N LEU E 640 -5.53 33.65 -54.10
CA LEU E 640 -6.02 34.49 -55.18
C LEU E 640 -6.70 33.70 -56.28
N ARG E 641 -6.37 32.43 -56.43
CA ARG E 641 -7.01 31.58 -57.42
C ARG E 641 -8.50 31.48 -57.11
N PRO E 642 -9.33 31.49 -58.15
CA PRO E 642 -10.79 31.38 -57.93
C PRO E 642 -11.13 30.03 -57.33
N GLY E 643 -11.92 30.04 -56.27
CA GLY E 643 -12.26 28.83 -55.57
C GLY E 643 -11.49 28.73 -54.28
N ARG E 644 -10.19 29.07 -54.34
CA ARG E 644 -9.40 29.20 -53.12
C ARG E 644 -9.87 30.37 -52.28
N LEU E 645 -10.12 31.53 -52.88
CA LEU E 645 -10.84 32.60 -52.22
C LEU E 645 -12.15 32.92 -52.91
N ASP E 646 -12.51 32.21 -53.97
CA ASP E 646 -13.72 32.47 -54.74
C ASP E 646 -13.75 33.93 -55.19
N GLN E 647 -14.62 34.72 -54.58
CA GLN E 647 -14.76 36.13 -54.93
C GLN E 647 -13.65 36.92 -54.27
N LEU E 648 -12.72 37.44 -55.09
CA LEU E 648 -11.66 38.32 -54.59
C LEU E 648 -12.07 39.77 -54.81
N ILE E 649 -13.09 40.17 -54.06
CA ILE E 649 -13.68 41.50 -54.22
C ILE E 649 -12.91 42.47 -53.33
N TYR E 650 -11.83 43.04 -53.87
CA TYR E 650 -11.03 44.00 -53.13
C TYR E 650 -11.86 45.22 -52.78
N ILE E 651 -11.85 45.57 -51.50
CA ILE E 651 -12.70 46.64 -50.98
C ILE E 651 -12.17 47.98 -51.48
N PRO E 652 -13.05 48.96 -51.69
CA PRO E 652 -12.57 50.31 -51.99
C PRO E 652 -12.36 51.10 -50.72
N LEU E 653 -11.98 52.37 -50.85
CA LEU E 653 -11.82 53.23 -49.69
C LEU E 653 -13.03 54.14 -49.56
N PRO E 654 -13.14 54.92 -48.47
CA PRO E 654 -14.33 55.75 -48.28
C PRO E 654 -14.41 56.91 -49.27
N ASP E 655 -15.64 57.37 -49.54
CA ASP E 655 -15.87 58.49 -50.45
C ASP E 655 -16.53 59.64 -49.68
N GLU E 656 -16.38 60.85 -50.20
CA GLU E 656 -16.90 62.04 -49.52
C GLU E 656 -18.41 61.99 -49.40
N LYS E 657 -19.11 61.64 -50.48
CA LYS E 657 -20.56 61.42 -50.37
C LYS E 657 -20.85 60.23 -49.46
N SER E 658 -20.06 59.16 -49.59
CA SER E 658 -20.21 58.02 -48.69
C SER E 658 -19.91 58.42 -47.25
N ARG E 659 -18.89 59.25 -47.05
CA ARG E 659 -18.58 59.73 -45.71
C ARG E 659 -19.75 60.53 -45.15
N VAL E 660 -20.34 61.40 -45.97
CA VAL E 660 -21.47 62.20 -45.51
C VAL E 660 -22.63 61.28 -45.13
N ALA E 661 -22.91 60.29 -45.97
CA ALA E 661 -24.02 59.37 -45.69
C ALA E 661 -23.78 58.59 -44.40
N ILE E 662 -22.57 58.06 -44.23
CA ILE E 662 -22.27 57.26 -43.06
C ILE E 662 -22.34 58.11 -41.80
N LEU E 663 -21.76 59.32 -41.85
CA LEU E 663 -21.83 60.21 -40.70
C LEU E 663 -23.25 60.59 -40.38
N LYS E 664 -24.06 60.86 -41.40
CA LYS E 664 -25.46 61.21 -41.18
C LYS E 664 -26.19 60.06 -40.51
N ALA E 665 -25.97 58.83 -40.97
CA ALA E 665 -26.63 57.68 -40.36
C ALA E 665 -26.17 57.48 -38.92
N ASN E 666 -24.87 57.58 -38.68
CA ASN E 666 -24.36 57.40 -37.32
C ASN E 666 -24.92 58.44 -36.37
N LEU E 667 -24.94 59.70 -36.79
CA LEU E 667 -25.56 60.73 -35.98
C LEU E 667 -27.06 60.47 -35.79
N ARG E 668 -27.74 60.08 -36.85
CA ARG E 668 -29.18 59.84 -36.77
C ARG E 668 -29.51 58.71 -35.82
N LYS E 669 -28.56 57.80 -35.58
CA LYS E 669 -28.83 56.74 -34.61
C LYS E 669 -29.11 57.30 -33.22
N SER E 670 -28.11 57.86 -32.54
CA SER E 670 -28.31 58.48 -31.24
C SER E 670 -28.82 59.92 -31.30
N PRO E 671 -28.05 60.83 -31.90
CA PRO E 671 -28.23 62.27 -31.63
C PRO E 671 -29.08 63.02 -32.63
N VAL E 672 -29.71 64.10 -32.17
CA VAL E 672 -30.36 65.06 -33.05
C VAL E 672 -29.73 66.43 -32.85
N ALA E 673 -29.18 66.99 -33.93
CA ALA E 673 -28.52 68.29 -33.88
C ALA E 673 -29.04 69.18 -34.99
N LYS E 674 -29.46 70.40 -34.64
CA LYS E 674 -29.87 71.37 -35.64
C LYS E 674 -28.77 72.38 -35.93
N ASP E 675 -28.03 72.80 -34.91
CA ASP E 675 -26.96 73.78 -35.08
C ASP E 675 -25.82 73.26 -35.94
N VAL E 676 -25.43 72.00 -35.77
CA VAL E 676 -24.37 71.39 -36.55
C VAL E 676 -25.01 70.89 -37.84
N ASP E 677 -24.69 71.55 -38.95
CA ASP E 677 -25.25 71.18 -40.24
C ASP E 677 -24.47 70.02 -40.84
N LEU E 678 -25.22 69.02 -41.33
CA LEU E 678 -24.60 67.87 -41.96
C LEU E 678 -23.91 68.23 -43.26
N GLU E 679 -24.46 69.18 -44.02
CA GLU E 679 -23.80 69.64 -45.23
C GLU E 679 -22.47 70.33 -44.91
N PHE E 680 -22.46 71.15 -43.86
CA PHE E 680 -21.22 71.78 -43.44
C PHE E 680 -20.21 70.74 -42.98
N LEU E 681 -20.68 69.73 -42.25
CA LEU E 681 -19.78 68.66 -41.83
C LEU E 681 -19.20 67.91 -43.02
N ALA E 682 -20.03 67.63 -44.03
CA ALA E 682 -19.53 66.97 -45.23
C ALA E 682 -18.53 67.83 -45.97
N LYS E 683 -18.81 69.13 -46.10
CA LYS E 683 -17.89 70.03 -46.77
C LYS E 683 -16.56 70.10 -46.04
N MET E 684 -16.59 70.17 -44.70
CA MET E 684 -15.36 70.17 -43.93
C MET E 684 -14.65 68.83 -44.00
N THR E 685 -15.39 67.74 -44.19
CA THR E 685 -14.77 66.42 -44.24
C THR E 685 -13.79 66.30 -45.39
N ASN E 686 -14.17 66.80 -46.57
CA ASN E 686 -13.31 66.75 -47.75
C ASN E 686 -12.85 65.32 -48.04
N GLY E 687 -13.78 64.36 -47.91
CA GLY E 687 -13.44 62.97 -48.08
C GLY E 687 -12.49 62.45 -47.02
N PHE E 688 -12.77 62.75 -45.76
CA PHE E 688 -11.97 62.20 -44.68
C PHE E 688 -12.25 60.70 -44.53
N SER E 689 -11.39 60.04 -43.76
CA SER E 689 -11.47 58.59 -43.63
C SER E 689 -12.75 58.19 -42.89
N GLY E 690 -13.37 57.10 -43.36
CA GLY E 690 -14.59 56.60 -42.76
C GLY E 690 -14.40 56.23 -41.31
N ALA E 691 -13.28 55.55 -41.02
CA ALA E 691 -12.92 55.32 -39.63
C ALA E 691 -12.65 56.64 -38.92
N ASP E 692 -11.97 57.57 -39.59
CA ASP E 692 -11.76 58.89 -39.01
C ASP E 692 -13.09 59.61 -38.79
N LEU E 693 -14.02 59.45 -39.74
CA LEU E 693 -15.35 60.04 -39.57
C LEU E 693 -16.06 59.47 -38.36
N THR E 694 -15.99 58.14 -38.18
CA THR E 694 -16.61 57.52 -37.01
C THR E 694 -15.96 58.00 -35.73
N GLU E 695 -14.63 58.16 -35.75
CA GLU E 695 -13.92 58.67 -34.58
C GLU E 695 -14.36 60.10 -34.26
N ILE E 696 -14.50 60.93 -35.29
CA ILE E 696 -14.95 62.30 -35.08
C ILE E 696 -16.36 62.31 -34.51
N CYS E 697 -17.23 61.44 -35.01
CA CYS E 697 -18.58 61.35 -34.48
C CYS E 697 -18.57 60.94 -33.02
N GLN E 698 -17.75 59.95 -32.67
CA GLN E 698 -17.66 59.52 -31.28
C GLN E 698 -17.12 60.64 -30.39
N ARG E 699 -16.12 61.37 -30.88
CA ARG E 699 -15.56 62.48 -30.10
C ARG E 699 -16.59 63.57 -29.87
N ALA E 700 -17.35 63.92 -30.91
CA ALA E 700 -18.41 64.92 -30.74
C ALA E 700 -19.47 64.43 -29.78
N CYS E 701 -19.82 63.14 -29.85
CA CYS E 701 -20.79 62.58 -28.93
C CYS E 701 -20.30 62.67 -27.50
N LYS E 702 -19.02 62.34 -27.27
CA LYS E 702 -18.46 62.44 -25.93
C LYS E 702 -18.44 63.89 -25.45
N LEU E 703 -18.08 64.82 -26.33
CA LEU E 703 -18.09 66.24 -25.96
C LEU E 703 -19.49 66.68 -25.58
N ALA E 704 -20.50 66.26 -26.35
CA ALA E 704 -21.87 66.61 -26.02
C ALA E 704 -22.31 66.00 -24.69
N ILE E 705 -21.96 64.74 -24.46
CA ILE E 705 -22.35 64.07 -23.21
C ILE E 705 -21.71 64.75 -22.01
N ARG E 706 -20.43 65.09 -22.11
CA ARG E 706 -19.77 65.82 -21.03
C ARG E 706 -20.38 67.21 -20.85
N GLU E 707 -20.68 67.89 -21.94
CA GLU E 707 -21.26 69.22 -21.91
C GLU E 707 -22.75 69.20 -21.60
N SER E 708 -23.32 68.02 -21.39
CA SER E 708 -24.73 67.91 -21.08
C SER E 708 -25.06 68.61 -19.77
N ILE E 709 -26.17 69.35 -19.79
CA ILE E 709 -26.61 70.08 -18.60
C ILE E 709 -26.90 69.13 -17.43
N GLU E 710 -27.52 67.98 -17.70
CA GLU E 710 -27.67 66.97 -16.67
C GLU E 710 -26.32 66.52 -16.11
N SER E 711 -25.29 66.46 -16.95
CA SER E 711 -23.94 66.25 -16.47
C SER E 711 -23.26 67.51 -15.98
N GLU E 712 -23.76 68.70 -16.36
CA GLU E 712 -23.15 69.96 -15.96
C GLU E 712 -24.05 70.79 -15.06
N ILE E 713 -25.25 71.15 -15.52
CA ILE E 713 -26.06 72.12 -14.77
C ILE E 713 -26.68 71.47 -13.54
N ARG E 714 -27.22 70.26 -13.68
CA ARG E 714 -27.82 69.58 -12.55
C ARG E 714 -26.81 69.35 -11.45
N ARG E 715 -25.58 68.97 -11.82
CA ARG E 715 -24.50 68.89 -10.85
C ARG E 715 -24.15 70.27 -10.29
N GLU E 716 -24.21 71.31 -11.13
CA GLU E 716 -23.84 72.65 -10.70
C GLU E 716 -24.72 73.17 -9.58
N ARG E 717 -26.04 73.14 -9.74
CA ARG E 717 -26.89 73.53 -8.62
C ARG E 717 -26.92 72.44 -7.55
N GLU E 718 -27.05 71.19 -7.96
CA GLU E 718 -27.05 70.04 -7.06
C GLU E 718 -28.13 70.18 -5.98
N ARG E 719 -29.27 70.74 -6.37
CA ARG E 719 -30.42 70.92 -5.47
C ARG E 719 -30.03 71.71 -4.23
N GLN E 720 -29.19 72.73 -4.43
CA GLN E 720 -28.82 73.62 -3.33
C GLN E 720 -29.95 74.61 -3.07
N THR E 721 -30.27 75.43 -4.08
CA THR E 721 -31.46 76.26 -4.04
C THR E 721 -32.49 75.84 -5.08
N ASN E 722 -32.03 75.31 -6.21
CA ASN E 722 -32.88 74.73 -7.23
C ASN E 722 -32.31 73.37 -7.62
N PRO E 723 -33.15 72.42 -8.04
CA PRO E 723 -32.65 71.06 -8.30
C PRO E 723 -31.53 71.02 -9.34
N SER E 724 -31.63 71.85 -10.36
CA SER E 724 -30.61 71.95 -11.39
C SER E 724 -30.27 73.42 -11.58
N ALA E 725 -29.15 73.70 -12.24
CA ALA E 725 -28.74 75.07 -12.46
C ALA E 725 -29.70 75.80 -13.41
N MET E 726 -30.56 75.08 -14.11
CA MET E 726 -31.58 75.67 -14.94
C MET E 726 -32.94 75.13 -14.54
N GLU E 727 -33.96 75.98 -14.65
CA GLU E 727 -35.32 75.56 -14.32
C GLU E 727 -35.85 74.55 -15.32
N VAL E 728 -35.46 74.68 -16.59
CA VAL E 728 -35.85 73.74 -17.63
C VAL E 728 -34.59 73.05 -18.13
N GLU E 729 -34.75 71.79 -18.55
CA GLU E 729 -33.63 71.03 -19.04
C GLU E 729 -33.16 71.55 -20.40
N GLU E 730 -31.92 71.23 -20.73
CA GLU E 730 -31.33 71.64 -22.00
C GLU E 730 -31.89 70.75 -23.11
N ASP E 731 -31.44 70.99 -24.35
CA ASP E 731 -31.88 70.18 -25.47
C ASP E 731 -31.12 68.87 -25.48
N ASP E 732 -31.26 68.10 -26.55
CA ASP E 732 -30.50 66.86 -26.71
C ASP E 732 -29.02 67.22 -26.73
N PRO E 733 -28.14 66.31 -26.30
CA PRO E 733 -26.73 66.68 -26.14
C PRO E 733 -26.10 67.21 -27.42
N VAL E 734 -26.53 66.68 -28.56
CA VAL E 734 -26.07 67.16 -29.86
C VAL E 734 -26.40 68.63 -29.98
N PRO E 735 -27.58 69.06 -29.57
CA PRO E 735 -27.88 70.50 -29.54
C PRO E 735 -27.39 71.17 -28.26
N GLU E 736 -26.42 72.06 -28.38
CA GLU E 736 -25.87 72.44 -29.66
C GLU E 736 -24.35 72.31 -29.69
N ILE E 737 -23.86 71.11 -29.96
CA ILE E 737 -22.44 70.93 -30.23
C ILE E 737 -22.21 71.43 -31.65
N ARG E 738 -21.86 72.71 -31.77
CA ARG E 738 -21.82 73.37 -33.07
C ARG E 738 -20.59 72.95 -33.85
N ARG E 739 -20.34 73.64 -34.96
CA ARG E 739 -19.16 73.39 -35.76
C ARG E 739 -17.88 73.66 -34.98
N ASP E 740 -17.97 74.41 -33.87
CA ASP E 740 -16.79 74.67 -33.06
C ASP E 740 -16.29 73.40 -32.37
N HIS E 741 -17.18 72.66 -31.72
CA HIS E 741 -16.77 71.43 -31.04
C HIS E 741 -16.25 70.41 -32.04
N PHE E 742 -16.94 70.25 -33.16
CA PHE E 742 -16.48 69.33 -34.20
C PHE E 742 -15.14 69.75 -34.77
N GLU E 743 -14.95 71.06 -35.00
CA GLU E 743 -13.70 71.56 -35.53
C GLU E 743 -12.55 71.34 -34.54
N GLU E 744 -12.82 71.54 -33.25
CA GLU E 744 -11.81 71.28 -32.24
C GLU E 744 -11.43 69.80 -32.21
N ALA E 745 -12.43 68.93 -32.28
CA ALA E 745 -12.14 67.50 -32.34
C ALA E 745 -11.33 67.13 -33.58
N MET E 746 -11.70 67.71 -34.73
CA MET E 746 -10.99 67.42 -35.97
C MET E 746 -9.55 67.91 -35.93
N ARG E 747 -9.32 69.11 -35.38
CA ARG E 747 -7.96 69.57 -35.17
C ARG E 747 -7.21 68.64 -34.22
N PHE E 748 -7.90 68.10 -33.22
CA PHE E 748 -7.32 67.03 -32.42
C PHE E 748 -7.26 65.71 -33.17
N ALA E 749 -8.20 65.48 -34.09
CA ALA E 749 -8.21 64.23 -34.83
C ALA E 749 -7.11 64.20 -35.88
N ARG E 750 -6.64 63.00 -36.18
CA ARG E 750 -5.59 62.82 -37.17
C ARG E 750 -6.16 62.79 -38.58
N ARG E 751 -7.03 61.81 -38.87
CA ARG E 751 -7.56 61.59 -40.22
C ARG E 751 -6.43 61.54 -41.24
N SER E 752 -5.38 60.78 -40.92
CA SER E 752 -4.12 60.87 -41.63
C SER E 752 -3.76 59.56 -42.34
N VAL E 753 -4.73 58.96 -43.01
CA VAL E 753 -4.47 57.76 -43.79
C VAL E 753 -3.42 58.05 -44.85
N SER E 754 -2.52 57.09 -45.06
CA SER E 754 -1.44 57.26 -46.02
C SER E 754 -2.03 57.21 -47.43
N ASP E 755 -2.35 58.39 -47.96
CA ASP E 755 -3.01 58.46 -49.26
C ASP E 755 -2.14 57.84 -50.35
N ASN E 756 -0.84 58.11 -50.32
CA ASN E 756 0.05 57.56 -51.34
C ASN E 756 0.06 56.04 -51.30
N ASP E 757 0.15 55.46 -50.11
CA ASP E 757 0.27 54.00 -50.00
C ASP E 757 -1.03 53.31 -50.41
N ILE E 758 -2.16 53.76 -49.88
CA ILE E 758 -3.44 53.16 -50.23
C ILE E 758 -3.74 53.36 -51.71
N ARG E 759 -3.39 54.54 -52.24
CA ARG E 759 -3.58 54.80 -53.65
C ARG E 759 -2.75 53.84 -54.50
N LYS E 760 -1.49 53.63 -54.10
CA LYS E 760 -0.64 52.70 -54.85
C LYS E 760 -1.20 51.28 -54.79
N TYR E 761 -1.67 50.86 -53.62
CA TYR E 761 -2.24 49.53 -53.48
C TYR E 761 -3.47 49.35 -54.36
N GLU E 762 -4.42 50.28 -54.28
CA GLU E 762 -5.61 50.20 -55.10
C GLU E 762 -5.27 50.28 -56.58
N MET E 763 -4.29 51.11 -56.94
CA MET E 763 -3.88 51.23 -58.33
C MET E 763 -3.27 49.94 -58.84
N PHE E 764 -2.44 49.28 -58.04
CA PHE E 764 -1.87 48.01 -58.44
C PHE E 764 -2.94 46.96 -58.61
N ALA E 765 -3.89 46.91 -57.67
CA ALA E 765 -4.99 45.95 -57.78
C ALA E 765 -5.80 46.21 -59.05
N GLN E 766 -6.10 47.48 -59.32
CA GLN E 766 -6.89 47.83 -60.51
C GLN E 766 -6.13 47.52 -61.78
N THR E 767 -4.82 47.77 -61.80
CA THR E 767 -4.02 47.46 -62.97
C THR E 767 -3.99 45.96 -63.21
N LEU E 768 -3.87 45.17 -62.15
CA LEU E 768 -3.96 43.73 -62.30
C LEU E 768 -5.32 43.30 -62.84
N GLN E 769 -6.40 43.87 -62.31
CA GLN E 769 -7.74 43.52 -62.77
C GLN E 769 -7.94 43.90 -64.22
N GLN E 770 -7.47 45.07 -64.64
CA GLN E 770 -7.55 45.47 -66.04
C GLN E 770 -6.73 44.54 -66.92
N SER E 771 -5.53 44.18 -66.47
CA SER E 771 -4.76 43.17 -67.17
C SER E 771 -5.44 41.81 -67.15
N ARG E 772 -6.40 41.61 -66.24
CA ARG E 772 -7.10 40.34 -66.09
C ARG E 772 -8.33 40.25 -66.98
N GLY E 773 -8.89 41.40 -67.40
CA GLY E 773 -10.11 41.41 -68.15
C GLY E 773 -9.87 41.14 -69.62
N PHE E 774 -10.95 40.82 -70.33
CA PHE E 774 -10.89 40.52 -71.75
C PHE E 774 -11.99 41.27 -72.51
N GLY E 775 -12.13 40.97 -73.79
CA GLY E 775 -13.13 41.59 -74.64
C GLY E 775 -14.47 40.88 -74.56
N SER E 776 -15.39 41.31 -75.43
CA SER E 776 -16.72 40.70 -75.47
C SER E 776 -16.67 39.28 -76.02
N PHE E 777 -15.99 39.09 -77.15
CA PHE E 777 -15.81 37.78 -77.78
C PHE E 777 -17.16 37.08 -77.99
N ARG E 778 -18.14 37.85 -78.46
CA ARG E 778 -19.48 37.34 -78.71
C ARG E 778 -19.65 37.07 -80.19
N PHE E 779 -20.04 35.84 -80.52
CA PHE E 779 -20.22 35.44 -81.91
C PHE E 779 -21.45 36.11 -82.52
N ASN F 27 -56.86 45.44 1.65
CA ASN F 27 -57.14 46.47 2.64
C ASN F 27 -56.28 47.70 2.41
N ARG F 28 -56.12 48.52 3.46
CA ARG F 28 -55.32 49.72 3.38
C ARG F 28 -53.84 49.37 3.26
N PRO F 29 -53.06 50.21 2.56
CA PRO F 29 -51.63 49.91 2.41
C PRO F 29 -50.78 50.40 3.57
N ASN F 30 -51.27 51.31 4.38
CA ASN F 30 -50.53 51.84 5.53
C ASN F 30 -51.05 51.18 6.79
N ARG F 31 -50.13 50.61 7.57
CA ARG F 31 -50.49 49.90 8.78
C ARG F 31 -50.47 50.84 9.99
N LEU F 32 -51.09 50.37 11.08
CA LEU F 32 -51.15 51.14 12.32
C LEU F 32 -50.98 50.19 13.50
N ILE F 33 -51.04 50.76 14.70
CA ILE F 33 -50.92 50.00 15.94
C ILE F 33 -52.20 50.19 16.75
N VAL F 34 -52.64 49.10 17.38
CA VAL F 34 -53.85 49.10 18.20
C VAL F 34 -53.45 49.32 19.66
N ASP F 35 -54.06 50.32 20.28
CA ASP F 35 -53.78 50.65 21.67
C ASP F 35 -54.56 49.71 22.58
N GLU F 36 -54.57 49.99 23.88
CA GLU F 36 -55.29 49.15 24.83
C GLU F 36 -56.80 49.31 24.64
N ALA F 37 -57.54 48.36 25.21
CA ALA F 37 -58.99 48.39 25.13
C ALA F 37 -59.55 49.61 25.85
N ILE F 38 -60.62 50.17 25.28
CA ILE F 38 -61.25 51.33 25.91
C ILE F 38 -61.85 50.95 27.26
N ASN F 39 -62.38 49.73 27.38
CA ASN F 39 -62.88 49.24 28.66
C ASN F 39 -61.71 49.05 29.62
N GLU F 40 -61.90 49.46 30.87
CA GLU F 40 -60.83 49.36 31.86
C GLU F 40 -60.56 47.91 32.23
N ASP F 41 -61.59 47.07 32.28
CA ASP F 41 -61.45 45.67 32.65
C ASP F 41 -61.01 44.86 31.44
N ASN F 42 -59.92 44.10 31.59
CA ASN F 42 -59.45 43.24 30.51
C ASN F 42 -60.43 42.11 30.21
N SER F 43 -61.02 41.50 31.25
CA SER F 43 -61.95 40.40 31.05
C SER F 43 -63.25 40.84 30.38
N VAL F 44 -63.57 42.13 30.41
CA VAL F 44 -64.79 42.63 29.79
C VAL F 44 -64.49 42.98 28.34
N VAL F 45 -64.58 41.98 27.45
CA VAL F 45 -64.35 42.17 26.03
C VAL F 45 -65.72 42.25 25.36
N SER F 46 -66.24 43.47 25.23
CA SER F 46 -67.56 43.66 24.63
C SER F 46 -67.49 43.48 23.12
N LEU F 47 -68.41 42.68 22.59
CA LEU F 47 -68.48 42.47 21.16
C LEU F 47 -68.94 43.74 20.46
N SER F 48 -68.28 44.05 19.35
CA SER F 48 -68.59 45.26 18.60
C SER F 48 -69.96 45.17 17.96
N GLN F 49 -70.60 46.32 17.82
CA GLN F 49 -71.91 46.42 17.17
C GLN F 49 -71.80 45.95 15.72
N PRO F 50 -70.70 46.31 15.03
CA PRO F 50 -70.55 45.83 13.64
C PRO F 50 -70.53 44.32 13.52
N LYS F 51 -70.04 43.61 14.54
CA LYS F 51 -70.04 42.15 14.49
C LYS F 51 -71.45 41.58 14.41
N MET F 52 -72.39 42.15 15.17
CA MET F 52 -73.77 41.70 15.12
C MET F 52 -74.58 42.40 14.02
N ASP F 53 -74.04 43.44 13.41
CA ASP F 53 -74.76 44.15 12.36
C ASP F 53 -74.41 43.63 10.96
N GLU F 54 -73.13 43.71 10.58
CA GLU F 54 -72.71 43.22 9.27
C GLU F 54 -72.87 41.70 9.16
N LEU F 55 -72.62 40.99 10.25
CA LEU F 55 -72.76 39.55 10.29
C LEU F 55 -73.83 39.18 11.30
N GLN F 56 -74.51 38.05 11.06
CA GLN F 56 -75.57 37.57 11.94
C GLN F 56 -74.95 36.88 13.15
N LEU F 57 -74.41 37.70 14.05
CA LEU F 57 -73.80 37.19 15.27
C LEU F 57 -74.88 36.81 16.28
N PHE F 58 -75.07 35.51 16.47
CA PHE F 58 -76.09 35.02 17.38
C PHE F 58 -75.59 35.09 18.83
N ARG F 59 -76.43 34.62 19.76
CA ARG F 59 -76.07 34.64 21.16
C ARG F 59 -74.95 33.66 21.48
N GLY F 60 -74.93 32.49 20.83
CA GLY F 60 -73.95 31.47 21.08
C GLY F 60 -72.63 31.63 20.35
N ASP F 61 -72.47 32.69 19.56
CA ASP F 61 -71.23 32.92 18.83
C ASP F 61 -70.85 34.40 18.93
N THR F 62 -69.56 34.65 18.85
CA THR F 62 -69.01 36.00 18.90
C THR F 62 -68.12 36.22 17.68
N VAL F 63 -67.40 37.34 17.68
CA VAL F 63 -66.46 37.64 16.61
C VAL F 63 -65.32 36.63 16.67
N LEU F 64 -65.28 35.72 15.69
CA LEU F 64 -64.26 34.69 15.65
C LEU F 64 -62.93 35.30 15.22
N LEU F 65 -61.92 35.19 16.08
CA LEU F 65 -60.61 35.79 15.83
C LEU F 65 -59.73 34.79 15.07
N LYS F 66 -59.11 35.26 14.00
CA LYS F 66 -58.21 34.44 13.21
C LYS F 66 -56.79 34.57 13.74
N GLY F 67 -56.07 33.45 13.75
CA GLY F 67 -54.70 33.44 14.25
C GLY F 67 -53.72 32.86 13.26
N LYS F 68 -52.46 32.72 13.69
CA LYS F 68 -51.41 32.18 12.84
C LYS F 68 -51.36 30.66 12.94
N LYS F 69 -50.83 30.04 11.88
CA LYS F 69 -50.72 28.58 11.79
C LYS F 69 -52.08 27.91 11.99
N ARG F 70 -53.11 28.48 11.37
CA ARG F 70 -54.48 27.95 11.39
C ARG F 70 -55.00 27.85 12.83
N ARG F 71 -55.13 29.02 13.45
CA ARG F 71 -55.65 29.14 14.81
C ARG F 71 -56.88 30.02 14.80
N GLU F 72 -57.91 29.60 15.52
CA GLU F 72 -59.16 30.34 15.61
C GLU F 72 -59.80 30.10 16.97
N ALA F 73 -60.25 31.17 17.62
CA ALA F 73 -60.88 31.08 18.92
C ALA F 73 -62.03 32.06 19.01
N VAL F 74 -63.15 31.61 19.58
CA VAL F 74 -64.32 32.45 19.82
C VAL F 74 -64.83 32.17 21.22
N CYS F 75 -65.10 33.25 21.97
CA CYS F 75 -65.57 33.15 23.35
C CYS F 75 -67.06 33.46 23.39
N ILE F 76 -67.82 32.56 24.00
CA ILE F 76 -69.28 32.72 24.09
C ILE F 76 -69.57 33.74 25.19
N VAL F 77 -69.89 34.96 24.80
CA VAL F 77 -70.21 36.03 25.73
C VAL F 77 -71.42 36.80 25.20
N LEU F 78 -72.39 37.04 26.08
CA LEU F 78 -73.58 37.78 25.69
C LEU F 78 -73.25 39.27 25.58
N SER F 79 -73.63 39.87 24.47
CA SER F 79 -73.37 41.28 24.20
C SER F 79 -74.68 41.99 23.88
N ASP F 80 -74.74 43.27 24.24
CA ASP F 80 -75.92 44.11 24.01
C ASP F 80 -75.52 45.24 23.06
N ASP F 81 -75.79 45.05 21.78
CA ASP F 81 -75.49 46.08 20.79
C ASP F 81 -76.43 47.28 20.87
N THR F 82 -77.63 47.09 21.43
CA THR F 82 -78.60 48.17 21.57
C THR F 82 -78.40 48.97 22.85
N CYS F 83 -77.50 48.55 23.73
CA CYS F 83 -77.25 49.27 24.98
C CYS F 83 -76.09 50.25 24.83
N SER F 84 -74.91 49.75 24.44
CA SER F 84 -73.74 50.58 24.27
C SER F 84 -72.80 49.92 23.28
N ASP F 85 -72.46 50.64 22.20
CA ASP F 85 -71.55 50.15 21.18
C ASP F 85 -70.15 50.67 21.50
N GLU F 86 -69.47 49.98 22.42
CA GLU F 86 -68.14 50.38 22.84
C GLU F 86 -67.11 49.96 21.80
N LYS F 87 -66.36 50.93 21.29
CA LYS F 87 -65.32 50.68 20.29
C LYS F 87 -63.99 50.39 20.98
N ILE F 88 -64.02 49.42 21.89
CA ILE F 88 -62.83 49.07 22.64
C ILE F 88 -61.95 48.13 21.82
N ARG F 89 -60.67 48.11 22.16
CA ARG F 89 -59.71 47.24 21.48
C ARG F 89 -59.83 45.83 22.04
N MET F 90 -58.99 44.92 21.56
CA MET F 90 -59.03 43.53 21.99
C MET F 90 -58.54 43.41 23.43
N ASN F 91 -59.02 42.37 24.11
CA ASN F 91 -58.61 42.09 25.47
C ASN F 91 -57.18 41.57 25.51
N ARG F 92 -56.52 41.77 26.65
CA ARG F 92 -55.15 41.28 26.82
C ARG F 92 -55.09 39.76 26.72
N VAL F 93 -56.02 39.06 27.38
CA VAL F 93 -56.07 37.61 27.28
C VAL F 93 -56.42 37.20 25.85
N VAL F 94 -57.36 37.91 25.22
CA VAL F 94 -57.73 37.60 23.84
C VAL F 94 -56.56 37.85 22.91
N ARG F 95 -55.83 38.96 23.11
CA ARG F 95 -54.68 39.24 22.27
C ARG F 95 -53.58 38.20 22.46
N ASN F 96 -53.33 37.76 23.69
CA ASN F 96 -52.32 36.74 23.93
C ASN F 96 -52.72 35.40 23.33
N ASN F 97 -54.00 35.03 23.43
CA ASN F 97 -54.44 33.73 22.91
C ASN F 97 -54.47 33.71 21.39
N LEU F 98 -54.99 34.77 20.76
CA LEU F 98 -55.05 34.84 19.30
C LEU F 98 -53.75 35.28 18.67
N ARG F 99 -52.81 35.79 19.46
CA ARG F 99 -51.52 36.28 18.95
C ARG F 99 -51.73 37.32 17.84
N VAL F 100 -52.73 38.18 18.04
CA VAL F 100 -53.10 39.18 17.05
C VAL F 100 -52.06 40.29 17.05
N ARG F 101 -51.62 40.67 15.85
CA ARG F 101 -50.66 41.74 15.70
C ARG F 101 -51.28 43.08 16.10
N LEU F 102 -50.43 43.99 16.56
CA LEU F 102 -50.89 45.30 17.01
C LEU F 102 -51.31 46.14 15.81
N GLY F 103 -52.60 46.47 15.74
CA GLY F 103 -53.12 47.28 14.67
C GLY F 103 -53.27 46.59 13.34
N ASP F 104 -53.31 45.27 13.32
CA ASP F 104 -53.50 44.53 12.07
C ASP F 104 -54.86 44.84 11.47
N VAL F 105 -54.90 44.91 10.14
CA VAL F 105 -56.13 45.23 9.41
C VAL F 105 -57.10 44.08 9.60
N ILE F 106 -58.17 44.33 10.37
CA ILE F 106 -59.18 43.30 10.63
C ILE F 106 -60.18 43.31 9.49
N SER F 107 -59.89 42.53 8.44
CA SER F 107 -60.75 42.44 7.27
C SER F 107 -61.08 40.98 6.99
N ILE F 108 -62.29 40.75 6.50
CA ILE F 108 -62.78 39.42 6.18
C ILE F 108 -62.44 39.12 4.73
N GLN F 109 -61.62 38.09 4.51
CA GLN F 109 -61.23 37.68 3.17
C GLN F 109 -61.50 36.20 2.98
N PRO F 110 -61.31 35.65 1.78
CA PRO F 110 -61.56 34.23 1.57
C PRO F 110 -60.51 33.38 2.27
N CYS F 111 -60.97 32.52 3.19
CA CYS F 111 -60.09 31.63 3.94
C CYS F 111 -60.41 30.18 3.56
N PRO F 112 -59.63 29.55 2.69
CA PRO F 112 -59.91 28.18 2.27
C PRO F 112 -59.25 27.09 3.10
N ASP F 113 -58.68 27.42 4.27
CA ASP F 113 -57.95 26.46 5.08
C ASP F 113 -58.65 26.17 6.41
N VAL F 114 -59.98 26.14 6.42
CA VAL F 114 -60.75 25.87 7.63
C VAL F 114 -61.51 24.56 7.44
N LYS F 115 -61.42 23.67 8.42
CA LYS F 115 -62.10 22.38 8.41
C LYS F 115 -63.14 22.33 9.52
N TYR F 116 -63.91 21.24 9.54
CA TYR F 116 -64.97 21.07 10.53
C TYR F 116 -65.04 19.59 10.93
N GLY F 117 -65.60 19.35 12.11
CA GLY F 117 -65.75 18.00 12.62
C GLY F 117 -67.03 17.80 13.40
N LYS F 118 -67.31 16.56 13.80
CA LYS F 118 -68.52 16.22 14.54
C LYS F 118 -68.20 15.95 16.00
N ARG F 119 -67.29 15.02 16.29
CA ARG F 119 -66.93 14.67 17.65
C ARG F 119 -65.42 14.65 17.80
N ILE F 120 -64.93 15.12 18.95
CA ILE F 120 -63.50 15.14 19.24
C ILE F 120 -63.29 14.64 20.67
N HIS F 121 -62.02 14.48 21.03
CA HIS F 121 -61.61 14.06 22.37
C HIS F 121 -60.80 15.20 22.97
N VAL F 122 -61.34 15.81 24.02
CA VAL F 122 -60.68 16.95 24.67
C VAL F 122 -59.62 16.42 25.62
N LEU F 123 -58.39 16.27 25.12
CA LEU F 123 -57.31 15.75 25.93
C LEU F 123 -56.89 16.77 26.98
N PRO F 124 -56.68 16.33 28.23
CA PRO F 124 -56.23 17.26 29.27
C PRO F 124 -54.75 17.58 29.13
N ILE F 125 -54.32 18.60 29.87
CA ILE F 125 -52.93 19.01 29.85
C ILE F 125 -52.10 18.01 30.64
N ASP F 126 -51.07 17.45 30.00
CA ASP F 126 -50.22 16.47 30.66
C ASP F 126 -49.37 17.09 31.76
N ASP F 127 -48.99 18.36 31.61
CA ASP F 127 -48.18 19.04 32.62
C ASP F 127 -48.91 19.20 33.94
N THR F 128 -50.22 19.47 33.92
CA THR F 128 -50.97 19.61 35.16
C THR F 128 -51.09 18.27 35.90
N VAL F 129 -51.09 17.15 35.18
CA VAL F 129 -51.20 15.85 35.83
C VAL F 129 -49.96 15.57 36.68
N GLU F 130 -48.77 15.85 36.15
CA GLU F 130 -47.53 15.60 36.88
C GLU F 130 -47.22 16.77 37.81
N GLY F 131 -46.67 16.45 38.98
CA GLY F 131 -46.30 17.43 39.96
C GLY F 131 -47.38 17.77 40.97
N ILE F 132 -48.63 17.42 40.67
CA ILE F 132 -49.73 17.67 41.59
C ILE F 132 -49.84 16.53 42.58
N THR F 133 -49.98 16.87 43.86
CA THR F 133 -50.09 15.86 44.90
C THR F 133 -51.41 15.10 44.77
N GLY F 134 -51.34 13.79 44.94
CA GLY F 134 -52.53 12.97 44.82
C GLY F 134 -52.96 12.82 43.37
N ASN F 135 -54.22 12.39 43.20
CA ASN F 135 -54.79 12.22 41.87
C ASN F 135 -55.11 13.57 41.26
N LEU F 136 -54.27 14.01 40.32
CA LEU F 136 -54.49 15.30 39.68
C LEU F 136 -55.74 15.32 38.80
N PHE F 137 -56.17 14.16 38.31
CA PHE F 137 -57.38 14.10 37.51
C PHE F 137 -58.61 14.50 38.32
N GLU F 138 -58.67 14.08 39.58
CA GLU F 138 -59.80 14.43 40.43
C GLU F 138 -59.87 15.93 40.67
N VAL F 139 -58.73 16.58 40.89
CA VAL F 139 -58.72 18.02 41.08
C VAL F 139 -59.05 18.75 39.77
N TYR F 140 -58.52 18.27 38.65
CA TYR F 140 -58.80 18.91 37.36
C TYR F 140 -60.27 18.81 36.98
N LEU F 141 -60.89 17.64 37.17
CA LEU F 141 -62.30 17.48 36.82
C LEU F 141 -63.22 18.24 37.77
N LYS F 142 -62.79 18.47 39.01
CA LYS F 142 -63.55 19.27 39.97
C LYS F 142 -63.76 20.67 39.43
N PRO F 143 -62.73 21.29 38.86
CA PRO F 143 -62.89 22.65 38.33
C PRO F 143 -63.25 22.67 36.86
N TYR F 144 -63.20 21.50 36.21
CA TYR F 144 -63.52 21.43 34.78
C TYR F 144 -65.01 21.54 34.52
N PHE F 145 -65.84 20.92 35.36
CA PHE F 145 -67.28 20.93 35.15
C PHE F 145 -67.86 22.33 35.34
N LEU F 146 -67.44 23.02 36.40
CA LEU F 146 -67.92 24.35 36.71
C LEU F 146 -66.75 25.28 36.99
N GLU F 147 -66.87 26.53 36.53
CA GLU F 147 -65.84 27.56 36.70
C GLU F 147 -64.51 27.10 36.09
N ALA F 148 -64.59 26.72 34.81
CA ALA F 148 -63.41 26.28 34.07
C ALA F 148 -62.89 27.32 33.09
N TYR F 149 -63.66 28.39 32.83
CA TYR F 149 -63.28 29.44 31.89
C TYR F 149 -62.98 28.85 30.51
N ARG F 150 -63.76 27.86 30.10
CA ARG F 150 -63.57 27.20 28.82
C ARG F 150 -64.90 26.66 28.33
N PRO F 151 -65.26 26.86 27.08
CA PRO F 151 -66.52 26.33 26.56
C PRO F 151 -66.41 24.83 26.29
N ILE F 152 -67.44 24.28 25.66
CA ILE F 152 -67.45 22.86 25.33
C ILE F 152 -66.80 22.66 23.97
N ARG F 153 -65.47 22.55 23.97
CA ARG F 153 -64.70 22.33 22.75
C ARG F 153 -63.32 21.79 23.12
N LYS F 154 -62.68 21.15 22.15
CA LYS F 154 -61.34 20.64 22.35
C LYS F 154 -60.31 21.74 22.15
N GLY F 155 -59.15 21.57 22.80
CA GLY F 155 -58.05 22.49 22.65
C GLY F 155 -58.05 23.67 23.60
N ASP F 156 -58.96 23.70 24.58
CA ASP F 156 -59.01 24.81 25.52
C ASP F 156 -57.84 24.71 26.50
N ILE F 157 -57.12 25.81 26.66
CA ILE F 157 -55.99 25.88 27.58
C ILE F 157 -56.47 26.36 28.93
N PHE F 158 -55.89 25.79 29.99
CA PHE F 158 -56.26 26.12 31.35
C PHE F 158 -55.04 26.63 32.09
N LEU F 159 -55.28 27.56 33.02
CA LEU F 159 -54.20 28.14 33.82
C LEU F 159 -53.65 27.07 34.77
N VAL F 160 -52.33 26.91 34.76
CA VAL F 160 -51.66 25.93 35.60
C VAL F 160 -50.51 26.62 36.33
N ARG F 161 -50.09 26.02 37.44
CA ARG F 161 -49.00 26.52 38.25
C ARG F 161 -47.76 25.70 37.96
N GLY F 162 -46.69 26.36 37.57
CA GLY F 162 -45.43 25.70 37.28
C GLY F 162 -45.22 25.50 35.79
N GLY F 163 -43.96 25.49 35.39
CA GLY F 163 -43.60 25.27 34.00
C GLY F 163 -43.14 26.52 33.29
N MET F 164 -43.85 27.64 33.51
CA MET F 164 -43.50 28.93 32.93
C MET F 164 -43.33 28.85 31.41
N ARG F 165 -44.31 28.25 30.76
CA ARG F 165 -44.26 28.06 29.31
C ARG F 165 -45.67 28.08 28.75
N ALA F 166 -45.76 28.36 27.45
CA ALA F 166 -47.03 28.42 26.74
C ALA F 166 -47.29 27.12 25.99
N VAL F 167 -48.55 26.94 25.60
CA VAL F 167 -49.00 25.74 24.92
C VAL F 167 -49.49 26.14 23.54
N GLU F 168 -48.61 26.01 22.53
CA GLU F 168 -48.93 26.30 21.14
C GLU F 168 -48.10 25.36 20.26
N PHE F 169 -48.71 24.26 19.86
CA PHE F 169 -48.03 23.25 19.07
C PHE F 169 -48.56 23.21 17.65
N LYS F 170 -47.65 23.05 16.68
CA LYS F 170 -47.99 22.97 15.27
C LYS F 170 -47.61 21.60 14.73
N VAL F 171 -48.55 20.93 14.09
CA VAL F 171 -48.30 19.61 13.51
C VAL F 171 -47.68 19.78 12.14
N VAL F 172 -46.50 19.18 11.95
CA VAL F 172 -45.77 19.27 10.70
C VAL F 172 -46.58 18.61 9.60
N GLU F 173 -47.04 17.38 9.85
CA GLU F 173 -47.93 16.70 8.91
C GLU F 173 -48.72 15.66 9.72
N THR F 174 -49.96 16.00 10.05
CA THR F 174 -50.84 15.11 10.78
C THR F 174 -51.80 14.43 9.83
N ASP F 175 -51.86 13.11 9.89
CA ASP F 175 -52.75 12.33 9.05
C ASP F 175 -54.20 12.75 9.31
N PRO F 176 -54.58 12.97 10.57
CA PRO F 176 -55.96 13.37 10.86
C PRO F 176 -56.18 14.87 10.74
N SER F 177 -57.43 15.30 10.93
CA SER F 177 -57.79 16.72 10.85
C SER F 177 -57.76 17.34 12.24
N PRO F 178 -57.51 18.65 12.34
CA PRO F 178 -57.39 19.28 13.66
C PRO F 178 -58.67 19.95 14.14
N TYR F 179 -59.69 20.00 13.30
CA TYR F 179 -60.93 20.73 13.59
C TYR F 179 -62.04 19.73 13.88
N CYS F 180 -62.52 19.73 15.12
CA CYS F 180 -63.65 18.89 15.53
C CYS F 180 -64.17 19.40 16.87
N ILE F 181 -65.48 19.24 17.07
CA ILE F 181 -66.12 19.69 18.31
C ILE F 181 -66.00 18.60 19.36
N VAL F 182 -65.88 19.02 20.63
CA VAL F 182 -65.73 18.09 21.74
C VAL F 182 -66.62 18.54 22.87
N ALA F 183 -67.16 17.57 23.63
CA ALA F 183 -67.99 17.87 24.78
C ALA F 183 -67.14 18.12 26.01
N PRO F 184 -67.59 19.00 26.91
CA PRO F 184 -66.82 19.28 28.12
C PRO F 184 -67.08 18.34 29.29
N ASP F 185 -68.18 17.58 29.27
CA ASP F 185 -68.49 16.67 30.35
C ASP F 185 -67.62 15.42 30.35
N THR F 186 -66.96 15.12 29.23
CA THR F 186 -66.12 13.93 29.11
C THR F 186 -64.66 14.39 29.01
N VAL F 187 -63.88 14.08 30.04
CA VAL F 187 -62.46 14.42 30.08
C VAL F 187 -61.70 13.27 29.45
N ILE F 188 -61.25 13.46 28.21
CA ILE F 188 -60.55 12.43 27.46
C ILE F 188 -59.08 12.41 27.88
N HIS F 189 -58.54 11.21 28.02
CA HIS F 189 -57.14 11.05 28.38
C HIS F 189 -56.24 11.46 27.22
N CYS F 190 -55.09 12.03 27.56
CA CYS F 190 -54.13 12.48 26.55
C CYS F 190 -53.19 11.32 26.20
N GLU F 191 -52.13 11.62 25.46
CA GLU F 191 -51.17 10.60 25.06
C GLU F 191 -50.16 10.28 26.15
N GLY F 192 -50.14 11.04 27.25
CA GLY F 192 -49.22 10.80 28.33
C GLY F 192 -47.83 11.38 28.15
N GLU F 193 -47.60 12.12 27.06
CA GLU F 193 -46.27 12.69 26.81
C GLU F 193 -46.26 14.17 27.15
N PRO F 194 -45.52 14.58 28.18
CA PRO F 194 -45.44 16.01 28.50
C PRO F 194 -44.66 16.79 27.46
N ILE F 195 -44.99 18.08 27.35
CA ILE F 195 -44.34 18.97 26.40
C ILE F 195 -43.29 19.80 27.11
N LYS F 196 -42.03 19.38 27.04
CA LYS F 196 -40.94 20.10 27.67
C LYS F 196 -40.53 21.34 26.89
N ARG F 197 -40.62 21.29 25.56
CA ARG F 197 -40.15 22.38 24.72
C ARG F 197 -41.03 23.62 24.88
N GLU F 198 -40.39 24.78 24.79
CA GLU F 198 -41.12 26.05 24.84
C GLU F 198 -41.90 26.24 23.56
N ASP F 199 -43.21 26.00 23.61
CA ASP F 199 -44.05 26.03 22.41
C ASP F 199 -44.15 27.42 21.80
N GLU F 200 -44.20 28.47 22.62
CA GLU F 200 -44.34 29.83 22.09
C GLU F 200 -43.14 30.23 21.25
N GLU F 201 -41.94 29.77 21.61
CA GLU F 201 -40.74 30.13 20.87
C GLU F 201 -40.57 29.25 19.63
N GLU F 202 -39.41 29.36 18.97
CA GLU F 202 -39.13 28.57 17.79
C GLU F 202 -37.83 27.82 18.00
N SER F 203 -37.79 26.57 17.53
CA SER F 203 -36.63 25.72 17.75
C SER F 203 -35.41 26.20 16.97
N LEU F 204 -35.60 26.61 15.72
CA LEU F 204 -34.50 27.01 14.85
C LEU F 204 -34.38 28.53 14.84
N ASN F 205 -33.34 29.02 14.15
CA ASN F 205 -33.03 30.46 14.08
C ASN F 205 -32.82 31.05 15.47
N GLU F 206 -32.07 30.33 16.31
CA GLU F 206 -31.79 30.81 17.66
C GLU F 206 -30.96 32.09 17.65
N VAL F 207 -29.94 32.17 16.79
CA VAL F 207 -29.09 33.36 16.74
C VAL F 207 -29.26 34.03 15.38
N GLY F 208 -29.66 33.26 14.37
CA GLY F 208 -29.89 33.84 13.06
C GLY F 208 -31.20 34.60 12.99
N TYR F 209 -31.29 35.71 13.72
CA TYR F 209 -32.52 36.50 13.76
C TYR F 209 -32.20 37.94 13.40
N ASP F 210 -32.87 38.44 12.37
CA ASP F 210 -32.72 39.83 11.94
C ASP F 210 -34.09 40.48 11.86
N ASP F 211 -34.16 41.68 11.29
CA ASP F 211 -35.39 42.47 11.31
C ASP F 211 -36.57 41.70 10.73
N ILE F 212 -36.37 40.96 9.63
CA ILE F 212 -37.44 40.18 9.04
C ILE F 212 -37.00 38.73 8.92
N GLY F 213 -36.05 38.33 9.77
CA GLY F 213 -35.52 36.99 9.71
C GLY F 213 -34.44 36.88 8.65
N GLY F 214 -33.42 37.73 8.76
CA GLY F 214 -32.35 37.75 7.79
C GLY F 214 -32.62 38.68 6.63
N CYS F 215 -33.49 38.25 5.71
CA CYS F 215 -33.83 39.03 4.54
C CYS F 215 -35.34 39.18 4.45
N ARG F 216 -35.81 40.43 4.34
CA ARG F 216 -37.24 40.64 4.12
C ARG F 216 -37.67 40.11 2.76
N LYS F 217 -36.87 40.36 1.72
CA LYS F 217 -37.24 39.90 0.39
C LYS F 217 -37.23 38.38 0.30
N GLN F 218 -36.22 37.73 0.85
CA GLN F 218 -36.16 36.28 0.81
C GLN F 218 -37.29 35.65 1.60
N LEU F 219 -37.58 36.20 2.78
CA LEU F 219 -38.69 35.68 3.58
C LEU F 219 -40.02 35.87 2.86
N ALA F 220 -40.20 37.02 2.22
CA ALA F 220 -41.43 37.25 1.46
C ALA F 220 -41.55 36.29 0.30
N GLN F 221 -40.46 36.05 -0.42
CA GLN F 221 -40.49 35.10 -1.53
C GLN F 221 -40.80 33.69 -1.04
N ILE F 222 -40.23 33.30 0.09
CA ILE F 222 -40.49 31.98 0.64
C ILE F 222 -41.95 31.86 1.05
N LYS F 223 -42.49 32.89 1.70
CA LYS F 223 -43.90 32.85 2.11
C LYS F 223 -44.82 32.80 0.89
N GLU F 224 -44.49 33.56 -0.16
CA GLU F 224 -45.30 33.54 -1.37
C GLU F 224 -45.25 32.17 -2.04
N MET F 225 -44.07 31.56 -2.10
CA MET F 225 -43.96 30.22 -2.66
C MET F 225 -44.75 29.21 -1.83
N VAL F 226 -44.69 29.32 -0.51
CA VAL F 226 -45.44 28.40 0.34
C VAL F 226 -46.94 28.58 0.18
N GLU F 227 -47.39 29.83 0.00
CA GLU F 227 -48.81 30.10 -0.09
C GLU F 227 -49.39 29.75 -1.46
N LEU F 228 -48.89 30.41 -2.51
CA LEU F 228 -49.43 30.26 -3.86
C LEU F 228 -49.39 28.81 -4.31
N PRO F 229 -48.26 28.12 -4.15
CA PRO F 229 -48.21 26.70 -4.53
C PRO F 229 -49.12 25.80 -3.71
N LEU F 230 -49.52 26.23 -2.51
CA LEU F 230 -50.39 25.43 -1.65
C LEU F 230 -51.79 25.98 -1.51
N ARG F 231 -52.00 27.27 -1.72
CA ARG F 231 -53.32 27.88 -1.60
C ARG F 231 -53.87 28.36 -2.93
N HIS F 232 -53.04 28.48 -3.97
CA HIS F 232 -53.49 28.93 -5.29
C HIS F 232 -52.98 27.95 -6.34
N PRO F 233 -53.39 26.69 -6.25
CA PRO F 233 -53.00 25.72 -7.31
C PRO F 233 -53.55 26.07 -8.67
N ALA F 234 -54.64 26.84 -8.75
CA ALA F 234 -55.16 27.27 -10.04
C ALA F 234 -54.17 28.16 -10.77
N LEU F 235 -53.47 29.03 -10.02
CA LEU F 235 -52.46 29.87 -10.65
C LEU F 235 -51.35 29.04 -11.27
N PHE F 236 -50.87 28.02 -10.55
CA PHE F 236 -49.86 27.13 -11.11
C PHE F 236 -50.39 26.36 -12.31
N LYS F 237 -51.63 25.88 -12.23
CA LYS F 237 -52.22 25.13 -13.33
C LYS F 237 -52.36 25.98 -14.59
N ALA F 238 -52.84 27.21 -14.45
CA ALA F 238 -52.93 28.11 -15.59
C ALA F 238 -51.55 28.48 -16.12
N ILE F 239 -50.60 28.76 -15.23
CA ILE F 239 -49.22 28.99 -15.66
C ILE F 239 -48.63 27.72 -16.26
N GLY F 240 -49.09 26.55 -15.80
CA GLY F 240 -48.63 25.30 -16.36
C GLY F 240 -47.31 24.80 -15.81
N VAL F 241 -46.79 25.40 -14.75
CA VAL F 241 -45.57 24.90 -14.14
C VAL F 241 -45.92 23.87 -13.08
N LYS F 242 -46.20 22.65 -13.52
CA LYS F 242 -46.44 21.51 -12.63
C LYS F 242 -45.11 20.94 -12.15
N PRO F 243 -44.14 20.80 -13.04
CA PRO F 243 -42.91 20.09 -12.70
C PRO F 243 -42.02 20.93 -11.80
N PRO F 244 -42.34 22.21 -11.62
CA PRO F 244 -41.53 23.04 -10.72
C PRO F 244 -41.56 22.53 -9.30
N ARG F 245 -40.37 22.42 -8.71
CA ARG F 245 -40.24 21.86 -7.37
C ARG F 245 -40.67 22.89 -6.34
N GLY F 246 -39.99 24.03 -6.30
CA GLY F 246 -40.29 25.06 -5.32
C GLY F 246 -39.07 25.89 -5.00
N ILE F 247 -38.77 26.02 -3.71
CA ILE F 247 -37.65 26.85 -3.27
C ILE F 247 -36.54 25.98 -2.70
N LEU F 248 -35.39 26.00 -3.36
CA LEU F 248 -34.16 25.39 -2.85
C LEU F 248 -33.05 26.43 -2.95
N LEU F 249 -32.91 27.25 -1.92
CA LEU F 249 -32.03 28.40 -1.99
C LEU F 249 -30.60 28.04 -1.59
N TYR F 250 -29.70 28.99 -1.80
CA TYR F 250 -28.29 28.83 -1.45
C TYR F 250 -27.76 30.21 -1.08
N GLY F 251 -26.45 30.35 -1.01
CA GLY F 251 -25.83 31.61 -0.67
C GLY F 251 -25.47 31.71 0.80
N PRO F 252 -26.48 31.81 1.67
CA PRO F 252 -26.22 31.94 3.10
C PRO F 252 -25.92 30.59 3.73
N PRO F 253 -24.83 29.95 3.33
CA PRO F 253 -24.54 28.61 3.85
C PRO F 253 -23.62 28.60 5.07
N GLY F 254 -23.91 27.73 6.03
CA GLY F 254 -23.10 27.55 7.20
C GLY F 254 -23.46 28.45 8.38
N THR F 255 -24.23 29.51 8.14
CA THR F 255 -24.62 30.42 9.20
C THR F 255 -25.80 29.86 9.99
N GLY F 256 -26.41 30.67 10.83
CA GLY F 256 -27.63 30.28 11.50
C GLY F 256 -28.79 30.29 10.52
N LYS F 257 -28.54 30.84 9.33
CA LYS F 257 -29.46 30.68 8.22
C LYS F 257 -29.63 29.21 7.83
N THR F 258 -28.65 28.36 8.17
CA THR F 258 -28.86 26.93 8.07
C THR F 258 -30.01 26.48 8.96
N LEU F 259 -30.10 27.04 10.16
CA LEU F 259 -31.20 26.77 11.09
C LEU F 259 -32.25 27.85 11.01
N ILE F 260 -32.59 28.34 9.82
CA ILE F 260 -33.57 29.42 9.66
C ILE F 260 -34.95 28.86 9.37
N ALA F 261 -35.19 27.58 9.63
CA ALA F 261 -36.48 26.98 9.28
C ALA F 261 -37.59 27.47 10.20
N ARG F 262 -37.36 27.45 11.50
CA ARG F 262 -38.40 27.85 12.44
C ARG F 262 -38.48 29.36 12.54
N ALA F 263 -39.60 29.85 13.09
CA ALA F 263 -39.93 31.26 13.22
C ALA F 263 -40.19 31.88 11.86
N VAL F 264 -39.97 31.09 10.80
CA VAL F 264 -40.39 31.50 9.45
C VAL F 264 -41.43 30.52 8.94
N ALA F 265 -41.14 29.22 9.01
CA ALA F 265 -42.13 28.19 8.78
C ALA F 265 -43.06 27.99 9.96
N ASN F 266 -42.57 28.24 11.18
CA ASN F 266 -43.45 28.20 12.34
C ASN F 266 -44.53 29.27 12.26
N GLU F 267 -44.17 30.49 11.84
CA GLU F 267 -45.18 31.51 11.58
C GLU F 267 -46.05 31.12 10.40
N THR F 268 -45.45 30.57 9.35
CA THR F 268 -46.22 30.12 8.20
C THR F 268 -47.06 28.88 8.51
N GLY F 269 -46.71 28.15 9.56
CA GLY F 269 -47.44 26.95 9.91
C GLY F 269 -47.06 25.77 9.04
N ALA F 270 -47.78 24.67 9.25
CA ALA F 270 -47.55 23.44 8.50
C ALA F 270 -48.89 22.78 8.16
N PHE F 271 -48.87 21.97 7.10
CA PHE F 271 -50.06 21.31 6.60
C PHE F 271 -50.29 19.98 7.32
N PHE F 272 -51.22 19.18 6.80
CA PHE F 272 -51.60 17.91 7.43
C PHE F 272 -51.44 16.79 6.42
N PHE F 273 -51.69 15.56 6.87
CA PHE F 273 -51.67 14.36 6.05
C PHE F 273 -50.26 14.01 5.57
N LEU F 274 -50.02 12.73 5.29
CA LEU F 274 -48.74 12.25 4.79
C LEU F 274 -47.60 12.64 5.73
N ILE F 275 -47.62 12.10 6.95
CA ILE F 275 -46.67 12.47 7.98
C ILE F 275 -45.25 12.23 7.50
N ASN F 276 -44.93 10.97 7.21
CA ASN F 276 -43.62 10.59 6.73
C ASN F 276 -43.64 9.12 6.36
N GLY F 277 -42.51 8.63 5.85
CA GLY F 277 -42.32 7.21 5.67
C GLY F 277 -41.86 6.58 6.97
N PRO F 278 -41.73 5.25 6.99
CA PRO F 278 -41.23 4.59 8.20
C PRO F 278 -39.82 5.04 8.55
N GLU F 279 -38.90 4.80 7.62
CA GLU F 279 -37.51 5.26 7.74
C GLU F 279 -36.91 4.93 9.09
N ILE F 280 -37.14 3.71 9.58
CA ILE F 280 -36.55 3.30 10.85
C ILE F 280 -35.74 2.03 10.65
N MET F 281 -34.49 2.18 10.24
CA MET F 281 -33.52 1.09 10.19
C MET F 281 -32.23 1.59 10.79
N SER F 282 -32.15 2.90 11.01
CA SER F 282 -31.00 3.57 11.63
C SER F 282 -29.76 3.52 10.75
N LYS F 283 -29.82 2.77 9.65
CA LYS F 283 -28.72 2.68 8.70
C LYS F 283 -29.13 3.28 7.36
N LEU F 284 -30.21 2.76 6.78
CA LEU F 284 -30.79 3.30 5.54
C LEU F 284 -29.73 3.50 4.46
N ALA F 285 -29.06 2.41 4.05
CA ALA F 285 -28.02 2.53 3.02
C ALA F 285 -28.63 3.02 1.71
N GLY F 286 -29.41 2.18 1.05
CA GLY F 286 -30.18 2.61 -0.09
C GLY F 286 -31.57 3.04 0.34
N GLU F 287 -31.93 2.65 1.55
CA GLU F 287 -33.25 3.00 2.09
C GLU F 287 -33.38 4.50 2.28
N SER F 288 -32.27 5.20 2.54
CA SER F 288 -32.32 6.65 2.63
C SER F 288 -32.75 7.26 1.29
N GLU F 289 -32.19 6.77 0.19
CA GLU F 289 -32.62 7.20 -1.13
C GLU F 289 -34.05 6.78 -1.43
N SER F 290 -34.44 5.57 -1.01
CA SER F 290 -35.78 5.08 -1.28
C SER F 290 -36.83 5.95 -0.59
N ASN F 291 -36.64 6.22 0.71
CA ASN F 291 -37.59 7.06 1.43
C ASN F 291 -37.60 8.48 0.89
N LEU F 292 -36.43 9.00 0.51
CA LEU F 292 -36.38 10.34 -0.08
C LEU F 292 -37.16 10.41 -1.38
N ARG F 293 -36.99 9.41 -2.25
CA ARG F 293 -37.73 9.39 -3.51
C ARG F 293 -39.22 9.22 -3.25
N LYS F 294 -39.59 8.40 -2.27
CA LYS F 294 -41.01 8.23 -1.94
C LYS F 294 -41.62 9.53 -1.43
N ALA F 295 -40.91 10.26 -0.56
CA ALA F 295 -41.40 11.54 -0.08
C ALA F 295 -41.50 12.56 -1.22
N PHE F 296 -40.52 12.56 -2.12
CA PHE F 296 -40.56 13.47 -3.25
C PHE F 296 -41.74 13.18 -4.17
N GLU F 297 -42.03 11.89 -4.41
CA GLU F 297 -43.16 11.53 -5.26
C GLU F 297 -44.49 11.72 -4.55
N GLU F 298 -44.56 11.43 -3.25
CA GLU F 298 -45.81 11.53 -2.51
C GLU F 298 -46.33 12.97 -2.44
N ALA F 299 -45.44 13.94 -2.22
CA ALA F 299 -45.87 15.33 -2.11
C ALA F 299 -46.31 15.91 -3.46
N GLU F 300 -45.93 15.28 -4.57
CA GLU F 300 -46.32 15.77 -5.89
C GLU F 300 -47.81 15.64 -6.16
N LYS F 301 -48.52 14.77 -5.44
CA LYS F 301 -49.95 14.61 -5.60
C LYS F 301 -50.68 14.79 -4.27
N ASN F 302 -50.00 15.39 -3.29
CA ASN F 302 -50.59 15.62 -1.98
C ASN F 302 -50.42 17.08 -1.58
N ALA F 303 -50.85 17.43 -0.37
CA ALA F 303 -50.69 18.78 0.13
C ALA F 303 -49.95 18.75 1.46
N PRO F 304 -48.84 18.02 1.55
CA PRO F 304 -48.07 17.99 2.79
C PRO F 304 -47.25 19.25 2.97
N ALA F 305 -46.83 19.48 4.21
CA ALA F 305 -45.99 20.63 4.51
C ALA F 305 -44.57 20.40 4.03
N ILE F 306 -43.83 21.51 3.93
CA ILE F 306 -42.40 21.44 3.56
C ILE F 306 -41.64 21.26 4.86
N ILE F 307 -41.56 20.01 5.31
CA ILE F 307 -40.81 19.69 6.51
C ILE F 307 -39.32 19.72 6.18
N PHE F 308 -38.59 20.62 6.85
CA PHE F 308 -37.16 20.76 6.59
C PHE F 308 -36.43 19.47 6.93
N ILE F 309 -35.54 19.08 6.03
CA ILE F 309 -34.81 17.82 6.21
C ILE F 309 -33.79 17.99 7.32
N ASP F 310 -33.97 17.23 8.40
CA ASP F 310 -33.00 17.22 9.49
C ASP F 310 -31.71 16.57 9.02
N GLU F 311 -30.58 17.19 9.35
CA GLU F 311 -29.27 16.75 8.86
C GLU F 311 -29.30 16.62 7.35
N LEU F 312 -29.75 17.67 6.67
CA LEU F 312 -29.89 17.62 5.21
C LEU F 312 -28.56 17.37 4.52
N ASP F 313 -27.51 18.08 4.93
CA ASP F 313 -26.19 17.85 4.36
C ASP F 313 -25.62 16.51 4.78
N ALA F 314 -25.88 16.08 6.02
CA ALA F 314 -25.35 14.81 6.49
C ALA F 314 -25.94 13.63 5.74
N ILE F 315 -27.27 13.57 5.62
CA ILE F 315 -27.90 12.51 4.86
C ILE F 315 -27.59 12.61 3.38
N ALA F 316 -27.50 13.82 2.84
CA ALA F 316 -27.24 14.03 1.41
C ALA F 316 -25.88 14.71 1.26
N PRO F 317 -24.82 13.95 1.01
CA PRO F 317 -23.50 14.57 0.83
C PRO F 317 -23.46 15.57 -0.32
N LYS F 318 -24.20 15.27 -1.38
CA LYS F 318 -24.37 16.17 -2.52
C LYS F 318 -23.03 16.49 -3.18
N ARG F 319 -22.33 15.44 -3.61
CA ARG F 319 -21.07 15.56 -4.34
C ARG F 319 -20.04 16.37 -3.56
N GLU F 320 -20.06 16.20 -2.24
CA GLU F 320 -19.19 17.00 -1.38
C GLU F 320 -18.39 16.14 -0.41
N LYS F 321 -18.90 14.96 -0.04
CA LYS F 321 -18.26 14.18 1.00
C LYS F 321 -17.24 13.21 0.44
N THR F 322 -17.66 12.33 -0.47
CA THR F 322 -16.79 11.29 -1.00
C THR F 322 -16.77 11.35 -2.52
N HIS F 323 -15.61 11.00 -3.08
CA HIS F 323 -15.42 10.89 -4.52
C HIS F 323 -15.81 9.50 -5.02
N GLY F 324 -16.59 8.77 -4.24
CA GLY F 324 -17.02 7.44 -4.62
C GLY F 324 -18.41 7.44 -5.22
N GLU F 325 -19.40 6.98 -4.45
CA GLU F 325 -20.77 6.87 -4.93
C GLU F 325 -21.81 7.55 -4.06
N VAL F 326 -21.56 7.72 -2.76
CA VAL F 326 -22.58 8.26 -1.87
C VAL F 326 -22.89 9.71 -2.21
N GLU F 327 -21.86 10.54 -2.37
CA GLU F 327 -22.07 11.96 -2.61
C GLU F 327 -22.70 12.22 -3.98
N ARG F 328 -22.19 11.54 -5.01
CA ARG F 328 -22.78 11.69 -6.34
C ARG F 328 -24.21 11.18 -6.38
N ARG F 329 -24.48 10.07 -5.68
CA ARG F 329 -25.84 9.55 -5.59
C ARG F 329 -26.76 10.54 -4.88
N ILE F 330 -26.27 11.20 -3.83
CA ILE F 330 -27.05 12.22 -3.14
C ILE F 330 -27.38 13.36 -4.09
N VAL F 331 -26.38 13.81 -4.85
CA VAL F 331 -26.61 14.91 -5.80
C VAL F 331 -27.63 14.51 -6.86
N SER F 332 -27.50 13.29 -7.40
CA SER F 332 -28.43 12.83 -8.43
C SER F 332 -29.84 12.69 -7.87
N GLN F 333 -29.97 12.18 -6.65
CA GLN F 333 -31.28 12.07 -6.02
C GLN F 333 -31.90 13.43 -5.79
N LEU F 334 -31.08 14.41 -5.39
CA LEU F 334 -31.59 15.78 -5.25
C LEU F 334 -32.08 16.33 -6.58
N LEU F 335 -31.33 16.08 -7.65
CA LEU F 335 -31.76 16.52 -8.98
C LEU F 335 -33.08 15.86 -9.37
N THR F 336 -33.20 14.55 -9.12
CA THR F 336 -34.43 13.85 -9.45
C THR F 336 -35.62 14.38 -8.64
N LEU F 337 -35.41 14.62 -7.34
CA LEU F 337 -36.47 15.12 -6.49
C LEU F 337 -36.91 16.53 -6.90
N MET F 338 -35.96 17.39 -7.24
CA MET F 338 -36.32 18.73 -7.72
C MET F 338 -36.98 18.65 -9.09
N ASP F 339 -36.66 17.62 -9.86
CA ASP F 339 -37.27 17.39 -11.17
C ASP F 339 -38.36 16.33 -11.11
N GLY F 340 -38.83 15.99 -9.91
CA GLY F 340 -39.84 14.96 -9.76
C GLY F 340 -40.88 15.28 -8.70
N LEU F 341 -40.95 16.53 -8.28
CA LEU F 341 -41.93 16.97 -7.30
C LEU F 341 -42.74 18.15 -7.84
N LYS F 342 -44.04 18.11 -7.59
CA LYS F 342 -44.91 19.19 -8.00
C LYS F 342 -44.80 20.37 -7.03
N GLN F 343 -45.36 21.51 -7.44
CA GLN F 343 -45.31 22.72 -6.62
C GLN F 343 -46.45 22.70 -5.61
N ARG F 344 -46.34 21.78 -4.66
CA ARG F 344 -47.34 21.66 -3.60
C ARG F 344 -46.71 21.67 -2.21
N ALA F 345 -45.56 21.02 -2.05
CA ALA F 345 -44.89 21.01 -0.76
C ALA F 345 -43.54 21.70 -0.84
N HIS F 346 -42.67 21.25 -1.74
CA HIS F 346 -41.33 21.80 -1.93
C HIS F 346 -40.54 21.79 -0.60
N VAL F 347 -40.35 20.57 -0.09
CA VAL F 347 -39.61 20.37 1.16
C VAL F 347 -38.14 20.34 0.76
N ILE F 348 -37.55 21.53 0.63
CA ILE F 348 -36.15 21.67 0.26
C ILE F 348 -35.49 22.65 1.22
N VAL F 349 -34.32 22.26 1.72
CA VAL F 349 -33.56 23.10 2.64
C VAL F 349 -33.02 24.29 1.84
N MET F 350 -33.11 25.48 2.41
CA MET F 350 -32.64 26.68 1.74
C MET F 350 -31.29 27.12 2.31
N ALA F 351 -30.66 28.07 1.61
CA ALA F 351 -29.37 28.62 2.00
C ALA F 351 -28.33 27.52 2.18
N ALA F 352 -28.13 27.08 3.41
CA ALA F 352 -27.23 25.97 3.71
C ALA F 352 -28.02 24.67 3.63
N THR F 353 -28.32 24.23 2.41
CA THR F 353 -28.99 22.94 2.25
C THR F 353 -27.96 21.83 2.36
N ASN F 354 -27.04 21.78 1.40
CA ASN F 354 -25.86 20.93 1.47
C ASN F 354 -24.65 21.82 1.81
N ARG F 355 -23.43 21.32 1.79
CA ARG F 355 -22.27 22.15 2.04
C ARG F 355 -22.16 23.22 0.95
N PRO F 356 -21.67 24.41 1.31
CA PRO F 356 -21.59 25.49 0.31
C PRO F 356 -20.71 25.14 -0.87
N ASN F 357 -19.65 24.36 -0.63
CA ASN F 357 -18.76 23.95 -1.71
C ASN F 357 -19.47 23.10 -2.75
N SER F 358 -20.31 22.16 -2.33
CA SER F 358 -21.07 21.34 -3.27
C SER F 358 -22.47 21.17 -2.70
N ILE F 359 -23.37 22.06 -3.10
CA ILE F 359 -24.76 22.01 -2.65
C ILE F 359 -25.47 20.92 -3.43
N ASP F 360 -26.66 20.54 -2.99
CA ASP F 360 -27.43 19.48 -3.64
C ASP F 360 -27.97 19.99 -4.98
N PRO F 361 -28.34 19.08 -5.88
CA PRO F 361 -28.76 19.51 -7.21
C PRO F 361 -30.22 19.91 -7.27
N ALA F 362 -30.83 20.12 -6.10
CA ALA F 362 -32.19 20.66 -6.06
C ALA F 362 -32.27 22.04 -6.70
N LEU F 363 -31.18 22.82 -6.62
CA LEU F 363 -31.08 24.06 -7.38
C LEU F 363 -30.60 23.81 -8.80
N ARG F 364 -29.74 22.81 -9.01
CA ARG F 364 -29.30 22.46 -10.36
C ARG F 364 -30.45 21.92 -11.21
N ARG F 365 -31.38 21.18 -10.61
CA ARG F 365 -32.59 20.75 -11.29
C ARG F 365 -33.64 21.84 -11.18
N PHE F 366 -34.88 21.53 -11.52
CA PHE F 366 -35.96 22.51 -11.55
C PHE F 366 -36.22 23.02 -10.13
N GLY F 367 -36.45 24.33 -10.03
CA GLY F 367 -36.83 24.95 -8.77
C GLY F 367 -36.00 26.17 -8.41
N ARG F 368 -34.69 26.10 -8.66
CA ARG F 368 -33.80 27.22 -8.44
C ARG F 368 -32.76 27.35 -9.54
N PHE F 369 -32.98 26.71 -10.70
CA PHE F 369 -32.00 26.72 -11.77
C PHE F 369 -31.98 28.03 -12.56
N ASP F 370 -33.01 28.86 -12.41
CA ASP F 370 -33.08 30.13 -13.12
C ASP F 370 -33.27 31.33 -12.21
N ARG F 371 -33.39 31.13 -10.89
CA ARG F 371 -33.64 32.23 -9.97
C ARG F 371 -32.68 32.12 -8.79
N GLU F 372 -32.26 33.28 -8.28
CA GLU F 372 -31.39 33.33 -7.12
C GLU F 372 -32.22 33.70 -5.88
N VAL F 373 -31.54 33.94 -4.77
CA VAL F 373 -32.20 34.27 -3.51
C VAL F 373 -31.86 35.71 -3.14
N ASP F 374 -32.90 36.49 -2.82
CA ASP F 374 -32.72 37.89 -2.44
C ASP F 374 -32.33 37.95 -0.97
N ILE F 375 -31.10 37.53 -0.69
CA ILE F 375 -30.58 37.48 0.66
C ILE F 375 -30.10 38.86 1.07
N GLY F 376 -30.43 39.27 2.28
CA GLY F 376 -29.96 40.55 2.80
C GLY F 376 -28.57 40.41 3.38
N ILE F 377 -27.71 41.38 3.11
CA ILE F 377 -26.32 41.35 3.56
C ILE F 377 -26.27 41.58 5.06
N PRO F 378 -25.20 41.15 5.74
CA PRO F 378 -25.09 41.41 7.18
C PRO F 378 -24.75 42.87 7.42
N ASP F 379 -25.74 43.63 7.89
CA ASP F 379 -25.62 45.06 8.10
C ASP F 379 -25.97 45.39 9.55
N ALA F 380 -25.91 46.67 9.90
CA ALA F 380 -26.29 47.10 11.23
C ALA F 380 -27.75 46.85 11.54
N THR F 381 -28.58 46.61 10.51
CA THR F 381 -29.98 46.30 10.76
C THR F 381 -30.14 44.95 11.42
N GLY F 382 -29.46 43.93 10.90
CA GLY F 382 -29.53 42.62 11.53
C GLY F 382 -28.96 42.61 12.93
N ARG F 383 -27.84 43.31 13.12
CA ARG F 383 -27.25 43.41 14.45
C ARG F 383 -28.18 44.13 15.42
N LEU F 384 -28.82 45.21 14.96
CA LEU F 384 -29.74 45.94 15.81
C LEU F 384 -30.97 45.10 16.15
N GLU F 385 -31.47 44.34 15.18
CA GLU F 385 -32.61 43.46 15.44
C GLU F 385 -32.24 42.37 16.45
N ILE F 386 -31.04 41.80 16.30
CA ILE F 386 -30.59 40.79 17.25
C ILE F 386 -30.44 41.41 18.64
N LEU F 387 -29.91 42.64 18.71
CA LEU F 387 -29.78 43.32 20.00
C LEU F 387 -31.14 43.58 20.62
N GLN F 388 -32.12 43.98 19.82
CA GLN F 388 -33.47 44.20 20.33
C GLN F 388 -34.07 42.90 20.85
N ILE F 389 -33.88 41.80 20.11
CA ILE F 389 -34.39 40.51 20.56
C ILE F 389 -33.73 40.10 21.87
N HIS F 390 -32.41 40.29 21.98
CA HIS F 390 -31.71 39.96 23.21
C HIS F 390 -32.18 40.82 24.38
N THR F 391 -32.38 42.12 24.14
CA THR F 391 -32.86 43.01 25.20
C THR F 391 -34.26 42.62 25.65
N LYS F 392 -35.13 42.21 24.72
CA LYS F 392 -36.43 41.70 25.09
C LYS F 392 -36.31 40.40 25.89
N ASN F 393 -35.35 39.54 25.53
CA ASN F 393 -35.16 38.28 26.24
C ASN F 393 -34.53 38.49 27.61
N MET F 394 -33.53 39.36 27.72
CA MET F 394 -32.85 39.57 28.99
C MET F 394 -32.39 41.02 29.07
N LYS F 395 -32.24 41.51 30.30
CA LYS F 395 -31.82 42.88 30.54
C LYS F 395 -30.31 42.98 30.31
N LEU F 396 -29.92 43.59 29.19
CA LEU F 396 -28.50 43.71 28.87
C LEU F 396 -27.81 44.72 29.79
N ALA F 397 -28.24 45.97 29.73
CA ALA F 397 -27.71 47.00 30.60
C ALA F 397 -28.74 48.10 30.73
N ASP F 398 -28.57 48.94 31.76
CA ASP F 398 -29.43 50.10 31.93
C ASP F 398 -29.23 51.13 30.83
N ASP F 399 -28.01 51.28 30.32
CA ASP F 399 -27.70 52.23 29.28
C ASP F 399 -26.90 51.52 28.19
N VAL F 400 -27.36 50.35 27.79
CA VAL F 400 -26.69 49.59 26.74
C VAL F 400 -26.75 50.37 25.43
N ASP F 401 -25.59 50.56 24.82
CA ASP F 401 -25.47 51.30 23.58
C ASP F 401 -25.64 50.32 22.43
N LEU F 402 -26.90 50.00 22.12
CA LEU F 402 -27.18 49.09 21.02
C LEU F 402 -26.69 49.63 19.69
N GLU F 403 -26.65 50.96 19.53
CA GLU F 403 -26.04 51.53 18.33
C GLU F 403 -24.56 51.22 18.27
N GLN F 404 -23.86 51.31 19.40
CA GLN F 404 -22.45 50.96 19.43
C GLN F 404 -22.25 49.49 19.11
N VAL F 405 -23.10 48.62 19.65
CA VAL F 405 -23.00 47.19 19.36
C VAL F 405 -23.23 46.92 17.87
N ALA F 406 -24.25 47.56 17.28
CA ALA F 406 -24.51 47.38 15.86
C ALA F 406 -23.37 47.90 15.00
N ASN F 407 -22.78 49.04 15.36
CA ASN F 407 -21.66 49.58 14.61
C ASN F 407 -20.42 48.68 14.72
N GLU F 408 -20.15 48.15 15.92
CA GLU F 408 -19.02 47.26 16.10
C GLU F 408 -19.22 45.94 15.38
N THR F 409 -20.46 45.56 15.07
CA THR F 409 -20.76 44.33 14.37
C THR F 409 -21.68 44.64 13.19
N HIS F 410 -21.34 45.70 12.45
CA HIS F 410 -22.11 46.05 11.26
C HIS F 410 -21.91 45.04 10.14
N GLY F 411 -20.67 44.66 9.86
CA GLY F 411 -20.40 43.69 8.82
C GLY F 411 -20.78 42.27 9.19
N HIS F 412 -20.95 42.00 10.47
CA HIS F 412 -21.35 40.67 10.95
C HIS F 412 -22.73 40.79 11.57
N VAL F 413 -23.75 40.32 10.85
CA VAL F 413 -25.13 40.34 11.33
C VAL F 413 -25.76 38.99 11.05
N GLY F 414 -26.57 38.52 12.00
CA GLY F 414 -27.20 37.23 11.88
C GLY F 414 -26.90 36.35 13.07
N ALA F 415 -26.58 35.07 12.82
CA ALA F 415 -26.22 34.16 13.89
C ALA F 415 -24.93 34.58 14.58
N ASP F 416 -23.93 35.01 13.82
CA ASP F 416 -22.66 35.42 14.40
C ASP F 416 -22.85 36.60 15.34
N LEU F 417 -23.60 37.62 14.91
CA LEU F 417 -23.79 38.81 15.73
C LEU F 417 -24.55 38.48 17.01
N ALA F 418 -25.64 37.71 16.90
CA ALA F 418 -26.42 37.38 18.09
C ALA F 418 -25.62 36.50 19.05
N ALA F 419 -24.87 35.53 18.51
CA ALA F 419 -24.04 34.68 19.36
C ALA F 419 -22.97 35.48 20.07
N LEU F 420 -22.30 36.39 19.35
CA LEU F 420 -21.27 37.22 19.97
C LEU F 420 -21.86 38.12 21.04
N CYS F 421 -23.03 38.71 20.77
CA CYS F 421 -23.68 39.56 21.74
C CYS F 421 -24.08 38.78 22.99
N SER F 422 -24.63 37.58 22.80
CA SER F 422 -25.03 36.76 23.94
C SER F 422 -23.81 36.37 24.76
N GLU F 423 -22.72 35.98 24.10
CA GLU F 423 -21.51 35.62 24.83
C GLU F 423 -20.94 36.81 25.58
N ALA F 424 -20.92 37.98 24.94
CA ALA F 424 -20.42 39.18 25.60
C ALA F 424 -21.27 39.55 26.81
N ALA F 425 -22.59 39.48 26.66
CA ALA F 425 -23.48 39.78 27.77
C ALA F 425 -23.29 38.78 28.91
N LEU F 426 -23.15 37.50 28.59
CA LEU F 426 -22.94 36.50 29.62
C LEU F 426 -21.62 36.73 30.34
N GLN F 427 -20.56 37.05 29.60
CA GLN F 427 -19.27 37.29 30.23
C GLN F 427 -19.32 38.52 31.13
N ALA F 428 -19.94 39.60 30.64
CA ALA F 428 -20.04 40.81 31.46
C ALA F 428 -20.88 40.58 32.71
N ILE F 429 -21.99 39.85 32.58
CA ILE F 429 -22.85 39.57 33.73
C ILE F 429 -22.11 38.69 34.73
N ARG F 430 -21.37 37.69 34.24
CA ARG F 430 -20.60 36.83 35.14
C ARG F 430 -19.52 37.62 35.86
N LYS F 431 -18.83 38.51 35.15
CA LYS F 431 -17.81 39.34 35.79
C LYS F 431 -18.44 40.25 36.85
N LYS F 432 -19.59 40.85 36.52
CA LYS F 432 -20.27 41.71 37.48
C LYS F 432 -20.72 40.93 38.72
N MET F 433 -21.26 39.73 38.52
CA MET F 433 -21.68 38.92 39.65
C MET F 433 -20.49 38.48 40.51
N ASP F 434 -19.38 38.11 39.88
CA ASP F 434 -18.19 37.73 40.63
C ASP F 434 -17.62 38.90 41.41
N LEU F 435 -17.62 40.09 40.81
CA LEU F 435 -17.08 41.27 41.48
C LEU F 435 -18.00 41.79 42.58
N ILE F 436 -19.31 41.61 42.44
CA ILE F 436 -20.27 42.08 43.43
C ILE F 436 -20.07 41.32 44.73
N ASP F 437 -20.00 39.99 44.63
CA ASP F 437 -19.78 39.14 45.78
C ASP F 437 -19.35 37.76 45.27
N LEU F 438 -19.16 36.82 46.19
CA LEU F 438 -18.86 35.44 45.81
C LEU F 438 -20.05 34.76 45.18
N GLU F 439 -21.26 35.14 45.58
CA GLU F 439 -22.51 34.56 45.07
C GLU F 439 -22.51 33.04 45.23
N ASP F 440 -21.99 32.57 46.36
CA ASP F 440 -21.87 31.14 46.62
C ASP F 440 -22.84 30.63 47.68
N GLU F 441 -23.50 31.52 48.40
CA GLU F 441 -24.47 31.14 49.43
C GLU F 441 -25.91 31.47 49.06
N THR F 442 -26.16 32.69 48.57
CA THR F 442 -27.50 33.09 48.16
C THR F 442 -27.35 34.05 46.99
N ILE F 443 -27.48 33.52 45.77
CA ILE F 443 -27.36 34.32 44.56
C ILE F 443 -28.65 35.13 44.44
N ASP F 444 -28.60 36.39 44.84
CA ASP F 444 -29.77 37.25 44.78
C ASP F 444 -30.12 37.58 43.33
N ALA F 445 -31.38 37.37 42.98
CA ALA F 445 -31.87 37.71 41.65
C ALA F 445 -31.76 39.20 41.38
N GLU F 446 -32.04 40.02 42.39
CA GLU F 446 -31.86 41.46 42.24
C GLU F 446 -30.39 41.81 41.99
N VAL F 447 -29.48 41.10 42.67
CA VAL F 447 -28.05 41.34 42.44
C VAL F 447 -27.68 41.04 41.00
N MET F 448 -28.16 39.92 40.45
CA MET F 448 -27.83 39.55 39.08
C MET F 448 -28.47 40.49 38.07
N ASN F 449 -29.76 40.80 38.22
CA ASN F 449 -30.42 41.71 37.29
C ASN F 449 -29.82 43.11 37.34
N SER F 450 -29.51 43.62 38.53
CA SER F 450 -28.86 44.91 38.65
C SER F 450 -27.45 44.86 38.07
N LEU F 451 -26.74 43.76 38.30
CA LEU F 451 -25.41 43.55 37.70
C LEU F 451 -25.60 43.15 36.25
N ALA F 452 -26.28 44.02 35.50
CA ALA F 452 -26.53 43.79 34.09
C ALA F 452 -25.23 43.92 33.30
N VAL F 453 -25.21 43.31 32.12
CA VAL F 453 -24.01 43.33 31.29
C VAL F 453 -23.80 44.75 30.77
N THR F 454 -22.88 45.47 31.40
CA THR F 454 -22.66 46.87 31.08
C THR F 454 -22.26 47.01 29.61
N MET F 455 -22.75 48.10 29.00
CA MET F 455 -22.47 48.34 27.59
C MET F 455 -20.97 48.35 27.32
N ASP F 456 -20.21 49.02 28.18
CA ASP F 456 -18.75 48.94 28.08
C ASP F 456 -18.24 47.54 28.36
N ASP F 457 -18.77 46.88 29.40
CA ASP F 457 -18.35 45.53 29.71
C ASP F 457 -18.76 44.56 28.62
N PHE F 458 -19.98 44.71 28.08
CA PHE F 458 -20.40 43.87 26.98
C PHE F 458 -19.53 44.09 25.75
N ARG F 459 -19.19 45.35 25.46
CA ARG F 459 -18.33 45.63 24.31
C ARG F 459 -16.94 45.02 24.50
N TRP F 460 -16.40 45.11 25.72
CA TRP F 460 -15.09 44.51 25.99
C TRP F 460 -15.14 43.00 25.84
N ALA F 461 -16.19 42.37 26.37
CA ALA F 461 -16.31 40.92 26.23
C ALA F 461 -16.49 40.50 24.78
N LEU F 462 -17.26 41.28 24.00
CA LEU F 462 -17.41 40.99 22.58
C LEU F 462 -16.10 41.15 21.84
N SER F 463 -15.31 42.17 22.18
CA SER F 463 -13.98 42.32 21.61
C SER F 463 -13.09 41.14 21.96
N GLN F 464 -13.18 40.65 23.21
CA GLN F 464 -12.51 39.42 23.58
C GLN F 464 -13.07 38.21 22.85
N SER F 465 -14.37 38.22 22.54
CA SER F 465 -15.01 37.18 21.77
C SER F 465 -14.82 37.47 20.27
N ASN F 466 -15.41 36.64 19.42
CA ASN F 466 -15.35 36.86 17.99
C ASN F 466 -16.63 36.38 17.31
N PRO F 467 -16.99 36.92 16.15
CA PRO F 467 -18.14 36.40 15.42
C PRO F 467 -17.78 35.09 14.71
N SER F 468 -18.77 34.45 14.10
CA SER F 468 -18.54 33.22 13.36
C SER F 468 -17.59 33.44 12.18
N ALA F 469 -17.76 34.55 11.47
CA ALA F 469 -16.91 34.88 10.35
C ALA F 469 -15.47 35.07 10.81
N LEU F 470 -14.53 34.72 9.93
CA LEU F 470 -13.11 34.91 10.22
C LEU F 470 -12.73 36.37 10.39
N ARG F 471 -13.49 37.29 9.78
CA ARG F 471 -13.25 38.71 9.95
C ARG F 471 -14.57 39.46 9.80
N GLU F 472 -14.80 40.43 10.69
CA GLU F 472 -15.99 41.26 10.60
C GLU F 472 -15.84 42.37 9.57
N THR F 473 -14.62 42.65 9.13
CA THR F 473 -14.36 43.68 8.13
C THR F 473 -14.35 43.14 6.71
N VAL F 474 -14.53 41.82 6.54
CA VAL F 474 -14.53 41.22 5.21
C VAL F 474 -15.87 41.33 4.51
N VAL F 475 -16.85 42.01 5.13
CA VAL F 475 -18.18 42.13 4.53
C VAL F 475 -18.28 43.25 3.51
N GLU F 476 -17.18 43.96 3.23
CA GLU F 476 -17.17 45.04 2.26
C GLU F 476 -15.90 44.99 1.43
N VAL F 477 -15.94 45.61 0.25
CA VAL F 477 -14.78 45.64 -0.63
C VAL F 477 -14.06 46.98 -0.45
N PRO F 478 -13.06 47.05 0.43
CA PRO F 478 -12.38 48.33 0.66
C PRO F 478 -10.92 48.16 1.04
N GLN F 479 -10.02 48.22 0.05
CA GLN F 479 -8.60 48.19 0.34
C GLN F 479 -8.09 49.51 0.88
N VAL F 480 -8.70 50.63 0.48
CA VAL F 480 -8.28 51.96 0.93
C VAL F 480 -9.52 52.80 1.13
N THR F 481 -9.47 53.69 2.11
CA THR F 481 -10.55 54.65 2.32
C THR F 481 -10.54 55.72 1.24
N TRP F 482 -11.70 56.34 1.03
CA TRP F 482 -11.78 57.46 0.08
C TRP F 482 -10.90 58.62 0.51
N GLU F 483 -10.83 58.90 1.81
CA GLU F 483 -9.91 59.88 2.34
C GLU F 483 -8.48 59.37 2.38
N ASP F 484 -8.27 58.05 2.41
CA ASP F 484 -6.92 57.50 2.36
C ASP F 484 -6.23 57.89 1.07
N ILE F 485 -6.97 57.86 -0.05
CA ILE F 485 -6.47 58.37 -1.32
C ILE F 485 -6.52 59.89 -1.23
N GLY F 486 -5.38 60.52 -0.94
CA GLY F 486 -5.33 61.96 -0.82
C GLY F 486 -5.69 62.65 -2.13
N GLY F 487 -6.53 63.69 -2.01
CA GLY F 487 -6.96 64.42 -3.18
C GLY F 487 -7.94 63.64 -4.03
N LEU F 488 -7.51 63.30 -5.25
CA LEU F 488 -8.33 62.55 -6.20
C LEU F 488 -9.63 63.30 -6.52
N GLU F 489 -9.52 64.63 -6.56
CA GLU F 489 -10.69 65.47 -6.78
C GLU F 489 -11.33 65.19 -8.13
N ASP F 490 -10.56 65.28 -9.21
CA ASP F 490 -11.11 64.97 -10.52
C ASP F 490 -11.31 63.46 -10.69
N VAL F 491 -10.50 62.66 -10.00
CA VAL F 491 -10.70 61.21 -10.02
C VAL F 491 -12.03 60.85 -9.40
N LYS F 492 -12.31 61.37 -8.20
CA LYS F 492 -13.59 61.12 -7.56
C LYS F 492 -14.72 61.73 -8.38
N ARG F 493 -14.46 62.86 -9.03
CA ARG F 493 -15.46 63.46 -9.90
C ARG F 493 -15.82 62.54 -11.05
N GLU F 494 -14.82 61.95 -11.70
CA GLU F 494 -15.09 61.03 -12.81
C GLU F 494 -15.81 59.79 -12.32
N LEU F 495 -15.39 59.25 -11.17
CA LEU F 495 -16.08 58.08 -10.63
C LEU F 495 -17.53 58.38 -10.30
N GLN F 496 -17.79 59.52 -9.67
CA GLN F 496 -19.16 59.89 -9.33
C GLN F 496 -19.98 60.16 -10.57
N GLU F 497 -19.38 60.76 -11.59
CA GLU F 497 -20.09 60.98 -12.85
C GLU F 497 -20.45 59.65 -13.51
N LEU F 498 -19.52 58.70 -13.50
CA LEU F 498 -19.82 57.38 -14.03
C LEU F 498 -20.95 56.71 -13.26
N VAL F 499 -20.93 56.83 -11.93
CA VAL F 499 -22.00 56.26 -11.12
C VAL F 499 -23.34 56.94 -11.41
N GLN F 500 -23.34 58.27 -11.56
CA GLN F 500 -24.58 59.03 -11.68
C GLN F 500 -25.17 58.99 -13.07
N TYR F 501 -24.44 59.48 -14.08
CA TYR F 501 -24.96 59.57 -15.44
C TYR F 501 -25.46 58.23 -15.93
N PRO F 502 -24.96 57.13 -15.38
CA PRO F 502 -25.52 55.82 -15.74
C PRO F 502 -26.78 55.50 -14.92
N VAL F 503 -27.00 56.26 -13.86
CA VAL F 503 -28.14 56.01 -12.97
C VAL F 503 -29.02 57.25 -12.89
N GLU F 504 -28.49 58.38 -13.05
CA GLU F 504 -29.10 59.71 -13.02
C GLU F 504 -29.68 60.09 -14.36
N HIS F 505 -28.79 60.18 -15.34
CA HIS F 505 -29.20 60.62 -16.67
C HIS F 505 -28.73 59.60 -17.70
N PRO F 506 -29.16 58.35 -17.62
CA PRO F 506 -28.85 57.39 -18.69
C PRO F 506 -29.46 57.76 -20.03
N ASP F 507 -30.59 58.49 -20.03
CA ASP F 507 -31.14 58.99 -21.28
C ASP F 507 -30.22 60.04 -21.89
N LYS F 508 -29.54 60.82 -21.05
CA LYS F 508 -28.58 61.79 -21.57
C LYS F 508 -27.46 61.07 -22.31
N PHE F 509 -26.95 59.98 -21.76
CA PHE F 509 -25.95 59.19 -22.46
C PHE F 509 -26.52 58.55 -23.72
N LEU F 510 -27.74 58.04 -23.66
CA LEU F 510 -28.34 57.36 -24.80
C LEU F 510 -28.56 58.30 -25.97
N LYS F 511 -29.19 59.45 -25.74
CA LYS F 511 -29.34 60.46 -26.78
C LYS F 511 -28.01 61.09 -27.14
N PHE F 512 -27.03 61.06 -26.24
CA PHE F 512 -25.69 61.54 -26.53
C PHE F 512 -24.83 60.48 -27.19
N GLY F 513 -25.32 59.25 -27.28
CA GLY F 513 -24.56 58.18 -27.91
C GLY F 513 -24.11 57.11 -26.96
N MET F 514 -22.79 56.96 -26.80
CA MET F 514 -22.20 55.90 -26.01
C MET F 514 -21.54 56.48 -24.77
N THR F 515 -21.36 55.62 -23.76
CA THR F 515 -20.65 56.01 -22.55
C THR F 515 -19.17 56.21 -22.87
N PRO F 516 -18.47 57.01 -22.06
CA PRO F 516 -17.06 57.29 -22.34
C PRO F 516 -16.17 56.07 -22.18
N SER F 517 -15.07 56.07 -22.93
CA SER F 517 -14.09 55.00 -22.83
C SER F 517 -13.31 55.11 -21.51
N LYS F 518 -12.79 53.98 -21.06
CA LYS F 518 -12.05 53.90 -19.82
C LYS F 518 -10.56 53.78 -20.10
N GLY F 519 -9.77 53.86 -19.03
CA GLY F 519 -8.33 53.77 -19.16
C GLY F 519 -7.59 55.03 -18.78
N VAL F 520 -6.82 54.97 -17.69
CA VAL F 520 -6.06 56.11 -17.21
C VAL F 520 -4.56 55.83 -17.39
N LEU F 521 -3.79 56.90 -17.48
CA LEU F 521 -2.34 56.83 -17.68
C LEU F 521 -1.67 57.69 -16.62
N PHE F 522 -1.26 57.06 -15.52
CA PHE F 522 -0.57 57.77 -14.46
C PHE F 522 0.91 57.93 -14.80
N TYR F 523 1.53 58.91 -14.16
CA TYR F 523 2.95 59.21 -14.37
C TYR F 523 3.63 59.30 -13.02
N GLY F 524 4.96 59.23 -13.04
CA GLY F 524 5.75 59.25 -11.84
C GLY F 524 6.16 57.86 -11.41
N PRO F 525 6.43 57.68 -10.11
CA PRO F 525 6.91 56.39 -9.62
C PRO F 525 5.76 55.42 -9.44
N PRO F 526 6.07 54.15 -9.17
CA PRO F 526 5.00 53.18 -8.89
C PRO F 526 4.40 53.39 -7.52
N GLY F 527 3.45 52.54 -7.16
CA GLY F 527 2.73 52.71 -5.92
C GLY F 527 2.02 54.05 -5.90
N CYS F 528 1.51 54.43 -7.07
CA CYS F 528 0.86 55.72 -7.22
C CYS F 528 -0.46 55.81 -6.47
N GLY F 529 -0.96 54.70 -5.96
CA GLY F 529 -2.24 54.66 -5.30
C GLY F 529 -3.41 54.43 -6.23
N LYS F 530 -3.15 54.17 -7.51
CA LYS F 530 -4.23 53.92 -8.45
C LYS F 530 -5.09 52.75 -8.01
N THR F 531 -4.46 51.66 -7.57
CA THR F 531 -5.23 50.57 -6.98
C THR F 531 -5.91 51.02 -5.70
N LEU F 532 -5.21 51.78 -4.86
CA LEU F 532 -5.81 52.27 -3.62
C LEU F 532 -6.98 53.21 -3.90
N LEU F 533 -6.80 54.14 -4.85
CA LEU F 533 -7.89 55.06 -5.18
C LEU F 533 -9.07 54.33 -5.80
N ALA F 534 -8.80 53.33 -6.64
CA ALA F 534 -9.88 52.56 -7.24
C ALA F 534 -10.65 51.79 -6.17
N LYS F 535 -9.93 51.20 -5.21
CA LYS F 535 -10.60 50.52 -4.11
C LYS F 535 -11.39 51.49 -3.26
N ALA F 536 -10.85 52.70 -3.06
CA ALA F 536 -11.57 53.71 -2.31
C ALA F 536 -12.87 54.09 -2.99
N ILE F 537 -12.83 54.29 -4.31
CA ILE F 537 -14.05 54.59 -5.04
C ILE F 537 -15.02 53.43 -4.99
N ALA F 538 -14.52 52.20 -5.15
CA ALA F 538 -15.39 51.03 -5.16
C ALA F 538 -16.07 50.84 -3.81
N ASN F 539 -15.34 51.07 -2.72
CA ASN F 539 -15.94 51.05 -1.40
C ASN F 539 -16.95 52.18 -1.22
N GLU F 540 -16.60 53.39 -1.68
CA GLU F 540 -17.56 54.49 -1.67
C GLU F 540 -18.74 54.22 -2.60
N CYS F 541 -18.55 53.37 -3.61
CA CYS F 541 -19.63 52.96 -4.50
C CYS F 541 -20.18 51.59 -4.11
N GLN F 542 -19.71 51.03 -3.00
CA GLN F 542 -20.12 49.70 -2.51
C GLN F 542 -19.97 48.66 -3.63
N ALA F 543 -18.82 48.72 -4.27
CA ALA F 543 -18.55 47.86 -5.41
C ALA F 543 -17.28 47.06 -5.14
N ASN F 544 -17.19 45.89 -5.76
CA ASN F 544 -16.01 45.03 -5.66
C ASN F 544 -15.24 45.20 -6.97
N PHE F 545 -14.39 46.22 -7.00
CA PHE F 545 -13.56 46.48 -8.18
C PHE F 545 -12.62 45.31 -8.39
N ILE F 546 -12.50 44.87 -9.64
CA ILE F 546 -11.58 43.78 -9.97
C ILE F 546 -10.18 44.38 -10.03
N SER F 547 -9.50 44.38 -8.88
CA SER F 547 -8.19 45.02 -8.79
C SER F 547 -7.20 44.15 -9.54
N ILE F 548 -6.99 44.45 -10.81
CA ILE F 548 -6.11 43.64 -11.64
C ILE F 548 -4.66 43.95 -11.30
N LYS F 549 -3.80 43.00 -11.63
CA LYS F 549 -2.37 43.11 -11.39
C LYS F 549 -1.72 43.83 -12.58
N GLY F 550 -0.39 43.76 -12.67
CA GLY F 550 0.32 44.41 -13.74
C GLY F 550 0.48 43.45 -14.91
N PRO F 551 1.66 42.86 -15.07
CA PRO F 551 1.82 41.87 -16.16
C PRO F 551 0.96 40.62 -15.92
N GLU F 552 -0.35 40.84 -15.90
CA GLU F 552 -1.32 39.76 -15.69
C GLU F 552 -2.45 39.79 -16.71
N LEU F 553 -2.50 40.80 -17.58
CA LEU F 553 -3.52 40.87 -18.62
C LEU F 553 -2.86 40.87 -20.00
N LEU F 554 -1.84 41.71 -20.18
CA LEU F 554 -1.14 41.77 -21.45
C LEU F 554 -0.12 40.64 -21.57
N THR F 555 0.82 40.57 -20.63
CA THR F 555 1.78 39.46 -20.58
C THR F 555 1.10 38.26 -19.94
N MET F 556 0.05 37.78 -20.61
CA MET F 556 -0.75 36.68 -20.11
C MET F 556 0.07 35.41 -20.03
N TRP F 557 -0.10 34.68 -18.94
CA TRP F 557 0.63 33.43 -18.71
C TRP F 557 0.09 32.27 -19.53
N PHE F 558 -1.12 32.39 -20.08
CA PHE F 558 -1.70 31.35 -20.93
C PHE F 558 -1.50 31.64 -22.41
N GLY F 559 -0.47 32.40 -22.76
CA GLY F 559 -0.17 32.70 -24.14
C GLY F 559 -0.23 34.18 -24.45
N GLU F 560 -0.99 34.53 -25.48
CA GLU F 560 -1.16 35.93 -25.86
C GLU F 560 -2.04 36.62 -24.83
N SER F 561 -2.10 37.95 -24.90
CA SER F 561 -2.92 38.73 -23.98
C SER F 561 -4.39 38.37 -24.04
N GLU F 562 -4.85 37.75 -25.14
CA GLU F 562 -6.26 37.43 -25.28
C GLU F 562 -6.72 36.46 -24.21
N ALA F 563 -5.83 35.57 -23.75
CA ALA F 563 -6.22 34.61 -22.74
C ALA F 563 -6.60 35.29 -21.42
N ASN F 564 -5.71 36.16 -20.91
CA ASN F 564 -6.02 36.89 -19.71
C ASN F 564 -7.15 37.89 -19.92
N VAL F 565 -7.25 38.44 -21.14
CA VAL F 565 -8.35 39.35 -21.44
C VAL F 565 -9.69 38.61 -21.33
N ARG F 566 -9.77 37.40 -21.87
CA ARG F 566 -11.00 36.62 -21.78
C ARG F 566 -11.27 36.18 -20.35
N GLU F 567 -10.22 35.84 -19.60
CA GLU F 567 -10.40 35.51 -18.20
C GLU F 567 -10.99 36.68 -17.43
N ILE F 568 -10.46 37.89 -17.66
CA ILE F 568 -10.98 39.08 -17.01
C ILE F 568 -12.40 39.37 -17.48
N PHE F 569 -12.69 39.10 -18.75
CA PHE F 569 -14.04 39.31 -19.27
C PHE F 569 -15.04 38.40 -18.57
N ASP F 570 -14.67 37.12 -18.40
CA ASP F 570 -15.53 36.19 -17.68
C ASP F 570 -15.69 36.62 -16.22
N LYS F 571 -14.61 37.04 -15.57
CA LYS F 571 -14.70 37.48 -14.19
C LYS F 571 -15.61 38.69 -14.04
N ALA F 572 -15.51 39.65 -14.97
CA ALA F 572 -16.32 40.86 -14.91
C ALA F 572 -17.78 40.55 -15.23
N ARG F 573 -18.02 39.61 -16.16
CA ARG F 573 -19.39 39.23 -16.47
C ARG F 573 -20.04 38.45 -15.33
N GLN F 574 -19.25 37.68 -14.58
CA GLN F 574 -19.79 36.97 -13.43
C GLN F 574 -19.82 37.83 -12.16
N ALA F 575 -19.14 38.98 -12.19
CA ALA F 575 -19.10 39.85 -11.01
C ALA F 575 -19.34 41.31 -11.40
N ALA F 576 -20.25 41.55 -12.34
CA ALA F 576 -20.55 42.91 -12.75
C ALA F 576 -21.23 43.67 -11.61
N PRO F 577 -20.76 44.88 -11.29
CA PRO F 577 -19.63 45.57 -11.92
C PRO F 577 -18.31 45.27 -11.23
N CYS F 578 -17.42 44.55 -11.91
CA CYS F 578 -16.07 44.30 -11.42
C CYS F 578 -15.13 45.23 -12.17
N VAL F 579 -14.76 46.34 -11.56
CA VAL F 579 -13.92 47.34 -12.21
C VAL F 579 -12.54 46.74 -12.39
N LEU F 580 -12.22 46.34 -13.62
CA LEU F 580 -10.97 45.66 -13.90
C LEU F 580 -9.82 46.65 -13.81
N PHE F 581 -9.34 46.90 -12.61
CA PHE F 581 -8.30 47.91 -12.39
C PHE F 581 -6.97 47.35 -12.90
N PHE F 582 -6.80 47.39 -14.22
CA PHE F 582 -5.57 46.93 -14.85
C PHE F 582 -4.52 48.03 -14.76
N ASP F 583 -4.08 48.28 -13.53
CA ASP F 583 -3.11 49.32 -13.27
C ASP F 583 -1.75 48.93 -13.83
N GLU F 584 -0.87 49.93 -13.92
CA GLU F 584 0.51 49.74 -14.36
C GLU F 584 0.57 49.11 -15.75
N LEU F 585 0.04 49.83 -16.75
CA LEU F 585 0.11 49.34 -18.12
C LEU F 585 1.56 49.15 -18.57
N ASP F 586 2.47 50.00 -18.11
CA ASP F 586 3.88 49.78 -18.37
C ASP F 586 4.34 48.45 -17.78
N SER F 587 3.93 48.15 -16.55
CA SER F 587 4.20 46.84 -15.98
C SER F 587 3.34 45.75 -16.60
N ILE F 588 2.13 46.11 -17.05
CA ILE F 588 1.25 45.12 -17.66
C ILE F 588 1.85 44.56 -18.94
N ALA F 589 2.41 45.42 -19.78
CA ALA F 589 3.11 44.96 -20.97
C ALA F 589 4.32 44.12 -20.61
N LYS F 590 5.08 44.56 -19.61
CA LYS F 590 6.26 43.87 -19.09
C LYS F 590 7.39 43.78 -20.11
N ALA F 591 7.20 44.37 -21.29
CA ALA F 591 8.22 44.40 -22.33
C ALA F 591 8.83 43.03 -22.59
N ARG F 592 8.01 42.07 -23.01
CA ARG F 592 8.47 40.71 -23.23
C ARG F 592 9.55 40.62 -24.30
N GLY F 593 9.22 41.01 -25.53
CA GLY F 593 10.21 41.00 -26.60
C GLY F 593 10.56 39.60 -27.08
N GLY F 594 11.84 39.43 -27.44
CA GLY F 594 12.33 38.14 -27.91
C GLY F 594 11.83 37.77 -29.29
N ASN F 595 12.27 38.49 -30.31
CA ASN F 595 11.87 38.22 -31.70
C ASN F 595 12.87 37.24 -32.32
N ILE F 596 12.78 35.98 -31.86
CA ILE F 596 13.64 34.93 -32.40
C ILE F 596 12.86 33.61 -32.45
N GLY F 597 12.77 33.02 -33.63
CA GLY F 597 12.08 31.76 -33.80
C GLY F 597 10.60 31.88 -33.44
N ASP F 598 10.10 30.92 -32.68
CA ASP F 598 8.71 30.95 -32.23
C ASP F 598 8.46 31.98 -31.13
N GLY F 599 9.51 32.41 -30.43
CA GLY F 599 9.33 33.43 -29.41
C GLY F 599 8.86 34.75 -29.98
N GLY F 600 9.39 35.13 -31.14
CA GLY F 600 8.91 36.32 -31.81
C GLY F 600 7.45 36.20 -32.22
N GLY F 601 7.04 35.02 -32.69
CA GLY F 601 5.64 34.79 -32.99
C GLY F 601 4.76 34.93 -31.76
N ALA F 602 5.21 34.37 -30.62
CA ALA F 602 4.44 34.50 -29.39
C ALA F 602 4.33 35.95 -28.95
N ALA F 603 5.42 36.70 -29.04
CA ALA F 603 5.39 38.11 -28.65
C ALA F 603 4.46 38.93 -29.55
N ASP F 604 4.54 38.70 -30.87
CA ASP F 604 3.66 39.42 -31.79
C ASP F 604 2.20 39.07 -31.54
N ARG F 605 1.93 37.78 -31.27
CA ARG F 605 0.57 37.37 -30.93
C ARG F 605 0.08 38.05 -29.66
N VAL F 606 0.95 38.17 -28.66
CA VAL F 606 0.57 38.84 -27.43
C VAL F 606 0.26 40.31 -27.69
N ILE F 607 1.09 40.98 -28.49
CA ILE F 607 0.86 42.39 -28.79
C ILE F 607 -0.45 42.59 -29.54
N ASN F 608 -0.70 41.75 -30.55
CA ASN F 608 -1.93 41.86 -31.32
C ASN F 608 -3.15 41.55 -30.46
N GLN F 609 -3.04 40.57 -29.56
CA GLN F 609 -4.14 40.24 -28.67
C GLN F 609 -4.42 41.38 -27.70
N ILE F 610 -3.37 42.04 -27.21
CA ILE F 610 -3.56 43.22 -26.37
C ILE F 610 -4.27 44.31 -27.14
N LEU F 611 -3.86 44.54 -28.39
CA LEU F 611 -4.54 45.54 -29.22
C LEU F 611 -6.01 45.18 -29.41
N THR F 612 -6.30 43.90 -29.66
CA THR F 612 -7.68 43.47 -29.86
C THR F 612 -8.51 43.62 -28.58
N GLU F 613 -7.94 43.27 -27.43
CA GLU F 613 -8.66 43.47 -26.17
C GLU F 613 -8.92 44.94 -25.91
N MET F 614 -7.94 45.81 -26.18
CA MET F 614 -8.16 47.25 -26.10
C MET F 614 -9.10 47.74 -27.19
N ASP F 615 -9.39 46.89 -28.18
CA ASP F 615 -10.26 47.25 -29.28
C ASP F 615 -11.50 46.36 -29.27
N GLY F 616 -12.11 46.21 -28.10
CA GLY F 616 -13.24 45.32 -27.95
C GLY F 616 -13.01 44.21 -26.95
N MET F 617 -13.68 44.28 -25.81
CA MET F 617 -13.61 43.27 -24.78
C MET F 617 -14.96 43.22 -24.07
N SER F 618 -15.00 42.72 -22.84
CA SER F 618 -16.23 42.78 -22.06
C SER F 618 -16.50 44.26 -21.80
N THR F 619 -17.47 44.81 -22.53
CA THR F 619 -17.75 46.23 -22.49
C THR F 619 -18.66 46.62 -21.33
N LYS F 620 -18.76 45.77 -20.31
CA LYS F 620 -19.57 46.05 -19.13
C LYS F 620 -18.69 45.95 -17.90
N LYS F 621 -19.32 46.09 -16.73
CA LYS F 621 -18.67 45.98 -15.43
C LYS F 621 -17.59 47.05 -15.22
N ASN F 622 -17.64 48.14 -16.01
CA ASN F 622 -16.75 49.28 -15.85
C ASN F 622 -15.28 48.85 -15.83
N VAL F 623 -14.82 48.23 -16.90
CA VAL F 623 -13.44 47.76 -16.96
C VAL F 623 -12.53 48.95 -17.24
N PHE F 624 -12.06 49.60 -16.17
CA PHE F 624 -11.20 50.76 -16.30
C PHE F 624 -9.76 50.36 -15.98
N ILE F 625 -8.86 50.58 -16.94
CA ILE F 625 -7.46 50.19 -16.79
C ILE F 625 -6.60 51.43 -16.59
N ILE F 626 -6.29 51.73 -15.33
CA ILE F 626 -5.52 52.94 -15.02
C ILE F 626 -4.04 52.59 -15.10
N GLY F 627 -3.48 52.67 -16.31
CA GLY F 627 -2.13 52.22 -16.55
C GLY F 627 -1.09 53.22 -16.10
N ALA F 628 0.16 52.75 -16.08
CA ALA F 628 1.32 53.58 -15.78
C ALA F 628 1.95 54.06 -17.08
N THR F 629 2.13 55.37 -17.17
CA THR F 629 2.67 56.00 -18.37
C THR F 629 4.09 56.48 -18.05
N ASN F 630 5.05 55.56 -18.18
CA ASN F 630 6.45 55.93 -18.04
C ASN F 630 6.89 56.85 -19.17
N ARG F 631 6.40 56.61 -20.38
CA ARG F 631 6.71 57.44 -21.54
C ARG F 631 5.56 57.35 -22.53
N PRO F 632 5.63 58.10 -23.64
CA PRO F 632 4.55 58.05 -24.64
C PRO F 632 4.41 56.70 -25.34
N ASP F 633 5.42 55.83 -25.29
CA ASP F 633 5.38 54.57 -26.01
C ASP F 633 5.80 53.40 -25.12
N ILE F 634 5.94 53.63 -23.83
CA ILE F 634 6.35 52.58 -22.90
C ILE F 634 5.32 51.46 -22.85
N ILE F 635 4.05 51.81 -22.79
CA ILE F 635 2.95 50.85 -22.81
C ILE F 635 1.97 51.28 -23.89
N ASP F 636 1.84 50.48 -24.94
CA ASP F 636 0.82 50.66 -25.97
C ASP F 636 0.80 52.08 -26.54
N PRO F 637 1.82 52.46 -27.33
CA PRO F 637 1.83 53.81 -27.92
C PRO F 637 0.60 54.13 -28.78
N ALA F 638 0.04 53.14 -29.48
CA ALA F 638 -1.16 53.38 -30.27
C ALA F 638 -2.36 53.77 -29.41
N ILE F 639 -2.55 53.12 -28.27
CA ILE F 639 -3.56 53.56 -27.32
C ILE F 639 -3.14 54.84 -26.61
N LEU F 640 -1.84 55.06 -26.40
CA LEU F 640 -1.37 56.35 -25.90
C LEU F 640 -1.69 57.47 -26.89
N ARG F 641 -1.53 57.22 -28.17
CA ARG F 641 -2.05 58.11 -29.20
C ARG F 641 -3.55 57.91 -29.26
N PRO F 642 -4.30 58.83 -29.88
CA PRO F 642 -5.77 58.62 -29.96
C PRO F 642 -6.16 57.59 -31.02
N GLY F 643 -5.47 56.45 -31.00
CA GLY F 643 -5.72 55.41 -31.96
C GLY F 643 -6.64 54.32 -31.45
N ARG F 644 -6.33 53.78 -30.28
CA ARG F 644 -7.14 52.71 -29.72
C ARG F 644 -8.24 53.23 -28.78
N LEU F 645 -7.92 54.20 -27.94
CA LEU F 645 -8.90 54.81 -27.05
C LEU F 645 -9.38 56.11 -27.67
N ASP F 646 -10.67 56.15 -27.99
CA ASP F 646 -11.27 57.37 -28.51
C ASP F 646 -11.16 58.48 -27.48
N GLN F 647 -11.42 58.16 -26.21
CA GLN F 647 -11.19 59.07 -25.09
C GLN F 647 -10.37 58.33 -24.04
N LEU F 648 -9.09 58.68 -23.95
CA LEU F 648 -8.21 58.13 -22.92
C LEU F 648 -8.49 58.89 -21.62
N ILE F 649 -9.51 58.43 -20.90
CA ILE F 649 -10.02 59.14 -19.74
C ILE F 649 -9.14 58.87 -18.54
N TYR F 650 -8.16 59.74 -18.31
CA TYR F 650 -7.32 59.68 -17.12
C TYR F 650 -7.97 60.47 -15.99
N ILE F 651 -8.25 59.79 -14.89
CA ILE F 651 -8.92 60.41 -13.75
C ILE F 651 -7.91 61.25 -12.99
N PRO F 652 -7.88 62.56 -13.20
CA PRO F 652 -6.88 63.39 -12.50
C PRO F 652 -7.13 63.44 -11.01
N LEU F 653 -6.04 63.55 -10.27
CA LEU F 653 -6.12 63.64 -8.83
C LEU F 653 -5.59 64.99 -8.36
N PRO F 654 -6.15 65.54 -7.29
CA PRO F 654 -5.56 66.75 -6.71
C PRO F 654 -4.16 66.49 -6.20
N ASP F 655 -3.27 67.44 -6.47
CA ASP F 655 -1.86 67.30 -6.12
C ASP F 655 -1.68 67.66 -4.66
N GLU F 656 -1.13 66.72 -3.90
CA GLU F 656 -0.90 66.89 -2.47
C GLU F 656 0.48 66.40 -2.09
N LYS F 657 0.94 66.84 -0.92
CA LYS F 657 2.13 66.28 -0.29
C LYS F 657 1.74 65.00 0.46
N SER F 658 1.07 64.11 -0.28
CA SER F 658 0.56 62.88 0.30
C SER F 658 1.68 62.00 0.83
N ARG F 659 2.88 62.11 0.25
CA ARG F 659 4.02 61.43 0.81
C ARG F 659 4.33 61.95 2.20
N VAL F 660 4.26 63.27 2.39
CA VAL F 660 4.51 63.86 3.70
C VAL F 660 3.48 63.39 4.72
N ALA F 661 2.20 63.38 4.33
CA ALA F 661 1.15 62.95 5.25
C ALA F 661 1.29 61.47 5.59
N ILE F 662 1.61 60.64 4.60
CA ILE F 662 1.79 59.21 4.84
C ILE F 662 2.97 58.98 5.77
N LEU F 663 4.08 59.70 5.54
CA LEU F 663 5.22 59.57 6.43
C LEU F 663 4.87 60.03 7.84
N LYS F 664 4.06 61.09 7.96
CA LYS F 664 3.63 61.54 9.27
C LYS F 664 2.80 60.47 9.97
N ALA F 665 1.88 59.84 9.24
CA ALA F 665 1.08 58.78 9.84
C ALA F 665 1.96 57.61 10.27
N ASN F 666 2.93 57.24 9.43
CA ASN F 666 3.84 56.16 9.78
C ASN F 666 4.66 56.49 11.01
N LEU F 667 5.20 57.71 11.09
CA LEU F 667 5.98 58.12 12.25
C LEU F 667 5.13 58.15 13.51
N ARG F 668 3.87 58.59 13.39
CA ARG F 668 2.96 58.50 14.51
C ARG F 668 2.77 57.05 14.94
N LYS F 669 2.65 56.14 13.96
CA LYS F 669 2.62 54.72 14.26
C LYS F 669 3.94 54.20 14.83
N SER F 670 5.04 54.94 14.66
CA SER F 670 6.33 54.52 15.18
C SER F 670 6.72 55.37 16.37
N PRO F 671 7.88 56.03 16.34
CA PRO F 671 8.29 56.87 17.47
C PRO F 671 9.23 57.99 17.06
N VAL F 672 8.71 58.97 16.32
CA VAL F 672 9.47 60.14 15.93
C VAL F 672 8.67 61.37 16.32
N ALA F 673 9.32 62.34 16.95
CA ALA F 673 8.59 63.47 17.51
C ALA F 673 9.41 64.75 17.51
N LYS F 674 8.95 65.74 18.27
CA LYS F 674 9.68 66.99 18.54
C LYS F 674 10.00 67.66 17.19
N ASP F 675 11.25 68.00 16.92
CA ASP F 675 11.60 68.76 15.72
C ASP F 675 11.51 67.85 14.50
N VAL F 676 10.65 68.21 13.56
CA VAL F 676 10.47 67.48 12.31
C VAL F 676 10.36 68.53 11.21
N ASP F 677 11.47 68.77 10.50
CA ASP F 677 11.48 69.71 9.38
C ASP F 677 10.97 68.96 8.15
N LEU F 678 9.75 68.46 8.27
CA LEU F 678 9.15 67.65 7.20
C LEU F 678 8.99 68.43 5.91
N GLU F 679 8.53 69.69 5.99
CA GLU F 679 8.44 70.51 4.80
C GLU F 679 9.82 70.80 4.22
N PHE F 680 10.79 71.08 5.08
CA PHE F 680 12.14 71.39 4.64
C PHE F 680 12.81 70.23 3.92
N LEU F 681 12.46 68.98 4.26
CA LEU F 681 13.05 67.82 3.62
C LEU F 681 12.24 67.33 2.43
N ALA F 682 10.92 67.28 2.55
CA ALA F 682 10.05 66.86 1.46
C ALA F 682 10.16 67.77 0.25
N LYS F 683 10.49 69.04 0.45
CA LYS F 683 10.72 69.95 -0.66
C LYS F 683 11.95 69.58 -1.48
N MET F 684 12.94 68.94 -0.88
CA MET F 684 14.12 68.50 -1.60
C MET F 684 13.81 67.47 -2.68
N THR F 685 12.96 66.50 -2.36
CA THR F 685 12.50 65.50 -3.33
C THR F 685 10.98 65.55 -3.34
N ASN F 686 10.43 66.46 -4.14
CA ASN F 686 8.98 66.54 -4.31
C ASN F 686 8.46 65.65 -5.41
N GLY F 687 9.36 64.99 -6.16
CA GLY F 687 8.96 64.10 -7.22
C GLY F 687 8.57 62.74 -6.70
N PHE F 688 7.38 62.66 -6.09
CA PHE F 688 6.89 61.44 -5.48
C PHE F 688 5.55 61.04 -6.09
N SER F 689 5.24 59.76 -5.96
CA SER F 689 3.98 59.20 -6.43
C SER F 689 3.31 58.50 -5.26
N GLY F 690 3.29 59.19 -4.11
CA GLY F 690 2.74 58.61 -2.91
C GLY F 690 3.69 57.65 -2.24
N ALA F 691 3.95 56.51 -2.91
CA ALA F 691 4.87 55.51 -2.38
C ALA F 691 6.32 55.81 -2.67
N ASP F 692 6.62 56.80 -3.52
CA ASP F 692 8.01 57.06 -3.88
C ASP F 692 8.81 57.55 -2.69
N LEU F 693 8.31 58.57 -1.98
CA LEU F 693 9.01 59.09 -0.82
C LEU F 693 8.78 58.26 0.43
N THR F 694 7.79 57.36 0.42
CA THR F 694 7.55 56.50 1.57
C THR F 694 8.68 55.51 1.79
N GLU F 695 9.36 55.09 0.73
CA GLU F 695 10.49 54.18 0.87
C GLU F 695 11.62 54.83 1.66
N ILE F 696 11.91 56.10 1.37
CA ILE F 696 12.94 56.82 2.11
C ILE F 696 12.54 56.96 3.57
N CYS F 697 11.26 57.25 3.82
CA CYS F 697 10.78 57.34 5.19
C CYS F 697 10.94 56.02 5.93
N GLN F 698 10.61 54.92 5.27
CA GLN F 698 10.76 53.60 5.90
C GLN F 698 12.23 53.31 6.18
N ARG F 699 13.12 53.64 5.23
CA ARG F 699 14.54 53.41 5.45
C ARG F 699 15.05 54.25 6.61
N ALA F 700 14.63 55.51 6.69
CA ALA F 700 15.04 56.36 7.80
C ALA F 700 14.52 55.82 9.13
N CYS F 701 13.27 55.34 9.14
CA CYS F 701 12.72 54.75 10.36
C CYS F 701 13.49 53.52 10.76
N LYS F 702 13.87 52.67 9.80
CA LYS F 702 14.66 51.49 10.10
C LYS F 702 16.02 51.88 10.66
N LEU F 703 16.66 52.88 10.07
CA LEU F 703 17.95 53.33 10.56
C LEU F 703 17.84 53.88 11.98
N ALA F 704 16.78 54.66 12.24
CA ALA F 704 16.58 55.20 13.58
C ALA F 704 16.32 54.09 14.59
N ILE F 705 15.54 53.08 14.20
CA ILE F 705 15.27 51.96 15.10
C ILE F 705 16.56 51.20 15.37
N ARG F 706 17.39 51.01 14.35
CA ARG F 706 18.68 50.35 14.55
C ARG F 706 19.56 51.15 15.50
N GLU F 707 19.59 52.47 15.32
CA GLU F 707 20.37 53.31 16.22
C GLU F 707 19.86 53.23 17.64
N SER F 708 18.53 53.24 17.82
CA SER F 708 17.96 53.11 19.15
C SER F 708 18.31 51.77 19.78
N ILE F 709 18.25 50.69 19.00
CA ILE F 709 18.60 49.38 19.52
C ILE F 709 20.06 49.34 19.91
N GLU F 710 20.93 49.92 19.09
CA GLU F 710 22.36 49.95 19.40
C GLU F 710 22.62 50.75 20.67
N SER F 711 21.95 51.90 20.81
CA SER F 711 22.12 52.70 22.02
C SER F 711 21.61 51.95 23.25
N GLU F 712 20.50 51.25 23.11
CA GLU F 712 19.98 50.45 24.22
C GLU F 712 20.97 49.35 24.59
N ILE F 713 21.57 48.72 23.59
CA ILE F 713 22.55 47.66 23.85
C ILE F 713 23.77 48.23 24.56
N ARG F 714 24.23 49.40 24.12
CA ARG F 714 25.38 50.04 24.77
C ARG F 714 25.06 50.40 26.21
N ARG F 715 23.87 50.96 26.45
CA ARG F 715 23.47 51.30 27.81
C ARG F 715 23.36 50.07 28.69
N GLU F 716 22.80 48.98 28.14
CA GLU F 716 22.71 47.74 28.90
C GLU F 716 24.09 47.18 29.21
N ARG F 717 25.01 47.25 28.27
CA ARG F 717 26.37 46.80 28.52
C ARG F 717 27.03 47.63 29.60
N GLU F 718 26.83 48.95 29.56
CA GLU F 718 27.39 49.81 30.59
C GLU F 718 26.80 49.50 31.96
N ARG F 719 25.49 49.26 32.01
CA ARG F 719 24.85 48.91 33.28
C ARG F 719 25.35 47.57 33.80
N GLN F 720 25.56 46.60 32.91
CA GLN F 720 26.12 45.32 33.32
C GLN F 720 27.54 45.47 33.85
N THR F 721 28.35 46.31 33.21
CA THR F 721 29.72 46.54 33.68
C THR F 721 29.74 47.25 35.02
N ASN F 722 28.82 48.18 35.25
CA ASN F 722 28.75 48.93 36.50
C ASN F 722 27.29 49.23 36.82
N PRO F 723 26.84 48.93 38.05
CA PRO F 723 25.40 49.09 38.36
C PRO F 723 24.88 50.49 38.10
N SER F 724 25.63 51.53 38.42
CA SER F 724 25.28 52.90 38.05
C SER F 724 26.33 53.44 37.09
N ALA F 725 26.15 53.14 35.81
CA ALA F 725 27.05 53.65 34.78
C ALA F 725 26.27 54.48 33.77
N MET F 726 25.20 53.91 33.21
CA MET F 726 24.41 54.58 32.19
C MET F 726 22.93 54.30 32.39
N GLU F 727 22.12 54.86 31.50
CA GLU F 727 20.68 54.66 31.51
C GLU F 727 20.16 54.82 30.09
N VAL F 728 18.85 54.95 29.95
CA VAL F 728 18.21 55.15 28.64
C VAL F 728 17.83 56.61 28.51
N GLU F 729 18.29 57.24 27.43
CA GLU F 729 18.03 58.67 27.23
C GLU F 729 16.54 58.92 27.00
N GLU F 730 15.92 58.15 26.12
CA GLU F 730 14.51 58.32 25.81
C GLU F 730 13.93 57.05 25.20
N ASP F 731 12.73 57.16 24.62
CA ASP F 731 12.16 56.01 23.93
C ASP F 731 13.01 55.59 22.74
N ASP F 732 13.80 56.50 22.20
CA ASP F 732 14.74 56.21 21.12
C ASP F 732 16.03 56.96 21.37
N PRO F 733 17.16 56.50 20.81
CA PRO F 733 18.39 57.30 20.86
C PRO F 733 18.17 58.66 20.22
N VAL F 734 17.41 58.67 19.14
CA VAL F 734 16.87 59.90 18.56
C VAL F 734 15.36 59.86 18.73
N PRO F 735 14.83 60.20 19.91
CA PRO F 735 13.37 60.17 20.09
C PRO F 735 12.63 61.13 19.18
N GLU F 736 13.30 62.18 18.71
CA GLU F 736 12.75 63.09 17.72
C GLU F 736 12.90 62.46 16.34
N ILE F 737 12.58 63.24 15.31
CA ILE F 737 12.80 62.79 13.94
C ILE F 737 14.30 62.65 13.73
N ARG F 738 14.72 61.49 13.24
CA ARG F 738 16.13 61.24 12.97
C ARG F 738 16.48 62.00 11.70
N ARG F 739 16.40 63.32 11.79
CA ARG F 739 16.67 64.17 10.63
C ARG F 739 18.10 64.00 10.15
N ASP F 740 19.04 63.80 11.08
CA ASP F 740 20.40 63.46 10.68
C ASP F 740 20.43 62.14 9.93
N HIS F 741 19.77 61.12 10.48
CA HIS F 741 19.72 59.83 9.80
C HIS F 741 18.95 59.92 8.50
N PHE F 742 17.87 60.70 8.48
CA PHE F 742 17.11 60.87 7.25
C PHE F 742 17.94 61.53 6.17
N GLU F 743 18.68 62.59 6.53
CA GLU F 743 19.54 63.25 5.56
C GLU F 743 20.67 62.34 5.11
N GLU F 744 21.22 61.54 6.02
CA GLU F 744 22.26 60.60 5.65
C GLU F 744 21.74 59.57 4.65
N ALA F 745 20.53 59.05 4.88
CA ALA F 745 19.93 58.13 3.95
C ALA F 745 19.65 58.79 2.61
N MET F 746 19.18 60.03 2.62
CA MET F 746 18.93 60.76 1.38
C MET F 746 20.21 60.97 0.59
N ARG F 747 21.30 61.31 1.27
CA ARG F 747 22.58 61.45 0.61
C ARG F 747 23.09 60.11 0.08
N PHE F 748 22.91 59.03 0.84
CA PHE F 748 23.26 57.70 0.36
C PHE F 748 22.40 57.29 -0.83
N ALA F 749 21.11 57.65 -0.81
CA ALA F 749 20.24 57.42 -1.95
C ALA F 749 20.33 58.60 -2.91
N ARG F 750 19.43 58.66 -3.88
CA ARG F 750 19.42 59.76 -4.84
C ARG F 750 17.98 60.21 -5.06
N ARG F 751 17.84 61.44 -5.55
CA ARG F 751 16.53 61.99 -5.86
C ARG F 751 15.86 61.17 -6.94
N SER F 752 14.51 61.18 -6.93
CA SER F 752 13.74 60.34 -7.83
C SER F 752 14.01 60.69 -9.29
N VAL F 753 14.05 61.97 -9.61
CA VAL F 753 14.27 62.43 -10.99
C VAL F 753 14.90 63.82 -10.95
N SER F 754 15.47 64.21 -12.07
CA SER F 754 16.08 65.53 -12.19
C SER F 754 15.01 66.57 -12.49
N ASP F 755 15.39 67.85 -12.35
CA ASP F 755 14.45 68.93 -12.59
C ASP F 755 14.14 69.11 -14.06
N ASN F 756 15.16 69.00 -14.93
CA ASN F 756 14.93 69.12 -16.36
C ASN F 756 14.05 67.99 -16.88
N ASP F 757 14.30 66.76 -16.41
CA ASP F 757 13.47 65.64 -16.82
C ASP F 757 12.03 65.82 -16.32
N ILE F 758 11.86 66.31 -15.10
CA ILE F 758 10.52 66.55 -14.57
C ILE F 758 9.80 67.61 -15.40
N ARG F 759 10.49 68.69 -15.74
CA ARG F 759 9.89 69.72 -16.57
C ARG F 759 9.51 69.19 -17.94
N LYS F 760 10.39 68.36 -18.53
CA LYS F 760 10.08 67.77 -19.83
C LYS F 760 8.86 66.86 -19.75
N TYR F 761 8.77 66.05 -18.70
CA TYR F 761 7.61 65.18 -18.54
C TYR F 761 6.32 65.98 -18.34
N GLU F 762 6.39 67.06 -17.55
CA GLU F 762 5.22 67.90 -17.35
C GLU F 762 4.78 68.56 -18.65
N MET F 763 5.75 69.05 -19.43
CA MET F 763 5.43 69.67 -20.71
C MET F 763 4.82 68.65 -21.67
N PHE F 764 5.37 67.43 -21.70
CA PHE F 764 4.80 66.39 -22.56
C PHE F 764 3.38 66.03 -22.14
N ALA F 765 3.13 65.93 -20.84
CA ALA F 765 1.78 65.64 -20.39
C ALA F 765 0.81 66.77 -20.73
N GLN F 766 1.25 68.03 -20.58
CA GLN F 766 0.39 69.16 -20.91
C GLN F 766 0.09 69.26 -22.39
N THR F 767 1.10 69.01 -23.25
CA THR F 767 0.93 69.17 -24.68
C THR F 767 0.01 68.11 -25.29
N LEU F 768 -0.19 66.99 -24.62
CA LEU F 768 -1.06 65.94 -25.12
C LEU F 768 -2.53 66.30 -24.91
N UNK G 1 8.86 21.21 -29.55
CA UNK G 1 8.04 20.19 -28.91
C UNK G 1 7.55 20.69 -27.55
N UNK G 2 6.89 19.83 -26.77
CA UNK G 2 6.40 20.23 -25.46
C UNK G 2 6.67 19.09 -24.46
N UNK G 3 6.60 19.31 -23.14
CA UNK G 3 6.87 18.25 -22.19
C UNK G 3 5.51 17.88 -21.52
N UNK G 4 5.14 16.61 -21.34
CA UNK G 4 3.83 16.32 -20.76
C UNK G 4 3.90 15.19 -19.71
N UNK G 5 4.62 15.39 -18.60
CA UNK G 5 4.68 14.37 -17.57
C UNK G 5 3.22 14.20 -17.02
N UNK G 6 2.69 13.00 -16.77
CA UNK G 6 1.31 12.90 -16.31
C UNK G 6 1.17 13.41 -14.86
N UNK G 7 0.00 13.87 -14.41
CA UNK G 7 -0.14 14.36 -13.04
C UNK G 7 -0.19 13.15 -12.06
N UNK G 8 0.08 13.32 -10.77
CA UNK G 8 0.05 12.17 -9.87
C UNK G 8 -1.42 11.74 -9.64
N UNK G 9 -1.71 10.46 -9.34
CA UNK G 9 -3.10 10.06 -9.13
C UNK G 9 -3.14 9.01 -8.01
N UNK G 10 -4.31 8.47 -7.71
CA UNK G 10 -4.39 7.47 -6.65
C UNK G 10 -4.82 6.11 -7.20
N UNK G 11 -5.05 5.12 -6.33
CA UNK G 11 -5.46 3.78 -6.74
C UNK G 11 -6.63 3.34 -5.84
N UNK G 12 -7.37 2.29 -6.20
CA UNK G 12 -8.52 1.88 -5.38
C UNK G 12 -8.01 1.35 -3.99
N UNK G 13 -8.75 1.52 -2.89
CA UNK G 13 -8.26 1.05 -1.60
C UNK G 13 -8.47 -0.47 -1.44
N UNK G 14 -7.88 -1.11 -0.42
CA UNK G 14 -8.05 -2.54 -0.24
C UNK G 14 -8.44 -2.80 1.22
N UNK G 15 -9.64 -2.37 1.66
CA UNK G 15 -10.07 -2.60 3.03
C UNK G 15 -10.53 -4.06 3.22
N UNK G 16 -10.65 -4.55 4.46
CA UNK G 16 -11.05 -5.94 4.66
C UNK G 16 -12.18 -6.03 5.71
N UNK G 17 -12.96 -7.12 5.78
CA UNK G 17 -14.04 -7.21 6.75
C UNK G 17 -13.49 -7.58 8.16
N UNK G 18 -14.30 -7.47 9.22
CA UNK G 18 -13.84 -7.80 10.56
C UNK G 18 -14.93 -8.64 11.26
N UNK G 19 -14.63 -9.35 12.35
CA UNK G 19 -15.65 -10.17 13.01
C UNK G 19 -16.51 -9.35 13.99
N UNK G 20 -17.25 -8.35 13.51
CA UNK G 20 -18.10 -7.55 14.39
C UNK G 20 -19.24 -8.33 15.07
N UNK G 21 -19.94 -9.21 14.34
CA UNK G 21 -21.04 -9.98 14.93
C UNK G 21 -20.51 -11.11 15.84
N UNK G 22 -21.32 -11.69 16.73
CA UNK G 22 -20.84 -12.74 17.62
C UNK G 22 -21.46 -14.09 17.24
N MET H 1 21.91 -58.30 55.29
CA MET H 1 22.12 -57.08 54.53
C MET H 1 23.14 -57.29 53.41
N ALA H 2 24.29 -56.63 53.52
CA ALA H 2 25.36 -56.77 52.56
C ALA H 2 25.92 -58.20 52.62
N ASP H 3 26.75 -58.57 51.63
CA ASP H 3 27.23 -59.94 51.55
C ASP H 3 27.93 -60.37 52.83
N LEU H 4 28.91 -59.59 53.29
CA LEU H 4 29.51 -59.85 54.59
C LEU H 4 28.47 -59.67 55.70
N ASP H 5 27.64 -58.63 55.59
CA ASP H 5 26.61 -58.39 56.60
C ASP H 5 25.59 -59.52 56.63
N LYS H 6 25.16 -60.00 55.46
CA LYS H 6 24.21 -61.10 55.43
C LYS H 6 24.82 -62.40 55.95
N LEU H 7 26.10 -62.63 55.63
CA LEU H 7 26.78 -63.80 56.17
C LEU H 7 26.87 -63.73 57.68
N ASN H 8 27.21 -62.55 58.22
CA ASN H 8 27.24 -62.38 59.67
C ASN H 8 25.86 -62.54 60.28
N ILE H 9 24.82 -62.07 59.59
CA ILE H 9 23.45 -62.24 60.07
C ILE H 9 23.07 -63.71 60.15
N ASP H 10 23.42 -64.48 59.11
CA ASP H 10 23.14 -65.91 59.12
C ASP H 10 23.93 -66.61 60.24
N SER H 11 25.19 -66.22 60.42
CA SER H 11 25.99 -66.81 61.49
C SER H 11 25.40 -66.49 62.86
N ILE H 12 24.93 -65.26 63.06
CA ILE H 12 24.33 -64.88 64.33
C ILE H 12 23.02 -65.63 64.56
N ILE H 13 22.23 -65.81 63.50
CA ILE H 13 20.98 -66.57 63.63
C ILE H 13 21.29 -68.01 64.01
N GLN H 14 22.29 -68.62 63.38
CA GLN H 14 22.67 -69.97 63.73
C GLN H 14 23.19 -70.08 65.15
N ARG H 15 23.99 -69.10 65.59
CA ARG H 15 24.50 -69.11 66.95
C ARG H 15 23.37 -68.96 67.96
N LEU H 16 22.40 -68.08 67.68
CA LEU H 16 21.26 -67.92 68.58
C LEU H 16 20.41 -69.18 68.63
N LEU H 17 20.22 -69.84 67.49
CA LEU H 17 19.49 -71.10 67.47
C LEU H 17 20.23 -72.17 68.27
N GLU H 18 21.56 -72.21 68.16
CA GLU H 18 22.34 -73.14 68.95
C GLU H 18 22.34 -72.76 70.42
N VAL H 19 22.04 -71.50 70.74
CA VAL H 19 21.97 -71.03 72.11
C VAL H 19 20.50 -70.94 72.52
N ARG H 20 19.61 -71.38 71.64
CA ARG H 20 18.18 -71.41 71.91
C ARG H 20 17.85 -72.63 72.75
N GLY H 21 16.97 -72.41 73.73
CA GLY H 21 16.64 -73.45 74.70
C GLY H 21 17.67 -73.65 75.79
N SER H 22 18.72 -72.83 75.82
CA SER H 22 19.76 -72.94 76.82
C SER H 22 19.83 -71.66 77.65
N LYS H 23 20.82 -71.56 78.54
CA LYS H 23 20.93 -70.40 79.41
C LYS H 23 21.24 -69.15 78.60
N PRO H 24 20.79 -67.98 79.07
CA PRO H 24 20.99 -66.74 78.28
C PRO H 24 22.39 -66.19 78.40
N GLY H 25 22.61 -65.02 77.80
CA GLY H 25 23.90 -64.37 77.87
C GLY H 25 24.72 -64.38 76.60
N LYS H 26 24.08 -64.61 75.46
CA LYS H 26 24.79 -64.60 74.18
C LYS H 26 25.14 -63.16 73.80
N ASN H 27 26.24 -63.01 73.06
CA ASN H 27 26.74 -61.71 72.66
C ASN H 27 26.67 -61.46 71.16
N VAL H 28 27.12 -62.42 70.36
CA VAL H 28 27.08 -62.34 68.90
C VAL H 28 27.88 -61.14 68.41
N GLN H 29 29.20 -61.20 68.57
CA GLN H 29 30.08 -60.12 68.13
C GLN H 29 30.40 -60.26 66.64
N LEU H 30 31.21 -59.34 66.13
CA LEU H 30 31.56 -59.34 64.71
C LEU H 30 32.95 -58.76 64.49
N GLN H 31 33.27 -58.43 63.23
CA GLN H 31 34.55 -57.82 62.88
C GLN H 31 34.52 -56.33 63.18
N GLU H 32 35.51 -55.58 62.70
CA GLU H 32 35.53 -54.14 62.89
C GLU H 32 34.91 -53.39 61.72
N ASN H 33 35.45 -53.55 60.52
CA ASN H 33 34.87 -52.90 59.35
C ASN H 33 33.49 -53.46 59.04
N GLU H 34 33.33 -54.78 59.17
CA GLU H 34 32.03 -55.39 58.91
C GLU H 34 30.98 -54.88 59.89
N ILE H 35 31.33 -54.79 61.17
CA ILE H 35 30.37 -54.30 62.16
C ILE H 35 30.06 -52.83 61.94
N ARG H 36 31.07 -52.04 61.55
CA ARG H 36 30.82 -50.64 61.26
C ARG H 36 29.86 -50.48 60.09
N GLY H 37 30.07 -51.25 59.01
CA GLY H 37 29.17 -51.19 57.88
C GLY H 37 27.77 -51.66 58.22
N LEU H 38 27.68 -52.74 59.01
CA LEU H 38 26.37 -53.24 59.42
C LEU H 38 25.64 -52.23 60.29
N CYS H 39 26.35 -51.57 61.21
CA CYS H 39 25.72 -50.56 62.03
C CYS H 39 25.25 -49.36 61.20
N LEU H 40 26.06 -48.94 60.23
CA LEU H 40 25.64 -47.85 59.36
C LEU H 40 24.40 -48.23 58.57
N LYS H 41 24.37 -49.44 58.01
CA LYS H 41 23.22 -49.88 57.24
C LYS H 41 21.98 -49.99 58.12
N SER H 42 22.13 -50.51 59.34
CA SER H 42 21.00 -50.63 60.25
C SER H 42 20.47 -49.26 60.65
N ARG H 43 21.37 -48.30 60.91
CA ARG H 43 20.93 -46.95 61.24
C ARG H 43 20.20 -46.33 60.07
N GLU H 44 20.71 -46.50 58.85
CA GLU H 44 20.04 -45.97 57.68
C GLU H 44 18.66 -46.59 57.48
N ILE H 45 18.55 -47.91 57.66
CA ILE H 45 17.27 -48.58 57.47
C ILE H 45 16.27 -48.17 58.55
N PHE H 46 16.68 -48.16 59.82
CA PHE H 46 15.78 -47.77 60.89
C PHE H 46 15.35 -46.31 60.79
N LEU H 47 16.27 -45.42 60.42
CA LEU H 47 15.90 -44.03 60.19
C LEU H 47 15.04 -43.86 58.93
N SER H 48 15.11 -44.81 58.00
CA SER H 48 14.29 -44.73 56.79
C SER H 48 12.81 -44.86 57.11
N GLN H 49 12.45 -45.72 58.04
CA GLN H 49 11.06 -45.90 58.44
C GLN H 49 10.60 -44.75 59.31
N PRO H 50 9.32 -44.44 59.30
CA PRO H 50 8.80 -43.36 60.15
C PRO H 50 8.76 -43.80 61.62
N ILE H 51 8.51 -42.82 62.48
CA ILE H 51 8.42 -43.10 63.90
C ILE H 51 7.23 -44.01 64.21
N LEU H 52 6.12 -43.83 63.49
CA LEU H 52 4.92 -44.65 63.69
C LEU H 52 4.91 -45.74 62.61
N LEU H 53 5.33 -46.94 63.01
CA LEU H 53 5.35 -48.08 62.11
C LEU H 53 3.99 -48.77 62.09
N GLU H 54 3.83 -49.70 61.15
CA GLU H 54 2.61 -50.49 61.01
C GLU H 54 2.99 -51.96 61.00
N LEU H 55 2.30 -52.75 61.82
CA LEU H 55 2.58 -54.18 61.89
C LEU H 55 1.89 -54.91 60.74
N GLU H 56 2.47 -56.06 60.39
CA GLU H 56 1.94 -56.92 59.33
C GLU H 56 1.27 -58.13 59.97
N ALA H 57 -0.05 -58.16 59.93
CA ALA H 57 -0.80 -59.25 60.55
C ALA H 57 -0.72 -60.51 59.67
N PRO H 58 -0.63 -61.69 60.28
CA PRO H 58 -0.58 -61.95 61.72
C PRO H 58 0.83 -61.79 62.28
N LEU H 59 0.97 -61.67 63.60
CA LEU H 59 2.28 -61.52 64.22
C LEU H 59 2.23 -62.06 65.63
N LYS H 60 3.40 -62.39 66.17
CA LYS H 60 3.56 -62.86 67.54
C LYS H 60 4.35 -61.81 68.29
N ILE H 61 3.64 -60.82 68.83
CA ILE H 61 4.28 -59.71 69.55
C ILE H 61 4.57 -60.17 70.98
N CYS H 62 5.81 -60.03 71.40
CA CYS H 62 6.22 -60.39 72.75
C CYS H 62 6.14 -59.18 73.67
N GLY H 63 6.26 -59.45 74.97
CA GLY H 63 6.21 -58.38 75.95
C GLY H 63 7.56 -57.71 76.13
N ASP H 64 7.98 -57.53 77.37
CA ASP H 64 9.28 -56.94 77.69
C ASP H 64 10.29 -58.06 77.88
N ILE H 65 11.13 -58.29 76.87
CA ILE H 65 12.12 -59.36 76.94
C ILE H 65 13.17 -59.07 78.02
N HIS H 66 13.33 -57.81 78.41
CA HIS H 66 14.30 -57.41 79.44
C HIS H 66 15.72 -57.82 79.07
N GLY H 67 16.03 -57.79 77.77
CA GLY H 67 17.36 -58.13 77.32
C GLY H 67 17.79 -59.54 77.64
N GLN H 68 16.90 -60.51 77.48
CA GLN H 68 17.18 -61.90 77.79
C GLN H 68 17.31 -62.69 76.50
N TYR H 69 18.48 -63.31 76.30
CA TYR H 69 18.69 -64.14 75.12
C TYR H 69 17.86 -65.42 75.20
N TYR H 70 17.74 -66.01 76.39
CA TYR H 70 16.93 -67.22 76.53
C TYR H 70 15.46 -66.91 76.27
N ASP H 71 14.95 -65.80 76.79
CA ASP H 71 13.55 -65.44 76.56
C ASP H 71 13.29 -65.17 75.08
N LEU H 72 14.19 -64.44 74.42
CA LEU H 72 14.03 -64.17 73.00
C LEU H 72 14.09 -65.46 72.18
N LEU H 73 15.01 -66.36 72.54
CA LEU H 73 15.11 -67.63 71.83
C LEU H 73 13.86 -68.47 72.02
N ARG H 74 13.31 -68.47 73.24
CA ARG H 74 12.07 -69.21 73.50
C ARG H 74 10.92 -68.61 72.71
N LEU H 75 10.84 -67.28 72.64
CA LEU H 75 9.81 -66.65 71.82
C LEU H 75 9.96 -67.00 70.36
N PHE H 76 11.20 -67.01 69.86
CA PHE H 76 11.43 -67.39 68.46
C PHE H 76 11.05 -68.85 68.21
N GLU H 77 11.34 -69.74 69.15
CA GLU H 77 10.99 -71.15 68.98
C GLU H 77 9.49 -71.36 69.06
N TYR H 78 8.79 -70.64 69.94
CA TYR H 78 7.36 -70.83 70.13
C TYR H 78 6.54 -69.90 69.26
N GLY H 79 6.75 -68.59 69.40
CA GLY H 79 5.99 -67.62 68.62
C GLY H 79 6.39 -67.50 67.17
N GLY H 80 7.51 -68.13 66.78
CA GLY H 80 7.96 -68.09 65.41
C GLY H 80 9.23 -67.29 65.24
N PHE H 81 10.32 -67.98 64.92
CA PHE H 81 11.61 -67.34 64.72
C PHE H 81 11.59 -66.52 63.44
N PRO H 82 12.43 -65.49 63.36
CA PRO H 82 12.46 -64.66 62.16
C PRO H 82 13.20 -65.35 61.04
N PRO H 83 12.81 -65.10 59.79
CA PRO H 83 11.72 -64.21 59.37
C PRO H 83 10.39 -64.93 59.23
N GLU H 84 10.27 -66.14 59.80
CA GLU H 84 9.05 -66.91 59.67
C GLU H 84 7.86 -66.28 60.38
N SER H 85 8.10 -65.38 61.33
CA SER H 85 7.03 -64.71 62.03
C SER H 85 7.44 -63.26 62.31
N ASN H 86 6.45 -62.38 62.34
CA ASN H 86 6.69 -60.98 62.65
C ASN H 86 6.70 -60.77 64.16
N TYR H 87 7.76 -60.16 64.66
CA TYR H 87 7.92 -59.89 66.08
C TYR H 87 7.91 -58.38 66.31
N LEU H 88 7.19 -57.95 67.35
CA LEU H 88 7.06 -56.53 67.68
C LEU H 88 7.08 -56.40 69.20
N PHE H 89 8.25 -56.06 69.75
CA PHE H 89 8.38 -55.88 71.19
C PHE H 89 7.75 -54.55 71.61
N LEU H 90 7.00 -54.58 72.71
CA LEU H 90 6.37 -53.37 73.21
C LEU H 90 7.40 -52.40 73.79
N GLY H 91 8.36 -52.91 74.53
CA GLY H 91 9.37 -52.06 75.13
C GLY H 91 10.25 -52.86 76.07
N ASP H 92 11.22 -52.17 76.65
CA ASP H 92 12.19 -52.75 77.58
C ASP H 92 12.87 -53.97 76.96
N TYR H 93 13.26 -53.82 75.69
CA TYR H 93 13.90 -54.88 74.94
C TYR H 93 15.35 -55.11 75.33
N VAL H 94 15.96 -54.16 76.04
CA VAL H 94 17.33 -54.29 76.50
C VAL H 94 17.36 -53.96 77.98
N ASP H 95 18.16 -54.70 78.73
CA ASP H 95 18.23 -54.49 80.18
C ASP H 95 19.55 -54.99 80.74
N ARG H 96 19.63 -55.10 82.07
CA ARG H 96 20.84 -55.56 82.74
C ARG H 96 21.16 -57.00 82.33
N GLY H 97 22.43 -57.24 82.05
CA GLY H 97 22.91 -58.54 81.63
C GLY H 97 23.63 -58.46 80.29
N LYS H 98 24.27 -59.57 79.95
CA LYS H 98 25.02 -59.71 78.71
C LYS H 98 24.24 -60.48 77.66
N GLN H 99 22.91 -60.37 77.67
CA GLN H 99 22.05 -61.08 76.74
C GLN H 99 21.21 -60.16 75.88
N SER H 100 21.22 -58.85 76.12
CA SER H 100 20.48 -57.92 75.29
C SER H 100 21.18 -57.70 73.94
N LEU H 101 22.50 -57.81 73.90
CA LEU H 101 23.23 -57.62 72.66
C LEU H 101 22.85 -58.66 71.62
N GLU H 102 22.69 -59.92 72.03
CA GLU H 102 22.29 -60.96 71.11
C GLU H 102 20.89 -60.70 70.55
N THR H 103 19.97 -60.29 71.41
CA THR H 103 18.62 -59.98 70.94
C THR H 103 18.61 -58.82 69.97
N ILE H 104 19.39 -57.77 70.27
CA ILE H 104 19.46 -56.62 69.37
C ILE H 104 20.06 -57.02 68.02
N CYS H 105 21.13 -57.83 68.05
CA CYS H 105 21.74 -58.28 66.80
C CYS H 105 20.77 -59.13 65.99
N LEU H 106 20.02 -60.03 66.66
CA LEU H 106 19.05 -60.85 65.96
C LEU H 106 17.95 -60.00 65.33
N LEU H 107 17.46 -59.00 66.08
CA LEU H 107 16.42 -58.13 65.53
C LEU H 107 16.93 -57.35 64.33
N LEU H 108 18.16 -56.82 64.41
CA LEU H 108 18.73 -56.08 63.30
C LEU H 108 18.95 -56.98 62.09
N ALA H 109 19.43 -58.21 62.31
CA ALA H 109 19.62 -59.14 61.21
C ALA H 109 18.29 -59.50 60.56
N TYR H 110 17.26 -59.74 61.36
CA TYR H 110 15.93 -60.04 60.81
C TYR H 110 15.38 -58.87 60.02
N LYS H 111 15.53 -57.65 60.54
CA LYS H 111 15.07 -56.47 59.80
C LYS H 111 15.83 -56.31 58.49
N ILE H 112 17.14 -56.57 58.49
CA ILE H 112 17.91 -56.49 57.26
C ILE H 112 17.44 -57.54 56.26
N LYS H 113 17.22 -58.77 56.72
CA LYS H 113 16.73 -59.82 55.84
C LYS H 113 15.25 -59.65 55.51
N TYR H 114 14.44 -59.28 56.50
CA TYR H 114 13.01 -59.05 56.29
C TYR H 114 12.51 -57.99 57.25
N PRO H 115 12.45 -56.73 56.81
CA PRO H 115 11.96 -55.66 57.72
C PRO H 115 10.50 -55.82 58.11
N GLU H 116 9.72 -56.61 57.38
CA GLU H 116 8.31 -56.83 57.68
C GLU H 116 8.10 -57.97 58.67
N ASN H 117 9.19 -58.59 59.16
CA ASN H 117 9.08 -59.66 60.13
C ASN H 117 9.93 -59.39 61.37
N PHE H 118 10.30 -58.13 61.62
CA PHE H 118 11.14 -57.79 62.76
C PHE H 118 10.80 -56.40 63.24
N PHE H 119 10.61 -56.26 64.55
CA PHE H 119 10.34 -54.97 65.17
C PHE H 119 10.58 -55.07 66.67
N LEU H 120 11.07 -53.99 67.26
CA LEU H 120 11.30 -53.94 68.70
C LEU H 120 11.21 -52.50 69.16
N LEU H 121 10.96 -52.31 70.46
CA LEU H 121 10.81 -50.99 71.03
C LEU H 121 11.48 -50.96 72.40
N ARG H 122 11.63 -49.75 72.93
CA ARG H 122 12.29 -49.53 74.21
C ARG H 122 11.34 -48.88 75.19
N GLY H 123 11.56 -49.14 76.47
CA GLY H 123 10.78 -48.58 77.54
C GLY H 123 11.68 -47.95 78.60
N ASN H 124 11.20 -48.00 79.85
CA ASN H 124 11.99 -47.50 80.97
C ASN H 124 13.26 -48.30 81.19
N HIS H 125 13.25 -49.59 80.86
CA HIS H 125 14.42 -50.44 81.06
C HIS H 125 15.34 -50.49 79.86
N GLU H 126 14.87 -50.11 78.68
CA GLU H 126 15.70 -50.15 77.48
C GLU H 126 15.99 -48.75 76.95
N CYS H 127 16.05 -47.78 77.85
CA CYS H 127 16.35 -46.40 77.46
C CYS H 127 17.76 -46.30 76.89
N ALA H 128 17.99 -45.23 76.14
CA ALA H 128 19.28 -44.99 75.50
C ALA H 128 20.32 -44.42 76.45
N SER H 129 19.93 -44.04 77.66
CA SER H 129 20.83 -43.45 78.63
C SER H 129 21.04 -44.40 79.80
N ILE H 130 22.26 -44.38 80.35
CA ILE H 130 22.60 -45.23 81.48
C ILE H 130 21.89 -44.82 82.75
N ASN H 131 21.34 -43.60 82.82
CA ASN H 131 20.58 -43.17 83.99
C ASN H 131 19.32 -44.00 84.16
N ARG H 132 18.62 -44.30 83.06
CA ARG H 132 17.45 -45.17 83.10
C ARG H 132 17.76 -46.58 82.65
N ILE H 133 18.69 -46.78 81.72
CA ILE H 133 19.09 -48.12 81.28
C ILE H 133 20.60 -48.19 81.16
N TYR H 134 21.25 -48.74 82.19
CA TYR H 134 22.69 -48.97 82.17
C TYR H 134 23.05 -50.38 81.76
N GLY H 135 22.06 -51.18 81.35
CA GLY H 135 22.30 -52.55 80.95
C GLY H 135 22.87 -52.64 79.55
N PHE H 136 22.98 -51.50 78.89
CA PHE H 136 23.60 -51.40 77.57
C PHE H 136 24.85 -50.54 77.58
N TYR H 137 24.76 -49.31 78.09
CA TYR H 137 25.91 -48.41 78.08
C TYR H 137 27.05 -48.95 78.94
N ASP H 138 26.75 -49.35 80.17
CA ASP H 138 27.78 -49.88 81.05
C ASP H 138 28.35 -51.18 80.51
N GLU H 139 27.50 -52.03 79.94
CA GLU H 139 27.96 -53.29 79.37
C GLU H 139 28.91 -53.04 78.20
N CYS H 140 28.58 -52.11 77.31
CA CYS H 140 29.45 -51.78 76.20
C CYS H 140 30.76 -51.16 76.69
N LYS H 141 30.69 -50.28 77.70
CA LYS H 141 31.91 -49.69 78.24
C LYS H 141 32.82 -50.73 78.86
N ARG H 142 32.27 -51.68 79.61
CA ARG H 142 33.08 -52.72 80.23
C ARG H 142 33.65 -53.68 79.20
N ARG H 143 32.85 -54.10 78.22
CA ARG H 143 33.30 -55.09 77.23
C ARG H 143 34.07 -54.42 76.10
N TYR H 144 33.42 -53.50 75.39
CA TYR H 144 34.01 -52.93 74.18
C TYR H 144 34.59 -51.55 74.44
N ASN H 145 35.07 -50.90 73.39
CA ASN H 145 35.62 -49.55 73.49
C ASN H 145 34.54 -48.51 73.31
N ILE H 146 34.92 -47.24 73.18
CA ILE H 146 33.97 -46.14 73.14
C ILE H 146 33.48 -45.84 71.73
N LYS H 147 34.28 -46.12 70.69
CA LYS H 147 33.83 -45.85 69.33
C LYS H 147 32.66 -46.74 68.94
N LEU H 148 32.74 -48.03 69.24
CA LEU H 148 31.63 -48.93 68.95
C LEU H 148 30.41 -48.56 69.79
N TRP H 149 30.62 -48.14 71.03
CA TRP H 149 29.50 -47.70 71.86
C TRP H 149 28.81 -46.48 71.27
N LYS H 150 29.59 -45.52 70.79
CA LYS H 150 29.01 -44.34 70.14
C LYS H 150 28.25 -44.72 68.87
N THR H 151 28.82 -45.64 68.08
CA THR H 151 28.13 -46.10 66.88
C THR H 151 26.81 -46.77 67.22
N PHE H 152 26.81 -47.62 68.26
CA PHE H 152 25.58 -48.27 68.67
C PHE H 152 24.56 -47.27 69.19
N THR H 153 25.01 -46.27 69.95
CA THR H 153 24.09 -45.24 70.44
C THR H 153 23.47 -44.46 69.29
N ASP H 154 24.28 -44.11 68.29
CA ASP H 154 23.75 -43.41 67.13
C ASP H 154 22.75 -44.28 66.37
N CYS H 155 23.06 -45.56 66.18
CA CYS H 155 22.14 -46.45 65.49
C CYS H 155 20.83 -46.59 66.26
N PHE H 156 20.89 -46.72 67.58
CA PHE H 156 19.68 -46.82 68.38
C PHE H 156 18.87 -45.53 68.34
N ASN H 157 19.53 -44.38 68.37
CA ASN H 157 18.84 -43.11 68.23
C ASN H 157 18.22 -42.95 66.85
N CYS H 158 18.79 -43.62 65.84
CA CYS H 158 18.27 -43.59 64.49
C CYS H 158 17.18 -44.62 64.24
N LEU H 159 16.50 -45.08 65.30
CA LEU H 159 15.49 -46.11 65.16
C LEU H 159 14.08 -45.52 65.24
N PRO H 160 13.04 -46.31 64.95
CA PRO H 160 11.67 -45.80 65.08
C PRO H 160 11.20 -45.76 66.52
N ILE H 161 9.94 -45.39 66.75
CA ILE H 161 9.45 -45.20 68.11
C ILE H 161 8.26 -46.12 68.40
N ALA H 162 7.19 -45.96 67.63
CA ALA H 162 5.95 -46.67 67.88
C ALA H 162 5.61 -47.60 66.73
N ALA H 163 4.57 -48.41 66.93
CA ALA H 163 4.05 -49.30 65.89
C ALA H 163 2.57 -49.51 66.14
N ILE H 164 1.86 -49.95 65.09
CA ILE H 164 0.43 -50.18 65.16
C ILE H 164 0.11 -51.47 64.41
N VAL H 165 -0.89 -52.19 64.90
CA VAL H 165 -1.29 -53.46 64.30
C VAL H 165 -2.62 -53.27 63.58
N ASP H 166 -2.55 -52.99 62.27
CA ASP H 166 -3.74 -52.76 61.43
C ASP H 166 -4.59 -51.63 61.98
N GLU H 167 -3.93 -50.65 62.60
CA GLU H 167 -4.61 -49.49 63.20
C GLU H 167 -5.66 -49.92 64.22
N LYS H 168 -5.37 -51.02 64.92
CA LYS H 168 -6.29 -51.55 65.93
C LYS H 168 -5.64 -51.52 67.31
N ILE H 169 -4.43 -52.07 67.41
CA ILE H 169 -3.73 -52.16 68.68
C ILE H 169 -2.47 -51.30 68.59
N PHE H 170 -2.28 -50.42 69.58
CA PHE H 170 -1.08 -49.58 69.64
C PHE H 170 0.02 -50.34 70.37
N CYS H 171 1.17 -50.50 69.72
CA CYS H 171 2.30 -51.20 70.31
C CYS H 171 3.18 -50.19 71.05
N CYS H 172 2.68 -49.76 72.20
CA CYS H 172 3.38 -48.79 73.04
C CYS H 172 4.18 -49.51 74.12
N HIS H 173 5.14 -48.79 74.70
CA HIS H 173 5.97 -49.36 75.75
C HIS H 173 5.20 -49.43 77.08
N GLY H 174 4.61 -48.32 77.50
CA GLY H 174 3.86 -48.31 78.74
C GLY H 174 2.41 -47.91 78.56
N GLY H 175 2.02 -46.80 79.17
CA GLY H 175 0.67 -46.30 79.09
C GLY H 175 0.52 -45.11 78.16
N LEU H 176 -0.61 -44.44 78.27
CA LEU H 176 -0.90 -43.28 77.45
C LEU H 176 -0.13 -42.07 77.98
N SER H 177 -0.31 -40.92 77.34
CA SER H 177 0.38 -39.71 77.75
C SER H 177 -0.55 -38.53 77.51
N PRO H 178 -0.39 -37.45 78.28
CA PRO H 178 -1.21 -36.25 78.03
C PRO H 178 -0.57 -35.30 77.03
N ASP H 179 0.72 -35.51 76.75
CA ASP H 179 1.44 -34.67 75.82
C ASP H 179 1.29 -35.12 74.37
N LEU H 180 0.92 -36.37 74.14
CA LEU H 180 0.74 -36.88 72.78
C LEU H 180 -0.58 -36.37 72.22
N GLN H 181 -0.51 -35.62 71.11
CA GLN H 181 -1.68 -35.01 70.50
C GLN H 181 -2.20 -35.80 69.30
N SER H 182 -1.34 -36.03 68.31
CA SER H 182 -1.73 -36.72 67.08
C SER H 182 -0.49 -37.34 66.45
N MET H 183 -0.69 -38.01 65.31
CA MET H 183 0.40 -38.69 64.63
C MET H 183 1.19 -37.77 63.70
N GLU H 184 0.68 -36.57 63.42
CA GLU H 184 1.39 -35.66 62.53
C GLU H 184 2.74 -35.25 63.12
N GLN H 185 2.77 -34.92 64.41
CA GLN H 185 4.02 -34.58 65.07
C GLN H 185 4.85 -35.80 65.42
N ILE H 186 4.25 -36.99 65.41
CA ILE H 186 4.98 -38.21 65.72
C ILE H 186 5.77 -38.63 64.49
N ARG H 187 5.10 -38.69 63.34
CA ARG H 187 5.79 -38.97 62.09
C ARG H 187 6.79 -37.89 61.71
N ARG H 188 6.54 -36.64 62.09
CA ARG H 188 7.48 -35.57 61.85
C ARG H 188 8.73 -35.68 62.70
N ILE H 189 8.64 -36.30 63.88
CA ILE H 189 9.79 -36.46 64.77
C ILE H 189 10.60 -37.64 64.26
N MET H 190 11.56 -37.36 63.38
CA MET H 190 12.41 -38.42 62.83
C MET H 190 13.65 -38.60 63.70
N ARG H 191 14.61 -39.37 63.21
CA ARG H 191 15.85 -39.61 63.94
C ARG H 191 16.60 -38.30 64.14
N PRO H 192 17.25 -38.10 65.29
CA PRO H 192 17.36 -39.04 66.42
C PRO H 192 16.29 -38.80 67.48
N THR H 193 16.10 -39.76 68.39
CA THR H 193 15.12 -39.64 69.47
C THR H 193 15.56 -40.50 70.64
N ASP H 194 14.97 -40.22 71.80
CA ASP H 194 15.30 -40.95 73.02
C ASP H 194 14.11 -40.87 73.97
N VAL H 195 14.13 -41.73 74.98
CA VAL H 195 13.08 -41.75 76.00
C VAL H 195 13.38 -40.67 77.03
N PRO H 196 12.53 -39.66 77.16
CA PRO H 196 12.80 -38.58 78.12
C PRO H 196 12.34 -38.94 79.53
N ASP H 197 12.42 -37.97 80.44
CA ASP H 197 11.89 -38.12 81.80
C ASP H 197 10.43 -37.75 81.90
N GLN H 198 9.99 -36.71 81.19
CA GLN H 198 8.60 -36.27 81.21
C GLN H 198 8.17 -35.90 79.79
N GLY H 199 6.87 -35.99 79.54
CA GLY H 199 6.33 -35.66 78.24
C GLY H 199 5.36 -36.68 77.69
N LEU H 200 5.54 -37.06 76.42
CA LEU H 200 4.69 -38.05 75.77
C LEU H 200 5.44 -39.36 75.53
N LEU H 201 6.56 -39.32 74.80
CA LEU H 201 7.37 -40.52 74.65
C LEU H 201 7.96 -40.96 75.98
N CYS H 202 8.24 -39.99 76.86
CA CYS H 202 8.69 -40.33 78.21
C CYS H 202 7.64 -41.12 78.97
N ASP H 203 6.37 -40.68 78.87
CA ASP H 203 5.29 -41.42 79.50
C ASP H 203 5.07 -42.78 78.85
N LEU H 204 5.27 -42.86 77.53
CA LEU H 204 5.13 -44.14 76.84
C LEU H 204 6.20 -45.15 77.28
N LEU H 205 7.45 -44.71 77.41
CA LEU H 205 8.54 -45.62 77.73
C LEU H 205 8.69 -45.90 79.22
N TRP H 206 8.54 -44.88 80.08
CA TRP H 206 8.76 -45.02 81.51
C TRP H 206 7.47 -45.27 82.27
N SER H 207 6.46 -44.42 82.05
CA SER H 207 5.19 -44.60 82.73
C SER H 207 4.44 -45.81 82.17
N ASP H 208 3.45 -46.27 82.92
CA ASP H 208 2.63 -47.41 82.53
C ASP H 208 1.18 -46.98 82.44
N PRO H 209 0.27 -47.88 82.05
CA PRO H 209 -1.13 -47.47 81.91
C PRO H 209 -1.77 -47.16 83.25
N ASP H 210 -1.97 -45.88 83.53
CA ASP H 210 -2.46 -45.43 84.82
C ASP H 210 -3.99 -45.45 84.86
N LYS H 211 -4.52 -45.72 86.05
CA LYS H 211 -5.95 -45.65 86.30
C LYS H 211 -6.31 -44.73 87.47
N ASP H 212 -5.35 -44.38 88.32
CA ASP H 212 -5.61 -43.47 89.43
C ASP H 212 -5.65 -42.01 88.99
N VAL H 213 -5.21 -41.72 87.76
CA VAL H 213 -5.26 -40.36 87.24
C VAL H 213 -6.37 -40.29 86.21
N LEU H 214 -6.68 -39.09 85.74
CA LEU H 214 -7.64 -38.90 84.66
C LEU H 214 -7.00 -38.33 83.41
N GLY H 215 -6.39 -37.15 83.49
CA GLY H 215 -5.69 -36.57 82.36
C GLY H 215 -4.20 -36.81 82.40
N TRP H 216 -3.59 -36.52 83.56
CA TRP H 216 -2.15 -36.65 83.73
C TRP H 216 -1.83 -36.75 85.21
N GLY H 217 -0.60 -37.13 85.51
CA GLY H 217 -0.17 -37.23 86.89
C GLY H 217 1.24 -37.77 86.97
N GLU H 218 1.66 -38.11 88.19
CA GLU H 218 2.97 -38.70 88.39
C GLU H 218 2.96 -40.14 87.92
N ASN H 219 4.16 -40.70 87.76
CA ASN H 219 4.35 -42.06 87.29
C ASN H 219 5.34 -42.80 88.18
N ASP H 220 5.58 -44.06 87.84
CA ASP H 220 6.53 -44.88 88.58
C ASP H 220 7.97 -44.43 88.38
N ARG H 221 8.29 -43.81 87.24
CA ARG H 221 9.63 -43.29 87.03
C ARG H 221 9.89 -42.06 87.89
N GLY H 222 8.83 -41.43 88.39
CA GLY H 222 8.94 -40.24 89.21
C GLY H 222 8.91 -38.94 88.44
N VAL H 223 9.11 -38.97 87.13
CA VAL H 223 9.09 -37.76 86.31
C VAL H 223 8.10 -37.93 85.16
N SER H 224 7.81 -39.18 84.82
CA SER H 224 6.93 -39.46 83.71
C SER H 224 5.49 -39.09 84.06
N PHE H 225 4.68 -38.89 83.02
CA PHE H 225 3.29 -38.49 83.17
C PHE H 225 2.40 -39.68 82.82
N THR H 226 2.13 -40.53 83.80
CA THR H 226 1.29 -41.71 83.61
C THR H 226 -0.14 -41.24 83.40
N PHE H 227 -0.56 -41.17 82.14
CA PHE H 227 -1.92 -40.73 81.82
C PHE H 227 -2.92 -41.74 82.37
N GLY H 228 -3.97 -41.23 82.99
CA GLY H 228 -4.97 -42.06 83.62
C GLY H 228 -5.91 -42.68 82.62
N ALA H 229 -6.96 -43.31 83.17
CA ALA H 229 -7.96 -43.98 82.33
C ALA H 229 -8.69 -42.98 81.45
N GLU H 230 -9.01 -41.80 81.97
CA GLU H 230 -9.74 -40.80 81.19
C GLU H 230 -8.91 -40.31 80.01
N VAL H 231 -7.62 -40.06 80.22
CA VAL H 231 -6.77 -39.59 79.13
C VAL H 231 -6.65 -40.65 78.05
N VAL H 232 -6.45 -41.91 78.44
CA VAL H 232 -6.33 -42.99 77.47
C VAL H 232 -7.65 -43.14 76.70
N ALA H 233 -8.77 -43.05 77.40
CA ALA H 233 -10.06 -43.17 76.73
C ALA H 233 -10.29 -42.04 75.75
N LYS H 234 -9.94 -40.80 76.13
CA LYS H 234 -10.09 -39.67 75.23
C LYS H 234 -9.18 -39.81 74.02
N PHE H 235 -7.95 -40.25 74.22
CA PHE H 235 -7.03 -40.45 73.10
C PHE H 235 -7.54 -41.53 72.16
N LEU H 236 -8.05 -42.64 72.70
CA LEU H 236 -8.60 -43.70 71.87
C LEU H 236 -9.84 -43.24 71.11
N HIS H 237 -10.72 -42.46 71.76
CA HIS H 237 -11.90 -41.97 71.06
C HIS H 237 -11.55 -40.98 69.96
N LYS H 238 -10.59 -40.08 70.21
CA LYS H 238 -10.21 -39.10 69.20
C LYS H 238 -9.46 -39.75 68.04
N HIS H 239 -8.58 -40.71 68.33
CA HIS H 239 -7.76 -41.36 67.33
C HIS H 239 -8.35 -42.66 66.82
N ASP H 240 -9.57 -43.01 67.24
CA ASP H 240 -10.22 -44.27 66.85
C ASP H 240 -9.34 -45.47 67.20
N LEU H 241 -8.66 -45.39 68.34
CA LEU H 241 -7.80 -46.46 68.82
C LEU H 241 -8.62 -47.39 69.72
N ASP H 242 -8.17 -48.64 69.82
CA ASP H 242 -8.89 -49.64 70.59
C ASP H 242 -8.01 -50.29 71.65
N LEU H 243 -6.75 -50.56 71.31
CA LEU H 243 -5.84 -51.25 72.20
C LEU H 243 -4.51 -50.53 72.28
N ILE H 244 -3.87 -50.61 73.44
CA ILE H 244 -2.55 -50.04 73.66
C ILE H 244 -1.71 -51.05 74.42
N CYS H 245 -0.48 -51.27 73.96
CA CYS H 245 0.41 -52.23 74.62
C CYS H 245 1.12 -51.57 75.79
N ARG H 246 1.34 -52.37 76.83
CA ARG H 246 2.04 -51.90 78.04
C ARG H 246 3.11 -52.90 78.43
N ALA H 247 4.26 -52.37 78.83
CA ALA H 247 5.41 -53.17 79.24
C ALA H 247 6.19 -52.38 80.28
N HIS H 248 7.44 -52.79 80.51
CA HIS H 248 8.34 -52.13 81.48
C HIS H 248 7.74 -52.17 82.88
N GLN H 249 7.22 -53.32 83.27
CA GLN H 249 6.68 -53.52 84.61
C GLN H 249 6.80 -54.99 84.98
N VAL H 250 6.83 -55.27 86.27
CA VAL H 250 6.93 -56.64 86.77
C VAL H 250 5.52 -57.20 86.85
N VAL H 251 5.11 -57.94 85.81
CA VAL H 251 3.77 -58.49 85.74
C VAL H 251 3.77 -59.90 86.31
N GLU H 252 2.97 -60.12 87.35
CA GLU H 252 2.88 -61.46 87.95
C GLU H 252 2.17 -62.43 87.03
N ASP H 253 1.29 -61.94 86.16
CA ASP H 253 0.59 -62.78 85.19
C ASP H 253 1.15 -62.65 83.78
N GLY H 254 2.15 -61.79 83.57
CA GLY H 254 2.74 -61.63 82.26
C GLY H 254 1.96 -60.69 81.37
N TYR H 255 0.78 -61.12 80.93
CA TYR H 255 -0.09 -60.33 80.07
C TYR H 255 -1.34 -59.94 80.85
N GLU H 256 -1.48 -58.65 81.15
CA GLU H 256 -2.63 -58.13 81.87
C GLU H 256 -3.44 -57.23 80.95
N PHE H 257 -4.73 -57.54 80.82
CA PHE H 257 -5.65 -56.76 80.00
C PHE H 257 -6.25 -55.66 80.86
N PHE H 258 -5.91 -54.41 80.56
CA PHE H 258 -6.38 -53.26 81.31
C PHE H 258 -7.26 -52.39 80.43
N ALA H 259 -7.95 -51.45 81.08
CA ALA H 259 -8.90 -50.55 80.41
C ALA H 259 -9.98 -51.34 79.66
N LYS H 260 -10.45 -52.42 80.29
CA LYS H 260 -11.44 -53.32 79.70
C LYS H 260 -10.94 -53.89 78.37
N ARG H 261 -9.84 -54.65 78.48
CA ARG H 261 -9.19 -55.31 77.33
C ARG H 261 -8.84 -54.29 76.25
N GLN H 262 -8.29 -53.17 76.71
CA GLN H 262 -7.83 -52.11 75.81
C GLN H 262 -6.38 -51.76 76.11
N LEU H 263 -5.84 -52.33 77.20
CA LEU H 263 -4.44 -52.16 77.55
C LEU H 263 -3.91 -53.54 77.92
N VAL H 264 -3.42 -54.28 76.93
CA VAL H 264 -2.86 -55.61 77.15
C VAL H 264 -1.42 -55.42 77.65
N THR H 265 -1.25 -55.42 78.97
CA THR H 265 0.06 -55.22 79.57
C THR H 265 0.87 -56.51 79.53
N LEU H 266 1.25 -56.88 78.30
CA LEU H 266 2.05 -58.07 78.09
C LEU H 266 3.49 -57.81 78.51
N PHE H 267 4.02 -58.67 79.36
CA PHE H 267 5.39 -58.54 79.87
C PHE H 267 6.05 -59.90 79.79
N SER H 268 7.18 -59.97 79.07
CA SER H 268 7.93 -61.20 78.91
C SER H 268 9.11 -61.30 79.89
N ALA H 269 9.05 -60.56 81.00
CA ALA H 269 10.14 -60.54 81.95
C ALA H 269 10.02 -61.71 82.92
N PRO H 270 10.80 -62.77 82.73
CA PRO H 270 10.71 -63.92 83.64
C PRO H 270 11.65 -63.77 84.83
N ASN H 271 11.06 -63.88 86.03
CA ASN H 271 11.81 -63.80 87.28
C ASN H 271 12.61 -62.51 87.35
N TYR H 272 11.91 -61.37 87.35
CA TYR H 272 12.56 -60.05 87.33
C TYR H 272 13.38 -59.87 88.59
N CYS H 273 14.70 -59.75 88.43
CA CYS H 273 15.64 -59.57 89.54
C CYS H 273 15.58 -60.72 90.53
N GLY H 274 15.11 -61.89 90.08
CA GLY H 274 15.05 -63.05 90.94
C GLY H 274 13.97 -62.98 92.01
N GLU H 275 14.02 -61.94 92.85
CA GLU H 275 13.05 -61.81 93.92
C GLU H 275 11.64 -61.60 93.38
N PHE H 276 11.49 -60.72 92.39
CA PHE H 276 10.19 -60.46 91.78
C PHE H 276 9.96 -61.48 90.67
N ASP H 277 9.21 -62.53 90.98
CA ASP H 277 8.95 -63.60 90.03
C ASP H 277 7.86 -63.13 89.07
N ASN H 278 8.23 -62.22 88.18
CA ASN H 278 7.32 -61.72 87.16
C ASN H 278 7.16 -62.77 86.07
N ALA H 279 5.94 -62.92 85.58
CA ALA H 279 5.65 -63.89 84.54
C ALA H 279 6.01 -63.34 83.17
N GLY H 280 6.25 -64.24 82.23
CA GLY H 280 6.51 -63.89 80.84
C GLY H 280 5.26 -64.12 80.02
N ALA H 281 5.07 -63.28 79.00
CA ALA H 281 3.89 -63.39 78.15
C ALA H 281 4.16 -62.69 76.83
N MET H 282 3.28 -62.97 75.86
CA MET H 282 3.35 -62.35 74.54
C MET H 282 1.94 -62.07 74.06
N MET H 283 1.84 -61.10 73.15
CA MET H 283 0.56 -60.73 72.55
C MET H 283 0.50 -61.33 71.15
N SER H 284 -0.23 -62.43 71.00
CA SER H 284 -0.36 -63.12 69.72
C SER H 284 -1.44 -62.41 68.91
N VAL H 285 -1.02 -61.54 67.99
CA VAL H 285 -1.95 -60.79 67.16
C VAL H 285 -2.19 -61.56 65.87
N ASP H 286 -3.44 -61.96 65.65
CA ASP H 286 -3.79 -62.73 64.47
C ASP H 286 -3.96 -61.80 63.28
N GLU H 287 -4.39 -62.36 62.14
CA GLU H 287 -4.60 -61.56 60.94
C GLU H 287 -5.80 -60.65 61.05
N THR H 288 -6.79 -60.99 61.88
CA THR H 288 -8.00 -60.20 62.05
C THR H 288 -7.96 -59.36 63.32
N LEU H 289 -6.78 -58.87 63.70
CA LEU H 289 -6.60 -58.04 64.90
C LEU H 289 -7.14 -58.73 66.14
N MET H 290 -6.84 -60.02 66.25
CA MET H 290 -7.25 -60.84 67.40
C MET H 290 -6.07 -60.91 68.36
N CYS H 291 -6.15 -60.16 69.45
CA CYS H 291 -5.06 -60.11 70.43
C CYS H 291 -5.21 -61.25 71.42
N SER H 292 -4.25 -62.17 71.41
CA SER H 292 -4.25 -63.31 72.31
C SER H 292 -3.11 -63.18 73.31
N PHE H 293 -3.35 -63.67 74.53
CA PHE H 293 -2.39 -63.62 75.61
C PHE H 293 -1.56 -64.90 75.57
N GLN H 294 -0.37 -64.82 74.99
CA GLN H 294 0.55 -65.95 74.87
C GLN H 294 1.51 -65.89 76.06
N ILE H 295 1.08 -66.47 77.18
CA ILE H 295 1.88 -66.43 78.39
C ILE H 295 3.11 -67.32 78.25
N LEU H 296 4.14 -67.00 79.04
CA LEU H 296 5.38 -67.76 79.03
C LEU H 296 5.88 -67.99 80.45
N LYS H 297 7.10 -68.50 80.59
CA LYS H 297 7.66 -68.84 81.88
C LYS H 297 8.01 -67.59 82.68
N PRO H 298 8.09 -67.72 84.02
CA PRO H 298 8.45 -66.63 84.94
C PRO H 298 9.86 -66.78 85.51
N ARG I 76 33.49 -86.64 84.47
CA ARG I 76 34.51 -86.06 85.34
C ARG I 76 34.01 -84.76 85.97
N ASP I 77 34.87 -84.13 86.78
CA ASP I 77 34.52 -82.88 87.43
C ASP I 77 34.42 -81.77 86.40
N ALA I 78 33.33 -81.02 86.44
CA ALA I 78 33.12 -79.91 85.52
C ALA I 78 34.11 -78.79 85.81
N GLU I 79 34.60 -78.14 84.75
CA GLU I 79 35.54 -77.04 84.87
C GLU I 79 34.87 -75.68 84.89
N ASP I 80 33.55 -75.63 84.80
CA ASP I 80 32.82 -74.36 84.80
C ASP I 80 31.42 -74.60 85.36
N VAL I 81 31.00 -73.75 86.29
CA VAL I 81 29.68 -73.85 86.90
C VAL I 81 28.83 -72.73 86.33
N ASP I 82 27.86 -73.09 85.50
CA ASP I 82 26.96 -72.13 84.87
C ASP I 82 25.62 -72.16 85.57
N LEU I 83 25.24 -71.04 86.20
CA LEU I 83 23.97 -70.89 86.88
C LEU I 83 23.21 -69.70 86.32
N ASN I 84 23.31 -69.49 85.01
CA ASN I 84 22.70 -68.34 84.35
C ASN I 84 21.23 -68.64 84.12
N HIS I 85 20.35 -67.94 84.84
CA HIS I 85 18.90 -68.15 84.76
C HIS I 85 18.55 -69.61 84.97
N TYR I 86 19.23 -70.23 85.94
CA TYR I 86 19.06 -71.66 86.22
C TYR I 86 17.64 -71.98 86.72
N ARG I 87 16.92 -71.00 87.25
CA ARG I 87 15.57 -71.20 87.76
C ARG I 87 15.54 -72.30 88.83
N ILE I 88 16.58 -72.34 89.65
CA ILE I 88 16.67 -73.32 90.74
C ILE I 88 17.49 -72.71 91.86
N GLY I 89 16.97 -72.79 93.08
CA GLY I 89 17.62 -72.19 94.22
C GLY I 89 18.87 -72.89 94.70
N LYS I 90 19.03 -74.17 94.34
CA LYS I 90 20.19 -74.96 94.74
C LYS I 90 21.00 -75.32 93.51
N ILE I 91 22.32 -75.12 93.60
CA ILE I 91 23.24 -75.39 92.50
C ILE I 91 24.20 -76.48 92.95
N GLU I 92 24.22 -77.59 92.22
CA GLU I 92 25.11 -78.69 92.52
C GLU I 92 26.40 -78.57 91.70
N GLY I 93 27.38 -79.41 92.02
CA GLY I 93 28.64 -79.40 91.33
C GLY I 93 29.65 -78.38 91.83
N PHE I 94 29.28 -77.55 92.79
CA PHE I 94 30.20 -76.56 93.34
C PHE I 94 31.27 -77.23 94.21
N GLU I 95 30.88 -78.20 95.04
CA GLU I 95 31.83 -78.94 95.85
C GLU I 95 32.24 -80.27 95.23
N VAL I 96 31.33 -80.94 94.51
CA VAL I 96 31.66 -82.21 93.88
C VAL I 96 32.70 -82.02 92.79
N LEU I 97 32.52 -80.99 91.97
CA LEU I 97 33.50 -80.67 90.93
C LEU I 97 34.45 -79.62 91.47
N LYS I 98 35.55 -80.06 92.08
CA LYS I 98 36.55 -79.15 92.62
C LYS I 98 37.38 -78.48 91.53
N LYS I 99 37.26 -78.93 90.28
CA LYS I 99 37.99 -78.35 89.15
C LYS I 99 37.22 -77.24 88.47
N VAL I 100 36.07 -76.84 89.02
CA VAL I 100 35.25 -75.79 88.44
C VAL I 100 36.00 -74.47 88.54
N LYS I 101 36.25 -73.84 87.40
CA LYS I 101 36.99 -72.59 87.35
C LYS I 101 36.14 -71.39 86.94
N THR I 102 34.95 -71.60 86.41
CA THR I 102 34.07 -70.53 86.00
C THR I 102 32.72 -70.73 86.69
N LEU I 103 32.58 -70.18 87.89
CA LEU I 103 31.35 -70.28 88.67
C LEU I 103 30.39 -69.16 88.26
N CYS I 104 29.83 -69.33 87.07
CA CYS I 104 28.96 -68.31 86.48
C CYS I 104 27.54 -68.45 87.02
N LEU I 105 27.02 -67.37 87.58
CA LEU I 105 25.64 -67.29 88.04
C LEU I 105 25.04 -65.96 87.63
N ARG I 106 25.35 -65.53 86.41
CA ARG I 106 24.87 -64.25 85.90
C ARG I 106 23.39 -64.36 85.56
N GLN I 107 22.61 -63.35 85.99
CA GLN I 107 21.16 -63.33 85.79
C GLN I 107 20.51 -64.58 86.37
N ASN I 108 21.08 -65.05 87.48
CA ASN I 108 20.58 -66.24 88.15
C ASN I 108 19.26 -65.95 88.85
N LEU I 109 18.40 -66.97 88.87
CA LEU I 109 17.14 -66.91 89.60
C LEU I 109 17.29 -67.36 91.05
N ILE I 110 18.52 -67.64 91.48
CA ILE I 110 18.80 -68.12 92.83
C ILE I 110 19.52 -67.04 93.60
N LYS I 111 19.74 -67.27 94.90
CA LYS I 111 20.38 -66.26 95.74
C LYS I 111 21.88 -66.17 95.48
N CYS I 112 22.60 -67.26 95.70
CA CYS I 112 24.05 -67.28 95.50
C CYS I 112 24.46 -68.72 95.21
N ILE I 113 25.78 -68.94 95.16
CA ILE I 113 26.35 -70.26 94.91
C ILE I 113 27.13 -70.68 96.16
N GLU I 114 26.85 -71.88 96.64
CA GLU I 114 27.51 -72.40 97.84
C GLU I 114 28.81 -73.09 97.45
N ASN I 115 29.51 -73.60 98.47
CA ASN I 115 30.76 -74.34 98.29
C ASN I 115 31.79 -73.53 97.49
N LEU I 116 31.83 -72.23 97.77
CA LEU I 116 32.81 -71.36 97.11
C LEU I 116 34.23 -71.72 97.51
N GLU I 117 34.47 -71.99 98.78
CA GLU I 117 35.79 -72.39 99.26
C GLU I 117 36.06 -73.88 99.05
N GLU I 118 35.02 -74.68 98.78
CA GLU I 118 35.22 -76.10 98.54
C GLU I 118 36.06 -76.35 97.29
N LEU I 119 35.82 -75.61 96.22
CA LEU I 119 36.59 -75.74 94.98
C LEU I 119 37.76 -74.77 95.07
N GLN I 120 38.94 -75.30 95.39
CA GLN I 120 40.15 -74.47 95.47
C GLN I 120 40.64 -74.01 94.11
N SER I 121 40.40 -74.78 93.07
CA SER I 121 40.83 -74.44 91.71
C SER I 121 39.74 -73.71 90.95
N LEU I 122 39.31 -72.56 91.47
CA LEU I 122 38.28 -71.73 90.85
C LEU I 122 38.94 -70.47 90.32
N ARG I 123 38.77 -70.21 89.02
CA ARG I 123 39.36 -69.03 88.38
C ARG I 123 38.37 -67.87 88.35
N GLU I 124 37.20 -68.09 87.74
CA GLU I 124 36.17 -67.07 87.62
C GLU I 124 34.92 -67.49 88.39
N LEU I 125 34.19 -66.48 88.88
CA LEU I 125 32.96 -66.73 89.63
C LEU I 125 32.02 -65.56 89.33
N ASP I 126 31.11 -65.77 88.37
CA ASP I 126 30.15 -64.76 87.98
C ASP I 126 28.87 -64.92 88.77
N LEU I 127 28.33 -63.79 89.24
CA LEU I 127 27.07 -63.79 89.99
C LEU I 127 26.37 -62.46 89.73
N TYR I 128 25.45 -62.46 88.77
CA TYR I 128 24.69 -61.28 88.41
C TYR I 128 23.21 -61.51 88.65
N ASP I 129 22.49 -60.45 89.00
CA ASP I 129 21.08 -60.52 89.37
C ASP I 129 20.85 -61.55 90.47
N ASN I 130 21.81 -61.63 91.39
CA ASN I 130 21.74 -62.59 92.48
C ASN I 130 20.69 -62.15 93.50
N GLN I 131 19.85 -63.10 93.92
CA GLN I 131 18.80 -62.80 94.88
C GLN I 131 19.32 -62.66 96.31
N ILE I 132 20.58 -63.03 96.56
CA ILE I 132 21.16 -62.94 97.90
C ILE I 132 21.51 -61.49 98.19
N LYS I 133 21.32 -61.08 99.44
CA LYS I 133 21.67 -59.74 99.89
C LYS I 133 23.06 -59.68 100.50
N LYS I 134 23.79 -60.78 100.51
CA LYS I 134 25.13 -60.82 101.09
C LYS I 134 25.97 -61.85 100.35
N ILE I 135 27.30 -61.71 100.49
CA ILE I 135 28.22 -62.62 99.83
C ILE I 135 28.34 -63.91 100.64
N GLU I 136 28.90 -64.94 100.00
CA GLU I 136 29.11 -66.25 100.62
C GLU I 136 30.54 -66.68 100.36
N ASN I 137 31.31 -66.84 101.44
CA ASN I 137 32.72 -67.23 101.36
C ASN I 137 33.50 -66.29 100.46
N LEU I 138 33.28 -64.99 100.67
CA LEU I 138 33.91 -63.96 99.87
C LEU I 138 35.39 -63.75 100.20
N GLU I 139 35.87 -64.34 101.30
CA GLU I 139 37.26 -64.20 101.70
C GLU I 139 38.01 -65.52 101.80
N ALA I 140 37.29 -66.65 101.81
CA ALA I 140 37.95 -67.94 101.96
C ALA I 140 38.67 -68.39 100.70
N LEU I 141 38.22 -67.97 99.52
CA LEU I 141 38.85 -68.37 98.26
C LEU I 141 40.07 -67.48 98.04
N THR I 142 41.17 -67.87 98.68
CA THR I 142 42.42 -67.13 98.55
C THR I 142 43.16 -67.44 97.26
N GLU I 143 42.76 -68.50 96.54
CA GLU I 143 43.39 -68.89 95.30
C GLU I 143 42.59 -68.46 94.08
N LEU I 144 41.61 -67.57 94.26
CA LEU I 144 40.76 -67.14 93.17
C LEU I 144 41.53 -66.23 92.21
N GLU I 145 41.04 -66.16 90.97
CA GLU I 145 41.62 -65.31 89.94
C GLU I 145 40.67 -64.26 89.42
N ILE I 146 39.38 -64.58 89.28
CA ILE I 146 38.38 -63.61 88.84
C ILE I 146 37.16 -63.71 89.73
N LEU I 147 36.77 -62.58 90.34
CA LEU I 147 35.62 -62.53 91.23
C LEU I 147 34.58 -61.60 90.60
N ASP I 148 33.70 -62.17 89.79
CA ASP I 148 32.65 -61.39 89.12
C ASP I 148 31.40 -61.40 89.99
N ILE I 149 31.35 -60.45 90.92
CA ILE I 149 30.19 -60.30 91.80
C ILE I 149 29.39 -59.10 91.32
N SER I 150 29.54 -58.77 90.05
CA SER I 150 28.92 -57.61 89.44
C SER I 150 27.44 -57.87 89.14
N PHE I 151 26.69 -56.77 89.05
CA PHE I 151 25.26 -56.82 88.70
C PHE I 151 24.47 -57.71 89.66
N ASN I 152 24.85 -57.66 90.94
CA ASN I 152 24.17 -58.42 91.97
C ASN I 152 23.23 -57.50 92.75
N LEU I 153 22.35 -58.12 93.55
CA LEU I 153 21.43 -57.39 94.42
C LEU I 153 21.86 -57.51 95.87
N LEU I 154 23.14 -57.76 96.11
CA LEU I 154 23.65 -57.88 97.47
C LEU I 154 23.69 -56.53 98.16
N ARG I 155 23.40 -56.55 99.47
CA ARG I 155 23.41 -55.32 100.25
C ARG I 155 24.82 -54.78 100.42
N ASN I 156 25.80 -55.66 100.64
CA ASN I 156 27.17 -55.23 100.87
C ASN I 156 28.12 -56.29 100.34
N ILE I 157 29.35 -55.87 100.06
CA ILE I 157 30.41 -56.75 99.59
C ILE I 157 31.56 -56.60 100.57
N GLU I 158 31.81 -57.63 101.37
CA GLU I 158 32.85 -57.62 102.38
C GLU I 158 33.74 -58.84 102.24
N GLY I 159 34.95 -58.73 102.76
CA GLY I 159 35.93 -59.80 102.70
C GLY I 159 36.71 -59.89 101.41
N VAL I 160 36.45 -59.01 100.45
CA VAL I 160 37.18 -59.04 99.18
C VAL I 160 38.62 -58.59 99.35
N ASP I 161 38.95 -57.87 100.42
CA ASP I 161 40.32 -57.42 100.63
C ASP I 161 41.22 -58.51 101.20
N LYS I 162 40.65 -59.62 101.69
CA LYS I 162 41.46 -60.68 102.26
C LYS I 162 42.22 -61.45 101.20
N LEU I 163 41.58 -61.76 100.07
CA LEU I 163 42.20 -62.54 99.01
C LEU I 163 43.14 -61.63 98.22
N THR I 164 44.43 -61.70 98.55
CA THR I 164 45.43 -60.89 97.88
C THR I 164 45.90 -61.51 96.56
N ARG I 165 45.48 -62.73 96.25
CA ARG I 165 45.88 -63.41 95.03
C ARG I 165 44.81 -63.35 93.93
N LEU I 166 43.75 -62.56 94.13
CA LEU I 166 42.69 -62.44 93.13
C LEU I 166 43.16 -61.53 92.01
N LYS I 167 43.36 -62.12 90.82
CA LYS I 167 43.86 -61.35 89.69
C LYS I 167 42.78 -60.50 89.03
N LYS I 168 41.51 -60.75 89.31
CA LYS I 168 40.43 -59.97 88.73
C LYS I 168 39.29 -59.86 89.73
N LEU I 169 38.52 -58.78 89.61
CA LEU I 169 37.39 -58.54 90.50
C LEU I 169 36.38 -57.66 89.77
N PHE I 170 35.14 -58.15 89.67
CA PHE I 170 34.06 -57.42 89.01
C PHE I 170 32.86 -57.38 89.95
N LEU I 171 32.67 -56.26 90.63
CA LEU I 171 31.55 -56.09 91.53
C LEU I 171 30.87 -54.74 91.30
N VAL I 172 30.71 -54.37 90.03
CA VAL I 172 30.14 -53.09 89.65
C VAL I 172 28.74 -53.32 89.11
N ASN I 173 28.02 -52.20 88.90
CA ASN I 173 26.65 -52.22 88.39
C ASN I 173 25.74 -53.07 89.28
N ASN I 174 26.06 -53.10 90.57
CA ASN I 174 25.28 -53.83 91.55
C ASN I 174 24.70 -52.82 92.53
N LYS I 175 23.86 -53.30 93.45
CA LYS I 175 23.30 -52.42 94.47
C LYS I 175 24.42 -51.84 95.32
N ILE I 176 25.16 -52.72 96.01
CA ILE I 176 26.34 -52.35 96.78
C ILE I 176 26.04 -51.18 97.70
N SER I 177 25.21 -51.41 98.72
CA SER I 177 24.90 -50.34 99.67
C SER I 177 26.08 -50.02 100.56
N LYS I 178 27.09 -50.90 100.64
CA LYS I 178 28.30 -50.67 101.43
C LYS I 178 29.49 -51.20 100.61
N ILE I 179 30.11 -50.30 99.83
CA ILE I 179 31.26 -50.67 99.04
C ILE I 179 32.51 -50.60 99.91
N GLU I 180 33.12 -51.75 100.16
CA GLU I 180 34.26 -51.83 101.06
C GLU I 180 35.07 -53.09 100.72
N ASN I 181 36.00 -53.45 101.60
CA ASN I 181 36.86 -54.61 101.42
C ASN I 181 37.64 -54.52 100.11
N LEU I 182 38.16 -53.32 99.85
CA LEU I 182 38.96 -53.07 98.66
C LEU I 182 40.21 -52.31 99.07
N SER I 183 40.87 -52.78 100.13
CA SER I 183 42.00 -52.05 100.71
C SER I 183 43.26 -52.22 99.87
N ASN I 184 43.75 -53.46 99.78
CA ASN I 184 44.98 -53.75 99.05
C ASN I 184 45.05 -55.23 98.69
N LEU I 185 45.94 -55.55 97.76
CA LEU I 185 46.16 -56.92 97.33
C LEU I 185 47.58 -57.05 96.81
N HIS I 186 48.11 -58.27 96.90
CA HIS I 186 49.46 -58.55 96.44
C HIS I 186 49.48 -58.82 94.93
N GLN I 187 48.74 -59.85 94.50
CA GLN I 187 48.69 -60.23 93.09
C GLN I 187 47.28 -59.95 92.56
N LEU I 188 47.08 -58.73 92.07
CA LEU I 188 45.82 -58.29 91.50
C LEU I 188 46.08 -57.58 90.18
N GLN I 189 45.25 -57.84 89.18
CA GLN I 189 45.38 -57.22 87.87
C GLN I 189 44.12 -56.48 87.42
N MET I 190 42.93 -56.91 87.84
CA MET I 190 41.69 -56.26 87.46
C MET I 190 40.86 -56.00 88.71
N LEU I 191 40.23 -54.83 88.75
CA LEU I 191 39.39 -54.45 89.90
C LEU I 191 38.26 -53.56 89.41
N GLU I 192 37.03 -53.92 89.78
CA GLU I 192 35.86 -53.14 89.41
C GLU I 192 34.80 -53.36 90.48
N LEU I 193 34.65 -52.41 91.38
CA LEU I 193 33.68 -52.49 92.46
C LEU I 193 32.94 -51.15 92.60
N GLY I 194 32.68 -50.52 91.47
CA GLY I 194 32.00 -49.25 91.43
C GLY I 194 30.49 -49.38 91.36
N SER I 195 29.84 -48.27 91.02
CA SER I 195 28.39 -48.19 90.88
C SER I 195 27.69 -48.64 92.17
N ASN I 196 28.17 -48.11 93.30
CA ASN I 196 27.61 -48.41 94.60
C ASN I 196 26.66 -47.31 95.04
N ARG I 197 25.62 -47.71 95.78
CA ARG I 197 24.64 -46.75 96.29
C ARG I 197 25.26 -45.81 97.32
N ILE I 198 26.36 -46.18 97.93
CA ILE I 198 27.07 -45.34 98.89
C ILE I 198 28.41 -44.94 98.29
N ARG I 199 28.68 -43.63 98.30
CA ARG I 199 29.93 -43.12 97.74
C ARG I 199 31.05 -43.23 98.76
N ALA I 200 31.47 -44.46 99.06
CA ALA I 200 32.52 -44.71 100.02
C ALA I 200 33.64 -45.49 99.35
N ILE I 201 34.86 -44.97 99.47
CA ILE I 201 36.05 -45.60 98.90
C ILE I 201 37.07 -45.75 100.01
N GLU I 202 37.62 -46.96 100.15
CA GLU I 202 38.58 -47.28 101.20
C GLU I 202 39.88 -47.77 100.56
N ASN I 203 40.95 -46.99 100.70
CA ASN I 203 42.28 -47.36 100.22
C ASN I 203 42.27 -47.70 98.74
N ILE I 204 41.93 -46.71 97.90
CA ILE I 204 41.87 -46.96 96.46
C ILE I 204 43.23 -46.88 95.78
N ASP I 205 44.27 -46.43 96.48
CA ASP I 205 45.59 -46.28 95.91
C ASP I 205 46.64 -46.86 96.87
N THR I 206 46.37 -48.04 97.40
CA THR I 206 47.26 -48.69 98.36
C THR I 206 48.28 -49.62 97.69
N LEU I 207 47.86 -50.45 96.75
CA LEU I 207 48.76 -51.35 96.07
C LEU I 207 49.57 -50.61 95.01
N THR I 208 50.70 -51.21 94.63
CA THR I 208 51.57 -50.62 93.62
C THR I 208 52.00 -51.65 92.57
N ASN I 209 51.30 -52.78 92.48
CA ASN I 209 51.65 -53.83 91.53
C ASN I 209 50.70 -53.88 90.33
N LEU I 210 49.82 -52.90 90.18
CA LEU I 210 48.88 -52.89 89.07
C LEU I 210 49.48 -52.21 87.84
N GLU I 211 49.03 -52.65 86.68
CA GLU I 211 49.48 -52.08 85.41
C GLU I 211 48.39 -51.35 84.64
N SER I 212 47.12 -51.64 84.91
CA SER I 212 46.01 -50.97 84.25
C SER I 212 45.03 -50.49 85.31
N LEU I 213 44.55 -49.26 85.17
CA LEU I 213 43.66 -48.65 86.13
C LEU I 213 42.33 -48.29 85.47
N PHE I 214 41.23 -48.65 86.14
CA PHE I 214 39.87 -48.32 85.69
C PHE I 214 39.16 -47.68 86.88
N LEU I 215 39.32 -46.36 87.01
CA LEU I 215 38.74 -45.61 88.12
C LEU I 215 37.49 -44.83 87.70
N GLY I 216 36.90 -45.17 86.56
CA GLY I 216 35.72 -44.46 86.11
C GLY I 216 34.48 -44.84 86.90
N LYS I 217 33.42 -44.06 86.69
CA LYS I 217 32.13 -44.26 87.34
C LYS I 217 32.27 -44.26 88.87
N ASN I 218 32.98 -43.27 89.38
CA ASN I 218 33.17 -43.11 90.82
C ASN I 218 32.00 -42.32 91.40
N LYS I 219 31.31 -42.94 92.37
CA LYS I 219 30.16 -42.29 92.99
C LYS I 219 30.56 -41.17 93.95
N ILE I 220 31.83 -41.10 94.34
CA ILE I 220 32.30 -40.03 95.21
C ILE I 220 32.39 -38.73 94.42
N THR I 221 32.15 -37.62 95.11
CA THR I 221 32.22 -36.31 94.46
C THR I 221 33.64 -35.90 94.14
N LYS I 222 34.64 -36.59 94.69
CA LYS I 222 36.04 -36.29 94.41
C LYS I 222 36.84 -37.58 94.46
N LEU I 223 37.95 -37.58 93.73
CA LEU I 223 38.83 -38.74 93.69
C LEU I 223 39.58 -38.90 95.00
N GLN I 224 39.83 -40.14 95.37
CA GLN I 224 40.53 -40.42 96.63
C GLN I 224 42.02 -40.13 96.49
N ASN I 225 42.70 -40.84 95.58
CA ASN I 225 44.13 -40.64 95.37
C ASN I 225 44.48 -41.15 93.98
N LEU I 226 45.22 -40.33 93.22
CA LEU I 226 45.66 -40.71 91.89
C LEU I 226 47.15 -40.46 91.66
N ASP I 227 47.83 -39.78 92.57
CA ASP I 227 49.26 -39.54 92.44
C ASP I 227 50.10 -40.77 92.75
N ALA I 228 49.55 -41.75 93.47
CA ALA I 228 50.29 -42.95 93.82
C ALA I 228 50.45 -43.90 92.64
N LEU I 229 49.65 -43.74 91.59
CA LEU I 229 49.73 -44.61 90.41
C LEU I 229 50.83 -44.09 89.49
N THR I 230 52.02 -44.66 89.67
CA THR I 230 53.18 -44.29 88.87
C THR I 230 53.67 -45.43 87.97
N ASN I 231 53.14 -46.63 88.14
CA ASN I 231 53.55 -47.79 87.34
C ASN I 231 52.47 -48.28 86.40
N LEU I 232 51.24 -47.74 86.50
CA LEU I 232 50.15 -48.18 85.65
C LEU I 232 50.30 -47.59 84.26
N THR I 233 50.13 -48.44 83.24
CA THR I 233 50.22 -48.03 81.85
C THR I 233 48.86 -47.76 81.23
N VAL I 234 47.77 -47.90 81.98
CA VAL I 234 46.43 -47.67 81.46
C VAL I 234 45.59 -46.99 82.54
N LEU I 235 45.03 -45.83 82.21
CA LEU I 235 44.20 -45.07 83.13
C LEU I 235 42.83 -44.85 82.50
N SER I 236 41.78 -45.22 83.23
CA SER I 236 40.40 -45.04 82.78
C SER I 236 39.60 -44.42 83.91
N MET I 237 39.15 -43.19 83.72
CA MET I 237 38.36 -42.46 84.72
C MET I 237 37.20 -41.78 84.02
N GLN I 238 36.55 -42.50 83.11
CA GLN I 238 35.47 -41.96 82.30
C GLN I 238 34.15 -42.03 83.06
N SER I 239 33.29 -41.02 82.84
CA SER I 239 31.96 -40.96 83.42
C SER I 239 32.01 -41.08 84.94
N ASN I 240 33.00 -40.43 85.55
CA ASN I 240 33.18 -40.45 86.99
C ASN I 240 32.66 -39.15 87.59
N ARG I 241 31.95 -39.27 88.71
CA ARG I 241 31.42 -38.10 89.42
C ARG I 241 32.47 -37.45 90.31
N LEU I 242 33.68 -37.99 90.35
CA LEU I 242 34.77 -37.39 91.12
C LEU I 242 35.22 -36.12 90.43
N THR I 243 34.66 -34.98 90.85
CA THR I 243 34.99 -33.71 90.22
C THR I 243 36.45 -33.34 90.44
N LYS I 244 36.98 -33.56 91.64
CA LYS I 244 38.37 -33.24 91.93
C LYS I 244 39.26 -34.41 91.56
N ILE I 245 40.11 -34.22 90.55
CA ILE I 245 41.04 -35.24 90.11
C ILE I 245 42.43 -34.63 89.99
N GLU I 246 43.30 -34.94 90.95
CA GLU I 246 44.66 -34.42 90.98
C GLU I 246 45.66 -35.56 91.00
N GLY I 247 46.94 -35.20 91.00
CA GLY I 247 48.00 -36.18 91.00
C GLY I 247 48.25 -36.86 89.68
N LEU I 248 47.65 -36.37 88.59
CA LEU I 248 47.84 -36.98 87.28
C LEU I 248 49.25 -36.77 86.74
N GLN I 249 50.00 -35.82 87.30
CA GLN I 249 51.37 -35.56 86.85
C GLN I 249 52.41 -36.36 87.63
N ASN I 250 52.00 -37.12 88.63
CA ASN I 250 52.92 -37.90 89.44
C ASN I 250 53.31 -39.22 88.80
N LEU I 251 52.62 -39.63 87.74
CA LEU I 251 52.95 -40.87 87.06
C LEU I 251 54.19 -40.69 86.17
N VAL I 252 55.08 -41.66 86.25
CA VAL I 252 56.30 -41.61 85.43
C VAL I 252 55.95 -41.83 83.95
N ASN I 253 55.12 -42.84 83.67
CA ASN I 253 54.70 -43.11 82.31
C ASN I 253 53.35 -43.81 82.35
N LEU I 254 52.56 -43.61 81.29
CA LEU I 254 51.25 -44.24 81.17
C LEU I 254 50.90 -44.33 79.69
N ARG I 255 50.83 -45.55 79.17
CA ARG I 255 50.50 -45.74 77.76
C ARG I 255 49.08 -45.31 77.44
N GLU I 256 48.14 -45.54 78.35
CA GLU I 256 46.74 -45.17 78.15
C GLU I 256 46.29 -44.31 79.31
N LEU I 257 45.54 -43.25 79.01
CA LEU I 257 45.04 -42.33 80.02
C LEU I 257 43.73 -41.74 79.52
N TYR I 258 42.62 -42.12 80.15
CA TYR I 258 41.30 -41.62 79.81
C TYR I 258 40.83 -40.68 80.92
N LEU I 259 40.53 -39.44 80.57
CA LEU I 259 40.10 -38.45 81.55
C LEU I 259 38.77 -37.84 81.14
N SER I 260 37.84 -38.66 80.69
CA SER I 260 36.52 -38.18 80.28
C SER I 260 35.68 -37.86 81.50
N HIS I 261 35.12 -36.64 81.53
CA HIS I 261 34.27 -36.18 82.63
C HIS I 261 34.98 -36.31 83.97
N ASN I 262 36.26 -35.98 83.98
CA ASN I 262 37.07 -36.05 85.20
C ASN I 262 36.89 -34.84 86.10
N GLY I 263 36.27 -33.78 85.61
CA GLY I 263 36.13 -32.58 86.41
C GLY I 263 37.40 -31.79 86.59
N ILE I 264 38.45 -32.11 85.83
CA ILE I 264 39.72 -31.40 85.90
C ILE I 264 39.77 -30.36 84.80
N GLU I 265 40.13 -29.13 85.16
CA GLU I 265 40.18 -28.04 84.20
C GLU I 265 41.27 -28.27 83.15
N VAL I 266 42.42 -28.77 83.57
CA VAL I 266 43.53 -29.04 82.67
C VAL I 266 44.01 -30.46 82.90
N ILE I 267 44.74 -30.99 81.91
CA ILE I 267 45.24 -32.35 81.97
C ILE I 267 46.68 -32.30 82.46
N GLU I 268 46.93 -32.92 83.61
CA GLU I 268 48.27 -32.99 84.17
C GLU I 268 49.00 -34.23 83.65
N GLY I 269 50.33 -34.18 83.73
CA GLY I 269 51.15 -35.27 83.29
C GLY I 269 51.40 -35.34 81.80
N LEU I 270 50.99 -34.32 81.04
CA LEU I 270 51.24 -34.32 79.60
C LEU I 270 52.72 -34.30 79.29
N GLU I 271 53.50 -33.49 80.01
CA GLU I 271 54.95 -33.47 79.84
C GLU I 271 55.62 -34.66 80.50
N ASN I 272 55.11 -35.10 81.65
CA ASN I 272 55.71 -36.24 82.34
C ASN I 272 55.39 -37.55 81.63
N ASN I 273 54.10 -37.85 81.47
CA ASN I 273 53.66 -39.04 80.76
C ASN I 273 53.28 -38.66 79.33
N ASN I 274 54.31 -38.44 78.52
CA ASN I 274 54.13 -38.06 77.11
C ASN I 274 54.14 -39.26 76.17
N LYS I 275 54.25 -40.47 76.70
CA LYS I 275 54.28 -41.69 75.89
C LYS I 275 52.88 -42.30 75.72
N LEU I 276 51.85 -41.49 75.83
CA LEU I 276 50.48 -41.97 75.68
C LEU I 276 50.02 -41.85 74.24
N THR I 277 49.48 -42.95 73.71
CA THR I 277 48.99 -42.99 72.34
C THR I 277 47.53 -42.57 72.22
N MET I 278 46.86 -42.30 73.34
CA MET I 278 45.47 -41.89 73.34
C MET I 278 45.29 -40.73 74.31
N LEU I 279 44.36 -39.84 73.99
CA LEU I 279 44.09 -38.68 74.83
C LEU I 279 42.60 -38.36 74.76
N ASP I 280 41.99 -38.14 75.92
CA ASP I 280 40.57 -37.81 76.02
C ASP I 280 40.44 -36.45 76.69
N ILE I 281 39.73 -35.53 76.03
CA ILE I 281 39.51 -34.19 76.57
C ILE I 281 38.09 -34.10 77.12
N ALA I 282 37.13 -34.61 76.35
CA ALA I 282 35.72 -34.62 76.74
C ALA I 282 35.21 -33.22 77.04
N SER I 283 35.17 -32.37 76.01
CA SER I 283 34.74 -30.97 76.13
C SER I 283 35.61 -30.24 77.17
N ASN I 284 36.90 -30.27 76.91
CA ASN I 284 37.88 -29.64 77.80
C ASN I 284 37.70 -28.13 77.78
N ARG I 285 37.73 -27.53 78.98
CA ARG I 285 37.63 -26.08 79.10
C ARG I 285 38.87 -25.37 78.56
N ILE I 286 39.97 -26.10 78.37
CA ILE I 286 41.18 -25.49 77.83
C ILE I 286 40.97 -25.14 76.36
N LYS I 287 41.43 -23.95 75.98
CA LYS I 287 41.30 -23.48 74.61
C LYS I 287 42.17 -24.30 73.67
N LYS I 288 43.45 -24.40 73.99
CA LYS I 288 44.37 -25.21 73.20
C LYS I 288 44.70 -26.50 73.95
N ILE I 289 45.25 -27.45 73.21
CA ILE I 289 45.68 -28.70 73.82
C ILE I 289 47.09 -28.55 74.39
N GLU I 290 47.31 -29.20 75.52
CA GLU I 290 48.58 -29.07 76.25
C GLU I 290 49.65 -29.82 75.47
N ASN I 291 50.46 -29.07 74.71
CA ASN I 291 51.58 -29.62 73.94
C ASN I 291 51.13 -30.73 73.00
N ILE I 292 50.19 -30.42 72.10
CA ILE I 292 49.75 -31.38 71.11
C ILE I 292 50.60 -31.34 69.84
N SER I 293 51.15 -30.18 69.47
CA SER I 293 52.02 -30.11 68.31
C SER I 293 53.29 -30.92 68.51
N HIS I 294 53.88 -30.88 69.70
CA HIS I 294 55.05 -31.68 70.01
C HIS I 294 54.70 -33.13 70.34
N LEU I 295 53.41 -33.44 70.49
CA LEU I 295 52.96 -34.79 70.80
C LEU I 295 52.74 -35.52 69.47
N THR I 296 53.80 -36.17 68.99
CA THR I 296 53.75 -36.94 67.75
C THR I 296 53.61 -38.44 68.02
N GLU I 297 52.90 -38.80 69.09
CA GLU I 297 52.68 -40.20 69.44
C GLU I 297 51.24 -40.54 69.75
N LEU I 298 50.41 -39.57 70.13
CA LEU I 298 49.02 -39.84 70.46
C LEU I 298 48.22 -40.06 69.19
N GLN I 299 47.72 -41.28 68.99
CA GLN I 299 46.91 -41.63 67.84
C GLN I 299 45.42 -41.49 68.11
N GLU I 300 45.04 -41.09 69.33
CA GLU I 300 43.63 -40.90 69.68
C GLU I 300 43.51 -39.59 70.45
N PHE I 301 43.27 -38.51 69.71
CA PHE I 301 43.10 -37.18 70.28
C PHE I 301 41.60 -36.87 70.25
N TRP I 302 40.90 -37.30 71.29
CA TRP I 302 39.45 -37.16 71.34
C TRP I 302 39.05 -36.01 72.25
N MET I 303 38.21 -35.11 71.73
CA MET I 303 37.62 -34.02 72.52
C MET I 303 36.13 -33.99 72.19
N ASN I 304 35.36 -34.76 72.96
CA ASN I 304 33.95 -34.96 72.66
C ASN I 304 33.11 -33.79 73.16
N ASP I 305 32.03 -33.52 72.42
CA ASP I 305 31.05 -32.49 72.78
C ASP I 305 31.71 -31.13 73.01
N ASN I 306 32.68 -30.81 72.17
CA ASN I 306 33.38 -29.55 72.29
C ASN I 306 32.47 -28.39 71.89
N LEU I 307 32.78 -27.20 72.39
CA LEU I 307 32.02 -25.99 72.12
C LEU I 307 32.19 -25.48 70.68
N LEU I 308 33.41 -25.42 70.14
CA LEU I 308 34.73 -25.75 70.67
C LEU I 308 35.32 -24.58 71.46
N GLU I 309 36.34 -24.87 72.25
CA GLU I 309 36.96 -23.84 73.07
C GLU I 309 37.75 -22.87 72.19
N SER I 310 38.66 -23.39 71.38
CA SER I 310 39.43 -22.59 70.44
C SER I 310 39.93 -23.48 69.29
N TRP I 311 40.54 -22.83 68.30
CA TRP I 311 41.13 -23.52 67.17
C TRP I 311 42.63 -23.73 67.32
N SER I 312 43.22 -23.24 68.40
CA SER I 312 44.64 -23.48 68.65
C SER I 312 44.93 -24.95 68.90
N ASP I 313 44.04 -25.64 69.61
CA ASP I 313 44.18 -27.09 69.76
C ASP I 313 44.09 -27.78 68.40
N LEU I 314 43.19 -27.31 67.54
CA LEU I 314 43.08 -27.87 66.20
C LEU I 314 44.35 -27.67 65.40
N ASP I 315 44.95 -26.48 65.49
CA ASP I 315 46.21 -26.23 64.78
C ASP I 315 47.33 -27.11 65.33
N GLU I 316 47.39 -27.26 66.66
CA GLU I 316 48.41 -28.13 67.25
C GLU I 316 48.24 -29.57 66.81
N LEU I 317 47.00 -30.06 66.76
CA LEU I 317 46.75 -31.42 66.29
C LEU I 317 47.12 -31.56 64.81
N LYS I 318 46.80 -30.55 64.00
CA LYS I 318 47.13 -30.58 62.57
C LYS I 318 48.63 -30.50 62.32
N GLY I 319 49.38 -29.92 63.25
CA GLY I 319 50.84 -29.88 63.10
C GLY I 319 51.49 -31.25 63.09
N ALA I 320 50.98 -32.19 63.87
CA ALA I 320 51.52 -33.54 63.93
C ALA I 320 50.90 -34.40 62.82
N ARG I 321 51.48 -35.58 62.61
CA ARG I 321 50.98 -36.48 61.58
C ARG I 321 50.91 -37.93 62.04
N SER I 322 51.17 -38.21 63.31
CA SER I 322 51.13 -39.57 63.84
C SER I 322 49.89 -39.82 64.68
N LEU I 323 48.80 -39.12 64.37
CA LEU I 323 47.53 -39.31 65.04
C LEU I 323 46.57 -40.08 64.14
N GLU I 324 45.73 -40.91 64.74
CA GLU I 324 44.78 -41.73 64.00
C GLU I 324 43.34 -41.29 64.29
N THR I 325 42.94 -41.25 65.56
CA THR I 325 41.59 -40.86 65.93
C THR I 325 41.62 -39.42 66.43
N VAL I 326 40.83 -38.55 65.81
CA VAL I 326 40.73 -37.15 66.19
C VAL I 326 39.26 -36.77 66.30
N TYR I 327 38.87 -36.28 67.47
CA TYR I 327 37.53 -35.78 67.70
C TYR I 327 37.60 -34.30 68.05
N LEU I 328 36.81 -33.49 67.37
CA LEU I 328 36.86 -32.04 67.57
C LEU I 328 36.23 -31.62 68.90
N GLU I 329 34.98 -32.01 69.19
CA GLU I 329 33.95 -32.73 68.43
C GLU I 329 32.60 -32.07 68.66
N ARG I 330 31.79 -32.01 67.60
CA ARG I 330 30.46 -31.38 67.63
C ARG I 330 30.56 -29.92 68.10
N ASN I 331 31.43 -29.19 67.42
CA ASN I 331 31.70 -27.79 67.73
C ASN I 331 30.71 -26.89 66.99
N PRO I 332 30.79 -25.57 67.20
CA PRO I 332 29.86 -24.66 66.50
C PRO I 332 30.30 -24.30 65.10
N LEU I 333 31.50 -24.68 64.68
CA LEU I 333 32.01 -24.35 63.36
C LEU I 333 31.65 -25.38 62.30
N GLN I 334 30.85 -26.38 62.66
CA GLN I 334 30.46 -27.44 61.73
C GLN I 334 29.13 -27.17 61.04
N LYS I 335 28.55 -25.98 61.24
CA LYS I 335 27.27 -25.66 60.62
C LYS I 335 27.35 -25.68 59.10
N ASP I 336 28.40 -25.10 58.53
CA ASP I 336 28.51 -25.17 57.09
C ASP I 336 29.09 -26.51 56.65
N PRO I 337 28.41 -27.22 55.74
CA PRO I 337 28.95 -28.48 55.24
C PRO I 337 30.30 -28.32 54.56
N GLN I 338 30.59 -27.16 53.99
CA GLN I 338 31.90 -26.91 53.40
C GLN I 338 33.00 -26.88 54.46
N TYR I 339 32.66 -26.45 55.68
CA TYR I 339 33.65 -26.46 56.75
C TYR I 339 34.11 -27.88 57.08
N ARG I 340 33.18 -28.82 57.10
CA ARG I 340 33.54 -30.21 57.36
C ARG I 340 34.47 -30.76 56.27
N ARG I 341 34.15 -30.48 55.01
CA ARG I 341 35.01 -30.94 53.91
C ARG I 341 36.38 -30.29 53.97
N LYS I 342 36.44 -29.00 54.28
CA LYS I 342 37.71 -28.31 54.40
C LYS I 342 38.55 -28.89 55.54
N VAL I 343 37.91 -29.18 56.67
CA VAL I 343 38.62 -29.77 57.80
C VAL I 343 39.14 -31.17 57.44
N MET I 344 38.31 -31.96 56.76
CA MET I 344 38.74 -33.29 56.34
C MET I 344 39.91 -33.23 55.37
N LEU I 345 39.87 -32.29 54.42
CA LEU I 345 40.98 -32.14 53.48
C LEU I 345 42.24 -31.66 54.17
N ALA I 346 42.11 -30.74 55.14
CA ALA I 346 43.27 -30.19 55.81
C ALA I 346 44.01 -31.24 56.62
N LEU I 347 43.29 -32.12 57.30
CA LEU I 347 43.92 -33.12 58.17
C LEU I 347 43.79 -34.50 57.56
N PRO I 348 44.69 -34.88 56.64
CA PRO I 348 44.65 -36.24 56.08
C PRO I 348 45.47 -37.26 56.87
N SER I 349 46.31 -36.81 57.80
CA SER I 349 47.14 -37.72 58.57
C SER I 349 46.35 -38.49 59.63
N VAL I 350 45.19 -37.99 60.03
CA VAL I 350 44.36 -38.67 61.03
C VAL I 350 43.61 -39.81 60.35
N ARG I 351 43.79 -41.02 60.87
CA ARG I 351 43.13 -42.18 60.30
C ARG I 351 41.61 -42.12 60.48
N GLN I 352 41.17 -41.66 61.65
CA GLN I 352 39.74 -41.55 61.95
C GLN I 352 39.41 -40.12 62.32
N ILE I 353 38.21 -39.69 61.92
CA ILE I 353 37.75 -38.33 62.23
C ILE I 353 36.51 -38.42 63.10
N ASP I 354 36.71 -38.39 64.43
CA ASP I 354 35.64 -38.45 65.40
C ASP I 354 34.72 -39.64 65.17
N ALA I 355 33.57 -39.41 64.54
CA ALA I 355 32.61 -40.48 64.29
C ALA I 355 32.87 -41.17 62.96
N THR I 356 32.82 -40.40 61.87
CA THR I 356 33.11 -40.94 60.55
C THR I 356 34.61 -40.95 60.31
N PHE I 357 35.17 -42.15 60.15
CA PHE I 357 36.61 -42.29 59.97
C PHE I 357 37.09 -41.54 58.74
N VAL I 358 38.17 -40.79 58.90
CA VAL I 358 38.74 -40.01 57.82
C VAL I 358 39.26 -40.96 56.74
N ARG I 359 38.97 -40.63 55.48
CA ARG I 359 39.41 -41.47 54.36
C ARG I 359 40.92 -41.54 54.27
N PHE I 360 41.62 -40.51 54.76
CA PHE I 360 43.08 -40.48 54.77
C PHE I 360 43.67 -40.69 53.38
N PHE J 1 10.31 -35.66 34.40
CA PHE J 1 10.89 -34.75 35.38
C PHE J 1 9.94 -34.55 36.57
N SER J 2 10.45 -34.82 37.77
CA SER J 2 9.66 -34.66 38.98
C SER J 2 10.57 -34.39 40.18
N GLY J 3 10.02 -33.73 41.19
CA GLY J 3 10.77 -33.40 42.39
C GLY J 3 10.21 -34.09 43.61
N GLU J 4 11.08 -34.76 44.36
CA GLU J 4 10.71 -35.48 45.59
C GLU J 4 9.58 -36.49 45.37
N GLY J 5 9.65 -37.23 44.26
CA GLY J 5 8.64 -38.21 43.94
C GLY J 5 9.23 -39.58 43.64
N GLN J 6 10.54 -39.61 43.38
CA GLN J 6 11.22 -40.86 43.07
C GLN J 6 12.25 -41.08 44.18
N LYS J 7 12.61 -42.33 44.44
CA LYS J 7 13.19 -42.74 45.73
C LYS J 7 14.59 -42.24 46.05
N LEU J 8 15.22 -41.55 45.11
CA LEU J 8 16.54 -40.93 45.26
C LEU J 8 17.68 -41.93 45.46
N GLY J 9 18.90 -41.46 45.19
CA GLY J 9 20.08 -42.30 45.37
C GLY J 9 20.64 -42.15 46.77
N SER J 10 20.13 -42.96 47.69
CA SER J 10 20.57 -42.93 49.09
C SER J 10 22.04 -43.33 49.23
N LEU J 11 22.74 -42.66 50.13
CA LEU J 11 24.14 -42.96 50.42
C LEU J 11 24.31 -43.73 51.73
N ALA K 1 29.99 -76.02 17.17
CA ALA K 1 30.50 -75.64 15.86
C ALA K 1 31.69 -76.52 15.47
N VAL K 2 31.43 -77.81 15.27
CA VAL K 2 32.46 -78.76 14.88
C VAL K 2 32.60 -78.77 13.36
N VAL K 3 33.38 -77.84 12.82
CA VAL K 3 33.61 -77.74 11.39
C VAL K 3 35.09 -77.92 11.13
N LEU K 4 35.43 -78.67 10.08
CA LEU K 4 36.82 -78.92 9.72
C LEU K 4 37.41 -77.63 9.20
N ILE K 5 38.17 -76.94 10.04
CA ILE K 5 38.80 -75.67 9.69
C ILE K 5 40.30 -75.91 9.59
N ASP K 6 40.86 -75.65 8.41
CA ASP K 6 42.28 -75.80 8.17
C ASP K 6 42.77 -74.69 7.26
N ASP K 7 43.90 -74.08 7.63
CA ASP K 7 44.48 -73.02 6.81
C ASP K 7 45.04 -73.54 5.50
N SER K 8 45.69 -74.71 5.51
CA SER K 8 46.24 -75.26 4.27
C SER K 8 45.14 -75.66 3.29
N VAL K 9 44.06 -76.26 3.78
CA VAL K 9 42.95 -76.65 2.92
C VAL K 9 42.16 -75.40 2.54
N PRO K 10 41.37 -75.45 1.47
CA PRO K 10 40.65 -74.24 1.07
C PRO K 10 39.48 -73.93 1.98
N THR K 11 39.64 -72.89 2.80
CA THR K 11 38.57 -72.47 3.71
C THR K 11 37.62 -71.52 3.00
N THR K 12 36.34 -71.62 3.35
CA THR K 12 35.30 -70.80 2.74
C THR K 12 34.39 -70.26 3.83
N LYS K 13 34.30 -68.94 3.93
CA LYS K 13 33.48 -68.28 4.94
C LYS K 13 32.02 -68.42 4.56
N ILE K 14 31.47 -69.61 4.84
CA ILE K 14 30.10 -69.93 4.50
C ILE K 14 29.20 -69.22 5.51
N GLN K 15 28.58 -68.12 5.09
CA GLN K 15 27.65 -67.37 5.94
C GLN K 15 26.33 -68.13 5.99
N ILE K 16 26.26 -69.13 6.85
CA ILE K 16 25.08 -69.99 6.95
C ILE K 16 23.98 -69.20 7.66
N ARG K 17 23.05 -68.66 6.88
CA ARG K 17 21.93 -67.92 7.45
C ARG K 17 20.95 -68.87 8.11
N LEU K 18 20.56 -68.54 9.34
CA LEU K 18 19.59 -69.35 10.06
C LEU K 18 18.18 -69.06 9.55
N ALA K 19 17.21 -69.80 10.10
CA ALA K 19 15.81 -69.59 9.73
C ALA K 19 15.31 -68.22 10.14
N ASP K 20 15.88 -67.62 11.19
CA ASP K 20 15.53 -66.27 11.61
C ASP K 20 16.41 -65.22 10.96
N GLY K 21 17.33 -65.62 10.09
CA GLY K 21 18.23 -64.69 9.43
C GLY K 21 19.61 -64.58 10.04
N SER K 22 19.95 -65.44 11.02
CA SER K 22 21.25 -65.39 11.67
C SER K 22 22.28 -66.04 10.76
N ARG K 23 23.14 -65.22 10.16
CA ARG K 23 24.15 -65.69 9.21
C ARG K 23 25.31 -66.27 10.00
N LEU K 24 25.25 -67.56 10.29
CA LEU K 24 26.34 -68.24 10.99
C LEU K 24 27.49 -68.42 10.02
N ILE K 25 28.42 -67.45 10.04
CA ILE K 25 29.54 -67.47 9.11
C ILE K 25 30.63 -68.40 9.67
N GLN K 26 30.94 -69.46 8.92
CA GLN K 26 31.96 -70.42 9.31
C GLN K 26 32.93 -70.59 8.15
N ARG K 27 34.23 -70.51 8.45
CA ARG K 27 35.27 -70.69 7.45
C ARG K 27 35.69 -72.16 7.46
N PHE K 28 34.90 -72.99 6.80
CA PHE K 28 35.13 -74.43 6.76
C PHE K 28 36.01 -74.79 5.56
N ASN K 29 36.92 -75.73 5.78
CA ASN K 29 37.80 -76.20 4.73
C ASN K 29 37.01 -76.93 3.65
N SER K 30 37.52 -76.86 2.42
CA SER K 30 36.86 -77.49 1.28
C SER K 30 36.78 -79.01 1.41
N THR K 31 37.73 -79.63 2.11
CA THR K 31 37.72 -81.08 2.28
C THR K 31 36.57 -81.55 3.17
N HIS K 32 36.06 -80.68 4.04
CA HIS K 32 34.94 -81.05 4.90
C HIS K 32 33.71 -81.36 4.05
N ARG K 33 33.04 -82.45 4.37
CA ARG K 33 31.83 -82.84 3.67
C ARG K 33 30.65 -82.05 4.22
N ILE K 34 29.49 -82.15 3.56
CA ILE K 34 28.29 -81.52 4.10
C ILE K 34 27.89 -82.14 5.42
N LEU K 35 28.31 -83.38 5.69
CA LEU K 35 28.12 -83.96 7.01
C LEU K 35 28.89 -83.18 8.07
N ASP K 36 30.09 -82.72 7.74
CA ASP K 36 30.86 -81.90 8.68
C ASP K 36 30.14 -80.59 8.96
N VAL K 37 29.57 -79.96 7.92
CA VAL K 37 28.82 -78.72 8.12
C VAL K 37 27.59 -78.97 8.98
N ARG K 38 26.88 -80.07 8.72
CA ARG K 38 25.69 -80.40 9.51
C ARG K 38 26.06 -80.65 10.96
N ASN K 39 27.18 -81.33 11.20
CA ASN K 39 27.64 -81.57 12.56
C ASN K 39 28.03 -80.26 13.25
N PHE K 40 28.67 -79.36 12.51
CA PHE K 40 29.01 -78.04 13.07
C PHE K 40 27.75 -77.29 13.45
N ILE K 41 26.73 -77.32 12.59
CA ILE K 41 25.47 -76.65 12.90
C ILE K 41 24.80 -77.28 14.11
N VAL K 42 24.79 -78.60 14.21
CA VAL K 42 24.17 -79.27 15.34
C VAL K 42 24.90 -78.95 16.64
N GLN K 43 26.24 -78.98 16.62
CA GLN K 43 26.99 -78.65 17.82
C GLN K 43 26.80 -77.20 18.23
N SER K 44 26.82 -76.29 17.25
CA SER K 44 26.62 -74.88 17.54
C SER K 44 25.16 -74.52 17.76
N ARG K 45 24.23 -75.41 17.38
CA ARG K 45 22.82 -75.13 17.54
C ARG K 45 22.03 -76.43 17.69
N PRO K 46 21.44 -76.67 18.87
CA PRO K 46 20.63 -77.88 19.06
C PRO K 46 19.25 -77.81 18.45
N GLU K 47 18.80 -76.64 18.01
CA GLU K 47 17.49 -76.51 17.39
C GLU K 47 17.41 -77.22 16.05
N PHE K 48 18.50 -77.22 15.27
CA PHE K 48 18.55 -77.94 14.01
C PHE K 48 18.95 -79.40 14.18
N ALA K 49 19.62 -79.75 15.28
CA ALA K 49 19.94 -81.14 15.55
C ALA K 49 18.70 -81.98 15.81
N ALA K 50 17.73 -81.44 16.53
CA ALA K 50 16.52 -82.16 16.86
C ALA K 50 15.53 -82.21 15.70
N LEU K 51 15.72 -81.41 14.66
CA LEU K 51 14.83 -81.36 13.51
C LEU K 51 15.57 -81.84 12.27
N ASP K 52 14.81 -82.03 11.20
CA ASP K 52 15.36 -82.46 9.92
C ASP K 52 16.05 -81.26 9.27
N PHE K 53 17.31 -81.05 9.64
CA PHE K 53 18.07 -79.91 9.15
C PHE K 53 18.65 -80.19 7.77
N ILE K 54 18.09 -79.52 6.77
CA ILE K 54 18.58 -79.60 5.41
C ILE K 54 18.78 -78.19 4.89
N LEU K 55 20.01 -77.88 4.47
CA LEU K 55 20.36 -76.53 4.04
C LEU K 55 19.73 -76.26 2.67
N VAL K 56 18.73 -75.37 2.66
CA VAL K 56 18.03 -74.99 1.43
C VAL K 56 18.20 -73.48 1.24
N THR K 57 18.75 -73.10 0.10
CA THR K 57 18.87 -71.68 -0.22
C THR K 57 17.51 -71.10 -0.59
N SER K 58 17.36 -69.79 -0.35
CA SER K 58 16.12 -69.12 -0.72
C SER K 58 15.98 -68.99 -2.23
N PHE K 59 17.07 -68.57 -2.90
CA PHE K 59 17.09 -68.42 -4.35
C PHE K 59 18.26 -69.19 -4.94
N PRO K 60 18.05 -70.38 -5.49
CA PRO K 60 16.76 -71.09 -5.57
C PRO K 60 16.62 -72.09 -4.43
N ASN K 61 15.46 -72.75 -4.33
CA ASN K 61 15.21 -73.71 -3.26
C ASN K 61 15.92 -75.02 -3.60
N LYS K 62 16.92 -75.37 -2.79
CA LYS K 62 17.68 -76.61 -3.01
C LYS K 62 18.14 -77.11 -1.64
N GLU K 63 17.41 -78.05 -1.07
CA GLU K 63 17.74 -78.61 0.22
C GLU K 63 19.00 -79.47 0.14
N LEU K 64 19.76 -79.49 1.24
CA LEU K 64 21.00 -80.25 1.30
C LEU K 64 20.67 -81.69 1.68
N THR K 65 20.03 -82.38 0.74
CA THR K 65 19.68 -83.79 0.95
C THR K 65 20.92 -84.66 1.01
N ASP K 66 21.90 -84.40 0.17
CA ASP K 66 23.15 -85.17 0.17
C ASP K 66 24.12 -84.55 1.17
N GLU K 67 24.27 -85.19 2.33
CA GLU K 67 25.19 -84.72 3.35
C GLU K 67 26.62 -85.17 3.12
N SER K 68 26.86 -85.98 2.09
CA SER K 68 28.20 -86.45 1.77
C SER K 68 28.95 -85.52 0.82
N LEU K 69 28.30 -84.48 0.31
CA LEU K 69 28.95 -83.55 -0.60
C LEU K 69 30.00 -82.74 0.14
N THR K 70 31.18 -82.64 -0.48
CA THR K 70 32.28 -81.89 0.11
C THR K 70 31.99 -80.39 0.06
N LEU K 71 32.68 -79.64 0.93
CA LEU K 71 32.50 -78.19 0.96
C LEU K 71 32.94 -77.54 -0.34
N LEU K 72 33.91 -78.14 -1.03
CA LEU K 72 34.35 -77.61 -2.32
C LEU K 72 33.26 -77.70 -3.38
N GLU K 73 32.47 -78.77 -3.39
CA GLU K 73 31.39 -78.91 -4.35
C GLU K 73 30.13 -78.15 -3.95
N ALA K 74 30.06 -77.67 -2.71
CA ALA K 74 28.89 -76.93 -2.24
C ALA K 74 28.81 -75.52 -2.79
N ASP K 75 29.95 -74.84 -2.95
CA ASP K 75 30.01 -73.48 -3.49
C ASP K 75 29.14 -72.53 -2.66
N ILE K 76 29.53 -72.39 -1.40
CA ILE K 76 28.83 -71.50 -0.46
C ILE K 76 29.83 -70.53 0.15
N LEU K 77 30.89 -70.21 -0.59
CA LEU K 77 31.94 -69.34 -0.09
C LEU K 77 31.47 -67.89 -0.12
N ASN K 78 31.55 -67.22 1.04
CA ASN K 78 31.15 -65.82 1.17
C ASN K 78 29.72 -65.60 0.69
N THR K 79 28.87 -66.58 0.97
CA THR K 79 27.49 -66.56 0.51
C THR K 79 26.54 -66.65 1.68
N VAL K 80 25.46 -65.87 1.62
CA VAL K 80 24.44 -65.89 2.64
C VAL K 80 23.47 -67.02 2.33
N LEU K 81 23.77 -68.23 2.81
CA LEU K 81 22.95 -69.40 2.53
C LEU K 81 21.99 -69.63 3.69
N LEU K 82 20.70 -69.65 3.39
CA LEU K 82 19.69 -69.85 4.42
C LEU K 82 19.71 -71.29 4.92
N GLN K 83 19.41 -71.46 6.21
CA GLN K 83 19.32 -72.78 6.82
C GLN K 83 18.00 -72.87 7.58
N GLN K 84 17.33 -74.01 7.45
CA GLN K 84 16.04 -74.22 8.09
C GLN K 84 16.02 -75.59 8.75
N LEU K 85 15.22 -75.69 9.83
CA LEU K 85 15.07 -76.94 10.58
C LEU K 85 13.66 -77.46 10.33
N LYS K 86 13.57 -78.71 9.88
CA LYS K 86 12.27 -79.31 9.58
C LYS K 86 12.09 -80.63 10.34
#